data_8FV5
#
_entry.id   8FV5
#
_entity_poly.entity_id   1
_entity_poly.type   'polypeptide(L)'
_entity_poly.pdbx_seq_one_letter_code
;HHHHHHMKIEEGKLVIWINGDKGYNGLAEVGKKFEKDTGIKVTVEHPDKLEEKFPQVAATGDGPDIIFWAHDRFGGYAQS
GLLAEITPDKAFQDKLYPFTWDAVRYNGKLIAYPIAVEALSLIYNKDLLPNPPKTWEEIPALDKELKAKGKSALMFNLQE
PYFTWPLIAADGGYAFKYENGKYDIKDVGVDNAGAKAGLTFLVDLIKNKHMNADTDYSIAEAAFNKGETAMTINGPWAWS
NIDTSKVNYGVTVLPTFKGQPSKPFVGVLSAGINAASPNKELAKEFLENYLLTDEGLEAVNKDKPLGAVALKSYEEELAK
DPRIAATMENAQKGEIMPNIPQMSAFWYAVRTAVINAASGRQTVDEALKDAQTGKPIPNPLLGLDSTENLYFQGMQQTQQ
GPKVQTQTLQGGAGNLNSIFQRSGRTDGGDARASEALAVFNKLKEEAIAQQDLHDDFLVFRFDRDQNRVGYSALLVVKRA
AINGQQVIVTRPLVMPNDQITLPTKKLTIQNGMHQETIEAEADVQDVFTTQYWNRICDSIRQQTGKHDAMVINAGPTVIP
ADFDLKDELVLKQLLIKSVNLCDDMLAKRSGEQPFSVAMLKGTDETLAARLNFTGKPMHDSLGYPIRSDILVSLNRVKKP
GQQENEFYEAEDKLNQVSCFVNLEYTPQPQQAIYGAPQQTQQLPPLTPAIVITDVRQAEWLKANTMELYLFALSNAFRVT
ANQSWARSLLPQLGKVKDMRDIGAIGYLSRLAARVETKTETFTDQNFAELLYNMVRPSPVFMSDLNRFGDNAAIENVFID
ALGGVNQQRAVAAIIAGVNNLIGGGFEKFFDHNTMPIIQPYGTDIQLGYYLDGEGEKQDRRDLDVLGALNASDGNIQEWM
SWYGTQCNVAVHPELRARQSKNFDRQYLGNSVTYTTRAHRGIWNPKFIEALDKAIASVGLTVAMDNVAQVFGAQRFSGNL
AIADYAVTGTAQVSSGLVSNGGYNPQFGVGQGSGFY
;
_entity_poly.pdbx_strand_id   A,B,C,D,E,F,G,H,I,J,K,L,M,N,O,P,Q,R,S,T,U,V,W,X,Y,Z,a,b,c,d,e,f
#
# COMPACT_ATOMS: atom_id res chain seq x y z
N ALA A 413 -110.48 43.78 22.82
CA ALA A 413 -110.20 42.45 23.34
C ALA A 413 -108.81 42.04 22.86
N GLY A 414 -108.56 42.07 21.52
CA GLY A 414 -107.26 41.77 20.91
C GLY A 414 -106.29 42.92 21.19
N ASN A 415 -106.86 44.05 21.59
CA ASN A 415 -106.07 45.22 21.90
C ASN A 415 -105.61 45.15 23.33
N LEU A 416 -106.00 44.08 24.05
CA LEU A 416 -105.54 43.96 25.40
C LEU A 416 -104.21 43.27 25.38
N ASN A 417 -103.73 42.93 24.19
CA ASN A 417 -102.41 42.36 24.10
C ASN A 417 -101.41 43.42 24.56
N SER A 418 -101.81 44.71 24.46
CA SER A 418 -100.99 45.82 24.91
C SER A 418 -100.79 45.86 26.43
N ILE A 419 -101.66 45.14 27.18
CA ILE A 419 -101.54 45.05 28.62
C ILE A 419 -100.98 43.67 28.97
N PHE A 420 -101.45 42.65 28.25
CA PHE A 420 -101.15 41.26 28.52
C PHE A 420 -99.69 40.97 28.45
N GLN A 421 -99.03 41.61 27.48
CA GLN A 421 -97.61 41.44 27.22
C GLN A 421 -96.68 42.48 27.85
N ARG A 422 -97.18 43.40 28.70
CA ARG A 422 -96.29 44.44 29.24
C ARG A 422 -95.15 43.98 30.13
N SER A 423 -95.38 42.92 30.90
CA SER A 423 -94.36 42.47 31.82
C SER A 423 -94.41 40.99 32.08
N GLY A 424 -93.26 40.44 32.45
CA GLY A 424 -93.20 39.07 32.87
C GLY A 424 -93.13 38.07 31.73
N ARG A 425 -93.17 36.81 32.11
CA ARG A 425 -93.08 35.64 31.24
C ARG A 425 -94.16 34.60 31.58
N THR A 426 -94.49 33.68 30.68
CA THR A 426 -95.45 32.67 31.09
C THR A 426 -95.06 31.26 30.72
N ASP A 427 -95.84 30.32 31.24
CA ASP A 427 -95.69 28.89 30.97
C ASP A 427 -96.64 28.56 29.81
N GLY A 428 -96.10 28.28 28.63
CA GLY A 428 -96.96 28.05 27.47
C GLY A 428 -96.21 27.49 26.26
N GLY A 429 -96.90 27.43 25.12
CA GLY A 429 -96.37 26.86 23.88
C GLY A 429 -96.96 25.47 23.67
N ASP A 430 -97.30 25.08 22.44
CA ASP A 430 -97.82 23.75 22.17
C ASP A 430 -96.72 22.67 22.22
N ALA A 431 -97.12 21.40 22.39
CA ALA A 431 -96.20 20.28 22.53
C ALA A 431 -95.22 20.11 21.35
N ARG A 432 -95.65 20.38 20.10
CA ARG A 432 -94.77 20.29 18.93
C ARG A 432 -93.82 21.47 18.86
N ALA A 433 -94.26 22.71 19.06
CA ALA A 433 -93.34 23.85 19.09
C ALA A 433 -92.32 23.76 20.24
N SER A 434 -92.74 23.21 21.39
CA SER A 434 -91.83 22.89 22.49
C SER A 434 -90.79 21.85 22.08
N GLU A 435 -91.21 20.73 21.46
CA GLU A 435 -90.25 19.70 21.11
C GLU A 435 -89.34 20.20 20.00
N ALA A 436 -89.94 20.94 19.06
CA ALA A 436 -89.18 21.45 17.96
C ALA A 436 -88.14 22.43 18.44
N LEU A 437 -88.46 23.28 19.42
CA LEU A 437 -87.43 24.20 19.85
C LEU A 437 -86.30 23.43 20.47
N ALA A 438 -86.63 22.43 21.29
CA ALA A 438 -85.58 21.69 21.96
C ALA A 438 -84.65 20.97 20.99
N VAL A 439 -85.20 20.37 19.92
CA VAL A 439 -84.32 19.66 18.99
C VAL A 439 -83.55 20.65 18.15
N PHE A 440 -84.17 21.75 17.76
CA PHE A 440 -83.45 22.68 16.93
C PHE A 440 -82.33 23.37 17.70
N ASN A 441 -82.52 23.64 19.00
CA ASN A 441 -81.41 24.22 19.74
C ASN A 441 -80.28 23.19 19.90
N LYS A 442 -80.64 21.90 20.07
CA LYS A 442 -79.61 20.88 20.17
C LYS A 442 -78.78 20.81 18.91
N LEU A 443 -79.48 20.85 17.76
CA LEU A 443 -78.84 20.76 16.46
C LEU A 443 -77.97 21.96 16.20
N LYS A 444 -78.43 23.15 16.61
CA LYS A 444 -77.57 24.30 16.45
C LYS A 444 -76.25 24.06 17.14
N GLU A 445 -76.31 23.59 18.40
CA GLU A 445 -75.09 23.41 19.16
C GLU A 445 -74.20 22.32 18.59
N GLU A 446 -74.77 21.24 18.07
CA GLU A 446 -73.91 20.22 17.53
C GLU A 446 -73.23 20.75 16.27
N ALA A 447 -73.99 21.48 15.44
CA ALA A 447 -73.41 22.03 14.23
C ALA A 447 -72.26 22.97 14.57
N ILE A 448 -72.38 23.70 15.68
CA ILE A 448 -71.27 24.57 16.06
C ILE A 448 -70.09 23.70 16.49
N ALA A 449 -70.36 22.67 17.30
CA ALA A 449 -69.32 21.77 17.82
C ALA A 449 -68.51 21.06 16.72
N GLN A 450 -69.19 20.72 15.62
CA GLN A 450 -68.56 20.05 14.50
C GLN A 450 -67.94 21.04 13.54
N GLN A 451 -68.04 22.34 13.84
CA GLN A 451 -67.63 23.50 13.04
C GLN A 451 -68.36 23.63 11.69
N ASP A 452 -69.57 23.08 11.56
CA ASP A 452 -70.28 23.16 10.30
C ASP A 452 -71.02 24.48 10.26
N LEU A 453 -71.51 24.92 11.42
CA LEU A 453 -72.29 26.15 11.54
C LEU A 453 -71.49 27.23 12.28
N HIS A 454 -71.59 28.49 11.86
CA HIS A 454 -71.00 29.63 12.57
C HIS A 454 -71.91 30.15 13.70
N ASP A 455 -71.35 30.56 14.84
CA ASP A 455 -72.10 30.90 16.05
C ASP A 455 -72.51 32.39 16.12
N ASP A 456 -73.13 32.91 15.07
CA ASP A 456 -73.38 34.35 14.86
C ASP A 456 -74.88 34.75 14.94
N PHE A 457 -75.75 33.89 15.47
CA PHE A 457 -77.19 34.01 15.28
C PHE A 457 -78.07 33.31 16.34
N LEU A 458 -79.39 33.41 16.19
CA LEU A 458 -80.38 32.90 17.15
C LEU A 458 -81.53 32.10 16.48
N VAL A 459 -82.09 31.18 17.28
CA VAL A 459 -83.28 30.35 16.99
C VAL A 459 -84.38 30.74 17.96
N PHE A 460 -85.59 31.02 17.49
CA PHE A 460 -86.67 31.46 18.39
C PHE A 460 -87.94 30.67 18.25
N ARG A 461 -88.70 30.48 19.34
CA ARG A 461 -90.03 29.85 19.28
C ARG A 461 -91.11 30.91 19.15
N PHE A 462 -91.99 30.79 18.16
CA PHE A 462 -93.13 31.69 18.03
C PHE A 462 -94.37 30.95 18.51
N ASP A 463 -95.03 31.46 19.55
CA ASP A 463 -96.16 30.77 20.14
C ASP A 463 -97.53 31.25 19.71
N ARG A 464 -98.48 30.32 19.66
CA ARG A 464 -99.86 30.69 19.32
C ARG A 464 -100.53 31.26 20.56
N ASP A 465 -99.95 30.95 21.74
CA ASP A 465 -100.39 31.42 23.04
C ASP A 465 -99.85 32.83 23.29
N GLN A 466 -98.53 33.01 23.25
CA GLN A 466 -97.93 34.29 23.57
C GLN A 466 -98.25 35.35 22.51
N ASN A 467 -98.60 34.97 21.28
CA ASN A 467 -98.80 35.91 20.18
C ASN A 467 -99.75 35.39 19.08
N ARG A 468 -100.13 36.30 18.17
CA ARG A 468 -101.32 36.31 17.31
C ARG A 468 -101.23 35.48 16.00
N VAL A 469 -100.97 34.17 16.08
CA VAL A 469 -101.08 33.27 14.95
C VAL A 469 -101.93 32.06 15.24
N GLY A 470 -102.42 31.39 14.21
CA GLY A 470 -103.11 30.14 14.40
C GLY A 470 -102.15 28.98 14.54
N TYR A 471 -101.03 29.09 13.86
CA TYR A 471 -100.02 28.04 13.87
C TYR A 471 -98.70 28.56 14.34
N SER A 472 -98.15 27.82 15.30
CA SER A 472 -96.87 28.11 15.90
C SER A 472 -95.78 27.76 14.91
N ALA A 473 -94.59 28.31 15.13
CA ALA A 473 -93.48 28.10 14.20
C ALA A 473 -92.16 28.35 14.89
N LEU A 474 -91.10 27.78 14.36
CA LEU A 474 -89.81 28.20 14.87
C LEU A 474 -89.27 29.18 13.90
N LEU A 475 -88.45 30.08 14.38
CA LEU A 475 -87.91 31.07 13.50
C LEU A 475 -86.41 30.95 13.38
N VAL A 476 -85.94 30.81 12.14
CA VAL A 476 -84.51 30.78 11.89
C VAL A 476 -84.14 32.21 11.65
N VAL A 477 -83.38 32.82 12.57
CA VAL A 477 -83.12 34.24 12.49
C VAL A 477 -81.66 34.66 12.46
N LYS A 478 -81.33 35.50 11.47
CA LYS A 478 -79.98 36.07 11.42
C LYS A 478 -80.05 37.57 11.29
N ARG A 479 -79.05 38.25 11.81
CA ARG A 479 -79.08 39.70 11.75
C ARG A 479 -77.75 40.39 11.50
N ALA A 480 -77.84 41.56 10.87
CA ALA A 480 -76.71 42.49 10.70
C ALA A 480 -77.24 43.90 10.51
N ALA A 481 -76.42 44.91 10.81
CA ALA A 481 -76.86 46.25 10.47
C ALA A 481 -76.30 46.59 9.11
N ILE A 482 -77.14 47.08 8.22
CA ILE A 482 -76.72 47.39 6.87
C ILE A 482 -76.89 48.87 6.59
N ASN A 483 -75.77 49.56 6.44
CA ASN A 483 -75.74 51.00 6.19
C ASN A 483 -76.57 51.77 7.22
N GLY A 484 -76.50 51.35 8.48
CA GLY A 484 -77.21 51.99 9.57
C GLY A 484 -78.58 51.40 9.91
N GLN A 485 -79.15 50.56 9.04
CA GLN A 485 -80.46 49.98 9.37
C GLN A 485 -80.31 48.61 9.97
N GLN A 486 -81.03 48.32 11.05
CA GLN A 486 -80.90 46.97 11.55
C GLN A 486 -81.74 46.04 10.69
N VAL A 487 -81.12 45.01 10.12
CA VAL A 487 -81.84 44.10 9.25
C VAL A 487 -81.81 42.67 9.76
N ILE A 488 -82.98 42.08 9.84
CA ILE A 488 -83.13 40.70 10.27
C ILE A 488 -83.73 39.85 9.18
N VAL A 489 -83.15 38.70 8.89
CA VAL A 489 -83.76 37.84 7.88
C VAL A 489 -84.31 36.63 8.58
N THR A 490 -85.59 36.36 8.34
CA THR A 490 -86.23 35.23 8.99
C THR A 490 -86.83 34.23 8.04
N ARG A 491 -86.60 32.97 8.36
CA ARG A 491 -87.16 31.83 7.65
C ARG A 491 -88.01 31.00 8.62
N PRO A 492 -89.33 31.27 8.76
CA PRO A 492 -90.24 30.54 9.63
C PRO A 492 -90.38 29.06 9.25
N LEU A 493 -90.48 28.21 10.26
CA LEU A 493 -90.72 26.79 10.11
C LEU A 493 -92.01 26.45 10.82
N VAL A 494 -93.10 26.31 10.09
CA VAL A 494 -94.41 26.11 10.70
C VAL A 494 -94.48 24.71 11.28
N MET A 495 -95.05 24.62 12.48
CA MET A 495 -95.19 23.35 13.20
C MET A 495 -96.64 22.90 13.40
N PRO A 496 -97.33 22.32 12.40
CA PRO A 496 -98.71 21.92 12.48
C PRO A 496 -98.78 20.89 13.58
N ASN A 497 -99.86 20.89 14.32
CA ASN A 497 -100.00 20.00 15.46
C ASN A 497 -101.30 19.27 15.24
N ASP A 498 -101.23 17.96 15.09
CA ASP A 498 -102.35 17.10 14.81
C ASP A 498 -103.43 17.11 15.86
N GLN A 499 -103.09 17.56 17.07
CA GLN A 499 -104.02 17.58 18.19
C GLN A 499 -104.67 18.95 18.36
N ILE A 500 -104.28 19.92 17.52
CA ILE A 500 -104.82 21.27 17.65
C ILE A 500 -105.61 21.69 16.42
N THR A 501 -106.86 22.06 16.62
CA THR A 501 -107.68 22.48 15.50
C THR A 501 -107.92 23.97 15.55
N LEU A 502 -107.55 24.65 14.48
CA LEU A 502 -107.77 26.07 14.36
C LEU A 502 -109.18 26.19 13.82
N PRO A 503 -110.02 27.14 14.26
CA PRO A 503 -111.35 27.31 13.72
C PRO A 503 -111.25 27.45 12.23
N THR A 504 -112.20 26.85 11.55
CA THR A 504 -112.28 26.84 10.11
C THR A 504 -112.84 28.11 9.53
N LYS A 505 -112.55 28.35 8.25
CA LYS A 505 -113.03 29.46 7.43
C LYS A 505 -114.32 29.06 6.71
N LYS A 506 -115.26 29.98 6.52
CA LYS A 506 -116.45 29.75 5.73
C LYS A 506 -116.24 30.08 4.27
N LEU A 507 -116.37 29.06 3.43
CA LEU A 507 -116.22 29.18 2.00
C LEU A 507 -117.62 29.27 1.39
N THR A 508 -118.12 30.46 1.07
CA THR A 508 -119.47 30.50 0.52
C THR A 508 -119.38 30.41 -0.98
N ILE A 509 -120.06 29.41 -1.54
CA ILE A 509 -120.02 29.20 -2.97
C ILE A 509 -121.34 29.52 -3.65
N GLN A 510 -121.30 30.48 -4.55
CA GLN A 510 -122.54 30.87 -5.19
C GLN A 510 -122.76 30.03 -6.43
N ASN A 511 -123.42 28.91 -6.25
CA ASN A 511 -123.63 27.96 -7.35
C ASN A 511 -124.85 28.35 -8.14
N GLY A 512 -124.71 29.42 -8.91
CA GLY A 512 -125.85 29.94 -9.64
C GLY A 512 -126.86 30.45 -8.64
N MET A 513 -128.07 29.90 -8.66
CA MET A 513 -129.12 30.33 -7.74
C MET A 513 -129.04 29.61 -6.39
N HIS A 514 -128.11 28.67 -6.25
CA HIS A 514 -127.95 27.90 -5.03
C HIS A 514 -126.73 28.34 -4.22
N GLN A 515 -126.97 28.75 -2.98
CA GLN A 515 -125.85 29.19 -2.16
C GLN A 515 -125.60 28.17 -1.06
N GLU A 516 -124.36 27.71 -0.98
CA GLU A 516 -123.97 26.73 0.03
C GLU A 516 -122.59 27.05 0.59
N THR A 517 -122.41 26.87 1.90
CA THR A 517 -121.12 27.15 2.52
C THR A 517 -120.40 25.91 3.00
N ILE A 518 -119.13 25.81 2.64
CA ILE A 518 -118.28 24.71 3.08
C ILE A 518 -117.32 25.24 4.12
N GLU A 519 -117.21 24.59 5.26
CA GLU A 519 -116.24 25.09 6.21
C GLU A 519 -114.96 24.28 6.02
N ALA A 520 -113.81 24.95 6.12
CA ALA A 520 -112.56 24.21 5.93
C ALA A 520 -111.38 24.78 6.73
N GLU A 521 -110.44 23.89 7.05
CA GLU A 521 -109.22 24.22 7.78
C GLU A 521 -108.29 25.12 7.01
N ALA A 522 -107.65 26.04 7.74
CA ALA A 522 -106.67 26.91 7.11
C ALA A 522 -105.35 26.16 6.90
N ASP A 523 -104.86 26.22 5.65
CA ASP A 523 -103.59 25.60 5.28
C ASP A 523 -102.51 26.64 5.41
N VAL A 524 -101.27 26.31 5.12
CA VAL A 524 -100.23 27.33 5.31
C VAL A 524 -100.46 28.56 4.45
N GLN A 525 -101.10 28.41 3.29
CA GLN A 525 -101.44 29.53 2.41
C GLN A 525 -102.46 30.48 3.04
N ASP A 526 -103.38 29.93 3.84
CA ASP A 526 -104.45 30.71 4.45
C ASP A 526 -103.96 31.32 5.76
N VAL A 527 -103.07 30.59 6.40
CA VAL A 527 -102.47 30.94 7.67
C VAL A 527 -101.48 32.07 7.52
N PHE A 528 -100.61 31.97 6.51
CA PHE A 528 -99.58 32.98 6.32
C PHE A 528 -100.11 34.20 5.60
N THR A 529 -100.87 34.95 6.35
CA THR A 529 -101.49 36.17 5.92
C THR A 529 -100.49 37.28 6.09
N THR A 530 -100.81 38.46 5.61
CA THR A 530 -99.87 39.53 5.79
C THR A 530 -99.70 39.86 7.27
N GLN A 531 -100.76 39.74 8.05
CA GLN A 531 -100.62 40.03 9.45
C GLN A 531 -99.90 38.90 10.16
N TYR A 532 -100.04 37.66 9.69
CA TYR A 532 -99.32 36.57 10.33
C TYR A 532 -97.86 36.96 10.35
N TRP A 533 -97.35 37.37 9.17
CA TRP A 533 -95.95 37.79 9.03
C TRP A 533 -95.61 38.98 9.92
N ASN A 534 -96.50 39.97 9.95
CA ASN A 534 -96.20 41.14 10.76
C ASN A 534 -96.08 40.74 12.23
N ARG A 535 -96.87 39.76 12.66
CA ARG A 535 -96.81 39.31 14.05
C ARG A 535 -95.52 38.56 14.29
N ILE A 536 -95.07 37.79 13.29
CA ILE A 536 -93.80 37.08 13.43
C ILE A 536 -92.72 38.10 13.66
N CYS A 537 -92.70 39.16 12.85
CA CYS A 537 -91.72 40.24 12.97
C CYS A 537 -91.74 40.85 14.37
N ASP A 538 -92.94 41.15 14.90
CA ASP A 538 -93.00 41.79 16.20
C ASP A 538 -92.44 40.93 17.32
N SER A 539 -92.74 39.62 17.26
CA SER A 539 -92.23 38.71 18.28
C SER A 539 -90.73 38.63 18.21
N ILE A 540 -90.19 38.62 16.99
CA ILE A 540 -88.74 38.53 16.89
C ILE A 540 -88.16 39.76 17.55
N ARG A 541 -88.72 40.93 17.29
CA ARG A 541 -88.18 42.14 17.90
C ARG A 541 -88.23 42.04 19.43
N GLN A 542 -89.31 41.47 19.98
CA GLN A 542 -89.38 41.30 21.44
C GLN A 542 -88.25 40.38 21.93
N GLN A 543 -87.94 39.35 21.13
CA GLN A 543 -86.93 38.36 21.45
C GLN A 543 -85.47 38.75 21.14
N THR A 544 -85.25 39.68 20.19
CA THR A 544 -83.89 40.10 19.81
C THR A 544 -83.50 41.44 20.40
N GLY A 545 -84.50 42.25 20.77
CA GLY A 545 -84.33 43.58 21.33
C GLY A 545 -84.29 44.65 20.25
N LYS A 546 -84.28 44.20 19.00
CA LYS A 546 -84.18 45.12 17.90
C LYS A 546 -85.54 45.63 17.48
N HIS A 547 -86.06 46.52 18.29
CA HIS A 547 -87.40 47.04 18.14
C HIS A 547 -87.61 47.95 16.94
N ASP A 548 -86.53 48.52 16.42
CA ASP A 548 -86.62 49.34 15.23
C ASP A 548 -86.13 48.60 13.97
N ALA A 549 -85.95 47.26 14.05
CA ALA A 549 -85.46 46.49 12.91
C ALA A 549 -86.50 46.24 11.82
N MET A 550 -85.96 46.10 10.61
CA MET A 550 -86.71 45.72 9.41
C MET A 550 -86.51 44.24 9.23
N VAL A 551 -87.57 43.50 8.86
CA VAL A 551 -87.41 42.07 8.72
C VAL A 551 -87.71 41.58 7.30
N ILE A 552 -86.76 40.86 6.75
CA ILE A 552 -86.76 40.24 5.44
C ILE A 552 -87.41 38.86 5.47
N ASN A 553 -88.33 38.60 4.55
CA ASN A 553 -89.07 37.35 4.50
C ASN A 553 -88.34 36.36 3.59
N ALA A 554 -87.69 35.36 4.17
CA ALA A 554 -86.94 34.36 3.41
C ALA A 554 -87.84 33.24 2.93
N GLY A 555 -89.11 33.36 3.24
CA GLY A 555 -90.08 32.39 2.81
C GLY A 555 -90.42 31.40 3.90
N PRO A 556 -91.65 31.36 4.36
CA PRO A 556 -92.05 30.46 5.41
C PRO A 556 -92.07 29.10 4.81
N THR A 557 -91.80 28.10 5.58
CA THR A 557 -92.02 26.76 5.10
C THR A 557 -92.68 26.01 6.20
N VAL A 558 -92.97 24.76 5.97
CA VAL A 558 -93.63 23.96 6.98
C VAL A 558 -92.98 22.64 7.18
N ILE A 559 -92.93 22.23 8.44
CA ILE A 559 -92.50 20.91 8.82
C ILE A 559 -93.74 20.20 9.36
N PRO A 560 -94.42 19.38 8.54
CA PRO A 560 -95.74 18.77 8.74
C PRO A 560 -95.84 17.99 10.01
N ALA A 561 -97.06 17.87 10.54
CA ALA A 561 -97.28 17.15 11.79
C ALA A 561 -96.78 15.71 11.72
N ASP A 562 -96.93 15.01 10.58
CA ASP A 562 -97.08 13.55 10.54
C ASP A 562 -95.91 12.68 11.07
N PHE A 563 -94.67 12.96 10.68
CA PHE A 563 -93.50 12.13 10.96
C PHE A 563 -92.95 12.29 12.39
N ASP A 564 -92.09 11.36 12.84
CA ASP A 564 -91.40 11.43 14.15
C ASP A 564 -90.25 12.45 14.18
N LEU A 565 -90.15 13.29 15.22
CA LEU A 565 -89.19 14.40 15.30
C LEU A 565 -87.71 13.99 15.52
N LYS A 566 -87.40 12.69 15.59
CA LYS A 566 -86.05 12.16 15.87
C LYS A 566 -85.06 12.22 14.70
N ASP A 567 -85.48 12.67 13.51
CA ASP A 567 -84.60 12.78 12.32
C ASP A 567 -83.66 14.01 12.39
N GLU A 568 -82.68 13.92 13.30
CA GLU A 568 -81.68 14.94 13.51
C GLU A 568 -80.94 15.28 12.24
N LEU A 569 -80.73 14.32 11.33
CA LEU A 569 -80.02 14.66 10.11
C LEU A 569 -80.78 15.64 9.26
N VAL A 570 -82.07 15.36 9.04
CA VAL A 570 -82.84 16.28 8.23
C VAL A 570 -82.95 17.63 8.89
N LEU A 571 -83.20 17.61 10.19
CA LEU A 571 -83.42 18.85 10.91
C LEU A 571 -82.16 19.72 10.88
N LYS A 572 -80.98 19.09 11.01
CA LYS A 572 -79.73 19.83 10.92
C LYS A 572 -79.63 20.47 9.57
N GLN A 573 -79.97 19.70 8.53
CA GLN A 573 -79.89 20.19 7.18
C GLN A 573 -80.87 21.34 6.96
N LEU A 574 -82.03 21.29 7.60
CA LEU A 574 -82.97 22.38 7.44
C LEU A 574 -82.39 23.66 8.02
N LEU A 575 -81.71 23.54 9.19
CA LEU A 575 -81.11 24.77 9.73
C LEU A 575 -80.02 25.29 8.84
N ILE A 576 -79.21 24.40 8.31
CA ILE A 576 -78.11 24.77 7.44
C ILE A 576 -78.66 25.52 6.23
N LYS A 577 -79.67 24.96 5.56
CA LYS A 577 -80.19 25.56 4.35
C LYS A 577 -80.86 26.89 4.63
N SER A 578 -81.57 26.97 5.76
CA SER A 578 -82.29 28.17 6.12
C SER A 578 -81.33 29.31 6.48
N VAL A 579 -80.22 28.99 7.14
CA VAL A 579 -79.26 30.06 7.43
C VAL A 579 -78.55 30.49 6.16
N ASN A 580 -78.33 29.59 5.22
CA ASN A 580 -77.70 29.92 3.94
C ASN A 580 -78.51 31.02 3.30
N LEU A 581 -79.81 30.76 3.23
CA LEU A 581 -80.68 31.70 2.56
C LEU A 581 -80.69 33.02 3.33
N CYS A 582 -80.66 32.96 4.66
CA CYS A 582 -80.65 34.18 5.43
C CYS A 582 -79.42 35.02 5.11
N ASP A 583 -78.25 34.35 4.97
CA ASP A 583 -77.03 35.09 4.64
C ASP A 583 -77.10 35.70 3.27
N ASP A 584 -77.70 34.99 2.31
CA ASP A 584 -77.87 35.51 0.96
C ASP A 584 -78.70 36.77 1.01
N MET A 585 -79.81 36.73 1.74
CA MET A 585 -80.68 37.87 1.68
C MET A 585 -80.07 39.07 2.40
N LEU A 586 -79.28 38.84 3.46
CA LEU A 586 -78.59 40.00 4.06
C LEU A 586 -77.60 40.52 3.02
N ALA A 587 -76.90 39.60 2.34
CA ALA A 587 -75.92 40.01 1.35
C ALA A 587 -76.54 40.80 0.20
N LYS A 588 -77.67 40.35 -0.32
CA LYS A 588 -78.28 40.95 -1.49
C LYS A 588 -78.88 42.30 -1.14
N ARG A 589 -79.38 42.44 0.09
CA ARG A 589 -79.72 43.75 0.69
C ARG A 589 -78.49 44.64 0.89
N SER A 590 -77.34 44.05 1.24
CA SER A 590 -76.05 44.74 1.39
C SER A 590 -75.43 45.23 0.07
N GLY A 591 -76.02 44.87 -1.06
CA GLY A 591 -75.47 45.15 -2.39
C GLY A 591 -74.45 44.14 -2.94
N GLU A 592 -74.42 42.89 -2.49
CA GLU A 592 -73.50 41.86 -3.03
C GLU A 592 -73.59 41.68 -4.56
N GLN A 593 -72.44 41.39 -5.21
CA GLN A 593 -72.34 41.21 -6.66
C GLN A 593 -73.13 40.00 -7.19
N PRO A 594 -73.79 40.10 -8.36
CA PRO A 594 -74.71 39.08 -8.88
C PRO A 594 -74.00 37.94 -9.62
N PHE A 595 -74.67 36.79 -9.77
CA PHE A 595 -74.21 35.75 -10.67
C PHE A 595 -74.35 36.17 -12.12
N SER A 596 -73.35 35.86 -12.93
CA SER A 596 -73.44 36.18 -14.34
C SER A 596 -72.71 35.24 -15.27
N VAL A 597 -73.05 35.37 -16.56
CA VAL A 597 -72.45 34.53 -17.59
C VAL A 597 -70.97 34.84 -17.68
N ALA A 598 -70.60 36.07 -17.36
CA ALA A 598 -69.22 36.54 -17.35
C ALA A 598 -68.35 35.79 -16.36
N MET A 599 -68.97 35.25 -15.30
CA MET A 599 -68.21 34.53 -14.31
C MET A 599 -67.96 33.13 -14.81
N LEU A 600 -68.92 32.63 -15.60
CA LEU A 600 -68.81 31.31 -16.22
C LEU A 600 -68.00 31.31 -17.50
N LYS A 601 -68.02 32.43 -18.19
CA LYS A 601 -67.40 32.50 -19.49
C LYS A 601 -65.91 32.75 -19.40
N GLY A 602 -65.20 31.70 -19.05
CA GLY A 602 -63.75 31.83 -18.99
C GLY A 602 -63.36 31.90 -20.46
N THR A 603 -62.21 32.47 -20.77
CA THR A 603 -61.81 32.57 -22.18
C THR A 603 -61.43 31.20 -22.73
N ASP A 604 -61.20 30.29 -21.81
CA ASP A 604 -60.88 28.92 -22.04
C ASP A 604 -61.93 27.94 -21.49
N GLU A 605 -63.21 28.31 -21.36
CA GLU A 605 -64.23 27.43 -20.73
C GLU A 605 -65.55 27.37 -21.52
N THR A 606 -66.19 26.19 -21.65
CA THR A 606 -67.51 26.08 -22.30
C THR A 606 -68.50 25.19 -21.52
N LEU A 607 -69.79 25.36 -21.81
CA LEU A 607 -70.86 24.56 -21.19
C LEU A 607 -71.29 23.41 -22.07
N ALA A 608 -71.93 22.43 -21.45
CA ALA A 608 -72.53 21.30 -22.15
C ALA A 608 -73.71 20.78 -21.33
N ALA A 609 -74.67 20.11 -21.96
CA ALA A 609 -75.81 19.57 -21.18
C ALA A 609 -76.46 18.30 -21.74
N ARG A 610 -77.10 17.55 -20.82
CA ARG A 610 -77.82 16.31 -21.18
C ARG A 610 -79.17 16.12 -20.49
N LEU A 611 -80.01 15.29 -21.10
CA LEU A 611 -81.28 14.94 -20.50
C LEU A 611 -81.23 13.56 -19.89
N ASN A 612 -81.46 13.50 -18.58
CA ASN A 612 -81.47 12.25 -17.86
C ASN A 612 -82.90 11.70 -17.83
N PHE A 613 -83.11 10.55 -18.45
CA PHE A 613 -84.35 9.76 -18.34
C PHE A 613 -84.30 8.89 -17.09
N THR A 614 -84.63 9.48 -15.97
CA THR A 614 -84.14 9.03 -14.67
C THR A 614 -84.51 7.58 -14.31
N GLY A 615 -85.80 7.23 -14.34
CA GLY A 615 -86.29 6.02 -13.68
C GLY A 615 -86.42 6.09 -12.14
N LYS A 616 -86.22 7.28 -11.52
CA LYS A 616 -86.31 7.52 -10.05
C LYS A 616 -86.80 8.95 -9.69
N PRO A 617 -87.45 9.15 -8.52
CA PRO A 617 -87.84 10.46 -7.98
C PRO A 617 -86.72 11.16 -7.21
N MET A 618 -86.89 12.45 -6.95
CA MET A 618 -85.97 13.31 -6.20
C MET A 618 -86.69 13.96 -5.03
N HIS A 619 -85.98 14.41 -4.00
CA HIS A 619 -86.59 14.63 -2.70
C HIS A 619 -86.31 16.03 -2.20
N ASP A 620 -87.31 16.60 -1.53
CA ASP A 620 -87.16 17.96 -1.02
C ASP A 620 -86.42 17.96 0.31
N SER A 621 -86.30 19.14 0.93
CA SER A 621 -85.54 19.25 2.16
C SER A 621 -86.07 18.43 3.33
N LEU A 622 -87.32 17.95 3.28
CA LEU A 622 -87.89 17.13 4.33
C LEU A 622 -87.98 15.67 3.92
N GLY A 623 -87.44 15.35 2.75
CA GLY A 623 -87.47 14.00 2.22
C GLY A 623 -88.73 13.59 1.44
N TYR A 624 -89.58 14.53 1.03
CA TYR A 624 -90.77 14.09 0.31
C TYR A 624 -90.43 14.06 -1.19
N PRO A 625 -90.96 13.10 -1.98
CA PRO A 625 -90.69 12.94 -3.41
C PRO A 625 -91.28 14.05 -4.25
N ILE A 626 -90.57 14.42 -5.31
CA ILE A 626 -90.98 15.36 -6.32
C ILE A 626 -91.02 14.70 -7.70
N ARG A 627 -92.16 14.77 -8.38
CA ARG A 627 -92.22 14.19 -9.72
C ARG A 627 -91.28 14.85 -10.71
N SER A 628 -90.60 14.00 -11.47
CA SER A 628 -89.70 14.38 -12.54
C SER A 628 -89.65 13.25 -13.56
N ASP A 629 -89.81 13.55 -14.85
CA ASP A 629 -89.62 12.51 -15.86
C ASP A 629 -88.22 12.63 -16.42
N ILE A 630 -87.78 13.89 -16.51
CA ILE A 630 -86.49 14.24 -17.07
C ILE A 630 -85.70 15.15 -16.13
N LEU A 631 -84.47 14.78 -15.82
CA LEU A 631 -83.65 15.70 -15.04
C LEU A 631 -82.65 16.33 -16.00
N VAL A 632 -82.67 17.66 -16.11
CA VAL A 632 -81.75 18.26 -17.06
C VAL A 632 -80.52 18.66 -16.32
N SER A 633 -79.39 18.14 -16.78
CA SER A 633 -78.12 18.40 -16.12
C SER A 633 -77.22 19.29 -16.96
N LEU A 634 -76.88 20.45 -16.40
CA LEU A 634 -75.99 21.38 -17.07
C LEU A 634 -74.63 21.19 -16.46
N ASN A 635 -73.68 20.82 -17.31
CA ASN A 635 -72.34 20.47 -16.94
C ASN A 635 -71.55 21.70 -16.56
N ARG A 636 -70.54 21.49 -15.75
CA ARG A 636 -69.66 22.55 -15.27
C ARG A 636 -68.97 23.19 -16.44
N VAL A 637 -68.88 24.52 -16.42
CA VAL A 637 -68.21 25.16 -17.52
C VAL A 637 -66.71 24.85 -17.37
N LYS A 638 -66.08 24.36 -18.45
CA LYS A 638 -64.64 24.05 -18.42
C LYS A 638 -64.13 23.68 -19.80
N LYS A 639 -62.83 23.46 -19.93
CA LYS A 639 -62.31 22.90 -21.18
C LYS A 639 -61.12 21.95 -20.95
N PRO A 640 -60.98 20.87 -21.72
CA PRO A 640 -59.80 20.04 -21.71
C PRO A 640 -58.62 20.92 -22.06
N GLY A 641 -57.50 20.71 -21.41
CA GLY A 641 -56.33 21.53 -21.67
C GLY A 641 -56.14 22.59 -20.59
N GLN A 642 -57.16 22.80 -19.75
CA GLN A 642 -56.99 23.76 -18.67
C GLN A 642 -56.19 23.13 -17.57
N GLN A 643 -55.55 23.97 -16.77
CA GLN A 643 -54.78 23.47 -15.64
C GLN A 643 -55.66 22.69 -14.68
N GLU A 644 -55.20 21.49 -14.34
CA GLU A 644 -55.87 20.61 -13.41
C GLU A 644 -55.67 21.17 -12.00
N ASN A 645 -56.73 21.24 -11.21
CA ASN A 645 -56.64 21.81 -9.87
C ASN A 645 -56.18 20.84 -8.78
N GLU A 646 -54.88 20.50 -8.86
CA GLU A 646 -54.19 19.59 -7.96
C GLU A 646 -54.85 18.19 -8.02
N PHE A 647 -54.68 17.37 -6.99
CA PHE A 647 -55.28 16.05 -6.96
C PHE A 647 -56.69 16.13 -6.46
N TYR A 648 -57.62 16.45 -7.35
CA TYR A 648 -59.02 16.64 -7.00
C TYR A 648 -59.92 15.63 -7.68
N GLU A 649 -61.12 15.46 -7.13
CA GLU A 649 -62.18 14.74 -7.83
C GLU A 649 -63.49 15.45 -7.62
N ALA A 650 -64.20 15.72 -8.69
CA ALA A 650 -65.43 16.47 -8.56
C ALA A 650 -66.42 16.08 -9.64
N GLU A 651 -67.70 16.28 -9.35
CA GLU A 651 -68.70 16.08 -10.38
C GLU A 651 -68.71 17.32 -11.25
N ASP A 652 -68.69 17.15 -12.56
CA ASP A 652 -68.69 18.29 -13.45
C ASP A 652 -70.08 18.81 -13.70
N LYS A 653 -70.68 19.38 -12.68
CA LYS A 653 -72.04 19.90 -12.78
C LYS A 653 -72.12 21.34 -12.28
N LEU A 654 -72.94 22.15 -12.96
CA LEU A 654 -73.19 23.52 -12.55
C LEU A 654 -74.57 23.65 -11.89
N ASN A 655 -75.60 23.12 -12.56
CA ASN A 655 -76.97 23.17 -12.04
C ASN A 655 -77.89 22.17 -12.70
N GLN A 656 -79.13 22.13 -12.22
CA GLN A 656 -80.10 21.21 -12.80
C GLN A 656 -81.54 21.66 -12.69
N VAL A 657 -82.35 21.20 -13.63
CA VAL A 657 -83.79 21.45 -13.56
C VAL A 657 -84.60 20.17 -13.68
N SER A 658 -85.51 19.99 -12.74
CA SER A 658 -86.37 18.82 -12.72
C SER A 658 -87.65 19.16 -13.41
N CYS A 659 -88.07 18.31 -14.34
CA CYS A 659 -89.33 18.56 -15.01
C CYS A 659 -90.03 17.29 -15.44
N PHE A 660 -91.29 17.42 -15.80
CA PHE A 660 -92.03 16.28 -16.30
C PHE A 660 -92.91 16.70 -17.44
N VAL A 661 -93.37 15.74 -18.24
CA VAL A 661 -94.25 16.19 -19.31
C VAL A 661 -95.60 15.49 -19.28
N ASN A 662 -96.68 16.26 -19.23
CA ASN A 662 -97.99 15.61 -19.25
C ASN A 662 -98.50 15.63 -20.66
N LEU A 663 -99.66 15.02 -20.87
CA LEU A 663 -100.30 15.07 -22.16
C LEU A 663 -101.71 15.54 -21.94
N GLU A 664 -101.90 16.85 -22.02
CA GLU A 664 -103.20 17.43 -21.68
C GLU A 664 -104.14 17.26 -22.85
N TYR A 665 -105.41 16.98 -22.61
CA TYR A 665 -106.40 16.82 -23.68
C TYR A 665 -107.03 18.20 -23.84
N THR A 666 -106.72 18.84 -24.97
CA THR A 666 -107.08 20.24 -25.16
C THR A 666 -108.01 20.47 -26.35
N PRO A 667 -108.80 21.57 -26.34
CA PRO A 667 -109.72 21.98 -27.37
C PRO A 667 -109.05 22.49 -28.63
N GLN A 668 -109.81 22.43 -29.71
CA GLN A 668 -109.44 22.96 -31.00
C GLN A 668 -110.74 23.25 -31.79
N PRO A 669 -110.88 24.38 -32.58
CA PRO A 669 -112.04 24.69 -33.44
C PRO A 669 -112.37 23.52 -34.40
N GLN A 682 -104.37 21.60 -38.96
CA GLN A 682 -105.06 20.63 -38.10
C GLN A 682 -104.06 20.03 -37.09
N LEU A 683 -104.32 20.23 -35.78
CA LEU A 683 -103.52 19.71 -34.66
C LEU A 683 -104.12 18.41 -34.10
N PRO A 684 -103.29 17.52 -33.57
CA PRO A 684 -103.67 16.34 -32.82
C PRO A 684 -104.17 16.85 -31.46
N PRO A 685 -104.98 16.09 -30.71
CA PRO A 685 -105.59 16.42 -29.41
C PRO A 685 -104.75 16.62 -28.13
N LEU A 686 -103.50 16.13 -28.05
CA LEU A 686 -102.77 16.31 -26.79
C LEU A 686 -101.63 17.33 -26.78
N THR A 687 -101.53 18.05 -25.66
CA THR A 687 -100.48 19.03 -25.44
C THR A 687 -99.30 18.57 -24.60
N PRO A 688 -98.06 18.73 -25.11
CA PRO A 688 -96.80 18.41 -24.46
C PRO A 688 -96.50 19.47 -23.42
N ALA A 689 -97.15 19.30 -22.28
CA ALA A 689 -97.04 20.30 -21.22
C ALA A 689 -95.79 20.04 -20.43
N ILE A 690 -94.78 20.90 -20.62
CA ILE A 690 -93.49 20.66 -19.98
C ILE A 690 -93.51 21.42 -18.68
N VAL A 691 -93.47 20.72 -17.56
CA VAL A 691 -93.62 21.36 -16.28
C VAL A 691 -92.37 21.30 -15.43
N ILE A 692 -91.86 22.46 -15.04
CA ILE A 692 -90.75 22.47 -14.10
C ILE A 692 -91.26 22.25 -12.69
N THR A 693 -90.68 21.28 -12.00
CA THR A 693 -91.08 20.98 -10.64
C THR A 693 -90.05 21.40 -9.63
N ASP A 694 -88.80 21.55 -10.08
CA ASP A 694 -87.75 22.01 -9.16
C ASP A 694 -86.60 22.63 -9.92
N VAL A 695 -85.92 23.58 -9.26
CA VAL A 695 -84.72 24.22 -9.80
C VAL A 695 -83.62 24.22 -8.73
N ARG A 696 -82.47 23.58 -9.00
CA ARG A 696 -81.36 23.42 -8.03
C ARG A 696 -80.01 23.82 -8.61
N GLN A 697 -79.14 24.40 -7.80
CA GLN A 697 -77.76 24.67 -8.19
C GLN A 697 -76.97 23.46 -7.77
N ALA A 698 -75.80 23.26 -8.37
CA ALA A 698 -75.00 22.12 -7.93
C ALA A 698 -74.67 22.30 -6.46
N GLU A 699 -74.61 21.17 -5.74
CA GLU A 699 -74.39 21.11 -4.30
C GLU A 699 -73.11 21.77 -3.78
N TRP A 700 -72.12 21.95 -4.64
CA TRP A 700 -70.90 22.58 -4.20
C TRP A 700 -71.03 24.09 -4.00
N LEU A 701 -72.08 24.70 -4.56
CA LEU A 701 -72.30 26.16 -4.49
C LEU A 701 -73.26 26.40 -3.33
N LYS A 702 -73.07 27.44 -2.52
CA LYS A 702 -73.88 27.62 -1.31
C LYS A 702 -75.02 28.60 -1.54
N ALA A 703 -74.76 29.68 -2.29
CA ALA A 703 -75.72 30.77 -2.50
C ALA A 703 -76.95 30.39 -3.33
N ASN A 704 -78.07 31.02 -3.00
CA ASN A 704 -79.32 30.84 -3.76
C ASN A 704 -79.92 32.20 -4.12
N THR A 705 -79.71 32.62 -5.34
CA THR A 705 -80.13 33.94 -5.80
C THR A 705 -80.99 33.82 -7.04
N MET A 706 -81.65 34.92 -7.42
CA MET A 706 -82.47 34.92 -8.62
C MET A 706 -81.69 34.71 -9.88
N GLU A 707 -80.49 35.25 -9.96
CA GLU A 707 -79.72 35.09 -11.18
C GLU A 707 -79.36 33.62 -11.35
N LEU A 708 -79.00 32.95 -10.26
CA LEU A 708 -78.67 31.53 -10.35
C LEU A 708 -79.90 30.71 -10.78
N TYR A 709 -81.07 31.07 -10.24
CA TYR A 709 -82.33 30.41 -10.58
C TYR A 709 -82.68 30.58 -12.05
N LEU A 710 -82.65 31.84 -12.50
CA LEU A 710 -83.01 32.20 -13.85
C LEU A 710 -82.13 31.57 -14.87
N PHE A 711 -80.83 31.54 -14.61
CA PHE A 711 -79.89 30.89 -15.50
C PHE A 711 -80.20 29.41 -15.65
N ALA A 712 -80.48 28.76 -14.52
CA ALA A 712 -80.80 27.32 -14.53
C ALA A 712 -82.09 27.03 -15.30
N LEU A 713 -83.05 27.95 -15.32
CA LEU A 713 -84.31 27.69 -16.03
C LEU A 713 -84.10 27.41 -17.52
N SER A 714 -82.98 27.86 -18.08
CA SER A 714 -82.72 27.66 -19.51
C SER A 714 -82.54 26.17 -19.80
N ASN A 715 -82.29 25.40 -18.73
CA ASN A 715 -82.10 23.98 -18.81
C ASN A 715 -83.38 23.31 -19.25
N ALA A 716 -84.54 23.86 -18.83
CA ALA A 716 -85.77 23.21 -19.23
C ALA A 716 -86.08 23.56 -20.66
N PHE A 717 -85.75 24.78 -21.06
CA PHE A 717 -86.08 25.15 -22.43
C PHE A 717 -85.47 24.20 -23.46
N ARG A 718 -84.19 23.90 -23.24
CA ARG A 718 -83.41 23.05 -24.15
C ARG A 718 -83.96 21.62 -24.30
N VAL A 719 -84.84 21.24 -23.36
CA VAL A 719 -85.46 19.91 -23.34
C VAL A 719 -86.20 19.68 -24.63
N THR A 720 -86.87 20.72 -25.15
CA THR A 720 -87.59 20.54 -26.39
C THR A 720 -86.99 21.38 -27.51
N ALA A 721 -86.22 22.44 -27.15
CA ALA A 721 -85.67 23.33 -28.16
C ALA A 721 -84.53 22.70 -28.95
N ASN A 722 -83.71 21.89 -28.28
CA ASN A 722 -82.59 21.28 -28.98
C ASN A 722 -82.74 19.78 -29.02
N GLN A 723 -83.25 19.24 -27.91
CA GLN A 723 -83.41 17.80 -27.75
C GLN A 723 -84.89 17.42 -27.82
N SER A 724 -85.19 16.11 -27.74
CA SER A 724 -86.58 15.69 -27.81
C SER A 724 -87.05 14.86 -26.63
N TRP A 725 -87.92 15.52 -25.89
CA TRP A 725 -88.55 15.15 -24.65
C TRP A 725 -89.39 13.88 -24.75
N ALA A 726 -89.84 13.56 -25.96
CA ALA A 726 -90.78 12.47 -26.23
C ALA A 726 -90.21 11.13 -25.85
N ARG A 727 -88.88 10.99 -25.77
CA ARG A 727 -88.31 9.72 -25.31
C ARG A 727 -88.82 9.38 -23.92
N SER A 728 -89.18 10.38 -23.12
CA SER A 728 -89.65 10.11 -21.76
C SER A 728 -91.01 9.44 -21.74
N LEU A 729 -91.71 9.44 -22.87
CA LEU A 729 -93.02 8.82 -22.93
C LEU A 729 -92.93 7.36 -23.31
N LEU A 730 -91.73 6.86 -23.62
CA LEU A 730 -91.68 5.46 -23.97
C LEU A 730 -92.17 4.62 -22.82
N PRO A 731 -93.00 3.59 -23.06
CA PRO A 731 -93.54 2.70 -22.07
C PRO A 731 -92.41 1.87 -21.53
N GLN A 732 -92.54 1.44 -20.27
CA GLN A 732 -91.46 0.61 -19.74
C GLN A 732 -91.66 -0.80 -20.20
N LEU A 733 -91.25 -1.07 -21.43
CA LEU A 733 -91.58 -2.35 -22.03
C LEU A 733 -90.92 -3.45 -21.23
N GLY A 734 -91.71 -4.48 -20.95
CA GLY A 734 -91.28 -5.63 -20.16
C GLY A 734 -91.71 -5.51 -18.70
N LYS A 735 -92.12 -4.31 -18.27
CA LYS A 735 -92.58 -4.08 -16.91
C LYS A 735 -94.09 -4.13 -16.90
N VAL A 736 -94.66 -5.05 -16.13
CA VAL A 736 -96.11 -5.13 -16.13
C VAL A 736 -96.75 -3.91 -15.47
N LYS A 737 -96.20 -3.52 -14.32
CA LYS A 737 -96.77 -2.44 -13.54
C LYS A 737 -96.35 -1.03 -13.97
N ASP A 738 -96.76 -0.61 -15.16
CA ASP A 738 -96.46 0.75 -15.60
C ASP A 738 -97.77 1.51 -15.61
N MET A 739 -98.03 2.27 -14.56
CA MET A 739 -99.32 2.91 -14.42
C MET A 739 -99.54 4.02 -15.42
N ARG A 740 -98.47 4.48 -16.08
CA ARG A 740 -98.57 5.59 -17.02
C ARG A 740 -98.21 5.11 -18.41
N ASP A 741 -98.36 3.81 -18.63
CA ASP A 741 -98.03 3.22 -19.92
C ASP A 741 -98.73 3.93 -21.05
N ILE A 742 -97.97 4.31 -22.08
CA ILE A 742 -98.41 5.05 -23.25
C ILE A 742 -99.55 4.38 -23.93
N GLY A 743 -99.70 3.07 -23.72
CA GLY A 743 -100.77 2.35 -24.38
C GLY A 743 -102.13 2.99 -24.10
N ALA A 744 -102.24 3.65 -22.94
CA ALA A 744 -103.47 4.30 -22.49
C ALA A 744 -103.91 5.41 -23.42
N ILE A 745 -102.98 5.94 -24.21
CA ILE A 745 -103.25 7.07 -25.08
C ILE A 745 -104.32 6.68 -26.11
N GLY A 746 -104.46 5.38 -26.37
CA GLY A 746 -105.42 4.83 -27.31
C GLY A 746 -106.86 5.03 -26.83
N TYR A 747 -107.04 5.37 -25.56
CA TYR A 747 -108.38 5.60 -25.05
C TYR A 747 -108.89 7.00 -25.44
N LEU A 748 -107.98 7.97 -25.68
CA LEU A 748 -108.38 9.31 -26.06
C LEU A 748 -108.40 9.48 -27.57
N SER A 749 -107.65 8.60 -28.24
CA SER A 749 -107.56 8.55 -29.69
C SER A 749 -108.81 7.86 -30.20
N ARG A 750 -108.93 7.81 -31.53
CA ARG A 750 -110.08 7.20 -32.19
C ARG A 750 -110.20 5.67 -31.94
N LEU A 751 -109.15 5.05 -31.40
CA LEU A 751 -109.16 3.62 -31.09
C LEU A 751 -110.09 3.26 -29.95
N ALA A 752 -110.24 4.16 -28.96
CA ALA A 752 -111.02 3.89 -27.76
C ALA A 752 -110.58 2.57 -27.13
N ALA A 753 -109.29 2.34 -27.11
CA ALA A 753 -108.74 1.10 -26.60
C ALA A 753 -107.31 1.24 -26.16
N ARG A 754 -106.86 0.37 -25.28
CA ARG A 754 -105.45 0.42 -24.94
C ARG A 754 -104.68 -0.19 -26.10
N VAL A 755 -103.55 0.42 -26.43
CA VAL A 755 -102.67 -0.08 -27.46
C VAL A 755 -101.93 -1.24 -26.87
N GLU A 756 -101.80 -2.33 -27.59
CA GLU A 756 -101.09 -3.41 -26.96
C GLU A 756 -99.60 -3.13 -27.06
N THR A 757 -99.05 -2.71 -25.93
CA THR A 757 -97.65 -2.35 -25.73
C THR A 757 -96.90 -3.41 -24.92
N LYS A 758 -97.55 -4.52 -24.52
CA LYS A 758 -96.97 -5.67 -23.78
C LYS A 758 -96.26 -6.67 -24.71
N THR A 759 -96.55 -6.55 -26.00
CA THR A 759 -96.22 -7.51 -27.02
C THR A 759 -94.89 -7.26 -27.70
N GLU A 760 -94.33 -8.34 -28.25
CA GLU A 760 -93.08 -8.29 -28.99
C GLU A 760 -93.25 -7.58 -30.33
N THR A 761 -94.50 -7.34 -30.71
CA THR A 761 -94.82 -6.68 -31.96
C THR A 761 -94.94 -5.17 -31.77
N PHE A 762 -94.75 -4.67 -30.53
CA PHE A 762 -94.82 -3.23 -30.33
C PHE A 762 -93.44 -2.68 -30.59
N THR A 763 -93.38 -1.71 -31.48
CA THR A 763 -92.13 -1.14 -31.93
C THR A 763 -92.01 0.34 -31.65
N ASP A 764 -90.78 0.80 -31.68
CA ASP A 764 -90.46 2.24 -31.69
C ASP A 764 -91.24 3.01 -32.77
N GLN A 765 -91.42 2.41 -33.95
CA GLN A 765 -92.16 3.03 -35.02
C GLN A 765 -93.62 3.17 -34.65
N ASN A 766 -94.18 2.16 -33.97
CA ASN A 766 -95.59 2.22 -33.60
C ASN A 766 -95.78 3.30 -32.54
N PHE A 767 -94.79 3.43 -31.65
CA PHE A 767 -94.81 4.46 -30.62
C PHE A 767 -94.85 5.83 -31.25
N ALA A 768 -93.94 6.05 -32.21
CA ALA A 768 -93.88 7.34 -32.86
C ALA A 768 -95.19 7.65 -33.55
N GLU A 769 -95.83 6.64 -34.15
CA GLU A 769 -97.10 6.86 -34.82
C GLU A 769 -98.21 7.24 -33.85
N LEU A 770 -98.21 6.65 -32.64
CA LEU A 770 -99.23 7.00 -31.68
C LEU A 770 -99.11 8.48 -31.40
N LEU A 771 -97.86 8.94 -31.23
CA LEU A 771 -97.62 10.34 -30.95
C LEU A 771 -97.89 11.20 -32.17
N TYR A 772 -97.63 10.71 -33.38
CA TYR A 772 -97.86 11.56 -34.54
C TYR A 772 -99.33 11.93 -34.62
N ASN A 773 -100.19 10.97 -34.32
CA ASN A 773 -101.62 11.19 -34.36
C ASN A 773 -102.19 11.84 -33.10
N MET A 774 -101.57 11.61 -31.94
CA MET A 774 -102.08 12.14 -30.69
C MET A 774 -101.44 13.37 -30.07
N VAL A 775 -100.15 13.64 -30.26
CA VAL A 775 -99.48 14.73 -29.55
C VAL A 775 -98.94 15.84 -30.45
N ARG A 776 -99.28 17.07 -30.08
CA ARG A 776 -98.92 18.29 -30.79
C ARG A 776 -97.40 18.51 -30.78
N PRO A 777 -96.80 18.98 -31.89
CA PRO A 777 -95.38 19.27 -32.03
C PRO A 777 -94.83 20.51 -31.31
N SER A 778 -95.70 21.41 -30.86
CA SER A 778 -95.24 22.65 -30.25
C SER A 778 -95.25 22.59 -28.72
N PRO A 779 -94.09 22.64 -28.03
CA PRO A 779 -93.94 22.49 -26.60
C PRO A 779 -94.48 23.68 -25.86
N VAL A 780 -95.00 23.45 -24.66
CA VAL A 780 -95.44 24.55 -23.83
C VAL A 780 -94.67 24.54 -22.52
N PHE A 781 -94.05 25.65 -22.15
CA PHE A 781 -93.28 25.69 -20.92
C PHE A 781 -93.94 26.39 -19.75
N MET A 782 -94.08 25.64 -18.68
CA MET A 782 -94.74 26.09 -17.47
C MET A 782 -93.99 25.58 -16.26
N SER A 783 -94.30 26.13 -15.10
CA SER A 783 -93.64 25.67 -13.89
C SER A 783 -94.51 25.82 -12.69
N ASP A 784 -94.17 25.03 -11.68
CA ASP A 784 -94.81 25.14 -10.38
C ASP A 784 -94.28 26.40 -9.72
N LEU A 785 -95.08 26.97 -8.84
CA LEU A 785 -94.63 28.10 -8.03
C LEU A 785 -95.08 27.88 -6.57
N ASN A 786 -94.13 27.78 -5.64
CA ASN A 786 -94.54 27.44 -4.26
C ASN A 786 -94.01 28.38 -3.17
N ARG A 787 -94.91 29.16 -2.57
CA ARG A 787 -94.56 30.18 -1.57
C ARG A 787 -93.98 29.57 -0.31
N PHE A 788 -94.18 28.28 -0.14
CA PHE A 788 -93.74 27.55 1.03
C PHE A 788 -92.71 26.49 0.69
N GLY A 789 -92.14 26.55 -0.51
CA GLY A 789 -91.20 25.54 -0.92
C GLY A 789 -89.77 25.84 -0.46
N ASP A 790 -88.86 24.99 -0.90
CA ASP A 790 -87.44 25.10 -0.51
C ASP A 790 -86.79 26.37 -1.06
N ASN A 791 -87.39 26.91 -2.11
CA ASN A 791 -86.92 28.10 -2.78
C ASN A 791 -87.90 29.26 -2.61
N ALA A 792 -88.71 29.24 -1.54
CA ALA A 792 -89.76 30.24 -1.34
C ALA A 792 -89.32 31.70 -1.39
N ALA A 793 -88.13 32.06 -0.94
CA ALA A 793 -87.76 33.48 -1.00
C ALA A 793 -87.80 34.00 -2.44
N ILE A 794 -87.49 33.11 -3.36
CA ILE A 794 -87.44 33.40 -4.78
C ILE A 794 -88.77 33.05 -5.45
N GLU A 795 -89.38 31.93 -5.16
CA GLU A 795 -90.65 31.50 -5.67
C GLU A 795 -91.64 32.66 -5.53
N ASN A 796 -91.58 33.37 -4.40
CA ASN A 796 -92.48 34.48 -4.13
C ASN A 796 -92.40 35.61 -5.16
N VAL A 797 -91.24 35.86 -5.79
CA VAL A 797 -91.22 36.96 -6.75
C VAL A 797 -91.87 36.47 -8.02
N PHE A 798 -91.64 35.19 -8.34
CA PHE A 798 -92.22 34.64 -9.55
C PHE A 798 -93.73 34.47 -9.41
N ILE A 799 -94.19 34.28 -8.18
CA ILE A 799 -95.64 34.18 -7.93
C ILE A 799 -96.26 35.55 -8.01
N ASP A 800 -95.65 36.56 -7.39
CA ASP A 800 -96.26 37.89 -7.43
C ASP A 800 -96.21 38.46 -8.85
N ALA A 801 -95.25 38.00 -9.65
CA ALA A 801 -95.11 38.41 -11.04
C ALA A 801 -96.31 37.94 -11.89
N LEU A 802 -97.13 37.01 -11.38
CA LEU A 802 -98.31 36.50 -12.06
C LEU A 802 -99.43 37.55 -12.12
N GLY A 803 -99.50 38.43 -11.12
CA GLY A 803 -100.58 39.41 -11.05
C GLY A 803 -100.78 39.89 -9.63
N GLY A 804 -101.54 40.96 -9.45
CA GLY A 804 -101.79 41.48 -8.10
C GLY A 804 -101.15 42.85 -7.91
N VAL A 805 -101.27 43.37 -6.69
CA VAL A 805 -100.83 44.74 -6.38
C VAL A 805 -99.36 45.03 -6.65
N ASN A 806 -98.49 44.04 -6.53
CA ASN A 806 -97.09 44.29 -6.74
C ASN A 806 -96.55 43.57 -7.96
N GLN A 807 -97.42 43.25 -8.93
CA GLN A 807 -96.91 42.54 -10.10
C GLN A 807 -95.83 43.31 -10.80
N GLN A 808 -95.97 44.63 -10.89
CA GLN A 808 -94.98 45.40 -11.63
C GLN A 808 -93.63 45.33 -10.96
N ARG A 809 -93.60 45.30 -9.64
CA ARG A 809 -92.34 45.26 -8.93
C ARG A 809 -91.70 43.89 -9.06
N ALA A 810 -92.52 42.84 -8.99
CA ALA A 810 -91.99 41.50 -9.12
C ALA A 810 -91.42 41.30 -10.52
N VAL A 811 -92.14 41.76 -11.54
CA VAL A 811 -91.63 41.69 -12.89
C VAL A 811 -90.34 42.47 -13.06
N ALA A 812 -90.27 43.67 -12.49
CA ALA A 812 -89.05 44.46 -12.61
C ALA A 812 -87.86 43.72 -12.01
N ALA A 813 -88.08 43.03 -10.88
CA ALA A 813 -87.01 42.26 -10.23
C ALA A 813 -86.51 41.12 -11.09
N ILE A 814 -87.44 40.48 -11.82
CA ILE A 814 -87.11 39.33 -12.63
C ILE A 814 -86.34 39.74 -13.87
N ILE A 815 -86.80 40.80 -14.55
CA ILE A 815 -86.06 41.24 -15.71
C ILE A 815 -84.70 41.79 -15.30
N ALA A 816 -84.62 42.46 -14.13
CA ALA A 816 -83.31 42.87 -13.66
C ALA A 816 -82.41 41.68 -13.42
N GLY A 817 -82.96 40.59 -12.87
CA GLY A 817 -82.14 39.41 -12.64
C GLY A 817 -81.58 38.86 -13.94
N VAL A 818 -82.38 38.84 -15.00
CA VAL A 818 -81.75 38.31 -16.20
C VAL A 818 -80.70 39.30 -16.69
N ASN A 819 -81.00 40.61 -16.69
CA ASN A 819 -79.99 41.57 -17.16
C ASN A 819 -78.71 41.46 -16.36
N ASN A 820 -78.80 41.07 -15.09
CA ASN A 820 -77.58 40.92 -14.34
C ASN A 820 -76.79 39.72 -14.90
N LEU A 821 -77.52 38.69 -15.39
CA LEU A 821 -76.84 37.54 -15.97
C LEU A 821 -76.12 37.86 -17.26
N ILE A 822 -76.74 38.68 -18.08
CA ILE A 822 -76.20 38.97 -19.42
C ILE A 822 -75.52 40.32 -19.64
N GLY A 823 -75.54 41.24 -18.66
CA GLY A 823 -74.92 42.55 -18.86
C GLY A 823 -75.84 43.51 -19.61
N GLY A 824 -77.13 43.29 -19.43
CA GLY A 824 -78.18 44.07 -20.08
C GLY A 824 -78.60 43.48 -21.42
N GLY A 825 -79.67 44.03 -21.99
CA GLY A 825 -80.15 43.57 -23.30
C GLY A 825 -81.36 42.60 -23.34
N PHE A 826 -82.00 42.30 -22.21
CA PHE A 826 -83.16 41.37 -22.26
C PHE A 826 -84.27 42.09 -23.05
N GLU A 827 -84.30 43.41 -22.84
CA GLU A 827 -85.19 44.38 -23.44
C GLU A 827 -85.03 44.49 -24.95
N LYS A 828 -83.98 43.89 -25.52
CA LYS A 828 -83.80 43.95 -26.95
C LYS A 828 -84.60 42.83 -27.61
N PHE A 829 -85.12 41.92 -26.80
CA PHE A 829 -85.92 40.83 -27.32
C PHE A 829 -87.40 41.13 -27.16
N PHE A 830 -87.85 41.66 -26.02
CA PHE A 830 -89.27 41.96 -25.90
C PHE A 830 -89.61 42.94 -24.78
N ASP A 831 -90.83 43.47 -24.87
CA ASP A 831 -91.40 44.38 -23.88
C ASP A 831 -92.10 43.63 -22.74
N HIS A 832 -91.52 43.66 -21.54
CA HIS A 832 -92.05 42.94 -20.38
C HIS A 832 -93.32 43.55 -19.85
N ASN A 833 -93.64 44.76 -20.33
CA ASN A 833 -94.86 45.42 -19.90
C ASN A 833 -96.01 45.18 -20.89
N THR A 834 -95.76 44.37 -21.92
CA THR A 834 -96.78 44.01 -22.88
C THR A 834 -96.92 42.51 -22.74
N MET A 835 -95.80 41.91 -22.31
CA MET A 835 -95.65 40.48 -22.12
C MET A 835 -95.20 40.10 -20.71
N PRO A 836 -96.11 40.02 -19.72
CA PRO A 836 -95.82 39.74 -18.33
C PRO A 836 -95.08 38.41 -18.32
N ILE A 837 -94.18 38.26 -17.39
CA ILE A 837 -93.30 37.09 -17.40
C ILE A 837 -93.98 35.75 -17.20
N ILE A 838 -94.94 35.63 -16.26
CA ILE A 838 -95.60 34.35 -16.07
C ILE A 838 -97.13 34.55 -16.04
N GLN A 839 -97.86 33.72 -16.79
CA GLN A 839 -99.32 33.77 -16.77
C GLN A 839 -99.84 32.72 -15.81
N PRO A 840 -101.03 32.87 -15.23
CA PRO A 840 -101.64 31.83 -14.42
C PRO A 840 -102.08 30.65 -15.27
N TYR A 841 -101.95 29.43 -14.75
CA TYR A 841 -102.56 28.24 -15.34
C TYR A 841 -104.01 28.04 -14.87
N GLY A 842 -104.44 28.72 -13.81
CA GLY A 842 -105.80 28.59 -13.28
C GLY A 842 -105.96 27.39 -12.34
N THR A 843 -106.02 26.16 -12.85
CA THR A 843 -106.15 24.97 -11.98
C THR A 843 -104.88 24.88 -11.13
N ASP A 844 -104.99 24.93 -9.82
CA ASP A 844 -103.83 24.91 -8.95
C ASP A 844 -103.42 23.47 -8.62
N ILE A 845 -102.40 23.30 -7.79
CA ILE A 845 -101.83 21.98 -7.63
C ILE A 845 -102.02 21.43 -6.23
N GLN A 846 -102.61 20.25 -6.13
CA GLN A 846 -102.67 19.58 -4.85
C GLN A 846 -101.44 18.69 -4.78
N LEU A 847 -100.65 18.86 -3.75
CA LEU A 847 -99.45 18.06 -3.61
C LEU A 847 -99.66 17.04 -2.55
N GLY A 848 -98.91 15.97 -2.64
CA GLY A 848 -98.98 14.88 -1.69
C GLY A 848 -98.26 13.69 -2.26
N TYR A 849 -98.30 12.61 -1.52
CA TYR A 849 -97.63 11.38 -1.91
C TYR A 849 -98.44 10.19 -1.47
N TYR A 850 -98.16 9.07 -2.07
CA TYR A 850 -98.86 7.86 -1.75
C TYR A 850 -97.88 6.76 -1.54
N LEU A 851 -98.28 5.71 -0.85
CA LEU A 851 -97.32 4.64 -0.71
C LEU A 851 -97.53 3.55 -1.74
N ASP A 852 -96.41 3.04 -2.27
CA ASP A 852 -96.47 1.96 -3.25
C ASP A 852 -96.50 0.61 -2.54
N GLY A 853 -96.42 -0.47 -3.30
CA GLY A 853 -96.54 -1.82 -2.74
C GLY A 853 -95.45 -2.23 -1.74
N GLU A 854 -94.32 -1.51 -1.70
CA GLU A 854 -93.25 -1.80 -0.77
C GLU A 854 -93.22 -0.76 0.34
N GLY A 855 -94.19 0.17 0.33
CA GLY A 855 -94.28 1.24 1.30
C GLY A 855 -93.42 2.47 0.98
N GLU A 856 -92.96 2.65 -0.26
CA GLU A 856 -92.14 3.82 -0.56
C GLU A 856 -93.01 5.00 -0.91
N LYS A 857 -92.51 6.20 -0.68
CA LYS A 857 -93.27 7.40 -1.00
C LYS A 857 -93.17 7.76 -2.47
N GLN A 858 -94.32 7.92 -3.11
CA GLN A 858 -94.34 8.28 -4.52
C GLN A 858 -95.22 9.50 -4.72
N ASP A 859 -94.88 10.34 -5.68
CA ASP A 859 -95.63 11.59 -5.93
C ASP A 859 -97.07 11.33 -6.43
N ARG A 860 -98.08 11.95 -5.79
CA ARG A 860 -99.49 11.71 -6.18
C ARG A 860 -99.80 12.15 -7.61
N ARG A 861 -98.89 12.96 -8.18
CA ARG A 861 -99.03 13.50 -9.52
C ARG A 861 -98.96 12.40 -10.58
N ASP A 862 -98.62 11.18 -10.18
CA ASP A 862 -98.57 10.07 -11.11
C ASP A 862 -99.92 9.84 -11.80
N LEU A 863 -101.07 10.17 -11.16
CA LEU A 863 -102.32 10.00 -11.93
C LEU A 863 -102.60 11.22 -12.80
N ASP A 864 -101.79 11.32 -13.84
CA ASP A 864 -101.77 12.34 -14.87
C ASP A 864 -102.65 11.84 -16.00
N VAL A 865 -102.63 12.43 -17.18
CA VAL A 865 -103.60 11.91 -18.14
C VAL A 865 -103.43 10.43 -18.49
N LEU A 866 -102.22 9.95 -18.73
CA LEU A 866 -102.05 8.53 -19.05
C LEU A 866 -102.36 7.69 -17.82
N GLY A 867 -101.93 8.19 -16.65
CA GLY A 867 -102.17 7.50 -15.38
C GLY A 867 -103.64 7.28 -15.09
N ALA A 868 -104.43 8.34 -15.18
CA ALA A 868 -105.86 8.28 -14.93
C ALA A 868 -106.57 7.35 -15.93
N LEU A 869 -106.14 7.34 -17.20
CA LEU A 869 -106.76 6.46 -18.19
C LEU A 869 -106.55 4.99 -17.85
N ASN A 870 -105.35 4.67 -17.36
CA ASN A 870 -105.13 3.29 -16.95
C ASN A 870 -105.87 2.99 -15.65
N ALA A 871 -105.96 3.96 -14.75
CA ALA A 871 -106.61 3.73 -13.48
C ALA A 871 -108.09 3.37 -13.64
N SER A 872 -108.76 3.98 -14.61
CA SER A 872 -110.17 3.69 -14.88
C SER A 872 -110.33 2.53 -15.85
N ASP A 873 -109.20 1.98 -16.32
CA ASP A 873 -109.11 0.89 -17.29
C ASP A 873 -109.94 1.17 -18.52
N GLY A 874 -109.85 2.38 -19.06
CA GLY A 874 -110.61 2.70 -20.24
C GLY A 874 -111.99 3.25 -20.01
N ASN A 875 -112.42 3.38 -18.76
CA ASN A 875 -113.74 3.93 -18.59
C ASN A 875 -113.59 5.43 -18.76
N ILE A 876 -113.89 5.87 -19.98
CA ILE A 876 -113.75 7.25 -20.39
C ILE A 876 -114.68 8.17 -19.65
N GLN A 877 -115.86 7.68 -19.26
CA GLN A 877 -116.74 8.56 -18.54
C GLN A 877 -116.15 8.88 -17.17
N GLU A 878 -115.52 7.89 -16.53
CA GLU A 878 -114.90 8.14 -15.23
C GLU A 878 -113.70 9.08 -15.41
N TRP A 879 -112.96 8.87 -16.51
CA TRP A 879 -111.81 9.69 -16.81
C TRP A 879 -112.21 11.12 -17.04
N MET A 880 -113.24 11.35 -17.84
CA MET A 880 -113.69 12.69 -18.20
C MET A 880 -114.24 13.41 -17.00
N SER A 881 -114.88 12.70 -16.07
CA SER A 881 -115.37 13.37 -14.88
C SER A 881 -114.18 13.95 -14.12
N TRP A 882 -113.14 13.12 -13.95
CA TRP A 882 -111.92 13.56 -13.32
C TRP A 882 -111.22 14.66 -14.09
N TYR A 883 -111.12 14.49 -15.39
CA TYR A 883 -110.41 15.42 -16.24
C TYR A 883 -111.08 16.77 -16.18
N GLY A 884 -112.42 16.83 -16.20
CA GLY A 884 -113.12 18.10 -16.10
C GLY A 884 -112.84 18.74 -14.74
N THR A 885 -112.74 17.91 -13.69
CA THR A 885 -112.44 18.39 -12.35
C THR A 885 -111.09 19.13 -12.34
N GLN A 886 -110.14 18.63 -13.12
CA GLN A 886 -108.80 19.20 -13.17
C GLN A 886 -108.64 20.32 -14.20
N CYS A 887 -109.71 20.66 -14.95
CA CYS A 887 -109.59 21.65 -16.01
C CYS A 887 -110.57 22.83 -15.94
N ASN A 888 -111.80 22.56 -15.52
CA ASN A 888 -112.83 23.58 -15.48
C ASN A 888 -112.64 24.39 -14.23
N VAL A 889 -112.17 25.62 -14.39
CA VAL A 889 -111.85 26.41 -13.21
C VAL A 889 -112.86 27.48 -12.94
N ALA A 890 -114.05 27.31 -13.53
CA ALA A 890 -115.22 28.09 -13.14
C ALA A 890 -115.86 27.47 -11.90
N VAL A 891 -115.39 26.29 -11.56
CA VAL A 891 -115.86 25.53 -10.45
C VAL A 891 -115.01 25.92 -9.26
N HIS A 892 -115.64 26.32 -8.17
CA HIS A 892 -114.89 26.74 -7.01
C HIS A 892 -113.89 25.64 -6.64
N PRO A 893 -112.62 25.98 -6.31
CA PRO A 893 -111.55 25.06 -6.01
C PRO A 893 -111.82 24.11 -4.87
N GLU A 894 -112.73 24.45 -3.96
CA GLU A 894 -113.00 23.52 -2.88
C GLU A 894 -113.74 22.32 -3.43
N LEU A 895 -114.59 22.56 -4.42
CA LEU A 895 -115.41 21.51 -4.97
C LEU A 895 -114.50 20.60 -5.75
N ARG A 896 -113.52 21.23 -6.41
CA ARG A 896 -112.57 20.48 -7.21
C ARG A 896 -111.65 19.68 -6.31
N ALA A 897 -111.23 20.27 -5.20
CA ALA A 897 -110.35 19.58 -4.27
C ALA A 897 -111.03 18.36 -3.69
N ARG A 898 -112.32 18.48 -3.38
CA ARG A 898 -113.03 17.35 -2.81
C ARG A 898 -113.15 16.22 -3.82
N GLN A 899 -113.43 16.55 -5.08
CA GLN A 899 -113.53 15.48 -6.05
C GLN A 899 -112.18 14.88 -6.39
N SER A 900 -111.12 15.69 -6.32
CA SER A 900 -109.79 15.16 -6.59
C SER A 900 -109.40 14.16 -5.53
N LYS A 901 -109.75 14.45 -4.28
CA LYS A 901 -109.46 13.53 -3.19
C LYS A 901 -110.32 12.27 -3.30
N ASN A 902 -111.57 12.41 -3.76
CA ASN A 902 -112.43 11.24 -3.92
C ASN A 902 -111.82 10.31 -4.97
N PHE A 903 -111.34 10.89 -6.08
CA PHE A 903 -110.70 10.12 -7.13
C PHE A 903 -109.41 9.47 -6.61
N ASP A 904 -108.57 10.12 -5.81
CA ASP A 904 -107.42 9.39 -5.31
C ASP A 904 -107.80 8.20 -4.46
N ARG A 905 -108.83 8.32 -3.62
CA ARG A 905 -109.13 7.13 -2.82
C ARG A 905 -109.56 5.94 -3.67
N GLN A 906 -110.33 6.21 -4.74
CA GLN A 906 -110.77 5.12 -5.61
C GLN A 906 -109.69 4.58 -6.55
N TYR A 907 -108.84 5.46 -7.08
CA TYR A 907 -107.86 5.06 -8.08
C TYR A 907 -106.40 4.95 -7.64
N LEU A 908 -105.99 5.67 -6.62
CA LEU A 908 -104.61 5.69 -6.17
C LEU A 908 -104.49 4.80 -4.93
N GLY A 909 -105.52 4.86 -4.10
CA GLY A 909 -105.59 4.09 -2.87
C GLY A 909 -105.86 4.97 -1.67
N ASN A 910 -106.03 4.36 -0.50
CA ASN A 910 -106.32 5.16 0.69
C ASN A 910 -105.04 5.54 1.43
N SER A 911 -103.90 5.02 0.98
CA SER A 911 -102.61 5.33 1.60
C SER A 911 -102.05 6.59 0.98
N VAL A 912 -102.79 7.68 1.14
CA VAL A 912 -102.41 8.93 0.52
C VAL A 912 -102.34 10.04 1.55
N THR A 913 -101.20 10.72 1.54
CA THR A 913 -100.92 11.83 2.44
C THR A 913 -100.81 13.11 1.66
N TYR A 914 -101.49 14.14 2.13
CA TYR A 914 -101.46 15.39 1.41
C TYR A 914 -100.46 16.35 2.03
N THR A 915 -99.79 17.12 1.17
CA THR A 915 -98.79 18.08 1.58
C THR A 915 -99.09 19.45 1.00
N THR A 916 -98.30 20.44 1.40
CA THR A 916 -98.45 21.83 1.02
C THR A 916 -98.73 22.01 -0.46
N ARG A 917 -99.77 22.79 -0.76
CA ARG A 917 -100.28 23.09 -2.10
C ARG A 917 -99.41 24.12 -2.83
N ALA A 918 -99.56 24.17 -4.17
CA ALA A 918 -98.77 25.11 -4.98
C ALA A 918 -99.52 25.64 -6.19
N HIS A 919 -99.01 26.76 -6.70
CA HIS A 919 -99.49 27.44 -7.89
C HIS A 919 -98.80 26.93 -9.13
N ARG A 920 -99.42 27.16 -10.28
CA ARG A 920 -98.75 26.85 -11.53
C ARG A 920 -98.95 28.01 -12.49
N GLY A 921 -97.95 28.25 -13.34
CA GLY A 921 -98.09 29.29 -14.34
C GLY A 921 -97.31 28.98 -15.60
N ILE A 922 -97.54 29.78 -16.62
CA ILE A 922 -96.97 29.55 -17.94
C ILE A 922 -95.91 30.58 -18.19
N TRP A 923 -94.74 30.14 -18.59
CA TRP A 923 -93.70 31.11 -18.86
C TRP A 923 -93.96 31.73 -20.20
N ASN A 924 -93.92 33.05 -20.23
CA ASN A 924 -94.20 33.78 -21.45
C ASN A 924 -93.16 33.36 -22.50
N PRO A 925 -93.56 32.93 -23.71
CA PRO A 925 -92.67 32.50 -24.77
C PRO A 925 -91.61 33.57 -25.10
N LYS A 926 -91.91 34.84 -24.85
CA LYS A 926 -90.93 35.88 -25.15
C LYS A 926 -89.88 35.98 -24.06
N PHE A 927 -90.25 35.61 -22.82
CA PHE A 927 -89.32 35.61 -21.71
C PHE A 927 -88.32 34.55 -22.01
N ILE A 928 -88.87 33.42 -22.49
CA ILE A 928 -88.05 32.27 -22.78
C ILE A 928 -87.12 32.59 -23.95
N GLU A 929 -87.65 33.20 -25.01
CA GLU A 929 -86.81 33.55 -26.14
C GLU A 929 -85.66 34.43 -25.72
N ALA A 930 -85.97 35.45 -24.91
CA ALA A 930 -84.97 36.38 -24.49
C ALA A 930 -83.96 35.77 -23.55
N LEU A 931 -84.39 34.91 -22.62
CA LEU A 931 -83.40 34.31 -21.74
C LEU A 931 -82.44 33.42 -22.48
N ASP A 932 -82.97 32.56 -23.35
CA ASP A 932 -82.12 31.61 -24.05
C ASP A 932 -81.23 32.30 -25.07
N LYS A 933 -81.82 33.19 -25.87
CA LYS A 933 -81.02 33.85 -26.86
C LYS A 933 -80.07 34.83 -26.23
N ALA A 934 -80.47 35.53 -25.17
CA ALA A 934 -79.55 36.51 -24.60
C ALA A 934 -78.32 35.85 -24.04
N ILE A 935 -78.46 34.66 -23.44
CA ILE A 935 -77.27 33.99 -22.92
C ILE A 935 -76.37 33.53 -24.08
N ALA A 936 -76.99 32.92 -25.09
CA ALA A 936 -76.22 32.45 -26.24
C ALA A 936 -75.55 33.61 -27.00
N SER A 937 -76.22 34.76 -27.03
CA SER A 937 -75.80 35.94 -27.76
C SER A 937 -74.66 36.69 -27.11
N VAL A 938 -74.30 36.31 -25.89
CA VAL A 938 -73.22 36.98 -25.22
C VAL A 938 -72.03 36.02 -25.16
N GLY A 939 -72.17 34.90 -25.90
CA GLY A 939 -71.13 33.91 -26.04
C GLY A 939 -71.08 32.77 -25.05
N LEU A 940 -72.09 32.59 -24.18
CA LEU A 940 -71.95 31.48 -23.26
C LEU A 940 -72.53 30.22 -23.88
N THR A 941 -71.78 29.69 -24.82
CA THR A 941 -72.17 28.56 -25.64
C THR A 941 -72.23 27.28 -24.84
N VAL A 942 -73.32 26.53 -25.06
CA VAL A 942 -73.55 25.24 -24.46
C VAL A 942 -73.72 24.16 -25.53
N ALA A 943 -72.94 23.09 -25.42
CA ALA A 943 -73.01 21.97 -26.34
C ALA A 943 -74.02 20.94 -25.91
N MET A 944 -74.68 20.30 -26.85
CA MET A 944 -75.57 19.23 -26.43
C MET A 944 -74.78 17.96 -26.39
N ASP A 945 -74.95 17.18 -25.32
CA ASP A 945 -74.24 15.92 -25.20
C ASP A 945 -74.91 14.85 -26.06
N ASN A 946 -76.22 14.94 -26.23
CA ASN A 946 -76.95 13.95 -27.02
C ASN A 946 -76.93 14.37 -28.48
N VAL A 947 -75.74 14.44 -29.09
CA VAL A 947 -75.48 15.13 -30.37
C VAL A 947 -76.45 14.71 -31.47
N ALA A 948 -76.82 13.44 -31.51
CA ALA A 948 -77.98 12.94 -32.24
C ALA A 948 -78.64 11.80 -31.46
N GLN A 949 -79.94 11.59 -31.65
CA GLN A 949 -80.73 10.62 -30.91
C GLN A 949 -80.26 9.18 -31.18
N ALA B 413 -72.26 37.51 69.71
CA ALA B 413 -71.81 37.04 68.41
C ALA B 413 -72.00 38.14 67.34
N GLY B 414 -73.14 38.89 67.38
CA GLY B 414 -73.48 39.94 66.39
C GLY B 414 -72.42 41.04 66.25
N ASN B 415 -71.76 41.38 67.37
CA ASN B 415 -70.73 42.41 67.35
C ASN B 415 -69.50 41.94 66.64
N LEU B 416 -69.32 40.61 66.58
CA LEU B 416 -68.15 40.01 66.00
C LEU B 416 -68.44 39.65 64.57
N ASN B 417 -69.69 39.28 64.30
CA ASN B 417 -70.11 38.84 62.98
C ASN B 417 -69.98 39.94 61.97
N SER B 418 -70.15 41.17 62.45
CA SER B 418 -69.95 42.35 61.62
C SER B 418 -68.72 42.23 60.73
N ILE B 419 -67.62 41.72 61.28
CA ILE B 419 -66.41 41.59 60.52
C ILE B 419 -65.91 40.13 60.33
N PHE B 420 -66.31 39.20 61.19
CA PHE B 420 -65.73 37.87 61.06
C PHE B 420 -66.58 36.90 60.25
N GLN B 421 -67.71 37.39 59.75
CA GLN B 421 -68.44 36.76 58.66
C GLN B 421 -67.93 37.22 57.28
N ARG B 422 -67.12 38.29 57.23
CA ARG B 422 -66.75 38.86 55.94
C ARG B 422 -65.71 38.02 55.27
N SER B 423 -64.82 37.49 56.09
CA SER B 423 -63.71 36.69 55.66
C SER B 423 -64.08 35.23 55.86
N GLY B 424 -64.12 34.51 54.75
CA GLY B 424 -64.43 33.10 54.68
C GLY B 424 -65.90 32.74 54.62
N ARG B 425 -66.20 31.50 54.25
CA ARG B 425 -67.50 30.91 53.94
C ARG B 425 -67.58 29.55 54.65
N THR B 426 -68.76 28.99 54.85
CA THR B 426 -68.90 27.61 55.30
C THR B 426 -70.01 26.88 54.59
N ASP B 427 -70.03 25.57 54.79
CA ASP B 427 -71.10 24.70 54.32
C ASP B 427 -72.10 24.53 55.47
N GLY B 428 -73.09 23.66 55.29
CA GLY B 428 -74.09 23.43 56.35
C GLY B 428 -75.45 24.02 56.03
N GLY B 429 -76.35 23.91 57.01
CA GLY B 429 -77.73 24.36 56.85
C GLY B 429 -78.63 23.18 56.47
N ASP B 430 -79.90 23.46 56.31
CA ASP B 430 -80.91 22.45 56.02
C ASP B 430 -80.77 21.85 54.62
N ALA B 431 -80.61 20.52 54.58
CA ALA B 431 -80.44 19.80 53.32
C ALA B 431 -81.64 20.00 52.40
N ARG B 432 -82.85 20.13 52.98
CA ARG B 432 -84.03 20.33 52.14
C ARG B 432 -83.92 21.66 51.42
N ALA B 433 -83.38 22.66 52.10
CA ALA B 433 -83.23 23.97 51.49
C ALA B 433 -82.20 23.91 50.38
N SER B 434 -81.14 23.11 50.58
CA SER B 434 -80.14 22.97 49.53
C SER B 434 -80.75 22.28 48.32
N GLU B 435 -81.55 21.22 48.56
CA GLU B 435 -82.25 20.58 47.47
C GLU B 435 -83.15 21.53 46.74
N ALA B 436 -83.88 22.36 47.49
CA ALA B 436 -84.77 23.31 46.87
C ALA B 436 -84.01 24.31 46.02
N LEU B 437 -82.87 24.84 46.49
CA LEU B 437 -82.05 25.75 45.69
C LEU B 437 -81.57 25.08 44.42
N ALA B 438 -81.15 23.82 44.52
CA ALA B 438 -80.66 23.08 43.38
C ALA B 438 -81.75 22.79 42.35
N VAL B 439 -82.97 22.44 42.79
CA VAL B 439 -84.02 22.16 41.82
C VAL B 439 -84.44 23.46 41.16
N PHE B 440 -84.48 24.56 41.91
CA PHE B 440 -84.83 25.80 41.25
C PHE B 440 -83.75 26.21 40.26
N ASN B 441 -82.46 25.98 40.56
CA ASN B 441 -81.42 26.33 39.59
C ASN B 441 -81.58 25.49 38.32
N LYS B 442 -81.93 24.21 38.48
CA LYS B 442 -82.13 23.35 37.32
C LYS B 442 -83.25 23.86 36.45
N LEU B 443 -84.38 24.18 37.10
CA LEU B 443 -85.56 24.63 36.39
C LEU B 443 -85.34 25.97 35.76
N LYS B 444 -84.56 26.82 36.42
CA LYS B 444 -84.24 28.11 35.86
C LYS B 444 -83.56 27.90 34.55
N GLU B 445 -82.56 27.02 34.50
CA GLU B 445 -81.84 26.80 33.26
C GLU B 445 -82.72 26.17 32.19
N GLU B 446 -83.64 25.26 32.57
CA GLU B 446 -84.50 24.69 31.53
C GLU B 446 -85.39 25.76 30.92
N ALA B 447 -85.91 26.65 31.76
CA ALA B 447 -86.77 27.74 31.31
C ALA B 447 -86.00 28.69 30.40
N ILE B 448 -84.70 28.87 30.67
CA ILE B 448 -83.98 29.78 29.80
C ILE B 448 -83.80 29.10 28.45
N ALA B 449 -83.42 27.82 28.47
CA ALA B 449 -83.16 27.07 27.25
C ALA B 449 -84.37 26.99 26.34
N GLN B 450 -85.55 26.90 26.95
CA GLN B 450 -86.78 26.80 26.19
C GLN B 450 -87.45 28.12 25.92
N GLN B 451 -86.79 29.22 26.30
CA GLN B 451 -87.30 30.56 26.15
C GLN B 451 -88.61 30.80 26.87
N ASP B 452 -88.77 30.22 28.05
CA ASP B 452 -89.96 30.50 28.82
C ASP B 452 -89.60 31.68 29.70
N LEU B 453 -88.34 31.73 30.13
CA LEU B 453 -87.80 32.81 30.95
C LEU B 453 -86.55 33.44 30.36
N HIS B 454 -86.39 34.73 30.56
CA HIS B 454 -85.17 35.41 30.14
C HIS B 454 -84.10 35.24 31.20
N ASP B 455 -82.84 35.22 30.80
CA ASP B 455 -81.76 35.08 31.77
C ASP B 455 -81.40 36.46 32.30
N ASP B 456 -82.31 37.04 33.08
CA ASP B 456 -82.17 38.38 33.59
C ASP B 456 -82.44 38.46 35.09
N PHE B 457 -82.49 37.31 35.76
CA PHE B 457 -82.82 37.27 37.16
C PHE B 457 -81.90 36.37 37.93
N LEU B 458 -81.83 36.63 39.22
CA LEU B 458 -80.98 35.85 40.10
C LEU B 458 -81.78 35.13 41.16
N VAL B 459 -81.26 34.00 41.62
CA VAL B 459 -81.89 33.34 42.76
C VAL B 459 -80.83 33.24 43.83
N PHE B 460 -81.14 33.71 45.04
CA PHE B 460 -80.25 33.62 46.19
C PHE B 460 -80.76 32.68 47.25
N ARG B 461 -79.87 32.37 48.20
CA ARG B 461 -80.13 31.51 49.35
C ARG B 461 -80.30 32.35 50.62
N PHE B 462 -81.34 32.08 51.39
CA PHE B 462 -81.51 32.59 52.76
C PHE B 462 -81.52 31.41 53.70
N ASP B 463 -80.57 31.35 54.63
CA ASP B 463 -80.28 30.07 55.31
C ASP B 463 -79.97 30.21 56.81
N ARG B 464 -80.18 29.12 57.55
CA ARG B 464 -80.28 29.09 59.01
C ARG B 464 -78.99 29.52 59.69
N ASP B 465 -77.89 28.84 59.37
CA ASP B 465 -76.62 28.98 60.06
C ASP B 465 -75.98 30.36 59.88
N GLN B 466 -76.26 31.03 58.75
CA GLN B 466 -75.81 32.41 58.53
C GLN B 466 -76.69 33.44 59.23
N ASN B 467 -78.02 33.31 59.16
CA ASN B 467 -78.95 34.41 59.48
C ASN B 467 -79.80 34.21 60.75
N ARG B 468 -79.69 33.07 61.46
CA ARG B 468 -80.48 32.75 62.68
C ARG B 468 -81.99 32.87 62.43
N VAL B 469 -82.47 32.15 61.41
CA VAL B 469 -83.67 32.49 60.62
C VAL B 469 -85.02 32.03 61.18
N GLY B 470 -85.07 30.96 61.96
CA GLY B 470 -86.30 30.15 62.04
C GLY B 470 -86.44 29.29 60.78
N TYR B 471 -87.22 29.72 59.78
CA TYR B 471 -87.41 29.01 58.51
C TYR B 471 -86.50 29.55 57.37
N SER B 472 -85.91 28.61 56.59
CA SER B 472 -85.07 28.89 55.44
C SER B 472 -85.95 29.35 54.30
N ALA B 473 -85.33 29.94 53.28
CA ALA B 473 -86.08 30.44 52.14
C ALA B 473 -85.20 30.59 50.92
N LEU B 474 -85.84 30.56 49.75
CA LEU B 474 -85.12 30.88 48.52
C LEU B 474 -85.56 32.28 48.16
N LEU B 475 -84.68 33.06 47.56
CA LEU B 475 -85.08 34.43 47.21
C LEU B 475 -85.02 34.71 45.72
N VAL B 476 -86.15 35.06 45.11
CA VAL B 476 -86.14 35.36 43.67
C VAL B 476 -85.95 36.85 43.50
N VAL B 477 -84.90 37.25 42.76
CA VAL B 477 -84.54 38.66 42.64
C VAL B 477 -84.37 39.29 41.25
N LYS B 478 -85.00 40.46 41.10
CA LYS B 478 -84.86 41.29 39.89
C LYS B 478 -84.31 42.62 40.32
N ARG B 479 -83.65 43.31 39.40
CA ARG B 479 -83.11 44.62 39.73
C ARG B 479 -83.31 45.64 38.63
N ALA B 480 -83.41 46.90 39.03
CA ALA B 480 -83.47 48.01 38.07
C ALA B 480 -83.01 49.30 38.73
N ALA B 481 -82.54 50.24 37.93
CA ALA B 481 -82.26 51.56 38.47
C ALA B 481 -83.38 52.46 38.01
N ILE B 482 -84.13 53.00 38.96
CA ILE B 482 -85.30 53.78 38.64
C ILE B 482 -85.12 55.23 39.05
N ASN B 483 -85.00 56.09 38.06
CA ASN B 483 -84.78 57.52 38.28
C ASN B 483 -83.61 57.78 39.22
N GLY B 484 -82.55 56.98 39.07
CA GLY B 484 -81.35 57.10 39.87
C GLY B 484 -81.32 56.22 41.13
N GLN B 485 -82.44 55.63 41.53
CA GLN B 485 -82.43 54.79 42.72
C GLN B 485 -82.20 53.34 42.36
N GLN B 486 -81.25 52.70 43.02
CA GLN B 486 -81.09 51.29 42.72
C GLN B 486 -82.13 50.53 43.48
N VAL B 487 -82.92 49.74 42.77
CA VAL B 487 -83.99 48.99 43.40
C VAL B 487 -83.85 47.48 43.18
N ILE B 488 -83.98 46.77 44.29
CA ILE B 488 -83.98 45.33 44.33
C ILE B 488 -85.39 44.90 44.65
N VAL B 489 -85.93 43.98 43.88
CA VAL B 489 -87.26 43.50 44.20
C VAL B 489 -87.15 42.04 44.47
N THR B 490 -87.79 41.59 45.53
CA THR B 490 -87.71 40.19 45.81
C THR B 490 -88.98 39.53 46.30
N ARG B 491 -89.02 38.22 46.02
CA ARG B 491 -90.06 37.35 46.50
C ARG B 491 -89.50 36.08 47.13
N PRO B 492 -89.46 36.00 48.47
CA PRO B 492 -89.01 34.88 49.24
C PRO B 492 -89.97 33.71 49.13
N LEU B 493 -89.43 32.50 49.20
CA LEU B 493 -90.21 31.27 49.23
C LEU B 493 -89.78 30.49 50.46
N VAL B 494 -90.64 30.49 51.48
CA VAL B 494 -90.30 29.95 52.80
C VAL B 494 -90.37 28.44 52.78
N MET B 495 -89.41 27.77 53.42
CA MET B 495 -89.39 26.31 53.42
C MET B 495 -89.39 25.64 54.80
N PRO B 496 -90.57 25.30 55.37
CA PRO B 496 -90.74 24.57 56.61
C PRO B 496 -90.18 23.16 56.44
N ASN B 497 -89.76 22.51 57.52
CA ASN B 497 -89.24 21.16 57.45
C ASN B 497 -89.82 20.34 58.59
N ASP B 498 -90.47 19.22 58.28
CA ASP B 498 -91.17 18.43 59.29
C ASP B 498 -90.24 17.70 60.24
N GLN B 499 -88.98 17.63 59.87
CA GLN B 499 -87.96 16.97 60.66
C GLN B 499 -87.20 17.96 61.54
N ILE B 500 -87.55 19.25 61.46
CA ILE B 500 -86.83 20.25 62.25
C ILE B 500 -87.75 20.90 63.27
N THR B 501 -87.33 20.87 64.51
CA THR B 501 -88.10 21.49 65.56
C THR B 501 -87.80 22.97 65.61
N LEU B 502 -88.84 23.79 65.67
CA LEU B 502 -88.67 25.21 65.80
C LEU B 502 -89.04 25.59 67.21
N PRO B 503 -88.44 26.62 67.80
CA PRO B 503 -88.82 27.18 69.08
C PRO B 503 -90.26 27.67 69.03
N THR B 504 -90.89 27.57 70.18
CA THR B 504 -92.25 27.94 70.42
C THR B 504 -92.46 29.25 71.13
N LYS B 505 -93.68 29.76 71.00
CA LYS B 505 -94.10 30.89 71.81
C LYS B 505 -94.64 30.33 73.10
N LYS B 506 -94.41 31.02 74.19
CA LYS B 506 -95.00 30.63 75.46
C LYS B 506 -96.22 31.49 75.65
N LEU B 507 -97.39 30.91 75.44
CA LEU B 507 -98.61 31.66 75.47
C LEU B 507 -99.29 31.51 76.81
N THR B 508 -99.27 32.56 77.60
CA THR B 508 -99.85 32.47 78.93
C THR B 508 -101.28 32.97 78.83
N ILE B 509 -102.22 32.13 79.21
CA ILE B 509 -103.61 32.45 79.06
C ILE B 509 -104.35 32.48 80.39
N GLN B 510 -105.04 33.58 80.64
CA GLN B 510 -105.79 33.72 81.89
C GLN B 510 -107.13 33.00 81.76
N ASN B 511 -107.11 31.71 82.06
CA ASN B 511 -108.31 30.91 81.91
C ASN B 511 -109.14 31.01 83.16
N GLY B 512 -110.04 31.98 83.16
CA GLY B 512 -110.84 32.22 84.34
C GLY B 512 -109.91 32.70 85.44
N MET B 513 -109.89 31.98 86.56
CA MET B 513 -109.06 32.35 87.69
C MET B 513 -107.63 31.82 87.67
N HIS B 514 -107.25 31.05 86.64
CA HIS B 514 -105.89 30.48 86.64
C HIS B 514 -105.14 30.64 85.31
N GLN B 515 -103.86 30.99 85.41
CA GLN B 515 -103.05 31.09 84.19
C GLN B 515 -102.38 29.77 83.83
N GLU B 516 -102.59 29.36 82.60
CA GLU B 516 -102.00 28.15 82.03
C GLU B 516 -101.15 28.53 80.84
N THR B 517 -100.12 27.75 80.54
CA THR B 517 -99.32 28.08 79.36
C THR B 517 -99.39 27.01 78.30
N ILE B 518 -99.64 27.46 77.07
CA ILE B 518 -99.66 26.58 75.91
C ILE B 518 -98.50 26.96 75.03
N GLU B 519 -97.69 26.00 74.66
CA GLU B 519 -96.61 26.38 73.77
C GLU B 519 -96.98 26.00 72.36
N ALA B 520 -96.55 26.83 71.42
CA ALA B 520 -96.82 26.50 70.01
C ALA B 520 -95.70 26.95 69.12
N GLU B 521 -95.36 26.10 68.13
CA GLU B 521 -94.28 26.43 67.21
C GLU B 521 -94.60 27.67 66.43
N ALA B 522 -93.61 28.52 66.24
CA ALA B 522 -93.90 29.72 65.45
C ALA B 522 -94.31 29.33 64.04
N ASP B 523 -95.37 29.95 63.53
CA ASP B 523 -95.81 29.65 62.16
C ASP B 523 -95.12 30.62 61.22
N VAL B 524 -95.39 30.51 59.94
CA VAL B 524 -94.74 31.41 59.02
C VAL B 524 -95.07 32.89 59.29
N GLN B 525 -96.25 33.18 59.86
CA GLN B 525 -96.60 34.55 60.20
C GLN B 525 -95.91 35.07 61.45
N ASP B 526 -95.39 34.15 62.25
CA ASP B 526 -94.73 34.51 63.49
C ASP B 526 -93.24 34.69 63.22
N VAL B 527 -92.76 33.91 62.24
CA VAL B 527 -91.36 33.98 61.84
C VAL B 527 -91.08 35.12 60.89
N PHE B 528 -91.93 35.34 59.89
CA PHE B 528 -91.64 36.38 58.91
C PHE B 528 -92.06 37.74 59.48
N THR B 529 -91.25 38.22 60.40
CA THR B 529 -91.44 39.46 61.11
C THR B 529 -90.79 40.58 60.34
N THR B 530 -91.01 41.82 60.75
CA THR B 530 -90.40 42.94 60.08
C THR B 530 -88.88 42.77 60.05
N GLN B 531 -88.29 42.30 61.15
CA GLN B 531 -86.86 42.13 61.16
C GLN B 531 -86.42 41.00 60.22
N TYR B 532 -87.23 39.94 60.07
CA TYR B 532 -86.86 38.86 59.15
C TYR B 532 -86.72 39.51 57.77
N TRP B 533 -87.70 40.36 57.42
CA TRP B 533 -87.67 41.12 56.18
C TRP B 533 -86.43 41.98 56.05
N ASN B 534 -86.06 42.67 57.14
CA ASN B 534 -84.85 43.48 57.08
C ASN B 534 -83.62 42.62 56.84
N ARG B 535 -83.51 41.43 57.43
CA ARG B 535 -82.38 40.56 57.14
C ARG B 535 -82.43 40.02 55.73
N ILE B 536 -83.61 39.87 55.12
CA ILE B 536 -83.67 39.51 53.71
C ILE B 536 -83.09 40.62 52.89
N CYS B 537 -83.48 41.87 53.19
CA CYS B 537 -82.97 43.03 52.50
C CYS B 537 -81.47 43.02 52.48
N ASP B 538 -80.88 42.86 53.67
CA ASP B 538 -79.44 42.93 53.74
C ASP B 538 -78.74 41.76 53.08
N SER B 539 -79.32 40.56 53.18
CA SER B 539 -78.70 39.38 52.61
C SER B 539 -78.66 39.47 51.10
N ILE B 540 -79.74 40.00 50.50
CA ILE B 540 -79.73 40.10 49.06
C ILE B 540 -78.73 41.15 48.67
N ARG B 541 -78.74 42.30 49.34
CA ARG B 541 -77.81 43.35 48.96
C ARG B 541 -76.37 42.85 48.98
N GLN B 542 -76.01 42.06 49.98
CA GLN B 542 -74.65 41.56 49.99
C GLN B 542 -74.36 40.57 48.86
N GLN B 543 -75.39 39.81 48.43
CA GLN B 543 -75.19 38.84 47.36
C GLN B 543 -75.25 39.50 45.95
N THR B 544 -75.90 40.68 45.83
CA THR B 544 -75.97 41.38 44.53
C THR B 544 -74.89 42.45 44.40
N GLY B 545 -74.41 42.94 45.54
CA GLY B 545 -73.39 43.99 45.62
C GLY B 545 -74.01 45.38 45.74
N LYS B 546 -75.34 45.45 45.61
CA LYS B 546 -75.98 46.74 45.67
C LYS B 546 -76.31 47.08 47.11
N HIS B 547 -75.26 47.47 47.82
CA HIS B 547 -75.29 47.69 49.25
C HIS B 547 -76.17 48.85 49.68
N ASP B 548 -76.38 49.83 48.81
CA ASP B 548 -77.24 50.96 49.12
C ASP B 548 -78.59 50.93 48.41
N ALA B 549 -78.99 49.76 47.87
CA ALA B 549 -80.28 49.66 47.16
C ALA B 549 -81.49 49.60 48.09
N MET B 550 -82.61 50.08 47.54
CA MET B 550 -83.91 50.01 48.20
C MET B 550 -84.48 48.64 47.89
N VAL B 551 -85.12 47.98 48.85
CA VAL B 551 -85.63 46.64 48.58
C VAL B 551 -87.16 46.54 48.70
N ILE B 552 -87.79 46.02 47.64
CA ILE B 552 -89.23 45.85 47.56
C ILE B 552 -89.66 44.43 47.89
N ASN B 553 -90.65 44.36 48.76
CA ASN B 553 -91.30 43.14 49.20
C ASN B 553 -92.45 42.84 48.26
N ALA B 554 -92.25 41.91 47.35
CA ALA B 554 -93.24 41.62 46.33
C ALA B 554 -94.31 40.68 46.84
N GLY B 555 -94.21 40.28 48.10
CA GLY B 555 -95.16 39.37 48.68
C GLY B 555 -94.55 37.98 48.68
N PRO B 556 -94.21 37.42 49.85
CA PRO B 556 -93.55 36.14 50.02
C PRO B 556 -94.55 35.03 49.81
N THR B 557 -94.03 33.84 49.63
CA THR B 557 -94.89 32.67 49.59
C THR B 557 -94.24 31.55 50.39
N VAL B 558 -94.87 30.37 50.34
CA VAL B 558 -94.43 29.22 51.13
C VAL B 558 -94.41 27.94 50.28
N ILE B 559 -93.38 27.13 50.49
CA ILE B 559 -93.27 25.80 49.92
C ILE B 559 -93.26 24.82 51.11
N PRO B 560 -94.42 24.29 51.52
CA PRO B 560 -94.68 23.52 52.72
C PRO B 560 -93.81 22.30 52.87
N ALA B 561 -93.58 21.80 54.08
CA ALA B 561 -92.62 20.72 54.32
C ALA B 561 -93.00 19.36 53.73
N ASP B 562 -94.28 19.12 53.46
CA ASP B 562 -94.92 17.80 53.46
C ASP B 562 -94.62 16.87 52.29
N PHE B 563 -94.08 17.35 51.17
CA PHE B 563 -94.26 16.71 49.87
C PHE B 563 -92.98 16.54 49.06
N ASP B 564 -93.03 15.63 48.09
CA ASP B 564 -91.92 15.35 47.18
C ASP B 564 -91.52 16.59 46.39
N LEU B 565 -90.22 16.91 46.36
CA LEU B 565 -89.64 17.94 45.49
C LEU B 565 -89.66 17.53 44.01
N LYS B 566 -90.28 16.39 43.67
CA LYS B 566 -90.37 15.82 42.32
C LYS B 566 -91.35 16.55 41.38
N ASP B 567 -92.22 17.42 41.88
CA ASP B 567 -93.10 18.25 41.04
C ASP B 567 -92.38 19.48 40.47
N GLU B 568 -91.48 19.20 39.54
CA GLU B 568 -90.80 20.18 38.72
C GLU B 568 -91.77 21.13 38.03
N LEU B 569 -92.97 20.68 37.66
CA LEU B 569 -93.89 21.60 37.02
C LEU B 569 -94.33 22.67 37.98
N VAL B 570 -94.67 22.27 39.21
CA VAL B 570 -95.07 23.30 40.17
C VAL B 570 -93.95 24.24 40.47
N LEU B 571 -92.76 23.70 40.68
CA LEU B 571 -91.64 24.54 41.02
C LEU B 571 -91.30 25.51 39.89
N LYS B 572 -91.40 25.04 38.63
CA LYS B 572 -91.14 25.91 37.49
C LYS B 572 -92.13 27.04 37.47
N GLN B 573 -93.40 26.72 37.71
CA GLN B 573 -94.42 27.75 37.69
C GLN B 573 -94.23 28.72 38.84
N LEU B 574 -93.78 28.24 40.00
CA LEU B 574 -93.56 29.17 41.11
C LEU B 574 -92.47 30.14 40.73
N LEU B 575 -91.44 29.66 40.02
CA LEU B 575 -90.37 30.56 39.64
C LEU B 575 -90.85 31.58 38.63
N ILE B 576 -91.65 31.13 37.66
CA ILE B 576 -92.11 32.07 36.64
C ILE B 576 -92.98 33.14 37.26
N LYS B 577 -93.91 32.71 38.11
CA LYS B 577 -94.81 33.62 38.77
C LYS B 577 -94.08 34.58 39.69
N SER B 578 -93.04 34.10 40.37
CA SER B 578 -92.30 34.96 41.28
C SER B 578 -91.58 36.03 40.49
N VAL B 579 -91.06 35.65 39.33
CA VAL B 579 -90.39 36.61 38.47
C VAL B 579 -91.40 37.65 38.00
N ASN B 580 -92.61 37.22 37.62
CA ASN B 580 -93.60 38.17 37.15
C ASN B 580 -94.04 39.15 38.22
N LEU B 581 -94.19 38.66 39.44
CA LEU B 581 -94.61 39.53 40.53
C LEU B 581 -93.52 40.55 40.80
N CYS B 582 -92.26 40.12 40.71
CA CYS B 582 -91.16 41.03 40.91
C CYS B 582 -91.15 42.12 39.84
N ASP B 583 -91.42 41.74 38.58
CA ASP B 583 -91.45 42.73 37.50
C ASP B 583 -92.55 43.73 37.68
N ASP B 584 -93.71 43.27 38.18
CA ASP B 584 -94.82 44.21 38.36
C ASP B 584 -94.51 45.20 39.44
N MET B 585 -93.82 44.77 40.48
CA MET B 585 -93.49 45.73 41.52
C MET B 585 -92.45 46.75 41.06
N LEU B 586 -91.50 46.34 40.21
CA LEU B 586 -90.56 47.34 39.69
C LEU B 586 -91.30 48.28 38.77
N ALA B 587 -92.26 47.72 38.00
CA ALA B 587 -93.04 48.52 37.09
C ALA B 587 -93.84 49.55 37.85
N LYS B 588 -94.37 49.17 39.01
CA LYS B 588 -95.09 50.14 39.81
C LYS B 588 -94.14 51.25 40.24
N ARG B 589 -92.96 50.84 40.74
CA ARG B 589 -91.96 51.80 41.21
C ARG B 589 -91.54 52.78 40.12
N SER B 590 -91.47 52.30 38.87
CA SER B 590 -91.08 53.12 37.72
C SER B 590 -92.21 53.94 37.11
N GLY B 591 -93.45 53.80 37.63
CA GLY B 591 -94.55 54.55 37.06
C GLY B 591 -95.27 53.93 35.86
N GLU B 592 -95.14 52.61 35.61
CA GLU B 592 -95.89 51.98 34.51
C GLU B 592 -97.38 52.36 34.55
N GLN B 593 -97.95 52.66 33.39
CA GLN B 593 -99.30 53.20 33.29
C GLN B 593 -100.34 52.16 33.75
N PRO B 594 -101.30 52.57 34.60
CA PRO B 594 -102.17 51.64 35.32
C PRO B 594 -103.18 50.96 34.41
N PHE B 595 -103.72 49.81 34.81
CA PHE B 595 -104.90 49.34 34.11
C PHE B 595 -106.07 50.25 34.35
N SER B 596 -106.80 50.53 33.29
CA SER B 596 -108.00 51.33 33.41
C SER B 596 -109.03 50.86 32.45
N VAL B 597 -110.27 51.24 32.74
CA VAL B 597 -111.43 50.86 31.93
C VAL B 597 -111.35 51.43 30.53
N ALA B 598 -110.57 52.48 30.37
CA ALA B 598 -110.38 53.13 29.10
C ALA B 598 -109.83 52.17 28.05
N MET B 599 -109.06 51.16 28.47
CA MET B 599 -108.47 50.23 27.49
C MET B 599 -109.40 49.06 27.21
N LEU B 600 -110.50 49.00 27.97
CA LEU B 600 -111.45 47.92 27.90
C LEU B 600 -112.71 48.39 27.14
N LYS B 601 -112.95 49.70 27.17
CA LYS B 601 -114.15 50.30 26.58
C LYS B 601 -114.02 50.41 25.06
N GLY B 602 -114.03 49.28 24.39
CA GLY B 602 -113.95 49.30 22.94
C GLY B 602 -115.29 49.79 22.42
N THR B 603 -115.33 50.43 21.27
CA THR B 603 -116.62 50.90 20.75
C THR B 603 -117.43 49.74 20.17
N ASP B 604 -116.74 48.64 19.95
CA ASP B 604 -117.25 47.41 19.44
C ASP B 604 -117.14 46.27 20.47
N GLU B 605 -117.00 46.61 21.75
CA GLU B 605 -116.76 45.64 22.82
C GLU B 605 -117.57 45.94 24.08
N THR B 606 -118.24 44.93 24.63
CA THR B 606 -118.97 45.04 25.89
C THR B 606 -118.59 43.89 26.77
N LEU B 607 -118.98 43.95 28.04
CA LEU B 607 -118.75 42.77 28.88
C LEU B 607 -120.01 41.99 29.15
N ALA B 608 -119.81 40.74 29.55
CA ALA B 608 -120.90 39.84 29.96
C ALA B 608 -120.34 38.86 30.97
N ALA B 609 -121.20 38.24 31.78
CA ALA B 609 -120.66 37.31 32.78
C ALA B 609 -121.52 36.09 33.00
N ARG B 610 -120.87 35.06 33.52
CA ARG B 610 -121.56 33.83 33.87
C ARG B 610 -121.24 33.38 35.27
N LEU B 611 -122.27 32.87 35.94
CA LEU B 611 -122.09 32.32 37.26
C LEU B 611 -122.10 30.80 37.16
N ASN B 612 -120.96 30.21 37.48
CA ASN B 612 -120.74 28.78 37.41
C ASN B 612 -121.03 28.13 38.76
N PHE B 613 -121.96 27.17 38.82
CA PHE B 613 -122.30 26.43 40.05
C PHE B 613 -121.72 25.02 40.17
N THR B 614 -120.67 24.70 39.44
CA THR B 614 -120.13 23.33 39.34
C THR B 614 -119.56 22.85 40.67
N GLY B 615 -119.79 21.58 41.00
CA GLY B 615 -119.31 20.95 42.23
C GLY B 615 -117.86 20.46 42.20
N LYS B 616 -116.88 21.32 41.85
CA LYS B 616 -115.43 20.98 41.89
C LYS B 616 -114.55 22.13 42.43
N PRO B 617 -113.45 21.82 43.14
CA PRO B 617 -112.55 22.80 43.77
C PRO B 617 -111.55 23.43 42.82
N MET B 618 -110.89 24.51 43.25
CA MET B 618 -109.77 25.10 42.51
C MET B 618 -108.50 24.73 43.20
N HIS B 619 -107.38 24.85 42.54
CA HIS B 619 -106.14 24.60 43.25
C HIS B 619 -105.27 25.82 43.21
N ASP B 620 -104.46 25.99 44.26
CA ASP B 620 -103.56 27.12 44.37
C ASP B 620 -102.26 26.84 43.65
N SER B 621 -101.28 27.72 43.86
CA SER B 621 -100.01 27.67 43.17
C SER B 621 -99.15 26.45 43.47
N LEU B 622 -99.45 25.71 44.54
CA LEU B 622 -98.66 24.51 44.78
C LEU B 622 -99.53 23.26 44.73
N GLY B 623 -100.69 23.37 44.09
CA GLY B 623 -101.57 22.22 43.95
C GLY B 623 -102.49 21.89 45.14
N TYR B 624 -102.71 22.85 46.05
CA TYR B 624 -103.56 22.55 47.20
C TYR B 624 -104.98 23.05 46.92
N PRO B 625 -106.05 22.38 47.40
CA PRO B 625 -107.44 22.70 47.12
C PRO B 625 -107.92 24.02 47.73
N ILE B 626 -108.84 24.65 47.00
CA ILE B 626 -109.54 25.87 47.40
C ILE B 626 -111.05 25.65 47.35
N ARG B 627 -111.72 25.90 48.46
CA ARG B 627 -113.18 25.76 48.51
C ARG B 627 -113.89 26.94 47.88
N SER B 628 -114.86 26.65 47.02
CA SER B 628 -115.76 27.67 46.53
C SER B 628 -117.05 27.02 46.13
N ASP B 629 -118.12 27.79 46.06
CA ASP B 629 -119.37 27.29 45.52
C ASP B 629 -119.63 27.79 44.12
N ILE B 630 -119.23 29.04 43.87
CA ILE B 630 -119.55 29.71 42.62
C ILE B 630 -118.32 30.36 41.99
N LEU B 631 -118.12 30.11 40.71
CA LEU B 631 -117.04 30.81 40.03
C LEU B 631 -117.65 31.89 39.16
N VAL B 632 -117.24 33.13 39.37
CA VAL B 632 -117.82 34.20 38.57
C VAL B 632 -116.83 34.57 37.49
N SER B 633 -117.23 34.32 36.24
CA SER B 633 -116.35 34.52 35.10
C SER B 633 -116.80 35.70 34.25
N LEU B 634 -115.90 36.70 34.12
CA LEU B 634 -116.23 37.91 33.35
C LEU B 634 -115.53 37.86 32.01
N ASN B 635 -116.35 37.92 30.94
CA ASN B 635 -115.89 37.81 29.55
C ASN B 635 -116.02 39.07 28.70
N ARG B 636 -115.16 39.16 27.68
CA ARG B 636 -115.15 40.24 26.68
C ARG B 636 -115.90 39.86 25.42
N VAL B 637 -116.99 40.54 25.15
CA VAL B 637 -117.82 40.20 24.01
C VAL B 637 -117.70 41.24 22.90
N LYS B 638 -117.30 40.81 21.71
CA LYS B 638 -117.17 41.76 20.62
C LYS B 638 -118.21 41.57 19.54
N LYS B 639 -118.49 42.67 18.84
CA LYS B 639 -119.40 42.64 17.71
C LYS B 639 -118.77 41.79 16.60
N PRO B 640 -119.54 40.97 15.87
CA PRO B 640 -119.08 40.03 14.84
C PRO B 640 -118.68 40.67 13.52
N GLY B 641 -117.69 41.54 13.58
CA GLY B 641 -117.10 42.21 12.44
C GLY B 641 -115.68 41.69 12.33
N GLN B 642 -114.74 42.57 11.98
CA GLN B 642 -113.37 42.11 11.88
C GLN B 642 -112.80 42.03 13.28
N GLN B 643 -112.16 40.91 13.61
CA GLN B 643 -111.56 40.73 14.91
C GLN B 643 -110.12 40.31 14.73
N GLU B 644 -109.28 40.62 15.70
CA GLU B 644 -107.86 40.26 15.63
C GLU B 644 -107.68 38.75 15.56
N ASN B 645 -108.62 38.04 16.18
CA ASN B 645 -108.61 36.59 16.26
C ASN B 645 -108.91 35.91 14.94
N GLU B 646 -109.09 36.67 13.86
CA GLU B 646 -109.25 36.02 12.57
C GLU B 646 -107.97 35.27 12.21
N PHE B 647 -106.85 35.64 12.85
CA PHE B 647 -105.58 34.98 12.58
C PHE B 647 -105.17 33.98 13.66
N TYR B 648 -106.02 33.76 14.67
CA TYR B 648 -105.64 32.88 15.79
C TYR B 648 -106.79 32.31 16.63
N GLU B 649 -106.52 31.21 17.34
CA GLU B 649 -107.50 30.72 18.29
C GLU B 649 -107.53 31.70 19.44
N ALA B 650 -108.70 32.02 19.96
CA ALA B 650 -108.79 33.08 20.97
C ALA B 650 -109.87 32.79 22.00
N GLU B 651 -109.70 33.37 23.17
CA GLU B 651 -110.66 33.27 24.26
C GLU B 651 -111.00 34.66 24.77
N ASP B 652 -112.19 34.78 25.35
CA ASP B 652 -112.69 36.04 25.90
C ASP B 652 -112.60 36.25 27.41
N LYS B 653 -111.93 35.38 28.15
CA LYS B 653 -111.90 35.58 29.60
C LYS B 653 -111.07 36.80 30.00
N LEU B 654 -111.62 37.65 30.87
CA LEU B 654 -110.89 38.82 31.36
C LEU B 654 -110.37 38.54 32.75
N ASN B 655 -111.28 38.08 33.62
CA ASN B 655 -110.91 37.76 35.00
C ASN B 655 -111.92 36.82 35.67
N GLN B 656 -111.60 36.45 36.92
CA GLN B 656 -112.48 35.57 37.70
C GLN B 656 -112.39 35.73 39.21
N VAL B 657 -113.55 35.70 39.87
CA VAL B 657 -113.53 35.71 41.33
C VAL B 657 -114.24 34.47 41.84
N SER B 658 -113.56 33.77 42.74
CA SER B 658 -114.06 32.52 43.29
C SER B 658 -114.63 32.75 44.68
N CYS B 659 -115.94 32.47 44.83
CA CYS B 659 -116.59 32.70 46.10
C CYS B 659 -117.23 31.46 46.72
N PHE B 660 -117.21 31.46 48.03
CA PHE B 660 -117.84 30.47 48.90
C PHE B 660 -119.05 31.09 49.58
N VAL B 661 -120.15 30.34 49.70
CA VAL B 661 -121.30 30.92 50.40
C VAL B 661 -121.42 30.36 51.81
N ASN B 662 -121.21 31.22 52.79
CA ASN B 662 -121.22 30.82 54.18
C ASN B 662 -122.57 31.10 54.80
N LEU B 663 -122.71 30.73 56.08
CA LEU B 663 -123.90 30.99 56.89
C LEU B 663 -123.49 31.29 58.33
N GLU B 664 -123.86 32.46 58.86
CA GLU B 664 -123.55 32.82 60.24
C GLU B 664 -124.79 32.64 61.10
N TYR B 665 -124.68 31.91 62.20
CA TYR B 665 -125.85 31.70 63.04
C TYR B 665 -125.97 32.82 64.04
N THR B 666 -127.09 33.54 63.95
CA THR B 666 -127.34 34.72 64.76
C THR B 666 -128.72 34.66 65.43
N PRO B 667 -128.89 33.90 66.52
CA PRO B 667 -130.12 33.69 67.24
C PRO B 667 -130.60 35.01 67.82
N GLN B 668 -131.90 35.15 68.02
CA GLN B 668 -132.46 36.35 68.63
C GLN B 668 -133.32 36.02 69.87
N PRO B 669 -132.75 35.70 71.10
CA PRO B 669 -133.44 35.25 72.31
C PRO B 669 -134.66 36.14 72.68
N GLN B 682 -139.44 37.47 63.73
CA GLN B 682 -138.00 37.47 63.93
C GLN B 682 -137.33 37.26 62.56
N LEU B 683 -135.96 37.29 62.53
CA LEU B 683 -135.14 37.02 61.34
C LEU B 683 -134.95 35.53 61.18
N PRO B 684 -134.77 35.03 59.96
CA PRO B 684 -134.32 33.69 59.71
C PRO B 684 -132.99 33.61 60.46
N PRO B 685 -132.72 32.59 61.28
CA PRO B 685 -131.49 32.41 62.08
C PRO B 685 -130.14 32.40 61.35
N LEU B 686 -130.08 32.07 60.05
CA LEU B 686 -128.77 32.07 59.39
C LEU B 686 -128.58 33.24 58.41
N THR B 687 -127.50 33.98 58.62
CA THR B 687 -127.15 35.13 57.79
C THR B 687 -126.07 34.71 56.81
N PRO B 688 -126.33 34.66 55.52
CA PRO B 688 -125.40 34.18 54.54
C PRO B 688 -124.31 35.17 54.31
N ALA B 689 -123.21 34.69 53.75
CA ALA B 689 -122.12 35.58 53.37
C ALA B 689 -121.42 35.12 52.11
N ILE B 690 -120.97 36.09 51.34
CA ILE B 690 -120.21 35.78 50.15
C ILE B 690 -118.76 35.99 50.48
N VAL B 691 -118.01 34.91 50.50
CA VAL B 691 -116.65 34.97 50.92
C VAL B 691 -115.73 34.80 49.74
N ILE B 692 -114.88 35.78 49.51
CA ILE B 692 -113.96 35.63 48.41
C ILE B 692 -112.82 34.76 48.87
N THR B 693 -112.61 33.65 48.15
CA THR B 693 -111.56 32.73 48.54
C THR B 693 -110.39 32.88 47.59
N ASP B 694 -110.66 33.43 46.40
CA ASP B 694 -109.60 33.71 45.45
C ASP B 694 -110.01 34.78 44.43
N VAL B 695 -109.01 35.53 43.96
CA VAL B 695 -109.17 36.55 42.92
C VAL B 695 -108.10 36.32 41.86
N ARG B 696 -108.53 36.11 40.61
CA ARG B 696 -107.55 35.88 39.56
C ARG B 696 -107.82 36.71 38.32
N GLN B 697 -106.77 36.92 37.55
CA GLN B 697 -106.89 37.57 36.27
C GLN B 697 -106.89 36.45 35.26
N ALA B 698 -107.36 36.71 34.05
CA ALA B 698 -107.30 35.66 33.03
C ALA B 698 -105.85 35.34 32.77
N GLU B 699 -105.61 34.11 32.33
CA GLU B 699 -104.29 33.55 32.06
C GLU B 699 -103.53 34.30 30.97
N TRP B 700 -104.27 35.07 30.20
CA TRP B 700 -103.74 35.87 29.13
C TRP B 700 -102.95 37.06 29.64
N LEU B 701 -103.26 37.52 30.85
CA LEU B 701 -102.64 38.70 31.43
C LEU B 701 -101.57 38.36 32.43
N LYS B 702 -100.34 38.74 32.11
CA LYS B 702 -99.24 38.39 32.99
C LYS B 702 -99.19 39.22 34.29
N ALA B 703 -99.60 40.49 34.21
CA ALA B 703 -99.55 41.44 35.32
C ALA B 703 -100.59 41.20 36.43
N ASN B 704 -100.18 41.54 37.65
CA ASN B 704 -101.07 41.48 38.82
C ASN B 704 -100.93 42.77 39.64
N THR B 705 -101.89 43.68 39.48
CA THR B 705 -101.83 45.00 40.08
C THR B 705 -103.08 45.31 40.90
N MET B 706 -103.05 46.41 41.66
CA MET B 706 -104.18 46.84 42.48
C MET B 706 -105.41 47.15 41.64
N GLU B 707 -105.21 47.76 40.49
CA GLU B 707 -106.32 48.14 39.65
C GLU B 707 -106.99 46.90 39.11
N LEU B 708 -106.19 45.93 38.71
CA LEU B 708 -106.74 44.70 38.18
C LEU B 708 -107.50 43.91 39.23
N TYR B 709 -106.97 43.91 40.46
CA TYR B 709 -107.60 43.19 41.57
C TYR B 709 -108.97 43.79 41.86
N LEU B 710 -109.01 45.13 41.98
CA LEU B 710 -110.23 45.85 42.27
C LEU B 710 -111.27 45.72 41.20
N PHE B 711 -110.85 45.76 39.95
CA PHE B 711 -111.83 45.61 38.89
C PHE B 711 -112.45 44.22 39.02
N ALA B 712 -111.62 43.18 39.20
CA ALA B 712 -112.09 41.81 39.33
C ALA B 712 -113.02 41.62 40.52
N LEU B 713 -112.82 42.35 41.62
CA LEU B 713 -113.67 42.18 42.80
C LEU B 713 -115.15 42.47 42.54
N SER B 714 -115.45 43.23 41.48
CA SER B 714 -116.84 43.57 41.19
C SER B 714 -117.62 42.30 40.80
N ASN B 715 -116.87 41.24 40.46
CA ASN B 715 -117.44 39.97 40.11
C ASN B 715 -118.07 39.33 41.33
N ALA B 716 -117.52 39.57 42.52
CA ALA B 716 -118.15 38.97 43.68
C ALA B 716 -119.43 39.71 43.93
N PHE B 717 -119.42 41.01 43.72
CA PHE B 717 -120.63 41.79 44.01
C PHE B 717 -121.83 41.25 43.24
N ARG B 718 -121.61 41.00 41.96
CA ARG B 718 -122.68 40.57 41.07
C ARG B 718 -123.17 39.13 41.31
N VAL B 719 -122.49 38.36 42.16
CA VAL B 719 -122.89 36.97 42.38
C VAL B 719 -124.23 36.94 43.09
N THR B 720 -124.60 38.07 43.72
CA THR B 720 -125.84 38.12 44.46
C THR B 720 -126.95 38.72 43.65
N ALA B 721 -126.75 38.87 42.33
CA ALA B 721 -127.86 39.39 41.56
C ALA B 721 -129.02 38.44 41.76
N ASN B 722 -130.22 39.00 41.92
CA ASN B 722 -131.42 38.23 42.13
C ASN B 722 -131.22 37.28 43.31
N GLN B 723 -131.40 35.98 43.08
CA GLN B 723 -131.22 34.99 44.13
C GLN B 723 -130.27 33.93 43.64
N SER B 724 -129.43 34.32 42.67
CA SER B 724 -128.52 33.37 42.04
C SER B 724 -127.56 32.76 43.05
N TRP B 725 -127.09 33.57 43.97
CA TRP B 725 -126.13 33.11 44.97
C TRP B 725 -126.66 31.94 45.80
N ALA B 726 -127.99 31.84 45.95
CA ALA B 726 -128.60 30.85 46.82
C ALA B 726 -128.65 29.48 46.19
N ARG B 727 -128.24 29.36 44.94
CA ARG B 727 -128.24 28.06 44.29
C ARG B 727 -127.20 27.17 44.95
N SER B 728 -126.25 27.80 45.65
CA SER B 728 -125.18 27.10 46.35
C SER B 728 -125.71 26.30 47.53
N LEU B 729 -126.94 26.62 47.95
CA LEU B 729 -127.55 25.98 49.08
C LEU B 729 -128.39 24.77 48.66
N LEU B 730 -128.49 24.51 47.35
CA LEU B 730 -129.27 23.36 46.89
C LEU B 730 -128.66 22.01 47.29
N PRO B 731 -129.50 20.99 47.46
CA PRO B 731 -129.06 19.61 47.29
C PRO B 731 -128.67 19.33 45.85
N GLN B 732 -127.88 18.28 45.65
CA GLN B 732 -127.37 17.79 44.35
C GLN B 732 -127.43 16.26 44.27
N LEU B 733 -127.30 15.70 43.07
CA LEU B 733 -127.64 14.31 42.68
C LEU B 733 -127.12 13.21 43.63
N GLY B 734 -128.02 12.32 44.05
CA GLY B 734 -127.73 10.93 44.44
C GLY B 734 -126.90 10.67 45.71
N LYS B 735 -126.27 11.68 46.30
CA LYS B 735 -125.37 11.56 47.46
C LYS B 735 -126.08 10.96 48.68
N VAL B 736 -125.60 9.80 49.15
CA VAL B 736 -126.23 9.03 50.26
C VAL B 736 -126.02 9.70 51.62
N LYS B 737 -124.78 10.09 51.94
CA LYS B 737 -124.40 10.88 53.12
C LYS B 737 -123.27 11.84 52.75
N ASP B 738 -123.56 13.13 52.55
CA ASP B 738 -122.52 14.13 52.24
C ASP B 738 -122.78 15.49 52.91
N MET B 739 -121.72 16.28 53.06
CA MET B 739 -121.62 17.34 54.08
C MET B 739 -122.36 18.67 53.83
N ARG B 740 -122.73 19.14 52.62
CA ARG B 740 -123.18 20.52 52.51
C ARG B 740 -124.69 20.55 52.43
N ASP B 741 -125.31 19.41 52.71
CA ASP B 741 -126.74 19.25 52.63
C ASP B 741 -127.51 20.25 53.47
N ILE B 742 -128.39 21.01 52.81
CA ILE B 742 -129.22 22.01 53.44
C ILE B 742 -130.13 21.38 54.45
N GLY B 743 -130.41 20.10 54.31
CA GLY B 743 -131.30 19.45 55.24
C GLY B 743 -130.77 19.47 56.67
N ALA B 744 -129.46 19.74 56.83
CA ALA B 744 -128.87 19.82 58.15
C ALA B 744 -129.41 21.00 58.92
N ILE B 745 -129.95 21.97 58.18
CA ILE B 745 -130.45 23.24 58.66
C ILE B 745 -131.65 22.99 59.56
N GLY B 746 -132.29 21.82 59.38
CA GLY B 746 -133.46 21.43 60.14
C GLY B 746 -133.09 21.17 61.59
N TYR B 747 -131.80 21.03 61.88
CA TYR B 747 -131.40 20.79 63.25
C TYR B 747 -131.40 22.10 64.03
N LEU B 748 -131.25 23.24 63.34
CA LEU B 748 -131.24 24.54 64.03
C LEU B 748 -132.65 25.14 64.00
N SER B 749 -133.43 24.75 63.00
CA SER B 749 -134.78 25.23 62.83
C SER B 749 -135.66 24.50 63.83
N ARG B 750 -136.93 24.91 63.89
CA ARG B 750 -137.93 24.30 64.77
C ARG B 750 -138.00 22.78 64.68
N LEU B 751 -137.67 22.20 63.53
CA LEU B 751 -137.78 20.77 63.35
C LEU B 751 -136.87 19.98 64.27
N ALA B 752 -135.69 20.51 64.59
CA ALA B 752 -134.70 19.81 65.39
C ALA B 752 -134.43 18.43 64.77
N ALA B 753 -134.36 18.39 63.46
CA ALA B 753 -134.18 17.16 62.73
C ALA B 753 -133.60 17.40 61.36
N ARG B 754 -132.97 16.40 60.78
CA ARG B 754 -132.52 16.59 59.41
C ARG B 754 -133.74 16.52 58.53
N VAL B 755 -133.78 17.39 57.54
CA VAL B 755 -134.87 17.43 56.58
C VAL B 755 -134.59 16.36 55.55
N GLU B 756 -135.60 15.61 55.16
CA GLU B 756 -135.38 14.62 54.14
C GLU B 756 -135.31 15.32 52.80
N THR B 757 -134.08 15.70 52.40
CA THR B 757 -133.84 16.48 51.20
C THR B 757 -133.23 15.75 50.02
N LYS B 758 -132.62 14.60 50.23
CA LYS B 758 -131.91 13.89 49.17
C LYS B 758 -132.78 12.93 48.38
N THR B 759 -134.05 12.82 48.74
CA THR B 759 -134.89 11.80 48.18
C THR B 759 -135.83 12.39 47.14
N GLU B 760 -136.52 11.50 46.42
CA GLU B 760 -137.46 11.85 45.38
C GLU B 760 -138.73 12.52 45.89
N THR B 761 -138.93 12.53 47.21
CA THR B 761 -140.13 13.12 47.77
C THR B 761 -139.90 14.58 48.20
N PHE B 762 -138.67 15.08 48.07
CA PHE B 762 -138.38 16.45 48.45
C PHE B 762 -138.59 17.33 47.22
N THR B 763 -139.38 18.38 47.37
CA THR B 763 -139.73 19.25 46.28
C THR B 763 -138.95 20.55 46.25
N ASP B 764 -139.05 21.24 45.12
CA ASP B 764 -138.45 22.57 44.93
C ASP B 764 -139.12 23.55 45.90
N GLN B 765 -140.41 23.37 46.10
CA GLN B 765 -141.15 24.22 47.02
C GLN B 765 -140.66 24.02 48.44
N ASN B 766 -140.33 22.77 48.81
CA ASN B 766 -139.89 22.56 50.17
C ASN B 766 -138.52 23.20 50.36
N PHE B 767 -137.69 23.15 49.30
CA PHE B 767 -136.39 23.79 49.37
C PHE B 767 -136.53 25.27 49.60
N ALA B 768 -137.40 25.90 48.81
CA ALA B 768 -137.59 27.33 48.92
C ALA B 768 -138.05 27.71 50.31
N GLU B 769 -138.91 26.87 50.91
CA GLU B 769 -139.41 27.11 52.25
C GLU B 769 -138.30 27.02 53.29
N LEU B 770 -137.35 26.09 53.11
CA LEU B 770 -136.28 26.01 54.10
C LEU B 770 -135.54 27.32 54.08
N LEU B 771 -135.26 27.83 52.88
CA LEU B 771 -134.59 29.12 52.82
C LEU B 771 -135.45 30.26 53.35
N TYR B 772 -136.75 30.26 53.07
CA TYR B 772 -137.57 31.38 53.51
C TYR B 772 -137.56 31.51 55.02
N ASN B 773 -137.59 30.39 55.72
CA ASN B 773 -137.61 30.42 57.16
C ASN B 773 -136.23 30.46 57.83
N MET B 774 -135.21 29.83 57.23
CA MET B 774 -133.88 29.77 57.85
C MET B 774 -132.79 30.70 57.33
N VAL B 775 -132.87 31.19 56.09
CA VAL B 775 -131.77 31.98 55.54
C VAL B 775 -132.18 33.39 55.11
N ARG B 776 -131.48 34.38 55.64
CA ARG B 776 -131.79 35.76 55.30
C ARG B 776 -131.42 35.98 53.82
N PRO B 777 -132.28 36.63 53.02
CA PRO B 777 -132.12 36.85 51.58
C PRO B 777 -130.95 37.75 51.12
N SER B 778 -130.36 38.53 52.02
CA SER B 778 -129.27 39.43 51.64
C SER B 778 -127.98 39.10 52.41
N PRO B 779 -126.97 38.50 51.76
CA PRO B 779 -125.71 38.07 52.33
C PRO B 779 -124.74 39.20 52.61
N VAL B 780 -123.82 38.93 53.52
CA VAL B 780 -122.71 39.81 53.86
C VAL B 780 -121.49 39.54 52.98
N PHE B 781 -120.90 40.57 52.39
CA PHE B 781 -119.69 40.33 51.60
C PHE B 781 -118.45 40.39 52.48
N MET B 782 -117.53 39.46 52.26
CA MET B 782 -116.28 39.40 53.01
C MET B 782 -115.19 38.68 52.21
N SER B 783 -113.95 38.73 52.71
CA SER B 783 -112.85 38.07 52.02
C SER B 783 -111.73 37.57 52.91
N ASP B 784 -111.00 36.59 52.36
CA ASP B 784 -109.83 36.03 53.00
C ASP B 784 -108.52 36.55 52.39
N LEU B 785 -107.74 37.28 53.18
CA LEU B 785 -106.50 37.92 52.70
C LEU B 785 -105.26 37.15 53.19
N ASN B 786 -104.52 36.55 52.25
CA ASN B 786 -103.40 35.69 52.61
C ASN B 786 -102.05 36.37 52.40
N ARG B 787 -101.35 36.64 53.49
CA ARG B 787 -100.09 37.37 53.45
C ARG B 787 -99.02 36.70 52.61
N PHE B 788 -99.16 35.40 52.43
CA PHE B 788 -98.26 34.55 51.67
C PHE B 788 -98.86 34.01 50.36
N GLY B 789 -99.98 34.58 49.91
CA GLY B 789 -100.58 34.11 48.66
C GLY B 789 -99.96 34.81 47.45
N ASP B 790 -100.37 34.44 46.24
CA ASP B 790 -99.78 35.07 45.04
C ASP B 790 -100.19 36.51 44.87
N ASN B 791 -101.27 36.91 45.53
CA ASN B 791 -101.75 38.26 45.45
C ASN B 791 -101.32 39.02 46.68
N ALA B 792 -100.39 38.47 47.48
CA ALA B 792 -100.00 39.06 48.76
C ALA B 792 -99.54 40.49 48.63
N ALA B 793 -98.89 40.86 47.54
CA ALA B 793 -98.46 42.25 47.44
C ALA B 793 -99.65 43.20 47.57
N ILE B 794 -100.80 42.78 47.05
CA ILE B 794 -102.01 43.58 47.03
C ILE B 794 -102.87 43.29 48.27
N GLU B 795 -103.02 42.02 48.60
CA GLU B 795 -103.87 41.61 49.72
C GLU B 795 -103.35 42.17 51.03
N ASN B 796 -102.03 42.35 51.12
CA ASN B 796 -101.41 42.93 52.31
C ASN B 796 -101.78 44.39 52.48
N VAL B 797 -102.16 45.06 51.39
CA VAL B 797 -102.54 46.45 51.47
C VAL B 797 -103.93 46.45 52.07
N PHE B 798 -104.75 45.53 51.58
CA PHE B 798 -106.10 45.41 52.10
C PHE B 798 -106.07 45.01 53.57
N ILE B 799 -105.09 44.18 53.98
CA ILE B 799 -104.99 43.86 55.39
C ILE B 799 -104.62 45.13 56.15
N ASP B 800 -103.63 45.90 55.67
CA ASP B 800 -103.24 47.12 56.38
C ASP B 800 -104.32 48.19 56.39
N ALA B 801 -105.25 48.14 55.44
CA ALA B 801 -106.36 49.08 55.40
C ALA B 801 -107.24 48.93 56.66
N LEU B 802 -107.08 47.81 57.39
CA LEU B 802 -107.81 47.49 58.61
C LEU B 802 -107.29 48.22 59.85
N GLY B 803 -106.06 48.73 59.84
CA GLY B 803 -105.53 49.37 61.04
C GLY B 803 -104.01 49.49 61.01
N GLY B 804 -103.40 49.87 62.13
CA GLY B 804 -101.95 49.97 62.17
C GLY B 804 -101.40 51.32 61.76
N VAL B 805 -100.07 51.40 61.72
CA VAL B 805 -99.37 52.65 61.45
C VAL B 805 -99.62 53.23 60.07
N ASN B 806 -99.88 52.37 59.10
CA ASN B 806 -100.13 52.82 57.76
C ASN B 806 -101.57 52.63 57.35
N GLN B 807 -102.52 52.58 58.28
CA GLN B 807 -103.88 52.34 57.81
C GLN B 807 -104.37 53.32 56.76
N GLN B 808 -104.11 54.61 56.96
CA GLN B 808 -104.63 55.59 56.01
C GLN B 808 -103.87 55.56 54.71
N ARG B 809 -102.68 54.99 54.73
CA ARG B 809 -101.85 54.93 53.55
C ARG B 809 -102.27 53.73 52.72
N ALA B 810 -102.65 52.65 53.43
CA ALA B 810 -103.14 51.45 52.77
C ALA B 810 -104.45 51.80 52.09
N VAL B 811 -105.28 52.57 52.79
CA VAL B 811 -106.50 53.06 52.17
C VAL B 811 -106.18 53.95 51.00
N ALA B 812 -105.24 54.88 51.13
CA ALA B 812 -104.95 55.72 49.99
C ALA B 812 -104.53 54.90 48.76
N ALA B 813 -103.76 53.82 48.97
CA ALA B 813 -103.34 52.97 47.84
C ALA B 813 -104.51 52.28 47.14
N ILE B 814 -105.49 51.83 47.93
CA ILE B 814 -106.66 51.14 47.38
C ILE B 814 -107.58 52.10 46.68
N ILE B 815 -107.83 53.25 47.32
CA ILE B 815 -108.72 54.25 46.75
C ILE B 815 -108.11 54.80 45.48
N ALA B 816 -106.79 55.03 45.49
CA ALA B 816 -106.13 55.43 44.27
C ALA B 816 -106.29 54.39 43.19
N GLY B 817 -106.19 53.09 43.55
CA GLY B 817 -106.37 52.06 42.55
C GLY B 817 -107.77 52.11 41.94
N VAL B 818 -108.78 52.40 42.78
CA VAL B 818 -110.12 52.45 42.20
C VAL B 818 -110.18 53.63 41.26
N ASN B 819 -109.65 54.78 41.70
CA ASN B 819 -109.67 55.97 40.88
C ASN B 819 -108.84 55.84 39.62
N ASN B 820 -107.80 55.02 39.64
CA ASN B 820 -107.02 54.83 38.44
C ASN B 820 -107.89 54.06 37.44
N LEU B 821 -108.71 53.13 37.94
CA LEU B 821 -109.59 52.40 37.06
C LEU B 821 -110.62 53.27 36.39
N ILE B 822 -111.20 54.19 37.17
CA ILE B 822 -112.30 55.01 36.65
C ILE B 822 -112.01 56.46 36.25
N GLY B 823 -110.80 56.98 36.49
CA GLY B 823 -110.52 58.38 36.14
C GLY B 823 -110.98 59.36 37.23
N GLY B 824 -111.01 58.88 38.46
CA GLY B 824 -111.44 59.66 39.62
C GLY B 824 -112.93 59.52 39.93
N GLY B 825 -113.35 59.97 41.12
CA GLY B 825 -114.76 59.91 41.48
C GLY B 825 -115.22 58.76 42.37
N PHE B 826 -114.32 57.92 42.88
CA PHE B 826 -114.80 56.83 43.75
C PHE B 826 -115.45 57.41 44.97
N GLU B 827 -114.87 58.51 45.44
CA GLU B 827 -115.26 59.30 46.59
C GLU B 827 -116.69 59.83 46.51
N LYS B 828 -117.30 59.78 45.33
CA LYS B 828 -118.66 60.25 45.15
C LYS B 828 -119.65 59.14 45.45
N PHE B 829 -119.14 57.92 45.56
CA PHE B 829 -119.94 56.72 45.82
C PHE B 829 -119.60 56.16 47.21
N PHE B 830 -118.35 56.37 47.63
CA PHE B 830 -117.83 55.92 48.92
C PHE B 830 -116.82 56.89 49.48
N ASP B 831 -117.17 57.55 50.56
CA ASP B 831 -116.22 58.47 51.17
C ASP B 831 -115.27 57.73 52.10
N HIS B 832 -114.03 57.58 51.67
CA HIS B 832 -113.02 56.84 52.40
C HIS B 832 -112.50 57.59 53.60
N ASN B 833 -112.89 58.86 53.73
CA ASN B 833 -112.51 59.63 54.89
C ASN B 833 -113.58 59.55 55.97
N THR B 834 -114.64 58.79 55.68
CA THR B 834 -115.73 58.57 56.62
C THR B 834 -115.87 57.09 56.96
N MET B 835 -115.62 56.24 55.96
CA MET B 835 -115.82 54.81 56.12
C MET B 835 -114.58 53.99 55.76
N PRO B 836 -114.31 52.86 56.46
CA PRO B 836 -113.24 51.92 56.20
C PRO B 836 -113.56 51.13 54.96
N ILE B 837 -112.54 50.66 54.25
CA ILE B 837 -112.75 49.80 53.09
C ILE B 837 -113.22 48.41 53.53
N ILE B 838 -112.52 47.87 54.53
CA ILE B 838 -112.79 46.56 55.11
C ILE B 838 -112.86 46.72 56.63
N GLN B 839 -113.84 46.12 57.28
CA GLN B 839 -113.89 46.15 58.72
C GLN B 839 -113.26 44.83 59.19
N PRO B 840 -112.47 44.77 60.27
CA PRO B 840 -111.88 43.54 60.77
C PRO B 840 -112.98 42.53 61.09
N TYR B 841 -112.76 41.26 60.73
CA TYR B 841 -113.73 40.21 61.08
C TYR B 841 -113.72 39.93 62.57
N GLY B 842 -112.52 39.84 63.14
CA GLY B 842 -112.32 39.50 64.54
C GLY B 842 -111.49 38.23 64.59
N THR B 843 -112.18 37.10 64.49
CA THR B 843 -111.58 35.78 64.44
C THR B 843 -110.71 35.67 63.17
N ASP B 844 -109.50 35.09 63.27
CA ASP B 844 -108.63 34.95 62.10
C ASP B 844 -109.02 33.73 61.29
N ILE B 845 -108.25 33.40 60.26
CA ILE B 845 -108.63 32.29 59.44
C ILE B 845 -107.74 31.10 59.68
N GLN B 846 -108.38 30.00 60.01
CA GLN B 846 -107.69 28.75 60.16
C GLN B 846 -107.84 28.07 58.81
N LEU B 847 -106.72 27.72 58.20
CA LEU B 847 -106.67 27.12 56.87
C LEU B 847 -106.05 25.77 56.93
N GLY B 848 -106.30 24.95 55.92
CA GLY B 848 -105.71 23.64 55.87
C GLY B 848 -106.47 22.72 54.95
N TYR B 849 -106.01 21.47 54.89
CA TYR B 849 -106.65 20.48 54.05
C TYR B 849 -106.60 19.13 54.76
N TYR B 850 -107.51 18.28 54.32
CA TYR B 850 -107.69 16.95 54.85
C TYR B 850 -107.87 16.02 53.70
N LEU B 851 -107.78 14.73 53.94
CA LEU B 851 -108.03 13.81 52.83
C LEU B 851 -109.40 13.18 52.89
N ASP B 852 -109.99 12.98 51.71
CA ASP B 852 -111.29 12.32 51.64
C ASP B 852 -111.13 10.81 51.61
N GLY B 853 -112.24 10.09 51.39
CA GLY B 853 -112.23 8.63 51.44
C GLY B 853 -111.38 7.94 50.37
N GLU B 854 -111.04 8.67 49.29
CA GLU B 854 -110.23 8.12 48.21
C GLU B 854 -108.79 8.59 48.34
N GLY B 855 -108.53 9.39 49.39
CA GLY B 855 -107.22 9.96 49.63
C GLY B 855 -106.95 11.27 48.88
N GLU B 856 -108.02 11.95 48.37
CA GLU B 856 -107.78 13.19 47.63
C GLU B 856 -107.77 14.36 48.58
N LYS B 857 -107.08 15.43 48.21
CA LYS B 857 -107.05 16.58 49.09
C LYS B 857 -108.33 17.38 49.01
N GLN B 858 -108.83 17.80 50.17
CA GLN B 858 -110.01 18.64 50.25
C GLN B 858 -109.80 19.80 51.23
N ASP B 859 -110.40 20.94 50.92
CA ASP B 859 -110.31 22.15 51.74
C ASP B 859 -111.04 22.01 53.08
N ARG B 860 -110.36 22.30 54.20
CA ARG B 860 -111.00 22.13 55.52
C ARG B 860 -112.22 23.02 55.71
N ARG B 861 -112.39 24.02 54.84
CA ARG B 861 -113.52 24.94 54.86
C ARG B 861 -114.85 24.22 54.61
N ASP B 862 -114.78 22.94 54.21
CA ASP B 862 -115.97 22.13 54.04
C ASP B 862 -116.79 22.05 55.32
N LEU B 863 -116.14 22.09 56.51
CA LEU B 863 -116.95 22.04 57.72
C LEU B 863 -117.43 23.40 58.16
N ASP B 864 -118.42 23.87 57.42
CA ASP B 864 -119.14 25.11 57.59
C ASP B 864 -120.35 24.78 58.45
N VAL B 865 -121.35 25.66 58.54
CA VAL B 865 -122.46 25.33 59.44
C VAL B 865 -123.17 24.05 59.06
N LEU B 866 -123.50 23.85 57.79
CA LEU B 866 -124.21 22.63 57.43
C LEU B 866 -123.32 21.43 57.63
N GLY B 867 -122.03 21.62 57.35
CA GLY B 867 -121.03 20.58 57.48
C GLY B 867 -120.95 20.06 58.89
N ALA B 868 -120.77 20.97 59.86
CA ALA B 868 -120.67 20.59 61.25
C ALA B 868 -122.01 19.99 61.76
N LEU B 869 -123.15 20.50 61.27
CA LEU B 869 -124.44 19.96 61.69
C LEU B 869 -124.57 18.51 61.24
N ASN B 870 -124.06 18.23 60.03
CA ASN B 870 -124.08 16.86 59.54
C ASN B 870 -123.04 16.00 60.25
N ALA B 871 -121.87 16.58 60.54
CA ALA B 871 -120.79 15.82 61.18
C ALA B 871 -121.15 15.32 62.57
N SER B 872 -121.91 16.14 63.30
CA SER B 872 -122.33 15.78 64.66
C SER B 872 -123.65 15.01 64.66
N ASP B 873 -124.21 14.77 63.48
CA ASP B 873 -125.50 14.07 63.31
C ASP B 873 -126.59 14.71 64.16
N GLY B 874 -126.65 16.04 64.16
CA GLY B 874 -127.68 16.72 64.95
C GLY B 874 -127.36 16.99 66.39
N ASN B 875 -126.17 16.60 66.85
CA ASN B 875 -125.90 16.90 68.22
C ASN B 875 -125.52 18.36 68.30
N ILE B 876 -126.52 19.15 68.67
CA ILE B 876 -126.38 20.59 68.76
C ILE B 876 -125.45 20.98 69.86
N GLN B 877 -125.43 20.28 70.96
CA GLN B 877 -124.49 20.72 71.97
C GLN B 877 -123.05 20.65 71.41
N GLU B 878 -122.76 19.62 70.60
CA GLU B 878 -121.44 19.51 69.97
C GLU B 878 -121.27 20.59 68.90
N TRP B 879 -122.34 20.84 68.15
CA TRP B 879 -122.33 21.83 67.09
C TRP B 879 -122.05 23.21 67.63
N MET B 880 -122.72 23.56 68.72
CA MET B 880 -122.60 24.85 69.33
C MET B 880 -121.24 25.03 69.95
N SER B 881 -120.65 23.95 70.47
CA SER B 881 -119.32 24.09 71.01
C SER B 881 -118.37 24.41 69.85
N TRP B 882 -118.57 23.71 68.72
CA TRP B 882 -117.80 23.95 67.51
C TRP B 882 -117.97 25.35 66.98
N TYR B 883 -119.21 25.80 66.92
CA TYR B 883 -119.54 27.09 66.38
C TYR B 883 -118.91 28.17 67.25
N GLY B 884 -119.10 28.11 68.57
CA GLY B 884 -118.58 29.10 69.51
C GLY B 884 -117.07 29.21 69.43
N THR B 885 -116.41 28.10 69.12
CA THR B 885 -114.95 28.07 69.01
C THR B 885 -114.41 29.18 68.10
N GLN B 886 -115.08 29.47 66.97
CA GLN B 886 -114.59 30.50 66.07
C GLN B 886 -115.43 31.79 66.07
N CYS B 887 -116.32 31.92 67.04
CA CYS B 887 -117.20 33.09 67.12
C CYS B 887 -116.92 33.93 68.36
N ASN B 888 -116.58 33.29 69.47
CA ASN B 888 -116.36 34.11 70.64
C ASN B 888 -114.95 34.62 70.60
N VAL B 889 -114.82 35.86 70.16
CA VAL B 889 -113.53 36.52 69.97
C VAL B 889 -112.77 36.72 71.27
N ALA B 890 -113.47 36.61 72.41
CA ALA B 890 -112.87 36.76 73.72
C ALA B 890 -112.00 35.58 74.11
N VAL B 891 -112.14 34.45 73.41
CA VAL B 891 -111.38 33.25 73.72
C VAL B 891 -109.99 33.39 73.15
N HIS B 892 -108.95 33.15 73.93
CA HIS B 892 -107.63 33.31 73.37
C HIS B 892 -107.53 32.45 72.10
N PRO B 893 -106.96 32.95 70.99
CA PRO B 893 -106.86 32.27 69.72
C PRO B 893 -106.15 30.94 69.75
N GLU B 894 -105.27 30.70 70.72
CA GLU B 894 -104.62 29.41 70.75
C GLU B 894 -105.63 28.34 71.13
N LEU B 895 -106.56 28.71 72.00
CA LEU B 895 -107.54 27.78 72.48
C LEU B 895 -108.51 27.57 71.37
N ARG B 896 -108.78 28.65 70.63
CA ARG B 896 -109.73 28.49 69.54
C ARG B 896 -109.18 27.52 68.51
N ALA B 897 -107.88 27.65 68.21
CA ALA B 897 -107.27 26.77 67.23
C ALA B 897 -107.19 25.33 67.70
N ARG B 898 -106.86 25.11 68.98
CA ARG B 898 -106.75 23.74 69.45
C ARG B 898 -108.10 23.04 69.43
N GLN B 899 -109.13 23.77 69.86
CA GLN B 899 -110.46 23.23 69.92
C GLN B 899 -110.94 22.92 68.52
N SER B 900 -110.62 23.79 67.55
CA SER B 900 -111.05 23.55 66.19
C SER B 900 -110.39 22.34 65.61
N LYS B 901 -109.10 22.15 65.91
CA LYS B 901 -108.39 20.99 65.42
C LYS B 901 -108.99 19.73 66.00
N ASN B 902 -109.40 19.78 67.28
CA ASN B 902 -110.01 18.62 67.89
C ASN B 902 -111.32 18.28 67.19
N PHE B 903 -112.10 19.31 66.84
CA PHE B 903 -113.36 19.07 66.15
C PHE B 903 -113.16 18.53 64.76
N ASP B 904 -112.16 19.06 64.03
CA ASP B 904 -111.97 18.57 62.67
C ASP B 904 -111.54 17.14 62.71
N ARG B 905 -110.71 16.74 63.67
CA ARG B 905 -110.34 15.34 63.66
C ARG B 905 -111.55 14.46 63.97
N GLN B 906 -112.41 14.90 64.91
CA GLN B 906 -113.59 14.12 65.27
C GLN B 906 -114.60 14.01 64.14
N TYR B 907 -114.86 15.14 63.54
CA TYR B 907 -115.72 15.39 62.39
C TYR B 907 -115.24 14.88 61.00
N LEU B 908 -113.93 14.66 60.78
CA LEU B 908 -113.36 14.14 59.54
C LEU B 908 -112.75 12.74 59.63
N GLY B 909 -112.56 12.17 60.83
CA GLY B 909 -111.96 10.83 60.92
C GLY B 909 -110.42 10.84 60.93
N ASN B 910 -109.85 11.85 61.58
CA ASN B 910 -108.39 12.05 61.70
C ASN B 910 -107.70 12.13 60.34
N SER B 911 -108.34 12.81 59.40
CA SER B 911 -107.82 12.97 58.06
C SER B 911 -107.15 14.31 57.78
N VAL B 912 -107.01 15.14 58.80
CA VAL B 912 -106.40 16.45 58.62
C VAL B 912 -104.91 16.27 58.52
N THR B 913 -104.29 17.00 57.62
CA THR B 913 -102.91 17.39 57.49
C THR B 913 -102.82 18.93 57.58
N TYR B 914 -102.53 19.51 58.72
CA TYR B 914 -102.63 20.93 58.99
C TYR B 914 -101.62 21.73 58.15
N THR B 915 -101.95 22.97 57.76
CA THR B 915 -101.10 23.75 56.84
C THR B 915 -100.85 25.22 57.24
N THR B 916 -101.85 26.10 57.40
CA THR B 916 -101.58 27.56 57.43
C THR B 916 -102.64 28.48 58.07
N ARG B 917 -102.35 29.78 58.00
CA ARG B 917 -103.03 30.99 58.52
C ARG B 917 -103.25 32.13 57.50
N ALA B 918 -104.36 32.87 57.68
CA ALA B 918 -104.69 34.06 56.88
C ALA B 918 -105.57 35.03 57.70
N HIS B 919 -105.72 36.27 57.21
CA HIS B 919 -106.55 37.26 57.91
C HIS B 919 -107.93 37.41 57.29
N ARG B 920 -108.94 37.69 58.10
CA ARG B 920 -110.27 37.87 57.51
C ARG B 920 -110.83 39.24 57.79
N GLY B 921 -111.52 39.76 56.80
CA GLY B 921 -112.21 41.02 56.98
C GLY B 921 -113.53 41.00 56.27
N ILE B 922 -114.39 41.93 56.66
CA ILE B 922 -115.73 42.08 56.12
C ILE B 922 -115.74 43.30 55.24
N TRP B 923 -116.20 43.18 54.01
CA TRP B 923 -116.12 44.35 53.17
C TRP B 923 -117.11 45.34 53.63
N ASN B 924 -116.72 46.61 53.65
CA ASN B 924 -117.69 47.61 53.97
C ASN B 924 -118.72 47.50 52.87
N PRO B 925 -120.01 47.23 53.14
CA PRO B 925 -121.03 47.08 52.12
C PRO B 925 -121.01 48.25 51.16
N LYS B 926 -120.67 49.45 51.66
CA LYS B 926 -120.64 50.60 50.80
C LYS B 926 -119.43 50.65 49.91
N PHE B 927 -118.29 50.06 50.31
CA PHE B 927 -117.11 50.09 49.47
C PHE B 927 -117.38 49.28 48.24
N ILE B 928 -117.90 48.08 48.44
CA ILE B 928 -118.16 47.19 47.32
C ILE B 928 -119.31 47.66 46.45
N GLU B 929 -120.40 48.11 47.04
CA GLU B 929 -121.49 48.59 46.21
C GLU B 929 -120.99 49.77 45.39
N ALA B 930 -120.24 50.67 46.04
CA ALA B 930 -119.66 51.83 45.40
C ALA B 930 -118.65 51.44 44.35
N LEU B 931 -117.91 50.36 44.55
CA LEU B 931 -116.93 49.97 43.55
C LEU B 931 -117.63 49.63 42.27
N ASP B 932 -118.72 48.86 42.38
CA ASP B 932 -119.44 48.48 41.17
C ASP B 932 -120.15 49.69 40.55
N LYS B 933 -120.75 50.56 41.37
CA LYS B 933 -121.43 51.72 40.82
C LYS B 933 -120.47 52.72 40.24
N ALA B 934 -119.33 52.93 40.88
CA ALA B 934 -118.36 53.90 40.45
C ALA B 934 -117.79 53.52 39.12
N ILE B 935 -117.54 52.22 38.91
CA ILE B 935 -117.13 51.77 37.60
C ILE B 935 -118.26 51.90 36.60
N ALA B 936 -119.46 51.45 36.94
CA ALA B 936 -120.56 51.51 36.00
C ALA B 936 -120.89 52.93 35.53
N SER B 937 -120.74 53.89 36.44
CA SER B 937 -121.06 55.30 36.24
C SER B 937 -120.16 56.01 35.26
N VAL B 938 -119.19 55.26 34.71
CA VAL B 938 -118.54 55.42 33.40
C VAL B 938 -118.60 54.06 32.63
N GLY B 939 -118.50 54.03 31.32
CA GLY B 939 -117.99 52.89 30.64
C GLY B 939 -119.00 51.78 30.49
N LEU B 940 -118.52 50.67 29.91
CA LEU B 940 -119.28 49.42 29.69
C LEU B 940 -119.91 48.92 30.98
N THR B 941 -121.23 48.70 30.99
CA THR B 941 -121.80 47.83 32.04
C THR B 941 -121.79 46.36 31.62
N VAL B 942 -121.64 45.46 32.59
CA VAL B 942 -121.65 44.01 32.35
C VAL B 942 -123.06 43.51 32.04
N ALA B 943 -123.23 42.76 30.95
CA ALA B 943 -124.48 42.06 30.66
C ALA B 943 -124.65 40.83 31.57
N MET B 944 -125.74 40.81 32.33
CA MET B 944 -126.12 39.78 33.31
C MET B 944 -126.73 38.53 32.64
N ASP B 945 -126.04 37.99 31.64
CA ASP B 945 -126.48 36.86 30.82
C ASP B 945 -126.62 35.52 31.60
N ASN B 946 -127.26 34.54 30.95
CA ASN B 946 -127.51 33.19 31.47
C ASN B 946 -128.26 33.18 32.82
N VAL B 947 -129.36 33.94 32.90
CA VAL B 947 -130.19 34.09 34.11
C VAL B 947 -130.80 32.76 34.57
N ALA B 948 -131.28 31.93 33.68
CA ALA B 948 -131.49 30.50 33.75
C ALA B 948 -132.32 29.91 34.91
N GLN B 949 -133.44 30.52 35.32
CA GLN B 949 -134.46 29.82 36.14
C GLN B 949 -135.38 29.00 35.24
N ALA C 413 -66.11 26.62 -11.55
CA ALA C 413 -66.66 26.71 -10.20
C ALA C 413 -65.89 27.77 -9.39
N GLY C 414 -64.54 27.84 -9.51
CA GLY C 414 -63.66 28.75 -8.74
C GLY C 414 -64.03 30.24 -8.90
N ASN C 415 -64.49 30.61 -10.09
CA ASN C 415 -64.87 32.00 -10.36
C ASN C 415 -66.16 32.36 -9.63
N LEU C 416 -66.95 31.34 -9.30
CA LEU C 416 -68.23 31.52 -8.67
C LEU C 416 -68.08 31.38 -7.19
N ASN C 417 -67.16 30.50 -6.78
CA ASN C 417 -66.94 30.20 -5.38
C ASN C 417 -66.46 31.41 -4.63
N SER C 418 -65.72 32.26 -5.34
CA SER C 418 -65.27 33.53 -4.79
C SER C 418 -66.34 34.21 -3.96
N ILE C 419 -67.58 34.22 -4.46
CA ILE C 419 -68.67 34.87 -3.75
C ILE C 419 -69.80 33.92 -3.29
N PHE C 420 -69.96 32.75 -3.91
CA PHE C 420 -71.12 31.95 -3.54
C PHE C 420 -70.82 30.88 -2.51
N GLN C 421 -69.56 30.83 -2.05
CA GLN C 421 -69.17 30.16 -0.82
C GLN C 421 -69.31 31.09 0.40
N ARG C 422 -69.49 32.41 0.19
CA ARG C 422 -69.45 33.34 1.32
C ARG C 422 -70.74 33.29 2.08
N SER C 423 -71.81 33.10 1.34
CA SER C 423 -73.14 33.07 1.86
C SER C 423 -73.55 31.62 2.00
N GLY C 424 -73.83 31.21 3.23
CA GLY C 424 -74.25 29.88 3.60
C GLY C 424 -73.13 28.86 3.82
N ARG C 425 -73.47 27.76 4.46
CA ARG C 425 -72.61 26.68 4.96
C ARG C 425 -73.25 25.34 4.56
N THR C 426 -72.52 24.24 4.54
CA THR C 426 -73.10 22.91 4.40
C THR C 426 -72.46 21.90 5.31
N ASP C 427 -73.09 20.74 5.39
CA ASP C 427 -72.59 19.58 6.08
C ASP C 427 -71.86 18.70 5.05
N GLY C 428 -71.42 17.51 5.46
CA GLY C 428 -70.73 16.61 4.54
C GLY C 428 -69.24 16.50 4.80
N GLY C 429 -68.56 15.76 3.91
CA GLY C 429 -67.13 15.48 4.06
C GLY C 429 -66.92 14.13 4.71
N ASP C 430 -65.65 13.77 4.89
CA ASP C 430 -65.27 12.49 5.44
C ASP C 430 -65.62 12.33 6.93
N ALA C 431 -66.40 11.30 7.23
CA ALA C 431 -66.83 11.04 8.60
C ALA C 431 -65.65 10.80 9.52
N ARG C 432 -64.56 10.20 9.01
CA ARG C 432 -63.38 9.96 9.85
C ARG C 432 -62.80 11.29 10.27
N ALA C 433 -62.80 12.26 9.36
CA ALA C 433 -62.26 13.57 9.67
C ALA C 433 -63.11 14.26 10.72
N SER C 434 -64.43 14.06 10.63
CA SER C 434 -65.32 14.66 11.62
C SER C 434 -65.05 14.02 12.98
N GLU C 435 -64.91 12.69 13.02
CA GLU C 435 -64.56 12.02 14.26
C GLU C 435 -63.25 12.53 14.82
N ALA C 436 -62.26 12.72 13.95
CA ALA C 436 -60.98 13.21 14.42
C ALA C 436 -61.10 14.61 15.00
N LEU C 437 -61.85 15.51 14.36
CA LEU C 437 -62.08 16.86 14.90
C LEU C 437 -62.75 16.79 16.26
N ALA C 438 -63.75 15.92 16.39
CA ALA C 438 -64.47 15.77 17.64
C ALA C 438 -63.62 15.20 18.77
N VAL C 439 -62.75 14.22 18.47
CA VAL C 439 -61.93 13.66 19.54
C VAL C 439 -60.89 14.68 19.94
N PHE C 440 -60.35 15.45 18.98
CA PHE C 440 -59.40 16.45 19.38
C PHE C 440 -60.06 17.54 20.21
N ASN C 441 -61.31 17.92 19.89
CA ASN C 441 -61.99 18.92 20.71
C ASN C 441 -62.19 18.41 22.13
N LYS C 442 -62.54 17.13 22.26
CA LYS C 442 -62.72 16.53 23.58
C LYS C 442 -61.44 16.59 24.39
N LEU C 443 -60.35 16.18 23.76
CA LEU C 443 -59.06 16.11 24.40
C LEU C 443 -58.56 17.49 24.74
N LYS C 444 -58.85 18.45 23.87
CA LYS C 444 -58.46 19.82 24.12
C LYS C 444 -59.08 20.25 25.43
N GLU C 445 -60.37 20.01 25.59
CA GLU C 445 -61.04 20.44 26.81
C GLU C 445 -60.52 19.70 28.03
N GLU C 446 -60.20 18.40 27.91
CA GLU C 446 -59.68 17.71 29.08
C GLU C 446 -58.34 18.29 29.51
N ALA C 447 -57.49 18.62 28.53
CA ALA C 447 -56.20 19.21 28.79
C ALA C 447 -56.34 20.58 29.43
N ILE C 448 -57.38 21.32 29.06
CA ILE C 448 -57.52 22.62 29.68
C ILE C 448 -57.93 22.42 31.13
N ALA C 449 -58.91 21.53 31.35
CA ALA C 449 -59.43 21.27 32.70
C ALA C 449 -58.37 20.79 33.66
N GLN C 450 -57.42 20.00 33.16
CA GLN C 450 -56.36 19.47 33.99
C GLN C 450 -55.11 20.31 34.01
N GLN C 451 -55.18 21.49 33.38
CA GLN C 451 -54.05 22.40 33.27
C GLN C 451 -52.83 21.80 32.59
N ASP C 452 -53.05 20.99 31.56
CA ASP C 452 -51.92 20.48 30.83
C ASP C 452 -51.69 21.47 29.70
N LEU C 453 -52.79 22.05 29.21
CA LEU C 453 -52.77 23.06 28.15
C LEU C 453 -53.52 24.31 28.52
N HIS C 454 -53.03 25.45 28.05
CA HIS C 454 -53.73 26.71 28.24
C HIS C 454 -54.79 26.88 27.19
N ASP C 455 -55.88 27.57 27.51
CA ASP C 455 -56.94 27.78 26.53
C ASP C 455 -56.59 29.01 25.71
N ASP C 456 -55.57 28.89 24.89
CA ASP C 456 -55.06 29.98 24.08
C ASP C 456 -54.87 29.60 22.62
N PHE C 457 -55.43 28.47 22.22
CA PHE C 457 -55.24 27.99 20.86
C PHE C 457 -56.53 27.51 20.25
N LEU C 458 -56.53 27.50 18.93
CA LEU C 458 -57.70 27.08 18.20
C LEU C 458 -57.43 25.85 17.35
N VAL C 459 -58.46 25.06 17.11
CA VAL C 459 -58.30 23.95 16.17
C VAL C 459 -59.34 24.17 15.08
N PHE C 460 -58.90 24.16 13.83
CA PHE C 460 -59.77 24.29 12.67
C PHE C 460 -59.85 23.02 11.85
N ARG C 461 -60.83 23.00 10.95
CA ARG C 461 -61.10 21.91 10.02
C ARG C 461 -60.61 22.26 8.62
N PHE C 462 -59.89 21.36 7.97
CA PHE C 462 -59.55 21.43 6.55
C PHE C 462 -60.19 20.22 5.86
N ASP C 463 -61.10 20.46 4.93
CA ASP C 463 -62.01 19.38 4.51
C ASP C 463 -62.30 19.34 3.01
N ARG C 464 -62.70 18.16 2.52
CA ARG C 464 -62.70 17.78 1.10
C ARG C 464 -63.65 18.63 0.27
N ASP C 465 -64.91 18.66 0.67
CA ASP C 465 -66.00 19.26 -0.11
C ASP C 465 -65.86 20.79 -0.25
N GLN C 466 -65.23 21.46 0.72
CA GLN C 466 -64.93 22.89 0.62
C GLN C 466 -63.68 23.17 -0.22
N ASN C 467 -62.58 22.42 -0.05
CA ASN C 467 -61.25 22.82 -0.54
C ASN C 467 -60.70 21.98 -1.69
N ARG C 468 -61.40 20.93 -2.16
CA ARG C 468 -60.94 19.99 -3.23
C ARG C 468 -59.54 19.41 -2.93
N VAL C 469 -59.43 18.79 -1.76
CA VAL C 469 -58.18 18.63 -1.00
C VAL C 469 -57.27 17.46 -1.36
N GLY C 470 -57.79 16.36 -1.91
CA GLY C 470 -57.13 15.07 -1.75
C GLY C 470 -57.36 14.53 -0.33
N TYR C 471 -56.41 14.73 0.60
CA TYR C 471 -56.53 14.30 2.00
C TYR C 471 -56.99 15.43 2.96
N SER C 472 -57.91 15.10 3.88
CA SER C 472 -58.44 15.98 4.90
C SER C 472 -57.40 16.17 5.96
N ALA C 473 -57.58 17.19 6.80
CA ALA C 473 -56.61 17.48 7.85
C ALA C 473 -57.24 18.30 8.96
N LEU C 474 -56.64 18.20 10.14
CA LEU C 474 -57.04 19.08 11.24
C LEU C 474 -55.94 20.12 11.32
N LEU C 475 -56.28 21.34 11.71
CA LEU C 475 -55.25 22.37 11.78
C LEU C 475 -55.08 22.96 13.17
N VAL C 476 -53.88 22.82 13.76
CA VAL C 476 -53.67 23.38 15.09
C VAL C 476 -53.09 24.77 14.93
N VAL C 477 -53.76 25.76 15.52
CA VAL C 477 -53.37 27.16 15.34
C VAL C 477 -53.12 28.07 16.55
N LYS C 478 -51.99 28.78 16.48
CA LYS C 478 -51.64 29.79 17.48
C LYS C 478 -51.48 31.10 16.76
N ARG C 479 -51.68 32.22 17.47
CA ARG C 479 -51.51 33.52 16.85
C ARG C 479 -50.76 34.50 17.73
N ALA C 480 -50.08 35.44 17.08
CA ALA C 480 -49.42 36.53 17.78
C ALA C 480 -49.23 37.72 16.84
N ALA C 481 -49.12 38.92 17.40
CA ALA C 481 -48.75 40.06 16.57
C ALA C 481 -47.29 40.36 16.91
N ILE C 482 -46.44 40.24 15.91
CA ILE C 482 -45.03 40.40 16.12
C ILE C 482 -44.48 41.61 15.40
N ASN C 483 -44.12 42.62 16.18
CA ASN C 483 -43.60 43.88 15.66
C ASN C 483 -44.54 44.47 14.63
N GLY C 484 -45.85 44.36 14.88
CA GLY C 484 -46.88 44.89 14.01
C GLY C 484 -47.42 43.91 12.96
N GLN C 485 -46.75 42.76 12.76
CA GLN C 485 -47.24 41.80 11.76
C GLN C 485 -48.14 40.78 12.40
N GLN C 486 -49.31 40.56 11.84
CA GLN C 486 -50.13 39.52 12.42
C GLN C 486 -49.64 38.20 11.90
N VAL C 487 -49.31 37.29 12.80
CA VAL C 487 -48.79 36.00 12.40
C VAL C 487 -49.64 34.84 12.91
N ILE C 488 -49.94 33.94 12.00
CA ILE C 488 -50.65 32.70 12.25
C ILE C 488 -49.67 31.59 12.12
N VAL C 489 -49.60 30.71 13.09
CA VAL C 489 -48.70 29.58 12.94
C VAL C 489 -49.53 28.34 12.98
N THR C 490 -49.26 27.42 12.07
CA THR C 490 -50.03 26.23 12.09
C THR C 490 -49.30 24.94 11.82
N ARG C 491 -49.88 23.89 12.37
CA ARG C 491 -49.43 22.52 12.15
C ARG C 491 -50.58 21.60 11.76
N PRO C 492 -50.73 21.28 10.47
CA PRO C 492 -51.72 20.38 9.91
C PRO C 492 -51.46 18.94 10.32
N LEU C 493 -52.53 18.19 10.49
CA LEU C 493 -52.45 16.76 10.75
C LEU C 493 -53.29 16.05 9.69
N VAL C 494 -52.61 15.41 8.74
CA VAL C 494 -53.24 14.85 7.55
C VAL C 494 -53.93 13.55 7.88
N MET C 495 -55.12 13.32 7.35
CA MET C 495 -55.85 12.10 7.65
C MET C 495 -56.27 11.24 6.44
N PRO C 496 -55.45 10.26 6.03
CA PRO C 496 -55.73 9.29 4.97
C PRO C 496 -56.90 8.42 5.41
N ASN C 497 -57.64 7.85 4.46
CA ASN C 497 -58.77 6.98 4.78
C ASN C 497 -58.73 5.76 3.87
N ASP C 498 -58.69 4.57 4.45
CA ASP C 498 -58.53 3.33 3.67
C ASP C 498 -59.76 2.98 2.83
N GLN C 499 -60.86 3.64 3.14
CA GLN C 499 -62.12 3.42 2.45
C GLN C 499 -62.34 4.43 1.33
N ILE C 500 -61.40 5.37 1.17
CA ILE C 500 -61.56 6.39 0.14
C ILE C 500 -60.51 6.29 -0.93
N THR C 501 -60.96 6.21 -2.17
CA THR C 501 -60.03 6.13 -3.27
C THR C 501 -59.57 7.52 -3.65
N LEU C 502 -58.27 7.68 -3.82
CA LEU C 502 -57.72 8.95 -4.25
C LEU C 502 -57.29 8.78 -5.69
N PRO C 503 -57.32 9.83 -6.51
CA PRO C 503 -56.79 9.85 -7.85
C PRO C 503 -55.31 9.57 -7.83
N THR C 504 -54.88 8.92 -8.90
CA THR C 504 -53.52 8.51 -9.14
C THR C 504 -52.74 9.37 -10.08
N LYS C 505 -51.42 9.22 -10.01
CA LYS C 505 -50.54 9.80 -11.01
C LYS C 505 -50.43 8.79 -12.11
N LYS C 506 -50.34 9.27 -13.34
CA LYS C 506 -50.09 8.38 -14.46
C LYS C 506 -48.61 8.46 -14.76
N LEU C 507 -47.89 7.44 -14.36
CA LEU C 507 -46.45 7.47 -14.48
C LEU C 507 -46.02 6.72 -15.72
N THR C 508 -45.54 7.46 -16.72
CA THR C 508 -45.16 6.82 -17.97
C THR C 508 -43.67 6.56 -17.89
N ILE C 509 -43.29 5.30 -18.04
CA ILE C 509 -41.92 4.92 -17.88
C ILE C 509 -41.34 4.30 -19.14
N GLN C 510 -40.21 4.83 -19.58
CA GLN C 510 -39.55 4.32 -20.77
C GLN C 510 -38.74 3.07 -20.44
N ASN C 511 -39.42 1.94 -20.46
CA ASN C 511 -38.76 0.70 -20.08
C ASN C 511 -38.06 0.12 -21.27
N GLY C 512 -36.81 0.48 -21.42
CA GLY C 512 -36.06 0.05 -22.58
C GLY C 512 -36.68 0.68 -23.81
N MET C 513 -37.12 -0.14 -24.74
CA MET C 513 -37.72 0.34 -25.98
C MET C 513 -39.23 0.60 -25.93
N HIS C 514 -39.88 0.35 -24.79
CA HIS C 514 -41.33 0.55 -24.74
C HIS C 514 -41.84 1.32 -23.53
N GLN C 515 -42.78 2.24 -23.75
CA GLN C 515 -43.37 2.96 -22.64
C GLN C 515 -44.58 2.26 -22.05
N GLU C 516 -44.53 2.08 -20.75
CA GLU C 516 -45.60 1.46 -19.97
C GLU C 516 -46.09 2.45 -18.94
N THR C 517 -47.35 2.35 -18.54
CA THR C 517 -47.82 3.27 -17.50
C THR C 517 -48.23 2.56 -16.23
N ILE C 518 -47.72 3.07 -15.11
CA ILE C 518 -48.07 2.56 -13.80
C ILE C 518 -48.84 3.64 -13.09
N GLU C 519 -50.00 3.32 -12.56
CA GLU C 519 -50.69 4.34 -11.84
C GLU C 519 -50.49 4.14 -10.36
N ALA C 520 -50.38 5.24 -9.64
CA ALA C 520 -50.24 5.13 -8.18
C ALA C 520 -50.95 6.26 -7.46
N GLU C 521 -51.60 5.91 -6.35
CA GLU C 521 -52.33 6.91 -5.57
C GLU C 521 -51.40 7.95 -5.05
N ALA C 522 -51.82 9.21 -5.10
CA ALA C 522 -50.94 10.25 -4.56
C ALA C 522 -50.70 10.00 -3.07
N ASP C 523 -49.43 10.11 -2.65
CA ASP C 523 -49.13 9.92 -1.24
C ASP C 523 -49.20 11.28 -0.55
N VAL C 524 -48.93 11.32 0.74
CA VAL C 524 -49.01 12.60 1.42
C VAL C 524 -48.01 13.62 0.86
N GLN C 525 -46.87 13.17 0.32
CA GLN C 525 -45.90 14.08 -0.29
C GLN C 525 -46.33 14.59 -1.66
N ASP C 526 -47.28 13.91 -2.28
CA ASP C 526 -47.74 14.28 -3.60
C ASP C 526 -48.92 15.22 -3.44
N VAL C 527 -49.68 15.02 -2.37
CA VAL C 527 -50.83 15.84 -2.06
C VAL C 527 -50.46 17.15 -1.39
N PHE C 528 -49.56 17.11 -0.41
CA PHE C 528 -49.23 18.34 0.30
C PHE C 528 -48.23 19.17 -0.51
N THR C 529 -48.76 19.78 -1.55
CA THR C 529 -48.02 20.58 -2.49
C THR C 529 -47.99 22.01 -2.01
N THR C 530 -47.20 22.86 -2.65
CA THR C 530 -47.15 24.25 -2.27
C THR C 530 -48.54 24.86 -2.29
N GLN C 531 -49.35 24.53 -3.29
CA GLN C 531 -50.67 25.09 -3.34
C GLN C 531 -51.57 24.56 -2.22
N TYR C 532 -51.38 23.29 -1.81
CA TYR C 532 -52.17 22.74 -0.70
C TYR C 532 -51.91 23.65 0.50
N TRP C 533 -50.61 23.96 0.71
CA TRP C 533 -50.19 24.87 1.78
C TRP C 533 -50.84 26.25 1.65
N ASN C 534 -50.89 26.78 0.42
CA ASN C 534 -51.52 28.07 0.23
C ASN C 534 -53.01 28.01 0.58
N ARG C 535 -53.71 26.93 0.24
CA ARG C 535 -55.12 26.81 0.65
C ARG C 535 -55.26 26.62 2.15
N ILE C 536 -54.27 26.04 2.83
CA ILE C 536 -54.32 26.00 4.30
C ILE C 536 -54.23 27.40 4.83
N CYS C 537 -53.30 28.20 4.29
CA CYS C 537 -53.12 29.57 4.70
C CYS C 537 -54.44 30.31 4.64
N ASP C 538 -55.08 30.22 3.49
CA ASP C 538 -56.32 30.98 3.31
C ASP C 538 -57.46 30.46 4.16
N SER C 539 -57.55 29.14 4.35
CA SER C 539 -58.64 28.58 5.12
C SER C 539 -58.54 28.99 6.58
N ILE C 540 -57.32 29.02 7.10
CA ILE C 540 -57.20 29.42 8.49
C ILE C 540 -57.51 30.88 8.60
N ARG C 541 -56.97 31.70 7.70
CA ARG C 541 -57.24 33.13 7.80
C ARG C 541 -58.74 33.41 7.82
N GLN C 542 -59.50 32.72 6.98
CA GLN C 542 -60.94 32.97 6.99
C GLN C 542 -61.60 32.50 8.29
N GLN C 543 -61.07 31.45 8.92
CA GLN C 543 -61.66 30.96 10.16
C GLN C 543 -61.19 31.77 11.40
N THR C 544 -60.05 32.48 11.31
CA THR C 544 -59.57 33.29 12.44
C THR C 544 -59.96 34.77 12.28
N GLY C 545 -60.21 35.18 11.04
CA GLY C 545 -60.58 36.54 10.69
C GLY C 545 -59.36 37.38 10.32
N LYS C 546 -58.18 36.82 10.50
CA LYS C 546 -56.97 37.58 10.21
C LYS C 546 -56.60 37.41 8.75
N HIS C 547 -57.36 38.10 7.92
CA HIS C 547 -57.31 37.98 6.48
C HIS C 547 -56.00 38.43 5.86
N ASP C 548 -55.28 39.33 6.52
CA ASP C 548 -54.00 39.80 6.02
C ASP C 548 -52.79 39.25 6.81
N ALA C 549 -52.99 38.19 7.59
CA ALA C 549 -51.89 37.61 8.38
C ALA C 549 -50.91 36.78 7.55
N MET C 550 -49.68 36.74 8.05
CA MET C 550 -48.62 35.90 7.50
C MET C 550 -48.79 34.53 8.12
N VAL C 551 -48.60 33.45 7.35
CA VAL C 551 -48.82 32.13 7.93
C VAL C 551 -47.54 31.26 7.91
N ILE C 552 -47.19 30.74 9.09
CA ILE C 552 -46.03 29.89 9.29
C ILE C 552 -46.36 28.41 9.28
N ASN C 553 -45.59 27.68 8.50
CA ASN C 553 -45.65 26.25 8.36
C ASN C 553 -44.76 25.62 9.40
N ALA C 554 -45.35 25.11 10.48
CA ALA C 554 -44.57 24.59 11.59
C ALA C 554 -44.12 23.16 11.35
N GLY C 555 -44.49 22.62 10.20
CA GLY C 555 -44.14 21.26 9.87
C GLY C 555 -45.36 20.39 10.13
N PRO C 556 -46.00 19.85 9.08
CA PRO C 556 -47.21 19.05 9.14
C PRO C 556 -46.88 17.67 9.63
N THR C 557 -47.91 16.95 10.04
CA THR C 557 -47.74 15.54 10.36
C THR C 557 -48.89 14.76 9.79
N VAL C 558 -48.94 13.46 10.11
CA VAL C 558 -49.92 12.54 9.56
C VAL C 558 -50.52 11.65 10.65
N ILE C 559 -51.84 11.43 10.56
CA ILE C 559 -52.56 10.48 11.39
C ILE C 559 -53.11 9.42 10.42
N PRO C 560 -52.39 8.30 10.20
CA PRO C 560 -52.60 7.27 9.21
C PRO C 560 -53.97 6.64 9.26
N ALA C 561 -54.48 6.08 8.18
CA ALA C 561 -55.85 5.59 8.11
C ALA C 561 -56.18 4.37 9.00
N ASP C 562 -55.17 3.60 9.38
CA ASP C 562 -55.26 2.17 9.68
C ASP C 562 -55.92 1.77 11.02
N PHE C 563 -56.08 2.69 11.97
CA PHE C 563 -56.18 2.33 13.39
C PHE C 563 -57.33 2.98 14.14
N ASP C 564 -57.67 2.39 15.28
CA ASP C 564 -58.73 2.90 16.17
C ASP C 564 -58.42 4.31 16.66
N LEU C 565 -59.39 5.21 16.54
CA LEU C 565 -59.34 6.55 17.15
C LEU C 565 -59.43 6.51 18.69
N LYS C 566 -59.43 5.32 19.28
CA LYS C 566 -59.57 5.07 20.73
C LYS C 566 -58.30 5.40 21.55
N ASP C 567 -57.15 5.60 20.92
CA ASP C 567 -55.93 6.04 21.63
C ASP C 567 -55.91 7.57 21.88
N GLU C 568 -56.77 7.96 22.81
CA GLU C 568 -56.83 9.28 23.36
C GLU C 568 -55.49 9.76 23.89
N LEU C 569 -54.66 8.85 24.40
CA LEU C 569 -53.37 9.32 24.89
C LEU C 569 -52.51 9.80 23.75
N VAL C 570 -52.48 9.04 22.65
CA VAL C 570 -51.68 9.51 21.53
C VAL C 570 -52.20 10.80 20.97
N LEU C 571 -53.50 10.89 20.82
CA LEU C 571 -54.08 12.09 20.25
C LEU C 571 -53.84 13.30 21.13
N LYS C 572 -53.92 13.12 22.45
CA LYS C 572 -53.66 14.22 23.38
C LYS C 572 -52.24 14.69 23.22
N GLN C 573 -51.29 13.74 23.13
CA GLN C 573 -49.91 14.11 22.97
C GLN C 573 -49.66 14.79 21.65
N LEU C 574 -50.35 14.35 20.58
CA LEU C 574 -50.14 15.02 19.31
C LEU C 574 -50.59 16.46 19.42
N LEU C 575 -51.68 16.70 20.15
CA LEU C 575 -52.14 18.08 20.27
C LEU C 575 -51.16 18.91 21.08
N ILE C 576 -50.63 18.34 22.16
CA ILE C 576 -49.72 19.11 22.98
C ILE C 576 -48.47 19.46 22.20
N LYS C 577 -47.92 18.47 21.52
CA LYS C 577 -46.72 18.65 20.73
C LYS C 577 -46.94 19.62 19.60
N SER C 578 -48.12 19.58 18.97
CA SER C 578 -48.38 20.49 17.87
C SER C 578 -48.44 21.92 18.37
N VAL C 579 -49.01 22.11 19.55
CA VAL C 579 -49.07 23.41 20.16
C VAL C 579 -47.65 23.89 20.45
N ASN C 580 -46.79 23.01 20.98
CA ASN C 580 -45.44 23.43 21.29
C ASN C 580 -44.64 23.81 20.07
N LEU C 581 -44.82 23.06 18.98
CA LEU C 581 -44.08 23.37 17.76
C LEU C 581 -44.53 24.71 17.23
N CYS C 582 -45.83 24.99 17.34
CA CYS C 582 -46.37 26.25 16.89
C CYS C 582 -45.77 27.41 17.70
N ASP C 583 -45.66 27.22 19.02
CA ASP C 583 -45.08 28.27 19.88
C ASP C 583 -43.63 28.52 19.56
N ASP C 584 -42.88 27.47 19.23
CA ASP C 584 -41.47 27.67 18.92
C ASP C 584 -41.30 28.44 17.65
N MET C 585 -42.19 28.20 16.67
CA MET C 585 -42.05 28.95 15.45
C MET C 585 -42.41 30.42 15.62
N LEU C 586 -43.40 30.72 16.49
CA LEU C 586 -43.69 32.14 16.73
C LEU C 586 -42.54 32.75 17.48
N ALA C 587 -41.95 31.98 18.39
CA ALA C 587 -40.82 32.45 19.16
C ALA C 587 -39.65 32.77 18.25
N LYS C 588 -39.44 31.94 17.22
CA LYS C 588 -38.38 32.24 16.28
C LYS C 588 -38.69 33.55 15.58
N ARG C 589 -39.93 33.69 15.11
CA ARG C 589 -40.36 34.89 14.40
C ARG C 589 -40.19 36.15 15.23
N SER C 590 -40.40 36.05 16.55
CA SER C 590 -40.29 37.18 17.47
C SER C 590 -38.86 37.43 17.96
N GLY C 591 -37.89 36.60 17.56
CA GLY C 591 -36.52 36.79 18.02
C GLY C 591 -36.15 36.17 19.36
N GLU C 592 -36.89 35.17 19.87
CA GLU C 592 -36.49 34.50 21.12
C GLU C 592 -35.01 34.08 21.08
N GLN C 593 -34.30 34.31 22.19
CA GLN C 593 -32.86 34.10 22.25
C GLN C 593 -32.49 32.61 22.07
N PRO C 594 -31.51 32.30 21.21
CA PRO C 594 -31.25 30.95 20.75
C PRO C 594 -30.66 30.06 21.84
N PHE C 595 -30.79 28.74 21.71
CA PHE C 595 -29.95 27.91 22.55
C PHE C 595 -28.51 28.05 22.21
N SER C 596 -27.66 28.15 23.22
CA SER C 596 -26.24 28.21 23.00
C SER C 596 -25.52 27.51 24.11
N VAL C 597 -24.27 27.15 23.80
CA VAL C 597 -23.41 26.42 24.74
C VAL C 597 -23.11 27.24 25.98
N ALA C 598 -23.28 28.54 25.87
CA ALA C 598 -23.04 29.45 26.98
C ALA C 598 -23.93 29.12 28.16
N MET C 599 -25.13 28.56 27.92
CA MET C 599 -26.03 28.28 29.04
C MET C 599 -25.79 26.89 29.60
N LEU C 600 -24.92 26.15 28.94
CA LEU C 600 -24.61 24.77 29.29
C LEU C 600 -23.26 24.71 30.00
N LYS C 601 -22.39 25.68 29.70
CA LYS C 601 -21.03 25.72 30.24
C LYS C 601 -21.00 26.20 31.69
N GLY C 602 -21.51 25.38 32.58
CA GLY C 602 -21.49 25.74 33.99
C GLY C 602 -20.05 25.59 34.45
N THR C 603 -19.64 26.36 35.45
CA THR C 603 -18.26 26.22 35.93
C THR C 603 -18.10 24.97 36.78
N ASP C 604 -19.23 24.43 37.20
CA ASP C 604 -19.36 23.24 37.98
C ASP C 604 -20.07 22.12 37.21
N GLU C 605 -20.11 22.20 35.87
CA GLU C 605 -20.85 21.28 35.01
C GLU C 605 -20.07 20.87 33.77
N THR C 606 -20.02 19.58 33.49
CA THR C 606 -19.41 19.06 32.27
C THR C 606 -20.35 18.08 31.62
N LEU C 607 -20.05 17.67 30.41
CA LEU C 607 -20.88 16.62 29.81
C LEU C 607 -20.19 15.28 29.77
N ALA C 608 -21.00 14.24 29.64
CA ALA C 608 -20.52 12.85 29.50
C ALA C 608 -21.54 12.10 28.67
N ALA C 609 -21.15 10.97 28.07
CA ALA C 609 -22.14 10.25 27.25
C ALA C 609 -22.00 8.75 27.34
N ARG C 610 -23.10 8.09 27.01
CA ARG C 610 -23.13 6.64 26.97
C ARG C 610 -23.71 6.12 25.67
N LEU C 611 -23.11 5.05 25.18
CA LEU C 611 -23.60 4.39 23.99
C LEU C 611 -24.35 3.12 24.41
N ASN C 612 -25.65 3.13 24.15
CA ASN C 612 -26.54 2.04 24.51
C ASN C 612 -26.69 1.07 23.35
N PHE C 613 -26.35 -0.21 23.53
CA PHE C 613 -26.49 -1.26 22.51
C PHE C 613 -27.71 -2.19 22.66
N THR C 614 -28.73 -1.79 23.39
CA THR C 614 -29.86 -2.66 23.72
C THR C 614 -30.67 -3.06 22.50
N GLY C 615 -31.11 -4.31 22.46
CA GLY C 615 -31.91 -4.87 21.36
C GLY C 615 -33.41 -4.56 21.41
N LYS C 616 -33.82 -3.28 21.51
CA LYS C 616 -35.25 -2.85 21.47
C LYS C 616 -35.48 -1.57 20.65
N PRO C 617 -36.63 -1.43 19.96
CA PRO C 617 -36.94 -0.30 19.09
C PRO C 617 -37.45 0.94 19.83
N MET C 618 -37.52 2.09 19.15
CA MET C 618 -38.15 3.29 19.69
C MET C 618 -39.48 3.46 19.01
N HIS C 619 -40.36 4.26 19.58
CA HIS C 619 -41.59 4.50 18.87
C HIS C 619 -41.75 5.98 18.60
N ASP C 620 -42.42 6.30 17.50
CA ASP C 620 -42.65 7.67 17.10
C ASP C 620 -43.88 8.22 17.79
N SER C 621 -44.30 9.41 17.36
CA SER C 621 -45.39 10.13 17.96
C SER C 621 -46.76 9.47 17.88
N LEU C 622 -46.94 8.47 17.00
CA LEU C 622 -48.23 7.80 16.98
C LEU C 622 -48.08 6.33 17.32
N GLY C 623 -46.98 5.98 17.99
CA GLY C 623 -46.77 4.60 18.43
C GLY C 623 -46.21 3.63 17.38
N TYR C 624 -45.59 4.13 16.30
CA TYR C 624 -45.06 3.21 15.30
C TYR C 624 -43.57 3.01 15.55
N PRO C 625 -43.01 1.82 15.27
CA PRO C 625 -41.62 1.46 15.55
C PRO C 625 -40.59 2.20 14.71
N ILE C 626 -39.44 2.43 15.34
CA ILE C 626 -38.25 3.03 14.74
C ILE C 626 -37.05 2.11 14.93
N ARG C 627 -36.40 1.76 13.82
CA ARG C 627 -35.21 0.91 13.88
C ARG C 627 -33.98 1.69 14.29
N SER C 628 -33.23 1.15 15.23
CA SER C 628 -31.92 1.66 15.55
C SER C 628 -31.10 0.56 16.16
N ASP C 629 -29.79 0.69 16.13
CA ASP C 629 -28.92 -0.23 16.82
C ASP C 629 -28.35 0.36 18.10
N ILE C 630 -28.07 1.66 18.06
CA ILE C 630 -27.41 2.33 19.15
C ILE C 630 -28.11 3.61 19.57
N LEU C 631 -28.34 3.77 20.87
CA LEU C 631 -28.89 5.04 21.31
C LEU C 631 -27.78 5.82 21.98
N VAL C 632 -27.53 7.03 21.49
CA VAL C 632 -26.46 7.82 22.09
C VAL C 632 -27.08 8.84 23.01
N SER C 633 -26.78 8.69 24.30
CA SER C 633 -27.38 9.54 25.33
C SER C 633 -26.37 10.49 25.93
N LEU C 634 -26.64 11.80 25.81
CA LEU C 634 -25.72 12.82 26.31
C LEU C 634 -26.27 13.40 27.60
N ASN C 635 -25.48 13.28 28.67
CA ASN C 635 -25.86 13.70 30.02
C ASN C 635 -25.06 14.88 30.62
N ARG C 636 -25.71 15.60 31.54
CA ARG C 636 -25.13 16.72 32.28
C ARG C 636 -24.60 16.29 33.64
N VAL C 637 -23.29 16.38 33.82
CA VAL C 637 -22.68 15.92 35.05
C VAL C 637 -22.21 17.09 35.91
N LYS C 638 -22.70 17.16 37.14
CA LYS C 638 -22.28 18.26 38.00
C LYS C 638 -21.42 17.82 39.16
N LYS C 639 -20.59 18.75 39.62
CA LYS C 639 -19.76 18.51 40.77
C LYS C 639 -20.65 18.33 42.00
N PRO C 640 -20.35 17.42 42.93
CA PRO C 640 -21.17 17.07 44.10
C PRO C 640 -21.11 18.08 45.25
N GLY C 641 -21.55 19.29 44.95
CA GLY C 641 -21.67 20.39 45.88
C GLY C 641 -23.15 20.68 46.03
N GLN C 642 -23.51 21.94 46.13
CA GLN C 642 -24.92 22.25 46.25
C GLN C 642 -25.54 22.17 44.87
N GLN C 643 -26.66 21.49 44.75
CA GLN C 643 -27.34 21.35 43.47
C GLN C 643 -28.79 21.74 43.66
N GLU C 644 -29.43 22.23 42.60
CA GLU C 644 -30.83 22.63 42.66
C GLU C 644 -31.73 21.46 43.03
N ASN C 645 -31.29 20.26 42.63
CA ASN C 645 -32.02 19.04 42.85
C ASN C 645 -32.04 18.59 44.30
N GLU C 646 -31.43 19.37 45.20
CA GLU C 646 -31.54 19.00 46.61
C GLU C 646 -33.01 19.07 47.05
N PHE C 647 -33.83 19.81 46.28
CA PHE C 647 -35.25 19.93 46.62
C PHE C 647 -36.15 19.07 45.74
N TYR C 648 -35.59 18.25 44.85
CA TYR C 648 -36.40 17.46 43.93
C TYR C 648 -35.75 16.25 43.28
N GLU C 649 -36.56 15.30 42.81
CA GLU C 649 -36.01 14.20 42.03
C GLU C 649 -35.55 14.78 40.72
N ALA C 650 -34.40 14.36 40.20
CA ALA C 650 -33.87 15.00 39.00
C ALA C 650 -33.14 14.01 38.12
N GLU C 651 -33.05 14.34 36.84
CA GLU C 651 -32.34 13.55 35.86
C GLU C 651 -31.39 14.44 35.08
N ASP C 652 -30.32 13.85 34.55
CA ASP C 652 -29.29 14.55 33.79
C ASP C 652 -29.36 14.45 32.26
N LYS C 653 -30.41 13.89 31.68
CA LYS C 653 -30.41 13.78 30.22
C LYS C 653 -30.56 15.13 29.54
N LEU C 654 -29.71 15.41 28.55
CA LEU C 654 -29.79 16.64 27.78
C LEU C 654 -30.46 16.38 26.44
N ASN C 655 -29.95 15.36 25.74
CA ASN C 655 -30.50 14.98 24.45
C ASN C 655 -30.13 13.55 24.04
N GLN C 656 -30.65 13.13 22.88
CA GLN C 656 -30.36 11.79 22.36
C GLN C 656 -30.45 11.66 20.84
N VAL C 657 -29.50 10.93 20.26
CA VAL C 657 -29.59 10.63 18.82
C VAL C 657 -29.62 9.12 18.63
N SER C 658 -30.61 8.68 17.86
CA SER C 658 -30.81 7.27 17.61
C SER C 658 -30.28 6.89 16.25
N CYS C 659 -29.31 5.98 16.24
CA CYS C 659 -28.68 5.58 14.98
C CYS C 659 -28.78 4.09 14.66
N PHE C 660 -28.88 3.82 13.38
CA PHE C 660 -28.86 2.51 12.78
C PHE C 660 -27.55 2.30 12.05
N VAL C 661 -26.96 1.09 12.14
CA VAL C 661 -25.73 0.87 11.41
C VAL C 661 -25.98 0.04 10.16
N ASN C 662 -25.79 0.67 9.01
CA ASN C 662 -26.05 0.04 7.74
C ASN C 662 -24.77 -0.52 7.15
N LEU C 663 -24.91 -1.17 5.99
CA LEU C 663 -23.80 -1.72 5.21
C LEU C 663 -24.08 -1.56 3.71
N GLU C 664 -23.22 -0.86 2.98
CA GLU C 664 -23.38 -0.69 1.54
C GLU C 664 -22.45 -1.64 0.80
N TYR C 665 -22.96 -2.42 -0.13
CA TYR C 665 -22.10 -3.37 -0.84
C TYR C 665 -21.50 -2.69 -2.04
N THR C 666 -20.16 -2.61 -2.04
CA THR C 666 -19.40 -1.90 -3.06
C THR C 666 -18.28 -2.77 -3.63
N PRO C 667 -18.58 -3.72 -4.53
CA PRO C 667 -17.64 -4.66 -5.12
C PRO C 667 -16.61 -3.90 -5.93
N GLN C 668 -15.42 -4.47 -6.08
CA GLN C 668 -14.37 -3.86 -6.90
C GLN C 668 -13.86 -4.83 -7.99
N PRO C 669 -14.58 -5.06 -9.16
CA PRO C 669 -14.26 -6.03 -10.22
C PRO C 669 -12.80 -5.97 -10.68
N GLN C 682 -7.49 -5.34 -1.95
CA GLN C 682 -8.75 -4.67 -2.24
C GLN C 682 -9.36 -4.22 -0.89
N LEU C 683 -10.53 -3.52 -0.94
CA LEU C 683 -11.31 -3.10 0.23
C LEU C 683 -12.20 -4.23 0.69
N PRO C 684 -12.54 -4.31 1.98
CA PRO C 684 -13.56 -5.16 2.48
C PRO C 684 -14.82 -4.73 1.69
N PRO C 685 -15.60 -5.63 1.07
CA PRO C 685 -16.80 -5.34 0.27
C PRO C 685 -17.94 -4.54 0.91
N LEU C 686 -18.07 -4.50 2.23
CA LEU C 686 -19.17 -3.72 2.81
C LEU C 686 -18.71 -2.45 3.52
N THR C 687 -19.29 -1.33 3.10
CA THR C 687 -18.98 -0.02 3.64
C THR C 687 -20.07 0.38 4.63
N PRO C 688 -19.79 0.47 5.91
CA PRO C 688 -20.78 0.73 6.92
C PRO C 688 -21.23 2.16 6.87
N ALA C 689 -22.39 2.41 7.45
CA ALA C 689 -22.88 3.78 7.59
C ALA C 689 -23.64 3.99 8.87
N ILE C 690 -23.52 5.20 9.40
CA ILE C 690 -24.26 5.56 10.58
C ILE C 690 -25.42 6.38 10.13
N VAL C 691 -26.60 5.83 10.30
CA VAL C 691 -27.79 6.47 9.80
C VAL C 691 -28.60 7.04 10.94
N ILE C 692 -28.85 8.33 10.91
CA ILE C 692 -29.65 8.88 11.96
C ILE C 692 -31.10 8.61 11.64
N THR C 693 -31.78 7.93 12.56
CA THR C 693 -33.18 7.58 12.32
C THR C 693 -34.06 8.49 13.14
N ASP C 694 -33.50 9.07 14.20
CA ASP C 694 -34.23 10.04 15.01
C ASP C 694 -33.28 10.95 15.81
N VAL C 695 -33.74 12.17 16.05
CA VAL C 695 -33.05 13.17 16.86
C VAL C 695 -34.02 13.73 17.89
N ARG C 696 -33.70 13.60 19.17
CA ARG C 696 -34.60 14.10 20.20
C ARG C 696 -33.88 14.92 21.25
N GLN C 697 -34.65 15.78 21.89
CA GLN C 697 -34.16 16.54 23.01
C GLN C 697 -34.65 15.81 24.23
N ALA C 698 -34.04 16.04 25.39
CA ALA C 698 -34.56 15.41 26.59
C ALA C 698 -35.97 15.90 26.84
N GLU C 699 -36.76 15.07 27.51
CA GLU C 699 -38.17 15.31 27.82
C GLU C 699 -38.38 16.54 28.69
N TRP C 700 -37.32 16.99 29.32
CA TRP C 700 -37.33 18.15 30.17
C TRP C 700 -37.46 19.44 29.38
N LEU C 701 -37.02 19.42 28.11
CA LEU C 701 -37.01 20.60 27.28
C LEU C 701 -38.17 20.64 26.31
N LYS C 702 -39.04 21.63 26.48
CA LYS C 702 -40.21 21.69 25.62
C LYS C 702 -39.92 22.14 24.18
N ALA C 703 -38.93 23.03 24.02
CA ALA C 703 -38.55 23.62 22.73
C ALA C 703 -37.84 22.69 21.75
N ASN C 704 -38.10 22.91 20.46
CA ASN C 704 -37.41 22.18 19.39
C ASN C 704 -36.94 23.17 18.31
N THR C 705 -35.66 23.49 18.33
CA THR C 705 -35.09 24.51 17.46
C THR C 705 -33.89 23.99 16.68
N MET C 706 -33.43 24.78 15.70
CA MET C 706 -32.28 24.40 14.88
C MET C 706 -31.02 24.24 15.70
N GLU C 707 -30.82 25.10 16.68
CA GLU C 707 -29.62 25.04 17.48
C GLU C 707 -29.61 23.78 18.31
N LEU C 708 -30.77 23.43 18.86
CA LEU C 708 -30.86 22.23 19.66
C LEU C 708 -30.66 20.97 18.84
N TYR C 709 -31.18 20.98 17.61
CA TYR C 709 -31.07 19.84 16.71
C TYR C 709 -29.60 19.61 16.38
N LEU C 710 -28.91 20.68 15.99
CA LEU C 710 -27.49 20.62 15.62
C LEU C 710 -26.60 20.23 16.75
N PHE C 711 -26.88 20.73 17.95
CA PHE C 711 -26.05 20.34 19.06
C PHE C 711 -26.20 18.82 19.26
N ALA C 712 -27.45 18.34 19.25
CA ALA C 712 -27.72 16.91 19.44
C ALA C 712 -27.07 16.05 18.36
N LEU C 713 -26.94 16.53 17.13
CA LEU C 713 -26.35 15.72 16.05
C LEU C 713 -24.92 15.30 16.34
N SER C 714 -24.23 16.00 17.23
CA SER C 714 -22.83 15.66 17.51
C SER C 714 -22.76 14.30 18.21
N ASN C 715 -23.92 13.84 18.71
CA ASN C 715 -24.04 12.56 19.36
C ASN C 715 -23.86 11.45 18.34
N ALA C 716 -24.29 11.67 17.08
CA ALA C 716 -24.11 10.63 16.11
C ALA C 716 -22.64 10.55 15.79
N PHE C 717 -22.00 11.71 15.72
CA PHE C 717 -20.58 11.70 15.35
C PHE C 717 -19.76 10.83 16.28
N ARG C 718 -20.00 10.98 17.56
CA ARG C 718 -19.24 10.27 18.58
C ARG C 718 -19.53 8.77 18.68
N VAL C 719 -20.56 8.27 17.98
CA VAL C 719 -20.90 6.86 18.07
C VAL C 719 -19.79 6.03 17.45
N THR C 720 -18.96 6.67 16.63
CA THR C 720 -17.90 5.95 15.97
C THR C 720 -16.59 6.07 16.70
N ALA C 721 -16.61 6.57 17.92
CA ALA C 721 -15.35 6.62 18.65
C ALA C 721 -14.82 5.19 18.71
N ASN C 722 -13.52 5.05 18.51
CA ASN C 722 -12.86 3.76 18.53
C ASN C 722 -13.58 2.81 17.56
N GLN C 723 -14.05 1.68 18.06
CA GLN C 723 -14.76 0.70 17.24
C GLN C 723 -16.08 0.40 17.89
N SER C 724 -16.56 1.33 18.70
CA SER C 724 -17.78 1.11 19.47
C SER C 724 -18.97 0.86 18.55
N TRP C 725 -19.04 1.58 17.46
CA TRP C 725 -20.15 1.46 16.53
C TRP C 725 -20.30 0.04 15.98
N ALA C 726 -19.22 -0.73 15.94
CA ALA C 726 -19.23 -2.05 15.33
C ALA C 726 -19.82 -3.10 16.23
N ARG C 727 -20.17 -2.73 17.46
CA ARG C 727 -20.77 -3.70 18.37
C ARG C 727 -22.15 -4.08 17.84
N SER C 728 -22.71 -3.23 16.99
CA SER C 728 -24.02 -3.43 16.38
C SER C 728 -24.00 -4.61 15.42
N LEU C 729 -22.81 -5.04 15.02
CA LEU C 729 -22.66 -6.12 14.08
C LEU C 729 -22.50 -7.46 14.78
N LEU C 730 -22.48 -7.46 16.13
CA LEU C 730 -22.33 -8.73 16.86
C LEU C 730 -23.55 -9.64 16.71
N PRO C 731 -23.34 -10.95 16.81
CA PRO C 731 -24.39 -11.87 17.24
C PRO C 731 -24.78 -11.61 18.69
N GLN C 732 -25.99 -12.06 19.05
CA GLN C 732 -26.59 -11.96 20.39
C GLN C 732 -27.30 -13.26 20.79
N LEU C 733 -27.61 -13.42 22.09
CA LEU C 733 -27.98 -14.68 22.76
C LEU C 733 -29.03 -15.54 22.05
N GLY C 734 -28.72 -16.83 21.86
CA GLY C 734 -29.67 -17.95 21.76
C GLY C 734 -30.60 -18.02 20.53
N LYS C 735 -30.68 -16.98 19.70
CA LYS C 735 -31.58 -16.88 18.54
C LYS C 735 -31.33 -17.99 17.52
N VAL C 736 -32.34 -18.83 17.27
CA VAL C 736 -32.24 -20.01 16.39
C VAL C 736 -32.17 -19.64 14.91
N LYS C 737 -33.08 -18.76 14.45
CA LYS C 737 -33.08 -18.15 13.11
C LYS C 737 -33.55 -16.71 13.22
N ASP C 738 -32.66 -15.72 13.14
CA ASP C 738 -33.05 -14.29 13.18
C ASP C 738 -32.19 -13.41 12.27
N MET C 739 -32.73 -12.26 11.89
CA MET C 739 -32.36 -11.53 10.67
C MET C 739 -31.04 -10.72 10.68
N ARG C 740 -30.42 -10.25 11.78
CA ARG C 740 -29.34 -9.28 11.63
C ARG C 740 -28.01 -9.98 11.78
N ASP C 741 -28.04 -11.31 11.78
CA ASP C 741 -26.88 -12.14 11.98
C ASP C 741 -25.77 -11.85 10.98
N ILE C 742 -24.60 -11.50 11.52
CA ILE C 742 -23.42 -11.21 10.74
C ILE C 742 -23.00 -12.40 9.94
N GLY C 743 -23.38 -13.58 10.36
CA GLY C 743 -22.98 -14.76 9.63
C GLY C 743 -23.51 -14.78 8.21
N ALA C 744 -24.52 -13.95 7.92
CA ALA C 744 -25.07 -13.86 6.58
C ALA C 744 -24.05 -13.29 5.61
N ILE C 745 -23.07 -12.58 6.16
CA ILE C 745 -22.04 -11.87 5.45
C ILE C 745 -21.16 -12.85 4.70
N GLY C 746 -21.17 -14.11 5.16
CA GLY C 746 -20.40 -15.19 4.56
C GLY C 746 -20.92 -15.53 3.18
N TYR C 747 -22.14 -15.07 2.85
CA TYR C 747 -22.67 -15.35 1.54
C TYR C 747 -22.07 -14.41 0.50
N LEU C 748 -21.60 -13.23 0.93
CA LEU C 748 -21.01 -12.29 -0.02
C LEU C 748 -19.50 -12.45 -0.03
N SER C 749 -18.94 -12.96 1.08
CA SER C 749 -17.52 -13.18 1.21
C SER C 749 -17.17 -14.45 0.44
N ARG C 750 -15.88 -14.74 0.37
CA ARG C 750 -15.36 -15.93 -0.32
C ARG C 750 -16.05 -17.24 0.09
N LEU C 751 -16.55 -17.31 1.31
CA LEU C 751 -17.15 -18.54 1.80
C LEU C 751 -18.38 -18.95 1.02
N ALA C 752 -19.16 -17.99 0.53
CA ALA C 752 -20.42 -18.25 -0.16
C ALA C 752 -21.29 -19.16 0.71
N ALA C 753 -21.30 -18.88 2.00
CA ALA C 753 -22.03 -19.68 2.96
C ALA C 753 -22.33 -18.91 4.21
N ARG C 754 -23.34 -19.32 4.96
CA ARG C 754 -23.56 -18.65 6.23
C ARG C 754 -22.49 -19.13 7.18
N VAL C 755 -21.97 -18.21 7.95
CA VAL C 755 -20.95 -18.51 8.95
C VAL C 755 -21.66 -19.07 10.16
N GLU C 756 -21.13 -20.11 10.75
CA GLU C 756 -21.76 -20.63 11.94
C GLU C 756 -21.40 -19.73 13.11
N THR C 757 -22.26 -18.72 13.34
CA THR C 757 -22.02 -17.68 14.33
C THR C 757 -22.84 -17.76 15.62
N LYS C 758 -23.94 -18.47 15.61
CA LYS C 758 -24.85 -18.49 16.76
C LYS C 758 -24.53 -19.57 17.78
N THR C 759 -23.50 -20.36 17.52
CA THR C 759 -23.24 -21.54 18.33
C THR C 759 -22.07 -21.27 19.26
N GLU C 760 -21.88 -22.21 20.18
CA GLU C 760 -20.82 -22.17 21.19
C GLU C 760 -19.43 -22.34 20.63
N THR C 761 -19.31 -22.70 19.34
CA THR C 761 -18.01 -22.91 18.74
C THR C 761 -17.52 -21.66 17.99
N PHE C 762 -18.34 -20.60 17.96
CA PHE C 762 -17.93 -19.37 17.28
C PHE C 762 -17.24 -18.48 18.31
N THR C 763 -16.05 -18.02 17.98
CA THR C 763 -15.25 -17.23 18.90
C THR C 763 -15.29 -15.74 18.61
N ASP C 764 -14.80 -14.97 19.57
CA ASP C 764 -14.65 -13.51 19.45
C ASP C 764 -13.65 -13.21 18.34
N GLN C 765 -12.62 -14.05 18.24
CA GLN C 765 -11.62 -13.89 17.22
C GLN C 765 -12.22 -14.12 15.85
N ASN C 766 -13.13 -15.08 15.74
CA ASN C 766 -13.71 -15.33 14.41
C ASN C 766 -14.59 -14.15 14.02
N PHE C 767 -15.27 -13.56 15.01
CA PHE C 767 -16.09 -12.39 14.74
C PHE C 767 -15.24 -11.25 14.21
N ALA C 768 -14.14 -10.99 14.91
CA ALA C 768 -13.27 -9.91 14.51
C ALA C 768 -12.77 -10.10 13.10
N GLU C 769 -12.46 -11.35 12.74
CA GLU C 769 -11.99 -11.67 11.41
C GLU C 769 -13.05 -11.43 10.35
N LEU C 770 -14.33 -11.70 10.67
CA LEU C 770 -15.35 -11.45 9.65
C LEU C 770 -15.35 -9.96 9.36
N LEU C 771 -15.27 -9.15 10.42
CA LEU C 771 -15.21 -7.72 10.16
C LEU C 771 -13.94 -7.29 9.46
N TYR C 772 -12.79 -7.87 9.80
CA TYR C 772 -11.55 -7.43 9.19
C TYR C 772 -11.58 -7.62 7.68
N ASN C 773 -12.14 -8.74 7.24
CA ASN C 773 -12.19 -9.02 5.82
C ASN C 773 -13.41 -8.45 5.08
N MET C 774 -14.57 -8.36 5.73
CA MET C 774 -15.79 -7.87 5.07
C MET C 774 -16.24 -6.44 5.33
N VAL C 775 -15.87 -5.80 6.44
CA VAL C 775 -16.40 -4.48 6.75
C VAL C 775 -15.32 -3.41 6.90
N ARG C 776 -15.47 -2.33 6.14
CA ARG C 776 -14.51 -1.25 6.21
C ARG C 776 -14.63 -0.57 7.58
N PRO C 777 -13.52 -0.28 8.27
CA PRO C 777 -13.47 0.29 9.62
C PRO C 777 -14.02 1.71 9.82
N SER C 778 -14.19 2.48 8.75
CA SER C 778 -14.67 3.86 8.86
C SER C 778 -16.00 4.06 8.12
N PRO C 779 -17.14 4.18 8.83
CA PRO C 779 -18.47 4.32 8.27
C PRO C 779 -18.77 5.70 7.72
N VAL C 780 -19.75 5.73 6.84
CA VAL C 780 -20.30 6.96 6.26
C VAL C 780 -21.44 7.51 7.10
N PHE C 781 -21.42 8.79 7.43
CA PHE C 781 -22.55 9.36 8.19
C PHE C 781 -23.64 9.85 7.25
N MET C 782 -24.88 9.55 7.60
CA MET C 782 -26.04 9.96 6.82
C MET C 782 -27.30 10.05 7.68
N SER C 783 -28.37 10.60 7.12
CA SER C 783 -29.61 10.74 7.87
C SER C 783 -30.89 10.68 7.04
N ASP C 784 -31.97 10.33 7.74
CA ASP C 784 -33.30 10.30 7.16
C ASP C 784 -34.14 11.51 7.59
N LEU C 785 -34.50 12.35 6.61
CA LEU C 785 -35.24 13.59 6.88
C LEU C 785 -36.73 13.46 6.49
N ASN C 786 -37.60 13.51 7.50
CA ASN C 786 -39.02 13.26 7.26
C ASN C 786 -39.84 14.55 7.25
N ARG C 787 -40.39 14.90 6.09
CA ARG C 787 -41.12 16.14 5.91
C ARG C 787 -42.32 16.29 6.81
N PHE C 788 -42.83 15.15 7.27
CA PHE C 788 -43.99 15.04 8.12
C PHE C 788 -43.67 14.56 9.55
N GLY C 789 -42.39 14.58 9.93
CA GLY C 789 -42.04 14.15 11.29
C GLY C 789 -42.16 15.30 12.29
N ASP C 790 -41.91 15.04 13.57
CA ASP C 790 -42.06 16.10 14.57
C ASP C 790 -40.97 17.17 14.47
N ASN C 791 -39.88 16.82 13.81
CA ASN C 791 -38.78 17.74 13.62
C ASN C 791 -38.85 18.35 12.24
N ALA C 792 -39.97 18.16 11.53
CA ALA C 792 -40.09 18.59 10.14
C ALA C 792 -39.78 20.05 9.93
N ALA C 793 -40.10 20.91 10.88
CA ALA C 793 -39.79 22.31 10.66
C ALA C 793 -38.30 22.51 10.41
N ILE C 794 -37.47 21.69 11.06
CA ILE C 794 -36.03 21.78 10.98
C ILE C 794 -35.49 20.86 9.89
N GLU C 795 -36.01 19.63 9.83
CA GLU C 795 -35.53 18.64 8.88
C GLU C 795 -35.77 19.10 7.45
N ASN C 796 -36.84 19.87 7.25
CA ASN C 796 -37.17 20.41 5.93
C ASN C 796 -36.13 21.44 5.48
N VAL C 797 -35.40 22.05 6.43
CA VAL C 797 -34.39 23.02 6.08
C VAL C 797 -33.23 22.20 5.57
N PHE C 798 -32.93 21.12 6.29
CA PHE C 798 -31.85 20.23 5.88
C PHE C 798 -32.16 19.61 4.52
N ILE C 799 -33.44 19.32 4.25
CA ILE C 799 -33.77 18.80 2.93
C ILE C 799 -33.51 19.89 1.90
N ASP C 800 -33.95 21.13 2.16
CA ASP C 800 -33.74 22.21 1.19
C ASP C 800 -32.27 22.59 1.01
N ALA C 801 -31.44 22.28 2.01
CA ALA C 801 -30.00 22.52 1.90
C ALA C 801 -29.38 21.70 0.76
N LEU C 802 -30.11 20.69 0.27
CA LEU C 802 -29.69 19.80 -0.81
C LEU C 802 -29.85 20.41 -2.21
N GLY C 803 -30.68 21.46 -2.37
CA GLY C 803 -30.89 22.01 -3.71
C GLY C 803 -32.16 22.87 -3.78
N GLY C 804 -32.56 23.25 -4.99
CA GLY C 804 -33.77 24.05 -5.14
C GLY C 804 -33.56 25.54 -5.04
N VAL C 805 -34.66 26.28 -5.10
CA VAL C 805 -34.65 27.74 -5.13
C VAL C 805 -34.06 28.38 -3.88
N ASN C 806 -34.22 27.73 -2.74
CA ASN C 806 -33.70 28.27 -1.52
C ASN C 806 -32.51 27.49 -0.99
N GLN C 807 -31.76 26.78 -1.84
CA GLN C 807 -30.67 26.00 -1.26
C GLN C 807 -29.71 26.81 -0.42
N GLN C 808 -29.32 27.98 -0.89
CA GLN C 808 -28.32 28.76 -0.15
C GLN C 808 -28.93 29.38 1.10
N ARG C 809 -30.25 29.47 1.13
CA ARG C 809 -30.92 30.08 2.25
C ARG C 809 -31.11 29.04 3.33
N ALA C 810 -31.35 27.79 2.89
CA ALA C 810 -31.48 26.67 3.80
C ALA C 810 -30.14 26.46 4.48
N VAL C 811 -29.07 26.55 3.67
CA VAL C 811 -27.74 26.50 4.24
C VAL C 811 -27.50 27.65 5.18
N ALA C 812 -27.88 28.87 4.80
CA ALA C 812 -27.64 29.96 5.73
C ALA C 812 -28.34 29.72 7.07
N ALA C 813 -29.56 29.15 7.06
CA ALA C 813 -30.27 28.88 8.31
C ALA C 813 -29.57 27.86 9.20
N ILE C 814 -28.97 26.84 8.59
CA ILE C 814 -28.28 25.79 9.32
C ILE C 814 -26.96 26.30 9.87
N ILE C 815 -26.22 27.01 9.02
CA ILE C 815 -24.92 27.53 9.40
C ILE C 815 -25.11 28.55 10.49
N ALA C 816 -26.14 29.40 10.37
CA ALA C 816 -26.45 30.33 11.44
C ALA C 816 -26.76 29.59 12.71
N GLY C 817 -27.51 28.48 12.64
CA GLY C 817 -27.80 27.72 13.83
C GLY C 817 -26.53 27.19 14.49
N VAL C 818 -25.55 26.77 13.68
CA VAL C 818 -24.34 26.26 14.32
C VAL C 818 -23.64 27.43 14.99
N ASN C 819 -23.57 28.56 14.28
CA ASN C 819 -22.92 29.74 14.83
C ASN C 819 -23.62 30.30 16.04
N ASN C 820 -24.95 30.11 16.13
CA ASN C 820 -25.64 30.59 17.31
C ASN C 820 -25.21 29.73 18.49
N LEU C 821 -24.99 28.43 18.24
CA LEU C 821 -24.53 27.56 19.31
C LEU C 821 -23.17 27.92 19.84
N ILE C 822 -22.26 28.26 18.92
CA ILE C 822 -20.87 28.50 19.31
C ILE C 822 -20.38 29.97 19.38
N GLY C 823 -21.18 30.96 18.97
CA GLY C 823 -20.72 32.35 19.01
C GLY C 823 -19.90 32.73 17.77
N GLY C 824 -20.18 32.04 16.67
CA GLY C 824 -19.49 32.24 15.40
C GLY C 824 -18.28 31.32 15.20
N GLY C 825 -17.76 31.26 13.97
CA GLY C 825 -16.58 30.44 13.71
C GLY C 825 -16.81 29.04 13.10
N PHE C 826 -18.04 28.66 12.73
CA PHE C 826 -18.21 27.34 12.14
C PHE C 826 -17.41 27.25 10.86
N GLU C 827 -17.40 28.37 10.14
CA GLU C 827 -16.74 28.60 8.88
C GLU C 827 -15.23 28.35 8.92
N LYS C 828 -14.66 28.27 10.12
CA LYS C 828 -13.24 28.03 10.28
C LYS C 828 -12.95 26.53 10.27
N PHE C 829 -14.01 25.73 10.39
CA PHE C 829 -13.91 24.27 10.43
C PHE C 829 -14.56 23.68 9.17
N PHE C 830 -15.56 24.38 8.64
CA PHE C 830 -16.31 23.99 7.46
C PHE C 830 -16.75 25.19 6.64
N ASP C 831 -16.17 25.36 5.47
CA ASP C 831 -16.57 26.46 4.62
C ASP C 831 -17.82 26.12 3.82
N HIS C 832 -18.94 26.71 4.20
CA HIS C 832 -20.23 26.41 3.60
C HIS C 832 -20.37 27.06 2.23
N ASN C 833 -19.41 27.91 1.87
CA ASN C 833 -19.42 28.50 0.55
C ASN C 833 -18.60 27.68 -0.42
N THR C 834 -18.04 26.58 0.06
CA THR C 834 -17.25 25.66 -0.75
C THR C 834 -17.89 24.28 -0.75
N MET C 835 -18.47 23.89 0.38
CA MET C 835 -18.99 22.55 0.55
C MET C 835 -20.46 22.54 1.00
N PRO C 836 -21.29 21.59 0.53
CA PRO C 836 -22.67 21.37 0.92
C PRO C 836 -22.71 20.80 2.32
N ILE C 837 -23.80 21.06 3.04
CA ILE C 837 -23.97 20.46 4.37
C ILE C 837 -24.27 18.98 4.25
N ILE C 838 -25.20 18.66 3.35
CA ILE C 838 -25.64 17.29 3.08
C ILE C 838 -25.59 17.08 1.56
N GLN C 839 -25.07 15.95 1.11
CA GLN C 839 -25.10 15.65 -0.30
C GLN C 839 -26.33 14.75 -0.52
N PRO C 840 -27.10 14.87 -1.61
CA PRO C 840 -28.24 14.00 -1.87
C PRO C 840 -27.82 12.55 -1.91
N TYR C 841 -28.61 11.65 -1.30
CA TYR C 841 -28.31 10.22 -1.37
C TYR C 841 -28.52 9.67 -2.78
N GLY C 842 -29.65 10.08 -3.38
CA GLY C 842 -30.08 9.60 -4.68
C GLY C 842 -31.42 8.92 -4.52
N THR C 843 -31.37 7.65 -4.15
CA THR C 843 -32.54 6.85 -3.85
C THR C 843 -33.28 7.44 -2.64
N ASP C 844 -34.62 7.54 -2.68
CA ASP C 844 -35.38 8.09 -1.56
C ASP C 844 -35.60 7.02 -0.50
N ILE C 845 -36.37 7.35 0.54
CA ILE C 845 -36.55 6.40 1.60
C ILE C 845 -37.91 5.78 1.56
N GLN C 846 -37.92 4.46 1.50
CA GLN C 846 -39.15 3.71 1.57
C GLN C 846 -39.28 3.34 3.05
N LEU C 847 -40.40 3.73 3.65
CA LEU C 847 -40.65 3.52 5.07
C LEU C 847 -41.86 2.67 5.26
N GLY C 848 -41.99 2.08 6.43
CA GLY C 848 -43.15 1.28 6.73
C GLY C 848 -42.90 0.31 7.85
N TYR C 849 -43.91 -0.50 8.14
CA TYR C 849 -43.80 -1.48 9.20
C TYR C 849 -44.54 -2.74 8.79
N TYR C 850 -44.15 -3.81 9.45
CA TYR C 850 -44.68 -5.13 9.22
C TYR C 850 -44.92 -5.77 10.55
N LEU C 851 -45.65 -6.87 10.59
CA LEU C 851 -45.81 -7.54 11.87
C LEU C 851 -44.94 -8.76 12.02
N ASP C 852 -44.47 -8.97 13.25
CA ASP C 852 -43.66 -10.15 13.52
C ASP C 852 -44.53 -11.35 13.87
N GLY C 853 -43.92 -12.46 14.28
CA GLY C 853 -44.66 -13.70 14.54
C GLY C 853 -45.67 -13.63 15.69
N GLU C 854 -45.55 -12.63 16.56
CA GLU C 854 -46.46 -12.47 17.69
C GLU C 854 -47.48 -11.38 17.38
N GLY C 855 -47.38 -10.80 16.17
CA GLY C 855 -48.25 -9.71 15.75
C GLY C 855 -47.78 -8.32 16.20
N GLU C 856 -46.51 -8.18 16.61
CA GLU C 856 -46.05 -6.85 17.06
C GLU C 856 -45.53 -6.06 15.88
N LYS C 857 -45.59 -4.74 15.98
CA LYS C 857 -45.10 -3.93 14.89
C LYS C 857 -43.58 -3.88 14.87
N GLN C 858 -43.01 -4.01 13.68
CA GLN C 858 -41.56 -3.90 13.48
C GLN C 858 -41.24 -3.02 12.28
N ASP C 859 -40.14 -2.29 12.38
CA ASP C 859 -39.67 -1.39 11.32
C ASP C 859 -39.17 -2.15 10.09
N ARG C 860 -39.67 -1.80 8.89
CA ARG C 860 -39.29 -2.53 7.68
C ARG C 860 -37.80 -2.44 7.36
N ARG C 861 -37.10 -1.49 8.02
CA ARG C 861 -35.67 -1.27 7.86
C ARG C 861 -34.86 -2.49 8.34
N ASP C 862 -35.53 -3.45 8.99
CA ASP C 862 -34.88 -4.69 9.40
C ASP C 862 -34.29 -5.43 8.20
N LEU C 863 -34.90 -5.32 7.00
CA LEU C 863 -34.30 -6.01 5.88
C LEU C 863 -33.23 -5.20 5.19
N ASP C 864 -32.09 -5.14 5.87
CA ASP C 864 -30.86 -4.47 5.48
C ASP C 864 -30.02 -5.52 4.78
N VAL C 865 -28.73 -5.30 4.56
CA VAL C 865 -27.99 -6.31 3.82
C VAL C 865 -27.98 -7.66 4.50
N LEU C 866 -27.72 -7.73 5.78
CA LEU C 866 -27.67 -9.04 6.43
C LEU C 866 -29.06 -9.65 6.44
N GLY C 867 -30.07 -8.79 6.60
CA GLY C 867 -31.46 -9.21 6.64
C GLY C 867 -31.86 -9.90 5.36
N ALA C 868 -31.63 -9.25 4.23
CA ALA C 868 -31.96 -9.82 2.94
C ALA C 868 -31.14 -11.08 2.64
N LEU C 869 -29.87 -11.10 3.07
CA LEU C 869 -29.04 -12.30 2.84
C LEU C 869 -29.62 -13.49 3.60
N ASN C 870 -30.13 -13.23 4.81
CA ASN C 870 -30.76 -14.28 5.58
C ASN C 870 -32.13 -14.64 5.00
N ALA C 871 -32.88 -13.65 4.54
CA ALA C 871 -34.22 -13.88 4.01
C ALA C 871 -34.23 -14.77 2.77
N SER C 872 -33.21 -14.61 1.92
CA SER C 872 -33.10 -15.39 0.70
C SER C 872 -32.34 -16.70 0.94
N ASP C 873 -31.90 -16.94 2.18
CA ASP C 873 -31.11 -18.12 2.55
C ASP C 873 -29.90 -18.30 1.65
N GLY C 874 -29.19 -17.20 1.37
CA GLY C 874 -28.01 -17.31 0.53
C GLY C 874 -28.24 -17.21 -0.96
N ASN C 875 -29.48 -17.06 -1.39
CA ASN C 875 -29.64 -16.97 -2.82
C ASN C 875 -29.26 -15.56 -3.21
N ILE C 876 -28.02 -15.46 -3.68
CA ILE C 876 -27.44 -14.20 -4.08
C ILE C 876 -28.12 -13.63 -5.27
N GLN C 877 -28.54 -14.45 -6.22
CA GLN C 877 -29.19 -13.82 -7.35
C GLN C 877 -30.45 -13.06 -6.87
N GLU C 878 -31.16 -13.61 -5.87
CA GLU C 878 -32.33 -12.92 -5.32
C GLU C 878 -31.88 -11.70 -4.50
N TRP C 879 -30.79 -11.86 -3.75
CA TRP C 879 -30.25 -10.80 -2.93
C TRP C 879 -29.84 -9.61 -3.76
N MET C 880 -29.15 -9.87 -4.87
CA MET C 880 -28.64 -8.85 -5.75
C MET C 880 -29.77 -8.16 -6.45
N SER C 881 -30.85 -8.88 -6.76
CA SER C 881 -31.96 -8.22 -7.40
C SER C 881 -32.57 -7.25 -6.38
N TRP C 882 -32.68 -7.70 -5.13
CA TRP C 882 -33.16 -6.86 -4.04
C TRP C 882 -32.29 -5.65 -3.81
N TYR C 883 -30.99 -5.88 -3.77
CA TYR C 883 -30.03 -4.85 -3.50
C TYR C 883 -30.10 -3.79 -4.60
N GLY C 884 -30.03 -4.21 -5.87
CA GLY C 884 -30.05 -3.32 -7.02
C GLY C 884 -31.30 -2.45 -7.05
N THR C 885 -32.41 -3.01 -6.56
CA THR C 885 -33.68 -2.28 -6.52
C THR C 885 -33.55 -0.90 -5.89
N GLN C 886 -32.75 -0.75 -4.81
CA GLN C 886 -32.63 0.56 -4.17
C GLN C 886 -31.27 1.23 -4.40
N CYS C 887 -30.48 0.70 -5.33
CA CYS C 887 -29.15 1.24 -5.59
C CYS C 887 -29.03 1.82 -6.99
N ASN C 888 -29.71 1.22 -7.96
CA ASN C 888 -29.56 1.77 -9.30
C ASN C 888 -30.53 2.92 -9.44
N VAL C 889 -30.01 4.11 -9.28
CA VAL C 889 -30.80 5.34 -9.29
C VAL C 889 -31.43 5.62 -10.65
N ALA C 890 -30.94 4.94 -11.70
CA ALA C 890 -31.46 5.10 -13.05
C ALA C 890 -32.83 4.44 -13.23
N VAL C 891 -33.21 3.57 -12.31
CA VAL C 891 -34.48 2.87 -12.40
C VAL C 891 -35.59 3.80 -11.95
N HIS C 892 -36.64 3.94 -12.72
CA HIS C 892 -37.69 4.84 -12.28
C HIS C 892 -38.13 4.43 -10.87
N PRO C 893 -38.31 5.37 -9.91
CA PRO C 893 -38.66 5.11 -8.53
C PRO C 893 -39.94 4.33 -8.33
N GLU C 894 -40.88 4.35 -9.28
CA GLU C 894 -42.08 3.58 -9.07
C GLU C 894 -41.76 2.11 -9.17
N LEU C 895 -40.81 1.78 -10.04
CA LEU C 895 -40.45 0.40 -10.26
C LEU C 895 -39.65 -0.02 -9.07
N ARG C 896 -38.84 0.91 -8.56
CA ARG C 896 -38.03 0.54 -7.42
C ARG C 896 -38.93 0.19 -6.24
N ALA C 897 -39.98 1.02 -6.04
CA ALA C 897 -40.89 0.78 -4.93
C ALA C 897 -41.70 -0.50 -5.10
N ARG C 898 -42.16 -0.78 -6.32
CA ARG C 898 -42.96 -1.99 -6.50
C ARG C 898 -42.13 -3.23 -6.27
N GLN C 899 -40.90 -3.21 -6.78
CA GLN C 899 -40.01 -4.34 -6.65
C GLN C 899 -39.66 -4.55 -5.19
N SER C 900 -39.47 -3.46 -4.44
CA SER C 900 -39.14 -3.58 -3.04
C SER C 900 -40.28 -4.17 -2.25
N LYS C 901 -41.50 -3.75 -2.58
CA LYS C 901 -42.67 -4.28 -1.90
C LYS C 901 -42.80 -5.76 -2.17
N ASN C 902 -42.49 -6.19 -3.42
CA ASN C 902 -42.57 -7.60 -3.74
C ASN C 902 -41.57 -8.37 -2.89
N PHE C 903 -40.36 -7.81 -2.73
CA PHE C 903 -39.34 -8.51 -1.94
C PHE C 903 -39.70 -8.57 -0.48
N ASP C 904 -40.27 -7.48 0.07
CA ASP C 904 -40.60 -7.51 1.48
C ASP C 904 -41.69 -8.52 1.73
N ARG C 905 -42.65 -8.64 0.81
CA ARG C 905 -43.66 -9.64 1.10
C ARG C 905 -43.07 -11.04 1.05
N GLN C 906 -42.16 -11.29 0.09
CA GLN C 906 -41.54 -12.62 -0.04
C GLN C 906 -40.65 -12.97 1.14
N TYR C 907 -39.84 -12.01 1.51
CA TYR C 907 -38.91 -11.99 2.62
C TYR C 907 -39.48 -11.89 4.06
N LEU C 908 -40.72 -11.39 4.26
CA LEU C 908 -41.41 -11.29 5.54
C LEU C 908 -42.63 -12.19 5.72
N GLY C 909 -43.14 -12.83 4.65
CA GLY C 909 -44.34 -13.67 4.82
C GLY C 909 -45.66 -12.92 4.71
N ASN C 910 -45.69 -11.91 3.83
CA ASN C 910 -46.87 -11.06 3.60
C ASN C 910 -47.36 -10.36 4.86
N SER C 911 -46.41 -9.90 5.68
CA SER C 911 -46.70 -9.23 6.93
C SER C 911 -46.61 -7.72 6.88
N VAL C 912 -46.38 -7.16 5.70
CA VAL C 912 -46.25 -5.71 5.57
C VAL C 912 -47.64 -5.10 5.63
N THR C 913 -47.76 -3.99 6.32
CA THR C 913 -48.75 -2.96 6.28
C THR C 913 -48.08 -1.63 5.87
N TYR C 914 -48.10 -1.24 4.62
CA TYR C 914 -47.34 -0.14 4.07
C TYR C 914 -47.77 1.21 4.67
N THR C 915 -46.84 2.17 4.81
CA THR C 915 -47.15 3.45 5.50
C THR C 915 -46.67 4.72 4.79
N THR C 916 -45.37 4.93 4.50
CA THR C 916 -44.89 6.30 4.15
C THR C 916 -43.55 6.42 3.39
N ARG C 917 -43.15 7.68 3.17
CA ARG C 917 -41.99 8.25 2.45
C ARG C 917 -41.19 9.32 3.22
N ALA C 918 -39.87 9.35 2.95
CA ALA C 918 -38.94 10.38 3.51
C ALA C 918 -37.75 10.58 2.55
N HIS C 919 -36.98 11.65 2.77
CA HIS C 919 -35.81 11.94 1.93
C HIS C 919 -34.50 11.51 2.59
N ARG C 920 -33.53 11.08 1.79
CA ARG C 920 -32.27 10.70 2.41
C ARG C 920 -31.12 11.51 1.87
N GLY C 921 -30.21 11.82 2.78
CA GLY C 921 -28.99 12.51 2.38
C GLY C 921 -27.81 11.99 3.16
N ILE C 922 -26.63 12.27 2.63
CA ILE C 922 -25.36 11.85 3.18
C ILE C 922 -24.70 13.05 3.80
N TRP C 923 -24.30 12.97 5.05
CA TRP C 923 -23.75 14.18 5.62
C TRP C 923 -22.41 14.44 5.02
N ASN C 924 -22.12 15.69 4.71
CA ASN C 924 -20.81 15.99 4.24
C ASN C 924 -19.92 15.63 5.40
N PRO C 925 -18.95 14.71 5.26
CA PRO C 925 -18.08 14.29 6.34
C PRO C 925 -17.46 15.48 7.04
N LYS C 926 -17.20 16.56 6.28
CA LYS C 926 -16.59 17.73 6.88
C LYS C 926 -17.59 18.54 7.68
N PHE C 927 -18.87 18.53 7.34
CA PHE C 927 -19.85 19.31 8.09
C PHE C 927 -19.94 18.75 9.48
N ILE C 928 -20.10 17.44 9.55
CA ILE C 928 -20.25 16.79 10.85
C ILE C 928 -18.96 16.80 11.67
N GLU C 929 -17.82 16.51 11.06
CA GLU C 929 -16.60 16.56 11.83
C GLU C 929 -16.41 17.98 12.36
N ALA C 930 -16.65 18.98 11.50
CA ALA C 930 -16.55 20.37 11.84
C ALA C 930 -17.55 20.76 12.89
N LEU C 931 -18.74 20.17 12.88
CA LEU C 931 -19.73 20.53 13.88
C LEU C 931 -19.22 20.16 15.25
N ASP C 932 -18.64 18.96 15.36
CA ASP C 932 -18.15 18.53 16.66
C ASP C 932 -16.91 19.33 17.06
N LYS C 933 -16.00 19.60 16.10
CA LYS C 933 -14.80 20.35 16.44
C LYS C 933 -15.10 21.80 16.74
N ALA C 934 -16.03 22.40 16.01
CA ALA C 934 -16.37 23.79 16.17
C ALA C 934 -16.98 24.03 17.52
N ILE C 935 -17.83 23.10 17.97
CA ILE C 935 -18.33 23.20 19.33
C ILE C 935 -17.23 22.96 20.34
N ALA C 936 -16.43 21.91 20.16
CA ALA C 936 -15.40 21.61 21.14
C ALA C 936 -14.37 22.74 21.31
N SER C 937 -14.09 23.45 20.21
CA SER C 937 -13.10 24.51 20.14
C SER C 937 -13.48 25.77 20.89
N VAL C 938 -14.66 25.72 21.53
CA VAL C 938 -15.08 26.45 22.74
C VAL C 938 -15.64 25.44 23.79
N GLY C 939 -15.68 25.74 25.07
CA GLY C 939 -16.64 25.17 25.94
C GLY C 939 -16.31 23.76 26.36
N LEU C 940 -17.23 23.18 27.14
CA LEU C 940 -17.19 21.80 27.66
C LEU C 940 -16.96 20.79 26.53
N THR C 941 -15.93 19.95 26.65
CA THR C 941 -15.91 18.72 25.84
C THR C 941 -16.62 17.58 26.55
N VAL C 942 -17.26 16.68 25.80
CA VAL C 942 -17.95 15.50 26.33
C VAL C 942 -16.95 14.45 26.82
N ALA C 943 -17.11 13.96 28.04
CA ALA C 943 -16.36 12.82 28.55
C ALA C 943 -16.87 11.50 27.92
N MET C 944 -15.97 10.78 27.24
CA MET C 944 -16.21 9.53 26.52
C MET C 944 -16.27 8.31 27.47
N ASP C 945 -17.08 8.40 28.52
CA ASP C 945 -17.20 7.40 29.58
C ASP C 945 -17.78 6.05 29.12
N ASN C 946 -17.66 5.03 29.98
CA ASN C 946 -18.15 3.66 29.77
C ASN C 946 -17.58 3.00 28.48
N VAL C 947 -16.26 3.08 28.32
CA VAL C 947 -15.53 2.55 27.15
C VAL C 947 -15.68 1.03 27.00
N ALA C 948 -15.63 0.28 28.07
CA ALA C 948 -16.16 -1.05 28.33
C ALA C 948 -15.79 -2.20 27.35
N GLN C 949 -14.53 -2.33 26.90
CA GLN C 949 -14.05 -3.59 26.30
C GLN C 949 -13.60 -4.55 27.40
N ALA D 413 -27.18 22.94 35.07
CA ALA D 413 -28.12 21.84 34.81
C ALA D 413 -29.50 22.28 35.28
N GLY D 414 -29.63 22.70 36.57
CA GLY D 414 -30.87 23.22 37.16
C GLY D 414 -31.15 24.61 36.60
N ASN D 415 -30.13 25.20 35.99
CA ASN D 415 -30.26 26.51 35.41
C ASN D 415 -30.77 26.39 33.99
N LEU D 416 -31.00 25.15 33.54
CA LEU D 416 -31.53 24.98 32.22
C LEU D 416 -33.02 25.05 32.31
N ASN D 417 -33.55 25.26 33.52
CA ASN D 417 -34.97 25.45 33.65
C ASN D 417 -35.33 26.74 32.93
N SER D 418 -34.33 27.65 32.77
CA SER D 418 -34.53 28.90 32.05
C SER D 418 -34.78 28.71 30.56
N ILE D 419 -34.42 27.53 30.02
CA ILE D 419 -34.65 27.20 28.62
C ILE D 419 -35.83 26.24 28.54
N PHE D 420 -35.89 25.30 29.48
CA PHE D 420 -36.85 24.22 29.50
C PHE D 420 -38.26 24.71 29.54
N GLN D 421 -38.45 25.78 30.32
CA GLN D 421 -39.76 26.39 30.53
C GLN D 421 -40.09 27.59 29.64
N ARG D 422 -39.25 27.94 28.65
CA ARG D 422 -39.53 29.16 27.85
C ARG D 422 -40.81 29.13 27.02
N SER D 423 -41.17 27.98 26.49
CA SER D 423 -42.32 27.91 25.65
C SER D 423 -43.03 26.58 25.69
N GLY D 424 -44.31 26.60 25.38
CA GLY D 424 -45.08 25.39 25.25
C GLY D 424 -45.56 24.81 26.58
N ARG D 425 -46.17 23.64 26.48
CA ARG D 425 -46.78 22.89 27.55
C ARG D 425 -46.37 21.42 27.50
N THR D 426 -46.49 20.67 28.59
CA THR D 426 -46.18 19.25 28.46
C THR D 426 -47.20 18.32 29.09
N ASP D 427 -47.01 17.04 28.83
CA ASP D 427 -47.83 15.97 29.38
C ASP D 427 -47.11 15.46 30.63
N GLY D 428 -47.65 15.73 31.82
CA GLY D 428 -46.95 15.36 33.05
C GLY D 428 -47.81 15.50 34.29
N GLY D 429 -47.17 15.34 35.46
CA GLY D 429 -47.84 15.39 36.76
C GLY D 429 -48.01 13.96 37.28
N ASP D 430 -47.85 13.74 38.58
CA ASP D 430 -48.03 12.40 39.16
C ASP D 430 -49.52 12.02 39.28
N ALA D 431 -49.81 10.73 39.40
CA ALA D 431 -51.17 10.20 39.44
C ALA D 431 -52.03 10.79 40.57
N ARG D 432 -51.46 11.06 41.75
CA ARG D 432 -52.20 11.66 42.86
C ARG D 432 -52.44 13.15 42.64
N ALA D 433 -51.46 13.93 42.22
CA ALA D 433 -51.70 15.35 41.88
C ALA D 433 -52.68 15.53 40.73
N SER D 434 -52.66 14.62 39.75
CA SER D 434 -53.67 14.56 38.69
C SER D 434 -55.06 14.29 39.25
N GLU D 435 -55.23 13.27 40.10
CA GLU D 435 -56.54 12.94 40.62
C GLU D 435 -57.02 14.05 41.54
N ALA D 436 -56.08 14.57 42.34
CA ALA D 436 -56.42 15.61 43.26
C ALA D 436 -56.88 16.85 42.53
N LEU D 437 -56.23 17.21 41.42
CA LEU D 437 -56.69 18.40 40.74
C LEU D 437 -58.09 18.18 40.23
N ALA D 438 -58.34 17.00 39.66
CA ALA D 438 -59.66 16.75 39.11
C ALA D 438 -60.76 16.81 40.16
N VAL D 439 -60.52 16.26 41.36
CA VAL D 439 -61.59 16.28 42.35
C VAL D 439 -61.73 17.67 42.92
N PHE D 440 -60.61 18.38 43.11
CA PHE D 440 -60.74 19.69 43.69
C PHE D 440 -61.40 20.66 42.73
N ASN D 441 -61.18 20.52 41.42
CA ASN D 441 -61.90 21.41 40.51
C ASN D 441 -63.40 21.07 40.52
N LYS D 442 -63.74 19.77 40.63
CA LYS D 442 -65.14 19.39 40.69
C LYS D 442 -65.82 20.01 41.89
N LEU D 443 -65.14 19.93 43.04
CA LEU D 443 -65.65 20.44 44.29
C LEU D 443 -65.80 21.94 44.25
N LYS D 444 -64.85 22.63 43.63
CA LYS D 444 -65.02 24.06 43.48
C LYS D 444 -66.32 24.36 42.80
N GLU D 445 -66.56 23.68 41.66
CA GLU D 445 -67.76 23.98 40.90
C GLU D 445 -69.04 23.61 41.63
N GLU D 446 -69.04 22.52 42.39
CA GLU D 446 -70.27 22.19 43.08
C GLU D 446 -70.52 23.24 44.17
N ALA D 447 -69.45 23.66 44.86
CA ALA D 447 -69.62 24.66 45.90
C ALA D 447 -70.16 25.94 45.31
N ILE D 448 -69.77 26.27 44.08
CA ILE D 448 -70.32 27.47 43.46
C ILE D 448 -71.80 27.23 43.17
N ALA D 449 -72.12 26.06 42.61
CA ALA D 449 -73.50 25.72 42.22
C ALA D 449 -74.48 25.74 43.39
N GLN D 450 -74.00 25.35 44.58
CA GLN D 450 -74.83 25.33 45.77
C GLN D 450 -74.82 26.67 46.48
N GLN D 451 -74.11 27.65 45.92
CA GLN D 451 -73.84 28.99 46.44
C GLN D 451 -73.07 29.03 47.77
N ASP D 452 -72.29 27.99 48.07
CA ASP D 452 -71.56 27.97 49.33
C ASP D 452 -70.26 28.73 49.14
N LEU D 453 -69.69 28.63 47.94
CA LEU D 453 -68.42 29.26 47.61
C LEU D 453 -68.61 30.41 46.62
N HIS D 454 -67.88 31.51 46.77
CA HIS D 454 -67.87 32.61 45.80
C HIS D 454 -66.88 32.36 44.64
N ASP D 455 -67.24 32.75 43.42
CA ASP D 455 -66.48 32.40 42.19
C ASP D 455 -65.40 33.45 41.85
N ASP D 456 -64.54 33.81 42.80
CA ASP D 456 -63.60 34.94 42.71
C ASP D 456 -62.11 34.53 42.63
N PHE D 457 -61.81 33.26 42.35
CA PHE D 457 -60.48 32.69 42.60
C PHE D 457 -60.14 31.45 41.75
N LEU D 458 -58.92 30.90 41.94
CA LEU D 458 -58.36 29.79 41.17
C LEU D 458 -57.73 28.68 42.06
N VAL D 459 -57.74 27.46 41.51
CA VAL D 459 -57.10 26.25 42.02
C VAL D 459 -56.01 25.81 41.06
N PHE D 460 -54.79 25.55 41.53
CA PHE D 460 -53.69 25.21 40.62
C PHE D 460 -52.96 23.95 40.99
N ARG D 461 -52.46 23.18 40.01
CA ARG D 461 -51.62 22.01 40.28
C ARG D 461 -50.15 22.40 40.24
N PHE D 462 -49.40 22.07 41.28
CA PHE D 462 -47.95 22.29 41.28
C PHE D 462 -47.27 20.95 41.04
N ASP D 463 -46.51 20.84 39.95
CA ASP D 463 -45.89 19.57 39.59
C ASP D 463 -44.44 19.40 39.98
N ARG D 464 -44.07 18.16 40.27
CA ARG D 464 -42.68 17.86 40.61
C ARG D 464 -41.88 17.74 39.30
N ASP D 465 -42.60 17.52 38.20
CA ASP D 465 -42.06 17.43 36.85
C ASP D 465 -41.85 18.84 36.28
N GLN D 466 -42.90 19.64 36.21
CA GLN D 466 -42.82 20.96 35.60
C GLN D 466 -41.95 21.92 36.44
N ASN D 467 -41.77 21.68 37.74
CA ASN D 467 -41.07 22.61 38.62
C ASN D 467 -40.43 21.93 39.85
N ARG D 468 -39.61 22.70 40.58
CA ARG D 468 -38.53 22.29 41.49
C ARG D 468 -38.94 21.91 42.92
N VAL D 469 -39.81 20.92 43.11
CA VAL D 469 -40.10 20.34 44.41
C VAL D 469 -39.97 18.83 44.41
N GLY D 470 -39.82 18.25 45.59
CA GLY D 470 -39.85 16.80 45.70
C GLY D 470 -41.26 16.27 45.76
N TYR D 471 -42.15 17.07 46.34
CA TYR D 471 -43.54 16.67 46.49
C TYR D 471 -44.46 17.66 45.84
N SER D 472 -45.34 17.12 45.03
CA SER D 472 -46.35 17.87 44.32
C SER D 472 -47.42 18.31 45.31
N ALA D 473 -48.19 19.31 44.91
CA ALA D 473 -49.20 19.88 45.79
C ALA D 473 -50.26 20.59 44.99
N LEU D 474 -51.44 20.75 45.57
CA LEU D 474 -52.38 21.63 44.91
C LEU D 474 -52.32 22.94 45.62
N LEU D 475 -52.60 24.00 44.92
CA LEU D 475 -52.55 25.29 45.54
C LEU D 475 -53.90 25.95 45.61
N VAL D 476 -54.30 26.32 46.82
CA VAL D 476 -55.54 27.05 46.99
C VAL D 476 -55.13 28.50 46.90
N VAL D 477 -55.55 29.18 45.83
CA VAL D 477 -55.06 30.53 45.59
C VAL D 477 -56.12 31.62 45.46
N LYS D 478 -55.94 32.70 46.23
CA LYS D 478 -56.83 33.85 46.08
C LYS D 478 -56.02 35.11 45.91
N ARG D 479 -56.58 36.08 45.19
CA ARG D 479 -55.83 37.30 44.96
C ARG D 479 -56.65 38.59 44.99
N ALA D 480 -55.94 39.67 45.36
CA ALA D 480 -56.46 41.03 45.27
C ALA D 480 -55.29 42.02 45.19
N ALA D 481 -55.52 43.20 44.64
CA ALA D 481 -54.46 44.20 44.72
C ALA D 481 -54.71 45.04 45.95
N ILE D 482 -53.69 45.22 46.76
CA ILE D 482 -53.82 45.97 47.98
C ILE D 482 -52.92 47.20 47.96
N ASN D 483 -53.55 48.36 47.89
CA ASN D 483 -52.85 49.64 47.84
C ASN D 483 -51.80 49.67 46.72
N GLY D 484 -52.14 49.09 45.58
CA GLY D 484 -51.27 49.05 44.41
C GLY D 484 -50.40 47.80 44.28
N GLN D 485 -50.27 46.99 45.34
CA GLN D 485 -49.44 45.79 45.22
C GLN D 485 -50.27 44.57 44.90
N GLN D 486 -49.85 43.76 43.96
CA GLN D 486 -50.66 42.57 43.74
C GLN D 486 -50.34 41.56 44.82
N VAL D 487 -51.36 41.11 45.55
CA VAL D 487 -51.13 40.17 46.63
C VAL D 487 -51.89 38.87 46.43
N ILE D 488 -51.17 37.77 46.54
CA ILE D 488 -51.75 36.46 46.42
C ILE D 488 -51.58 35.67 47.70
N VAL D 489 -52.64 35.03 48.18
CA VAL D 489 -52.48 34.23 49.38
C VAL D 489 -52.64 32.78 48.99
N THR D 490 -51.64 31.97 49.35
CA THR D 490 -51.69 30.58 48.98
C THR D 490 -51.61 29.64 50.15
N ARG D 491 -52.45 28.60 50.08
CA ARG D 491 -52.48 27.52 51.06
C ARG D 491 -52.20 26.19 50.33
N PRO D 492 -50.95 25.74 50.21
CA PRO D 492 -50.56 24.49 49.57
C PRO D 492 -51.14 23.26 50.25
N LEU D 493 -51.53 22.29 49.44
CA LEU D 493 -52.03 20.99 49.90
C LEU D 493 -51.10 19.91 49.35
N VAL D 494 -50.19 19.41 50.16
CA VAL D 494 -49.20 18.47 49.67
C VAL D 494 -49.85 17.14 49.40
N MET D 495 -49.47 16.53 48.28
CA MET D 495 -50.02 15.24 47.85
C MET D 495 -48.98 14.10 47.83
N PRO D 496 -48.62 13.48 48.97
CA PRO D 496 -47.62 12.44 49.05
C PRO D 496 -48.13 11.32 48.19
N ASN D 497 -47.24 10.62 47.54
CA ASN D 497 -47.61 9.57 46.61
C ASN D 497 -46.83 8.35 47.05
N ASP D 498 -47.54 7.31 47.47
CA ASP D 498 -46.97 6.09 47.98
C ASP D 498 -46.08 5.33 47.01
N GLN D 499 -46.23 5.64 45.71
CA GLN D 499 -45.48 4.97 44.67
C GLN D 499 -44.24 5.77 44.26
N ILE D 500 -44.05 6.95 44.86
CA ILE D 500 -42.92 7.79 44.48
C ILE D 500 -41.97 8.02 45.64
N THR D 501 -40.70 7.67 45.43
CA THR D 501 -39.72 7.86 46.49
C THR D 501 -38.78 8.99 46.14
N LEU D 502 -38.71 9.96 47.03
CA LEU D 502 -37.81 11.08 46.86
C LEU D 502 -36.50 10.60 47.45
N PRO D 503 -35.33 10.89 46.86
CA PRO D 503 -34.06 10.49 47.42
C PRO D 503 -33.98 10.98 48.84
N THR D 504 -33.43 10.14 49.68
CA THR D 504 -33.28 10.39 51.10
C THR D 504 -32.14 11.32 51.44
N LYS D 505 -32.19 11.92 52.61
CA LYS D 505 -31.19 12.79 53.21
C LYS D 505 -30.23 11.97 54.07
N LYS D 506 -28.94 12.33 54.11
CA LYS D 506 -27.98 11.70 55.00
C LYS D 506 -27.92 12.39 56.34
N LEU D 507 -28.26 11.65 57.38
CA LEU D 507 -28.25 12.12 58.75
C LEU D 507 -26.96 11.63 59.40
N THR D 508 -25.91 12.45 59.49
CA THR D 508 -24.70 11.94 60.09
C THR D 508 -24.74 12.22 61.58
N ILE D 509 -24.61 11.16 62.37
CA ILE D 509 -24.67 11.30 63.82
C ILE D 509 -23.33 11.05 64.47
N GLN D 510 -22.83 12.07 65.15
CA GLN D 510 -21.54 11.93 65.78
C GLN D 510 -21.70 11.36 67.17
N ASN D 511 -21.69 10.05 67.27
CA ASN D 511 -21.91 9.38 68.54
C ASN D 511 -20.60 9.27 69.31
N GLY D 512 -20.16 10.40 69.83
CA GLY D 512 -18.87 10.43 70.49
C GLY D 512 -17.80 10.15 69.46
N MET D 513 -17.03 9.09 69.67
CA MET D 513 -15.95 8.75 68.73
C MET D 513 -16.45 7.89 67.56
N HIS D 514 -17.73 7.53 67.59
CA HIS D 514 -18.33 6.71 66.54
C HIS D 514 -19.20 7.51 65.58
N GLN D 515 -18.87 7.47 64.30
CA GLN D 515 -19.66 8.22 63.35
C GLN D 515 -20.44 7.27 62.47
N GLU D 516 -21.75 7.48 62.43
CA GLU D 516 -22.64 6.64 61.61
C GLU D 516 -23.70 7.47 60.92
N THR D 517 -24.01 7.13 59.68
CA THR D 517 -25.03 7.87 58.94
C THR D 517 -26.29 7.08 58.69
N ILE D 518 -27.43 7.70 58.99
CA ILE D 518 -28.74 7.10 58.74
C ILE D 518 -29.37 7.80 57.56
N GLU D 519 -29.84 7.07 56.58
CA GLU D 519 -30.50 7.77 55.49
C GLU D 519 -31.98 7.77 55.78
N ALA D 520 -32.67 8.87 55.47
CA ALA D 520 -34.11 8.91 55.74
C ALA D 520 -34.89 9.80 54.78
N GLU D 521 -36.16 9.44 54.60
CA GLU D 521 -37.10 10.17 53.75
C GLU D 521 -37.42 11.55 54.26
N ALA D 522 -37.57 12.50 53.33
CA ALA D 522 -37.95 13.85 53.70
C ALA D 522 -39.45 13.91 54.00
N ASP D 523 -39.78 14.47 55.17
CA ASP D 523 -41.17 14.64 55.59
C ASP D 523 -41.60 16.03 55.19
N VAL D 524 -42.82 16.42 55.46
CA VAL D 524 -43.23 17.75 55.00
C VAL D 524 -42.37 18.87 55.61
N GLN D 525 -41.83 18.66 56.81
CA GLN D 525 -40.94 19.63 57.44
C GLN D 525 -39.62 19.78 56.69
N ASP D 526 -39.13 18.71 56.07
CA ASP D 526 -37.85 18.71 55.38
C ASP D 526 -38.05 19.19 53.95
N VAL D 527 -39.22 18.88 53.42
CA VAL D 527 -39.64 19.21 52.08
C VAL D 527 -39.94 20.68 51.93
N PHE D 528 -40.68 21.24 52.90
CA PHE D 528 -41.07 22.64 52.80
C PHE D 528 -39.97 23.56 53.28
N THR D 529 -38.97 23.66 52.44
CA THR D 529 -37.80 24.47 52.64
C THR D 529 -38.13 25.86 52.18
N THR D 530 -37.25 26.81 52.42
CA THR D 530 -37.55 28.14 51.97
C THR D 530 -37.62 28.19 50.45
N GLN D 531 -36.79 27.39 49.78
CA GLN D 531 -36.85 27.41 48.34
C GLN D 531 -38.08 26.68 47.85
N TYR D 532 -38.54 25.66 48.57
CA TYR D 532 -39.74 24.96 48.13
C TYR D 532 -40.82 26.00 47.94
N TRP D 533 -40.99 26.85 48.98
CA TRP D 533 -41.98 27.92 48.96
C TRP D 533 -41.75 28.91 47.82
N ASN D 534 -40.48 29.29 47.63
CA ASN D 534 -40.22 30.26 46.59
C ASN D 534 -40.60 29.69 45.22
N ARG D 535 -40.42 28.37 45.05
CA ARG D 535 -40.77 27.74 43.79
C ARG D 535 -42.27 27.68 43.63
N ILE D 536 -43.00 27.47 44.74
CA ILE D 536 -44.45 27.47 44.69
C ILE D 536 -44.90 28.82 44.19
N CYS D 537 -44.35 29.89 44.75
CA CYS D 537 -44.67 31.26 44.35
C CYS D 537 -44.42 31.47 42.87
N ASP D 538 -43.27 31.03 42.35
CA ASP D 538 -42.97 31.26 40.95
C ASP D 538 -43.95 30.58 40.02
N SER D 539 -44.33 29.34 40.36
CA SER D 539 -45.29 28.61 39.52
C SER D 539 -46.61 29.30 39.52
N ILE D 540 -47.02 29.81 40.69
CA ILE D 540 -48.32 30.47 40.72
C ILE D 540 -48.25 31.65 39.80
N ARG D 541 -47.17 32.42 39.83
CA ARG D 541 -47.07 33.58 38.95
C ARG D 541 -47.17 33.15 37.48
N GLN D 542 -46.54 32.03 37.12
CA GLN D 542 -46.65 31.54 35.74
C GLN D 542 -48.11 31.22 35.39
N GLN D 543 -48.84 30.68 36.37
CA GLN D 543 -50.23 30.26 36.20
C GLN D 543 -51.28 31.38 36.34
N THR D 544 -50.97 32.48 37.07
CA THR D 544 -51.92 33.58 37.28
C THR D 544 -51.63 34.79 36.40
N GLY D 545 -50.38 34.90 35.92
CA GLY D 545 -49.90 35.98 35.09
C GLY D 545 -49.35 37.13 35.92
N LYS D 546 -49.51 37.01 37.23
CA LYS D 546 -49.08 38.08 38.11
C LYS D 546 -47.63 37.92 38.49
N HIS D 547 -46.78 38.25 37.53
CA HIS D 547 -45.35 38.06 37.65
C HIS D 547 -44.66 38.97 38.65
N ASP D 548 -45.28 40.10 38.98
CA ASP D 548 -44.73 40.99 39.97
C ASP D 548 -45.45 40.87 41.33
N ALA D 549 -46.27 39.81 41.51
CA ALA D 549 -47.01 39.64 42.77
C ALA D 549 -46.18 39.14 43.94
N MET D 550 -46.65 39.55 45.12
CA MET D 550 -46.12 39.10 46.41
C MET D 550 -47.01 37.98 46.89
N VAL D 551 -46.44 36.92 47.46
CA VAL D 551 -47.27 35.82 47.89
C VAL D 551 -47.17 35.56 49.39
N ILE D 552 -48.32 35.52 50.03
CA ILE D 552 -48.55 35.28 51.44
C ILE D 552 -48.67 33.79 51.74
N ASN D 553 -47.95 33.30 52.73
CA ASN D 553 -47.93 31.89 53.09
C ASN D 553 -49.00 31.61 54.14
N ALA D 554 -50.09 30.96 53.75
CA ALA D 554 -51.19 30.65 54.65
C ALA D 554 -50.94 29.37 55.40
N GLY D 555 -49.79 28.76 55.16
CA GLY D 555 -49.40 27.56 55.82
C GLY D 555 -49.66 26.33 54.99
N PRO D 556 -48.64 25.59 54.61
CA PRO D 556 -48.79 24.42 53.80
C PRO D 556 -49.41 23.39 54.67
N THR D 557 -50.19 22.51 54.11
CA THR D 557 -50.63 21.37 54.87
C THR D 557 -50.49 20.18 53.99
N VAL D 558 -50.85 19.03 54.49
CA VAL D 558 -50.71 17.82 53.71
C VAL D 558 -51.95 16.98 53.75
N ILE D 559 -52.27 16.39 52.60
CA ILE D 559 -53.32 15.41 52.48
C ILE D 559 -52.60 14.09 52.18
N PRO D 560 -52.38 13.23 53.19
CA PRO D 560 -51.56 12.03 53.19
C PRO D 560 -51.92 11.06 52.11
N ALA D 561 -50.95 10.24 51.69
CA ALA D 561 -51.18 9.27 50.63
C ALA D 561 -52.32 8.31 50.98
N ASP D 562 -52.46 7.89 52.24
CA ASP D 562 -53.07 6.58 52.60
C ASP D 562 -54.53 6.32 52.20
N PHE D 563 -55.45 7.25 52.45
CA PHE D 563 -56.90 7.07 52.27
C PHE D 563 -57.37 7.18 50.81
N ASP D 564 -58.60 6.72 50.52
CA ASP D 564 -59.24 6.85 49.20
C ASP D 564 -59.74 8.27 48.89
N LEU D 565 -59.46 8.81 47.70
CA LEU D 565 -59.76 10.21 47.33
C LEU D 565 -61.25 10.55 47.12
N LYS D 566 -62.16 9.58 47.30
CA LYS D 566 -63.61 9.74 47.07
C LYS D 566 -64.38 10.53 48.14
N ASP D 567 -63.73 10.96 49.23
CA ASP D 567 -64.36 11.72 50.31
C ASP D 567 -64.59 13.21 49.94
N GLU D 568 -65.52 13.43 49.02
CA GLU D 568 -65.91 14.74 48.56
C GLU D 568 -66.31 15.66 49.68
N LEU D 569 -66.91 15.14 50.75
CA LEU D 569 -67.30 16.03 51.83
C LEU D 569 -66.10 16.66 52.50
N VAL D 570 -65.11 15.83 52.85
CA VAL D 570 -63.95 16.41 53.49
C VAL D 570 -63.21 17.34 52.56
N LEU D 571 -63.08 16.94 51.30
CA LEU D 571 -62.32 17.72 50.37
C LEU D 571 -62.98 19.09 50.14
N LYS D 572 -64.32 19.11 50.09
CA LYS D 572 -65.04 20.36 49.95
C LYS D 572 -64.73 21.24 51.13
N GLN D 573 -64.76 20.65 52.32
CA GLN D 573 -64.51 21.38 53.53
C GLN D 573 -63.09 21.91 53.56
N LEU D 574 -62.13 21.16 53.01
CA LEU D 574 -60.77 21.65 52.99
C LEU D 574 -60.68 22.89 52.12
N LEU D 575 -61.39 22.89 50.98
CA LEU D 575 -61.34 24.11 50.15
C LEU D 575 -61.97 25.27 50.85
N ILE D 576 -63.08 25.03 51.51
CA ILE D 576 -63.81 26.06 52.23
C ILE D 576 -62.89 26.67 53.28
N LYS D 577 -62.27 25.85 54.11
CA LYS D 577 -61.45 26.35 55.19
C LYS D 577 -60.21 27.08 54.68
N SER D 578 -59.63 26.56 53.60
CA SER D 578 -58.43 27.16 53.04
C SER D 578 -58.72 28.52 52.40
N VAL D 579 -59.89 28.66 51.75
CA VAL D 579 -60.20 29.97 51.19
C VAL D 579 -60.53 30.95 52.30
N ASN D 580 -61.12 30.49 53.41
CA ASN D 580 -61.42 31.35 54.54
C ASN D 580 -60.15 32.01 54.99
N LEU D 581 -59.15 31.17 55.18
CA LEU D 581 -57.90 31.68 55.68
C LEU D 581 -57.27 32.62 54.67
N CYS D 582 -57.41 32.30 53.38
CA CYS D 582 -56.85 33.18 52.37
C CYS D 582 -57.49 34.57 52.43
N ASP D 583 -58.82 34.61 52.65
CA ASP D 583 -59.50 35.90 52.74
C ASP D 583 -59.05 36.67 53.96
N ASP D 584 -58.83 35.97 55.08
CA ASP D 584 -58.35 36.60 56.30
C ASP D 584 -57.02 37.24 56.04
N MET D 585 -56.12 36.52 55.40
CA MET D 585 -54.80 37.06 55.26
C MET D 585 -54.77 38.23 54.27
N LEU D 586 -55.63 38.21 53.24
CA LEU D 586 -55.68 39.40 52.38
C LEU D 586 -56.24 40.54 53.22
N ALA D 587 -57.25 40.26 54.05
CA ALA D 587 -57.85 41.29 54.88
C ALA D 587 -56.86 41.89 55.86
N LYS D 588 -56.06 41.05 56.53
CA LYS D 588 -55.18 41.51 57.58
C LYS D 588 -54.01 42.27 56.99
N ARG D 589 -53.57 41.89 55.78
CA ARG D 589 -52.67 42.70 54.95
C ARG D 589 -53.31 44.03 54.50
N SER D 590 -54.62 44.03 54.22
CA SER D 590 -55.40 45.22 53.85
C SER D 590 -55.63 46.20 55.00
N GLY D 591 -55.24 45.85 56.22
CA GLY D 591 -55.49 46.63 57.43
C GLY D 591 -56.84 46.40 58.12
N GLU D 592 -57.51 45.26 57.94
CA GLU D 592 -58.78 44.96 58.62
C GLU D 592 -58.73 45.09 60.16
N GLN D 593 -59.81 45.53 60.79
CA GLN D 593 -59.92 45.74 62.25
C GLN D 593 -59.80 44.43 63.06
N PRO D 594 -59.10 44.44 64.21
CA PRO D 594 -58.80 43.24 64.99
C PRO D 594 -59.93 42.78 65.90
N PHE D 595 -59.90 41.51 66.33
CA PHE D 595 -60.76 41.04 67.41
C PHE D 595 -60.36 41.62 68.73
N SER D 596 -61.33 42.03 69.54
CA SER D 596 -61.01 42.55 70.84
C SER D 596 -62.06 42.31 71.92
N VAL D 597 -61.64 42.52 73.17
CA VAL D 597 -62.52 42.32 74.32
C VAL D 597 -63.64 43.33 74.26
N ALA D 598 -63.38 44.49 73.66
CA ALA D 598 -64.34 45.56 73.48
C ALA D 598 -65.51 45.15 72.63
N MET D 599 -65.31 44.18 71.73
CA MET D 599 -66.37 43.74 70.86
C MET D 599 -67.26 42.78 71.64
N LEU D 600 -66.62 42.05 72.57
CA LEU D 600 -67.34 41.12 73.44
C LEU D 600 -67.97 41.78 74.64
N LYS D 601 -67.36 42.86 75.10
CA LYS D 601 -67.79 43.50 76.31
C LYS D 601 -68.96 44.41 76.09
N GLY D 602 -70.12 43.82 75.91
CA GLY D 602 -71.31 44.62 75.77
C GLY D 602 -71.53 45.19 77.16
N THR D 603 -72.24 46.30 77.28
CA THR D 603 -72.45 46.87 78.62
C THR D 603 -73.43 46.02 79.41
N ASP D 604 -74.13 45.18 78.68
CA ASP D 604 -75.08 44.23 79.18
C ASP D 604 -74.66 42.77 78.91
N GLU D 605 -73.38 42.41 78.77
CA GLU D 605 -72.98 41.03 78.40
C GLU D 605 -71.82 40.51 79.26
N THR D 606 -71.84 39.23 79.67
CA THR D 606 -70.71 38.60 80.40
C THR D 606 -70.34 37.20 79.88
N LEU D 607 -69.11 36.77 80.19
CA LEU D 607 -68.62 35.44 79.82
C LEU D 607 -68.75 34.44 80.94
N ALA D 608 -68.72 33.17 80.58
CA ALA D 608 -68.73 32.06 81.52
C ALA D 608 -68.00 30.88 80.90
N ALA D 609 -67.46 29.96 81.71
CA ALA D 609 -66.78 28.79 81.13
C ALA D 609 -66.80 27.51 81.98
N ARG D 610 -66.68 26.37 81.27
CA ARG D 610 -66.65 25.04 81.91
C ARG D 610 -65.61 24.07 81.36
N LEU D 611 -65.24 23.08 82.18
CA LEU D 611 -64.35 22.03 81.73
C LEU D 611 -65.12 20.76 81.43
N ASN D 612 -65.02 20.32 80.17
CA ASN D 612 -65.67 19.11 79.73
C ASN D 612 -64.70 17.95 79.89
N PHE D 613 -65.05 16.99 80.75
CA PHE D 613 -64.38 15.69 80.87
C PHE D 613 -64.92 14.72 79.84
N THR D 614 -64.39 14.83 78.63
CA THR D 614 -65.12 14.42 77.43
C THR D 614 -65.53 12.94 77.40
N GLY D 615 -64.59 12.01 77.58
CA GLY D 615 -64.79 10.60 77.21
C GLY D 615 -64.73 10.28 75.70
N LYS D 616 -64.35 11.25 74.84
CA LYS D 616 -64.23 11.11 73.36
C LYS D 616 -63.13 12.00 72.73
N PRO D 617 -62.53 11.60 71.58
CA PRO D 617 -61.58 12.40 70.81
C PRO D 617 -62.25 13.39 69.85
N MET D 618 -61.46 14.34 69.34
CA MET D 618 -61.89 15.36 68.37
C MET D 618 -61.00 15.31 67.14
N HIS D 619 -61.46 15.83 66.00
CA HIS D 619 -60.89 15.43 64.72
C HIS D 619 -60.48 16.64 63.91
N ASP D 620 -59.37 16.50 63.21
CA ASP D 620 -58.85 17.62 62.41
C ASP D 620 -59.57 17.71 61.07
N SER D 621 -59.11 18.63 60.22
CA SER D 621 -59.80 18.84 58.95
C SER D 621 -59.81 17.64 58.00
N LEU D 622 -58.94 16.64 58.23
CA LEU D 622 -58.93 15.43 57.39
C LEU D 622 -59.55 14.24 58.10
N GLY D 623 -60.10 14.49 59.30
CA GLY D 623 -60.72 13.44 60.08
C GLY D 623 -59.79 12.64 61.00
N TYR D 624 -58.55 13.10 61.26
CA TYR D 624 -57.70 12.29 62.13
C TYR D 624 -57.93 12.73 63.57
N PRO D 625 -57.90 11.83 64.57
CA PRO D 625 -58.14 12.13 65.98
C PRO D 625 -57.02 12.96 66.61
N ILE D 626 -57.40 13.83 67.52
CA ILE D 626 -56.51 14.64 68.34
C ILE D 626 -56.74 14.36 69.83
N ARG D 627 -55.67 13.98 70.54
CA ARG D 627 -55.82 13.75 71.98
C ARG D 627 -56.27 14.98 72.74
N SER D 628 -57.24 14.75 73.63
CA SER D 628 -57.75 15.75 74.55
C SER D 628 -58.32 15.03 75.78
N ASP D 629 -57.97 15.47 76.99
CA ASP D 629 -58.58 14.89 78.17
C ASP D 629 -59.69 15.80 78.62
N ILE D 630 -59.47 17.10 78.42
CA ILE D 630 -60.38 18.15 78.82
C ILE D 630 -60.66 19.11 77.67
N LEU D 631 -61.93 19.34 77.38
CA LEU D 631 -62.22 20.36 76.38
C LEU D 631 -62.73 21.59 77.12
N VAL D 632 -62.05 22.72 76.96
CA VAL D 632 -62.50 23.88 77.72
C VAL D 632 -63.42 24.68 76.84
N SER D 633 -64.63 24.89 77.32
CA SER D 633 -65.63 25.60 76.55
C SER D 633 -65.93 26.97 77.13
N LEU D 634 -65.69 28.00 76.33
CA LEU D 634 -65.97 29.36 76.74
C LEU D 634 -67.27 29.76 76.11
N ASN D 635 -68.22 30.08 76.97
CA ASN D 635 -69.59 30.37 76.61
C ASN D 635 -69.69 31.72 75.93
N ARG D 636 -70.71 31.87 75.12
CA ARG D 636 -70.97 33.09 74.39
C ARG D 636 -71.19 34.23 75.36
N VAL D 637 -70.61 35.38 75.06
CA VAL D 637 -70.82 36.49 75.95
C VAL D 637 -72.28 36.94 75.80
N LYS D 638 -73.00 37.06 76.91
CA LYS D 638 -74.41 37.50 76.86
C LYS D 638 -74.95 37.73 78.26
N LYS D 639 -76.20 38.22 78.37
CA LYS D 639 -76.84 38.26 79.67
C LYS D 639 -78.37 38.00 79.59
N PRO D 640 -78.99 37.32 80.56
CA PRO D 640 -80.42 37.19 80.66
C PRO D 640 -80.98 38.59 80.75
N GLY D 641 -82.09 38.83 80.08
CA GLY D 641 -82.69 40.15 80.11
C GLY D 641 -82.40 40.93 78.82
N GLN D 642 -81.45 40.43 78.02
CA GLN D 642 -81.18 41.08 76.75
C GLN D 642 -82.26 40.72 75.75
N GLN D 643 -82.44 41.58 74.77
CA GLN D 643 -83.41 41.31 73.72
C GLN D 643 -83.10 40.01 73.00
N GLU D 644 -84.10 39.16 72.89
CA GLU D 644 -84.00 37.89 72.21
C GLU D 644 -83.98 38.16 70.71
N ASN D 645 -83.06 37.53 69.98
CA ASN D 645 -82.94 37.77 68.54
C ASN D 645 -83.88 36.96 67.65
N GLU D 646 -85.16 37.33 67.73
CA GLU D 646 -86.27 36.71 67.00
C GLU D 646 -86.39 35.22 67.39
N PHE D 647 -86.99 34.39 66.55
CA PHE D 647 -87.12 32.98 66.83
C PHE D 647 -85.89 32.26 66.41
N TYR D 648 -84.87 32.25 67.26
CA TYR D 648 -83.58 31.64 66.95
C TYR D 648 -83.27 30.48 67.87
N GLU D 649 -82.34 29.64 67.44
CA GLU D 649 -81.74 28.65 68.34
C GLU D 649 -80.27 28.56 68.05
N ALA D 650 -79.45 28.66 69.08
CA ALA D 650 -78.02 28.64 68.87
C ALA D 650 -77.30 28.07 70.05
N GLU D 651 -76.10 27.54 69.82
CA GLU D 651 -75.26 27.10 70.91
C GLU D 651 -74.59 28.32 71.50
N ASP D 652 -74.63 28.46 72.81
CA ASP D 652 -74.03 29.61 73.45
C ASP D 652 -72.55 29.42 73.66
N LYS D 653 -71.79 29.38 72.57
CA LYS D 653 -70.34 29.17 72.64
C LYS D 653 -69.59 30.24 71.86
N LEU D 654 -68.46 30.66 72.40
CA LEU D 654 -67.58 31.60 71.73
C LEU D 654 -66.37 30.90 71.13
N ASN D 655 -65.70 30.09 71.96
CA ASN D 655 -64.51 29.35 71.51
C ASN D 655 -64.16 28.18 72.41
N GLN D 656 -63.14 27.43 72.03
CA GLN D 656 -62.72 26.30 72.85
C GLN D 656 -61.25 25.94 72.71
N VAL D 657 -60.71 25.35 73.78
CA VAL D 657 -59.34 24.84 73.74
C VAL D 657 -59.27 23.38 74.17
N SER D 658 -58.62 22.59 73.34
CA SER D 658 -58.46 21.17 73.61
C SER D 658 -57.14 20.97 74.29
N CYS D 659 -57.15 20.24 75.40
CA CYS D 659 -55.88 19.98 76.07
C CYS D 659 -55.89 18.64 76.79
N PHE D 660 -54.71 18.20 77.19
CA PHE D 660 -54.59 16.98 77.96
C PHE D 660 -53.57 17.14 79.03
N VAL D 661 -53.60 16.27 80.04
CA VAL D 661 -52.55 16.44 81.04
C VAL D 661 -51.73 15.18 81.23
N ASN D 662 -50.41 15.27 81.08
CA ASN D 662 -49.60 14.09 81.31
C ASN D 662 -49.05 14.15 82.72
N LEU D 663 -48.35 13.10 83.11
CA LEU D 663 -47.68 13.10 84.39
C LEU D 663 -46.24 12.76 84.15
N GLU D 664 -45.43 13.78 83.98
CA GLU D 664 -44.04 13.56 83.59
C GLU D 664 -43.24 13.19 84.83
N TYR D 665 -42.29 12.28 84.71
CA TYR D 665 -41.44 11.88 85.84
C TYR D 665 -40.21 12.77 85.76
N THR D 666 -40.10 13.70 86.71
CA THR D 666 -39.09 14.74 86.62
C THR D 666 -38.10 14.72 87.78
N PRO D 667 -36.88 15.26 87.59
CA PRO D 667 -35.81 15.37 88.57
C PRO D 667 -36.07 16.39 89.65
N GLN D 668 -35.39 16.19 90.76
CA GLN D 668 -35.37 17.09 91.88
C GLN D 668 -34.06 16.86 92.67
N PRO D 669 -33.34 17.91 93.22
CA PRO D 669 -32.13 17.78 94.06
C PRO D 669 -32.36 16.83 95.26
N GLN D 682 -40.00 20.10 99.66
CA GLN D 682 -39.93 18.77 99.06
C GLN D 682 -41.15 18.54 98.15
N LEU D 683 -40.90 18.32 96.83
CA LEU D 683 -41.91 18.03 95.82
C LEU D 683 -42.07 16.53 95.57
N PRO D 684 -43.26 16.06 95.19
CA PRO D 684 -43.55 14.74 94.72
C PRO D 684 -42.93 14.63 93.31
N PRO D 685 -42.65 13.43 92.79
CA PRO D 685 -42.03 13.14 91.48
C PRO D 685 -42.73 13.46 90.14
N LEU D 686 -44.05 13.65 90.09
CA LEU D 686 -44.69 13.89 88.79
C LEU D 686 -45.16 15.31 88.51
N THR D 687 -44.97 15.73 87.25
CA THR D 687 -45.39 17.04 86.78
C THR D 687 -46.70 17.07 85.98
N PRO D 688 -47.68 17.90 86.38
CA PRO D 688 -48.96 18.12 85.75
C PRO D 688 -48.75 18.95 84.49
N ALA D 689 -48.34 18.26 83.45
CA ALA D 689 -47.99 18.92 82.21
C ALA D 689 -49.25 19.16 81.42
N ILE D 690 -49.69 20.42 81.36
CA ILE D 690 -50.97 20.71 80.73
C ILE D 690 -50.64 21.09 79.30
N VAL D 691 -51.10 20.28 78.35
CA VAL D 691 -50.72 20.48 76.96
C VAL D 691 -51.87 20.86 76.07
N ILE D 692 -51.77 22.01 75.44
CA ILE D 692 -52.78 22.38 74.44
C ILE D 692 -52.52 21.65 73.14
N THR D 693 -53.55 20.98 72.64
CA THR D 693 -53.42 20.24 71.40
C THR D 693 -54.16 20.90 70.27
N ASP D 694 -55.15 21.72 70.60
CA ASP D 694 -55.89 22.44 69.55
C ASP D 694 -56.54 23.70 70.10
N VAL D 695 -56.69 24.69 69.21
CA VAL D 695 -57.39 25.94 69.54
C VAL D 695 -58.40 26.25 68.44
N ARG D 696 -59.71 26.34 68.77
CA ARG D 696 -60.80 26.56 67.79
C ARG D 696 -61.74 27.67 68.20
N GLN D 697 -62.24 28.43 67.24
CA GLN D 697 -63.29 29.41 67.49
C GLN D 697 -64.59 28.70 67.29
N ALA D 698 -65.68 29.22 67.84
CA ALA D 698 -66.96 28.57 67.61
C ALA D 698 -67.25 28.58 66.12
N GLU D 699 -67.89 27.51 65.64
CA GLU D 699 -68.19 27.27 64.23
C GLU D 699 -69.00 28.34 63.53
N TRP D 700 -69.72 29.16 64.27
CA TRP D 700 -70.50 30.21 63.64
C TRP D 700 -69.65 31.38 63.14
N LEU D 701 -68.40 31.49 63.62
CA LEU D 701 -67.51 32.59 63.25
C LEU D 701 -66.61 32.08 62.13
N LYS D 702 -66.31 32.89 61.11
CA LYS D 702 -65.59 32.38 59.93
C LYS D 702 -64.10 32.71 60.02
N ALA D 703 -63.76 33.89 60.51
CA ALA D 703 -62.36 34.38 60.54
C ALA D 703 -61.45 33.64 61.50
N ASN D 704 -60.18 33.53 61.12
CA ASN D 704 -59.15 32.94 61.96
C ASN D 704 -57.93 33.86 62.05
N THR D 705 -57.83 34.57 63.16
CA THR D 705 -56.80 35.57 63.35
C THR D 705 -56.04 35.31 64.64
N MET D 706 -54.90 36.00 64.81
CA MET D 706 -54.13 35.84 66.03
C MET D 706 -54.83 36.31 67.27
N GLU D 707 -55.61 37.37 67.16
CA GLU D 707 -56.28 37.87 68.33
C GLU D 707 -57.30 36.84 68.80
N LEU D 708 -58.01 36.23 67.85
CA LEU D 708 -58.99 35.21 68.22
C LEU D 708 -58.30 34.01 68.88
N TYR D 709 -57.15 33.62 68.34
CA TYR D 709 -56.35 32.51 68.88
C TYR D 709 -55.89 32.78 70.30
N LEU D 710 -55.28 33.95 70.47
CA LEU D 710 -54.71 34.36 71.74
C LEU D 710 -55.73 34.47 72.81
N PHE D 711 -56.88 35.04 72.49
CA PHE D 711 -57.96 35.14 73.45
C PHE D 711 -58.42 33.77 73.93
N ALA D 712 -58.57 32.85 72.97
CA ALA D 712 -58.99 31.47 73.29
C ALA D 712 -57.98 30.75 74.17
N LEU D 713 -56.68 31.07 74.06
CA LEU D 713 -55.69 30.38 74.88
C LEU D 713 -55.91 30.54 76.39
N SER D 714 -56.64 31.60 76.78
CA SER D 714 -56.88 31.85 78.20
C SER D 714 -57.76 30.74 78.77
N ASN D 715 -58.42 29.99 77.88
CA ASN D 715 -59.28 28.91 78.26
C ASN D 715 -58.46 27.80 78.89
N ALA D 716 -57.21 27.61 78.43
CA ALA D 716 -56.44 26.54 79.02
C ALA D 716 -55.92 26.98 80.36
N PHE D 717 -55.58 28.24 80.47
CA PHE D 717 -55.04 28.68 81.76
C PHE D 717 -55.98 28.41 82.92
N ARG D 718 -57.26 28.73 82.70
CA ARG D 718 -58.29 28.59 83.73
C ARG D 718 -58.52 27.14 84.19
N VAL D 719 -58.00 26.19 83.41
CA VAL D 719 -58.10 24.76 83.70
C VAL D 719 -57.52 24.46 85.05
N THR D 720 -56.39 25.12 85.38
CA THR D 720 -55.79 24.88 86.67
C THR D 720 -55.83 26.12 87.55
N ALA D 721 -56.00 27.30 86.94
CA ALA D 721 -55.98 28.54 87.70
C ALA D 721 -57.22 28.74 88.55
N ASN D 722 -58.37 28.33 88.02
CA ASN D 722 -59.62 28.52 88.76
C ASN D 722 -60.22 27.17 89.13
N GLN D 723 -60.12 26.23 88.19
CA GLN D 723 -60.70 24.91 88.33
C GLN D 723 -59.60 23.87 88.57
N SER D 724 -59.98 22.61 88.77
CA SER D 724 -58.98 21.57 89.01
C SER D 724 -59.05 20.39 88.05
N TRP D 725 -58.01 20.37 87.25
CA TRP D 725 -57.72 19.48 86.15
C TRP D 725 -57.60 18.02 86.55
N ALA D 726 -57.30 17.78 87.83
CA ALA D 726 -57.02 16.46 88.38
C ALA D 726 -58.18 15.52 88.25
N ARG D 727 -59.41 16.05 88.12
CA ARG D 727 -60.57 15.17 87.92
C ARG D 727 -60.37 14.33 86.66
N SER D 728 -59.60 14.82 85.69
CA SER D 728 -59.41 14.09 84.44
C SER D 728 -58.56 12.84 84.64
N LEU D 729 -57.89 12.73 85.78
CA LEU D 729 -57.06 11.58 86.04
C LEU D 729 -57.83 10.46 86.70
N LEU D 730 -59.10 10.70 87.04
CA LEU D 730 -59.82 9.62 87.68
C LEU D 730 -59.87 8.42 86.76
N PRO D 731 -59.64 7.20 87.26
CA PRO D 731 -59.67 5.98 86.50
C PRO D 731 -61.09 5.71 86.08
N GLN D 732 -61.26 5.03 84.96
CA GLN D 732 -62.64 4.75 84.55
C GLN D 732 -63.13 3.55 85.30
N LEU D 733 -63.56 3.78 86.54
CA LEU D 733 -63.88 2.68 87.41
C LEU D 733 -65.03 1.90 86.81
N GLY D 734 -64.87 0.58 86.80
CA GLY D 734 -65.85 -0.34 86.25
C GLY D 734 -65.50 -0.77 84.82
N LYS D 735 -64.57 -0.04 84.18
CA LYS D 735 -64.14 -0.36 82.83
C LYS D 735 -62.85 -1.14 82.90
N VAL D 736 -62.84 -2.36 82.38
CA VAL D 736 -61.63 -3.14 82.48
C VAL D 736 -60.52 -2.57 81.61
N LYS D 737 -60.87 -2.21 80.38
CA LYS D 737 -59.87 -1.74 79.43
C LYS D 737 -59.53 -0.25 79.52
N ASP D 738 -58.90 0.14 80.63
CA ASP D 738 -58.46 1.53 80.76
C ASP D 738 -56.95 1.54 80.68
N MET D 739 -56.41 1.83 79.51
CA MET D 739 -54.98 1.70 79.30
C MET D 739 -54.18 2.74 80.08
N ARG D 740 -54.85 3.79 80.56
CA ARG D 740 -54.16 4.87 81.25
C ARG D 740 -54.63 4.94 82.69
N ASP D 741 -55.13 3.82 83.18
CA ASP D 741 -55.65 3.74 84.54
C ASP D 741 -54.61 4.24 85.54
N ILE D 742 -55.04 5.14 86.42
CA ILE D 742 -54.22 5.80 87.43
C ILE D 742 -53.53 4.81 88.31
N GLY D 743 -54.05 3.59 88.38
CA GLY D 743 -53.44 2.60 89.24
C GLY D 743 -51.96 2.40 88.90
N ALA D 744 -51.60 2.65 87.64
CA ALA D 744 -50.24 2.51 87.13
C ALA D 744 -49.26 3.42 87.83
N ILE D 745 -49.76 4.49 88.45
CA ILE D 745 -48.92 5.50 89.08
C ILE D 745 -48.12 4.85 90.23
N GLY D 746 -48.63 3.74 90.76
CA GLY D 746 -48.02 2.99 91.84
C GLY D 746 -46.70 2.35 91.41
N TYR D 747 -46.43 2.30 90.11
CA TYR D 747 -45.19 1.73 89.65
C TYR D 747 -44.04 2.73 89.75
N LEU D 748 -44.35 4.04 89.74
CA LEU D 748 -43.31 5.07 89.85
C LEU D 748 -43.13 5.51 91.29
N SER D 749 -44.17 5.27 92.09
CA SER D 749 -44.19 5.58 93.50
C SER D 749 -43.42 4.49 94.23
N ARG D 750 -43.27 4.66 95.53
CA ARG D 750 -42.54 3.71 96.37
C ARG D 750 -43.19 2.32 96.45
N LEU D 751 -44.45 2.20 95.99
CA LEU D 751 -45.16 0.92 95.99
C LEU D 751 -44.59 -0.09 95.01
N ALA D 752 -44.08 0.40 93.87
CA ALA D 752 -43.60 -0.47 92.79
C ALA D 752 -44.66 -1.50 92.42
N ALA D 753 -45.91 -1.05 92.38
CA ALA D 753 -47.02 -1.94 92.11
C ALA D 753 -48.21 -1.21 91.56
N ARG D 754 -49.09 -1.89 90.87
CA ARG D 754 -50.31 -1.24 90.45
C ARG D 754 -51.21 -1.13 91.66
N VAL D 755 -51.86 0.02 91.79
CA VAL D 755 -52.82 0.25 92.85
C VAL D 755 -54.07 -0.49 92.48
N GLU D 756 -54.67 -1.21 93.40
CA GLU D 756 -55.86 -1.89 92.97
C GLU D 756 -57.02 -0.91 92.93
N THR D 757 -57.35 -0.51 91.70
CA THR D 757 -58.39 0.45 91.36
C THR D 757 -59.61 -0.24 90.75
N LYS D 758 -59.61 -1.59 90.63
CA LYS D 758 -60.73 -2.43 90.11
C LYS D 758 -61.79 -2.72 91.18
N THR D 759 -61.40 -2.50 92.43
CA THR D 759 -62.12 -2.94 93.62
C THR D 759 -63.10 -1.93 94.15
N GLU D 760 -64.09 -2.45 94.89
CA GLU D 760 -65.11 -1.63 95.53
C GLU D 760 -64.53 -0.84 96.70
N THR D 761 -63.31 -1.18 97.09
CA THR D 761 -62.65 -0.51 98.18
C THR D 761 -61.80 0.66 97.69
N PHE D 762 -61.79 0.92 96.38
CA PHE D 762 -61.03 2.05 95.88
C PHE D 762 -61.94 3.26 95.95
N THR D 763 -61.46 4.29 96.60
CA THR D 763 -62.24 5.49 96.85
C THR D 763 -61.63 6.74 96.27
N ASP D 764 -62.47 7.74 96.12
CA ASP D 764 -62.04 9.12 95.83
C ASP D 764 -60.92 9.59 96.76
N GLN D 765 -60.99 9.25 98.04
CA GLN D 765 -59.99 9.64 99.00
C GLN D 765 -58.67 8.96 98.69
N ASN D 766 -58.72 7.68 98.26
CA ASN D 766 -57.49 6.97 97.97
C ASN D 766 -56.85 7.56 96.72
N PHE D 767 -57.69 7.97 95.77
CA PHE D 767 -57.22 8.61 94.55
C PHE D 767 -56.48 9.89 94.88
N ALA D 768 -57.10 10.72 95.73
CA ALA D 768 -56.48 11.97 96.10
C ALA D 768 -55.16 11.74 96.77
N GLU D 769 -55.07 10.69 97.61
CA GLU D 769 -53.81 10.38 98.28
C GLU D 769 -52.72 9.96 97.32
N LEU D 770 -53.09 9.21 96.27
CA LEU D 770 -52.07 8.80 95.31
C LEU D 770 -51.46 10.04 94.72
N LEU D 771 -52.33 11.01 94.39
CA LEU D 771 -51.86 12.26 93.81
C LEU D 771 -51.14 13.12 94.83
N TYR D 772 -51.54 13.09 96.10
CA TYR D 772 -50.85 13.92 97.07
C TYR D 772 -49.39 13.52 97.15
N ASN D 773 -49.13 12.22 97.11
CA ASN D 773 -47.78 11.72 97.18
C ASN D 773 -47.04 11.72 95.85
N MET D 774 -47.76 11.58 94.73
CA MET D 774 -47.12 11.52 93.43
C MET D 774 -47.10 12.75 92.53
N VAL D 775 -48.09 13.66 92.59
CA VAL D 775 -48.16 14.76 91.62
C VAL D 775 -48.04 16.16 92.24
N ARG D 776 -47.15 16.94 91.65
CA ARG D 776 -46.82 18.29 92.07
C ARG D 776 -48.03 19.23 91.92
N PRO D 777 -48.25 20.15 92.89
CA PRO D 777 -49.34 21.13 92.88
C PRO D 777 -49.25 22.29 91.89
N SER D 778 -48.08 22.53 91.31
CA SER D 778 -47.89 23.69 90.42
C SER D 778 -48.00 23.31 88.94
N PRO D 779 -49.02 23.78 88.19
CA PRO D 779 -49.30 23.43 86.82
C PRO D 779 -48.28 24.01 85.89
N VAL D 780 -48.02 23.30 84.79
CA VAL D 780 -47.13 23.86 83.77
C VAL D 780 -47.88 23.95 82.45
N PHE D 781 -47.89 25.12 81.83
CA PHE D 781 -48.62 25.26 80.57
C PHE D 781 -47.75 25.30 79.33
N MET D 782 -48.07 24.36 78.44
CA MET D 782 -47.34 24.17 77.20
C MET D 782 -48.32 23.86 76.09
N SER D 783 -47.84 23.94 74.85
CA SER D 783 -48.70 23.61 73.73
C SER D 783 -47.94 23.06 72.57
N ASP D 784 -48.68 22.36 71.73
CA ASP D 784 -48.14 21.86 70.49
C ASP D 784 -48.02 23.04 69.55
N LEU D 785 -47.09 22.95 68.61
CA LEU D 785 -46.97 23.95 67.56
C LEU D 785 -46.77 23.24 66.21
N ASN D 786 -47.70 23.43 65.26
CA ASN D 786 -47.57 22.65 64.01
C ASN D 786 -47.64 23.49 62.72
N ARG D 787 -46.50 23.58 62.02
CA ARG D 787 -46.36 24.40 60.81
C ARG D 787 -47.24 23.91 59.67
N PHE D 788 -47.71 22.68 59.79
CA PHE D 788 -48.52 22.04 58.78
C PHE D 788 -49.92 21.72 59.27
N GLY D 789 -50.30 22.31 60.41
CA GLY D 789 -51.61 22.00 60.96
C GLY D 789 -52.72 22.86 60.37
N ASP D 790 -53.92 22.69 60.92
CA ASP D 790 -55.10 23.40 60.43
C ASP D 790 -55.01 24.90 60.68
N ASN D 791 -54.17 25.28 61.61
CA ASN D 791 -53.95 26.65 62.01
C ASN D 791 -52.54 27.12 61.64
N ALA D 792 -51.91 26.50 60.65
CA ALA D 792 -50.51 26.77 60.30
C ALA D 792 -50.17 28.23 60.03
N ALA D 793 -51.06 29.03 59.45
CA ALA D 793 -50.67 30.42 59.19
C ALA D 793 -50.30 31.14 60.48
N ILE D 794 -50.95 30.74 61.56
CA ILE D 794 -50.77 31.30 62.88
C ILE D 794 -49.75 30.49 63.68
N GLU D 795 -49.80 29.18 63.66
CA GLU D 795 -48.88 28.30 64.33
C GLU D 795 -47.45 28.75 64.00
N ASN D 796 -47.22 29.15 62.75
CA ASN D 796 -45.91 29.59 62.30
C ASN D 796 -45.36 30.79 63.06
N VAL D 797 -46.21 31.71 63.56
CA VAL D 797 -45.63 32.85 64.28
C VAL D 797 -45.24 32.38 65.65
N PHE D 798 -46.04 31.48 66.21
CA PHE D 798 -45.75 30.98 67.54
C PHE D 798 -44.52 30.07 67.53
N ILE D 799 -44.29 29.41 66.40
CA ILE D 799 -43.09 28.57 66.25
C ILE D 799 -41.87 29.43 66.08
N ASP D 800 -41.94 30.46 65.22
CA ASP D 800 -40.76 31.29 65.02
C ASP D 800 -40.43 32.09 66.28
N ALA D 801 -41.45 32.34 67.11
CA ALA D 801 -41.29 33.05 68.38
C ALA D 801 -40.43 32.24 69.38
N LEU D 802 -40.22 30.94 69.10
CA LEU D 802 -39.40 30.06 69.95
C LEU D 802 -37.91 30.40 69.85
N GLY D 803 -37.47 30.90 68.69
CA GLY D 803 -36.06 31.20 68.49
C GLY D 803 -35.73 31.20 67.01
N GLY D 804 -34.54 31.69 66.65
CA GLY D 804 -34.15 31.73 65.24
C GLY D 804 -34.03 33.16 64.73
N VAL D 805 -33.75 33.30 63.44
CA VAL D 805 -33.47 34.59 62.83
C VAL D 805 -34.58 35.62 62.95
N ASN D 806 -35.83 35.19 62.99
CA ASN D 806 -36.91 36.13 63.07
C ASN D 806 -37.67 36.06 64.38
N GLN D 807 -37.02 35.55 65.44
CA GLN D 807 -37.74 35.45 66.70
C GLN D 807 -38.26 36.77 67.16
N GLN D 808 -37.48 37.85 66.98
CA GLN D 808 -37.93 39.13 67.48
C GLN D 808 -39.18 39.61 66.77
N ARG D 809 -39.27 39.31 65.48
CA ARG D 809 -40.43 39.75 64.73
C ARG D 809 -41.66 38.95 65.11
N ALA D 810 -41.47 37.63 65.30
CA ALA D 810 -42.59 36.80 65.68
C ALA D 810 -43.11 37.20 67.05
N VAL D 811 -42.19 37.45 67.99
CA VAL D 811 -42.60 37.92 69.30
C VAL D 811 -43.31 39.25 69.24
N ALA D 812 -42.81 40.19 68.42
CA ALA D 812 -43.48 41.47 68.30
C ALA D 812 -44.91 41.31 67.81
N ALA D 813 -45.12 40.39 66.86
CA ALA D 813 -46.47 40.13 66.33
C ALA D 813 -47.42 39.59 67.38
N ILE D 814 -46.89 38.74 68.27
CA ILE D 814 -47.70 38.11 69.29
C ILE D 814 -48.09 39.08 70.38
N ILE D 815 -47.13 39.89 70.84
CA ILE D 815 -47.49 40.88 71.83
C ILE D 815 -48.42 41.93 71.24
N ALA D 816 -48.23 42.29 69.97
CA ALA D 816 -49.19 43.19 69.35
C ALA D 816 -50.57 42.58 69.31
N GLY D 817 -50.66 41.27 69.03
CA GLY D 817 -51.97 40.62 69.00
C GLY D 817 -52.66 40.71 70.35
N VAL D 818 -51.92 40.52 71.44
CA VAL D 818 -52.66 40.63 72.68
C VAL D 818 -53.05 42.09 72.91
N ASN D 819 -52.15 43.04 72.64
CA ASN D 819 -52.51 44.45 72.84
C ASN D 819 -53.72 44.82 72.02
N ASN D 820 -53.91 44.20 70.86
CA ASN D 820 -55.09 44.50 70.09
C ASN D 820 -56.32 44.00 70.85
N LEU D 821 -56.18 42.88 71.58
CA LEU D 821 -57.30 42.36 72.35
C LEU D 821 -57.70 43.25 73.50
N ILE D 822 -56.70 43.81 74.17
CA ILE D 822 -56.97 44.60 75.38
C ILE D 822 -56.88 46.13 75.27
N GLY D 823 -56.45 46.68 74.13
CA GLY D 823 -56.34 48.14 74.02
C GLY D 823 -55.03 48.64 74.60
N GLY D 824 -54.02 47.78 74.55
CA GLY D 824 -52.69 48.07 75.08
C GLY D 824 -52.54 47.63 76.53
N GLY D 825 -51.30 47.70 77.04
CA GLY D 825 -51.04 47.33 78.43
C GLY D 825 -50.48 45.95 78.74
N PHE D 826 -50.14 45.13 77.74
CA PHE D 826 -49.57 43.79 78.04
C PHE D 826 -48.22 44.02 78.72
N GLU D 827 -47.56 45.07 78.25
CA GLU D 827 -46.27 45.56 78.67
C GLU D 827 -46.26 46.06 80.13
N LYS D 828 -47.45 46.20 80.75
CA LYS D 828 -47.48 46.62 82.12
C LYS D 828 -47.31 45.42 83.04
N PHE D 829 -47.36 44.22 82.46
CA PHE D 829 -47.17 43.02 83.26
C PHE D 829 -45.74 42.52 83.11
N PHE D 830 -45.15 42.51 81.92
CA PHE D 830 -43.77 42.03 81.82
C PHE D 830 -43.06 42.46 80.54
N ASP D 831 -41.74 42.32 80.59
CA ASP D 831 -40.86 42.60 79.45
C ASP D 831 -40.68 41.38 78.53
N HIS D 832 -41.23 41.44 77.33
CA HIS D 832 -41.20 40.34 76.39
C HIS D 832 -39.81 40.11 75.81
N ASN D 833 -38.92 41.06 76.04
CA ASN D 833 -37.56 40.95 75.56
C ASN D 833 -36.63 40.37 76.63
N THR D 834 -37.19 40.04 77.80
CA THR D 834 -36.43 39.43 78.87
C THR D 834 -37.05 38.05 79.05
N MET D 835 -38.33 38.01 78.69
CA MET D 835 -39.18 36.83 78.80
C MET D 835 -39.84 36.44 77.47
N PRO D 836 -39.14 35.73 76.57
CA PRO D 836 -39.62 35.34 75.25
C PRO D 836 -40.91 34.59 75.49
N ILE D 837 -41.83 34.70 74.56
CA ILE D 837 -43.16 34.16 74.75
C ILE D 837 -43.24 32.64 74.89
N ILE D 838 -42.53 31.88 74.03
CA ILE D 838 -42.59 30.42 74.15
C ILE D 838 -41.17 29.83 74.18
N GLN D 839 -40.91 28.93 75.12
CA GLN D 839 -39.61 28.25 75.17
C GLN D 839 -39.74 26.90 74.48
N PRO D 840 -38.65 26.32 73.95
CA PRO D 840 -38.69 24.98 73.41
C PRO D 840 -38.84 23.93 74.51
N TYR D 841 -39.59 22.88 74.25
CA TYR D 841 -39.60 21.69 75.11
C TYR D 841 -38.48 20.69 74.77
N GLY D 842 -37.83 20.83 73.62
CA GLY D 842 -36.75 19.94 73.20
C GLY D 842 -37.25 18.66 72.55
N THR D 843 -37.77 17.69 73.32
CA THR D 843 -38.30 16.44 72.72
C THR D 843 -39.48 16.82 71.84
N ASP D 844 -39.44 16.54 70.55
CA ASP D 844 -40.52 16.90 69.63
C ASP D 844 -41.59 15.83 69.60
N ILE D 845 -42.62 16.02 68.76
CA ILE D 845 -43.76 15.15 68.85
C ILE D 845 -43.94 14.30 67.61
N GLN D 846 -44.01 12.98 67.79
CA GLN D 846 -44.37 12.12 66.67
C GLN D 846 -45.88 11.97 66.73
N LEU D 847 -46.54 12.29 65.65
CA LEU D 847 -47.98 12.18 65.61
C LEU D 847 -48.37 10.99 64.79
N GLY D 848 -49.55 10.47 65.06
CA GLY D 848 -50.07 9.32 64.37
C GLY D 848 -51.26 8.79 65.13
N TYR D 849 -51.80 7.70 64.64
CA TYR D 849 -52.96 7.09 65.23
C TYR D 849 -52.88 5.59 65.11
N TYR D 850 -53.63 4.90 65.91
CA TYR D 850 -53.63 3.46 65.88
C TYR D 850 -55.04 2.97 65.85
N LEU D 851 -55.25 1.75 65.42
CA LEU D 851 -56.62 1.29 65.46
C LEU D 851 -56.92 0.48 66.70
N ASP D 852 -58.12 0.71 67.25
CA ASP D 852 -58.54 -0.02 68.43
C ASP D 852 -59.22 -1.33 68.03
N GLY D 853 -59.79 -2.04 69.00
CA GLY D 853 -60.38 -3.36 68.74
C GLY D 853 -61.58 -3.37 67.79
N GLU D 854 -62.21 -2.22 67.53
CA GLU D 854 -63.33 -2.13 66.63
C GLU D 854 -62.91 -1.46 65.32
N GLY D 855 -61.61 -1.15 65.20
CA GLY D 855 -61.05 -0.50 64.03
C GLY D 855 -61.17 1.03 64.03
N GLU D 856 -61.42 1.67 65.19
CA GLU D 856 -61.54 3.13 65.19
C GLU D 856 -60.17 3.77 65.33
N LYS D 857 -60.03 4.98 64.83
CA LYS D 857 -58.75 5.68 64.94
C LYS D 857 -58.58 6.34 66.28
N GLN D 858 -57.48 6.05 66.95
CA GLN D 858 -57.20 6.63 68.24
C GLN D 858 -55.81 7.27 68.24
N ASP D 859 -55.64 8.35 68.97
CA ASP D 859 -54.36 9.08 69.01
C ASP D 859 -53.22 8.27 69.63
N ARG D 860 -52.07 8.14 68.93
CA ARG D 860 -50.95 7.32 69.44
C ARG D 860 -50.38 7.85 70.75
N ARG D 861 -50.74 9.09 71.10
CA ARG D 861 -50.28 9.76 72.31
C ARG D 861 -50.82 9.09 73.57
N ASP D 862 -51.75 8.14 73.41
CA ASP D 862 -52.29 7.43 74.55
C ASP D 862 -51.18 6.71 75.35
N LEU D 863 -50.07 6.29 74.72
CA LEU D 863 -49.02 5.69 75.56
C LEU D 863 -48.11 6.76 76.18
N ASP D 864 -48.72 7.47 77.13
CA ASP D 864 -48.17 8.54 77.93
C ASP D 864 -47.60 7.93 79.18
N VAL D 865 -47.25 8.69 80.21
CA VAL D 865 -46.62 7.96 81.31
C VAL D 865 -47.48 6.87 81.95
N LEU D 866 -48.75 7.12 82.22
CA LEU D 866 -49.57 6.06 82.82
C LEU D 866 -49.79 4.94 81.80
N GLY D 867 -49.99 5.33 80.54
CA GLY D 867 -50.19 4.37 79.45
C GLY D 867 -49.04 3.39 79.30
N ALA D 868 -47.82 3.92 79.22
CA ALA D 868 -46.63 3.11 79.06
C ALA D 868 -46.41 2.19 80.26
N LEU D 869 -46.72 2.65 81.48
CA LEU D 869 -46.55 1.81 82.67
C LEU D 869 -47.49 0.61 82.64
N ASN D 870 -48.72 0.83 82.15
CA ASN D 870 -49.61 -0.32 82.03
C ASN D 870 -49.18 -1.21 80.87
N ALA D 871 -48.68 -0.62 79.79
CA ALA D 871 -48.30 -1.40 78.62
C ALA D 871 -47.19 -2.40 78.94
N SER D 872 -46.25 -2.02 79.80
CA SER D 872 -45.16 -2.91 80.20
C SER D 872 -45.54 -3.75 81.41
N ASP D 873 -46.75 -3.56 81.91
CA ASP D 873 -47.32 -4.23 83.07
C ASP D 873 -46.39 -4.16 84.28
N GLY D 874 -45.85 -2.98 84.53
CA GLY D 874 -44.96 -2.83 85.67
C GLY D 874 -43.49 -3.10 85.41
N ASN D 875 -43.14 -3.47 84.19
CA ASN D 875 -41.72 -3.68 83.97
C ASN D 875 -41.11 -2.30 83.82
N ILE D 876 -40.55 -1.84 84.95
CA ILE D 876 -39.98 -0.52 85.04
C ILE D 876 -38.76 -0.36 84.18
N GLN D 877 -38.01 -1.42 83.98
CA GLN D 877 -36.83 -1.27 83.13
C GLN D 877 -37.26 -0.99 81.69
N GLU D 878 -38.34 -1.65 81.24
CA GLU D 878 -38.83 -1.40 79.88
C GLU D 878 -39.39 0.02 79.81
N TRP D 879 -40.08 0.43 80.87
CA TRP D 879 -40.65 1.76 80.94
C TRP D 879 -39.60 2.82 80.88
N MET D 880 -38.53 2.66 81.67
CA MET D 880 -37.48 3.65 81.76
C MET D 880 -36.69 3.75 80.47
N SER D 881 -36.55 2.63 79.75
CA SER D 881 -35.85 2.71 78.48
C SER D 881 -36.65 3.62 77.55
N TRP D 882 -37.97 3.40 77.50
CA TRP D 882 -38.86 4.25 76.73
C TRP D 882 -38.86 5.68 77.20
N TYR D 883 -38.97 5.85 78.52
CA TYR D 883 -39.08 7.17 79.10
C TYR D 883 -37.83 7.97 78.80
N GLY D 884 -36.64 7.35 78.88
CA GLY D 884 -35.41 8.06 78.55
C GLY D 884 -35.42 8.46 77.08
N THR D 885 -35.96 7.59 76.23
CA THR D 885 -36.07 7.87 74.80
C THR D 885 -36.87 9.14 74.56
N GLN D 886 -37.91 9.36 75.37
CA GLN D 886 -38.78 10.52 75.23
C GLN D 886 -38.30 11.76 75.99
N CYS D 887 -37.17 11.67 76.70
CA CYS D 887 -36.72 12.78 77.53
C CYS D 887 -35.30 13.28 77.27
N ASN D 888 -34.39 12.36 76.99
CA ASN D 888 -32.99 12.71 76.79
C ASN D 888 -32.82 13.22 75.39
N VAL D 889 -32.62 14.52 75.26
CA VAL D 889 -32.57 15.11 73.94
C VAL D 889 -31.18 15.46 73.50
N ALA D 890 -30.20 14.84 74.17
CA ALA D 890 -28.81 14.84 73.70
C ALA D 890 -28.63 13.76 72.66
N VAL D 891 -29.65 12.92 72.55
CA VAL D 891 -29.69 11.81 71.64
C VAL D 891 -30.29 12.32 70.34
N HIS D 892 -29.60 12.10 69.24
CA HIS D 892 -30.11 12.59 67.98
C HIS D 892 -31.55 12.08 67.79
N PRO D 893 -32.50 12.93 67.33
CA PRO D 893 -33.90 12.61 67.17
C PRO D 893 -34.20 11.44 66.26
N GLU D 894 -33.29 11.07 65.36
CA GLU D 894 -33.58 9.94 64.51
C GLU D 894 -33.50 8.68 65.35
N LEU D 895 -32.58 8.67 66.31
CA LEU D 895 -32.37 7.50 67.11
C LEU D 895 -33.55 7.34 68.01
N ARG D 896 -34.05 8.50 68.47
CA ARG D 896 -35.20 8.49 69.36
C ARG D 896 -36.45 8.08 68.59
N ALA D 897 -36.59 8.56 67.34
CA ALA D 897 -37.75 8.22 66.55
C ALA D 897 -37.79 6.73 66.26
N ARG D 898 -36.62 6.12 66.02
CA ARG D 898 -36.59 4.70 65.73
C ARG D 898 -37.00 3.90 66.96
N GLN D 899 -36.52 4.31 68.14
CA GLN D 899 -36.90 3.55 69.32
C GLN D 899 -38.36 3.78 69.70
N SER D 900 -38.88 4.97 69.40
CA SER D 900 -40.27 5.24 69.70
C SER D 900 -41.17 4.37 68.85
N LYS D 901 -40.79 4.18 67.58
CA LYS D 901 -41.56 3.32 66.70
C LYS D 901 -41.43 1.85 67.11
N ASN D 902 -40.24 1.46 67.62
CA ASN D 902 -40.08 0.08 68.06
C ASN D 902 -41.01 -0.19 69.23
N PHE D 903 -41.07 0.76 70.18
CA PHE D 903 -41.95 0.65 71.33
C PHE D 903 -43.43 0.63 70.89
N ASP D 904 -43.87 1.43 69.91
CA ASP D 904 -45.26 1.28 69.53
C ASP D 904 -45.56 -0.10 68.96
N ARG D 905 -44.66 -0.67 68.17
CA ARG D 905 -45.02 -1.99 67.65
C ARG D 905 -45.20 -3.03 68.76
N GLN D 906 -44.32 -2.97 69.78
CA GLN D 906 -44.44 -3.92 70.90
C GLN D 906 -45.60 -3.65 71.87
N TYR D 907 -45.87 -2.37 72.14
CA TYR D 907 -46.87 -2.02 73.15
C TYR D 907 -48.21 -1.48 72.67
N LEU D 908 -48.26 -0.88 71.49
CA LEU D 908 -49.47 -0.28 70.98
C LEU D 908 -50.09 -1.23 69.95
N GLY D 909 -49.22 -1.87 69.18
CA GLY D 909 -49.60 -2.81 68.14
C GLY D 909 -48.99 -2.45 66.80
N ASN D 910 -49.21 -3.29 65.80
CA ASN D 910 -48.64 -3.00 64.48
C ASN D 910 -49.59 -2.20 63.61
N SER D 911 -50.81 -1.99 64.10
CA SER D 911 -51.82 -1.23 63.35
C SER D 911 -51.66 0.24 63.66
N VAL D 912 -50.48 0.76 63.33
CA VAL D 912 -50.15 2.15 63.65
C VAL D 912 -49.73 2.91 62.40
N THR D 913 -50.38 4.04 62.20
CA THR D 913 -50.13 4.92 61.09
C THR D 913 -49.54 6.23 61.57
N TYR D 914 -48.48 6.66 60.93
CA TYR D 914 -47.84 7.88 61.37
C TYR D 914 -48.27 9.06 60.51
N THR D 915 -48.43 10.21 61.15
CA THR D 915 -48.85 11.44 60.50
C THR D 915 -47.86 12.56 60.80
N THR D 916 -48.08 13.71 60.16
CA THR D 916 -47.24 14.89 60.25
C THR D 916 -46.84 15.21 61.67
N ARG D 917 -45.53 15.40 61.85
CA ARG D 917 -44.87 15.70 63.12
C ARG D 917 -45.07 17.14 63.58
N ALA D 918 -44.85 17.39 64.88
CA ALA D 918 -45.02 18.74 65.42
C ALA D 918 -44.04 19.08 66.56
N HIS D 919 -43.91 20.38 66.78
CA HIS D 919 -43.09 20.96 67.83
C HIS D 919 -43.86 21.13 69.11
N ARG D 920 -43.15 21.27 70.22
CA ARG D 920 -43.81 21.59 71.47
C ARG D 920 -43.01 22.67 72.17
N GLY D 921 -43.71 23.55 72.90
CA GLY D 921 -43.03 24.56 73.66
C GLY D 921 -43.79 24.95 74.91
N ILE D 922 -43.14 25.72 75.76
CA ILE D 922 -43.67 26.09 77.06
C ILE D 922 -44.07 27.53 77.04
N TRP D 923 -45.28 27.83 77.45
CA TRP D 923 -45.68 29.21 77.46
C TRP D 923 -45.08 29.89 78.65
N ASN D 924 -44.45 31.03 78.40
CA ASN D 924 -43.80 31.76 79.45
C ASN D 924 -44.84 32.13 80.51
N PRO D 925 -44.65 31.82 81.80
CA PRO D 925 -45.57 32.13 82.87
C PRO D 925 -45.93 33.61 82.93
N LYS D 926 -45.07 34.50 82.42
CA LYS D 926 -45.37 35.92 82.45
C LYS D 926 -46.31 36.30 81.29
N PHE D 927 -46.24 35.54 80.19
CA PHE D 927 -47.11 35.77 79.04
C PHE D 927 -48.48 35.43 79.52
N ILE D 928 -48.54 34.31 80.24
CA ILE D 928 -49.79 33.80 80.73
C ILE D 928 -50.39 34.77 81.74
N GLU D 929 -49.56 35.25 82.68
CA GLU D 929 -50.06 36.20 83.66
C GLU D 929 -50.64 37.41 83.00
N ALA D 930 -49.92 37.95 82.02
CA ALA D 930 -50.35 39.15 81.35
C ALA D 930 -51.58 38.92 80.52
N LEU D 931 -51.68 37.80 79.81
CA LEU D 931 -52.88 37.59 79.02
C LEU D 931 -54.11 37.48 79.89
N ASP D 932 -54.03 36.66 80.94
CA ASP D 932 -55.19 36.44 81.77
C ASP D 932 -55.58 37.67 82.57
N LYS D 933 -54.59 38.30 83.20
CA LYS D 933 -54.89 39.46 83.98
C LYS D 933 -55.27 40.62 83.11
N ALA D 934 -54.64 40.79 81.96
CA ALA D 934 -54.97 41.95 81.15
C ALA D 934 -56.41 41.88 80.66
N ILE D 935 -56.90 40.69 80.34
CA ILE D 935 -58.30 40.60 79.90
C ILE D 935 -59.23 40.89 81.08
N ALA D 936 -58.95 40.28 82.23
CA ALA D 936 -59.78 40.51 83.40
C ALA D 936 -59.75 41.97 83.87
N SER D 937 -58.60 42.63 83.69
CA SER D 937 -58.33 43.99 84.14
C SER D 937 -58.98 45.04 83.28
N VAL D 938 -59.57 44.64 82.15
CA VAL D 938 -60.21 45.61 81.29
C VAL D 938 -61.72 45.37 81.37
N GLY D 939 -62.11 44.51 82.33
CA GLY D 939 -63.50 44.21 82.62
C GLY D 939 -64.15 43.06 81.88
N LEU D 940 -63.41 42.24 81.14
CA LEU D 940 -64.13 41.17 80.46
C LEU D 940 -64.22 39.95 81.36
N THR D 941 -65.09 40.08 82.35
CA THR D 941 -65.25 39.09 83.40
C THR D 941 -65.88 37.82 82.89
N VAL D 942 -65.28 36.70 83.33
CA VAL D 942 -65.77 35.37 83.02
C VAL D 942 -66.09 34.61 84.30
N ALA D 943 -67.29 34.06 84.36
CA ALA D 943 -67.74 33.27 85.51
C ALA D 943 -67.40 31.81 85.35
N MET D 944 -67.09 31.14 86.44
CA MET D 944 -66.86 29.71 86.30
C MET D 944 -68.19 29.01 86.49
N ASP D 945 -68.48 28.05 85.61
CA ASP D 945 -69.71 27.31 85.72
C ASP D 945 -69.62 26.26 86.82
N ASN D 946 -68.43 25.73 87.04
CA ASN D 946 -68.24 24.70 88.06
C ASN D 946 -67.96 25.35 89.40
N VAL D 947 -68.93 26.12 89.91
CA VAL D 947 -68.74 27.11 91.00
C VAL D 947 -68.05 26.52 92.23
N ALA D 948 -68.36 25.26 92.55
CA ALA D 948 -67.56 24.42 93.43
C ALA D 948 -67.59 22.97 92.93
N GLN D 949 -66.56 22.20 93.24
CA GLN D 949 -66.38 20.82 92.76
C GLN D 949 -67.49 19.89 93.30
N PRO E 985 -108.93 33.31 -9.78
CA PRO E 985 -109.19 34.49 -10.61
C PRO E 985 -108.35 35.73 -10.20
N GLN E 986 -108.17 35.97 -8.87
CA GLN E 986 -107.40 37.09 -8.30
C GLN E 986 -106.12 36.61 -7.66
N PHE E 987 -105.15 37.50 -7.55
CA PHE E 987 -103.89 37.14 -6.92
C PHE E 987 -103.67 37.82 -5.60
N GLY E 988 -103.60 37.04 -4.54
CA GLY E 988 -103.35 37.62 -3.24
C GLY E 988 -101.85 37.81 -3.16
N VAL E 989 -101.41 38.74 -2.34
CA VAL E 989 -99.99 38.99 -2.13
C VAL E 989 -99.65 38.96 -0.65
N GLY E 990 -98.64 38.17 -0.28
CA GLY E 990 -98.21 38.11 1.11
C GLY E 990 -97.09 39.12 1.33
N GLN E 991 -96.51 39.14 2.52
CA GLN E 991 -95.46 40.12 2.79
C GLN E 991 -94.07 39.71 2.35
N GLY E 992 -93.85 39.60 1.03
CA GLY E 992 -92.51 39.46 0.44
C GLY E 992 -91.60 40.67 0.71
N SER E 993 -90.30 40.50 0.50
CA SER E 993 -89.27 41.46 0.91
C SER E 993 -87.96 41.32 0.10
N GLY E 994 -87.02 42.24 0.27
CA GLY E 994 -85.70 42.23 -0.36
C GLY E 994 -85.71 42.72 -1.81
N PHE E 995 -86.50 42.06 -2.67
CA PHE E 995 -86.73 42.50 -4.05
C PHE E 995 -87.70 43.69 -4.14
N TYR E 996 -88.49 43.92 -3.11
CA TYR E 996 -89.35 45.09 -2.93
C TYR E 996 -89.73 45.24 -1.46
N PRO F 985 -105.19 42.32 66.39
CA PRO F 985 -105.28 43.41 65.43
C PRO F 985 -103.88 44.01 65.14
N GLN F 986 -102.99 43.17 64.57
CA GLN F 986 -101.62 43.52 64.19
C GLN F 986 -101.56 43.82 62.71
N PHE F 987 -101.52 45.11 62.40
CA PHE F 987 -101.57 45.60 61.04
C PHE F 987 -100.35 46.47 60.81
N GLY F 988 -99.89 46.60 59.56
CA GLY F 988 -98.69 47.38 59.29
C GLY F 988 -97.46 46.52 59.64
N VAL F 989 -97.65 45.21 59.50
CA VAL F 989 -96.65 44.20 59.82
C VAL F 989 -95.99 43.68 58.56
N GLY F 990 -94.71 43.96 58.43
CA GLY F 990 -93.93 43.61 57.26
C GLY F 990 -93.73 44.88 56.46
N GLN F 991 -92.49 45.20 56.13
CA GLN F 991 -92.21 46.43 55.41
C GLN F 991 -91.79 46.21 53.99
N GLY F 992 -91.56 47.33 53.27
CA GLY F 992 -91.02 47.38 51.92
C GLY F 992 -92.03 47.11 50.81
N SER F 993 -93.33 47.21 51.08
CA SER F 993 -94.38 46.84 50.13
C SER F 993 -94.44 47.71 48.86
N GLY F 994 -93.70 48.83 48.78
CA GLY F 994 -93.68 49.77 47.67
C GLY F 994 -95.02 50.46 47.32
N PHE F 995 -96.12 50.19 48.05
CA PHE F 995 -97.44 50.77 47.74
C PHE F 995 -97.58 52.24 48.17
N TYR F 996 -96.85 52.69 49.19
CA TYR F 996 -96.91 54.06 49.73
C TYR F 996 -95.53 54.54 50.18
N PRO G 985 -34.97 15.10 -7.48
CA PRO G 985 -34.29 16.19 -6.76
C PRO G 985 -35.19 17.44 -6.68
N GLN G 986 -36.36 17.29 -6.00
CA GLN G 986 -37.35 18.35 -5.77
C GLN G 986 -37.18 18.94 -4.40
N PHE G 987 -36.56 20.11 -4.37
CA PHE G 987 -36.20 20.78 -3.13
C PHE G 987 -36.81 22.16 -3.16
N GLY G 988 -37.07 22.76 -1.98
CA GLY G 988 -37.72 24.07 -1.96
C GLY G 988 -39.22 23.89 -2.19
N VAL G 989 -39.71 22.71 -1.77
CA VAL G 989 -41.09 22.29 -1.94
C VAL G 989 -41.85 22.43 -0.63
N GLY G 990 -42.81 23.33 -0.63
CA GLY G 990 -43.59 23.66 0.54
C GLY G 990 -43.09 25.00 1.05
N GLN G 991 -43.99 25.95 1.23
CA GLN G 991 -43.59 27.26 1.67
C GLN G 991 -43.98 27.60 3.09
N GLY G 992 -43.60 28.80 3.53
CA GLY G 992 -43.96 29.39 4.81
C GLY G 992 -43.15 28.90 6.00
N SER G 993 -42.00 28.29 5.79
CA SER G 993 -41.21 27.65 6.86
C SER G 993 -40.67 28.62 7.92
N GLY G 994 -40.74 29.95 7.72
CA GLY G 994 -40.24 30.99 8.61
C GLY G 994 -38.72 30.98 8.88
N PHE G 995 -37.93 30.05 8.28
CA PHE G 995 -36.49 29.96 8.54
C PHE G 995 -35.66 31.04 7.83
N TYR G 996 -36.14 31.57 6.69
CA TYR G 996 -35.43 32.58 5.89
C TYR G 996 -36.41 33.58 5.26
N PRO H 985 -31.88 21.66 68.98
CA PRO H 985 -31.03 22.70 69.57
C PRO H 985 -31.18 24.07 68.85
N GLN H 986 -31.29 24.08 67.50
CA GLN H 986 -31.43 25.30 66.66
C GLN H 986 -32.82 25.38 66.07
N PHE H 987 -33.22 26.58 65.72
CA PHE H 987 -34.53 26.77 65.11
C PHE H 987 -34.45 27.19 63.67
N GLY H 988 -34.96 26.34 62.79
CA GLY H 988 -34.97 26.69 61.39
C GLY H 988 -36.18 27.56 61.18
N VAL H 989 -36.15 28.39 60.16
CA VAL H 989 -37.27 29.27 59.84
C VAL H 989 -37.66 29.11 58.37
N GLY H 990 -38.94 28.86 58.11
CA GLY H 990 -39.44 28.73 56.75
C GLY H 990 -39.91 30.08 56.27
N GLN H 991 -40.48 30.14 55.07
CA GLN H 991 -40.92 31.44 54.54
C GLN H 991 -42.30 31.87 54.98
N GLY H 992 -42.48 32.15 56.27
CA GLY H 992 -43.67 32.83 56.81
C GLY H 992 -43.87 34.23 56.23
N SER H 993 -45.08 34.78 56.40
CA SER H 993 -45.52 36.02 55.75
C SER H 993 -46.68 36.70 56.50
N GLY H 994 -47.05 37.92 56.09
CA GLY H 994 -48.18 38.69 56.62
C GLY H 994 -47.84 39.40 57.94
N PHE H 995 -47.44 38.64 58.95
CA PHE H 995 -46.94 39.18 60.23
C PHE H 995 -45.50 39.73 60.13
N TYR H 996 -44.76 39.31 59.11
CA TYR H 996 -43.45 39.83 58.74
C TYR H 996 -43.13 39.47 57.30
N ALA I 413 -2.41 20.94 80.08
CA ALA I 413 -2.13 19.60 80.60
C ALA I 413 -0.74 19.19 80.13
N GLY I 414 -0.49 19.23 78.79
CA GLY I 414 0.82 18.93 78.17
C GLY I 414 1.78 20.08 78.46
N ASN I 415 1.22 21.20 78.88
CA ASN I 415 2.01 22.36 79.19
C ASN I 415 2.47 22.29 80.62
N LEU I 416 2.08 21.22 81.33
CA LEU I 416 2.54 21.08 82.69
C LEU I 416 3.85 20.38 82.66
N ASN I 417 4.34 20.05 81.46
CA ASN I 417 5.66 19.49 81.37
C ASN I 417 6.66 20.54 81.84
N SER I 418 6.26 21.83 81.76
CA SER I 418 7.09 22.93 82.21
C SER I 418 7.28 22.95 83.73
N ILE I 419 6.42 22.24 84.48
CA ILE I 419 6.53 22.12 85.93
C ILE I 419 7.08 20.74 86.26
N PHE I 420 6.61 19.73 85.52
CA PHE I 420 6.91 18.34 85.78
C PHE I 420 8.38 18.06 85.72
N GLN I 421 9.03 18.70 84.76
CA GLN I 421 10.45 18.52 84.50
C GLN I 421 11.39 19.56 85.13
N ARG I 422 10.88 20.47 85.99
CA ARG I 422 11.78 21.51 86.54
C ARG I 422 12.91 21.03 87.43
N SER I 423 12.69 19.98 88.19
CA SER I 423 13.71 19.51 89.10
C SER I 423 13.65 18.03 89.36
N GLY I 424 14.79 17.48 89.72
CA GLY I 424 14.85 16.09 90.14
C GLY I 424 14.91 15.11 88.97
N ARG I 425 14.87 13.84 89.34
CA ARG I 425 14.97 12.67 88.47
C ARG I 425 13.89 11.65 88.80
N THR I 426 13.56 10.74 87.89
CA THR I 426 12.59 9.72 88.30
C THR I 426 12.98 8.31 87.91
N ASP I 427 12.20 7.37 88.41
CA ASP I 427 12.34 5.95 88.14
C ASP I 427 11.40 5.62 86.97
N GLY I 428 11.94 5.35 85.78
CA GLY I 428 11.07 5.14 84.62
C GLY I 428 11.83 4.58 83.42
N GLY I 429 11.13 4.53 82.28
CA GLY I 429 11.66 3.97 81.03
C GLY I 429 11.07 2.58 80.81
N ASP I 430 10.75 2.21 79.57
CA ASP I 430 10.21 0.87 79.29
C ASP I 430 11.31 -0.20 79.33
N ALA I 431 10.90 -1.47 79.49
CA ALA I 431 11.83 -2.60 79.62
C ALA I 431 12.80 -2.76 78.45
N ARG I 432 12.38 -2.48 77.20
CA ARG I 432 13.26 -2.56 76.03
C ARG I 432 14.21 -1.37 75.97
N ALA I 433 13.77 -0.14 76.18
CA ALA I 433 14.69 0.99 76.23
C ALA I 433 15.71 0.89 77.38
N SER I 434 15.30 0.33 78.51
CA SER I 434 16.19 0.00 79.61
C SER I 434 17.24 -1.04 79.19
N GLU I 435 16.82 -2.15 78.58
CA GLU I 435 17.78 -3.18 78.20
C GLU I 435 18.68 -2.67 77.10
N ALA I 436 18.09 -1.92 76.17
CA ALA I 436 18.85 -1.40 75.08
C ALA I 436 19.90 -0.43 75.57
N LEU I 437 19.58 0.41 76.55
CA LEU I 437 20.59 1.32 76.99
C LEU I 437 21.73 0.56 77.60
N ALA I 438 21.40 -0.45 78.42
CA ALA I 438 22.45 -1.21 79.08
C ALA I 438 23.38 -1.92 78.10
N VAL I 439 22.82 -2.51 77.02
CA VAL I 439 23.71 -3.22 76.10
C VAL I 439 24.48 -2.22 75.27
N PHE I 440 23.87 -1.12 74.88
CA PHE I 440 24.59 -0.17 74.07
C PHE I 440 25.70 0.50 74.84
N ASN I 441 25.52 0.76 76.14
CA ASN I 441 26.62 1.33 76.89
C ASN I 441 27.76 0.30 77.03
N LYS I 442 27.40 -0.99 77.20
CA LYS I 442 28.42 -2.02 77.29
C LYS I 442 29.25 -2.07 76.02
N LEU I 443 28.56 -2.02 74.88
CA LEU I 443 29.18 -2.11 73.59
C LEU I 443 30.06 -0.91 73.33
N LYS I 444 29.61 0.28 73.75
CA LYS I 444 30.47 1.43 73.61
C LYS I 444 31.80 1.18 74.30
N GLU I 445 31.73 0.71 75.55
CA GLU I 445 32.95 0.52 76.30
C GLU I 445 33.84 -0.57 75.73
N GLU I 446 33.26 -1.65 75.20
CA GLU I 446 34.12 -2.67 74.65
C GLU I 446 34.80 -2.13 73.40
N ALA I 447 34.05 -1.39 72.57
CA ALA I 447 34.62 -0.84 71.36
C ALA I 447 35.77 0.10 71.72
N ILE I 448 35.66 0.82 72.84
CA ILE I 448 36.77 1.68 73.22
C ILE I 448 37.95 0.81 73.64
N ALA I 449 37.68 -0.23 74.45
CA ALA I 449 38.72 -1.13 74.96
C ALA I 449 39.51 -1.82 73.86
N GLN I 450 38.84 -2.15 72.76
CA GLN I 450 39.48 -2.82 71.63
C GLN I 450 40.09 -1.83 70.68
N GLN I 451 40.00 -0.53 70.99
CA GLN I 451 40.41 0.63 70.20
C GLN I 451 39.68 0.78 68.86
N ASP I 452 38.47 0.24 68.72
CA ASP I 452 37.76 0.32 67.46
C ASP I 452 37.02 1.64 67.42
N LEU I 453 36.54 2.08 68.58
CA LEU I 453 35.77 3.31 68.71
C LEU I 453 36.56 4.38 69.46
N HIS I 454 36.46 5.65 69.06
CA HIS I 454 37.06 6.78 69.78
C HIS I 454 36.15 7.28 70.91
N ASP I 455 36.70 7.68 72.05
CA ASP I 455 35.95 8.02 73.27
C ASP I 455 35.54 9.51 73.35
N ASP I 456 34.93 10.04 72.29
CA ASP I 456 34.69 11.49 72.10
C ASP I 456 33.19 11.89 72.19
N PHE I 457 32.32 11.02 72.70
CA PHE I 457 30.87 11.14 72.51
C PHE I 457 30.00 10.44 73.57
N LEU I 458 28.67 10.54 73.42
CA LEU I 458 27.68 10.03 74.37
C LEU I 458 26.53 9.23 73.70
N VAL I 459 25.96 8.32 74.49
CA VAL I 459 24.77 7.50 74.19
C VAL I 459 23.68 7.87 75.16
N PHE I 460 22.47 8.16 74.69
CA PHE I 460 21.39 8.59 75.58
C PHE I 460 20.12 7.80 75.44
N ARG I 461 19.35 7.61 76.53
CA ARG I 461 18.02 6.98 76.46
C ARG I 461 16.95 8.06 76.34
N PHE I 462 16.06 7.94 75.34
CA PHE I 462 14.93 8.85 75.22
C PHE I 462 13.68 8.10 75.70
N ASP I 463 13.03 8.60 76.74
CA ASP I 463 11.88 7.91 77.32
C ASP I 463 10.52 8.41 76.90
N ARG I 464 9.57 7.48 76.84
CA ARG I 464 8.19 7.85 76.50
C ARG I 464 7.53 8.41 77.75
N ASP I 465 8.09 8.09 78.91
CA ASP I 465 7.66 8.55 80.23
C ASP I 465 8.20 9.96 80.49
N GLN I 466 9.52 10.12 80.45
CA GLN I 466 10.13 11.40 80.78
C GLN I 466 9.81 12.48 79.72
N ASN I 467 9.46 12.11 78.48
CA ASN I 467 9.26 13.06 77.40
C ASN I 467 8.32 12.55 76.29
N ARG I 468 7.93 13.47 75.39
CA ARG I 468 6.75 13.48 74.53
C ARG I 468 6.84 12.66 73.22
N VAL I 469 7.09 11.35 73.28
CA VAL I 469 6.98 10.46 72.14
C VAL I 469 6.13 9.25 72.44
N GLY I 470 5.64 8.60 71.39
CA GLY I 470 4.94 7.35 71.57
C GLY I 470 5.91 6.18 71.70
N TYR I 471 7.03 6.29 71.03
CA TYR I 471 8.03 5.24 71.03
C TYR I 471 9.35 5.75 71.51
N SER I 472 9.89 5.02 72.46
CA SER I 472 11.19 5.29 73.06
C SER I 472 12.27 4.94 72.06
N ALA I 473 13.45 5.49 72.30
CA ALA I 473 14.56 5.29 71.37
C ALA I 473 15.88 5.52 72.06
N LEU I 474 16.94 4.95 71.53
CA LEU I 474 18.25 5.37 72.04
C LEU I 474 18.80 6.36 71.08
N LEU I 475 19.61 7.25 71.56
CA LEU I 475 20.16 8.24 70.69
C LEU I 475 21.65 8.12 70.58
N VAL I 476 22.12 7.99 69.34
CA VAL I 476 23.55 7.96 69.08
C VAL I 476 23.92 9.41 68.86
N VAL I 477 24.68 9.99 69.80
CA VAL I 477 24.93 11.41 69.72
C VAL I 477 26.40 11.84 69.69
N LYS I 478 26.74 12.69 68.72
CA LYS I 478 28.10 13.25 68.67
C LYS I 478 28.03 14.75 68.55
N ARG I 479 29.02 15.43 69.08
CA ARG I 479 29.01 16.88 69.03
C ARG I 479 30.33 17.56 68.79
N ALA I 480 30.25 18.74 68.17
CA ALA I 480 31.37 19.66 68.01
C ALA I 480 30.86 21.08 67.83
N ALA I 481 31.67 22.08 68.14
CA ALA I 481 31.24 23.43 67.80
C ALA I 481 31.81 23.78 66.45
N ILE I 482 30.96 24.27 65.57
CA ILE I 482 31.38 24.60 64.21
C ILE I 482 31.21 26.08 63.95
N ASN I 483 32.34 26.76 63.81
CA ASN I 483 32.38 28.21 63.58
C ASN I 483 31.54 28.98 64.61
N GLY I 484 31.61 28.54 65.85
CA GLY I 484 30.90 29.18 66.96
C GLY I 484 29.53 28.58 67.29
N GLN I 485 28.96 27.75 66.42
CA GLN I 485 27.65 27.18 66.73
C GLN I 485 27.80 25.80 67.32
N GLN I 486 27.08 25.50 68.39
CA GLN I 486 27.20 24.15 68.89
C GLN I 486 26.35 23.24 68.02
N VAL I 487 26.97 22.20 67.45
CA VAL I 487 26.25 21.31 66.57
C VAL I 487 26.29 19.86 67.06
N ILE I 488 25.11 19.28 67.13
CA ILE I 488 24.95 17.90 67.56
C ILE I 488 24.36 17.06 66.45
N VAL I 489 24.94 15.90 66.16
CA VAL I 489 24.33 15.06 65.15
C VAL I 489 23.76 13.84 65.82
N THR I 490 22.49 13.58 65.59
CA THR I 490 21.85 12.45 66.23
C THR I 490 21.25 11.45 65.26
N ARG I 491 21.48 10.18 65.58
CA ARG I 491 20.90 9.05 64.85
C ARG I 491 20.05 8.22 65.82
N PRO I 492 18.74 8.49 65.95
CA PRO I 492 17.83 7.75 66.82
C PRO I 492 17.69 6.28 66.42
N LEU I 493 17.59 5.43 67.43
CA LEU I 493 17.34 4.00 67.26
C LEU I 493 16.04 3.65 67.97
N VAL I 494 14.95 3.53 67.24
CA VAL I 494 13.65 3.32 67.85
C VAL I 494 13.57 1.93 68.42
N MET I 495 12.99 1.82 69.62
CA MET I 495 12.85 0.56 70.32
C MET I 495 11.40 0.10 70.52
N PRO I 496 10.71 -0.46 69.51
CA PRO I 496 9.33 -0.86 69.60
C PRO I 496 9.26 -1.90 70.68
N ASN I 497 8.18 -1.92 71.42
CA ASN I 497 8.03 -2.81 72.55
C ASN I 497 6.73 -3.53 72.32
N ASP I 498 6.80 -4.85 72.16
CA ASP I 498 5.67 -5.70 71.87
C ASP I 498 4.59 -5.70 72.93
N GLN I 499 4.94 -5.25 74.14
CA GLN I 499 4.01 -5.24 75.26
C GLN I 499 3.36 -3.87 75.43
N ILE I 500 3.75 -2.90 74.60
CA ILE I 500 3.21 -1.55 74.74
C ILE I 500 2.43 -1.11 73.52
N THR I 501 1.18 -0.75 73.72
CA THR I 501 0.36 -0.32 72.60
C THR I 501 0.11 1.17 72.66
N LEU I 502 0.49 1.86 71.60
CA LEU I 502 0.28 3.28 71.49
C LEU I 502 -1.14 3.42 70.94
N PRO I 503 -1.97 4.36 71.39
CA PRO I 503 -3.30 4.54 70.86
C PRO I 503 -3.20 4.70 69.37
N THR I 504 -4.15 4.10 68.68
CA THR I 504 -4.23 4.10 67.24
C THR I 504 -4.78 5.37 66.66
N LYS I 505 -4.49 5.63 65.38
CA LYS I 505 -4.96 6.74 64.58
C LYS I 505 -6.25 6.36 63.86
N LYS I 506 -7.19 7.29 63.68
CA LYS I 506 -8.38 7.05 62.88
C LYS I 506 -8.17 7.40 61.43
N LEU I 507 -8.30 6.40 60.58
CA LEU I 507 -8.15 6.53 59.14
C LEU I 507 -9.54 6.62 58.53
N THR I 508 -10.05 7.82 58.22
CA THR I 508 -11.39 7.86 57.67
C THR I 508 -11.30 7.78 56.17
N ILE I 509 -11.99 6.80 55.59
CA ILE I 509 -11.94 6.59 54.17
C ILE I 509 -13.26 6.92 53.50
N GLN I 510 -13.22 7.88 52.60
CA GLN I 510 -14.45 8.28 51.96
C GLN I 510 -14.67 7.45 50.71
N ASN I 511 -15.34 6.33 50.89
CA ASN I 511 -15.55 5.39 49.78
C ASN I 511 -16.78 5.80 48.99
N GLY I 512 -16.63 6.87 48.22
CA GLY I 512 -17.76 7.40 47.50
C GLY I 512 -18.77 7.90 48.51
N MET I 513 -19.99 7.35 48.47
CA MET I 513 -21.03 7.78 49.40
C MET I 513 -20.96 7.04 50.75
N HIS I 514 -20.02 6.10 50.87
CA HIS I 514 -19.87 5.32 52.09
C HIS I 514 -18.66 5.75 52.91
N GLN I 515 -18.89 6.15 54.15
CA GLN I 515 -17.78 6.58 54.97
C GLN I 515 -17.53 5.56 56.07
N GLU I 516 -16.29 5.09 56.14
CA GLU I 516 -15.90 4.11 57.15
C GLU I 516 -14.52 4.42 57.71
N THR I 517 -14.35 4.23 59.02
CA THR I 517 -13.06 4.49 59.64
C THR I 517 -12.34 3.24 60.12
N ILE I 518 -11.07 3.15 59.75
CA ILE I 518 -10.22 2.04 60.18
C ILE I 518 -9.26 2.56 61.24
N GLU I 519 -9.16 1.91 62.37
CA GLU I 519 -8.19 2.39 63.33
C GLU I 519 -6.90 1.59 63.12
N ALA I 520 -5.76 2.25 63.23
CA ALA I 520 -4.50 1.50 63.04
C ALA I 520 -3.33 2.07 63.85
N GLU I 521 -2.39 1.17 64.16
CA GLU I 521 -1.17 1.49 64.90
C GLU I 521 -0.23 2.40 64.14
N ALA I 522 0.41 3.31 64.87
CA ALA I 522 1.39 4.19 64.25
C ALA I 522 2.70 3.43 64.02
N ASP I 523 3.19 3.50 62.78
CA ASP I 523 4.46 2.88 62.41
C ASP I 523 5.55 3.92 62.55
N VAL I 524 6.79 3.59 62.26
CA VAL I 524 7.83 4.60 62.46
C VAL I 524 7.61 5.84 61.60
N GLN I 525 6.97 5.71 60.45
CA GLN I 525 6.63 6.83 59.59
C GLN I 525 5.61 7.77 60.21
N ASP I 526 4.69 7.23 61.02
CA ASP I 526 3.62 8.01 61.63
C ASP I 526 4.11 8.60 62.94
N VAL I 527 5.01 7.86 63.57
CA VAL I 527 5.60 8.21 64.85
C VAL I 527 6.60 9.33 64.70
N PHE I 528 7.47 9.23 63.70
CA PHE I 528 8.50 10.24 63.52
C PHE I 528 7.97 11.48 62.81
N THR I 529 7.21 12.21 63.56
CA THR I 529 6.58 13.44 63.14
C THR I 529 7.59 14.54 63.32
N THR I 530 7.28 15.74 62.86
CA THR I 530 8.23 16.81 63.05
C THR I 530 8.40 17.12 64.53
N GLN I 531 7.32 16.98 65.30
CA GLN I 531 7.46 17.26 66.71
C GLN I 531 8.18 16.14 67.40
N TYR I 532 8.04 14.89 66.92
CA TYR I 532 8.77 13.79 67.56
C TYR I 532 10.23 14.19 67.58
N TRP I 533 10.73 14.60 66.41
CA TRP I 533 12.12 15.03 66.28
C TRP I 533 12.47 16.19 67.17
N ASN I 534 11.59 17.19 67.21
CA ASN I 534 11.88 18.35 68.03
C ASN I 534 12.01 17.96 69.49
N ARG I 535 11.21 16.97 69.92
CA ARG I 535 11.26 16.51 71.30
C ARG I 535 12.55 15.74 71.54
N ILE I 536 13.02 14.98 70.53
CA ILE I 536 14.28 14.27 70.66
C ILE I 536 15.36 15.28 70.91
N CYS I 537 15.38 16.36 70.11
CA CYS I 537 16.36 17.44 70.24
C CYS I 537 16.34 18.03 71.64
N ASP I 538 15.15 18.32 72.17
CA ASP I 538 15.07 18.96 73.49
C ASP I 538 15.64 18.08 74.58
N SER I 539 15.34 16.78 74.52
CA SER I 539 15.84 15.85 75.53
C SER I 539 17.34 15.78 75.47
N ILE I 540 17.89 15.77 74.25
CA ILE I 540 19.33 15.69 74.14
C ILE I 540 19.91 16.90 74.82
N ARG I 541 19.35 18.08 74.56
CA ARG I 541 19.90 19.28 75.19
C ARG I 541 19.85 19.17 76.72
N GLN I 542 18.76 18.60 77.26
CA GLN I 542 18.70 18.42 78.72
C GLN I 542 19.82 17.49 79.20
N GLN I 543 20.13 16.47 78.39
CA GLN I 543 21.13 15.46 78.71
C GLN I 543 22.61 15.87 78.41
N THR I 544 22.83 16.80 77.46
CA THR I 544 24.18 17.21 77.08
C THR I 544 24.58 18.56 77.69
N GLY I 545 23.58 19.36 78.06
CA GLY I 545 23.74 20.69 78.64
C GLY I 545 23.79 21.76 77.56
N LYS I 546 23.80 21.32 76.31
CA LYS I 546 23.91 22.25 75.22
C LYS I 546 22.55 22.76 74.80
N HIS I 547 22.03 23.65 75.62
CA HIS I 547 20.69 24.18 75.47
C HIS I 547 20.49 25.10 74.28
N ASP I 548 21.56 25.67 73.76
CA ASP I 548 21.48 26.50 72.58
C ASP I 548 21.97 25.77 71.32
N ALA I 549 22.15 24.43 71.38
CA ALA I 549 22.64 23.66 70.24
C ALA I 549 21.60 23.43 69.14
N MET I 550 22.14 23.30 67.93
CA MET I 550 21.39 22.93 66.73
C MET I 550 21.59 21.45 66.54
N VAL I 551 20.53 20.72 66.16
CA VAL I 551 20.69 19.29 66.02
C VAL I 551 20.37 18.81 64.59
N ILE I 552 21.33 18.09 64.03
CA ILE I 552 21.32 17.48 62.71
C ILE I 552 20.68 16.10 62.73
N ASN I 553 19.75 15.85 61.81
CA ASN I 553 19.02 14.60 61.75
C ASN I 553 19.75 13.63 60.83
N ALA I 554 20.39 12.61 61.40
CA ALA I 554 21.14 11.63 60.64
C ALA I 554 20.25 10.51 60.14
N GLY I 555 18.97 10.62 60.45
CA GLY I 555 18.00 9.67 60.01
C GLY I 555 17.65 8.67 61.10
N PRO I 556 16.42 8.62 61.57
CA PRO I 556 16.02 7.71 62.59
C PRO I 556 16.00 6.37 61.99
N THR I 557 16.26 5.35 62.74
CA THR I 557 16.04 4.01 62.26
C THR I 557 15.38 3.26 63.35
N VAL I 558 15.09 2.01 63.11
CA VAL I 558 14.42 1.21 64.11
C VAL I 558 15.07 -0.12 64.31
N ILE I 559 15.12 -0.54 65.57
CA ILE I 559 15.55 -1.86 65.93
C ILE I 559 14.29 -2.57 66.46
N PRO I 560 13.62 -3.39 65.63
CA PRO I 560 12.31 -4.00 65.83
C PRO I 560 12.19 -4.78 67.09
N ALA I 561 10.98 -4.91 67.61
CA ALA I 561 10.75 -5.63 68.87
C ALA I 561 11.26 -7.08 68.78
N ASP I 562 11.09 -7.76 67.64
CA ASP I 562 10.95 -9.24 67.58
C ASP I 562 12.12 -10.10 68.10
N PHE I 563 13.35 -9.82 67.71
CA PHE I 563 14.53 -10.66 67.99
C PHE I 563 15.07 -10.51 69.43
N ASP I 564 15.93 -11.44 69.87
CA ASP I 564 16.62 -11.40 71.18
C ASP I 564 17.77 -10.37 71.22
N LEU I 565 17.87 -9.55 72.27
CA LEU I 565 18.83 -8.43 72.36
C LEU I 565 20.31 -8.85 72.57
N LYS I 566 20.61 -10.16 72.64
CA LYS I 566 21.97 -10.69 72.91
C LYS I 566 22.96 -10.62 71.75
N ASP I 567 22.54 -10.15 70.55
CA ASP I 567 23.41 -10.04 69.38
C ASP I 567 24.36 -8.82 69.45
N GLU I 568 25.34 -8.91 70.37
CA GLU I 568 26.35 -7.90 70.58
C GLU I 568 27.09 -7.54 69.31
N LEU I 569 27.29 -8.50 68.40
CA LEU I 569 28.02 -8.16 67.17
C LEU I 569 27.25 -7.16 66.33
N VAL I 570 25.96 -7.45 66.12
CA VAL I 570 25.19 -6.51 65.30
C VAL I 570 25.08 -5.16 65.99
N LEU I 571 24.83 -5.19 67.28
CA LEU I 571 24.61 -3.96 68.02
C LEU I 571 25.87 -3.09 68.00
N LYS I 572 27.06 -3.73 68.11
CA LYS I 572 28.31 -2.99 68.04
C LYS I 572 28.42 -2.33 66.69
N GLN I 573 28.07 -3.10 65.64
CA GLN I 573 28.16 -2.59 64.29
C GLN I 573 27.18 -1.44 64.08
N LEU I 574 26.01 -1.49 64.72
CA LEU I 574 25.07 -0.39 64.58
C LEU I 574 25.66 0.86 65.17
N LEU I 575 26.34 0.75 66.33
CA LEU I 575 26.93 1.96 66.89
C LEU I 575 28.02 2.49 66.01
N ILE I 576 28.84 1.60 65.47
CA ILE I 576 29.94 1.97 64.59
C ILE I 576 29.40 2.73 63.39
N LYS I 577 28.40 2.18 62.71
CA LYS I 577 27.87 2.79 61.51
C LYS I 577 27.19 4.13 61.80
N SER I 578 26.50 4.19 62.94
CA SER I 578 25.78 5.39 63.29
C SER I 578 26.74 6.53 63.67
N VAL I 579 27.85 6.21 64.33
CA VAL I 579 28.80 7.27 64.64
C VAL I 579 29.52 7.71 63.36
N ASN I 580 29.74 6.81 62.41
CA ASN I 580 30.36 7.15 61.14
C ASN I 580 29.57 8.26 60.50
N LEU I 581 28.26 8.01 60.44
CA LEU I 581 27.40 8.95 59.77
C LEU I 581 27.38 10.27 60.55
N CYS I 582 27.41 10.19 61.88
CA CYS I 582 27.42 11.41 62.66
C CYS I 582 28.67 12.25 62.36
N ASP I 583 29.83 11.59 62.20
CA ASP I 583 31.06 12.31 61.89
C ASP I 583 30.98 12.95 60.52
N ASP I 584 30.38 12.24 59.56
CA ASP I 584 30.21 12.76 58.21
C ASP I 584 29.39 14.03 58.26
N MET I 585 28.28 13.98 58.99
CA MET I 585 27.41 15.13 58.95
C MET I 585 28.02 16.33 59.67
N LEU I 586 28.82 16.09 60.74
CA LEU I 586 29.50 17.24 61.33
C LEU I 586 30.50 17.76 60.31
N ALA I 587 31.19 16.85 59.61
CA ALA I 587 32.18 17.26 58.63
C ALA I 587 31.56 18.07 57.50
N LYS I 588 30.42 17.62 56.98
CA LYS I 588 29.83 18.23 55.80
C LYS I 588 29.23 19.57 56.17
N ARG I 589 28.72 19.72 57.40
CA ARG I 589 28.38 21.01 58.00
C ARG I 589 29.62 21.90 58.21
N SER I 590 30.76 21.31 58.55
CA SER I 590 32.06 22.00 58.72
C SER I 590 32.69 22.49 57.41
N GLY I 591 32.10 22.14 56.27
CA GLY I 591 32.64 22.43 54.94
C GLY I 591 33.66 21.43 54.38
N GLU I 592 33.69 20.16 54.82
CA GLU I 592 34.61 19.15 54.28
C GLU I 592 34.53 18.97 52.74
N GLN I 593 35.66 18.69 52.09
CA GLN I 593 35.77 18.53 50.64
C GLN I 593 34.97 17.31 50.09
N PRO I 594 34.31 17.43 48.93
CA PRO I 594 33.40 16.42 48.40
C PRO I 594 34.11 15.28 47.66
N PHE I 595 33.44 14.14 47.49
CA PHE I 595 33.88 13.10 46.58
C PHE I 595 33.75 13.53 45.15
N SER I 596 34.75 13.23 44.32
CA SER I 596 34.67 13.56 42.92
C SER I 596 35.39 12.62 41.98
N VAL I 597 35.06 12.76 40.68
CA VAL I 597 35.66 11.92 39.65
C VAL I 597 37.14 12.23 39.57
N ALA I 598 37.52 13.46 39.90
CA ALA I 598 38.89 13.93 39.91
C ALA I 598 39.75 13.16 40.90
N MET I 599 39.14 12.63 41.96
CA MET I 599 39.89 11.90 42.95
C MET I 599 40.14 10.49 42.43
N LEU I 600 39.19 10.00 41.63
CA LEU I 600 39.29 8.69 41.01
C LEU I 600 40.11 8.71 39.73
N LYS I 601 40.08 9.82 39.04
CA LYS I 601 40.71 9.90 37.74
C LYS I 601 42.19 10.14 37.83
N GLY I 602 42.90 9.09 38.19
CA GLY I 602 44.35 9.21 38.24
C GLY I 602 44.74 9.31 36.78
N THR I 603 45.90 9.88 36.46
CA THR I 603 46.29 9.98 35.06
C THR I 603 46.67 8.61 34.51
N ASP I 604 46.91 7.70 35.43
CA ASP I 604 47.23 6.32 35.17
C ASP I 604 46.16 5.36 35.72
N GLU I 605 44.88 5.72 35.85
CA GLU I 605 43.86 4.83 36.47
C GLU I 605 42.55 4.79 35.67
N THR I 606 41.92 3.61 35.53
CA THR I 606 40.59 3.50 34.88
C THR I 606 39.60 2.61 35.65
N LEU I 607 38.30 2.79 35.37
CA LEU I 607 37.24 1.98 35.98
C LEU I 607 36.79 0.84 35.09
N ALA I 608 36.16 -0.14 35.69
CA ALA I 608 35.55 -1.26 35.00
C ALA I 608 34.38 -1.79 35.80
N ALA I 609 33.41 -2.45 35.16
CA ALA I 609 32.27 -2.99 35.94
C ALA I 609 31.61 -4.25 35.36
N ARG I 610 30.98 -5.02 36.28
CA ARG I 610 30.26 -6.25 35.91
C ARG I 610 28.91 -6.44 36.59
N LEU I 611 28.06 -7.26 35.98
CA LEU I 611 26.78 -7.61 36.58
C LEU I 611 26.83 -9.00 37.17
N ASN I 612 26.60 -9.07 38.48
CA ASN I 612 26.58 -10.33 39.19
C ASN I 612 25.16 -10.87 39.21
N PHE I 613 24.94 -12.02 38.58
CA PHE I 613 23.70 -12.80 38.69
C PHE I 613 23.75 -13.70 39.93
N THR I 614 23.42 -13.10 41.06
CA THR I 614 23.91 -13.57 42.35
C THR I 614 23.53 -15.01 42.70
N GLY I 615 22.25 -15.37 42.66
CA GLY I 615 21.74 -16.58 43.32
C GLY I 615 21.63 -16.51 44.85
N LYS I 616 21.82 -15.34 45.49
CA LYS I 616 21.73 -15.10 46.95
C LYS I 616 21.24 -13.67 47.33
N PRO I 617 20.59 -13.49 48.49
CA PRO I 617 20.20 -12.19 49.05
C PRO I 617 21.32 -11.49 49.82
N MET I 618 21.15 -10.20 50.09
CA MET I 618 22.08 -9.35 50.85
C MET I 618 21.36 -8.71 52.02
N HIS I 619 22.06 -8.27 53.06
CA HIS I 619 21.45 -8.06 54.35
C HIS I 619 21.74 -6.67 54.88
N ASP I 620 20.74 -6.09 55.55
CA ASP I 620 20.88 -4.74 56.07
C ASP I 620 21.64 -4.75 57.39
N SER I 621 21.74 -3.58 58.02
CA SER I 621 22.52 -3.48 59.26
C SER I 621 21.98 -4.31 60.43
N LEU I 622 20.73 -4.78 60.37
CA LEU I 622 20.16 -5.62 61.42
C LEU I 622 20.07 -7.07 60.99
N GLY I 623 20.60 -7.38 59.81
CA GLY I 623 20.56 -8.73 59.28
C GLY I 623 19.31 -9.13 58.50
N TYR I 624 18.46 -8.18 58.08
CA TYR I 624 17.27 -8.62 57.35
C TYR I 624 17.61 -8.64 55.87
N PRO I 625 17.07 -9.59 55.07
CA PRO I 625 17.35 -9.73 53.64
C PRO I 625 16.77 -8.61 52.80
N ILE I 626 17.47 -8.24 51.75
CA ILE I 626 17.07 -7.28 50.74
C ILE I 626 17.03 -7.94 49.36
N ARG I 627 15.89 -7.86 48.68
CA ARG I 627 15.82 -8.43 47.33
C ARG I 627 16.77 -7.76 46.36
N SER I 628 17.45 -8.61 45.58
CA SER I 628 18.34 -8.22 44.51
C SER I 628 18.41 -9.34 43.49
N ASP I 629 18.26 -9.04 42.20
CA ASP I 629 18.44 -10.07 41.19
C ASP I 629 19.83 -9.94 40.62
N ILE I 630 20.29 -8.69 40.55
CA ILE I 630 21.57 -8.33 39.99
C ILE I 630 22.36 -7.43 40.94
N LEU I 631 23.59 -7.81 41.24
CA LEU I 631 24.41 -6.89 42.03
C LEU I 631 25.42 -6.26 41.09
N VAL I 632 25.39 -4.93 40.98
CA VAL I 632 26.31 -4.33 40.04
C VAL I 632 27.55 -3.93 40.78
N SER I 633 28.68 -4.45 40.33
CA SER I 633 29.95 -4.19 40.99
C SER I 633 30.86 -3.30 40.16
N LEU I 634 31.20 -2.14 40.73
CA LEU I 634 32.09 -1.22 40.06
C LEU I 634 33.45 -1.41 40.67
N ASN I 635 34.39 -1.78 39.81
CA ASN I 635 35.74 -2.13 40.19
C ASN I 635 36.53 -0.91 40.59
N ARG I 636 37.54 -1.13 41.40
CA ARG I 636 38.41 -0.08 41.88
C ARG I 636 39.11 0.58 40.72
N VAL I 637 39.20 1.90 40.75
CA VAL I 637 39.87 2.55 39.66
C VAL I 637 41.38 2.24 39.80
N LYS I 638 42.00 1.76 38.73
CA LYS I 638 43.45 1.44 38.76
C LYS I 638 43.95 1.09 37.37
N LYS I 639 45.26 0.86 37.24
CA LYS I 639 45.78 0.32 35.99
C LYS I 639 46.97 -0.64 36.20
N PRO I 640 47.11 -1.72 35.42
CA PRO I 640 48.28 -2.56 35.43
C PRO I 640 49.46 -1.67 35.09
N GLY I 641 50.58 -1.88 35.75
CA GLY I 641 51.75 -1.07 35.49
C GLY I 641 51.95 -0.02 36.57
N GLN I 642 50.93 0.19 37.42
CA GLN I 642 51.09 1.14 38.50
C GLN I 642 51.90 0.49 39.60
N GLN I 643 52.54 1.33 40.41
CA GLN I 643 53.30 0.82 41.54
C GLN I 643 52.42 0.03 42.49
N GLU I 644 52.88 -1.18 42.82
CA GLU I 644 52.20 -2.05 43.74
C GLU I 644 52.40 -1.52 45.15
N ASN I 645 51.34 -1.45 45.95
CA ASN I 645 51.42 -0.89 47.29
C ASN I 645 51.88 -1.87 48.37
N GLU I 646 53.17 -2.20 48.30
CA GLU I 646 53.87 -3.14 49.18
C GLU I 646 53.22 -4.53 49.11
N PHE I 647 53.38 -5.36 50.13
CA PHE I 647 52.77 -6.68 50.15
C PHE I 647 51.37 -6.59 50.65
N TYR I 648 50.43 -6.27 49.76
CA TYR I 648 49.04 -6.08 50.11
C TYR I 648 48.12 -7.08 49.42
N GLU I 649 46.93 -7.25 49.96
CA GLU I 649 45.87 -7.97 49.26
C GLU I 649 44.57 -7.25 49.48
N ALA I 650 43.85 -6.97 48.41
CA ALA I 650 42.62 -6.22 48.54
C ALA I 650 41.63 -6.60 47.47
N GLU I 651 40.36 -6.40 47.74
CA GLU I 651 39.35 -6.57 46.72
C GLU I 651 39.34 -5.34 45.86
N ASP I 652 39.37 -5.50 44.56
CA ASP I 652 39.38 -4.36 43.66
C ASP I 652 37.99 -3.82 43.42
N LYS I 653 37.38 -3.26 44.44
CA LYS I 653 36.02 -2.73 44.34
C LYS I 653 35.94 -1.30 44.86
N LEU I 654 35.13 -0.49 44.18
CA LEU I 654 34.87 0.89 44.61
C LEU I 654 33.51 1.01 45.26
N ASN I 655 32.49 0.49 44.58
CA ASN I 655 31.11 0.54 45.11
C ASN I 655 30.18 -0.46 44.44
N GLN I 656 28.94 -0.50 44.92
CA GLN I 656 27.98 -1.41 44.32
C GLN I 656 26.53 -0.96 44.44
N VAL I 657 25.72 -1.41 43.49
CA VAL I 657 24.27 -1.15 43.56
C VAL I 657 23.47 -2.43 43.43
N SER I 658 22.56 -2.61 44.37
CA SER I 658 21.70 -3.79 44.37
C SER I 658 20.41 -3.44 43.69
N CYS I 659 20.00 -4.28 42.74
CA CYS I 659 18.74 -4.02 42.07
C CYS I 659 18.04 -5.28 41.64
N PHE I 660 16.78 -5.15 41.28
CA PHE I 660 16.03 -6.29 40.77
C PHE I 660 15.16 -5.85 39.64
N VAL I 661 14.70 -6.81 38.82
CA VAL I 661 13.82 -6.34 37.75
C VAL I 661 12.48 -7.05 37.77
N ASN I 662 11.39 -6.27 37.84
CA ASN I 662 10.07 -6.92 37.81
C ASN I 662 9.56 -6.88 36.39
N LEU I 663 8.41 -7.49 36.18
CA LEU I 663 7.76 -7.42 34.89
C LEU I 663 6.36 -6.96 35.12
N GLU I 664 6.17 -5.65 35.03
CA GLU I 664 4.87 -5.07 35.39
C GLU I 664 3.93 -5.22 34.21
N TYR I 665 2.67 -5.50 34.46
CA TYR I 665 1.67 -5.65 33.39
C TYR I 665 1.05 -4.26 33.22
N THR I 666 1.36 -3.62 32.11
CA THR I 666 1.00 -2.22 31.93
C THR I 666 0.07 -1.97 30.73
N PRO I 667 -0.71 -0.87 30.76
CA PRO I 667 -1.63 -0.45 29.72
C PRO I 667 -0.95 0.07 28.47
N GLN I 668 -1.71 0.01 27.39
CA GLN I 668 -1.34 0.56 26.10
C GLN I 668 -2.63 0.86 25.32
N PRO I 669 -2.77 1.99 24.53
CA PRO I 669 -3.93 2.31 23.67
C PRO I 669 -4.27 1.16 22.70
N GLN I 682 3.74 -0.75 18.14
CA GLN I 682 3.04 -1.72 18.99
C GLN I 682 4.04 -2.34 20.00
N LEU I 683 3.77 -2.14 21.31
CA LEU I 683 4.57 -2.68 22.42
C LEU I 683 3.98 -3.98 22.97
N PRO I 684 4.81 -4.88 23.50
CA PRO I 684 4.42 -6.06 24.23
C PRO I 684 3.91 -5.56 25.60
N PRO I 685 3.10 -6.33 26.34
CA PRO I 685 2.49 -6.00 27.64
C PRO I 685 3.33 -5.81 28.93
N LEU I 686 4.58 -6.31 29.01
CA LEU I 686 5.32 -6.15 30.26
C LEU I 686 6.44 -5.12 30.29
N THR I 687 6.56 -4.42 31.41
CA THR I 687 7.60 -3.43 31.63
C THR I 687 8.79 -3.91 32.48
N PRO I 688 10.03 -3.76 31.98
CA PRO I 688 11.29 -4.08 32.62
C PRO I 688 11.58 -3.02 33.66
N ALA I 689 10.94 -3.20 34.81
CA ALA I 689 11.03 -2.22 35.88
C ALA I 689 12.29 -2.49 36.66
N ILE I 690 13.30 -1.62 36.49
CA ILE I 690 14.59 -1.89 37.12
C ILE I 690 14.56 -1.13 38.42
N VAL I 691 14.61 -1.83 39.54
CA VAL I 691 14.46 -1.20 40.83
C VAL I 691 15.71 -1.27 41.68
N ILE I 692 16.22 -0.12 42.07
CA ILE I 692 17.33 -0.12 43.03
C ILE I 692 16.81 -0.35 44.43
N THR I 693 17.40 -1.32 45.10
CA THR I 693 16.99 -1.63 46.47
C THR I 693 18.03 -1.22 47.48
N ASP I 694 19.27 -1.07 47.04
CA ASP I 694 20.31 -0.62 47.96
C ASP I 694 21.48 0.00 47.21
N VAL I 695 22.15 0.94 47.88
CA VAL I 695 23.35 1.59 47.35
C VAL I 695 24.46 1.57 48.41
N ARG I 696 25.61 0.93 48.14
CA ARG I 696 26.71 0.76 49.11
C ARG I 696 28.07 1.17 48.53
N GLN I 697 28.94 1.75 49.36
CA GLN I 697 30.31 2.00 48.97
C GLN I 697 31.10 0.79 49.37
N ALA I 698 32.27 0.59 48.78
CA ALA I 698 33.07 -0.56 49.21
C ALA I 698 33.40 -0.38 50.69
N GLU I 699 33.46 -1.52 51.39
CA GLU I 699 33.67 -1.60 52.84
C GLU I 699 34.94 -0.94 53.35
N TRP I 700 35.94 -0.75 52.51
CA TRP I 700 37.17 -0.13 52.95
C TRP I 700 37.03 1.38 53.16
N LEU I 701 35.99 2.00 52.61
CA LEU I 701 35.78 3.45 52.69
C LEU I 701 34.81 3.68 53.85
N LYS I 702 35.00 4.71 54.67
CA LYS I 702 34.19 4.89 55.89
C LYS I 702 33.05 5.88 55.65
N ALA I 703 33.31 6.95 54.91
CA ALA I 703 32.36 8.05 54.72
C ALA I 703 31.13 7.68 53.88
N ASN I 704 30.00 8.30 54.21
CA ASN I 704 28.77 8.14 53.45
C ASN I 704 28.17 9.50 53.11
N THR I 705 28.38 9.94 51.87
CA THR I 705 27.96 11.26 51.43
C THR I 705 27.11 11.15 50.19
N MET I 706 26.45 12.26 49.82
CA MET I 706 25.64 12.27 48.62
C MET I 706 26.41 12.07 47.35
N GLU I 707 27.62 12.61 47.28
CA GLU I 707 28.38 12.46 46.07
C GLU I 707 28.73 10.99 45.88
N LEU I 708 29.09 10.30 46.96
CA LEU I 708 29.42 8.89 46.86
C LEU I 708 28.19 8.08 46.42
N TYR I 709 27.03 8.43 46.97
CA TYR I 709 25.76 7.78 46.63
C TYR I 709 25.41 7.96 45.15
N LEU I 710 25.45 9.21 44.72
CA LEU I 710 25.09 9.59 43.37
C LEU I 710 25.97 8.97 42.34
N PHE I 711 27.27 8.93 42.60
CA PHE I 711 28.21 8.30 41.70
C PHE I 711 27.89 6.81 41.54
N ALA I 712 27.61 6.14 42.66
CA ALA I 712 27.29 4.72 42.65
C ALA I 712 26.00 4.43 41.88
N LEU I 713 25.04 5.36 41.86
CA LEU I 713 23.78 5.11 41.14
C LEU I 713 23.98 4.83 39.65
N SER I 714 25.11 5.29 39.09
CA SER I 714 25.37 5.10 37.67
C SER I 714 25.55 3.61 37.37
N ASN I 715 25.80 2.83 38.43
CA ASN I 715 25.99 1.41 38.33
C ASN I 715 24.70 0.75 37.89
N ALA I 716 23.54 1.30 38.31
CA ALA I 716 22.31 0.67 37.91
C ALA I 716 22.01 1.02 36.49
N PHE I 717 22.33 2.24 36.10
CA PHE I 717 22.02 2.62 34.72
C PHE I 717 22.63 1.68 33.69
N ARG I 718 23.91 1.37 33.90
CA ARG I 718 24.67 0.54 32.98
C ARG I 718 24.13 -0.89 32.83
N VAL I 719 23.24 -1.29 33.76
CA VAL I 719 22.61 -2.60 33.77
C VAL I 719 21.88 -2.82 32.48
N THR I 720 21.23 -1.78 31.96
CA THR I 720 20.50 -1.95 30.72
C THR I 720 21.11 -1.10 29.61
N ALA I 721 21.87 -0.05 29.98
CA ALA I 721 22.43 0.85 28.98
C ALA I 721 23.56 0.23 28.18
N ASN I 722 24.39 -0.59 28.84
CA ASN I 722 25.51 -1.20 28.14
C ASN I 722 25.34 -2.70 28.09
N GLN I 723 24.83 -3.25 29.19
CA GLN I 723 24.68 -4.69 29.35
C GLN I 723 23.20 -5.07 29.26
N SER I 724 22.90 -6.37 29.34
CA SER I 724 21.49 -6.79 29.26
C SER I 724 21.02 -7.63 30.44
N TRP I 725 20.16 -6.97 31.18
CA TRP I 725 19.53 -7.36 32.42
C TRP I 725 18.68 -8.62 32.31
N ALA I 726 18.23 -8.93 31.10
CA ALA I 726 17.29 -10.01 30.80
C ALA I 726 17.85 -11.36 31.18
N ARG I 727 19.18 -11.50 31.26
CA ARG I 727 19.76 -12.77 31.71
C ARG I 727 19.24 -13.13 33.08
N SER I 728 18.88 -12.14 33.90
CA SER I 728 18.41 -12.41 35.26
C SER I 728 17.04 -13.08 35.27
N LEU I 729 16.34 -13.08 34.14
CA LEU I 729 15.04 -13.68 34.07
C LEU I 729 15.13 -15.15 33.68
N LEU I 730 16.32 -15.65 33.37
CA LEU I 730 16.37 -17.05 33.01
C LEU I 730 15.88 -17.90 34.16
N PRO I 731 15.05 -18.91 33.89
CA PRO I 731 14.50 -19.81 34.88
C PRO I 731 15.63 -20.64 35.43
N GLN I 732 15.50 -21.08 36.67
CA GLN I 732 16.57 -21.93 37.19
C GLN I 732 16.36 -23.34 36.73
N LEU I 733 16.78 -23.59 35.50
CA LEU I 733 16.46 -24.86 34.89
C LEU I 733 17.11 -25.98 35.68
N GLY I 734 16.31 -27.01 35.95
CA GLY I 734 16.74 -28.16 36.73
C GLY I 734 16.30 -28.06 38.20
N LYS I 735 15.91 -26.85 38.63
CA LYS I 735 15.44 -26.64 39.99
C LYS I 735 13.92 -26.69 40.00
N VAL I 736 13.36 -27.60 40.76
CA VAL I 736 11.91 -27.68 40.76
C VAL I 736 11.28 -26.47 41.44
N LYS I 737 11.82 -26.10 42.59
CA LYS I 737 11.24 -25.01 43.37
C LYS I 737 11.68 -23.61 42.96
N ASP I 738 11.26 -23.18 41.76
CA ASP I 738 11.58 -21.81 41.33
C ASP I 738 10.26 -21.04 41.32
N MET I 739 10.01 -20.29 42.38
CA MET I 739 8.72 -19.65 42.54
C MET I 739 8.49 -18.54 41.53
N ARG I 740 9.58 -18.08 40.89
CA ARG I 740 9.47 -16.96 39.96
C ARG I 740 9.83 -17.41 38.56
N ASP I 741 9.69 -18.71 38.33
CA ASP I 741 10.01 -19.31 37.04
C ASP I 741 9.31 -18.57 35.92
N ILE I 742 10.08 -18.20 34.89
CA ILE I 742 9.64 -17.44 33.72
C ILE I 742 8.51 -18.11 33.02
N GLY I 743 8.35 -19.41 33.23
CA GLY I 743 7.27 -20.13 32.56
C GLY I 743 5.92 -19.49 32.85
N ALA I 744 5.80 -18.84 34.01
CA ALA I 744 4.58 -18.19 34.46
C ALA I 744 4.14 -17.06 33.55
N ILE I 745 5.07 -16.53 32.76
CA ILE I 745 4.81 -15.40 31.90
C ILE I 745 3.73 -15.78 30.87
N GLY I 746 3.59 -17.07 30.59
CA GLY I 746 2.63 -17.62 29.65
C GLY I 746 1.19 -17.42 30.13
N TYR I 747 1.01 -17.08 31.40
CA TYR I 747 -0.33 -16.85 31.91
C TYR I 747 -0.84 -15.44 31.54
N LEU I 748 0.08 -14.49 31.31
CA LEU I 748 -0.32 -13.13 30.94
C LEU I 748 -0.34 -12.96 29.43
N SER I 749 0.41 -13.84 28.75
CA SER I 749 0.51 -13.87 27.30
C SER I 749 -0.74 -14.55 26.78
N ARG I 750 -0.86 -14.60 25.46
CA ARG I 750 -2.01 -15.20 24.79
C ARG I 750 -2.14 -16.72 25.02
N LEU I 751 -1.08 -17.35 25.55
CA LEU I 751 -1.10 -18.78 25.85
C LEU I 751 -2.04 -19.15 26.98
N ALA I 752 -2.18 -18.26 27.98
CA ALA I 752 -2.97 -18.54 29.18
C ALA I 752 -2.54 -19.86 29.81
N ALA I 753 -1.23 -20.10 29.83
CA ALA I 753 -0.70 -21.35 30.33
C ALA I 753 0.73 -21.20 30.77
N ARG I 754 1.18 -22.09 31.64
CA ARG I 754 2.59 -22.05 31.98
C ARG I 754 3.37 -22.64 30.82
N VAL I 755 4.49 -22.03 30.50
CA VAL I 755 5.37 -22.52 29.46
C VAL I 755 6.11 -23.69 30.05
N GLU I 756 6.24 -24.78 29.32
CA GLU I 756 6.95 -25.87 29.94
C GLU I 756 8.44 -25.59 29.83
N THR I 757 8.98 -25.18 30.98
CA THR I 757 10.38 -24.81 31.18
C THR I 757 11.14 -25.89 31.98
N LYS I 758 10.48 -27.00 32.37
CA LYS I 758 11.05 -28.16 33.11
C LYS I 758 11.76 -29.16 32.17
N THR I 759 11.48 -29.02 30.88
CA THR I 759 11.81 -29.98 29.85
C THR I 759 13.14 -29.73 29.17
N GLU I 760 13.69 -30.79 28.61
CA GLU I 760 14.95 -30.75 27.87
C GLU I 760 14.79 -30.03 26.54
N THR I 761 13.53 -29.78 26.16
CA THR I 761 13.22 -29.10 24.92
C THR I 761 13.10 -27.60 25.12
N PHE I 762 13.28 -27.11 26.36
CA PHE I 762 13.23 -25.67 26.57
C PHE I 762 14.61 -25.11 26.31
N THR I 763 14.67 -24.15 25.44
CA THR I 763 15.92 -23.58 24.99
C THR I 763 16.03 -22.09 25.28
N ASP I 764 17.27 -21.64 25.26
CA ASP I 764 17.60 -20.19 25.26
C ASP I 764 16.81 -19.43 24.19
N GLN I 765 16.63 -20.00 23.02
CA GLN I 765 15.91 -19.38 21.93
C GLN I 765 14.44 -19.23 22.31
N ASN I 766 13.88 -20.26 22.99
CA ASN I 766 12.47 -20.18 23.35
C ASN I 766 12.28 -19.11 24.42
N PHE I 767 13.26 -19.00 25.31
CA PHE I 767 13.24 -17.98 26.35
C PHE I 767 13.21 -16.60 25.73
N ALA I 768 14.11 -16.38 24.77
CA ALA I 768 14.18 -15.08 24.12
C ALA I 768 12.87 -14.76 23.45
N GLU I 769 12.24 -15.76 22.82
CA GLU I 769 10.96 -15.55 22.16
C GLU I 769 9.86 -15.16 23.14
N LEU I 770 9.86 -15.77 24.34
CA LEU I 770 8.83 -15.42 25.30
C LEU I 770 8.95 -13.94 25.60
N LEU I 771 10.20 -13.50 25.77
CA LEU I 771 10.45 -12.09 26.06
C LEU I 771 10.19 -11.21 24.85
N TYR I 772 10.46 -11.69 23.64
CA TYR I 772 10.22 -10.85 22.48
C TYR I 772 8.75 -10.46 22.41
N ASN I 773 7.89 -11.43 22.69
CA ASN I 773 6.46 -11.20 22.66
C ASN I 773 5.88 -10.56 23.93
N MET I 774 6.50 -10.81 25.07
CA MET I 774 6.00 -10.29 26.33
C MET I 774 6.64 -9.05 26.97
N VAL I 775 7.94 -8.80 26.77
CA VAL I 775 8.60 -7.72 27.51
C VAL I 775 9.15 -6.59 26.61
N ARG I 776 8.80 -5.36 26.99
CA ARG I 776 9.17 -4.14 26.29
C ARG I 776 10.68 -3.92 26.30
N PRO I 777 11.28 -3.45 25.19
CA PRO I 777 12.71 -3.16 25.05
C PRO I 777 13.27 -1.93 25.79
N SER I 778 12.39 -1.03 26.25
CA SER I 778 12.86 0.21 26.87
C SER I 778 12.84 0.13 28.41
N PRO I 779 14.01 0.17 29.09
CA PRO I 779 14.16 0.01 30.52
C PRO I 779 13.61 1.19 31.27
N VAL I 780 13.09 0.96 32.47
CA VAL I 780 12.65 2.06 33.30
C VAL I 780 13.42 2.03 34.61
N PHE I 781 14.05 3.14 34.99
CA PHE I 781 14.82 3.16 36.23
C PHE I 781 14.15 3.86 37.40
N MET I 782 14.01 3.10 38.47
CA MET I 782 13.35 3.54 39.68
C MET I 782 14.10 3.02 40.89
N SER I 783 13.80 3.56 42.05
CA SER I 783 14.45 3.09 43.25
C SER I 783 13.57 3.23 44.46
N ASP I 784 13.91 2.44 45.46
CA ASP I 784 13.27 2.53 46.76
C ASP I 784 13.80 3.78 47.43
N LEU I 785 13.00 4.36 48.32
CA LEU I 785 13.46 5.46 49.13
C LEU I 785 13.00 5.24 50.59
N ASN I 786 13.95 5.13 51.53
CA ASN I 786 13.53 4.79 52.91
C ASN I 786 14.07 5.71 53.99
N ARG I 787 13.17 6.49 54.60
CA ARG I 787 13.52 7.50 55.61
C ARG I 787 14.10 6.88 56.87
N PHE I 788 13.89 5.59 57.03
CA PHE I 788 14.33 4.84 58.19
C PHE I 788 15.36 3.79 57.84
N GLY I 789 15.92 3.86 56.64
CA GLY I 789 16.87 2.84 56.23
C GLY I 789 18.29 3.14 56.68
N ASP I 790 19.21 2.29 56.25
CA ASP I 790 20.62 2.40 56.64
C ASP I 790 21.27 3.66 56.10
N ASN I 791 20.68 4.22 55.07
CA ASN I 791 21.15 5.40 54.39
C ASN I 791 20.18 6.57 54.58
N ALA I 792 19.38 6.55 55.64
CA ALA I 792 18.32 7.55 55.85
C ALA I 792 18.76 9.01 55.81
N ALA I 793 19.95 9.35 56.27
CA ALA I 793 20.33 10.78 56.22
C ALA I 793 20.29 11.31 54.78
N ILE I 794 20.60 10.43 53.85
CA ILE I 794 20.65 10.73 52.43
C ILE I 794 19.33 10.39 51.76
N GLU I 795 18.70 9.26 52.04
CA GLU I 795 17.44 8.84 51.52
C GLU I 795 16.44 10.00 51.68
N ASN I 796 16.51 10.71 52.81
CA ASN I 796 15.62 11.80 53.09
C ASN I 796 15.69 12.96 52.07
N VAL I 797 16.85 13.21 51.45
CA VAL I 797 16.88 14.31 50.49
C VAL I 797 16.22 13.83 49.22
N PHE I 798 16.45 12.57 48.89
CA PHE I 798 15.89 12.02 47.67
C PHE I 798 14.37 11.86 47.81
N ILE I 799 13.89 11.64 49.03
CA ILE I 799 12.46 11.56 49.29
C ILE I 799 11.83 12.93 49.22
N ASP I 800 12.44 13.93 49.85
CA ASP I 800 11.85 15.26 49.81
C ASP I 800 11.89 15.85 48.40
N ALA I 801 12.86 15.38 47.60
CA ALA I 801 13.00 15.80 46.21
C ALA I 801 11.80 15.36 45.35
N LEU I 802 10.98 14.42 45.86
CA LEU I 802 9.80 13.92 45.17
C LEU I 802 8.67 14.96 45.12
N GLY I 803 8.61 15.83 46.12
CA GLY I 803 7.53 16.82 46.19
C GLY I 803 7.33 17.28 47.63
N GLY I 804 6.57 18.35 47.81
CA GLY I 804 6.33 18.86 49.16
C GLY I 804 6.96 20.24 49.37
N VAL I 805 6.85 20.75 50.59
CA VAL I 805 7.28 22.11 50.92
C VAL I 805 8.76 22.40 50.65
N ASN I 806 9.62 21.41 50.77
CA ASN I 806 11.02 21.66 50.56
C ASN I 806 11.57 20.95 49.33
N GLN I 807 10.70 20.63 48.35
CA GLN I 807 11.21 19.93 47.17
C GLN I 807 12.29 20.70 46.48
N GLN I 808 12.16 22.03 46.41
CA GLN I 808 13.15 22.80 45.68
C GLN I 808 14.51 22.72 46.35
N ARG I 809 14.51 22.68 47.67
CA ARG I 809 15.77 22.64 48.38
C ARG I 809 16.42 21.26 48.24
N ALA I 810 15.60 20.21 48.31
CA ALA I 810 16.13 18.87 48.16
C ALA I 810 16.69 18.68 46.76
N VAL I 811 15.97 19.16 45.75
CA VAL I 811 16.49 19.10 44.39
C VAL I 811 17.78 19.87 44.22
N ALA I 812 17.85 21.07 44.81
CA ALA I 812 19.07 21.86 44.70
C ALA I 812 20.27 21.10 45.29
N ALA I 813 20.04 20.41 46.41
CA ALA I 813 21.10 19.64 47.06
C ALA I 813 21.61 18.49 46.19
N ILE I 814 20.68 17.87 45.46
CA ILE I 814 21.01 16.73 44.63
C ILE I 814 21.77 17.14 43.40
N ILE I 815 21.32 18.21 42.73
CA ILE I 815 22.06 18.66 41.57
C ILE I 815 23.42 19.20 42.00
N ALA I 816 23.50 19.86 43.16
CA ALA I 816 24.81 20.27 43.63
C ALA I 816 25.71 19.07 43.86
N GLY I 817 25.15 17.97 44.41
CA GLY I 817 25.97 16.78 44.64
C GLY I 817 26.54 16.25 43.34
N VAL I 818 25.74 16.24 42.27
CA VAL I 818 26.37 15.72 41.06
C VAL I 818 27.42 16.71 40.57
N ASN I 819 27.13 18.02 40.60
CA ASN I 819 28.13 18.97 40.14
C ASN I 819 29.41 18.87 40.93
N ASN I 820 29.32 18.47 42.20
CA ASN I 820 30.54 18.29 42.96
C ASN I 820 31.32 17.11 42.38
N LEU I 821 30.60 16.08 41.88
CA LEU I 821 31.28 14.94 41.29
C LEU I 821 31.99 15.27 40.01
N ILE I 822 31.38 16.10 39.19
CA ILE I 822 31.92 16.40 37.86
C ILE I 822 32.61 17.75 37.65
N GLY I 823 32.58 18.66 38.64
CA GLY I 823 33.21 19.96 38.45
C GLY I 823 32.29 20.94 37.71
N GLY I 824 30.99 20.72 37.88
CA GLY I 824 29.96 21.51 37.24
C GLY I 824 29.53 20.92 35.90
N GLY I 825 28.46 21.49 35.32
CA GLY I 825 27.98 21.03 34.01
C GLY I 825 26.78 20.07 33.97
N PHE I 826 26.13 19.76 35.08
CA PHE I 826 24.97 18.84 35.03
C PHE I 826 23.87 19.57 34.25
N GLU I 827 23.84 20.88 34.47
CA GLU I 827 22.94 21.86 33.88
C GLU I 827 23.10 21.98 32.37
N LYS I 828 24.16 21.39 31.80
CA LYS I 828 24.34 21.45 30.36
C LYS I 828 23.55 20.35 29.70
N PHE I 829 23.01 19.41 30.49
CA PHE I 829 22.22 18.34 29.96
C PHE I 829 20.74 18.65 30.13
N PHE I 830 20.28 19.17 31.26
CA PHE I 830 18.86 19.47 31.39
C PHE I 830 18.52 20.44 32.51
N ASP I 831 17.31 20.97 32.42
CA ASP I 831 16.75 21.87 33.43
C ASP I 831 16.03 21.12 34.57
N HIS I 832 16.62 21.13 35.76
CA HIS I 832 16.08 20.41 36.90
C HIS I 832 14.81 21.02 37.44
N ASN I 833 14.49 22.23 36.98
CA ASN I 833 13.28 22.89 37.41
C ASN I 833 12.13 22.66 36.42
N THR I 834 12.39 21.87 35.38
CA THR I 834 11.36 21.50 34.41
C THR I 834 11.22 20.00 34.54
N MET I 835 12.33 19.40 34.96
CA MET I 835 12.48 17.96 35.15
C MET I 835 12.92 17.58 36.55
N PRO I 836 12.01 17.50 37.54
CA PRO I 836 12.31 17.20 38.93
C PRO I 836 13.03 15.88 38.92
N ILE I 837 13.94 15.70 39.86
CA ILE I 837 14.82 14.54 39.85
C ILE I 837 14.13 13.19 40.02
N ILE I 838 13.18 13.08 40.97
CA ILE I 838 12.50 11.79 41.15
C ILE I 838 10.98 11.99 41.18
N GLN I 839 10.25 11.17 40.42
CA GLN I 839 8.78 11.22 40.43
C GLN I 839 8.26 10.17 41.39
N PRO I 840 7.07 10.32 41.96
CA PRO I 840 6.46 9.27 42.77
C PRO I 840 6.02 8.09 41.90
N TYR I 841 6.16 6.87 42.42
CA TYR I 841 5.53 5.69 41.82
C TYR I 841 4.08 5.49 42.29
N GLY I 842 3.65 6.16 43.35
CA GLY I 842 2.29 6.02 43.88
C GLY I 842 2.12 4.83 44.81
N THR I 843 2.06 3.59 44.28
CA THR I 843 1.94 2.40 45.14
C THR I 843 3.20 2.31 45.99
N ASP I 844 3.09 2.35 47.31
CA ASP I 844 4.25 2.31 48.18
C ASP I 844 4.65 0.86 48.50
N ILE I 845 5.68 0.69 49.32
CA ILE I 845 6.23 -0.64 49.47
C ILE I 845 6.04 -1.19 50.87
N GLN I 846 5.45 -2.37 50.96
CA GLN I 846 5.38 -3.05 52.23
C GLN I 846 6.61 -3.94 52.29
N LEU I 847 7.40 -3.78 53.32
CA LEU I 847 8.60 -4.59 53.46
C LEU I 847 8.39 -5.62 54.52
N GLY I 848 9.14 -6.70 54.42
CA GLY I 848 9.06 -7.79 55.36
C GLY I 848 9.79 -8.97 54.77
N TYR I 849 9.74 -10.07 55.50
CA TYR I 849 10.42 -11.28 55.11
C TYR I 849 9.60 -12.48 55.53
N TYR I 850 9.88 -13.60 54.93
CA TYR I 850 9.16 -14.81 55.25
C TYR I 850 10.15 -15.91 55.45
N LEU I 851 9.74 -16.97 56.12
CA LEU I 851 10.70 -18.05 56.25
C LEU I 851 10.49 -19.13 55.21
N ASP I 852 11.61 -19.63 54.69
CA ASP I 852 11.55 -20.70 53.70
C ASP I 852 11.51 -22.06 54.39
N GLY I 853 11.60 -23.14 53.62
CA GLY I 853 11.47 -24.49 54.17
C GLY I 853 12.55 -24.91 55.17
N GLU I 854 13.68 -24.18 55.21
CA GLU I 854 14.75 -24.49 56.15
C GLU I 854 14.79 -23.46 57.27
N GLY I 855 13.82 -22.53 57.26
CA GLY I 855 13.74 -21.47 58.24
C GLY I 855 14.59 -20.23 57.94
N GLU I 856 15.05 -20.05 56.69
CA GLU I 856 15.88 -18.88 56.40
C GLU I 856 15.01 -17.70 56.06
N LYS I 857 15.51 -16.48 56.31
CA LYS I 857 14.75 -15.28 56.00
C LYS I 857 14.86 -14.91 54.53
N GLN I 858 13.71 -14.74 53.89
CA GLN I 858 13.69 -14.37 52.48
C GLN I 858 12.81 -13.15 52.28
N ASP I 859 13.16 -12.30 51.34
CA ASP I 859 12.41 -11.05 51.09
C ASP I 859 10.97 -11.30 50.58
N ARG I 860 9.96 -10.69 51.24
CA ARG I 860 8.55 -10.92 50.85
C ARG I 860 8.25 -10.46 49.42
N ARG I 861 9.16 -9.67 48.86
CA ARG I 861 9.03 -9.12 47.52
C ARG I 861 9.09 -10.19 46.45
N ASP I 862 9.43 -11.43 46.85
CA ASP I 862 9.48 -12.53 45.90
C ASP I 862 8.13 -12.74 45.20
N LEU I 863 6.98 -12.41 45.84
CA LEU I 863 5.73 -12.57 45.08
C LEU I 863 5.45 -11.34 44.22
N ASP I 864 6.27 -11.24 43.18
CA ASP I 864 6.28 -10.21 42.15
C ASP I 864 5.40 -10.71 41.03
N VAL I 865 5.43 -10.10 39.84
CA VAL I 865 4.46 -10.61 38.88
C VAL I 865 4.63 -12.09 38.52
N LEU I 866 5.85 -12.57 38.27
CA LEU I 866 5.99 -13.99 37.94
C LEU I 866 5.68 -14.85 39.17
N GLY I 867 6.12 -14.36 40.34
CA GLY I 867 5.87 -15.05 41.61
C GLY I 867 4.40 -15.28 41.89
N ALA I 868 3.62 -14.20 41.80
CA ALA I 868 2.19 -14.27 42.06
C ALA I 868 1.47 -15.18 41.06
N LEU I 869 1.91 -15.18 39.78
CA LEU I 869 1.28 -16.05 38.78
C LEU I 869 1.49 -17.52 39.10
N ASN I 870 2.70 -17.86 39.60
CA ASN I 870 2.90 -19.25 40.00
C ASN I 870 2.16 -19.55 41.29
N ALA I 871 2.08 -18.59 42.20
CA ALA I 871 1.42 -18.83 43.47
C ALA I 871 -0.05 -19.19 43.31
N SER I 872 -0.72 -18.56 42.33
CA SER I 872 -2.13 -18.85 42.07
C SER I 872 -2.30 -20.00 41.08
N ASP I 873 -1.17 -20.54 40.61
CA ASP I 873 -1.08 -21.62 39.64
C ASP I 873 -1.91 -21.34 38.40
N GLY I 874 -1.81 -20.12 37.88
CA GLY I 874 -2.56 -19.79 36.69
C GLY I 874 -3.95 -19.24 36.93
N ASN I 875 -4.38 -19.11 38.18
CA ASN I 875 -5.70 -18.56 38.35
C ASN I 875 -5.54 -17.06 38.20
N ILE I 876 -5.85 -16.62 36.98
CA ILE I 876 -5.70 -15.24 36.57
C ILE I 876 -6.62 -14.32 37.33
N GLN I 877 -7.80 -14.81 37.71
CA GLN I 877 -8.70 -13.93 38.44
C GLN I 877 -8.11 -13.62 39.81
N GLU I 878 -7.48 -14.62 40.44
CA GLU I 878 -6.86 -14.38 41.74
C GLU I 878 -5.65 -13.44 41.56
N TRP I 879 -4.92 -13.65 40.47
CA TRP I 879 -3.77 -12.82 40.18
C TRP I 879 -4.15 -11.39 39.96
N MET I 880 -5.19 -11.15 39.16
CA MET I 880 -5.62 -9.82 38.82
C MET I 880 -6.18 -9.09 40.02
N SER I 881 -6.82 -9.81 40.94
CA SER I 881 -7.32 -9.15 42.14
C SER I 881 -6.12 -8.58 42.90
N TRP I 882 -5.09 -9.42 43.06
CA TRP I 882 -3.86 -8.98 43.70
C TRP I 882 -3.16 -7.88 42.95
N TYR I 883 -3.06 -8.05 41.63
CA TYR I 883 -2.34 -7.11 40.80
C TYR I 883 -3.01 -5.75 40.87
N GLY I 884 -4.35 -5.70 40.85
CA GLY I 884 -5.05 -4.41 40.96
C GLY I 884 -4.77 -3.79 42.32
N THR I 885 -4.68 -4.63 43.36
CA THR I 885 -4.37 -4.16 44.71
C THR I 885 -3.03 -3.43 44.72
N GLN I 886 -2.07 -3.93 43.94
CA GLN I 886 -0.73 -3.35 43.89
C GLN I 886 -0.57 -2.22 42.88
N CYS I 887 -1.64 -1.88 42.13
CA CYS I 887 -1.52 -0.87 41.08
C CYS I 887 -2.50 0.30 41.16
N ASN I 888 -3.72 0.04 41.58
CA ASN I 888 -4.74 1.06 41.62
C ASN I 888 -4.56 1.86 42.88
N VAL I 889 -4.09 3.08 42.74
CA VAL I 889 -3.77 3.87 43.92
C VAL I 889 -4.78 4.93 44.19
N ALA I 890 -5.97 4.77 43.61
CA ALA I 890 -7.13 5.55 44.00
C ALA I 890 -7.78 4.94 45.23
N VAL I 891 -7.30 3.74 45.56
CA VAL I 891 -7.78 2.97 46.68
C VAL I 891 -6.93 3.35 47.87
N HIS I 892 -7.57 3.74 48.95
CA HIS I 892 -6.81 4.15 50.12
C HIS I 892 -5.81 3.05 50.48
N PRO I 893 -4.54 3.38 50.82
CA PRO I 893 -3.48 2.45 51.10
C PRO I 893 -3.75 1.50 52.25
N GLU I 894 -4.66 1.82 53.16
CA GLU I 894 -4.94 0.89 54.23
C GLU I 894 -5.67 -0.30 53.66
N LEU I 895 -6.53 -0.05 52.67
CA LEU I 895 -7.34 -1.09 52.12
C LEU I 895 -6.44 -2.00 51.33
N ARG I 896 -5.46 -1.36 50.66
CA ARG I 896 -4.51 -2.11 49.86
C ARG I 896 -3.59 -2.93 50.76
N ALA I 897 -3.16 -2.34 51.89
CA ALA I 897 -2.29 -3.05 52.80
C ALA I 897 -2.97 -4.27 53.38
N ARG I 898 -4.27 -4.14 53.68
CA ARG I 898 -4.98 -5.27 54.24
C ARG I 898 -5.10 -6.40 53.22
N GLN I 899 -5.38 -6.06 51.97
CA GLN I 899 -5.49 -7.12 50.98
C GLN I 899 -4.13 -7.72 50.64
N SER I 900 -3.07 -6.93 50.72
CA SER I 900 -1.75 -7.44 50.44
C SER I 900 -1.35 -8.46 51.50
N LYS I 901 -1.71 -8.18 52.75
CA LYS I 901 -1.42 -9.10 53.84
C LYS I 901 -2.28 -10.36 53.71
N ASN I 902 -3.53 -10.21 53.25
CA ASN I 902 -4.39 -11.38 53.08
C ASN I 902 -3.78 -12.31 52.03
N PHE I 903 -3.31 -11.72 50.92
CA PHE I 903 -2.65 -12.48 49.87
C PHE I 903 -1.37 -13.14 50.37
N ASP I 904 -0.53 -12.49 51.19
CA ASP I 904 0.62 -13.23 51.68
C ASP I 904 0.23 -14.43 52.52
N ARG I 905 -0.79 -14.31 53.36
CA ARG I 905 -1.10 -15.50 54.16
C ARG I 905 -1.53 -16.68 53.28
N GLN I 906 -2.31 -16.41 52.22
CA GLN I 906 -2.75 -17.49 51.34
C GLN I 906 -1.66 -18.03 50.39
N TYR I 907 -0.81 -17.15 49.88
CA TYR I 907 0.17 -17.54 48.88
C TYR I 907 1.63 -17.66 49.31
N LEU I 908 2.05 -16.93 50.35
CA LEU I 908 3.42 -16.93 50.79
C LEU I 908 3.54 -17.83 52.02
N GLY I 909 2.50 -17.78 52.86
CA GLY I 909 2.43 -18.56 54.08
C GLY I 909 2.16 -17.68 55.29
N ASN I 910 1.99 -18.30 56.46
CA ASN I 910 1.70 -17.52 57.65
C ASN I 910 2.98 -17.13 58.39
N SER I 911 4.12 -17.66 57.94
CA SER I 911 5.41 -17.37 58.57
C SER I 911 5.98 -16.10 57.96
N VAL I 912 5.24 -15.01 58.12
CA VAL I 912 5.62 -13.74 57.52
C VAL I 912 5.70 -12.64 58.56
N THR I 913 6.83 -11.97 58.55
CA THR I 913 7.12 -10.87 59.46
C THR I 913 7.22 -9.58 58.69
N TYR I 914 6.55 -8.55 59.17
CA TYR I 914 6.58 -7.30 58.47
C TYR I 914 7.59 -6.35 59.09
N THR I 915 8.25 -5.58 58.24
CA THR I 915 9.27 -4.62 58.66
C THR I 915 8.96 -3.24 58.09
N THR I 916 9.75 -2.26 58.50
CA THR I 916 9.60 -0.86 58.12
C THR I 916 9.33 -0.67 56.65
N ARG I 917 8.29 0.11 56.36
CA ARG I 917 7.79 0.43 55.02
C ARG I 917 8.64 1.46 54.29
N ALA I 918 8.51 1.52 52.96
CA ALA I 918 9.29 2.46 52.16
C ALA I 918 8.56 3.01 50.95
N HIS I 919 9.07 4.13 50.45
CA HIS I 919 8.59 4.82 49.27
C HIS I 919 9.27 4.31 48.03
N ARG I 920 8.67 4.56 46.87
CA ARG I 920 9.33 4.26 45.61
C ARG I 920 9.13 5.43 44.67
N GLY I 921 10.14 5.67 43.83
CA GLY I 921 10.01 6.72 42.83
C GLY I 921 10.78 6.41 41.58
N ILE I 922 10.56 7.22 40.55
CA ILE I 922 11.13 7.01 39.24
C ILE I 922 12.19 8.04 39.00
N TRP I 923 13.36 7.60 38.59
CA TRP I 923 14.40 8.56 38.33
C TRP I 923 14.15 9.20 36.99
N ASN I 924 14.19 10.53 36.98
CA ASN I 924 13.92 11.25 35.76
C ASN I 924 14.95 10.85 34.71
N PRO I 925 14.56 10.42 33.50
CA PRO I 925 15.45 10.01 32.44
C PRO I 925 16.50 11.07 32.11
N LYS I 926 16.22 12.35 32.37
CA LYS I 926 17.19 13.39 32.08
C LYS I 926 18.24 13.48 33.18
N PHE I 927 17.87 13.09 34.41
CA PHE I 927 18.80 13.09 35.53
C PHE I 927 19.79 12.02 35.21
N ILE I 928 19.24 10.90 34.73
CA ILE I 928 20.07 9.76 34.42
C ILE I 928 20.99 10.07 33.27
N GLU I 929 20.47 10.70 32.20
CA GLU I 929 21.31 11.05 31.09
C GLU I 929 22.46 11.93 31.51
N ALA I 930 22.15 12.94 32.32
CA ALA I 930 23.15 13.88 32.76
C ALA I 930 24.16 13.24 33.69
N LEU I 931 23.73 12.38 34.61
CA LEU I 931 24.71 11.77 35.50
C LEU I 931 25.67 10.88 34.74
N ASP I 932 25.14 10.03 33.86
CA ASP I 932 26.00 9.10 33.16
C ASP I 932 26.88 9.78 32.14
N LYS I 933 26.30 10.67 31.35
CA LYS I 933 27.10 11.35 30.38
C LYS I 933 28.05 12.31 31.01
N ALA I 934 27.65 13.02 32.07
CA ALA I 934 28.56 13.98 32.66
C ALA I 934 29.80 13.31 33.21
N ILE I 935 29.66 12.13 33.80
CA ILE I 935 30.84 11.45 34.31
C ILE I 935 31.74 10.99 33.15
N ALA I 936 31.12 10.39 32.13
CA ALA I 936 31.89 9.93 30.98
C ALA I 936 32.56 11.10 30.24
N SER I 937 31.91 12.25 30.22
CA SER I 937 32.32 13.44 29.49
C SER I 937 33.45 14.18 30.16
N VAL I 938 33.81 13.78 31.37
CA VAL I 938 34.90 14.45 32.05
C VAL I 938 36.08 13.49 32.09
N GLY I 939 35.95 12.37 31.36
CA GLY I 939 37.00 11.37 31.20
C GLY I 939 37.03 10.23 32.18
N LEU I 940 36.02 10.04 33.04
CA LEU I 940 36.16 8.92 33.96
C LEU I 940 35.58 7.67 33.33
N THR I 941 36.34 7.15 32.38
CA THR I 941 35.94 6.02 31.56
C THR I 941 35.87 4.73 32.35
N VAL I 942 34.78 3.99 32.12
CA VAL I 942 34.56 2.70 32.71
C VAL I 942 34.38 1.63 31.62
N ALA I 943 35.15 0.57 31.74
CA ALA I 943 35.08 -0.54 30.79
C ALA I 943 34.07 -1.59 31.23
N MET I 944 33.41 -2.22 30.28
CA MET I 944 32.51 -3.28 30.69
C MET I 944 33.31 -4.57 30.72
N ASP I 945 33.13 -5.34 31.78
CA ASP I 945 33.83 -6.61 31.89
C ASP I 945 33.17 -7.67 31.02
N ASN I 946 31.85 -7.58 30.85
CA ASN I 946 31.13 -8.56 30.06
C ASN I 946 31.14 -8.13 28.59
N VAL I 947 32.33 -8.06 27.99
CA VAL I 947 32.59 -7.35 26.72
C VAL I 947 31.63 -7.76 25.60
N ALA I 948 31.26 -9.03 25.56
CA ALA I 948 30.11 -9.52 24.82
C ALA I 948 29.44 -10.66 25.60
N GLN I 949 28.14 -10.87 25.40
CA GLN I 949 27.34 -11.85 26.13
C GLN I 949 27.81 -13.28 25.85
N ALA J 413 32.75 -2.03 -37.30
CA ALA J 413 33.02 -3.35 -36.77
C ALA J 413 34.41 -3.78 -37.25
N GLY J 414 34.66 -3.76 -38.58
CA GLY J 414 35.95 -4.07 -39.20
C GLY J 414 36.92 -2.92 -38.92
N ASN J 415 36.36 -1.79 -38.52
CA ASN J 415 37.17 -0.63 -38.22
C ASN J 415 37.63 -0.70 -36.79
N LEU J 416 37.23 -1.76 -36.07
CA LEU J 416 37.69 -1.89 -34.70
C LEU J 416 39.01 -2.59 -34.74
N ASN J 417 39.50 -2.94 -35.93
CA ASN J 417 40.81 -3.51 -36.02
C ASN J 417 41.82 -2.46 -35.57
N SER J 418 41.42 -1.17 -35.66
CA SER J 418 42.26 -0.07 -35.21
C SER J 418 42.46 -0.03 -33.70
N ILE J 419 41.59 -0.74 -32.94
CA ILE J 419 41.71 -0.83 -31.49
C ILE J 419 42.25 -2.22 -31.15
N PHE J 420 41.78 -3.22 -31.87
CA PHE J 420 42.06 -4.62 -31.60
C PHE J 420 43.53 -4.92 -31.66
N GLN J 421 44.18 -4.29 -32.64
CA GLN J 421 45.59 -4.48 -32.91
C GLN J 421 46.55 -3.44 -32.27
N ARG J 422 46.05 -2.52 -31.43
CA ARG J 422 46.95 -1.48 -30.89
C ARG J 422 48.09 -1.95 -30.00
N SER J 423 47.86 -3.00 -29.23
CA SER J 423 48.87 -3.46 -28.31
C SER J 423 48.80 -4.94 -28.04
N GLY J 424 49.94 -5.50 -27.68
CA GLY J 424 50.00 -6.88 -27.25
C GLY J 424 50.06 -7.87 -28.40
N ARG J 425 50.01 -9.15 -28.02
CA ARG J 425 50.09 -10.31 -28.88
C ARG J 425 49.01 -11.33 -28.54
N THR J 426 48.67 -12.25 -29.44
CA THR J 426 47.69 -13.26 -29.03
C THR J 426 48.07 -14.67 -29.40
N ASP J 427 47.28 -15.61 -28.88
CA ASP J 427 47.41 -17.03 -29.15
C ASP J 427 46.47 -17.36 -30.31
N GLY J 428 47.01 -17.64 -31.49
CA GLY J 428 46.14 -17.87 -32.65
C GLY J 428 46.89 -18.43 -33.85
N GLY J 429 46.19 -18.50 -34.99
CA GLY J 429 46.71 -19.06 -36.24
C GLY J 429 46.11 -20.46 -36.44
N ASP J 430 45.78 -20.83 -37.67
CA ASP J 430 45.23 -22.17 -37.94
C ASP J 430 46.33 -23.26 -37.89
N ALA J 431 45.92 -24.52 -37.72
CA ALA J 431 46.82 -25.65 -37.58
C ALA J 431 47.80 -25.83 -38.76
N ARG J 432 47.37 -25.55 -40.00
CA ARG J 432 48.25 -25.66 -41.17
C ARG J 432 49.21 -24.48 -41.25
N ALA J 433 48.78 -23.24 -41.05
CA ALA J 433 49.71 -22.11 -41.02
C ALA J 433 50.72 -22.20 -39.87
N SER J 434 50.30 -22.75 -38.72
CA SER J 434 51.21 -23.08 -37.62
C SER J 434 52.25 -24.13 -38.04
N GLU J 435 51.82 -25.25 -38.65
CA GLU J 435 52.77 -26.28 -39.00
C GLU J 435 53.67 -25.79 -40.12
N ALA J 436 53.09 -25.05 -41.05
CA ALA J 436 53.84 -24.54 -42.16
C ALA J 436 54.90 -23.57 -41.68
N LEU J 437 54.58 -22.72 -40.70
CA LEU J 437 55.62 -21.80 -40.27
C LEU J 437 56.75 -22.58 -39.65
N ALA J 438 56.42 -23.58 -38.83
CA ALA J 438 57.45 -24.34 -38.17
C ALA J 438 58.38 -25.06 -39.14
N VAL J 439 57.82 -25.66 -40.20
CA VAL J 439 58.70 -26.37 -41.13
C VAL J 439 59.48 -25.40 -41.97
N PHE J 440 58.86 -24.28 -42.36
CA PHE J 440 59.59 -23.37 -43.19
C PHE J 440 60.71 -22.68 -42.42
N ASN J 441 60.52 -22.41 -41.13
CA ASN J 441 61.64 -21.84 -40.39
C ASN J 441 62.76 -22.88 -40.24
N LYS J 442 62.40 -24.16 -40.06
CA LYS J 442 63.41 -25.20 -39.96
C LYS J 442 64.25 -25.27 -41.22
N LEU J 443 63.55 -25.23 -42.37
CA LEU J 443 64.17 -25.33 -43.67
C LEU J 443 65.05 -24.13 -43.93
N LYS J 444 64.62 -22.94 -43.53
CA LYS J 444 65.49 -21.80 -43.68
C LYS J 444 66.80 -22.05 -43.00
N GLU J 445 66.73 -22.51 -41.74
CA GLU J 445 67.96 -22.70 -40.98
C GLU J 445 68.84 -23.80 -41.54
N GLU J 446 68.25 -24.87 -42.06
CA GLU J 446 69.11 -25.91 -42.60
C GLU J 446 69.78 -25.39 -43.87
N ALA J 447 69.03 -24.65 -44.70
CA ALA J 447 69.62 -24.11 -45.91
C ALA J 447 70.77 -23.18 -45.58
N ILE J 448 70.66 -22.45 -44.45
CA ILE J 448 71.78 -21.59 -44.08
C ILE J 448 72.96 -22.47 -43.65
N ALA J 449 72.67 -23.50 -42.84
CA ALA J 449 73.72 -24.40 -42.32
C ALA J 449 74.51 -25.11 -43.41
N GLN J 450 73.82 -25.45 -44.51
CA GLN J 450 74.46 -26.13 -45.64
C GLN J 450 75.07 -25.14 -46.61
N GLN J 451 74.99 -23.84 -46.30
CA GLN J 451 75.40 -22.69 -47.11
C GLN J 451 74.68 -22.55 -48.45
N ASP J 452 73.46 -23.09 -48.58
CA ASP J 452 72.75 -23.01 -49.84
C ASP J 452 72.01 -21.69 -49.89
N LEU J 453 71.55 -21.23 -48.72
CA LEU J 453 70.77 -20.00 -48.60
C LEU J 453 71.58 -18.93 -47.87
N HIS J 454 71.48 -17.67 -48.28
CA HIS J 454 72.10 -16.53 -47.58
C HIS J 454 71.19 -16.00 -46.45
N ASP J 455 71.76 -15.60 -45.31
CA ASP J 455 71.00 -15.25 -44.09
C ASP J 455 70.60 -13.76 -44.02
N ASP J 456 70.00 -13.23 -45.09
CA ASP J 456 69.75 -11.79 -45.29
C ASP J 456 68.27 -11.37 -45.21
N PHE J 457 67.39 -12.22 -44.68
CA PHE J 457 65.94 -12.10 -44.87
C PHE J 457 65.06 -12.79 -43.80
N LEU J 458 63.74 -12.68 -43.94
CA LEU J 458 62.74 -13.17 -42.99
C LEU J 458 61.59 -13.97 -43.65
N VAL J 459 61.02 -14.88 -42.85
CA VAL J 459 59.82 -15.70 -43.15
C VAL J 459 58.73 -15.30 -42.17
N PHE J 460 57.52 -15.01 -42.65
CA PHE J 460 56.45 -14.55 -41.74
C PHE J 460 55.17 -15.34 -41.88
N ARG J 461 54.41 -15.52 -40.79
CA ARG J 461 53.07 -16.15 -40.85
C ARG J 461 52.01 -15.06 -40.98
N PHE J 462 51.12 -15.18 -41.96
CA PHE J 462 49.99 -14.26 -42.09
C PHE J 462 48.75 -15.00 -41.61
N ASP J 463 48.09 -14.48 -40.57
CA ASP J 463 46.95 -15.17 -39.98
C ASP J 463 45.59 -14.66 -40.40
N ARG J 464 44.63 -15.59 -40.45
CA ARG J 464 43.25 -15.22 -40.79
C ARG J 464 42.59 -14.64 -39.54
N ASP J 465 43.16 -14.95 -38.37
CA ASP J 465 42.73 -14.47 -37.07
C ASP J 465 43.28 -13.07 -36.82
N GLN J 466 44.60 -12.90 -36.86
CA GLN J 466 45.22 -11.63 -36.55
C GLN J 466 44.91 -10.56 -37.61
N ASN J 467 44.56 -10.94 -38.84
CA ASN J 467 44.36 -9.99 -39.93
C ASN J 467 43.40 -10.51 -41.03
N ARG J 468 43.03 -9.60 -41.95
CA ARG J 468 41.84 -9.59 -42.81
C ARG J 468 41.92 -10.43 -44.11
N VAL J 469 42.17 -11.73 -44.03
CA VAL J 469 42.04 -12.63 -45.16
C VAL J 469 41.18 -13.83 -44.87
N GLY J 470 40.69 -14.49 -45.90
CA GLY J 470 39.99 -15.74 -45.71
C GLY J 470 40.94 -16.91 -45.57
N TYR J 471 42.06 -16.81 -46.25
CA TYR J 471 43.06 -17.87 -46.24
C TYR J 471 44.39 -17.36 -45.76
N SER J 472 44.92 -18.09 -44.81
CA SER J 472 46.22 -17.82 -44.21
C SER J 472 47.29 -18.19 -45.21
N ALA J 473 48.49 -17.64 -44.99
CA ALA J 473 49.60 -17.85 -45.92
C ALA J 473 50.91 -17.63 -45.23
N LEU J 474 51.97 -18.20 -45.75
CA LEU J 474 53.27 -17.79 -45.25
C LEU J 474 53.83 -16.82 -46.23
N LEU J 475 54.65 -15.93 -45.75
CA LEU J 475 55.20 -14.95 -46.63
C LEU J 475 56.70 -15.08 -46.76
N VAL J 476 57.16 -15.22 -48.00
CA VAL J 476 58.59 -15.27 -48.25
C VAL J 476 58.98 -13.83 -48.48
N VAL J 477 59.74 -13.24 -47.56
CA VAL J 477 60.00 -11.82 -47.64
C VAL J 477 61.47 -11.40 -47.68
N LYS J 478 61.81 -10.56 -48.66
CA LYS J 478 63.17 -10.01 -48.71
C LYS J 478 63.11 -8.51 -48.86
N ARG J 479 64.11 -7.83 -48.33
CA ARG J 479 64.10 -6.39 -48.40
C ARG J 479 65.44 -5.71 -48.65
N ALA J 480 65.35 -4.54 -49.28
CA ALA J 480 66.49 -3.63 -49.45
C ALA J 480 65.98 -2.20 -49.64
N ALA J 481 66.80 -1.20 -49.34
CA ALA J 481 66.37 0.15 -49.69
C ALA J 481 66.94 0.47 -51.05
N ILE J 482 66.10 0.96 -51.94
CA ILE J 482 66.51 1.27 -53.29
C ILE J 482 66.35 2.75 -53.57
N ASN J 483 67.49 3.43 -53.72
CA ASN J 483 67.54 4.87 -53.96
C ASN J 483 66.71 5.65 -52.95
N GLY J 484 66.77 5.23 -51.68
CA GLY J 484 66.07 5.88 -50.59
C GLY J 484 64.70 5.30 -50.24
N GLN J 485 64.12 4.46 -51.11
CA GLN J 485 62.81 3.90 -50.80
C GLN J 485 62.94 2.53 -50.18
N GLN J 486 62.22 2.24 -49.11
CA GLN J 486 62.35 0.89 -48.60
C GLN J 486 61.49 -0.02 -49.46
N VAL J 487 62.10 -1.06 -50.03
CA VAL J 487 61.37 -1.96 -50.89
C VAL J 487 61.40 -3.40 -50.38
N ILE J 488 60.22 -3.98 -50.31
CA ILE J 488 60.06 -5.35 -49.86
C ILE J 488 59.45 -6.20 -50.97
N VAL J 489 60.02 -7.36 -51.24
CA VAL J 489 59.41 -8.21 -52.26
C VAL J 489 58.83 -9.42 -51.56
N THR J 490 57.55 -9.68 -51.80
CA THR J 490 56.91 -10.80 -51.14
C THR J 490 56.30 -11.79 -52.10
N ARG J 491 56.52 -13.06 -51.77
CA ARG J 491 55.95 -14.19 -52.49
C ARG J 491 55.08 -15.01 -51.51
N PRO J 492 53.78 -14.74 -51.37
CA PRO J 492 52.86 -15.46 -50.49
C PRO J 492 52.71 -16.93 -50.88
N LEU J 493 52.60 -17.78 -49.86
CA LEU J 493 52.35 -19.20 -50.01
C LEU J 493 51.05 -19.53 -49.29
N VAL J 494 49.95 -19.66 -50.03
CA VAL J 494 48.65 -19.85 -49.41
C VAL J 494 48.57 -21.24 -48.83
N MET J 495 48.00 -21.33 -47.63
CA MET J 495 47.85 -22.59 -46.91
C MET J 495 46.40 -23.03 -46.71
N PRO J 496 45.70 -23.61 -47.71
CA PRO J 496 44.31 -24.00 -47.62
C PRO J 496 44.24 -25.02 -46.52
N ASN J 497 43.16 -25.02 -45.78
CA ASN J 497 43.01 -25.90 -44.64
C ASN J 497 41.70 -26.62 -44.86
N ASP J 498 41.76 -27.94 -45.01
CA ASP J 498 40.64 -28.78 -45.28
C ASP J 498 39.56 -28.77 -44.23
N GLN J 499 39.90 -28.31 -43.02
CA GLN J 499 38.98 -28.28 -41.90
C GLN J 499 38.34 -26.91 -41.74
N ILE J 500 38.73 -25.95 -42.58
CA ILE J 500 38.20 -24.59 -42.45
C ILE J 500 37.43 -24.16 -43.67
N THR J 501 36.17 -23.79 -43.47
CA THR J 501 35.35 -23.35 -44.59
C THR J 501 35.12 -21.87 -44.55
N LEU J 502 35.49 -21.20 -45.62
CA LEU J 502 35.29 -19.77 -45.74
C LEU J 502 33.88 -19.63 -46.28
N PRO J 503 33.05 -18.68 -45.84
CA PRO J 503 31.73 -18.50 -46.37
C PRO J 503 31.82 -18.35 -47.87
N THR J 504 30.87 -18.95 -48.55
CA THR J 504 30.78 -18.96 -49.99
C THR J 504 30.24 -17.68 -50.56
N LYS J 505 30.52 -17.45 -51.85
CA LYS J 505 30.06 -16.34 -52.66
C LYS J 505 28.76 -16.73 -53.38
N LYS J 506 27.83 -15.80 -53.56
CA LYS J 506 26.64 -16.01 -54.35
C LYS J 506 26.85 -15.69 -55.81
N LEU J 507 26.71 -16.70 -56.65
CA LEU J 507 26.85 -16.59 -58.09
C LEU J 507 25.46 -16.50 -58.70
N THR J 508 24.96 -15.29 -59.01
CA THR J 508 23.62 -15.25 -59.57
C THR J 508 23.71 -15.34 -61.07
N ILE J 509 23.01 -16.33 -61.62
CA ILE J 509 23.05 -16.54 -63.06
C ILE J 509 21.73 -16.21 -63.72
N GLN J 510 21.77 -15.26 -64.63
CA GLN J 510 20.54 -14.85 -65.28
C GLN J 510 20.32 -15.69 -66.52
N ASN J 511 19.65 -16.82 -66.33
CA ASN J 511 19.43 -17.77 -67.42
C ASN J 511 18.20 -17.35 -68.21
N GLY J 512 18.35 -16.29 -68.99
CA GLY J 512 17.22 -15.76 -69.72
C GLY J 512 16.22 -15.24 -68.71
N MET J 513 15.00 -15.78 -68.74
CA MET J 513 13.96 -15.34 -67.81
C MET J 513 14.03 -16.05 -66.46
N HIS J 514 14.94 -17.01 -66.33
CA HIS J 514 15.11 -17.78 -65.10
C HIS J 514 16.32 -17.35 -64.29
N GLN J 515 16.09 -16.94 -63.06
CA GLN J 515 17.21 -16.51 -62.24
C GLN J 515 17.46 -17.52 -61.14
N GLU J 516 18.71 -17.99 -61.06
CA GLU J 516 19.08 -18.98 -60.04
C GLU J 516 20.46 -18.66 -59.48
N THR J 517 20.64 -18.84 -58.18
CA THR J 517 21.94 -18.58 -57.56
C THR J 517 22.64 -19.84 -57.08
N ILE J 518 23.92 -19.94 -57.45
CA ILE J 518 24.77 -21.04 -57.01
C ILE J 518 25.73 -20.53 -55.96
N GLU J 519 25.82 -21.17 -54.82
CA GLU J 519 26.81 -20.68 -53.87
C GLU J 519 28.08 -21.49 -54.07
N ALA J 520 29.24 -20.84 -53.96
CA ALA J 520 30.48 -21.59 -54.15
C ALA J 520 31.66 -21.03 -53.36
N GLU J 521 32.59 -21.93 -53.04
CA GLU J 521 33.81 -21.62 -52.31
C GLU J 521 34.76 -20.72 -53.07
N ALA J 522 35.41 -19.81 -52.36
CA ALA J 522 36.40 -18.94 -52.98
C ALA J 522 37.70 -19.70 -53.21
N ASP J 523 38.20 -19.64 -54.45
CA ASP J 523 39.45 -20.28 -54.82
C ASP J 523 40.54 -19.25 -54.70
N VAL J 524 41.78 -19.59 -54.98
CA VAL J 524 42.83 -18.59 -54.80
C VAL J 524 42.62 -17.34 -55.66
N GLN J 525 41.97 -17.50 -56.81
CA GLN J 525 41.64 -16.37 -57.69
C GLN J 525 40.63 -15.42 -57.07
N ASP J 526 39.70 -15.95 -56.26
CA ASP J 526 38.65 -15.16 -55.66
C ASP J 526 39.14 -14.56 -54.34
N VAL J 527 40.03 -15.30 -53.70
CA VAL J 527 40.63 -14.94 -52.44
C VAL J 527 41.64 -13.82 -52.59
N PHE J 528 42.50 -13.93 -53.60
CA PHE J 528 43.54 -12.94 -53.79
C PHE J 528 43.02 -11.71 -54.50
N THR J 529 42.26 -10.96 -53.77
CA THR J 529 41.64 -9.73 -54.20
C THR J 529 42.65 -8.64 -54.03
N THR J 530 42.35 -7.44 -54.50
CA THR J 530 43.30 -6.37 -54.32
C THR J 530 43.48 -6.05 -52.85
N GLN J 531 42.41 -6.17 -52.07
CA GLN J 531 42.56 -5.88 -50.67
C GLN J 531 43.27 -7.01 -49.96
N TYR J 532 43.12 -8.25 -50.43
CA TYR J 532 43.83 -9.34 -49.79
C TYR J 532 45.30 -8.97 -49.77
N TRP J 533 45.81 -8.57 -50.95
CA TRP J 533 47.20 -8.16 -51.09
C TRP J 533 47.56 -6.97 -50.21
N ASN J 534 46.67 -5.97 -50.17
CA ASN J 534 46.99 -4.81 -49.37
C ASN J 534 47.11 -5.20 -47.89
N ARG J 535 46.31 -6.17 -47.46
CA ARG J 535 46.37 -6.62 -46.08
C ARG J 535 47.65 -7.40 -45.83
N ILE J 536 48.10 -8.16 -46.84
CA ILE J 536 49.36 -8.88 -46.70
C ILE J 536 50.44 -7.87 -46.46
N CYS J 537 50.48 -6.81 -47.28
CA CYS J 537 51.46 -5.74 -47.16
C CYS J 537 51.45 -5.13 -45.76
N ASP J 538 50.27 -4.81 -45.23
CA ASP J 538 50.20 -4.17 -43.93
C ASP J 538 50.76 -5.04 -42.81
N SER J 539 50.45 -6.34 -42.87
CA SER J 539 50.95 -7.27 -41.85
C SER J 539 52.45 -7.35 -41.92
N ILE J 540 53.00 -7.37 -43.14
CA ILE J 540 54.43 -7.46 -43.24
C ILE J 540 55.02 -6.24 -42.59
N ARG J 541 54.47 -5.06 -42.85
CA ARG J 541 55.03 -3.86 -42.24
C ARG J 541 54.98 -3.97 -40.71
N GLN J 542 53.90 -4.52 -40.15
CA GLN J 542 53.83 -4.69 -38.70
C GLN J 542 54.95 -5.62 -38.21
N GLN J 543 55.25 -6.65 -39.01
CA GLN J 543 56.25 -7.66 -38.69
C GLN J 543 57.71 -7.26 -38.99
N THR J 544 57.94 -6.35 -39.94
CA THR J 544 59.30 -5.95 -40.34
C THR J 544 59.72 -4.59 -39.74
N GLY J 545 58.71 -3.78 -39.37
CA GLY J 545 58.90 -2.45 -38.81
C GLY J 545 58.94 -1.40 -39.90
N LYS J 546 58.95 -1.84 -41.14
CA LYS J 546 59.05 -0.92 -42.25
C LYS J 546 57.70 -0.40 -42.67
N HIS J 547 57.19 0.50 -41.85
CA HIS J 547 55.84 1.04 -42.00
C HIS J 547 55.66 1.94 -43.20
N ASP J 548 56.73 2.50 -43.73
CA ASP J 548 56.65 3.31 -44.92
C ASP J 548 57.13 2.57 -46.18
N ALA J 549 57.30 1.23 -46.09
CA ALA J 549 57.78 0.46 -47.24
C ALA J 549 56.74 0.21 -48.32
N MET J 550 57.27 0.07 -49.54
CA MET J 550 56.52 -0.30 -50.73
C MET J 550 56.71 -1.80 -50.91
N VAL J 551 55.65 -2.51 -51.28
CA VAL J 551 55.80 -3.96 -51.41
C VAL J 551 55.47 -4.43 -52.84
N ILE J 552 56.42 -5.17 -53.39
CA ILE J 552 56.41 -5.79 -54.70
C ILE J 552 55.75 -7.17 -54.67
N ASN J 553 54.82 -7.42 -55.57
CA ASN J 553 54.08 -8.66 -55.64
C ASN J 553 54.80 -9.66 -56.54
N ALA J 554 55.44 -10.67 -55.97
CA ALA J 554 56.18 -11.67 -56.72
C ALA J 554 55.28 -12.78 -57.20
N GLY J 555 54.00 -12.66 -56.88
CA GLY J 555 53.03 -13.61 -57.31
C GLY J 555 52.68 -14.59 -56.22
N PRO J 556 51.45 -14.63 -55.75
CA PRO J 556 51.04 -15.52 -54.71
C PRO J 556 51.01 -16.87 -55.31
N THR J 557 51.27 -17.89 -54.53
CA THR J 557 51.04 -19.22 -55.02
C THR J 557 50.37 -19.97 -53.91
N VAL J 558 50.08 -21.22 -54.14
CA VAL J 558 49.40 -22.01 -53.13
C VAL J 558 50.05 -23.33 -52.93
N ILE J 559 50.09 -23.74 -51.66
CA ILE J 559 50.51 -25.07 -51.28
C ILE J 559 49.26 -25.76 -50.75
N PRO J 560 48.58 -26.59 -51.56
CA PRO J 560 47.26 -27.18 -51.36
C PRO J 560 47.15 -27.95 -50.09
N ALA J 561 45.93 -28.07 -49.56
CA ALA J 561 45.70 -28.78 -48.30
C ALA J 561 46.20 -30.23 -48.38
N ASP J 562 46.02 -30.92 -49.51
CA ASP J 562 45.87 -32.39 -49.56
C ASP J 562 47.04 -33.26 -49.03
N PHE J 563 48.28 -32.99 -49.42
CA PHE J 563 49.44 -33.83 -49.13
C PHE J 563 49.99 -33.68 -47.70
N ASP J 564 50.85 -34.61 -47.25
CA ASP J 564 51.53 -34.55 -45.96
C ASP J 564 52.70 -33.54 -45.93
N LEU J 565 52.80 -32.71 -44.88
CA LEU J 565 53.78 -31.60 -44.81
C LEU J 565 55.25 -32.02 -44.60
N LYS J 566 55.55 -33.33 -44.52
CA LYS J 566 56.89 -33.87 -44.24
C LYS J 566 57.89 -33.82 -45.42
N ASP J 567 57.47 -33.35 -46.60
CA ASP J 567 58.33 -33.25 -47.79
C ASP J 567 59.30 -32.04 -47.72
N GLU J 568 60.27 -32.14 -46.81
CA GLU J 568 61.29 -31.13 -46.61
C GLU J 568 62.03 -30.79 -47.89
N LEU J 569 62.22 -31.76 -48.79
CA LEU J 569 62.95 -31.43 -50.02
C LEU J 569 62.19 -30.43 -50.86
N VAL J 570 60.89 -30.71 -51.07
CA VAL J 570 60.13 -29.77 -51.90
C VAL J 570 60.03 -28.43 -51.23
N LEU J 571 59.79 -28.44 -49.92
CA LEU J 571 59.57 -27.20 -49.21
C LEU J 571 60.84 -26.34 -49.24
N LYS J 572 62.01 -26.98 -49.12
CA LYS J 572 63.27 -26.27 -49.20
C LYS J 572 63.39 -25.62 -50.56
N GLN J 573 63.04 -26.38 -51.60
CA GLN J 573 63.11 -25.89 -52.95
C GLN J 573 62.15 -24.74 -53.17
N LEU J 574 60.98 -24.78 -52.53
CA LEU J 574 60.05 -23.67 -52.68
C LEU J 574 60.65 -22.41 -52.10
N LEU J 575 61.33 -22.52 -50.95
CA LEU J 575 61.94 -21.31 -50.40
C LEU J 575 63.02 -20.79 -51.28
N ILE J 576 63.83 -21.68 -51.82
CA ILE J 576 64.94 -21.34 -52.69
C ILE J 576 64.38 -20.59 -53.90
N LYS J 577 63.38 -21.14 -54.58
CA LYS J 577 62.86 -20.53 -55.79
C LYS J 577 62.19 -19.19 -55.49
N SER J 578 61.49 -19.11 -54.36
CA SER J 578 60.79 -17.90 -54.01
C SER J 578 61.75 -16.76 -53.66
N VAL J 579 62.87 -17.09 -53.00
CA VAL J 579 63.83 -16.03 -52.69
C VAL J 579 64.54 -15.61 -53.98
N ASN J 580 64.76 -16.51 -54.92
CA ASN J 580 65.38 -16.19 -56.20
C ASN J 580 64.59 -15.08 -56.84
N LEU J 581 63.28 -15.33 -56.90
CA LEU J 581 62.42 -14.38 -57.57
C LEU J 581 62.42 -13.07 -56.81
N CYS J 582 62.46 -13.13 -55.48
CA CYS J 582 62.47 -11.90 -54.72
C CYS J 582 63.72 -11.07 -55.03
N ASP J 583 64.87 -11.74 -55.18
CA ASP J 583 66.10 -11.03 -55.50
C ASP J 583 66.03 -10.41 -56.88
N ASP J 584 65.42 -11.12 -57.83
CA ASP J 584 65.25 -10.60 -59.18
C ASP J 584 64.43 -9.34 -59.14
N MET J 585 63.33 -9.36 -58.41
CA MET J 585 62.47 -8.21 -58.46
C MET J 585 63.10 -7.02 -57.75
N LEU J 586 63.89 -7.24 -56.68
CA LEU J 586 64.58 -6.10 -56.09
C LEU J 586 65.58 -5.59 -57.13
N ALA J 587 66.27 -6.51 -57.82
CA ALA J 587 67.25 -6.11 -58.81
C ALA J 587 66.63 -5.32 -59.95
N LYS J 588 65.49 -5.76 -60.46
CA LYS J 588 64.90 -5.16 -61.64
C LYS J 588 64.31 -3.81 -61.29
N ARG J 589 63.81 -3.66 -60.05
CA ARG J 589 63.48 -2.35 -59.46
C ARG J 589 64.72 -1.47 -59.26
N SER J 590 65.87 -2.06 -58.92
CA SER J 590 67.17 -1.38 -58.76
C SER J 590 67.78 -0.90 -60.08
N GLY J 591 67.19 -1.26 -61.21
CA GLY J 591 67.74 -0.99 -62.55
C GLY J 591 68.75 -2.00 -63.10
N GLU J 592 68.77 -3.26 -62.65
CA GLU J 592 69.68 -4.29 -63.18
C GLU J 592 69.60 -4.48 -64.71
N GLN J 593 70.72 -4.78 -65.36
CA GLN J 593 70.83 -4.96 -66.82
C GLN J 593 70.03 -6.17 -67.35
N PRO J 594 69.36 -6.06 -68.51
CA PRO J 594 68.44 -7.07 -69.03
C PRO J 594 69.14 -8.21 -69.77
N PHE J 595 68.45 -9.35 -69.92
CA PHE J 595 68.90 -10.40 -70.83
C PHE J 595 68.76 -9.99 -72.27
N SER J 596 69.76 -10.31 -73.08
CA SER J 596 69.67 -9.97 -74.49
C SER J 596 70.39 -10.93 -75.42
N VAL J 597 70.05 -10.81 -76.71
CA VAL J 597 70.65 -11.65 -77.74
C VAL J 597 72.13 -11.36 -77.84
N ALA J 598 72.51 -10.12 -77.51
CA ALA J 598 73.89 -9.67 -77.51
C ALA J 598 74.75 -10.43 -76.52
N MET J 599 74.13 -10.95 -75.46
CA MET J 599 74.89 -11.68 -74.45
C MET J 599 75.13 -13.09 -74.97
N LEU J 600 74.17 -13.57 -75.76
CA LEU J 600 74.26 -14.90 -76.37
C LEU J 600 75.07 -14.89 -77.65
N LYS J 601 75.06 -13.79 -78.35
CA LYS J 601 75.67 -13.72 -79.65
C LYS J 601 77.17 -13.50 -79.56
N GLY J 602 77.88 -14.54 -79.20
CA GLY J 602 79.31 -14.43 -79.15
C GLY J 602 79.70 -14.36 -80.61
N THR J 603 80.87 -13.80 -80.93
CA THR J 603 81.26 -13.71 -82.34
C THR J 603 81.62 -15.08 -82.88
N ASP J 604 81.86 -15.99 -81.96
CA ASP J 604 82.16 -17.36 -82.20
C ASP J 604 81.10 -18.33 -81.64
N GLU J 605 79.82 -17.95 -81.51
CA GLU J 605 78.80 -18.82 -80.88
C GLU J 605 77.48 -18.87 -81.68
N THR J 606 76.83 -20.05 -81.81
CA THR J 606 75.51 -20.15 -82.45
C THR J 606 74.51 -21.03 -81.67
N LEU J 607 73.21 -20.84 -81.95
CA LEU J 607 72.15 -21.63 -81.33
C LEU J 607 71.70 -22.78 -82.21
N ALA J 608 71.05 -23.75 -81.59
CA ALA J 608 70.45 -24.88 -82.29
C ALA J 608 69.27 -25.39 -81.47
N ALA J 609 68.29 -26.05 -82.10
CA ALA J 609 67.15 -26.57 -81.31
C ALA J 609 66.48 -27.84 -81.87
N ARG J 610 65.84 -28.59 -80.95
CA ARG J 610 65.11 -29.83 -81.30
C ARG J 610 63.77 -30.00 -80.62
N LEU J 611 62.91 -30.82 -81.22
CA LEU J 611 61.63 -31.16 -80.62
C LEU J 611 61.67 -32.55 -80.00
N ASN J 612 61.45 -32.60 -78.70
CA ASN J 612 61.43 -33.85 -77.97
C ASN J 612 60.00 -34.39 -77.94
N PHE J 613 59.77 -35.54 -78.57
CA PHE J 613 58.53 -36.31 -78.44
C PHE J 613 58.57 -37.19 -77.21
N THR J 614 58.25 -36.59 -76.07
CA THR J 614 58.74 -37.04 -74.78
C THR J 614 58.36 -38.48 -74.42
N GLY J 615 57.07 -38.83 -74.44
CA GLY J 615 56.56 -40.03 -73.79
C GLY J 615 56.44 -39.95 -72.24
N LYS J 616 56.65 -38.77 -71.62
CA LYS J 616 56.55 -38.52 -70.16
C LYS J 616 56.08 -37.09 -69.79
N PRO J 617 55.43 -36.89 -68.63
CA PRO J 617 55.06 -35.58 -68.08
C PRO J 617 56.19 -34.88 -67.32
N MET J 618 56.03 -33.58 -67.06
CA MET J 618 56.95 -32.74 -66.32
C MET J 618 56.24 -32.08 -65.15
N HIS J 619 56.96 -31.63 -64.11
CA HIS J 619 56.34 -31.41 -62.81
C HIS J 619 56.64 -30.02 -62.31
N ASP J 620 55.66 -29.43 -61.64
CA ASP J 620 55.81 -28.07 -61.13
C ASP J 620 56.56 -28.07 -59.81
N SER J 621 56.68 -26.90 -59.20
CA SER J 621 57.46 -26.79 -57.96
C SER J 621 56.91 -27.61 -56.79
N LEU J 622 55.66 -28.07 -56.84
CA LEU J 622 55.08 -28.89 -55.78
C LEU J 622 54.98 -30.36 -56.18
N GLY J 623 55.52 -30.68 -57.36
CA GLY J 623 55.48 -32.03 -57.89
C GLY J 623 54.22 -32.42 -58.66
N TYR J 624 53.36 -31.47 -59.08
CA TYR J 624 52.17 -31.91 -59.80
C TYR J 624 52.50 -31.95 -61.30
N PRO J 625 51.96 -32.91 -62.08
CA PRO J 625 52.24 -33.07 -63.51
C PRO J 625 51.65 -31.95 -64.35
N ILE J 626 52.36 -31.59 -65.41
CA ILE J 626 51.95 -30.64 -66.43
C ILE J 626 51.92 -31.30 -67.80
N ARG J 627 50.77 -31.23 -68.48
CA ARG J 627 50.70 -31.80 -69.82
C ARG J 627 51.65 -31.16 -70.81
N SER J 628 52.32 -32.02 -71.57
CA SER J 628 53.22 -31.63 -72.65
C SER J 628 53.26 -32.77 -73.66
N ASP J 629 53.12 -32.47 -74.96
CA ASP J 629 53.29 -33.52 -75.96
C ASP J 629 54.69 -33.41 -76.53
N ILE J 630 55.14 -32.15 -76.61
CA ILE J 630 56.43 -31.81 -77.18
C ILE J 630 57.23 -30.91 -76.24
N LEU J 631 58.46 -31.29 -75.94
CA LEU J 631 59.28 -30.38 -75.16
C LEU J 631 60.28 -29.75 -76.11
N VAL J 632 60.28 -28.43 -76.23
CA VAL J 632 61.20 -27.84 -77.18
C VAL J 632 62.44 -27.45 -76.45
N SER J 633 63.57 -27.97 -76.90
CA SER J 633 64.84 -27.72 -76.24
C SER J 633 65.75 -26.85 -77.08
N LEU J 634 66.10 -25.68 -76.52
CA LEU J 634 66.99 -24.76 -77.20
C LEU J 634 68.35 -24.96 -76.59
N ASN J 635 69.29 -25.34 -77.44
CA ASN J 635 70.64 -25.71 -77.08
C ASN J 635 71.43 -24.49 -76.69
N ARG J 636 72.45 -24.71 -75.89
CA ARG J 636 73.32 -23.65 -75.41
C ARG J 636 74.02 -23.01 -76.58
N VAL J 637 74.13 -21.69 -76.56
CA VAL J 637 74.80 -21.05 -77.66
C VAL J 637 76.30 -21.37 -77.53
N LYS J 638 76.92 -21.87 -78.59
CA LYS J 638 78.36 -22.19 -78.56
C LYS J 638 78.86 -22.55 -79.95
N LYS J 639 80.17 -22.80 -80.08
CA LYS J 639 80.67 -23.37 -81.32
C LYS J 639 81.86 -24.33 -81.11
N PRO J 640 81.99 -25.41 -81.87
CA PRO J 640 83.16 -26.26 -81.86
C PRO J 640 84.35 -25.38 -82.21
N GLY J 641 85.47 -25.59 -81.56
CA GLY J 641 86.65 -24.79 -81.83
C GLY J 641 86.85 -23.74 -80.75
N GLN J 642 85.83 -23.50 -79.91
CA GLN J 642 86.00 -22.55 -78.83
C GLN J 642 86.81 -23.18 -77.72
N GLN J 643 87.46 -22.35 -76.93
CA GLN J 643 88.22 -22.85 -75.80
C GLN J 643 87.33 -23.63 -74.84
N GLU J 644 87.79 -24.83 -74.50
CA GLU J 644 87.11 -25.71 -73.57
C GLU J 644 87.31 -25.15 -72.16
N ASN J 645 86.25 -25.07 -71.37
CA ASN J 645 86.35 -24.50 -70.02
C ASN J 645 86.81 -25.47 -68.94
N GLU J 646 88.10 -25.82 -69.01
CA GLU J 646 88.79 -26.74 -68.11
C GLU J 646 88.11 -28.13 -68.18
N PHE J 647 88.28 -28.96 -67.15
CA PHE J 647 87.67 -30.27 -67.12
C PHE J 647 86.26 -30.17 -66.62
N TYR J 648 85.33 -29.84 -67.50
CA TYR J 648 83.93 -29.65 -67.15
C TYR J 648 83.01 -30.64 -67.83
N GLU J 649 81.82 -30.80 -67.28
CA GLU J 649 80.76 -31.52 -67.97
C GLU J 649 79.45 -30.80 -67.76
N ALA J 650 78.74 -30.52 -68.83
CA ALA J 650 77.51 -29.77 -68.70
C ALA J 650 76.52 -30.15 -69.77
N GLU J 651 75.25 -29.94 -69.49
CA GLU J 651 74.24 -30.11 -70.52
C GLU J 651 74.24 -28.87 -71.39
N ASP J 652 74.26 -29.06 -72.69
CA ASP J 652 74.27 -27.92 -73.59
C ASP J 652 72.89 -27.38 -73.85
N LYS J 653 72.28 -26.80 -72.81
CA LYS J 653 70.93 -26.27 -72.91
C LYS J 653 70.86 -24.84 -72.42
N LEU J 654 70.06 -24.02 -73.10
CA LEU J 654 69.81 -22.65 -72.68
C LEU J 654 68.45 -22.50 -72.03
N ASN J 655 67.41 -23.03 -72.70
CA ASN J 655 66.04 -22.95 -72.17
C ASN J 655 65.11 -23.96 -72.83
N GLN J 656 63.86 -23.98 -72.35
CA GLN J 656 62.89 -24.89 -72.93
C GLN J 656 61.44 -24.43 -72.81
N VAL J 657 60.62 -24.89 -73.76
CA VAL J 657 59.18 -24.61 -73.68
C VAL J 657 58.37 -25.90 -73.80
N SER J 658 57.46 -26.07 -72.86
CA SER J 658 56.60 -27.23 -72.84
C SER J 658 55.31 -26.88 -73.53
N CYS J 659 54.89 -27.73 -74.46
CA CYS J 659 53.63 -27.45 -75.13
C CYS J 659 52.92 -28.73 -75.55
N PHE J 660 51.66 -28.59 -75.92
CA PHE J 660 50.90 -29.73 -76.41
C PHE J 660 50.03 -29.29 -77.54
N VAL J 661 49.56 -30.26 -78.35
CA VAL J 661 48.68 -29.80 -79.42
C VAL J 661 47.34 -30.49 -79.39
N ASN J 662 46.25 -29.70 -79.33
CA ASN J 662 44.94 -30.34 -79.35
C ASN J 662 44.42 -30.31 -80.77
N LEU J 663 43.26 -30.92 -80.97
CA LEU J 663 42.61 -30.86 -82.27
C LEU J 663 41.21 -30.38 -82.03
N GLU J 664 41.04 -29.07 -82.12
CA GLU J 664 39.74 -28.49 -81.78
C GLU J 664 38.80 -28.65 -82.94
N TYR J 665 37.53 -28.92 -82.70
CA TYR J 665 36.53 -29.06 -83.76
C TYR J 665 35.92 -27.68 -83.93
N THR J 666 36.23 -27.05 -85.05
CA THR J 666 35.88 -25.64 -85.25
C THR J 666 34.95 -25.40 -86.43
N PRO J 667 34.18 -24.30 -86.43
CA PRO J 667 33.26 -23.88 -87.47
C PRO J 667 33.93 -23.38 -88.72
N GLN J 668 33.16 -23.43 -89.80
CA GLN J 668 33.54 -22.91 -91.09
C GLN J 668 32.24 -22.61 -91.88
N PRO J 669 32.10 -21.47 -92.68
CA PRO J 669 30.95 -21.16 -93.53
C PRO J 669 30.61 -22.32 -94.50
N GLN J 682 38.59 -24.32 -99.06
CA GLN J 682 37.89 -25.28 -98.19
C GLN J 682 38.88 -25.89 -97.18
N LEU J 683 38.63 -25.68 -95.87
CA LEU J 683 39.42 -26.21 -94.76
C LEU J 683 38.82 -27.51 -94.19
N PRO J 684 39.64 -28.41 -93.65
CA PRO J 684 39.25 -29.58 -92.91
C PRO J 684 38.75 -29.06 -91.55
N PRO J 685 37.93 -29.82 -90.79
CA PRO J 685 37.34 -29.47 -89.50
C PRO J 685 38.17 -29.28 -88.22
N LEU J 686 39.42 -29.78 -88.14
CA LEU J 686 40.16 -29.62 -86.89
C LEU J 686 41.31 -28.60 -86.87
N THR J 687 41.42 -27.89 -85.75
CA THR J 687 42.47 -26.90 -85.54
C THR J 687 43.65 -27.38 -84.70
N PRO J 688 44.90 -27.24 -85.20
CA PRO J 688 46.15 -27.56 -84.57
C PRO J 688 46.46 -26.50 -83.53
N ALA J 689 45.81 -26.66 -82.38
CA ALA J 689 45.92 -25.67 -81.32
C ALA J 689 47.18 -25.93 -80.54
N ILE J 690 48.20 -25.09 -80.72
CA ILE J 690 49.49 -25.35 -80.09
C ILE J 690 49.46 -24.58 -78.80
N VAL J 691 49.51 -25.28 -77.68
CA VAL J 691 49.37 -24.63 -76.39
C VAL J 691 50.61 -24.70 -75.54
N ILE J 692 51.14 -23.55 -75.16
CA ILE J 692 52.25 -23.54 -74.22
C ILE J 692 51.74 -23.76 -72.81
N THR J 693 52.31 -24.74 -72.12
CA THR J 693 51.90 -25.03 -70.76
C THR J 693 52.95 -24.61 -69.75
N ASP J 694 54.19 -24.48 -70.19
CA ASP J 694 55.24 -24.03 -69.28
C ASP J 694 56.41 -23.41 -70.04
N VAL J 695 57.10 -22.48 -69.37
CA VAL J 695 58.30 -21.84 -69.92
C VAL J 695 59.40 -21.86 -68.86
N ARG J 696 60.55 -22.50 -69.14
CA ARG J 696 61.66 -22.67 -68.16
C ARG J 696 63.00 -22.28 -68.74
N GLN J 697 63.88 -21.69 -67.92
CA GLN J 697 65.25 -21.45 -68.32
C GLN J 697 66.04 -22.67 -67.91
N ALA J 698 67.21 -22.88 -68.50
CA ALA J 698 68.00 -24.02 -68.07
C ALA J 698 68.34 -23.84 -66.59
N GLU J 699 68.38 -24.97 -65.87
CA GLU J 699 68.61 -25.03 -64.43
C GLU J 699 69.89 -24.39 -63.91
N TRP J 700 70.88 -24.21 -64.78
CA TRP J 700 72.11 -23.60 -64.33
C TRP J 700 71.99 -22.08 -64.14
N LEU J 701 70.94 -21.46 -64.70
CA LEU J 701 70.75 -20.01 -64.63
C LEU J 701 69.78 -19.76 -63.47
N LYS J 702 69.98 -18.72 -62.66
CA LYS J 702 69.18 -18.53 -61.45
C LYS J 702 68.04 -17.53 -61.68
N ALA J 703 68.31 -16.47 -62.43
CA ALA J 703 67.35 -15.37 -62.63
C ALA J 703 66.13 -15.74 -63.47
N ASN J 704 65.01 -15.10 -63.14
CA ASN J 704 63.76 -15.26 -63.90
C ASN J 704 63.18 -13.90 -64.25
N THR J 705 63.38 -13.48 -65.49
CA THR J 705 62.98 -12.17 -65.94
C THR J 705 62.12 -12.27 -67.19
N MET J 706 61.47 -11.17 -67.55
CA MET J 706 60.64 -11.16 -68.75
C MET J 706 61.42 -11.38 -70.02
N GLU J 707 62.63 -10.85 -70.10
CA GLU J 707 63.38 -11.01 -71.32
C GLU J 707 63.73 -12.49 -71.49
N LEU J 708 64.09 -13.16 -70.40
CA LEU J 708 64.41 -14.58 -70.49
C LEU J 708 63.18 -15.39 -70.93
N TYR J 709 62.01 -15.02 -70.37
CA TYR J 709 60.74 -15.67 -70.71
C TYR J 709 60.39 -15.50 -72.18
N LEU J 710 60.44 -14.25 -72.63
CA LEU J 710 60.07 -13.89 -73.98
C LEU J 710 60.94 -14.53 -75.00
N PHE J 711 62.24 -14.56 -74.74
CA PHE J 711 63.17 -15.21 -75.64
C PHE J 711 62.85 -16.69 -75.79
N ALA J 712 62.56 -17.35 -74.65
CA ALA J 712 62.24 -18.77 -74.66
C ALA J 712 60.94 -19.06 -75.42
N LEU J 713 59.99 -18.12 -75.45
CA LEU J 713 58.73 -18.38 -76.16
C LEU J 713 58.92 -18.67 -77.65
N SER J 714 60.06 -18.23 -78.21
CA SER J 714 60.31 -18.43 -79.64
C SER J 714 60.48 -19.92 -79.92
N ASN J 715 60.73 -20.70 -78.85
CA ASN J 715 60.90 -22.12 -78.95
C ASN J 715 59.60 -22.77 -79.37
N ALA J 716 58.46 -22.22 -78.95
CA ALA J 716 57.22 -22.84 -79.34
C ALA J 716 56.92 -22.50 -80.78
N PHE J 717 57.25 -21.29 -81.17
CA PHE J 717 56.93 -20.91 -82.55
C PHE J 717 57.53 -21.86 -83.58
N ARG J 718 58.81 -22.18 -83.36
CA ARG J 718 59.58 -23.04 -84.27
C ARG J 718 59.01 -24.45 -84.41
N VAL J 719 58.12 -24.84 -83.48
CA VAL J 719 57.49 -26.14 -83.46
C VAL J 719 56.75 -26.38 -84.75
N THR J 720 56.10 -25.33 -85.27
CA THR J 720 55.37 -25.51 -86.51
C THR J 720 55.98 -24.67 -87.63
N ALA J 721 56.75 -23.63 -87.27
CA ALA J 721 57.32 -22.75 -88.28
C ALA J 721 58.44 -23.38 -89.08
N ASN J 722 59.26 -24.19 -88.41
CA ASN J 722 60.38 -24.81 -89.11
C ASN J 722 60.21 -26.32 -89.14
N GLN J 723 59.70 -26.86 -88.04
CA GLN J 723 59.53 -28.30 -87.86
C GLN J 723 58.04 -28.66 -87.94
N SER J 724 57.73 -29.96 -87.86
CA SER J 724 56.34 -30.37 -87.93
C SER J 724 55.86 -31.19 -86.73
N TRP J 725 55.00 -30.51 -86.00
CA TRP J 725 54.37 -30.90 -84.76
C TRP J 725 53.51 -32.15 -84.85
N ALA J 726 53.05 -32.47 -86.07
CA ALA J 726 52.12 -33.55 -86.34
C ALA J 726 52.67 -34.89 -85.96
N ARG J 727 54.00 -35.04 -85.87
CA ARG J 727 54.56 -36.32 -85.42
C ARG J 727 54.04 -36.66 -84.03
N SER J 728 53.69 -35.66 -83.23
CA SER J 728 53.23 -35.91 -81.86
C SER J 728 51.86 -36.58 -81.84
N LEU J 729 51.16 -36.58 -82.97
CA LEU J 729 49.85 -37.18 -83.03
C LEU J 729 49.92 -38.65 -83.40
N LEU J 730 51.12 -39.15 -83.71
CA LEU J 730 51.16 -40.56 -84.07
C LEU J 730 50.66 -41.39 -82.91
N PRO J 731 49.82 -42.41 -83.16
CA PRO J 731 49.28 -43.29 -82.16
C PRO J 731 50.39 -44.13 -81.62
N GLN J 732 50.27 -44.56 -80.36
CA GLN J 732 51.33 -45.40 -79.84
C GLN J 732 51.11 -46.82 -80.29
N LEU J 733 51.53 -47.08 -81.52
CA LEU J 733 51.20 -48.36 -82.12
C LEU J 733 51.83 -49.46 -81.32
N GLY J 734 51.04 -50.49 -81.03
CA GLY J 734 51.47 -51.64 -80.24
C GLY J 734 51.04 -51.52 -78.78
N LYS J 735 50.64 -50.32 -78.36
CA LYS J 735 50.17 -50.08 -77.00
C LYS J 735 48.67 -50.11 -76.98
N VAL J 736 48.09 -51.01 -76.21
CA VAL J 736 46.63 -51.09 -76.21
C VAL J 736 46.02 -49.87 -75.54
N LYS J 737 46.57 -49.49 -74.40
CA LYS J 737 46.00 -48.39 -73.63
C LYS J 737 46.45 -47.00 -74.05
N ASP J 738 46.03 -46.57 -75.24
CA ASP J 738 46.35 -45.22 -75.69
C ASP J 738 45.04 -44.44 -75.70
N MET J 739 44.80 -43.68 -74.64
CA MET J 739 43.51 -43.03 -74.49
C MET J 739 43.29 -41.92 -75.51
N ARG J 740 44.37 -41.46 -76.17
CA ARG J 740 44.27 -40.37 -77.10
C ARG J 740 44.62 -40.84 -78.50
N ASP J 741 44.47 -42.13 -78.73
CA ASP J 741 44.79 -42.74 -80.00
C ASP J 741 44.09 -42.02 -81.13
N ILE J 742 44.86 -41.65 -82.16
CA ILE J 742 44.42 -40.90 -83.34
C ILE J 742 43.28 -41.57 -84.01
N GLY J 743 43.12 -42.87 -83.81
CA GLY J 743 42.03 -43.58 -84.46
C GLY J 743 40.69 -42.94 -84.18
N ALA J 744 40.57 -42.28 -83.02
CA ALA J 744 39.36 -41.61 -82.57
C ALA J 744 38.92 -40.49 -83.50
N ILE J 745 39.86 -39.98 -84.30
CA ILE J 745 39.59 -38.84 -85.17
C ILE J 745 38.52 -39.22 -86.19
N GLY J 746 38.37 -40.52 -86.45
CA GLY J 746 37.40 -41.07 -87.38
C GLY J 746 35.97 -40.86 -86.90
N TYR J 747 35.79 -40.50 -85.64
CA TYR J 747 34.46 -40.26 -85.12
C TYR J 747 33.95 -38.87 -85.51
N LEU J 748 34.88 -37.92 -85.75
CA LEU J 748 34.49 -36.55 -86.13
C LEU J 748 34.46 -36.39 -87.64
N SER J 749 35.20 -37.29 -88.32
CA SER J 749 35.29 -37.33 -89.77
C SER J 749 34.05 -38.01 -90.28
N ARG J 750 33.91 -38.06 -91.60
CA ARG J 750 32.77 -38.67 -92.26
C ARG J 750 32.63 -40.19 -92.01
N LEU J 751 33.67 -40.82 -91.47
CA LEU J 751 33.65 -42.25 -91.17
C LEU J 751 32.71 -42.60 -90.02
N ALA J 752 32.58 -41.70 -89.03
CA ALA J 752 31.79 -41.96 -87.83
C ALA J 752 32.22 -43.28 -87.19
N ALA J 753 33.52 -43.53 -87.17
CA ALA J 753 34.05 -44.78 -86.67
C ALA J 753 35.48 -44.63 -86.23
N ARG J 754 35.93 -45.52 -85.35
CA ARG J 754 37.34 -45.48 -85.01
C ARG J 754 38.11 -46.10 -86.17
N VAL J 755 39.23 -45.49 -86.50
CA VAL J 755 40.11 -45.99 -87.54
C VAL J 755 40.85 -47.17 -86.94
N GLU J 756 40.96 -48.26 -87.66
CA GLU J 756 41.66 -49.35 -87.03
C GLU J 756 43.16 -49.08 -87.14
N THR J 757 43.71 -48.67 -86.01
CA THR J 757 45.12 -48.31 -85.81
C THR J 757 45.86 -49.38 -85.00
N LYS J 758 45.19 -50.47 -84.60
CA LYS J 758 45.76 -51.64 -83.85
C LYS J 758 46.47 -52.64 -84.79
N THR J 759 46.18 -52.51 -86.07
CA THR J 759 46.50 -53.49 -87.09
C THR J 759 47.83 -53.25 -87.78
N GLU J 760 48.38 -54.34 -88.33
CA GLU J 760 49.62 -54.30 -89.08
C GLU J 760 49.46 -53.59 -90.41
N THR J 761 48.21 -53.33 -90.79
CA THR J 761 47.91 -52.67 -92.03
C THR J 761 47.80 -51.15 -91.85
N PHE J 762 47.98 -50.67 -90.61
CA PHE J 762 47.93 -49.22 -90.41
C PHE J 762 49.32 -48.68 -90.68
N THR J 763 49.39 -47.71 -91.57
CA THR J 763 50.64 -47.15 -92.02
C THR J 763 50.76 -45.68 -91.74
N ASP J 764 52.00 -45.23 -91.77
CA ASP J 764 52.34 -43.78 -91.79
C ASP J 764 51.56 -43.02 -92.87
N GLN J 765 51.37 -43.61 -94.03
CA GLN J 765 50.65 -42.99 -95.12
C GLN J 765 49.18 -42.83 -94.73
N ASN J 766 48.61 -43.84 -94.05
CA ASN J 766 47.21 -43.76 -93.68
C ASN J 766 47.03 -42.68 -92.63
N PHE J 767 48.01 -42.56 -91.74
CA PHE J 767 48.00 -41.54 -90.71
C PHE J 767 47.98 -40.17 -91.33
N ALA J 768 48.88 -39.96 -92.30
CA ALA J 768 48.95 -38.66 -92.97
C ALA J 768 47.65 -38.34 -93.64
N GLU J 769 47.00 -39.34 -94.25
CA GLU J 769 45.73 -39.12 -94.90
C GLU J 769 44.63 -38.72 -93.94
N LEU J 770 44.63 -39.31 -92.74
CA LEU J 770 43.60 -38.95 -91.77
C LEU J 770 43.74 -37.47 -91.49
N LEU J 771 44.99 -37.03 -91.32
CA LEU J 771 45.25 -35.63 -91.05
C LEU J 771 44.99 -34.76 -92.26
N TYR J 772 45.25 -35.26 -93.47
CA TYR J 772 45.01 -34.41 -94.63
C TYR J 772 43.55 -34.02 -94.71
N ASN J 773 42.68 -34.98 -94.40
CA ASN J 773 41.25 -34.74 -94.45
C ASN J 773 40.68 -34.09 -93.18
N MET J 774 41.31 -34.33 -92.02
CA MET J 774 40.81 -33.79 -90.79
C MET J 774 41.46 -32.57 -90.16
N VAL J 775 42.75 -32.31 -90.36
CA VAL J 775 43.44 -31.23 -89.64
C VAL J 775 43.98 -30.11 -90.54
N ARG J 776 43.65 -28.89 -90.18
CA ARG J 776 44.02 -27.67 -90.88
C ARG J 776 45.53 -27.46 -90.89
N PRO J 777 46.14 -27.00 -91.99
CA PRO J 777 47.56 -26.72 -92.14
C PRO J 777 48.13 -25.49 -91.42
N SER J 778 47.27 -24.58 -90.97
CA SER J 778 47.73 -23.34 -90.36
C SER J 778 47.72 -23.40 -88.82
N PRO J 779 48.89 -23.36 -88.14
CA PRO J 779 49.04 -23.51 -86.71
C PRO J 779 48.50 -22.31 -85.97
N VAL J 780 47.99 -22.55 -84.76
CA VAL J 780 47.56 -21.42 -83.93
C VAL J 780 48.34 -21.45 -82.63
N PHE J 781 48.96 -20.34 -82.27
CA PHE J 781 49.74 -20.31 -81.03
C PHE J 781 49.09 -19.60 -79.87
N MET J 782 48.94 -20.35 -78.79
CA MET J 782 48.29 -19.90 -77.58
C MET J 782 49.04 -20.41 -76.38
N SER J 783 48.73 -19.84 -75.22
CA SER J 783 49.39 -20.31 -74.00
C SER J 783 48.51 -20.16 -72.80
N ASP J 784 48.85 -20.94 -71.79
CA ASP J 784 48.21 -20.83 -70.50
C ASP J 784 48.75 -19.59 -69.84
N LEU J 785 47.96 -18.99 -68.95
CA LEU J 785 48.43 -17.88 -68.15
C LEU J 785 47.97 -18.09 -66.68
N ASN J 786 48.92 -18.19 -65.75
CA ASN J 786 48.51 -18.52 -64.36
C ASN J 786 49.05 -17.59 -63.29
N ARG J 787 48.16 -16.80 -62.69
CA ARG J 787 48.52 -15.79 -61.69
C ARG J 787 49.10 -16.39 -60.43
N PHE J 788 48.88 -17.69 -60.25
CA PHE J 788 49.32 -18.42 -59.09
C PHE J 788 50.34 -19.50 -59.42
N GLY J 789 50.90 -19.43 -60.63
CA GLY J 789 51.85 -20.46 -61.04
C GLY J 789 53.27 -20.17 -60.59
N ASP J 790 54.19 -21.03 -61.02
CA ASP J 790 55.59 -20.92 -60.62
C ASP J 790 56.25 -19.66 -61.18
N ASN J 791 55.66 -19.13 -62.22
CA ASN J 791 56.13 -17.93 -62.91
C ASN J 791 55.17 -16.77 -62.73
N ALA J 792 54.37 -16.78 -61.67
CA ALA J 792 53.32 -15.77 -61.46
C ALA J 792 53.77 -14.31 -61.51
N ALA J 793 54.96 -13.97 -61.07
CA ALA J 793 55.36 -12.56 -61.13
C ALA J 793 55.31 -12.03 -62.57
N ILE J 794 55.61 -12.92 -63.50
CA ILE J 794 55.67 -12.63 -64.91
C ILE J 794 54.33 -12.96 -65.58
N GLU J 795 53.71 -14.10 -65.28
CA GLU J 795 52.44 -14.50 -65.80
C GLU J 795 51.45 -13.35 -65.65
N ASN J 796 51.53 -12.62 -64.52
CA ASN J 796 50.63 -11.52 -64.25
C ASN J 796 50.72 -10.38 -65.28
N VAL J 797 51.88 -10.14 -65.92
CA VAL J 797 51.91 -9.05 -66.88
C VAL J 797 51.25 -9.54 -68.15
N PHE J 798 51.47 -10.81 -68.46
CA PHE J 798 50.89 -11.35 -69.67
C PHE J 798 49.38 -11.50 -69.54
N ILE J 799 48.91 -11.71 -68.31
CA ILE J 799 47.47 -11.78 -68.05
C ILE J 799 46.85 -10.41 -68.12
N ASP J 800 47.47 -9.40 -67.50
CA ASP J 800 46.88 -8.07 -67.55
C ASP J 800 46.93 -7.49 -68.97
N ALA J 801 47.89 -7.97 -69.77
CA ALA J 801 48.03 -7.57 -71.16
C ALA J 801 46.82 -8.02 -72.02
N LEU J 802 46.00 -8.95 -71.50
CA LEU J 802 44.81 -9.44 -72.18
C LEU J 802 43.70 -8.39 -72.24
N GLY J 803 43.63 -7.51 -71.23
CA GLY J 803 42.58 -6.51 -71.18
C GLY J 803 42.37 -6.04 -69.75
N GLY J 804 41.62 -4.96 -69.57
CA GLY J 804 41.38 -4.44 -68.22
C GLY J 804 42.03 -3.07 -68.03
N VAL J 805 41.93 -2.54 -66.81
CA VAL J 805 42.37 -1.19 -66.50
C VAL J 805 43.84 -0.90 -66.78
N ASN J 806 44.70 -1.90 -66.65
CA ASN J 806 46.11 -1.67 -66.86
C ASN J 806 46.64 -2.39 -68.09
N GLN J 807 45.77 -2.70 -69.05
CA GLN J 807 46.26 -3.41 -70.23
C GLN J 807 47.34 -2.66 -70.93
N GLN J 808 47.23 -1.34 -71.02
CA GLN J 808 48.22 -0.58 -71.75
C GLN J 808 49.58 -0.65 -71.09
N ARG J 809 49.59 -0.69 -69.76
CA ARG J 809 50.85 -0.73 -69.06
C ARG J 809 51.50 -2.11 -69.20
N ALA J 810 50.66 -3.16 -69.12
CA ALA J 810 51.18 -4.51 -69.25
C ALA J 810 51.75 -4.71 -70.65
N VAL J 811 51.03 -4.23 -71.67
CA VAL J 811 51.54 -4.32 -73.03
C VAL J 811 52.83 -3.54 -73.20
N ALA J 812 52.92 -2.34 -72.63
CA ALA J 812 54.13 -1.57 -72.74
C ALA J 812 55.32 -2.32 -72.16
N ALA J 813 55.10 -3.00 -71.02
CA ALA J 813 56.16 -3.77 -70.37
C ALA J 813 56.65 -4.94 -71.23
N ILE J 814 55.72 -5.56 -71.95
CA ILE J 814 56.04 -6.71 -72.77
C ILE J 814 56.80 -6.32 -74.02
N ILE J 815 56.35 -5.25 -74.68
CA ILE J 815 57.10 -4.81 -75.85
C ILE J 815 58.46 -4.28 -75.43
N ALA J 816 58.56 -3.61 -74.28
CA ALA J 816 59.87 -3.21 -73.81
C ALA J 816 60.75 -4.41 -73.57
N GLY J 817 60.19 -5.50 -73.02
CA GLY J 817 61.00 -6.68 -72.78
C GLY J 817 61.56 -7.23 -74.07
N VAL J 818 60.77 -7.25 -75.14
CA VAL J 818 61.38 -7.79 -76.34
C VAL J 818 62.44 -6.80 -76.84
N ASN J 819 62.15 -5.50 -76.83
CA ASN J 819 63.16 -4.55 -77.30
C ASN J 819 64.45 -4.66 -76.51
N ASN J 820 64.35 -5.04 -75.24
CA ASN J 820 65.57 -5.22 -74.48
C ASN J 820 66.35 -6.41 -75.05
N LEU J 821 65.62 -7.43 -75.54
CA LEU J 821 66.28 -8.60 -76.13
C LEU J 821 67.01 -8.29 -77.41
N ILE J 822 66.39 -7.46 -78.24
CA ILE J 822 66.94 -7.18 -79.57
C ILE J 822 67.63 -5.82 -79.79
N GLY J 823 67.61 -4.91 -78.81
CA GLY J 823 68.25 -3.61 -79.01
C GLY J 823 67.33 -2.65 -79.76
N GLY J 824 66.03 -2.85 -79.58
CA GLY J 824 65.00 -2.05 -80.23
C GLY J 824 64.57 -2.65 -81.57
N GLY J 825 63.50 -2.08 -82.15
CA GLY J 825 63.01 -2.55 -83.44
C GLY J 825 61.81 -3.50 -83.48
N PHE J 826 61.15 -3.81 -82.35
CA PHE J 826 59.99 -4.71 -82.40
C PHE J 826 58.89 -3.99 -83.19
N GLU J 827 58.87 -2.67 -82.98
CA GLU J 827 57.98 -1.69 -83.58
C GLU J 827 58.14 -1.58 -85.09
N LYS J 828 59.19 -2.19 -85.66
CA LYS J 828 59.36 -2.14 -87.10
C LYS J 828 58.55 -3.24 -87.74
N PHE J 829 58.03 -4.17 -86.93
CA PHE J 829 57.22 -5.24 -87.47
C PHE J 829 55.74 -4.92 -87.29
N PHE J 830 55.30 -4.39 -86.16
CA PHE J 830 53.87 -4.07 -86.04
C PHE J 830 53.55 -3.09 -84.92
N ASP J 831 52.33 -2.56 -85.00
CA ASP J 831 51.78 -1.64 -84.00
C ASP J 831 51.07 -2.37 -82.87
N HIS J 832 51.65 -2.35 -81.67
CA HIS J 832 51.12 -3.07 -80.52
C HIS J 832 49.85 -2.44 -79.98
N ASN J 833 49.54 -1.24 -80.46
CA ASN J 833 48.33 -0.55 -80.03
C ASN J 833 47.18 -0.79 -81.02
N THR J 834 47.43 -1.60 -82.06
CA THR J 834 46.39 -1.97 -83.01
C THR J 834 46.24 -3.46 -82.86
N MET J 835 47.35 -4.07 -82.45
CA MET J 835 47.49 -5.51 -82.25
C MET J 835 47.94 -5.88 -80.84
N PRO J 836 47.02 -5.95 -79.84
CA PRO J 836 47.32 -6.24 -78.45
C PRO J 836 48.05 -7.56 -78.45
N ILE J 837 48.95 -7.73 -77.51
CA ILE J 837 49.82 -8.90 -77.52
C ILE J 837 49.12 -10.25 -77.33
N ILE J 838 48.17 -10.34 -76.38
CA ILE J 838 47.49 -11.63 -76.18
C ILE J 838 45.97 -11.42 -76.16
N GLN J 839 45.23 -12.23 -76.90
CA GLN J 839 43.77 -12.17 -76.89
C GLN J 839 43.24 -13.22 -75.92
N PRO J 840 42.05 -13.05 -75.35
CA PRO J 840 41.44 -14.09 -74.53
C PRO J 840 40.98 -15.27 -75.37
N TYR J 841 41.11 -16.49 -74.85
CA TYR J 841 40.48 -17.66 -75.45
C TYR J 841 39.03 -17.87 -74.96
N GLY J 842 38.61 -17.18 -73.91
CA GLY J 842 37.25 -17.29 -73.37
C GLY J 842 37.09 -18.49 -72.44
N THR J 843 37.01 -19.72 -72.95
CA THR J 843 36.87 -20.92 -72.08
C THR J 843 38.13 -21.00 -71.23
N ASP J 844 38.03 -20.94 -69.92
CA ASP J 844 39.20 -20.99 -69.05
C ASP J 844 39.59 -22.43 -68.71
N ILE J 845 40.62 -22.60 -67.89
CA ILE J 845 41.17 -23.93 -67.73
C ILE J 845 40.97 -24.48 -66.32
N GLN J 846 40.37 -25.65 -66.22
CA GLN J 846 40.31 -26.32 -64.94
C GLN J 846 41.53 -27.21 -64.88
N LEU J 847 42.33 -27.05 -63.85
CA LEU J 847 43.52 -27.86 -63.71
C LEU J 847 43.31 -28.88 -62.64
N GLY J 848 44.05 -29.97 -62.74
CA GLY J 848 43.96 -31.04 -61.79
C GLY J 848 44.67 -32.25 -62.36
N TYR J 849 44.63 -33.33 -61.62
CA TYR J 849 45.30 -34.55 -62.01
C TYR J 849 44.47 -35.74 -61.57
N TYR J 850 44.74 -36.87 -62.17
CA TYR J 850 44.01 -38.07 -61.83
C TYR J 850 44.99 -39.17 -61.62
N LEU J 851 44.58 -40.23 -60.93
CA LEU J 851 45.53 -41.31 -60.81
C LEU J 851 45.31 -42.40 -61.83
N ASP J 852 46.43 -42.91 -62.35
CA ASP J 852 46.37 -43.99 -63.33
C ASP J 852 46.31 -45.34 -62.62
N GLY J 853 46.39 -46.43 -63.38
CA GLY J 853 46.26 -47.77 -62.83
C GLY J 853 47.34 -48.19 -61.83
N GLU J 854 48.47 -47.48 -61.79
CA GLU J 854 49.55 -47.78 -60.86
C GLU J 854 49.60 -46.73 -59.74
N GLY J 855 48.63 -45.80 -59.76
CA GLY J 855 48.55 -44.73 -58.79
C GLY J 855 49.42 -43.50 -59.10
N GLU J 856 49.88 -43.34 -60.35
CA GLU J 856 50.72 -42.17 -60.66
C GLU J 856 49.85 -40.98 -61.00
N LYS J 857 50.36 -39.78 -60.78
CA LYS J 857 49.61 -38.57 -61.10
C LYS J 857 49.71 -38.21 -62.57
N GLN J 858 48.56 -38.04 -63.21
CA GLN J 858 48.54 -37.68 -64.62
C GLN J 858 47.67 -36.45 -64.82
N ASP J 859 48.02 -35.61 -65.77
CA ASP J 859 47.28 -34.37 -66.02
C ASP J 859 45.85 -34.61 -66.53
N ARG J 860 44.84 -33.99 -65.88
CA ARG J 860 43.42 -34.22 -66.27
C ARG J 860 43.12 -33.77 -67.70
N ARG J 861 44.03 -32.99 -68.27
CA ARG J 861 43.90 -32.45 -69.62
C ARG J 861 43.96 -33.53 -70.68
N ASP J 862 44.29 -34.76 -70.27
CA ASP J 862 44.33 -35.88 -71.19
C ASP J 862 42.97 -36.08 -71.89
N LEU J 863 41.82 -35.75 -71.26
CA LEU J 863 40.57 -35.91 -72.02
C LEU J 863 40.29 -34.69 -72.88
N ASP J 864 41.11 -34.60 -73.93
CA ASP J 864 41.13 -33.57 -74.96
C ASP J 864 40.25 -34.07 -76.09
N VAL J 865 40.28 -33.47 -77.27
CA VAL J 865 39.30 -34.00 -78.22
C VAL J 865 39.46 -35.47 -78.57
N LEU J 866 40.66 -35.96 -78.82
CA LEU J 866 40.81 -37.39 -79.13
C LEU J 866 40.50 -38.23 -77.90
N GLY J 867 40.93 -37.73 -76.73
CA GLY J 867 40.70 -38.41 -75.46
C GLY J 867 39.23 -38.63 -75.17
N ALA J 868 38.44 -37.55 -75.27
CA ALA J 868 37.02 -37.60 -75.00
C ALA J 868 36.29 -38.52 -76.00
N LEU J 869 36.72 -38.54 -77.28
CA LEU J 869 36.08 -39.42 -78.27
C LEU J 869 36.29 -40.88 -77.93
N ASN J 870 37.50 -41.22 -77.44
CA ASN J 870 37.69 -42.60 -77.02
C ASN J 870 36.95 -42.89 -75.73
N ALA J 871 36.88 -41.92 -74.83
CA ALA J 871 36.22 -42.14 -73.55
C ALA J 871 34.74 -42.50 -73.70
N SER J 872 34.08 -41.88 -74.69
CA SER J 872 32.66 -42.16 -74.94
C SER J 872 32.49 -43.33 -75.93
N ASP J 873 33.62 -43.87 -76.39
CA ASP J 873 33.69 -44.95 -77.35
C ASP J 873 32.86 -44.67 -78.59
N GLY J 874 32.97 -43.47 -79.12
CA GLY J 874 32.21 -43.14 -80.31
C GLY J 874 30.83 -42.58 -80.08
N ASN J 875 30.40 -42.45 -78.83
CA ASN J 875 29.09 -41.88 -78.66
C ASN J 875 29.26 -40.38 -78.82
N ILE J 876 28.95 -39.95 -80.05
CA ILE J 876 29.11 -38.57 -80.47
C ILE J 876 28.19 -37.65 -79.72
N GLN J 877 27.01 -38.12 -79.33
CA GLN J 877 26.13 -37.23 -78.60
C GLN J 877 26.72 -36.91 -77.24
N GLU J 878 27.34 -37.91 -76.60
CA GLU J 878 27.97 -37.66 -75.31
C GLU J 878 29.17 -36.73 -75.49
N TRP J 879 29.91 -36.96 -76.58
CA TRP J 879 31.07 -36.14 -76.89
C TRP J 879 30.69 -34.71 -77.11
N MET J 880 29.65 -34.47 -77.92
CA MET J 880 29.22 -33.13 -78.27
C MET J 880 28.67 -32.39 -77.07
N SER J 881 28.03 -33.10 -76.13
CA SER J 881 27.55 -32.42 -74.96
C SER J 881 28.75 -31.85 -74.19
N TRP J 882 29.77 -32.70 -74.03
CA TRP J 882 31.01 -32.27 -73.40
C TRP J 882 31.71 -31.18 -74.16
N TYR J 883 31.81 -31.35 -75.48
CA TYR J 883 32.52 -30.43 -76.32
C TYR J 883 31.86 -29.06 -76.27
N GLY J 884 30.53 -29.00 -76.28
CA GLY J 884 29.83 -27.72 -76.18
C GLY J 884 30.13 -27.08 -74.82
N THR J 885 30.21 -27.91 -73.78
CA THR J 885 30.53 -27.42 -72.43
C THR J 885 31.87 -26.71 -72.42
N GLN J 886 32.82 -27.22 -73.21
CA GLN J 886 34.17 -26.65 -73.26
C GLN J 886 34.33 -25.53 -74.29
N CYS J 887 33.27 -25.20 -75.03
CA CYS J 887 33.40 -24.19 -76.10
C CYS J 887 32.43 -23.02 -76.04
N ASN J 888 31.20 -23.27 -75.61
CA ASN J 888 30.18 -22.24 -75.57
C ASN J 888 30.37 -21.43 -74.31
N VAL J 889 30.85 -20.21 -74.47
CA VAL J 889 31.19 -19.42 -73.30
C VAL J 889 30.18 -18.34 -73.03
N ALA J 890 28.99 -18.50 -73.61
CA ALA J 890 27.83 -17.71 -73.22
C ALA J 890 27.18 -18.31 -71.99
N VAL J 891 27.65 -19.50 -71.65
CA VAL J 891 27.17 -20.26 -70.53
C VAL J 891 28.03 -19.87 -69.33
N HIS J 892 27.40 -19.48 -68.26
CA HIS J 892 28.15 -19.06 -67.09
C HIS J 892 29.15 -20.17 -66.73
N PRO J 893 30.41 -19.83 -66.40
CA PRO J 893 31.48 -20.76 -66.10
C PRO J 893 31.20 -21.71 -64.95
N GLU J 894 30.30 -21.37 -64.05
CA GLU J 894 30.02 -22.30 -62.96
C GLU J 894 29.28 -23.48 -63.52
N LEU J 895 28.42 -23.23 -64.50
CA LEU J 895 27.60 -24.28 -65.05
C LEU J 895 28.50 -25.19 -65.84
N ARG J 896 29.47 -24.57 -66.50
CA ARG J 896 30.41 -25.33 -67.29
C ARG J 896 31.33 -26.14 -66.40
N ALA J 897 31.76 -25.56 -65.28
CA ALA J 897 32.63 -26.26 -64.36
C ALA J 897 31.94 -27.46 -63.77
N ARG J 898 30.65 -27.33 -63.46
CA ARG J 898 29.94 -28.46 -62.89
C ARG J 898 29.80 -29.59 -63.90
N GLN J 899 29.53 -29.26 -65.16
CA GLN J 899 29.42 -30.33 -66.13
C GLN J 899 30.76 -30.94 -66.47
N SER J 900 31.82 -30.15 -66.40
CA SER J 900 33.15 -30.67 -66.68
C SER J 900 33.54 -31.68 -65.61
N LYS J 901 33.19 -31.39 -64.36
CA LYS J 901 33.47 -32.30 -63.27
C LYS J 901 32.60 -33.56 -63.38
N ASN J 902 31.35 -33.41 -63.84
CA ASN J 902 30.49 -34.58 -63.99
C ASN J 902 31.09 -35.51 -65.05
N PHE J 903 31.56 -34.94 -66.16
CA PHE J 903 32.20 -35.72 -67.21
C PHE J 903 33.48 -36.37 -66.69
N ASP J 904 34.33 -35.72 -65.88
CA ASP J 904 35.48 -36.47 -65.39
C ASP J 904 35.08 -37.66 -64.54
N ARG J 905 34.06 -37.52 -63.70
CA ARG J 905 33.75 -38.70 -62.89
C ARG J 905 33.31 -39.90 -63.75
N GLN J 906 32.53 -39.62 -64.81
CA GLN J 906 32.09 -40.71 -65.69
C GLN J 906 33.16 -41.26 -66.63
N TYR J 907 34.02 -40.39 -67.15
CA TYR J 907 34.99 -40.80 -68.16
C TYR J 907 36.46 -40.92 -67.72
N LEU J 908 36.86 -40.20 -66.69
CA LEU J 908 38.25 -40.20 -66.25
C LEU J 908 38.36 -41.09 -65.02
N GLY J 909 37.34 -41.02 -64.18
CA GLY J 909 37.26 -41.79 -62.94
C GLY J 909 36.99 -40.90 -61.74
N ASN J 910 36.83 -41.51 -60.57
CA ASN J 910 36.54 -40.71 -59.38
C ASN J 910 37.83 -40.32 -58.65
N SER J 911 38.97 -40.87 -59.10
CA SER J 911 40.26 -40.57 -58.48
C SER J 911 40.83 -39.31 -59.10
N VAL J 912 40.10 -38.21 -58.94
CA VAL J 912 40.49 -36.96 -59.57
C VAL J 912 40.58 -35.86 -58.54
N THR J 913 41.71 -35.18 -58.55
CA THR J 913 42.01 -34.08 -57.65
C THR J 913 42.11 -32.80 -58.43
N TYR J 914 41.46 -31.77 -57.96
CA TYR J 914 41.50 -30.51 -58.67
C TYR J 914 42.50 -29.56 -58.06
N THR J 915 43.18 -28.81 -58.92
CA THR J 915 44.20 -27.85 -58.52
C THR J 915 43.90 -26.47 -59.10
N THR J 916 44.70 -25.49 -58.71
CA THR J 916 44.56 -24.09 -59.09
C THR J 916 44.28 -23.92 -60.57
N ARG J 917 43.24 -23.14 -60.86
CA ARG J 917 42.74 -22.83 -62.20
C ARG J 917 43.60 -21.81 -62.93
N ALA J 918 43.45 -21.76 -64.27
CA ALA J 918 44.25 -20.83 -65.08
C ALA J 918 43.52 -20.28 -66.31
N HIS J 919 44.03 -19.18 -66.80
CA HIS J 919 43.56 -18.50 -68.00
C HIS J 919 44.23 -19.02 -69.24
N ARG J 920 43.62 -18.78 -70.39
CA ARG J 920 44.28 -19.10 -71.64
C ARG J 920 44.09 -17.93 -72.59
N GLY J 921 45.09 -17.69 -73.44
CA GLY J 921 44.97 -16.66 -74.45
C GLY J 921 45.74 -16.98 -75.71
N ILE J 922 45.51 -16.18 -76.73
CA ILE J 922 46.08 -16.41 -78.05
C ILE J 922 47.16 -15.39 -78.31
N TRP J 923 48.32 -15.85 -78.71
CA TRP J 923 49.36 -14.89 -78.98
C TRP J 923 49.11 -14.26 -80.31
N ASN J 924 49.15 -12.93 -80.34
CA ASN J 924 48.89 -12.21 -81.57
C ASN J 924 49.92 -12.64 -82.62
N PRO J 925 49.52 -13.07 -83.83
CA PRO J 925 50.41 -13.50 -84.89
C PRO J 925 51.46 -12.45 -85.23
N LYS J 926 51.19 -11.17 -84.98
CA LYS J 926 52.16 -10.14 -85.29
C LYS J 926 53.22 -10.04 -84.18
N PHE J 927 52.85 -10.42 -82.94
CA PHE J 927 53.79 -10.42 -81.83
C PHE J 927 54.77 -11.50 -82.15
N ILE J 928 54.21 -12.62 -82.61
CA ILE J 928 55.02 -13.77 -82.91
C ILE J 928 55.95 -13.47 -84.07
N GLU J 929 55.43 -12.85 -85.14
CA GLU J 929 56.27 -12.50 -86.27
C GLU J 929 57.43 -11.64 -85.85
N ALA J 930 57.13 -10.62 -85.05
CA ALA J 930 58.13 -9.69 -84.62
C ALA J 930 59.14 -10.32 -83.69
N LEU J 931 58.71 -11.16 -82.75
CA LEU J 931 59.69 -11.77 -81.87
C LEU J 931 60.64 -12.68 -82.62
N ASP J 932 60.09 -13.53 -83.49
CA ASP J 932 60.95 -14.49 -84.19
C ASP J 932 61.84 -13.80 -85.21
N LYS J 933 61.26 -12.92 -86.01
CA LYS J 933 62.06 -12.26 -87.00
C LYS J 933 63.02 -11.29 -86.37
N ALA J 934 62.63 -10.58 -85.31
CA ALA J 934 63.55 -9.61 -84.74
C ALA J 934 64.78 -10.29 -84.18
N ILE J 935 64.63 -11.47 -83.58
CA ILE J 935 65.82 -12.15 -83.06
C ILE J 935 66.71 -12.62 -84.23
N ALA J 936 66.09 -13.23 -85.23
CA ALA J 936 66.85 -13.70 -86.39
C ALA J 936 67.53 -12.55 -87.14
N SER J 937 66.87 -11.39 -87.17
CA SER J 937 67.29 -10.21 -87.91
C SER J 937 68.43 -9.47 -87.26
N VAL J 938 68.79 -9.87 -86.04
CA VAL J 938 69.89 -9.20 -85.36
C VAL J 938 71.06 -10.16 -85.31
N GLY J 939 70.91 -11.29 -86.05
CA GLY J 939 71.95 -12.29 -86.19
C GLY J 939 71.99 -13.43 -85.19
N LEU J 940 70.98 -13.60 -84.33
CA LEU J 940 71.11 -14.72 -83.41
C LEU J 940 70.52 -15.96 -84.02
N THR J 941 71.27 -16.50 -84.97
CA THR J 941 70.86 -17.63 -85.79
C THR J 941 70.78 -18.91 -84.98
N VAL J 942 69.69 -19.65 -85.21
CA VAL J 942 69.46 -20.94 -84.60
C VAL J 942 69.28 -22.00 -85.67
N ALA J 943 70.04 -23.08 -85.55
CA ALA J 943 69.97 -24.21 -86.48
C ALA J 943 68.94 -25.24 -86.04
N MET J 944 68.29 -25.87 -86.98
CA MET J 944 67.38 -26.93 -86.55
C MET J 944 68.16 -28.21 -86.52
N ASP J 945 67.99 -28.98 -85.44
CA ASP J 945 68.68 -30.25 -85.33
C ASP J 945 68.01 -31.31 -86.19
N ASN J 946 66.69 -31.21 -86.35
CA ASN J 946 65.96 -32.20 -87.14
C ASN J 946 65.97 -31.78 -88.60
N VAL J 947 67.16 -31.72 -89.21
CA VAL J 947 67.42 -31.03 -90.49
C VAL J 947 66.46 -31.44 -91.60
N ALA J 948 66.07 -32.72 -91.64
CA ALA J 948 64.91 -33.21 -92.36
C ALA J 948 64.24 -34.33 -91.57
N GLN J 949 62.94 -34.53 -91.76
CA GLN J 949 62.14 -35.50 -91.02
C GLN J 949 62.60 -36.94 -91.29
N ALA K 413 -75.29 20.38 -94.54
CA ALA K 413 -75.01 19.05 -94.01
C ALA K 413 -73.63 18.65 -94.48
N GLY K 414 -73.38 18.67 -95.82
CA GLY K 414 -72.07 18.38 -96.44
C GLY K 414 -71.11 19.52 -96.17
N ASN K 415 -71.68 20.66 -95.76
CA ASN K 415 -70.89 21.83 -95.47
C ASN K 415 -70.41 21.77 -94.03
N LEU K 416 -70.80 20.70 -93.31
CA LEU K 416 -70.35 20.57 -91.95
C LEU K 416 -69.02 19.89 -91.98
N ASN K 417 -68.53 19.54 -93.18
CA ASN K 417 -67.22 18.98 -93.27
C ASN K 417 -66.22 20.04 -92.81
N SER K 418 -66.63 21.33 -92.91
CA SER K 418 -65.80 22.44 -92.46
C SER K 418 -65.60 22.48 -90.95
N ILE K 419 -66.46 21.77 -90.18
CA ILE K 419 -66.35 21.68 -88.75
C ILE K 419 -65.78 20.30 -88.40
N PHE K 420 -66.25 19.28 -89.12
CA PHE K 420 -65.96 17.89 -88.85
C PHE K 420 -64.48 17.60 -88.91
N GLN K 421 -63.83 18.25 -89.89
CA GLN K 421 -62.41 18.07 -90.15
C GLN K 421 -61.48 19.12 -89.52
N ARG K 422 -61.99 20.04 -88.67
CA ARG K 422 -61.10 21.09 -88.13
C ARG K 422 -59.96 20.62 -87.25
N SER K 423 -60.17 19.58 -86.48
CA SER K 423 -59.16 19.12 -85.56
C SER K 423 -59.20 17.64 -85.30
N GLY K 424 -58.05 17.10 -84.92
CA GLY K 424 -57.98 15.72 -84.50
C GLY K 424 -57.92 14.73 -85.65
N ARG K 425 -57.95 13.46 -85.27
CA ARG K 425 -57.86 12.29 -86.12
C ARG K 425 -58.94 11.26 -85.78
N THR K 426 -59.26 10.34 -86.68
CA THR K 426 -60.23 9.32 -86.26
C THR K 426 -59.83 7.90 -86.63
N ASP K 427 -60.60 6.97 -86.12
CA ASP K 427 -60.47 5.55 -86.38
C ASP K 427 -61.41 5.20 -87.54
N GLY K 428 -60.87 4.92 -88.72
CA GLY K 428 -61.74 4.69 -89.88
C GLY K 428 -60.99 4.13 -91.08
N GLY K 429 -61.69 4.06 -92.22
CA GLY K 429 -61.16 3.49 -93.46
C GLY K 429 -61.74 2.09 -93.66
N ASP K 430 -62.08 1.71 -94.90
CA ASP K 430 -62.60 0.36 -95.16
C ASP K 430 -61.50 -0.71 -95.11
N ALA K 431 -61.89 -1.97 -94.94
CA ALA K 431 -60.97 -3.10 -94.80
C ALA K 431 -60.00 -3.26 -95.99
N ARG K 432 -60.43 -2.99 -97.22
CA ARG K 432 -59.55 -3.09 -98.40
C ARG K 432 -58.61 -1.91 -98.47
N ALA K 433 -59.05 -0.66 -98.28
CA ALA K 433 -58.13 0.48 -98.24
C ALA K 433 -57.12 0.39 -97.10
N SER K 434 -57.52 -0.16 -95.95
CA SER K 434 -56.62 -0.48 -94.85
C SER K 434 -55.57 -1.51 -95.27
N GLU K 435 -55.98 -2.64 -95.87
CA GLU K 435 -55.02 -3.67 -96.22
C GLU K 435 -54.13 -3.17 -97.34
N ALA K 436 -54.72 -2.43 -98.28
CA ALA K 436 -53.97 -1.91 -99.39
C ALA K 436 -52.92 -0.94 -98.91
N LEU K 437 -53.24 -0.09 -97.93
CA LEU K 437 -52.22 0.83 -97.50
C LEU K 437 -51.08 0.08 -96.88
N ALA K 438 -51.40 -0.93 -96.05
CA ALA K 438 -50.36 -1.66 -95.39
C ALA K 438 -49.42 -2.39 -96.37
N VAL K 439 -49.98 -2.99 -97.43
CA VAL K 439 -49.10 -3.70 -98.36
C VAL K 439 -48.33 -2.71 -99.19
N PHE K 440 -48.95 -1.61 -99.60
CA PHE K 440 -48.24 -0.68 -100.42
C PHE K 440 -47.12 0.00 -99.66
N ASN K 441 -47.31 0.28 -98.37
CA ASN K 441 -46.20 0.86 -97.63
C ASN K 441 -45.07 -0.16 -97.47
N LYS K 442 -45.42 -1.44 -97.28
CA LYS K 442 -44.39 -2.47 -97.19
C LYS K 442 -43.56 -2.53 -98.46
N LEU K 443 -44.26 -2.51 -99.60
CA LEU K 443 -43.63 -2.59 -100.89
C LEU K 443 -42.76 -1.40 -101.16
N LYS K 444 -43.21 -0.21 -100.77
CA LYS K 444 -42.36 0.95 -100.91
C LYS K 444 -41.04 0.71 -100.23
N GLU K 445 -41.10 0.25 -98.97
CA GLU K 445 -39.86 0.08 -98.22
C GLU K 445 -38.98 -1.02 -98.78
N GLU K 446 -39.56 -2.11 -99.29
CA GLU K 446 -38.68 -3.13 -99.84
C GLU K 446 -38.03 -2.61 -101.11
N ALA K 447 -38.78 -1.87 -101.94
CA ALA K 447 -38.20 -1.33 -103.15
C ALA K 447 -37.05 -0.38 -102.81
N ILE K 448 -37.17 0.35 -101.70
CA ILE K 448 -36.07 1.23 -101.33
C ILE K 448 -34.87 0.35 -100.90
N ALA K 449 -35.15 -0.68 -100.08
CA ALA K 449 -34.10 -1.57 -99.56
C ALA K 449 -33.30 -2.27 -100.66
N GLN K 450 -33.98 -2.62 -101.75
CA GLN K 450 -33.35 -3.29 -102.88
C GLN K 450 -32.74 -2.31 -103.85
N GLN K 451 -32.83 -1.01 -103.55
CA GLN K 451 -32.43 0.16 -104.35
C GLN K 451 -33.16 0.28 -105.69
N ASP K 452 -34.37 -0.27 -105.83
CA ASP K 452 -35.08 -0.20 -107.08
C ASP K 452 -35.84 1.12 -107.13
N LEU K 453 -36.30 1.56 -105.97
CA LEU K 453 -37.09 2.80 -105.85
C LEU K 453 -36.29 3.88 -105.12
N HIS K 454 -36.40 5.14 -105.54
CA HIS K 454 -35.81 6.28 -104.82
C HIS K 454 -36.72 6.80 -103.69
N ASP K 455 -36.16 7.20 -102.56
CA ASP K 455 -36.91 7.55 -101.35
C ASP K 455 -37.32 9.05 -101.28
N ASP K 456 -37.95 9.56 -102.33
CA ASP K 456 -38.19 11.00 -102.55
C ASP K 456 -39.68 11.40 -102.45
N PHE K 457 -40.55 10.54 -101.92
CA PHE K 457 -42.01 10.64 -102.12
C PHE K 457 -42.87 9.94 -101.06
N LEU K 458 -44.21 10.05 -101.19
CA LEU K 458 -45.19 9.54 -100.24
C LEU K 458 -46.34 8.74 -100.89
N VAL K 459 -46.90 7.82 -100.10
CA VAL K 459 -48.08 6.99 -100.38
C VAL K 459 -49.18 7.37 -99.41
N PHE K 460 -50.39 7.65 -99.88
CA PHE K 460 -51.47 8.10 -98.98
C PHE K 460 -52.74 7.30 -99.12
N ARG K 461 -53.50 7.12 -98.03
CA ARG K 461 -54.82 6.47 -98.09
C ARG K 461 -55.90 7.54 -98.21
N PHE K 462 -56.79 7.42 -99.20
CA PHE K 462 -57.93 8.31 -99.33
C PHE K 462 -59.17 7.56 -98.85
N ASP K 463 -59.82 8.09 -97.81
CA ASP K 463 -60.96 7.38 -97.22
C ASP K 463 -62.33 7.87 -97.64
N ARG K 464 -63.27 6.94 -97.69
CA ARG K 464 -64.66 7.31 -98.02
C ARG K 464 -65.32 7.88 -96.78
N ASP K 465 -64.75 7.57 -95.60
CA ASP K 465 -65.18 8.05 -94.30
C ASP K 465 -64.64 9.45 -94.06
N GLN K 466 -63.32 9.62 -94.10
CA GLN K 466 -62.72 10.91 -93.79
C GLN K 466 -63.04 11.97 -94.86
N ASN K 467 -63.40 11.58 -96.08
CA ASN K 467 -63.60 12.53 -97.18
C ASN K 467 -64.56 12.01 -98.28
N ARG K 468 -64.94 12.91 -99.19
CA ARG K 468 -66.13 12.92 -100.05
C ARG K 468 -66.04 12.08 -101.34
N VAL K 469 -65.79 10.77 -101.27
CA VAL K 469 -65.89 9.87 -102.41
C VAL K 469 -66.74 8.66 -102.10
N GLY K 470 -67.22 7.99 -103.14
CA GLY K 470 -67.92 6.74 -102.93
C GLY K 470 -66.95 5.58 -102.79
N TYR K 471 -65.83 5.69 -103.48
CA TYR K 471 -64.83 4.65 -103.48
C TYR K 471 -63.50 5.16 -102.99
N SER K 472 -62.96 4.43 -102.04
CA SER K 472 -61.67 4.73 -101.45
C SER K 472 -60.58 4.37 -102.45
N ALA K 473 -59.40 4.92 -102.22
CA ALA K 473 -58.29 4.71 -103.15
C ALA K 473 -56.97 4.97 -102.46
N LEU K 474 -55.91 4.40 -102.99
CA LEU K 474 -54.62 4.81 -102.49
C LEU K 474 -54.06 5.80 -103.46
N LEU K 475 -53.25 6.69 -102.99
CA LEU K 475 -52.71 7.69 -103.87
C LEU K 475 -51.22 7.57 -103.99
N VAL K 476 -50.75 7.43 -105.23
CA VAL K 476 -49.32 7.40 -105.48
C VAL K 476 -48.95 8.84 -105.72
N VAL K 477 -48.20 9.44 -104.80
CA VAL K 477 -47.94 10.87 -104.89
C VAL K 477 -46.48 11.29 -104.93
N LYS K 478 -46.15 12.13 -105.92
CA LYS K 478 -44.80 12.70 -105.97
C LYS K 478 -44.87 14.20 -106.11
N ARG K 479 -43.88 14.90 -105.58
CA ARG K 479 -43.91 16.33 -105.65
C ARG K 479 -42.58 17.02 -105.91
N ALA K 480 -42.67 18.19 -106.54
CA ALA K 480 -41.55 19.12 -106.71
C ALA K 480 -42.07 20.53 -106.91
N ALA K 481 -41.27 21.55 -106.61
CA ALA K 481 -41.70 22.88 -106.96
C ALA K 481 -41.13 23.22 -108.32
N ILE K 482 -41.98 23.70 -109.20
CA ILE K 482 -41.57 24.01 -110.55
C ILE K 482 -41.75 25.50 -110.84
N ASN K 483 -40.62 26.18 -110.99
CA ASN K 483 -40.59 27.62 -111.24
C ASN K 483 -41.43 28.40 -110.22
N GLY K 484 -41.35 27.98 -108.96
CA GLY K 484 -42.06 28.62 -107.87
C GLY K 484 -43.43 28.02 -107.51
N GLN K 485 -44.00 27.18 -108.38
CA GLN K 485 -45.31 26.60 -108.06
C GLN K 485 -45.16 25.23 -107.45
N GLN K 486 -45.87 24.94 -106.37
CA GLN K 486 -45.74 23.59 -105.86
C GLN K 486 -46.59 22.67 -106.72
N VAL K 487 -45.96 21.63 -107.28
CA VAL K 487 -46.68 20.73 -108.15
C VAL K 487 -46.64 19.29 -107.64
N ILE K 488 -47.82 18.69 -107.56
CA ILE K 488 -47.96 17.32 -107.13
C ILE K 488 -48.56 16.47 -108.23
N VAL K 489 -47.98 15.32 -108.50
CA VAL K 489 -48.58 14.46 -109.51
C VAL K 489 -49.14 13.24 -108.81
N THR K 490 -50.42 12.97 -109.05
CA THR K 490 -51.05 11.84 -108.38
C THR K 490 -51.65 10.84 -109.34
N ARG K 491 -51.41 9.58 -109.01
CA ARG K 491 -51.98 8.44 -109.73
C ARG K 491 -52.83 7.61 -108.75
N PRO K 492 -54.15 7.88 -108.61
CA PRO K 492 -55.05 7.14 -107.73
C PRO K 492 -55.19 5.67 -108.11
N LEU K 493 -55.29 4.83 -107.09
CA LEU K 493 -55.52 3.40 -107.25
C LEU K 493 -56.82 3.05 -106.52
N VAL K 494 -57.91 2.91 -107.26
CA VAL K 494 -59.21 2.71 -106.65
C VAL K 494 -59.28 1.32 -106.06
N MET K 495 -59.85 1.23 -104.86
CA MET K 495 -59.98 -0.04 -104.14
C MET K 495 -61.43 -0.49 -103.94
N PRO K 496 -62.13 -1.08 -104.94
CA PRO K 496 -63.50 -1.48 -104.84
C PRO K 496 -63.57 -2.50 -103.74
N ASN K 497 -64.65 -2.51 -103.00
CA ASN K 497 -64.78 -3.39 -101.86
C ASN K 497 -66.09 -4.12 -102.08
N ASP K 498 -66.01 -5.44 -102.22
CA ASP K 498 -67.13 -6.30 -102.50
C ASP K 498 -68.22 -6.29 -101.44
N GLN K 499 -67.86 -5.84 -100.23
CA GLN K 499 -68.79 -5.81 -99.11
C GLN K 499 -69.44 -4.44 -98.96
N ILE K 500 -69.07 -3.47 -99.79
CA ILE K 500 -69.62 -2.13 -99.66
C ILE K 500 -70.40 -1.71 -100.89
N THR K 501 -71.65 -1.35 -100.69
CA THR K 501 -72.47 -0.93 -101.81
C THR K 501 -72.71 0.56 -101.77
N LEU K 502 -72.36 1.24 -102.84
CA LEU K 502 -72.57 2.66 -102.96
C LEU K 502 -73.98 2.78 -103.50
N PRO K 503 -74.82 3.72 -103.06
CA PRO K 503 -76.15 3.89 -103.59
C PRO K 503 -76.06 4.04 -105.09
N THR K 504 -77.01 3.42 -105.76
CA THR K 504 -77.09 3.41 -107.20
C THR K 504 -77.64 4.67 -107.79
N LYS K 505 -77.37 4.91 -109.07
CA LYS K 505 -77.85 6.01 -109.89
C LYS K 505 -79.13 5.62 -110.60
N LYS K 506 -80.08 6.55 -110.78
CA LYS K 506 -81.26 6.31 -111.58
C LYS K 506 -81.06 6.64 -113.04
N LEU K 507 -81.19 5.62 -113.87
CA LEU K 507 -81.05 5.73 -115.31
C LEU K 507 -82.44 5.82 -115.92
N THR K 508 -82.96 7.01 -116.23
CA THR K 508 -84.31 7.04 -116.79
C THR K 508 -84.22 6.95 -118.29
N ILE K 509 -84.89 5.94 -118.84
CA ILE K 509 -84.85 5.73 -120.28
C ILE K 509 -86.18 6.05 -120.94
N GLN K 510 -86.15 7.00 -121.85
CA GLN K 510 -87.39 7.39 -122.49
C GLN K 510 -87.60 6.55 -123.74
N ASN K 511 -88.26 5.42 -123.55
CA ASN K 511 -88.48 4.47 -124.64
C ASN K 511 -89.70 4.87 -125.44
N GLY K 512 -89.56 5.93 -126.21
CA GLY K 512 -90.70 6.44 -126.94
C GLY K 512 -91.71 6.95 -125.92
N MET K 513 -92.92 6.40 -125.95
CA MET K 513 -93.96 6.84 -125.02
C MET K 513 -93.89 6.12 -123.67
N HIS K 514 -92.95 5.17 -123.54
CA HIS K 514 -92.78 4.40 -122.31
C HIS K 514 -91.58 4.85 -121.51
N GLN K 515 -91.81 5.26 -120.27
CA GLN K 515 -90.69 5.71 -119.45
C GLN K 515 -90.43 4.69 -118.35
N GLU K 516 -89.18 4.24 -118.28
CA GLU K 516 -88.79 3.26 -117.26
C GLU K 516 -87.42 3.58 -116.69
N THR K 517 -87.24 3.41 -115.39
CA THR K 517 -85.94 3.69 -114.78
C THR K 517 -85.23 2.45 -114.30
N ILE K 518 -83.95 2.35 -114.66
CA ILE K 518 -83.09 1.26 -114.22
C ILE K 518 -82.14 1.79 -113.18
N GLU K 519 -82.03 1.15 -112.04
CA GLU K 519 -81.05 1.64 -111.09
C GLU K 519 -79.77 0.85 -111.29
N ALA K 520 -78.61 1.51 -111.18
CA ALA K 520 -77.37 0.77 -111.36
C ALA K 520 -76.19 1.34 -110.57
N GLU K 521 -75.25 0.46 -110.26
CA GLU K 521 -74.03 0.78 -109.53
C GLU K 521 -73.09 1.69 -110.30
N ALA K 522 -72.46 2.61 -109.58
CA ALA K 522 -71.48 3.49 -110.21
C ALA K 522 -70.17 2.74 -110.43
N ASP K 523 -69.68 2.80 -111.68
CA ASP K 523 -68.40 2.17 -112.04
C ASP K 523 -67.33 3.22 -111.93
N VAL K 524 -66.09 2.89 -112.21
CA VAL K 524 -65.06 3.90 -112.02
C VAL K 524 -65.28 5.15 -112.90
N GLN K 525 -65.93 4.99 -114.05
CA GLN K 525 -66.27 6.11 -114.92
C GLN K 525 -67.29 7.05 -114.29
N ASP K 526 -68.20 6.51 -113.49
CA ASP K 526 -69.27 7.29 -112.88
C ASP K 526 -68.79 7.89 -111.58
N VAL K 527 -67.89 7.16 -110.94
CA VAL K 527 -67.28 7.53 -109.66
C VAL K 527 -66.29 8.65 -109.82
N PHE K 528 -65.43 8.55 -110.84
CA PHE K 528 -64.40 9.56 -111.03
C PHE K 528 -64.93 10.79 -111.74
N THR K 529 -65.70 11.53 -111.01
CA THR K 529 -66.32 12.75 -111.44
C THR K 529 -65.33 13.85 -111.27
N THR K 530 -65.65 15.05 -111.75
CA THR K 530 -64.70 16.12 -111.57
C THR K 530 -64.53 16.45 -110.10
N GLN K 531 -65.60 16.32 -109.32
CA GLN K 531 -65.46 16.61 -107.91
C GLN K 531 -64.73 15.50 -107.21
N TYR K 532 -64.86 14.25 -107.67
CA TYR K 532 -64.14 13.16 -107.02
C TYR K 532 -62.68 13.55 -107.01
N TRP K 533 -62.17 13.96 -108.19
CA TRP K 533 -60.79 14.39 -108.33
C TRP K 533 -60.44 15.57 -107.46
N ASN K 534 -61.33 16.56 -107.42
CA ASN K 534 -61.03 17.74 -106.62
C ASN K 534 -60.90 17.35 -105.15
N ARG K 535 -61.70 16.36 -104.71
CA ARG K 535 -61.63 15.92 -103.33
C ARG K 535 -60.34 15.16 -103.08
N ILE K 536 -59.88 14.40 -104.08
CA ILE K 536 -58.62 13.69 -103.94
C ILE K 536 -57.54 14.71 -103.71
N CYS K 537 -57.52 15.78 -104.53
CA CYS K 537 -56.55 16.85 -104.40
C CYS K 537 -56.57 17.46 -103.01
N ASP K 538 -57.76 17.77 -102.48
CA ASP K 538 -57.83 18.42 -101.17
C ASP K 538 -57.25 17.54 -100.07
N SER K 539 -57.54 16.24 -100.12
CA SER K 539 -57.04 15.33 -99.10
C SER K 539 -55.54 15.26 -99.16
N ILE K 540 -54.99 15.25 -100.39
CA ILE K 540 -53.55 15.16 -100.49
C ILE K 540 -52.99 16.39 -99.84
N ARG K 541 -53.55 17.56 -100.10
CA ARG K 541 -53.00 18.77 -99.49
C ARG K 541 -53.05 18.68 -97.96
N GLN K 542 -54.12 18.10 -97.41
CA GLN K 542 -54.18 17.94 -95.96
C GLN K 542 -53.05 17.02 -95.46
N GLN K 543 -52.74 16.00 -96.26
CA GLN K 543 -51.73 14.99 -95.93
C GLN K 543 -50.28 15.40 -96.25
N THR K 544 -50.07 16.32 -97.20
CA THR K 544 -48.71 16.74 -97.59
C THR K 544 -48.31 18.09 -97.00
N GLY K 545 -49.31 18.89 -96.62
CA GLY K 545 -49.15 20.23 -96.07
C GLY K 545 -49.11 21.29 -97.16
N LYS K 546 -49.10 20.84 -98.40
CA LYS K 546 -49.00 21.76 -99.50
C LYS K 546 -50.36 22.26 -99.93
N HIS K 547 -50.88 23.15 -99.11
CA HIS K 547 -52.23 23.67 -99.26
C HIS K 547 -52.43 24.58 -100.46
N ASP K 548 -51.36 25.15 -101.00
CA ASP K 548 -51.45 25.97 -102.18
C ASP K 548 -50.97 25.22 -103.44
N ALA K 549 -50.79 23.89 -103.36
CA ALA K 549 -50.30 23.11 -104.50
C ALA K 549 -51.33 22.86 -105.58
N MET K 550 -50.80 22.72 -106.79
CA MET K 550 -51.55 22.33 -107.99
C MET K 550 -51.34 20.84 -108.17
N VAL K 551 -52.40 20.12 -108.54
CA VAL K 551 -52.24 18.68 -108.67
C VAL K 551 -52.55 18.20 -110.09
N ILE K 552 -51.60 17.46 -110.64
CA ILE K 552 -51.60 16.85 -111.96
C ILE K 552 -52.25 15.46 -111.92
N ASN K 553 -53.18 15.20 -112.83
CA ASN K 553 -53.90 13.95 -112.88
C ASN K 553 -53.18 12.97 -113.78
N ALA K 554 -52.52 11.95 -113.22
CA ALA K 554 -51.76 10.96 -113.97
C ALA K 554 -52.67 9.84 -114.44
N GLY K 555 -53.94 9.95 -114.13
CA GLY K 555 -54.91 8.99 -114.55
C GLY K 555 -55.25 8.00 -113.47
N PRO K 556 -56.47 7.95 -112.99
CA PRO K 556 -56.87 7.05 -111.95
C PRO K 556 -56.89 5.70 -112.55
N THR K 557 -56.62 4.69 -111.77
CA THR K 557 -56.83 3.35 -112.25
C THR K 557 -57.49 2.60 -111.14
N VAL K 558 -57.78 1.35 -111.37
CA VAL K 558 -58.44 0.56 -110.36
C VAL K 558 -57.78 -0.76 -110.15
N ILE K 559 -57.73 -1.17 -108.89
CA ILE K 559 -57.30 -2.49 -108.52
C ILE K 559 -58.54 -3.19 -107.98
N PRO K 560 -59.22 -4.02 -108.79
CA PRO K 560 -60.53 -4.64 -108.58
C PRO K 560 -60.63 -5.41 -107.31
N ALA K 561 -61.85 -5.54 -106.78
CA ALA K 561 -62.07 -6.24 -105.52
C ALA K 561 -61.56 -7.69 -105.60
N ASP K 562 -61.72 -8.39 -106.73
CA ASP K 562 -61.86 -9.85 -106.77
C ASP K 562 -60.69 -10.71 -106.24
N PHE K 563 -59.45 -10.43 -106.64
CA PHE K 563 -58.28 -11.27 -106.35
C PHE K 563 -57.73 -11.10 -104.92
N ASP K 564 -56.87 -12.02 -104.48
CA ASP K 564 -56.17 -11.96 -103.17
C ASP K 564 -55.02 -10.93 -103.14
N LEU K 565 -54.93 -10.09 -102.10
CA LEU K 565 -53.96 -8.97 -102.02
C LEU K 565 -52.49 -9.38 -101.81
N LYS K 566 -52.18 -10.69 -101.73
CA LYS K 566 -50.83 -11.21 -101.46
C LYS K 566 -49.83 -11.15 -102.63
N ASP K 567 -50.25 -10.70 -103.82
CA ASP K 567 -49.39 -10.59 -105.00
C ASP K 567 -48.44 -9.37 -104.95
N GLU K 568 -47.47 -9.45 -104.04
CA GLU K 568 -46.45 -8.43 -103.84
C GLU K 568 -45.72 -8.08 -105.11
N LEU K 569 -45.51 -9.06 -106.01
CA LEU K 569 -44.80 -8.72 -107.24
C LEU K 569 -45.57 -7.74 -108.09
N VAL K 570 -46.86 -8.03 -108.30
CA VAL K 570 -47.63 -7.10 -109.12
C VAL K 570 -47.76 -5.75 -108.45
N LEU K 571 -47.99 -5.76 -107.16
CA LEU K 571 -48.21 -4.53 -106.44
C LEU K 571 -46.96 -3.66 -106.47
N LYS K 572 -45.78 -4.28 -106.35
CA LYS K 572 -44.53 -3.54 -106.43
C LYS K 572 -44.42 -2.91 -107.79
N GLN K 573 -44.77 -3.68 -108.82
CA GLN K 573 -44.69 -3.18 -110.18
C GLN K 573 -45.66 -2.05 -110.40
N LEU K 574 -46.84 -2.10 -109.76
CA LEU K 574 -47.78 -1.00 -109.91
C LEU K 574 -47.20 0.27 -109.33
N LEU K 575 -46.51 0.17 -108.18
CA LEU K 575 -45.92 1.39 -107.63
C LEU K 575 -44.83 1.91 -108.53
N ILE K 576 -44.01 1.03 -109.05
CA ILE K 576 -42.92 1.39 -109.93
C ILE K 576 -43.47 2.13 -111.15
N LYS K 577 -44.48 1.57 -111.81
CA LYS K 577 -45.01 2.17 -113.02
C LYS K 577 -45.68 3.50 -112.74
N SER K 578 -46.38 3.58 -111.61
CA SER K 578 -47.10 4.78 -111.25
C SER K 578 -46.15 5.93 -110.90
N VAL K 579 -45.03 5.61 -110.23
CA VAL K 579 -44.09 6.69 -109.94
C VAL K 579 -43.38 7.11 -111.22
N ASN K 580 -43.14 6.21 -112.17
CA ASN K 580 -42.53 6.54 -113.45
C ASN K 580 -43.34 7.63 -114.08
N LEU K 581 -44.63 7.38 -114.14
CA LEU K 581 -45.51 8.31 -114.82
C LEU K 581 -45.52 9.63 -114.06
N CYS K 582 -45.49 9.57 -112.73
CA CYS K 582 -45.48 10.80 -111.96
C CYS K 582 -44.24 11.64 -112.27
N ASP K 583 -43.08 10.98 -112.43
CA ASP K 583 -41.85 11.70 -112.75
C ASP K 583 -41.94 12.32 -114.13
N ASP K 584 -42.55 11.60 -115.09
CA ASP K 584 -42.72 12.12 -116.44
C ASP K 584 -43.55 13.37 -116.39
N MET K 585 -44.64 13.34 -115.66
CA MET K 585 -45.52 14.48 -115.71
C MET K 585 -44.91 15.68 -115.00
N LEU K 586 -44.11 15.46 -113.94
CA LEU K 586 -43.43 16.61 -113.35
C LEU K 586 -42.44 17.13 -114.38
N ALA K 587 -41.75 16.22 -115.07
CA ALA K 587 -40.77 16.62 -116.06
C ALA K 587 -41.39 17.42 -117.21
N LYS K 588 -42.53 16.95 -117.73
CA LYS K 588 -43.13 17.55 -118.90
C LYS K 588 -43.73 18.90 -118.55
N ARG K 589 -44.24 19.04 -117.32
CA ARG K 589 -44.57 20.36 -116.72
C ARG K 589 -43.34 21.25 -116.53
N SER K 590 -42.19 20.67 -116.18
CA SER K 590 -40.90 21.36 -116.03
C SER K 590 -40.28 21.84 -117.35
N GLY K 591 -40.88 21.48 -118.48
CA GLY K 591 -40.34 21.75 -119.81
C GLY K 591 -39.31 20.75 -120.36
N GLU K 592 -39.28 19.49 -119.91
CA GLU K 592 -38.36 18.47 -120.45
C GLU K 592 -38.44 18.28 -121.99
N GLN K 593 -37.31 17.99 -122.62
CA GLN K 593 -37.20 17.81 -124.08
C GLN K 593 -37.99 16.59 -124.62
N PRO K 594 -38.66 16.70 -125.77
CA PRO K 594 -39.57 15.68 -126.29
C PRO K 594 -38.87 14.53 -127.03
N PHE K 595 -39.53 13.39 -127.18
CA PHE K 595 -39.07 12.34 -128.08
C PHE K 595 -39.22 12.76 -129.52
N SER K 596 -38.22 12.44 -130.34
CA SER K 596 -38.31 12.77 -131.74
C SER K 596 -37.59 11.82 -132.67
N VAL K 597 -37.93 11.95 -133.97
CA VAL K 597 -37.32 11.11 -134.99
C VAL K 597 -35.84 11.42 -135.09
N ALA K 598 -35.47 12.65 -134.77
CA ALA K 598 -34.10 13.12 -134.77
C ALA K 598 -33.23 12.37 -133.78
N MET K 599 -33.84 11.84 -132.72
CA MET K 599 -33.08 11.12 -131.72
C MET K 599 -32.83 9.72 -132.22
N LEU K 600 -33.78 9.22 -133.01
CA LEU K 600 -33.67 7.89 -133.62
C LEU K 600 -32.87 7.90 -134.91
N LYS K 601 -32.89 9.01 -135.60
CA LYS K 601 -32.27 9.09 -136.91
C LYS K 601 -30.79 9.33 -136.81
N GLY K 602 -30.07 8.29 -136.46
CA GLY K 602 -28.63 8.41 -136.41
C GLY K 602 -28.24 8.49 -137.87
N THR K 603 -27.08 9.06 -138.20
CA THR K 603 -26.69 9.15 -139.60
C THR K 603 -26.31 7.78 -140.14
N ASP K 604 -26.07 6.87 -139.22
CA ASP K 604 -25.75 5.50 -139.45
C ASP K 604 -26.80 4.53 -138.90
N GLU K 605 -28.09 4.89 -138.76
CA GLU K 605 -29.10 4.01 -138.13
C GLU K 605 -30.42 3.96 -138.93
N THR K 606 -31.05 2.77 -139.05
CA THR K 606 -32.38 2.64 -139.70
C THR K 606 -33.35 1.76 -138.91
N LEU K 607 -34.66 1.93 -139.19
CA LEU K 607 -35.72 1.12 -138.58
C LEU K 607 -36.15 -0.02 -139.45
N ALA K 608 -36.79 -1.00 -138.83
CA ALA K 608 -37.39 -2.14 -139.52
C ALA K 608 -38.56 -2.65 -138.70
N ALA K 609 -39.54 -3.33 -139.33
CA ALA K 609 -40.66 -3.86 -138.55
C ALA K 609 -41.32 -5.14 -139.10
N ARG K 610 -41.95 -5.89 -138.18
CA ARG K 610 -42.67 -7.13 -138.53
C ARG K 610 -44.02 -7.32 -137.84
N LEU K 611 -44.86 -8.15 -138.45
CA LEU K 611 -46.14 -8.50 -137.84
C LEU K 611 -46.08 -9.89 -137.23
N ASN K 612 -46.30 -9.94 -135.93
CA ASN K 612 -46.31 -11.19 -135.19
C ASN K 612 -47.73 -11.73 -135.17
N PHE K 613 -47.95 -12.90 -135.78
CA PHE K 613 -49.19 -13.68 -135.66
C PHE K 613 -49.13 -14.56 -134.41
N THR K 614 -49.46 -13.96 -133.28
CA THR K 614 -48.96 -14.41 -131.99
C THR K 614 -49.33 -15.85 -131.63
N GLY K 615 -50.62 -16.21 -131.65
CA GLY K 615 -51.11 -17.43 -130.99
C GLY K 615 -51.23 -17.34 -129.45
N LYS K 616 -51.04 -16.16 -128.83
CA LYS K 616 -51.13 -15.91 -127.37
C LYS K 616 -51.61 -14.47 -127.01
N PRO K 617 -52.26 -14.28 -125.84
CA PRO K 617 -52.65 -12.97 -125.30
C PRO K 617 -51.53 -12.27 -124.53
N MET K 618 -51.71 -10.97 -124.28
CA MET K 618 -50.79 -10.10 -123.53
C MET K 618 -51.51 -9.45 -122.36
N HIS K 619 -50.79 -9.01 -121.34
CA HIS K 619 -51.41 -8.79 -120.03
C HIS K 619 -51.12 -7.39 -119.53
N ASP K 620 -52.11 -6.81 -118.87
CA ASP K 620 -51.97 -5.45 -118.36
C ASP K 620 -51.23 -5.44 -117.04
N SER K 621 -51.11 -4.27 -116.42
CA SER K 621 -50.35 -4.15 -115.18
C SER K 621 -50.87 -4.97 -114.01
N LEU K 622 -52.13 -5.45 -114.07
CA LEU K 622 -52.69 -6.27 -113.00
C LEU K 622 -52.77 -7.74 -113.41
N GLY K 623 -52.24 -8.05 -114.58
CA GLY K 623 -52.26 -9.40 -115.10
C GLY K 623 -53.53 -9.82 -115.88
N TYR K 624 -54.39 -8.88 -116.30
CA TYR K 624 -55.57 -9.33 -117.02
C TYR K 624 -55.24 -9.36 -118.52
N PRO K 625 -55.77 -10.33 -119.29
CA PRO K 625 -55.50 -10.49 -120.72
C PRO K 625 -56.10 -9.37 -121.57
N ILE K 626 -55.39 -9.01 -122.63
CA ILE K 626 -55.80 -8.06 -123.65
C ILE K 626 -55.84 -8.73 -125.02
N ARG K 627 -56.99 -8.67 -125.70
CA ARG K 627 -57.05 -9.25 -127.05
C ARG K 627 -56.11 -8.59 -128.03
N SER K 628 -55.43 -9.45 -128.79
CA SER K 628 -54.54 -9.06 -129.87
C SER K 628 -54.47 -10.19 -130.89
N ASP K 629 -54.63 -9.90 -132.18
CA ASP K 629 -54.45 -10.95 -133.18
C ASP K 629 -53.06 -10.82 -133.75
N ILE K 630 -52.61 -9.57 -133.84
CA ILE K 630 -51.32 -9.21 -134.40
C ILE K 630 -50.54 -8.29 -133.47
N LEU K 631 -49.31 -8.66 -133.17
CA LEU K 631 -48.49 -7.73 -132.38
C LEU K 631 -47.49 -7.10 -133.34
N VAL K 632 -47.51 -5.79 -133.46
CA VAL K 632 -46.60 -5.18 -134.41
C VAL K 632 -45.36 -4.77 -133.68
N SER K 633 -44.23 -5.29 -134.13
CA SER K 633 -42.97 -5.02 -133.48
C SER K 633 -42.06 -4.15 -134.32
N LEU K 634 -41.72 -2.98 -133.76
CA LEU K 634 -40.83 -2.05 -134.44
C LEU K 634 -39.47 -2.23 -133.82
N ASN K 635 -38.54 -2.60 -134.68
CA ASN K 635 -37.18 -2.96 -134.32
C ASN K 635 -36.40 -1.72 -133.94
N ARG K 636 -35.38 -1.93 -133.12
CA ARG K 636 -34.51 -0.87 -132.65
C ARG K 636 -33.82 -0.23 -133.82
N VAL K 637 -33.74 1.10 -133.81
CA VAL K 637 -33.07 1.75 -134.91
C VAL K 637 -31.58 1.44 -134.77
N LYS K 638 -30.95 0.95 -135.83
CA LYS K 638 -29.50 0.64 -135.81
C LYS K 638 -29.00 0.27 -137.19
N LYS K 639 -27.69 0.05 -137.32
CA LYS K 639 -27.17 -0.51 -138.58
C LYS K 639 -25.98 -1.46 -138.35
N PRO K 640 -25.83 -2.54 -139.12
CA PRO K 640 -24.66 -3.38 -139.10
C PRO K 640 -23.48 -2.49 -139.46
N GLY K 641 -22.36 -2.69 -138.81
CA GLY K 641 -21.19 -1.88 -139.08
C GLY K 641 -20.99 -0.81 -138.00
N GLN K 642 -22.02 -0.59 -137.16
CA GLN K 642 -21.86 0.36 -136.08
C GLN K 642 -21.04 -0.26 -134.98
N GLN K 643 -20.40 0.57 -134.18
CA GLN K 643 -19.63 0.09 -133.05
C GLN K 643 -20.51 -0.69 -132.09
N GLU K 644 -20.04 -1.89 -131.75
CA GLU K 644 -20.72 -2.77 -130.81
C GLU K 644 -20.51 -2.22 -129.41
N ASN K 645 -21.57 -2.15 -128.62
CA ASN K 645 -21.48 -1.57 -127.27
C ASN K 645 -21.01 -2.54 -126.19
N GLU K 646 -19.72 -2.87 -126.26
CA GLU K 646 -19.02 -3.80 -125.37
C GLU K 646 -19.67 -5.19 -125.42
N PHE K 647 -19.51 -6.00 -124.39
CA PHE K 647 -20.10 -7.32 -124.35
C PHE K 647 -21.51 -7.24 -123.86
N TYR K 648 -22.44 -6.92 -124.74
CA TYR K 648 -23.84 -6.73 -124.39
C TYR K 648 -24.75 -7.74 -125.06
N GLU K 649 -25.94 -7.92 -124.52
CA GLU K 649 -27.00 -8.65 -125.21
C GLU K 649 -28.31 -7.93 -124.99
N ALA K 650 -29.03 -7.67 -126.08
CA ALA K 650 -30.26 -6.93 -125.93
C ALA K 650 -31.25 -7.32 -127.01
N GLU K 651 -32.53 -7.12 -126.72
CA GLU K 651 -33.53 -7.31 -127.75
C GLU K 651 -33.54 -6.08 -128.62
N ASP K 652 -33.52 -6.26 -129.93
CA ASP K 652 -33.53 -5.12 -130.83
C ASP K 652 -34.91 -4.59 -131.08
N LYS K 653 -35.52 -4.03 -130.05
CA LYS K 653 -36.89 -3.51 -130.15
C LYS K 653 -36.97 -2.08 -129.65
N LEU K 654 -37.78 -1.27 -130.33
CA LEU K 654 -38.04 0.11 -129.93
C LEU K 654 -39.41 0.24 -129.27
N ASN K 655 -40.44 -0.29 -129.94
CA ASN K 655 -41.81 -0.24 -129.41
C ASN K 655 -42.73 -1.26 -130.06
N GLN K 656 -43.97 -1.30 -129.58
CA GLN K 656 -44.94 -2.22 -130.16
C GLN K 656 -46.39 -1.77 -130.04
N VAL K 657 -47.20 -2.24 -130.98
CA VAL K 657 -48.64 -1.98 -130.91
C VAL K 657 -49.44 -3.26 -131.03
N SER K 658 -50.34 -3.45 -130.09
CA SER K 658 -51.19 -4.61 -130.06
C SER K 658 -52.49 -4.28 -130.76
N CYS K 659 -52.90 -5.13 -131.68
CA CYS K 659 -54.17 -4.88 -132.35
C CYS K 659 -54.86 -6.16 -132.77
N PHE K 660 -56.13 -6.04 -133.14
CA PHE K 660 -56.87 -7.18 -133.63
C PHE K 660 -57.76 -6.76 -134.76
N VAL K 661 -58.21 -7.72 -135.56
CA VAL K 661 -59.10 -7.27 -136.64
C VAL K 661 -60.43 -7.98 -136.60
N ASN K 662 -61.53 -7.20 -136.55
CA ASN K 662 -62.83 -7.86 -136.56
C ASN K 662 -63.35 -7.85 -137.98
N LEU K 663 -64.50 -8.46 -138.18
CA LEU K 663 -65.16 -8.41 -139.47
C LEU K 663 -66.56 -7.94 -139.24
N GLU K 664 -66.76 -6.63 -139.33
CA GLU K 664 -68.05 -6.06 -138.99
C GLU K 664 -68.99 -6.23 -140.16
N TYR K 665 -70.26 -6.51 -139.91
CA TYR K 665 -71.27 -6.67 -140.98
C TYR K 665 -71.89 -5.30 -141.15
N THR K 666 -71.58 -4.65 -142.28
CA THR K 666 -71.94 -3.26 -142.47
C THR K 666 -72.88 -3.03 -143.65
N PRO K 667 -73.67 -1.94 -143.64
CA PRO K 667 -74.59 -1.53 -144.68
C PRO K 667 -73.93 -1.02 -145.94
N GLN K 668 -74.69 -1.09 -147.01
CA GLN K 668 -74.31 -0.55 -148.30
C GLN K 668 -75.62 -0.27 -149.10
N PRO K 669 -75.77 0.85 -149.89
CA PRO K 669 -76.93 1.16 -150.76
C PRO K 669 -77.26 -0.01 -151.71
N GLN K 682 -69.26 -1.93 -156.27
CA GLN K 682 -69.95 -2.89 -155.41
C GLN K 682 -68.95 -3.50 -154.40
N LEU K 683 -69.21 -3.28 -153.08
CA LEU K 683 -68.40 -3.80 -151.97
C LEU K 683 -68.99 -5.10 -151.41
N PRO K 684 -68.16 -5.99 -150.87
CA PRO K 684 -68.54 -7.17 -150.12
C PRO K 684 -69.05 -6.65 -148.76
N PRO K 685 -69.85 -7.42 -148.01
CA PRO K 685 -70.46 -7.08 -146.71
C PRO K 685 -69.61 -6.87 -145.43
N LEU K 686 -68.36 -7.36 -145.34
CA LEU K 686 -67.62 -7.19 -144.10
C LEU K 686 -66.49 -6.16 -144.09
N THR K 687 -66.38 -5.45 -142.97
CA THR K 687 -65.34 -4.45 -142.76
C THR K 687 -64.16 -4.91 -141.92
N PRO K 688 -62.92 -4.76 -142.43
CA PRO K 688 -61.66 -5.08 -141.78
C PRO K 688 -61.36 -4.01 -140.75
N ALA K 689 -62.01 -4.17 -139.60
CA ALA K 689 -61.90 -3.18 -138.54
C ALA K 689 -60.65 -3.43 -137.76
N ILE K 690 -59.63 -2.57 -137.94
CA ILE K 690 -58.35 -2.81 -137.32
C ILE K 690 -58.37 -2.04 -136.02
N VAL K 691 -58.32 -2.74 -134.90
CA VAL K 691 -58.46 -2.10 -133.62
C VAL K 691 -57.22 -2.15 -132.77
N ILE K 692 -56.70 -1.00 -132.39
CA ILE K 692 -55.59 -0.98 -131.44
C ILE K 692 -56.10 -1.19 -130.03
N THR K 693 -55.51 -2.17 -129.35
CA THR K 693 -55.91 -2.46 -127.98
C THR K 693 -54.88 -2.03 -126.97
N ASP K 694 -53.63 -1.89 -127.42
CA ASP K 694 -52.59 -1.43 -126.51
C ASP K 694 -51.43 -0.79 -127.27
N VAL K 695 -50.76 0.14 -126.61
CA VAL K 695 -49.56 0.79 -127.16
C VAL K 695 -48.45 0.79 -126.09
N ARG K 696 -47.31 0.15 -126.37
CA ARG K 696 -46.19 0.00 -125.39
C ARG K 696 -44.85 0.40 -125.98
N GLN K 697 -43.98 1.00 -125.16
CA GLN K 697 -42.61 1.25 -125.56
C GLN K 697 -41.81 0.06 -125.15
N ALA K 698 -40.64 -0.16 -125.74
CA ALA K 698 -39.84 -1.28 -125.30
C ALA K 698 -39.49 -1.10 -123.83
N GLU K 699 -39.44 -2.22 -123.12
CA GLU K 699 -39.21 -2.29 -121.67
C GLU K 699 -37.94 -1.62 -121.16
N TRP K 700 -36.96 -1.44 -122.01
CA TRP K 700 -35.72 -0.80 -121.57
C TRP K 700 -35.87 0.70 -121.38
N LEU K 701 -36.92 1.31 -121.94
CA LEU K 701 -37.13 2.76 -121.87
C LEU K 701 -38.09 3.00 -120.71
N LYS K 702 -37.91 4.04 -119.91
CA LYS K 702 -38.71 4.23 -118.70
C LYS K 702 -39.86 5.22 -118.92
N ALA K 703 -39.60 6.28 -119.68
CA ALA K 703 -40.57 7.37 -119.88
C ALA K 703 -41.78 6.99 -120.72
N ASN K 704 -42.92 7.61 -120.38
CA ASN K 704 -44.15 7.44 -121.14
C ASN K 704 -44.76 8.79 -121.49
N THR K 705 -44.56 9.21 -122.73
CA THR K 705 -44.98 10.52 -123.18
C THR K 705 -45.84 10.41 -124.43
N MET K 706 -46.49 11.50 -124.81
CA MET K 706 -47.32 11.50 -126.00
C MET K 706 -46.54 11.29 -127.27
N GLU K 707 -45.35 11.84 -127.34
CA GLU K 707 -44.58 11.67 -128.56
C GLU K 707 -44.23 10.20 -128.74
N LEU K 708 -43.86 9.53 -127.64
CA LEU K 708 -43.53 8.12 -127.74
C LEU K 708 -44.76 7.30 -128.17
N TYR K 709 -45.93 7.65 -127.62
CA TYR K 709 -47.19 6.99 -127.95
C TYR K 709 -47.54 7.15 -129.43
N LEU K 710 -47.50 8.41 -129.87
CA LEU K 710 -47.87 8.76 -131.22
C LEU K 710 -46.99 8.14 -132.25
N PHE K 711 -45.70 8.11 -131.99
CA PHE K 711 -44.75 7.46 -132.88
C PHE K 711 -45.07 5.98 -133.03
N ALA K 712 -45.34 5.32 -131.90
CA ALA K 712 -45.66 3.89 -131.90
C ALA K 712 -46.94 3.60 -132.66
N LEU K 713 -47.91 4.52 -132.68
CA LEU K 713 -49.17 4.25 -133.40
C LEU K 713 -48.97 3.96 -134.89
N SER K 714 -47.84 4.42 -135.45
CA SER K 714 -47.59 4.22 -136.88
C SER K 714 -47.40 2.72 -137.17
N ASN K 715 -47.15 1.95 -136.09
CA ASN K 715 -46.96 0.54 -136.18
C ASN K 715 -48.24 -0.13 -136.61
N ALA K 716 -49.40 0.41 -136.18
CA ALA K 716 -50.63 -0.23 -136.58
C ALA K 716 -50.94 0.11 -138.01
N PHE K 717 -50.62 1.33 -138.41
CA PHE K 717 -50.95 1.69 -139.79
C PHE K 717 -50.33 0.75 -140.81
N ARG K 718 -49.05 0.44 -140.59
CA ARG K 718 -48.28 -0.40 -141.51
C ARG K 718 -48.82 -1.84 -141.65
N VAL K 719 -49.70 -2.22 -140.71
CA VAL K 719 -50.33 -3.54 -140.68
C VAL K 719 -51.06 -3.78 -141.97
N THR K 720 -51.73 -2.75 -142.50
CA THR K 720 -52.46 -2.92 -143.73
C THR K 720 -51.86 -2.09 -144.86
N ALA K 721 -51.10 -1.04 -144.50
CA ALA K 721 -50.55 -0.15 -145.51
C ALA K 721 -49.41 -0.77 -146.30
N ASN K 722 -48.58 -1.57 -145.64
CA ASN K 722 -47.46 -2.18 -146.33
C ASN K 722 -47.62 -3.69 -146.37
N GLN K 723 -48.12 -4.23 -145.27
CA GLN K 723 -48.27 -5.67 -145.10
C GLN K 723 -49.75 -6.05 -145.16
N SER K 724 -50.05 -7.36 -145.08
CA SER K 724 -51.44 -7.78 -145.15
C SER K 724 -51.91 -8.61 -143.96
N TRP K 725 -52.77 -7.95 -143.23
CA TRP K 725 -53.40 -8.32 -141.97
C TRP K 725 -54.24 -9.59 -142.07
N ALA K 726 -54.70 -9.90 -143.28
CA ALA K 726 -55.63 -11.00 -143.55
C ALA K 726 -55.06 -12.35 -143.17
N ARG K 727 -53.73 -12.48 -143.09
CA ARG K 727 -53.15 -13.73 -142.64
C ARG K 727 -53.67 -14.08 -141.24
N SER K 728 -54.03 -13.09 -140.44
CA SER K 728 -54.49 -13.35 -139.07
C SER K 728 -55.85 -14.03 -139.05
N LEU K 729 -56.55 -14.03 -140.19
CA LEU K 729 -57.85 -14.65 -140.25
C LEU K 729 -57.77 -16.11 -140.62
N LEU K 730 -56.57 -16.61 -140.92
CA LEU K 730 -56.51 -18.01 -141.27
C LEU K 730 -57.01 -18.85 -140.12
N PRO K 731 -57.84 -19.88 -140.37
CA PRO K 731 -58.37 -20.77 -139.36
C PRO K 731 -57.24 -21.59 -138.82
N GLN K 732 -57.35 -22.02 -137.57
CA GLN K 732 -56.28 -22.85 -137.04
C GLN K 732 -56.48 -24.27 -137.49
N LEU K 733 -56.08 -24.53 -138.72
CA LEU K 733 -56.39 -25.81 -139.31
C LEU K 733 -55.74 -26.91 -138.51
N GLY K 734 -56.52 -27.94 -138.22
CA GLY K 734 -56.08 -29.10 -137.44
C GLY K 734 -56.52 -28.97 -135.96
N LYS K 735 -56.93 -27.77 -135.55
CA LYS K 735 -57.39 -27.53 -134.19
C LYS K 735 -58.90 -27.58 -134.18
N VAL K 736 -59.47 -28.50 -133.40
CA VAL K 736 -60.92 -28.59 -133.40
C VAL K 736 -61.55 -27.37 -132.73
N LYS K 737 -61.00 -26.98 -131.58
CA LYS K 737 -61.58 -25.89 -130.82
C LYS K 737 -61.15 -24.48 -131.24
N ASP K 738 -61.57 -24.08 -132.44
CA ASP K 738 -61.27 -22.72 -132.88
C ASP K 738 -62.59 -21.95 -132.90
N MET K 739 -62.83 -21.19 -131.84
CA MET K 739 -64.13 -20.55 -131.69
C MET K 739 -64.36 -19.45 -132.71
N ARG K 740 -63.28 -18.99 -133.37
CA ARG K 740 -63.40 -17.88 -134.31
C ARG K 740 -63.04 -18.35 -135.70
N ASP K 741 -63.18 -19.65 -135.92
CA ASP K 741 -62.85 -20.26 -137.19
C ASP K 741 -63.57 -19.54 -138.33
N ILE K 742 -62.79 -19.17 -139.36
CA ILE K 742 -63.24 -18.43 -140.54
C ILE K 742 -64.38 -19.12 -141.21
N GLY K 743 -64.53 -20.42 -141.01
CA GLY K 743 -65.60 -21.13 -141.66
C GLY K 743 -66.96 -20.50 -141.37
N ALA K 744 -67.08 -19.84 -140.22
CA ALA K 744 -68.30 -19.19 -139.77
C ALA K 744 -68.74 -18.08 -140.70
N ILE K 745 -67.82 -17.56 -141.49
CA ILE K 745 -68.09 -16.42 -142.37
C ILE K 745 -69.17 -16.82 -143.40
N GLY K 746 -69.30 -18.12 -143.64
CA GLY K 746 -70.27 -18.68 -144.58
C GLY K 746 -71.70 -18.48 -144.10
N TYR K 747 -71.88 -18.12 -142.84
CA TYR K 747 -73.22 -17.89 -142.33
C TYR K 747 -73.74 -16.51 -142.70
N LEU K 748 -72.82 -15.54 -142.95
CA LEU K 748 -73.22 -14.18 -143.33
C LEU K 748 -73.25 -14.03 -144.85
N SER K 749 -72.51 -14.91 -145.52
CA SER K 749 -72.41 -14.96 -146.97
C SER K 749 -73.65 -15.66 -147.48
N ARG K 750 -73.78 -15.72 -148.79
CA ARG K 750 -74.93 -16.33 -149.45
C ARG K 750 -75.05 -17.85 -149.21
N LEU K 751 -74.00 -18.47 -148.66
CA LEU K 751 -74.00 -19.90 -148.35
C LEU K 751 -74.94 -20.26 -147.21
N ALA K 752 -75.08 -19.36 -146.23
CA ALA K 752 -75.86 -19.63 -145.02
C ALA K 752 -75.42 -20.94 -144.39
N ALA K 753 -74.12 -21.17 -144.36
CA ALA K 753 -73.57 -22.41 -143.85
C ALA K 753 -72.15 -22.25 -143.42
N ARG K 754 -71.69 -23.13 -142.55
CA ARG K 754 -70.27 -23.09 -142.21
C ARG K 754 -69.51 -23.69 -143.36
N VAL K 755 -68.38 -23.07 -143.69
CA VAL K 755 -67.50 -23.57 -144.73
C VAL K 755 -66.75 -24.74 -144.13
N GLU K 756 -66.64 -25.83 -144.85
CA GLU K 756 -65.91 -26.90 -144.22
C GLU K 756 -64.42 -26.62 -144.33
N THR K 757 -63.88 -26.20 -143.19
CA THR K 757 -62.47 -25.83 -143.00
C THR K 757 -61.72 -26.89 -142.19
N LYS K 758 -62.36 -28.00 -141.79
CA LYS K 758 -61.79 -29.15 -141.05
C LYS K 758 -61.07 -30.15 -141.98
N THR K 759 -61.37 -30.03 -143.27
CA THR K 759 -61.04 -31.00 -144.28
C THR K 759 -59.71 -30.75 -144.97
N GLU K 760 -59.15 -31.83 -145.52
CA GLU K 760 -57.90 -31.77 -146.26
C GLU K 760 -58.07 -31.07 -147.60
N THR K 761 -59.33 -30.83 -147.98
CA THR K 761 -59.64 -30.17 -149.23
C THR K 761 -59.77 -28.66 -149.04
N PHE K 762 -59.58 -28.16 -147.80
CA PHE K 762 -59.65 -26.72 -147.61
C PHE K 762 -58.26 -26.17 -147.88
N THR K 763 -58.22 -25.20 -148.77
CA THR K 763 -56.96 -24.63 -149.22
C THR K 763 -56.86 -23.14 -148.94
N ASP K 764 -55.62 -22.69 -148.98
CA ASP K 764 -55.30 -21.25 -148.99
C ASP K 764 -56.09 -20.49 -150.07
N GLN K 765 -56.27 -21.07 -151.24
CA GLN K 765 -57.01 -20.47 -152.32
C GLN K 765 -58.47 -20.33 -151.94
N ASN K 766 -59.03 -21.34 -151.25
CA ASN K 766 -60.44 -21.27 -150.88
C ASN K 766 -60.62 -20.20 -149.83
N PHE K 767 -59.64 -20.07 -148.93
CA PHE K 767 -59.66 -19.04 -147.91
C PHE K 767 -59.70 -17.66 -148.54
N ALA K 768 -58.80 -17.44 -149.50
CA ALA K 768 -58.74 -16.15 -150.16
C ALA K 768 -60.06 -15.85 -150.85
N GLU K 769 -60.68 -16.86 -151.46
CA GLU K 769 -61.97 -16.65 -152.12
C GLU K 769 -63.06 -16.26 -151.14
N LEU K 770 -63.06 -16.85 -149.94
CA LEU K 770 -64.08 -16.50 -148.96
C LEU K 770 -63.97 -15.02 -148.69
N LEU K 771 -62.72 -14.57 -148.52
CA LEU K 771 -62.48 -13.17 -148.25
C LEU K 771 -62.75 -12.29 -149.47
N TYR K 772 -62.48 -12.78 -150.67
CA TYR K 772 -62.73 -11.95 -151.84
C TYR K 772 -64.20 -11.57 -151.92
N ASN K 773 -65.05 -12.54 -151.61
CA ASN K 773 -66.48 -12.31 -151.66
C ASN K 773 -67.06 -11.67 -150.39
N MET K 774 -66.43 -11.90 -149.24
CA MET K 774 -66.94 -11.37 -147.99
C MET K 774 -66.30 -10.13 -147.37
N VAL K 775 -65.00 -9.86 -147.57
CA VAL K 775 -64.34 -8.78 -146.85
C VAL K 775 -63.80 -7.65 -147.76
N ARG K 776 -64.15 -6.42 -147.39
CA ARG K 776 -63.79 -5.21 -148.10
C ARG K 776 -62.28 -4.98 -148.10
N PRO K 777 -61.68 -4.52 -149.21
CA PRO K 777 -60.25 -4.22 -149.36
C PRO K 777 -59.71 -2.99 -148.64
N SER K 778 -60.58 -2.09 -148.19
CA SER K 778 -60.12 -0.84 -147.58
C SER K 778 -60.13 -0.90 -146.04
N PRO K 779 -58.96 -0.84 -145.37
CA PRO K 779 -58.81 -0.99 -143.93
C PRO K 779 -59.36 0.19 -143.20
N VAL K 780 -59.87 -0.04 -141.99
CA VAL K 780 -60.31 1.08 -141.17
C VAL K 780 -59.54 1.06 -139.86
N PHE K 781 -58.92 2.18 -139.51
CA PHE K 781 -58.14 2.22 -138.25
C PHE K 781 -58.80 2.93 -137.11
N MET K 782 -58.94 2.18 -136.03
CA MET K 782 -59.59 2.63 -134.82
C MET K 782 -58.85 2.12 -133.60
N SER K 783 -59.15 2.68 -132.45
CA SER K 783 -58.49 2.22 -131.24
C SER K 783 -59.36 2.37 -130.03
N ASP K 784 -59.02 1.59 -129.01
CA ASP K 784 -59.65 1.70 -127.72
C ASP K 784 -59.13 2.95 -127.06
N LEU K 785 -59.92 3.53 -126.18
CA LEU K 785 -59.47 4.66 -125.38
C LEU K 785 -59.91 4.44 -123.92
N ASN K 786 -58.97 4.35 -122.98
CA ASN K 786 -59.38 4.01 -121.60
C ASN K 786 -58.84 4.96 -120.52
N ARG K 787 -59.74 5.74 -119.92
CA ARG K 787 -59.40 6.76 -118.92
C ARG K 787 -58.81 6.15 -117.67
N PHE K 788 -59.01 4.86 -117.49
CA PHE K 788 -58.57 4.13 -116.32
C PHE K 788 -57.53 3.07 -116.65
N GLY K 789 -56.98 3.14 -117.86
CA GLY K 789 -56.02 2.13 -118.27
C GLY K 789 -54.60 2.42 -117.82
N ASP K 790 -53.68 1.57 -118.25
CA ASP K 790 -52.27 1.70 -117.86
C ASP K 790 -51.62 2.95 -118.41
N ASN K 791 -52.22 3.49 -119.45
CA ASN K 791 -51.76 4.69 -120.15
C ASN K 791 -52.74 5.84 -119.97
N ALA K 792 -53.54 5.83 -118.90
CA ALA K 792 -54.60 6.83 -118.70
C ALA K 792 -54.16 8.29 -118.75
N ALA K 793 -52.97 8.65 -118.31
CA ALA K 793 -52.59 10.07 -118.37
C ALA K 793 -52.65 10.59 -119.81
N ILE K 794 -52.34 9.70 -120.75
CA ILE K 794 -52.29 9.97 -122.16
C ILE K 794 -53.61 9.63 -122.82
N GLU K 795 -54.23 8.50 -122.53
CA GLU K 795 -55.49 8.08 -123.04
C GLU K 795 -56.49 9.23 -122.89
N ASN K 796 -56.43 9.95 -121.77
CA ASN K 796 -57.33 11.05 -121.50
C ASN K 796 -57.25 12.18 -122.53
N VAL K 797 -56.09 12.43 -123.16
CA VAL K 797 -56.07 13.52 -124.13
C VAL K 797 -56.73 13.04 -125.39
N PHE K 798 -56.50 11.76 -125.70
CA PHE K 798 -57.07 11.20 -126.92
C PHE K 798 -58.59 11.03 -126.78
N ILE K 799 -59.06 10.84 -125.55
CA ILE K 799 -60.49 10.74 -125.29
C ILE K 799 -61.13 12.11 -125.37
N ASP K 800 -60.51 13.12 -124.75
CA ASP K 800 -61.11 14.45 -124.79
C ASP K 800 -61.08 15.02 -126.21
N ALA K 801 -60.11 14.56 -127.01
CA ALA K 801 -59.98 14.96 -128.41
C ALA K 801 -61.17 14.49 -129.26
N LEU K 802 -62.00 13.56 -128.73
CA LEU K 802 -63.18 13.05 -129.42
C LEU K 802 -64.30 14.09 -129.48
N GLY K 803 -64.37 14.97 -128.47
CA GLY K 803 -65.44 15.95 -128.42
C GLY K 803 -65.64 16.43 -127.00
N GLY K 804 -66.41 17.50 -126.81
CA GLY K 804 -66.65 18.02 -125.47
C GLY K 804 -66.02 19.40 -125.29
N VAL K 805 -66.13 19.92 -124.06
CA VAL K 805 -65.70 21.29 -123.75
C VAL K 805 -64.23 21.59 -124.02
N ASN K 806 -63.36 20.60 -123.91
CA ASN K 806 -61.96 20.85 -124.12
C ASN K 806 -61.42 20.13 -125.34
N GLN K 807 -62.29 19.80 -126.31
CA GLN K 807 -61.79 19.09 -127.49
C GLN K 807 -60.71 19.87 -128.19
N GLN K 808 -60.84 21.18 -128.28
CA GLN K 808 -59.86 21.95 -129.02
C GLN K 808 -58.50 21.88 -128.35
N ARG K 809 -58.48 21.85 -127.02
CA ARG K 809 -57.22 21.82 -126.32
C ARG K 809 -56.57 20.45 -126.45
N ALA K 810 -57.39 19.40 -126.37
CA ALA K 810 -56.86 18.06 -126.50
C ALA K 810 -56.29 17.85 -127.90
N VAL K 811 -57.01 18.32 -128.92
CA VAL K 811 -56.50 18.24 -130.28
C VAL K 811 -55.22 19.02 -130.45
N ALA K 812 -55.15 20.24 -129.88
CA ALA K 812 -53.93 21.02 -130.00
C ALA K 812 -52.73 20.28 -129.41
N ALA K 813 -52.94 19.60 -128.27
CA ALA K 813 -51.88 18.83 -127.63
C ALA K 813 -51.38 17.68 -128.49
N ILE K 814 -52.31 17.05 -129.21
CA ILE K 814 -51.97 15.89 -130.02
C ILE K 814 -51.23 16.30 -131.26
N ILE K 815 -51.69 17.35 -131.94
CA ILE K 815 -50.93 17.80 -133.11
C ILE K 815 -49.58 18.35 -132.69
N ALA K 816 -49.50 19.02 -131.53
CA ALA K 816 -48.19 19.44 -131.07
C ALA K 816 -47.29 18.25 -130.83
N GLY K 817 -47.84 17.16 -130.27
CA GLY K 817 -47.02 15.98 -130.03
C GLY K 817 -46.45 15.43 -131.33
N VAL K 818 -47.25 15.40 -132.40
CA VAL K 818 -46.62 14.87 -133.59
C VAL K 818 -45.58 15.86 -134.10
N ASN K 819 -45.88 17.17 -134.09
CA ASN K 819 -44.88 18.13 -134.56
C ASN K 819 -43.59 18.03 -133.78
N ASN K 820 -43.68 17.65 -132.49
CA ASN K 820 -42.46 17.49 -131.74
C ASN K 820 -41.68 16.30 -132.31
N LEU K 821 -42.39 15.27 -132.80
CA LEU K 821 -41.72 14.11 -133.39
C LEU K 821 -40.99 14.43 -134.67
N ILE K 822 -41.62 15.25 -135.50
CA ILE K 822 -41.09 15.53 -136.83
C ILE K 822 -40.40 16.89 -137.05
N GLY K 823 -40.43 17.81 -136.08
CA GLY K 823 -39.80 19.11 -136.28
C GLY K 823 -40.74 20.07 -137.03
N GLY K 824 -42.02 19.85 -136.85
CA GLY K 824 -43.07 20.63 -137.49
C GLY K 824 -43.51 20.03 -138.83
N GLY K 825 -44.57 20.59 -139.41
CA GLY K 825 -45.06 20.11 -140.71
C GLY K 825 -46.25 19.15 -140.74
N PHE K 826 -46.90 18.84 -139.61
CA PHE K 826 -48.05 17.93 -139.66
C PHE K 826 -49.16 18.64 -140.44
N GLU K 827 -49.19 19.95 -140.24
CA GLU K 827 -50.09 20.91 -140.84
C GLU K 827 -49.94 21.02 -142.36
N LYS K 828 -48.88 20.43 -142.92
CA LYS K 828 -48.70 20.49 -144.35
C LYS K 828 -49.50 19.37 -145.00
N PHE K 829 -50.03 18.44 -144.19
CA PHE K 829 -50.82 17.36 -144.71
C PHE K 829 -52.30 17.67 -144.55
N PHE K 830 -52.75 18.20 -143.41
CA PHE K 830 -54.18 18.49 -143.28
C PHE K 830 -54.51 19.47 -142.17
N ASP K 831 -55.73 19.99 -142.26
CA ASP K 831 -56.30 20.90 -141.27
C ASP K 831 -57.00 20.17 -140.12
N HIS K 832 -56.42 20.19 -138.93
CA HIS K 832 -56.94 19.47 -137.77
C HIS K 832 -58.22 20.09 -137.24
N ASN K 833 -58.54 21.29 -137.72
CA ASN K 833 -59.76 21.96 -137.29
C ASN K 833 -60.90 21.71 -138.27
N THR K 834 -60.65 20.91 -139.31
CA THR K 834 -61.67 20.53 -140.27
C THR K 834 -61.81 19.04 -140.11
N MET K 835 -60.70 18.44 -139.69
CA MET K 835 -60.54 17.00 -139.50
C MET K 835 -60.10 16.63 -138.08
N PRO K 836 -61.00 16.56 -137.09
CA PRO K 836 -60.71 16.27 -135.70
C PRO K 836 -59.96 14.96 -135.69
N ILE K 837 -59.05 14.79 -134.76
CA ILE K 837 -58.18 13.64 -134.77
C ILE K 837 -58.86 12.28 -134.57
N ILE K 838 -59.80 12.17 -133.62
CA ILE K 838 -60.47 10.89 -133.43
C ILE K 838 -62.00 11.08 -133.40
N GLN K 839 -62.73 10.25 -134.14
CA GLN K 839 -64.19 10.30 -134.12
C GLN K 839 -64.71 9.25 -133.16
N PRO K 840 -65.90 9.41 -132.57
CA PRO K 840 -66.50 8.36 -131.76
C PRO K 840 -66.94 7.18 -132.61
N TYR K 841 -66.81 5.97 -132.08
CA TYR K 841 -67.42 4.77 -132.68
C TYR K 841 -68.87 4.56 -132.19
N GLY K 842 -69.29 5.25 -131.13
CA GLY K 842 -70.66 5.11 -130.60
C GLY K 842 -70.81 3.92 -129.66
N THR K 843 -70.87 2.68 -130.17
CA THR K 843 -71.00 1.50 -129.30
C THR K 843 -69.73 1.42 -128.46
N ASP K 844 -69.83 1.47 -127.14
CA ASP K 844 -68.66 1.45 -126.27
C ASP K 844 -68.25 0.01 -125.93
N ILE K 845 -67.22 -0.15 -125.11
CA ILE K 845 -66.66 -1.47 -124.96
C ILE K 845 -66.85 -2.02 -123.55
N GLN K 846 -67.44 -3.20 -123.44
CA GLN K 846 -67.50 -3.86 -122.16
C GLN K 846 -66.27 -4.74 -122.10
N LEU K 847 -65.47 -4.58 -121.06
CA LEU K 847 -64.27 -5.37 -120.93
C LEU K 847 -64.47 -6.39 -119.86
N GLY K 848 -63.72 -7.47 -119.95
CA GLY K 848 -63.79 -8.55 -119.00
C GLY K 848 -63.07 -9.74 -119.58
N TYR K 849 -63.10 -10.83 -118.83
CA TYR K 849 -62.43 -12.04 -119.22
C TYR K 849 -63.24 -13.24 -118.78
N TYR K 850 -62.96 -14.37 -119.37
CA TYR K 850 -63.67 -15.58 -119.04
C TYR K 850 -62.67 -16.67 -118.83
N LEU K 851 -63.07 -17.72 -118.13
CA LEU K 851 -62.11 -18.79 -118.01
C LEU K 851 -62.32 -19.88 -119.03
N ASP K 852 -61.20 -20.39 -119.55
CA ASP K 852 -61.26 -21.46 -120.53
C ASP K 852 -61.29 -22.82 -119.82
N GLY K 853 -61.20 -23.91 -120.58
CA GLY K 853 -61.32 -25.25 -120.02
C GLY K 853 -60.23 -25.66 -119.02
N GLU K 854 -59.11 -24.94 -118.99
CA GLU K 854 -58.03 -25.22 -118.05
C GLU K 854 -58.00 -24.18 -116.94
N GLY K 855 -58.96 -23.26 -116.96
CA GLY K 855 -59.05 -22.18 -115.99
C GLY K 855 -58.21 -20.95 -116.31
N GLU K 856 -57.74 -20.78 -117.56
CA GLU K 856 -56.92 -19.60 -117.87
C GLU K 856 -57.80 -18.42 -118.22
N LYS K 857 -57.30 -17.22 -117.98
CA LYS K 857 -58.07 -16.01 -118.30
C LYS K 857 -57.97 -15.65 -119.77
N GLN K 858 -59.12 -15.50 -120.42
CA GLN K 858 -59.15 -15.15 -121.82
C GLN K 858 -60.04 -13.92 -122.02
N ASP K 859 -59.69 -13.08 -122.98
CA ASP K 859 -60.44 -11.85 -123.24
C ASP K 859 -61.88 -12.10 -123.74
N ARG K 860 -62.89 -11.50 -123.09
CA ARG K 860 -64.30 -11.74 -123.47
C ARG K 860 -64.61 -11.29 -124.91
N ARG K 861 -63.71 -10.50 -125.49
CA ARG K 861 -63.85 -9.96 -126.82
C ARG K 861 -63.78 -11.05 -127.89
N ASP K 862 -63.44 -12.28 -127.48
CA ASP K 862 -63.39 -13.38 -128.41
C ASP K 862 -64.74 -13.61 -129.10
N LEU K 863 -65.88 -13.29 -128.46
CA LEU K 863 -67.13 -13.46 -129.22
C LEU K 863 -67.42 -12.24 -130.09
N ASP K 864 -66.61 -12.14 -131.13
CA ASP K 864 -66.60 -11.13 -132.18
C ASP K 864 -67.48 -11.63 -133.29
N VAL K 865 -67.46 -11.04 -134.49
CA VAL K 865 -68.44 -11.57 -135.43
C VAL K 865 -68.26 -13.05 -135.77
N LEU K 866 -67.04 -13.52 -136.03
CA LEU K 866 -66.89 -14.94 -136.34
C LEU K 866 -67.20 -15.79 -135.10
N GLY K 867 -66.76 -15.28 -133.94
CA GLY K 867 -66.98 -15.97 -132.66
C GLY K 867 -68.46 -16.19 -132.37
N ALA K 868 -69.25 -15.13 -132.47
CA ALA K 868 -70.68 -15.20 -132.21
C ALA K 868 -71.40 -16.13 -133.20
N LEU K 869 -70.96 -16.14 -134.48
CA LEU K 869 -71.59 -17.02 -135.47
C LEU K 869 -71.37 -18.49 -135.13
N ASN K 870 -70.16 -18.82 -134.63
CA ASN K 870 -69.95 -20.19 -134.22
C ASN K 870 -70.69 -20.49 -132.92
N ALA K 871 -70.77 -19.51 -132.02
CA ALA K 871 -71.43 -19.74 -130.75
C ALA K 871 -72.90 -20.12 -130.90
N SER K 872 -73.58 -19.51 -131.88
CA SER K 872 -74.98 -19.79 -132.14
C SER K 872 -75.13 -20.96 -133.12
N ASP K 873 -74.02 -21.50 -133.58
CA ASP K 873 -73.92 -22.59 -134.54
C ASP K 873 -74.76 -22.32 -135.77
N GLY K 874 -74.66 -21.11 -136.31
CA GLY K 874 -75.42 -20.80 -137.50
C GLY K 874 -76.82 -20.24 -137.27
N ASN K 875 -77.25 -20.12 -136.02
CA ASN K 875 -78.56 -19.57 -135.85
C ASN K 875 -78.41 -18.07 -136.01
N ILE K 876 -78.72 -17.63 -137.24
CA ILE K 876 -78.57 -16.25 -137.66
C ILE K 876 -79.50 -15.33 -136.92
N GLN K 877 -80.68 -15.82 -136.52
CA GLN K 877 -81.57 -14.94 -135.80
C GLN K 877 -80.99 -14.61 -134.43
N GLU K 878 -80.35 -15.61 -133.79
CA GLU K 878 -79.72 -15.35 -132.50
C GLU K 878 -78.53 -14.40 -132.68
N TRP K 879 -77.79 -14.62 -133.77
CA TRP K 879 -76.64 -13.80 -134.08
C TRP K 879 -77.04 -12.37 -134.31
N MET K 880 -78.09 -12.14 -135.11
CA MET K 880 -78.52 -10.81 -135.47
C MET K 880 -79.08 -10.08 -134.28
N SER K 881 -79.71 -10.80 -133.34
CA SER K 881 -80.20 -10.12 -132.15
C SER K 881 -79.01 -9.54 -131.40
N TRP K 882 -77.98 -10.37 -131.24
CA TRP K 882 -76.74 -9.92 -130.60
C TRP K 882 -76.06 -8.83 -131.37
N TYR K 883 -75.95 -9.00 -132.68
CA TYR K 883 -75.24 -8.07 -133.53
C TYR K 883 -75.92 -6.71 -133.47
N GLY K 884 -77.26 -6.66 -133.49
CA GLY K 884 -77.96 -5.39 -133.39
C GLY K 884 -77.68 -4.75 -132.03
N THR K 885 -77.58 -5.57 -130.99
CA THR K 885 -77.27 -5.09 -129.64
C THR K 885 -75.93 -4.35 -129.64
N GLN K 886 -74.97 -4.85 -130.42
CA GLN K 886 -73.63 -4.27 -130.48
C GLN K 886 -73.49 -3.16 -131.51
N CYS K 887 -74.55 -2.82 -132.25
CA CYS K 887 -74.43 -1.83 -133.32
C CYS K 887 -75.42 -0.66 -133.25
N ASN K 888 -76.65 -0.93 -132.82
CA ASN K 888 -77.67 0.09 -132.79
C ASN K 888 -77.48 0.91 -131.54
N VAL K 889 -77.02 2.14 -131.68
CA VAL K 889 -76.70 2.93 -130.52
C VAL K 889 -77.72 4.00 -130.25
N ALA K 890 -78.90 3.82 -130.83
CA ALA K 890 -80.07 4.60 -130.45
C ALA K 890 -80.71 4.00 -129.21
N VAL K 891 -80.23 2.81 -128.87
CA VAL K 891 -80.69 2.05 -127.75
C VAL K 891 -79.84 2.44 -126.56
N HIS K 892 -80.49 2.84 -125.47
CA HIS K 892 -79.73 3.27 -124.31
C HIS K 892 -78.72 2.17 -123.94
N PRO K 893 -77.45 2.51 -123.62
CA PRO K 893 -76.38 1.59 -123.32
C PRO K 893 -76.65 0.65 -122.17
N GLU K 894 -77.56 0.99 -121.26
CA GLU K 894 -77.82 0.05 -120.17
C GLU K 894 -78.56 -1.15 -120.73
N LEU K 895 -79.41 -0.90 -121.72
CA LEU K 895 -80.23 -1.95 -122.26
C LEU K 895 -79.33 -2.87 -123.04
N ARG K 896 -78.35 -2.23 -123.72
CA ARG K 896 -77.41 -2.99 -124.51
C ARG K 896 -76.48 -3.79 -123.61
N ALA K 897 -76.05 -3.19 -122.50
CA ALA K 897 -75.17 -3.88 -121.57
C ALA K 897 -75.84 -5.10 -120.98
N ARG K 898 -77.15 -4.97 -120.67
CA ARG K 898 -77.85 -6.11 -120.10
C ARG K 898 -77.97 -7.24 -121.10
N GLN K 899 -78.25 -6.91 -122.37
CA GLN K 899 -78.35 -7.99 -123.34
C GLN K 899 -77.01 -8.59 -123.67
N SER K 900 -75.94 -7.78 -123.61
CA SER K 900 -74.61 -8.30 -123.89
C SER K 900 -74.21 -9.31 -122.82
N LYS K 901 -74.57 -9.01 -121.57
CA LYS K 901 -74.27 -9.92 -120.48
C LYS K 901 -75.13 -11.19 -120.58
N ASN K 902 -76.38 -11.04 -121.04
CA ASN K 902 -77.23 -12.22 -121.20
C ASN K 902 -76.63 -13.15 -122.24
N PHE K 903 -76.15 -12.58 -123.35
CA PHE K 903 -75.51 -13.35 -124.40
C PHE K 903 -74.21 -13.99 -123.89
N ASP K 904 -73.38 -13.33 -123.08
CA ASP K 904 -72.22 -14.06 -122.59
C ASP K 904 -72.61 -15.26 -121.74
N ARG K 905 -73.63 -15.14 -120.89
CA ARG K 905 -73.93 -16.31 -120.09
C ARG K 905 -74.35 -17.51 -120.94
N GLN K 906 -75.14 -17.26 -122.01
CA GLN K 906 -75.57 -18.34 -122.88
C GLN K 906 -74.49 -18.89 -123.82
N TYR K 907 -73.64 -18.01 -124.34
CA TYR K 907 -72.66 -18.40 -125.35
C TYR K 907 -71.20 -18.51 -124.92
N LEU K 908 -70.79 -17.78 -123.89
CA LEU K 908 -69.41 -17.76 -123.45
C LEU K 908 -69.29 -18.65 -122.22
N GLY K 909 -70.32 -18.59 -121.37
CA GLY K 909 -70.38 -19.36 -120.14
C GLY K 909 -70.66 -18.47 -118.94
N ASN K 910 -70.82 -19.09 -117.77
CA ASN K 910 -71.10 -18.28 -116.58
C ASN K 910 -69.83 -17.88 -115.85
N SER K 911 -68.68 -18.41 -116.30
CA SER K 911 -67.40 -18.11 -115.69
C SER K 911 -66.83 -16.84 -116.31
N VAL K 912 -67.58 -15.75 -116.14
CA VAL K 912 -67.20 -14.50 -116.78
C VAL K 912 -67.13 -13.39 -115.74
N THR K 913 -66.00 -12.70 -115.76
CA THR K 913 -65.71 -11.60 -114.87
C THR K 913 -65.62 -10.31 -115.64
N TYR K 914 -66.29 -9.29 -115.18
CA TYR K 914 -66.26 -8.04 -115.89
C TYR K 914 -65.26 -7.08 -115.28
N THR K 915 -64.60 -6.31 -116.14
CA THR K 915 -63.59 -5.35 -115.74
C THR K 915 -63.91 -3.98 -116.32
N THR K 916 -63.11 -2.99 -115.92
CA THR K 916 -63.27 -1.59 -116.31
C THR K 916 -63.55 -1.42 -117.79
N ARG K 917 -64.60 -0.65 -118.07
CA ARG K 917 -65.11 -0.34 -119.42
C ARG K 917 -64.25 0.68 -120.16
N ALA K 918 -64.40 0.72 -121.49
CA ALA K 918 -63.61 1.67 -122.30
C ALA K 918 -64.35 2.20 -123.52
N HIS K 919 -63.84 3.32 -124.03
CA HIS K 919 -64.33 3.99 -125.22
C HIS K 919 -63.65 3.48 -126.47
N ARG K 920 -64.27 3.71 -127.62
CA ARG K 920 -63.61 3.39 -128.87
C ARG K 920 -63.81 4.55 -129.82
N GLY K 921 -62.81 4.79 -130.68
CA GLY K 921 -62.95 5.83 -131.68
C GLY K 921 -62.17 5.51 -132.94
N ILE K 922 -62.41 6.31 -133.97
CA ILE K 922 -61.83 6.09 -135.28
C ILE K 922 -60.77 7.11 -135.54
N TRP K 923 -59.61 6.68 -135.94
CA TRP K 923 -58.57 7.64 -136.22
C TRP K 923 -58.83 8.27 -137.56
N ASN K 924 -58.79 9.59 -137.58
CA ASN K 924 -59.07 10.30 -138.81
C ASN K 924 -58.04 9.89 -139.86
N PRO K 925 -58.44 9.45 -141.07
CA PRO K 925 -57.55 9.03 -142.14
C PRO K 925 -56.50 10.09 -142.48
N LYS K 926 -56.79 11.37 -142.21
CA LYS K 926 -55.82 12.42 -142.52
C LYS K 926 -54.77 12.52 -141.43
N PHE K 927 -55.14 12.14 -140.19
CA PHE K 927 -54.20 12.15 -139.08
C PHE K 927 -53.21 11.08 -139.39
N ILE K 928 -53.75 9.96 -139.86
CA ILE K 928 -52.93 8.81 -140.16
C ILE K 928 -52.00 9.12 -141.32
N GLU K 929 -52.54 9.74 -142.39
CA GLU K 929 -51.69 10.08 -143.51
C GLU K 929 -50.55 10.97 -143.09
N ALA K 930 -50.85 11.99 -142.29
CA ALA K 930 -49.86 12.93 -141.87
C ALA K 930 -48.85 12.31 -140.93
N LEU K 931 -49.27 11.46 -140.01
CA LEU K 931 -48.29 10.86 -139.12
C LEU K 931 -47.32 9.97 -139.87
N ASP K 932 -47.85 9.10 -140.73
CA ASP K 932 -46.99 8.16 -141.43
C ASP K 932 -46.11 8.84 -142.46
N LYS K 933 -46.70 9.72 -143.25
CA LYS K 933 -45.91 10.40 -144.25
C LYS K 933 -44.96 11.37 -143.62
N ALA K 934 -45.36 12.08 -142.56
CA ALA K 934 -44.45 13.05 -141.99
C ALA K 934 -43.20 12.40 -141.44
N ILE K 935 -43.34 11.21 -140.83
CA ILE K 935 -42.16 10.55 -140.31
C ILE K 935 -41.26 10.09 -141.48
N ALA K 936 -41.87 9.46 -142.49
CA ALA K 936 -41.11 9.00 -143.63
C ALA K 936 -40.44 10.17 -144.39
N SER K 937 -41.11 11.31 -144.43
CA SER K 937 -40.70 12.50 -145.17
C SER K 937 -39.56 13.25 -144.51
N VAL K 938 -39.19 12.86 -143.29
CA VAL K 938 -38.11 13.53 -142.62
C VAL K 938 -36.92 12.59 -142.57
N GLY K 939 -37.06 11.46 -143.30
CA GLY K 939 -36.01 10.47 -143.45
C GLY K 939 -35.96 9.33 -142.45
N LEU K 940 -36.98 9.15 -141.59
CA LEU K 940 -36.83 8.04 -140.66
C LEU K 940 -37.41 6.78 -141.28
N THR K 941 -36.66 6.25 -142.22
CA THR K 941 -37.05 5.11 -143.03
C THR K 941 -37.11 3.84 -142.23
N VAL K 942 -38.19 3.09 -142.45
CA VAL K 942 -38.41 1.80 -141.84
C VAL K 942 -38.58 0.72 -142.91
N ALA K 943 -37.81 -0.35 -142.80
CA ALA K 943 -37.88 -1.46 -143.72
C ALA K 943 -38.88 -2.51 -143.27
N MET K 944 -39.54 -3.15 -144.21
CA MET K 944 -40.43 -4.21 -143.79
C MET K 944 -39.64 -5.49 -143.75
N ASP K 945 -39.80 -6.25 -142.67
CA ASP K 945 -39.10 -7.53 -142.55
C ASP K 945 -39.77 -8.60 -143.41
N ASN K 946 -41.07 -8.51 -143.58
CA ASN K 946 -41.80 -9.50 -144.37
C ASN K 946 -41.79 -9.09 -145.83
N VAL K 947 -40.60 -9.02 -146.44
CA VAL K 947 -40.35 -8.32 -147.72
C VAL K 947 -41.32 -8.75 -148.83
N ALA K 948 -41.68 -10.03 -148.86
CA ALA K 948 -42.84 -10.53 -149.58
C ALA K 948 -43.50 -11.66 -148.80
N GLN K 949 -44.80 -11.87 -148.99
CA GLN K 949 -45.59 -12.85 -148.23
C GLN K 949 -45.12 -14.28 -148.50
N ALA L 413 35.74 14.19 126.98
CA ALA L 413 36.20 13.74 125.68
C ALA L 413 36.01 14.84 124.62
N GLY L 414 34.88 15.59 124.66
CA GLY L 414 34.53 16.64 123.68
C GLY L 414 35.59 17.75 123.55
N ASN L 415 36.25 18.08 124.67
CA ASN L 415 37.27 19.10 124.67
C ASN L 415 38.53 18.63 123.95
N LEU L 416 38.69 17.31 123.88
CA LEU L 416 39.86 16.71 123.30
C LEU L 416 39.58 16.37 121.85
N ASN L 417 38.32 16.00 121.58
CA ASN L 417 37.90 15.57 120.26
C ASN L 417 38.05 16.68 119.26
N SER L 418 37.87 17.91 119.75
CA SER L 418 38.07 19.09 118.93
C SER L 418 39.29 18.98 118.04
N ILE L 419 40.40 18.46 118.59
CA ILE L 419 41.62 18.33 117.83
C ILE L 419 42.11 16.88 117.63
N PHE L 420 41.70 15.93 118.48
CA PHE L 420 42.29 14.59 118.34
C PHE L 420 41.44 13.65 117.52
N GLN L 421 40.30 14.13 117.03
CA GLN L 421 39.56 13.52 115.93
C GLN L 421 40.09 13.98 114.56
N ARG L 422 40.90 15.05 114.51
CA ARG L 422 41.26 15.64 113.22
C ARG L 422 42.31 14.79 112.55
N SER L 423 43.19 14.26 113.37
CA SER L 423 44.31 13.47 112.92
C SER L 423 43.94 12.01 113.11
N GLY L 424 43.90 11.28 112.00
CA GLY L 424 43.59 9.87 111.93
C GLY L 424 42.10 9.53 111.86
N ARG L 425 41.81 8.30 111.48
CA ARG L 425 40.50 7.71 111.16
C ARG L 425 40.42 6.35 111.86
N THR L 426 39.24 5.78 112.05
CA THR L 426 39.10 4.39 112.49
C THR L 426 37.98 3.68 111.77
N ASP L 427 37.95 2.37 111.96
CA ASP L 427 36.90 1.50 111.49
C ASP L 427 35.89 1.32 112.63
N GLY L 428 34.89 0.45 112.44
CA GLY L 428 33.90 0.22 113.49
C GLY L 428 32.54 0.81 113.19
N GLY L 429 31.64 0.70 114.16
CA GLY L 429 30.26 1.15 114.00
C GLY L 429 29.36 -0.02 113.61
N ASP L 430 28.08 0.26 113.45
CA ASP L 430 27.08 -0.74 113.15
C ASP L 430 27.22 -1.33 111.75
N ALA L 431 27.37 -2.66 111.69
CA ALA L 431 27.55 -3.37 110.44
C ALA L 431 26.35 -3.16 109.52
N ARG L 432 25.14 -3.03 110.09
CA ARG L 432 23.96 -2.82 109.25
C ARG L 432 24.08 -1.48 108.54
N ALA L 433 24.61 -0.48 109.23
CA ALA L 433 24.76 0.83 108.64
C ALA L 433 25.80 0.78 107.52
N SER L 434 26.85 -0.04 107.72
CA SER L 434 27.86 -0.17 106.67
C SER L 434 27.24 -0.84 105.46
N GLU L 435 26.45 -1.90 105.68
CA GLU L 435 25.74 -2.54 104.58
C GLU L 435 24.83 -1.58 103.86
N ALA L 436 24.12 -0.75 104.62
CA ALA L 436 23.24 0.21 104.01
C ALA L 436 23.99 1.21 103.16
N LEU L 437 25.12 1.73 103.64
CA LEU L 437 25.96 2.65 102.85
C LEU L 437 26.43 1.98 101.57
N ALA L 438 26.86 0.73 101.67
CA ALA L 438 27.34 -0.01 100.51
C ALA L 438 26.26 -0.30 99.48
N VAL L 439 25.04 -0.64 99.92
CA VAL L 439 23.99 -0.90 98.95
C VAL L 439 23.57 0.39 98.29
N PHE L 440 23.53 1.49 99.05
CA PHE L 440 23.19 2.74 98.40
C PHE L 440 24.27 3.15 97.41
N ASN L 441 25.55 2.92 97.71
CA ASN L 441 26.59 3.27 96.75
C ASN L 441 26.44 2.45 95.48
N LYS L 442 26.09 1.17 95.63
CA LYS L 442 25.88 0.32 94.46
C LYS L 442 24.76 0.84 93.59
N LEU L 443 23.64 1.15 94.23
CA LEU L 443 22.46 1.61 93.55
C LEU L 443 22.68 2.95 92.91
N LYS L 444 23.46 3.80 93.58
CA LYS L 444 23.78 5.10 93.04
C LYS L 444 24.47 4.90 91.72
N GLU L 445 25.45 4.01 91.67
CA GLU L 445 26.18 3.80 90.43
C GLU L 445 25.30 3.19 89.35
N GLU L 446 24.39 2.27 89.72
CA GLU L 446 23.52 1.71 88.68
C GLU L 446 22.64 2.78 88.08
N ALA L 447 22.12 3.68 88.93
CA ALA L 447 21.27 4.77 88.48
C ALA L 447 22.03 5.73 87.59
N ILE L 448 23.33 5.91 87.85
CA ILE L 448 24.06 6.81 87.00
C ILE L 448 24.23 6.14 85.63
N ALA L 449 24.62 4.86 85.65
CA ALA L 449 24.87 4.12 84.42
C ALA L 449 23.66 4.05 83.51
N GLN L 450 22.48 3.96 84.12
CA GLN L 450 21.25 3.87 83.35
C GLN L 450 20.59 5.20 83.10
N GLN L 451 21.25 6.28 83.48
CA GLN L 451 20.74 7.63 83.34
C GLN L 451 19.42 7.87 84.06
N ASP L 452 19.27 7.28 85.24
CA ASP L 452 18.07 7.55 86.01
C ASP L 452 18.44 8.73 86.89
N LEU L 453 19.70 8.78 87.32
CA LEU L 453 20.24 9.84 88.16
C LEU L 453 21.50 10.47 87.57
N HIS L 454 21.67 11.76 87.79
CA HIS L 454 22.88 12.44 87.38
C HIS L 454 23.94 12.26 88.44
N ASP L 455 25.21 12.25 88.03
CA ASP L 455 26.29 12.10 89.01
C ASP L 455 26.64 13.47 89.55
N ASP L 456 25.73 14.03 90.33
CA ASP L 456 25.88 15.38 90.86
C ASP L 456 25.61 15.44 92.36
N PHE L 457 25.55 14.29 93.01
CA PHE L 457 25.23 14.25 94.42
C PHE L 457 26.13 13.33 95.18
N LEU L 458 26.20 13.57 96.48
CA LEU L 458 27.05 12.80 97.35
C LEU L 458 26.26 12.06 98.40
N VAL L 459 26.76 10.93 98.85
CA VAL L 459 26.14 10.25 99.99
C VAL L 459 27.20 10.14 101.06
N PHE L 460 26.88 10.60 102.26
CA PHE L 460 27.77 10.52 103.42
C PHE L 460 27.26 9.57 104.48
N ARG L 461 28.15 9.25 105.42
CA ARG L 461 27.88 8.38 106.56
C ARG L 461 27.71 9.20 107.83
N PHE L 462 26.67 8.93 108.61
CA PHE L 462 26.50 9.43 109.97
C PHE L 462 26.49 8.23 110.91
N ASP L 463 27.44 8.18 111.83
CA ASP L 463 27.73 6.90 112.50
C ASP L 463 28.03 7.02 114.01
N ARG L 464 27.82 5.92 114.74
CA ARG L 464 27.72 5.87 116.20
C ARG L 464 29.01 6.29 116.89
N ASP L 465 30.10 5.62 116.55
CA ASP L 465 31.37 5.74 117.26
C ASP L 465 32.02 7.12 117.09
N GLN L 466 31.75 7.81 115.97
CA GLN L 466 32.21 9.19 115.75
C GLN L 466 31.31 10.22 116.46
N ASN L 467 29.98 10.09 116.39
CA ASN L 467 29.05 11.19 116.72
C ASN L 467 28.21 10.97 117.99
N ARG L 468 28.32 9.84 118.69
CA ARG L 468 27.52 9.50 119.90
C ARG L 468 26.00 9.63 119.64
N VAL L 469 25.54 8.92 118.62
CA VAL L 469 24.33 9.27 117.84
C VAL L 469 22.98 8.80 118.38
N GLY L 470 22.92 7.72 119.16
CA GLY L 470 21.70 6.92 119.23
C GLY L 470 21.55 6.08 117.96
N TYR L 471 20.78 6.52 116.96
CA TYR L 471 20.59 5.82 115.68
C TYR L 471 21.50 6.35 114.55
N SER L 472 22.09 5.43 113.77
CA SER L 472 22.93 5.72 112.63
C SER L 472 22.05 6.19 111.49
N ALA L 473 22.67 6.78 110.47
CA ALA L 473 21.93 7.29 109.34
C ALA L 473 22.81 7.45 108.11
N LEU L 474 22.18 7.43 106.94
CA LEU L 474 22.89 7.76 105.72
C LEU L 474 22.46 9.16 105.37
N LEU L 475 23.34 9.95 104.77
CA LEU L 475 22.95 11.31 104.44
C LEU L 475 23.01 11.61 102.94
N VAL L 476 21.87 11.97 102.34
CA VAL L 476 21.89 12.29 100.90
C VAL L 476 22.09 13.78 100.75
N VAL L 477 23.13 14.18 100.02
CA VAL L 477 23.50 15.58 99.90
C VAL L 477 23.66 16.23 98.52
N LYS L 478 23.04 17.41 98.38
CA LYS L 478 23.19 18.23 97.18
C LYS L 478 23.74 19.57 97.61
N ARG L 479 24.41 20.27 96.70
CA ARG L 479 24.95 21.58 97.05
C ARG L 479 24.75 22.60 95.95
N ALA L 480 24.65 23.86 96.36
CA ALA L 480 24.59 24.98 95.41
C ALA L 480 25.06 26.25 96.08
N ALA L 481 25.53 27.21 95.29
CA ALA L 481 25.81 28.52 95.85
C ALA L 481 24.69 29.44 95.39
N ILE L 482 23.95 29.95 96.35
CA ILE L 482 22.78 30.75 96.03
C ILE L 482 22.96 32.18 96.45
N ASN L 483 23.09 33.06 95.47
CA ASN L 483 23.31 34.48 95.70
C ASN L 483 24.47 34.73 96.64
N GLY L 484 25.53 33.93 96.49
CA GLY L 484 26.74 34.05 97.29
C GLY L 484 26.77 33.16 98.54
N GLN L 485 25.64 32.57 98.93
CA GLN L 485 25.65 31.71 100.13
C GLN L 485 25.87 30.27 99.75
N GLN L 486 26.82 29.62 100.41
CA GLN L 486 26.98 28.21 100.08
C GLN L 486 25.93 27.44 100.84
N VAL L 487 25.15 26.67 100.13
CA VAL L 487 24.08 25.92 100.75
C VAL L 487 24.21 24.41 100.52
N ILE L 488 24.08 23.69 101.62
CA ILE L 488 24.06 22.24 101.66
C ILE L 488 22.66 21.81 101.97
N VAL L 489 22.12 20.90 101.18
CA VAL L 489 20.79 20.43 101.50
C VAL L 489 20.89 18.95 101.76
N THR L 490 20.24 18.51 102.82
CA THR L 490 20.33 17.10 103.08
C THR L 490 19.06 16.43 103.57
N ARG L 491 19.00 15.14 103.28
CA ARG L 491 17.96 14.25 103.74
C ARG L 491 18.53 12.99 104.36
N PRO L 492 18.57 12.90 105.69
CA PRO L 492 19.01 11.76 106.47
C PRO L 492 18.05 10.59 106.34
N LEU L 493 18.59 9.39 106.40
CA LEU L 493 17.80 8.17 106.43
C LEU L 493 18.23 7.37 107.64
N VAL L 494 17.38 7.36 108.66
CA VAL L 494 17.70 6.81 109.99
C VAL L 494 17.63 5.29 109.96
N MET L 495 18.58 4.62 110.58
CA MET L 495 18.61 3.16 110.57
C MET L 495 18.60 2.48 111.95
N PRO L 496 17.43 2.12 112.51
CA PRO L 496 17.25 1.40 113.75
C PRO L 496 17.80 -0.01 113.56
N ASN L 497 18.22 -0.67 114.64
CA ASN L 497 18.74 -2.03 114.56
C ASN L 497 18.16 -2.85 115.70
N ASP L 498 17.51 -3.96 115.38
CA ASP L 498 16.80 -4.76 116.37
C ASP L 498 17.73 -5.50 117.32
N GLN L 499 19.00 -5.57 116.95
CA GLN L 499 20.01 -6.24 117.74
C GLN L 499 20.77 -5.26 118.63
N ILE L 500 20.42 -3.97 118.56
CA ILE L 500 21.14 -2.98 119.35
C ILE L 500 20.22 -2.34 120.37
N THR L 501 20.64 -2.37 121.62
CA THR L 501 19.87 -1.76 122.68
C THR L 501 20.18 -0.28 122.74
N LEU L 502 19.15 0.53 122.80
CA LEU L 502 19.31 1.96 122.94
C LEU L 502 18.93 2.32 124.36
N PRO L 503 19.53 3.35 124.96
CA PRO L 503 19.16 3.90 126.24
C PRO L 503 17.72 4.40 126.20
N THR L 504 17.10 4.28 127.34
CA THR L 504 15.73 4.66 127.59
C THR L 504 15.52 5.96 128.30
N LYS L 505 14.31 6.47 128.19
CA LYS L 505 13.89 7.60 129.00
C LYS L 505 13.34 7.02 130.28
N LYS L 506 13.57 7.71 131.38
CA LYS L 506 12.98 7.32 132.64
C LYS L 506 11.77 8.17 132.84
N LEU L 507 10.60 7.60 132.63
CA LEU L 507 9.37 8.36 132.66
C LEU L 507 8.70 8.18 133.99
N THR L 508 8.71 9.24 134.79
CA THR L 508 8.12 9.14 136.12
C THR L 508 6.70 9.64 136.02
N ILE L 509 5.76 8.80 136.40
CA ILE L 509 4.38 9.13 136.25
C ILE L 509 3.63 9.14 137.58
N GLN L 510 2.93 10.25 137.83
CA GLN L 510 2.18 10.38 139.08
C GLN L 510 0.84 9.65 138.96
N ASN L 511 0.86 8.36 139.23
CA ASN L 511 -0.34 7.57 139.08
C ASN L 511 -1.17 7.66 140.33
N GLY L 512 -2.07 8.63 140.33
CA GLY L 512 -2.86 8.86 141.51
C GLY L 512 -1.95 9.33 142.63
N MET L 513 -1.93 8.60 143.73
CA MET L 513 -1.10 8.97 144.87
C MET L 513 0.33 8.43 144.84
N HIS L 514 0.71 7.67 143.81
CA HIS L 514 2.07 7.09 143.80
C HIS L 514 2.83 7.25 142.49
N GLN L 515 4.11 7.62 142.58
CA GLN L 515 4.92 7.71 141.37
C GLN L 515 5.59 6.39 141.00
N GLU L 516 5.38 6.01 139.75
CA GLU L 516 5.96 4.80 139.19
C GLU L 516 6.82 5.18 138.00
N THR L 517 7.85 4.39 137.69
CA THR L 517 8.65 4.73 136.52
C THR L 517 8.58 3.68 135.43
N ILE L 518 8.33 4.13 134.22
CA ILE L 518 8.31 3.27 133.06
C ILE L 518 9.47 3.65 132.18
N GLU L 519 10.29 2.70 131.80
CA GLU L 519 11.36 3.08 130.91
C GLU L 519 10.99 2.71 129.50
N ALA L 520 11.42 3.55 128.57
CA ALA L 520 11.15 3.23 127.16
C ALA L 520 12.28 3.69 126.26
N GLU L 521 12.62 2.85 125.28
CA GLU L 521 13.70 3.17 124.36
C GLU L 521 13.39 4.42 123.59
N ALA L 522 14.37 5.29 123.41
CA ALA L 522 14.09 6.48 122.63
C ALA L 522 13.69 6.10 121.21
N ASP L 523 12.63 6.73 120.70
CA ASP L 523 12.19 6.44 119.34
C ASP L 523 12.87 7.42 118.40
N VAL L 524 12.61 7.33 117.12
CA VAL L 524 13.27 8.23 116.21
C VAL L 524 12.93 9.70 116.49
N GLN L 525 11.75 9.99 117.05
CA GLN L 525 11.40 11.37 117.41
C GLN L 525 12.09 11.86 118.67
N ASP L 526 12.62 10.94 119.47
CA ASP L 526 13.27 11.29 120.71
C ASP L 526 14.75 11.46 120.44
N VAL L 527 15.25 10.70 119.46
CA VAL L 527 16.64 10.77 119.05
C VAL L 527 16.93 11.92 118.11
N PHE L 528 16.07 12.14 117.11
CA PHE L 528 16.36 13.19 116.15
C PHE L 528 15.95 14.55 116.73
N THR L 529 16.77 15.01 117.65
CA THR L 529 16.58 16.26 118.37
C THR L 529 17.23 17.37 117.61
N THR L 530 17.01 18.61 118.03
CA THR L 530 17.63 19.74 117.37
C THR L 530 19.14 19.56 117.34
N GLN L 531 19.73 19.09 118.44
CA GLN L 531 21.16 18.91 118.44
C GLN L 531 21.61 17.79 117.50
N TYR L 532 20.80 16.74 117.33
CA TYR L 532 21.16 15.65 116.41
C TYR L 532 21.30 16.32 115.03
N TRP L 533 20.33 17.18 114.70
CA TRP L 533 20.35 17.94 113.46
C TRP L 533 21.60 18.81 113.34
N ASN L 534 21.97 19.48 114.43
CA ASN L 534 23.17 20.30 114.39
C ASN L 534 24.41 19.43 114.14
N ARG L 535 24.51 18.24 114.72
CA ARG L 535 25.64 17.36 114.42
C ARG L 535 25.60 16.83 113.01
N ILE L 536 24.41 16.69 112.40
CA ILE L 536 24.36 16.34 110.97
C ILE L 536 24.94 17.46 110.16
N CYS L 537 24.55 18.70 110.49
CA CYS L 537 25.06 19.87 109.80
C CYS L 537 26.56 19.85 109.78
N ASP L 538 27.15 19.69 110.96
CA ASP L 538 28.60 19.75 111.04
C ASP L 538 29.30 18.59 110.37
N SER L 539 28.71 17.39 110.47
CA SER L 539 29.32 16.21 109.88
C SER L 539 29.37 16.32 108.37
N ILE L 540 28.29 16.84 107.78
CA ILE L 540 28.31 16.97 106.34
C ILE L 540 29.30 18.02 105.95
N ARG L 541 29.29 19.16 106.64
CA ARG L 541 30.24 20.21 106.27
C ARG L 541 31.66 19.71 106.29
N GLN L 542 32.03 18.91 107.28
CA GLN L 542 33.39 18.41 107.29
C GLN L 542 33.67 17.43 106.15
N GLN L 543 32.65 16.67 105.72
CA GLN L 543 32.85 15.71 104.64
C GLN L 543 32.78 16.38 103.25
N THR L 544 32.14 17.57 103.12
CA THR L 544 32.08 18.26 101.83
C THR L 544 33.15 19.35 101.71
N GLY L 545 33.64 19.83 102.85
CA GLY L 545 34.65 20.87 102.94
C GLY L 545 34.04 22.26 103.07
N LYS L 546 32.71 22.33 102.94
CA LYS L 546 32.07 23.62 103.01
C LYS L 546 31.74 23.96 104.45
N HIS L 547 32.79 24.34 105.16
CA HIS L 547 32.76 24.54 106.59
C HIS L 547 31.88 25.70 107.04
N ASP L 548 31.68 26.69 106.19
CA ASP L 548 30.83 27.82 106.50
C ASP L 548 29.46 27.79 105.78
N ALA L 549 29.06 26.64 105.23
CA ALA L 549 27.78 26.53 104.53
C ALA L 549 26.57 26.48 105.44
N MET L 550 25.45 26.96 104.90
CA MET L 550 24.14 26.89 105.55
C MET L 550 23.57 25.52 105.23
N VAL L 551 22.93 24.86 106.20
CA VAL L 551 22.43 23.52 105.90
C VAL L 551 20.89 23.43 106.02
N ILE L 552 20.26 22.92 104.95
CA ILE L 552 18.82 22.75 104.88
C ILE L 552 18.38 21.33 105.20
N ASN L 553 17.39 21.25 106.07
CA ASN L 553 16.74 20.03 106.49
C ASN L 553 15.59 19.75 105.54
N ALA L 554 15.80 18.81 104.63
CA ALA L 554 14.80 18.53 103.60
C ALA L 554 13.72 17.60 104.11
N GLY L 555 13.83 17.18 105.36
CA GLY L 555 12.87 16.27 105.94
C GLY L 555 13.48 14.88 105.93
N PRO L 556 13.82 14.32 107.09
CA PRO L 556 14.47 13.03 107.26
C PRO L 556 13.48 11.93 107.04
N THR L 557 13.99 10.72 106.83
CA THR L 557 13.13 9.57 106.79
C THR L 557 13.77 8.43 107.57
N VAL L 558 13.15 7.26 107.52
CA VAL L 558 13.58 6.09 108.30
C VAL L 558 13.59 4.83 107.44
N ILE L 559 14.63 4.01 107.64
CA ILE L 559 14.73 2.69 107.07
C ILE L 559 14.74 1.71 108.25
N PRO L 560 13.58 1.16 108.65
CA PRO L 560 13.31 0.39 109.85
C PRO L 560 14.18 -0.84 109.99
N ALA L 561 14.40 -1.35 111.20
CA ALA L 561 15.35 -2.43 111.43
C ALA L 561 14.98 -3.79 110.82
N ASP L 562 13.71 -4.02 110.56
CA ASP L 562 13.06 -5.33 110.54
C ASP L 562 13.36 -6.26 109.35
N PHE L 563 13.90 -5.76 108.24
CA PHE L 563 13.72 -6.40 106.93
C PHE L 563 15.00 -6.57 106.13
N ASP L 564 14.95 -7.47 105.15
CA ASP L 564 16.06 -7.74 104.24
C ASP L 564 16.47 -6.49 103.45
N LEU L 565 17.77 -6.18 103.44
CA LEU L 565 18.35 -5.15 102.57
C LEU L 565 18.33 -5.54 101.08
N LYS L 566 17.71 -6.67 100.74
CA LYS L 566 17.61 -7.23 99.38
C LYS L 566 16.65 -6.49 98.45
N ASP L 567 15.77 -5.62 98.96
CA ASP L 567 14.90 -4.79 98.12
C ASP L 567 15.62 -3.55 97.56
N GLU L 568 16.52 -3.83 96.62
CA GLU L 568 17.20 -2.85 95.82
C GLU L 568 16.24 -1.89 95.14
N LEU L 569 15.03 -2.33 94.77
CA LEU L 569 14.12 -1.40 94.13
C LEU L 569 13.68 -0.34 95.10
N VAL L 570 13.34 -0.75 96.33
CA VAL L 570 12.94 0.27 97.29
C VAL L 570 14.06 1.21 97.60
N LEU L 571 15.24 0.68 97.80
CA LEU L 571 16.37 1.51 98.15
C LEU L 571 16.72 2.48 97.03
N LYS L 572 16.62 2.02 95.78
CA LYS L 572 16.88 2.90 94.64
C LYS L 572 15.90 4.03 94.62
N GLN L 573 14.62 3.71 94.85
CA GLN L 573 13.60 4.75 94.86
C GLN L 573 13.80 5.70 96.01
N LEU L 574 14.23 5.22 97.17
CA LEU L 574 14.47 6.13 98.28
C LEU L 574 15.55 7.10 97.90
N LEU L 575 16.59 6.62 97.20
CA LEU L 575 17.66 7.53 96.83
C LEU L 575 17.18 8.55 95.82
N ILE L 576 16.38 8.13 94.85
CA ILE L 576 15.92 9.06 93.84
C ILE L 576 15.06 10.13 94.47
N LYS L 577 14.13 9.70 95.31
CA LYS L 577 13.22 10.60 95.97
C LYS L 577 13.96 11.55 96.90
N SER L 578 14.99 11.06 97.59
CA SER L 578 15.73 11.91 98.49
C SER L 578 16.45 13.00 97.72
N VAL L 579 16.98 12.63 96.56
CA VAL L 579 17.64 13.58 95.70
C VAL L 579 16.64 14.62 95.23
N ASN L 580 15.43 14.20 94.85
CA ASN L 580 14.45 15.17 94.39
C ASN L 580 14.01 16.14 95.48
N LEU L 581 13.85 15.64 96.70
CA LEU L 581 13.44 16.50 97.78
C LEU L 581 14.52 17.52 98.07
N CYS L 582 15.78 17.09 97.98
CA CYS L 582 16.89 17.98 98.19
C CYS L 582 16.91 19.09 97.13
N ASP L 583 16.63 18.73 95.86
CA ASP L 583 16.61 19.72 94.80
C ASP L 583 15.50 20.72 94.98
N ASP L 584 14.34 20.26 95.47
CA ASP L 584 13.25 21.19 95.66
C ASP L 584 13.55 22.18 96.74
N MET L 585 14.24 21.74 97.79
CA MET L 585 14.57 22.69 98.83
C MET L 585 15.61 23.71 98.38
N LEU L 586 16.57 23.31 97.53
CA LEU L 586 17.50 24.31 97.01
C LEU L 586 16.77 25.25 96.10
N ALA L 587 15.82 24.70 95.33
CA ALA L 587 15.02 25.51 94.43
C ALA L 587 14.23 26.54 95.20
N LYS L 588 13.70 26.15 96.35
CA LYS L 588 12.98 27.12 97.15
C LYS L 588 13.93 28.22 97.60
N ARG L 589 15.10 27.80 98.09
CA ARG L 589 16.11 28.76 98.58
C ARG L 589 16.54 29.75 97.49
N SER L 590 16.60 29.28 96.24
CA SER L 590 17.00 30.10 95.10
C SER L 590 15.88 30.93 94.49
N GLY L 591 14.64 30.79 95.00
CA GLY L 591 13.53 31.54 94.44
C GLY L 591 12.82 30.93 93.23
N GLU L 592 12.93 29.63 92.98
CA GLU L 592 12.19 29.00 91.87
C GLU L 592 10.71 29.38 91.91
N GLN L 593 10.13 29.71 90.75
CA GLN L 593 8.78 30.24 90.66
C GLN L 593 7.74 29.20 91.11
N PRO L 594 6.78 29.60 91.96
CA PRO L 594 5.91 28.67 92.68
C PRO L 594 4.90 27.99 91.75
N PHE L 595 4.36 26.84 92.14
CA PHE L 595 3.19 26.39 91.44
C PHE L 595 2.01 27.29 91.68
N SER L 596 1.27 27.59 90.62
CA SER L 596 0.08 28.39 90.75
C SER L 596 -0.95 27.93 89.77
N VAL L 597 -2.20 28.31 90.08
CA VAL L 597 -3.35 27.93 89.27
C VAL L 597 -3.28 28.53 87.87
N ALA L 598 -2.48 29.56 87.72
CA ALA L 598 -2.28 30.23 86.45
C ALA L 598 -1.74 29.27 85.39
N MET L 599 -0.96 28.25 85.80
CA MET L 599 -0.39 27.34 84.82
C MET L 599 -1.32 26.17 84.54
N LEU L 600 -2.41 26.10 85.28
CA LEU L 600 -3.38 25.03 85.21
C LEU L 600 -4.62 25.51 84.45
N LYS L 601 -4.87 26.82 84.50
CA LYS L 601 -6.07 27.43 83.90
C LYS L 601 -5.93 27.55 82.38
N GLY L 602 -5.95 26.43 81.70
CA GLY L 602 -5.86 26.45 80.25
C GLY L 602 -7.20 26.94 79.74
N THR L 603 -7.24 27.60 78.59
CA THR L 603 -8.53 28.08 78.08
C THR L 603 -9.34 26.93 77.48
N ASP L 604 -8.64 25.83 77.25
CA ASP L 604 -9.17 24.60 76.73
C ASP L 604 -9.05 23.46 77.75
N GLU L 605 -8.92 23.77 79.04
CA GLU L 605 -8.68 22.80 80.11
C GLU L 605 -9.49 23.10 81.36
N THR L 606 -10.16 22.08 81.91
CA THR L 606 -10.89 22.19 83.16
C THR L 606 -10.51 21.02 84.04
N LEU L 607 -10.91 21.07 85.30
CA LEU L 607 -10.68 19.90 86.13
C LEU L 607 -11.94 19.11 86.40
N ALA L 608 -11.75 17.85 86.78
CA ALA L 608 -12.84 16.96 87.18
C ALA L 608 -12.29 15.97 88.19
N ALA L 609 -13.15 15.33 88.99
CA ALA L 609 -12.61 14.39 89.98
C ALA L 609 -13.48 13.18 90.19
N ARG L 610 -12.83 12.14 90.71
CA ARG L 610 -13.53 10.92 91.04
C ARG L 610 -13.21 10.45 92.44
N LEU L 611 -14.24 9.94 93.11
CA LEU L 611 -14.07 9.37 94.42
C LEU L 611 -14.07 7.85 94.31
N ASN L 612 -12.93 7.26 94.63
CA ASN L 612 -12.71 5.83 94.55
C ASN L 612 -13.01 5.17 95.88
N PHE L 613 -13.94 4.22 95.94
CA PHE L 613 -14.28 3.46 97.17
C PHE L 613 -13.70 2.05 97.27
N THR L 614 -12.65 1.74 96.53
CA THR L 614 -12.12 0.37 96.43
C THR L 614 -11.55 -0.13 97.75
N GLY L 615 -11.79 -1.39 98.07
CA GLY L 615 -11.31 -2.04 99.30
C GLY L 615 -9.86 -2.52 99.27
N LYS L 616 -8.88 -1.67 98.93
CA LYS L 616 -7.43 -2.01 98.96
C LYS L 616 -6.54 -0.87 99.52
N PRO L 617 -5.44 -1.19 100.23
CA PRO L 617 -4.56 -0.22 100.88
C PRO L 617 -3.55 0.42 99.92
N MET L 618 -2.88 1.50 100.36
CA MET L 618 -1.76 2.09 99.63
C MET L 618 -0.49 1.71 100.32
N HIS L 619 0.63 1.84 99.66
CA HIS L 619 1.87 1.57 100.37
C HIS L 619 2.74 2.79 100.34
N ASP L 620 3.55 2.96 101.39
CA ASP L 620 4.44 4.09 101.51
C ASP L 620 5.76 3.80 100.79
N SER L 621 6.73 4.68 101.00
CA SER L 621 7.99 4.63 100.32
C SER L 621 8.86 3.41 100.61
N LEU L 622 8.57 2.66 101.68
CA LEU L 622 9.35 1.45 101.90
C LEU L 622 8.47 0.21 101.85
N GLY L 623 7.31 0.32 101.21
CA GLY L 623 6.43 -0.82 101.05
C GLY L 623 5.51 -1.16 102.24
N TYR L 624 5.29 -0.21 103.16
CA TYR L 624 4.43 -0.52 104.30
C TYR L 624 3.02 -0.01 104.02
N PRO L 625 1.96 -0.68 104.49
CA PRO L 625 0.56 -0.36 104.23
C PRO L 625 0.08 0.96 104.84
N ILE L 626 -0.84 1.60 104.12
CA ILE L 626 -1.53 2.81 104.52
C ILE L 626 -3.05 2.60 104.47
N ARG L 627 -3.73 2.84 105.58
CA ARG L 627 -5.18 2.71 105.63
C ARG L 627 -5.88 3.89 105.00
N SER L 628 -6.84 3.61 104.15
CA SER L 628 -7.75 4.64 103.66
C SER L 628 -9.04 3.99 103.25
N ASP L 629 -10.11 4.77 103.19
CA ASP L 629 -11.36 4.27 102.65
C ASP L 629 -11.62 4.79 101.25
N ILE L 630 -11.21 6.05 101.01
CA ILE L 630 -11.53 6.72 99.77
C ILE L 630 -10.30 7.37 99.14
N LEU L 631 -10.10 7.13 97.86
CA LEU L 631 -9.01 7.83 97.19
C LEU L 631 -9.63 8.92 96.33
N VAL L 632 -9.22 10.16 96.54
CA VAL L 632 -9.78 11.24 95.75
C VAL L 632 -8.79 11.61 94.67
N SER L 633 -9.19 11.37 93.43
CA SER L 633 -8.31 11.59 92.28
C SER L 633 -8.75 12.78 91.44
N LEU L 634 -7.86 13.77 91.32
CA LEU L 634 -8.18 14.98 90.57
C LEU L 634 -7.48 14.94 89.22
N ASN L 635 -8.30 15.02 88.15
CA ASN L 635 -7.83 14.91 86.77
C ASN L 635 -7.96 16.19 85.92
N ARG L 636 -7.10 16.29 84.90
CA ARG L 636 -7.09 17.37 83.92
C ARG L 636 -7.83 17.01 82.65
N VAL L 637 -8.93 17.69 82.38
CA VAL L 637 -9.75 17.36 81.24
C VAL L 637 -9.63 18.40 80.13
N LYS L 638 -9.23 17.98 78.94
CA LYS L 638 -9.10 18.95 77.87
C LYS L 638 -10.13 18.77 76.79
N LYS L 639 -10.41 19.87 76.09
CA LYS L 639 -11.32 19.85 74.97
C LYS L 639 -10.69 19.01 73.86
N PRO L 640 -11.47 18.20 73.11
CA PRO L 640 -10.99 17.28 72.08
C PRO L 640 -10.60 17.93 70.75
N GLY L 641 -9.61 18.78 70.82
CA GLY L 641 -9.01 19.47 69.70
C GLY L 641 -7.59 18.95 69.58
N GLN L 642 -6.65 19.82 69.23
CA GLN L 642 -5.29 19.36 69.14
C GLN L 642 -4.72 19.27 70.54
N GLN L 643 -4.08 18.15 70.84
CA GLN L 643 -3.48 17.95 72.16
C GLN L 643 -2.04 17.52 71.98
N GLU L 644 -1.20 17.84 72.95
CA GLU L 644 0.22 17.46 72.89
C GLU L 644 0.39 15.95 72.80
N ASN L 645 -0.54 15.24 73.41
CA ASN L 645 -0.55 13.79 73.48
C ASN L 645 -0.84 13.13 72.14
N GLU L 646 -1.02 13.89 71.08
CA GLU L 646 -1.18 13.25 69.79
C GLU L 646 0.11 12.50 69.42
N PHE L 647 1.23 12.86 70.07
CA PHE L 647 2.49 12.21 69.79
C PHE L 647 2.90 11.19 70.87
N TYR L 648 2.04 10.96 71.88
CA TYR L 648 2.42 10.08 72.97
C TYR L 648 1.28 9.50 73.81
N GLU L 649 1.54 8.41 74.51
CA GLU L 649 0.56 7.90 75.46
C GLU L 649 0.53 8.88 76.61
N ALA L 650 -0.65 9.20 77.14
CA ALA L 650 -0.73 10.24 78.15
C ALA L 650 -1.81 9.94 79.18
N GLU L 651 -1.64 10.53 80.36
CA GLU L 651 -2.60 10.40 81.44
C GLU L 651 -2.95 11.79 81.96
N ASP L 652 -4.13 11.91 82.55
CA ASP L 652 -4.63 13.17 83.11
C ASP L 652 -4.54 13.36 84.62
N LYS L 653 -3.88 12.49 85.35
CA LYS L 653 -3.85 12.68 86.80
C LYS L 653 -3.01 13.89 87.21
N LEU L 654 -3.56 14.74 88.08
CA LEU L 654 -2.84 15.90 88.59
C LEU L 654 -2.32 15.62 89.98
N ASN L 655 -3.23 15.15 90.85
CA ASN L 655 -2.86 14.82 92.23
C ASN L 655 -3.87 13.87 92.88
N GLN L 656 -3.56 13.48 94.13
CA GLN L 656 -4.44 12.60 94.90
C GLN L 656 -4.36 12.75 96.41
N VAL L 657 -5.51 12.72 97.07
CA VAL L 657 -5.49 12.72 98.54
C VAL L 657 -6.21 11.46 99.03
N SER L 658 -5.53 10.76 99.93
CA SER L 658 -6.04 9.51 100.47
C SER L 658 -6.61 9.73 101.86
N CYS L 659 -7.91 9.45 102.00
CA CYS L 659 -8.57 9.67 103.28
C CYS L 659 -9.21 8.42 103.88
N PHE L 660 -9.19 8.41 105.20
CA PHE L 660 -9.83 7.42 106.05
C PHE L 660 -11.03 8.04 106.74
N VAL L 661 -12.14 7.29 106.85
CA VAL L 661 -13.29 7.88 107.55
C VAL L 661 -13.40 7.30 108.95
N ASN L 662 -13.20 8.16 109.94
CA ASN L 662 -13.20 7.74 111.33
C ASN L 662 -14.56 8.01 111.94
N LEU L 663 -14.71 7.64 113.22
CA LEU L 663 -15.90 7.89 114.03
C LEU L 663 -15.49 8.18 115.48
N GLU L 664 -15.84 9.34 116.01
CA GLU L 664 -15.54 9.70 117.40
C GLU L 664 -16.79 9.50 118.25
N TYR L 665 -16.68 8.77 119.35
CA TYR L 665 -17.86 8.55 120.20
C TYR L 665 -17.97 9.66 121.20
N THR L 666 -19.09 10.38 121.12
CA THR L 666 -19.34 11.56 121.93
C THR L 666 -20.72 11.51 122.60
N PRO L 667 -20.89 10.73 123.68
CA PRO L 667 -22.13 10.52 124.40
C PRO L 667 -22.59 11.83 125.00
N GLN L 668 -23.91 11.98 125.19
CA GLN L 668 -24.46 13.18 125.81
C GLN L 668 -25.33 12.83 127.05
N PRO L 669 -24.75 12.50 128.28
CA PRO L 669 -25.45 12.05 129.48
C PRO L 669 -26.66 12.93 129.86
N GLN L 682 -31.44 14.35 120.90
CA GLN L 682 -29.99 14.34 121.11
C GLN L 682 -29.32 14.14 119.75
N LEU L 683 -27.95 14.17 119.72
CA LEU L 683 -27.13 13.91 118.53
C LEU L 683 -26.94 12.41 118.34
N PRO L 684 -26.76 11.93 117.12
CA PRO L 684 -26.33 10.60 116.86
C PRO L 684 -24.98 10.50 117.61
N PRO L 685 -24.72 9.47 118.43
CA PRO L 685 -23.50 9.28 119.22
C PRO L 685 -22.13 9.27 118.50
N LEU L 686 -22.07 8.96 117.20
CA LEU L 686 -20.77 8.97 116.54
C LEU L 686 -20.57 10.13 115.57
N THR L 687 -19.49 10.87 115.79
CA THR L 687 -19.15 12.02 114.98
C THR L 687 -18.06 11.62 113.98
N PRO L 688 -18.32 11.57 112.69
CA PRO L 688 -17.39 11.10 111.71
C PRO L 688 -16.28 12.10 111.49
N ALA L 689 -15.19 11.61 110.94
CA ALA L 689 -14.10 12.50 110.56
C ALA L 689 -13.40 12.05 109.30
N ILE L 690 -12.94 13.02 108.54
CA ILE L 690 -12.18 12.73 107.34
C ILE L 690 -10.75 12.93 107.68
N VAL L 691 -9.99 11.84 107.69
CA VAL L 691 -8.63 11.89 108.11
C VAL L 691 -7.71 11.75 106.93
N ILE L 692 -6.85 12.72 106.72
CA ILE L 692 -5.94 12.58 105.61
C ILE L 692 -4.80 11.69 106.06
N THR L 693 -4.60 10.60 105.33
CA THR L 693 -3.55 9.66 105.72
C THR L 693 -2.37 9.82 104.77
N ASP L 694 -2.64 10.38 103.59
CA ASP L 694 -1.57 10.68 102.64
C ASP L 694 -1.98 11.75 101.63
N VAL L 695 -0.98 12.51 101.17
CA VAL L 695 -1.13 13.53 100.13
C VAL L 695 -0.07 13.32 99.07
N ARG L 696 -0.48 13.11 97.82
CA ARG L 696 0.49 12.89 96.77
C ARG L 696 0.23 13.72 95.54
N GLN L 697 1.27 13.95 94.78
CA GLN L 697 1.16 14.60 93.49
C GLN L 697 1.16 13.50 92.48
N ALA L 698 0.68 13.76 91.27
CA ALA L 698 0.75 12.73 90.25
C ALA L 698 2.20 12.39 89.98
N GLU L 699 2.44 11.17 89.54
CA GLU L 699 3.76 10.61 89.25
C GLU L 699 4.51 11.37 88.17
N TRP L 700 3.77 12.15 87.41
CA TRP L 700 4.31 12.96 86.35
C TRP L 700 5.10 14.15 86.87
N LEU L 701 4.79 14.60 88.08
CA LEU L 701 5.41 15.77 88.67
C LEU L 701 6.48 15.42 89.66
N LYS L 702 7.72 15.79 89.35
CA LYS L 702 8.81 15.42 90.24
C LYS L 702 8.87 16.25 91.54
N ALA L 703 8.45 17.51 91.47
CA ALA L 703 8.50 18.46 92.59
C ALA L 703 7.47 18.22 93.70
N ASN L 704 7.87 18.54 94.92
CA ASN L 704 6.98 18.48 96.09
C ASN L 704 7.11 19.76 96.91
N THR L 705 6.17 20.67 96.76
CA THR L 705 6.23 21.99 97.38
C THR L 705 4.97 22.30 98.19
N MET L 706 5.02 23.39 98.96
CA MET L 706 3.88 23.81 99.78
C MET L 706 2.65 24.13 98.94
N GLU L 707 2.86 24.76 97.80
CA GLU L 707 1.74 25.14 96.96
C GLU L 707 1.07 23.91 96.42
N LEU L 708 1.87 22.94 96.00
CA LEU L 708 1.32 21.72 95.46
C LEU L 708 0.55 20.92 96.51
N TYR L 709 1.09 20.91 97.74
CA TYR L 709 0.46 20.19 98.84
C TYR L 709 -0.91 20.78 99.13
N LEU L 710 -0.96 22.12 99.27
CA LEU L 710 -2.17 22.84 99.56
C LEU L 710 -3.22 22.73 98.49
N PHE L 711 -2.80 22.76 97.23
CA PHE L 711 -3.78 22.63 96.18
C PHE L 711 -4.40 21.23 96.29
N ALA L 712 -3.56 20.20 96.47
CA ALA L 712 -4.04 18.83 96.58
C ALA L 712 -4.97 18.64 97.77
N LEU L 713 -4.77 19.35 98.87
CA LEU L 713 -5.63 19.17 100.06
C LEU L 713 -7.10 19.47 99.80
N SER L 714 -7.40 20.23 98.75
CA SER L 714 -8.79 20.58 98.46
C SER L 714 -9.57 19.32 98.04
N ASN L 715 -8.82 18.27 97.71
CA ASN L 715 -9.39 16.99 97.34
C ASN L 715 -10.03 16.35 98.55
N ALA L 716 -9.48 16.57 99.76
CA ALA L 716 -10.11 15.97 100.90
C ALA L 716 -11.39 16.70 101.16
N PHE L 717 -11.38 18.01 100.96
CA PHE L 717 -12.59 18.78 101.25
C PHE L 717 -13.78 18.27 100.48
N ARG L 718 -13.57 18.02 99.20
CA ARG L 718 -14.64 17.59 98.31
C ARG L 718 -15.13 16.17 98.52
N VAL L 719 -14.46 15.37 99.37
CA VAL L 719 -14.86 13.98 99.58
C VAL L 719 -16.20 13.97 100.29
N THR L 720 -16.56 15.08 100.92
CA THR L 720 -17.80 15.12 101.66
C THR L 720 -18.92 15.74 100.86
N ALA L 721 -18.71 15.90 99.55
CA ALA L 721 -19.82 16.43 98.77
C ALA L 721 -20.99 15.47 98.96
N ASN L 722 -22.17 16.04 99.12
CA ASN L 722 -23.38 15.27 99.33
C ASN L 722 -23.19 14.30 100.51
N GLN L 723 -23.37 13.01 100.27
CA GLN L 723 -23.19 12.00 101.31
C GLN L 723 -22.24 10.96 100.80
N SER L 724 -21.40 11.35 99.83
CA SER L 724 -20.49 10.40 99.20
C SER L 724 -19.53 9.78 100.21
N TRP L 725 -19.06 10.58 101.14
CA TRP L 725 -18.11 10.11 102.13
C TRP L 725 -18.63 8.94 102.96
N ALA L 726 -19.97 8.84 103.10
CA ALA L 726 -20.58 7.84 103.97
C ALA L 726 -20.63 6.48 103.32
N ARG L 727 -20.22 6.37 102.07
CA ARG L 727 -20.22 5.07 101.41
C ARG L 727 -19.19 4.17 102.06
N SER L 728 -18.24 4.79 102.77
CA SER L 728 -17.17 4.09 103.46
C SER L 728 -17.71 3.28 104.64
N LEU L 729 -18.94 3.60 105.05
CA LEU L 729 -19.55 2.95 106.18
C LEU L 729 -20.39 1.75 105.75
N LEU L 730 -20.49 1.50 104.44
CA LEU L 730 -21.27 0.35 103.97
C LEU L 730 -20.66 -0.99 104.35
N PRO L 731 -21.51 -2.01 104.52
CA PRO L 731 -21.07 -3.39 104.34
C PRO L 731 -20.69 -3.67 102.89
N GLN L 732 -19.88 -4.72 102.69
CA GLN L 732 -19.38 -5.19 101.39
C GLN L 732 -19.44 -6.74 101.30
N LEU L 733 -19.32 -7.28 100.07
CA LEU L 733 -19.66 -8.66 99.69
C LEU L 733 -19.14 -9.77 100.62
N GLY L 734 -20.04 -10.67 101.05
CA GLY L 734 -19.76 -12.06 101.42
C GLY L 734 -18.92 -12.33 102.68
N LYS L 735 -18.30 -11.32 103.29
CA LYS L 735 -17.40 -11.46 104.45
C LYS L 735 -18.10 -12.06 105.66
N VAL L 736 -17.64 -13.23 106.13
CA VAL L 736 -18.27 -14.01 107.22
C VAL L 736 -18.06 -13.35 108.59
N LYS L 737 -16.81 -12.97 108.91
CA LYS L 737 -16.44 -12.18 110.09
C LYS L 737 -15.31 -11.23 109.73
N ASP L 738 -15.59 -9.93 109.55
CA ASP L 738 -14.55 -8.94 109.26
C ASP L 738 -14.80 -7.58 109.93
N MET L 739 -13.75 -6.79 110.10
CA MET L 739 -13.65 -5.74 111.11
C MET L 739 -14.37 -4.41 110.88
N ARG L 740 -14.75 -3.94 109.67
CA ARG L 740 -15.20 -2.55 109.58
C ARG L 740 -16.70 -2.51 109.49
N ASP L 741 -17.33 -3.65 109.76
CA ASP L 741 -18.76 -3.80 109.67
C ASP L 741 -19.53 -2.82 110.52
N ILE L 742 -20.40 -2.05 109.86
CA ILE L 742 -21.23 -1.05 110.51
C ILE L 742 -22.14 -1.69 111.51
N GLY L 743 -22.42 -2.96 111.36
CA GLY L 743 -23.32 -3.62 112.28
C GLY L 743 -22.79 -3.61 113.71
N ALA L 744 -21.49 -3.35 113.88
CA ALA L 744 -20.90 -3.28 115.20
C ALA L 744 -21.44 -2.10 115.98
N ILE L 745 -21.96 -1.13 115.25
CA ILE L 745 -22.47 0.13 115.74
C ILE L 745 -23.67 -0.12 116.64
N GLY L 746 -24.32 -1.28 116.44
CA GLY L 746 -25.48 -1.67 117.19
C GLY L 746 -25.12 -1.95 118.65
N TYR L 747 -23.82 -2.11 118.94
CA TYR L 747 -23.44 -2.35 120.31
C TYR L 747 -23.43 -1.04 121.10
N LEU L 748 -23.27 0.11 120.42
CA LEU L 748 -23.27 1.39 121.12
C LEU L 748 -24.66 2.00 121.09
N SER L 749 -25.44 1.61 120.08
CA SER L 749 -26.80 2.11 119.92
C SER L 749 -27.69 1.37 120.91
N ARG L 750 -28.95 1.78 120.97
CA ARG L 750 -29.94 1.17 121.85
C ARG L 750 -30.03 -0.35 121.74
N LEU L 751 -29.69 -0.92 120.59
CA LEU L 751 -29.81 -2.35 120.39
C LEU L 751 -28.90 -3.15 121.31
N ALA L 752 -27.72 -2.62 121.64
CA ALA L 752 -26.73 -3.34 122.43
C ALA L 752 -26.46 -4.71 121.81
N ALA L 753 -26.39 -4.74 120.49
CA ALA L 753 -26.21 -5.97 119.76
C ALA L 753 -25.63 -5.72 118.38
N ARG L 754 -25.01 -6.71 117.78
CA ARG L 754 -24.55 -6.51 116.43
C ARG L 754 -25.78 -6.57 115.54
N VAL L 755 -25.81 -5.70 114.57
CA VAL L 755 -26.89 -5.64 113.60
C VAL L 755 -26.62 -6.71 112.56
N GLU L 756 -27.63 -7.44 112.16
CA GLU L 756 -27.41 -8.44 111.15
C GLU L 756 -27.34 -7.72 109.80
N THR L 757 -26.11 -7.35 109.42
CA THR L 757 -25.86 -6.55 108.21
C THR L 757 -25.26 -7.28 107.02
N LYS L 758 -24.64 -8.43 107.24
CA LYS L 758 -23.93 -9.12 106.17
C LYS L 758 -24.80 -10.08 105.36
N THR L 759 -26.07 -10.19 105.73
CA THR L 759 -26.92 -11.21 105.15
C THR L 759 -27.86 -10.60 104.12
N GLU L 760 -28.54 -11.48 103.40
CA GLU L 760 -29.49 -11.13 102.35
C GLU L 760 -30.76 -10.45 102.87
N THR L 761 -30.96 -10.45 104.18
CA THR L 761 -32.16 -9.86 104.75
C THR L 761 -31.92 -8.41 105.20
N PHE L 762 -30.68 -7.92 105.07
CA PHE L 762 -30.40 -6.54 105.46
C PHE L 762 -30.61 -5.66 104.24
N THR L 763 -31.39 -4.62 104.41
CA THR L 763 -31.75 -3.73 103.31
C THR L 763 -30.96 -2.43 103.30
N ASP L 764 -31.05 -1.72 102.17
CA ASP L 764 -30.45 -0.39 101.99
C ASP L 764 -31.11 0.58 102.96
N GLN L 765 -32.41 0.40 103.17
CA GLN L 765 -33.15 1.23 104.08
C GLN L 765 -32.66 1.02 105.50
N ASN L 766 -32.34 -0.23 105.86
CA ASN L 766 -31.89 -0.45 107.23
C ASN L 766 -30.53 0.18 107.42
N PHE L 767 -29.70 0.14 106.37
CA PHE L 767 -28.39 0.78 106.45
C PHE L 767 -28.53 2.26 106.69
N ALA L 768 -29.39 2.90 105.90
CA ALA L 768 -29.58 4.33 106.02
C ALA L 768 -30.04 4.70 107.42
N GLU L 769 -30.91 3.86 108.00
CA GLU L 769 -31.40 4.08 109.35
C GLU L 769 -30.30 3.98 110.39
N LEU L 770 -29.35 3.05 110.19
CA LEU L 770 -28.29 2.96 111.19
C LEU L 770 -27.54 4.27 111.18
N LEU L 771 -27.26 4.79 109.98
CA LEU L 771 -26.59 6.08 109.94
C LEU L 771 -27.45 7.22 110.48
N TYR L 772 -28.74 7.23 110.19
CA TYR L 772 -29.56 8.33 110.64
C TYR L 772 -29.55 8.46 112.16
N ASN L 773 -29.59 7.33 112.84
CA ASN L 773 -29.60 7.35 114.29
C ASN L 773 -28.23 7.38 114.96
N MET L 774 -27.21 6.75 114.36
CA MET L 774 -25.89 6.69 114.98
C MET L 774 -24.78 7.61 114.47
N VAL L 775 -24.87 8.12 113.23
CA VAL L 775 -23.77 8.90 112.69
C VAL L 775 -24.17 10.32 112.27
N ARG L 776 -23.47 11.31 112.81
CA ARG L 776 -23.76 12.69 112.47
C ARG L 776 -23.41 12.93 110.99
N PRO L 777 -24.26 13.59 110.21
CA PRO L 777 -24.10 13.82 108.77
C PRO L 777 -22.93 14.71 108.31
N SER L 778 -22.34 15.48 109.22
CA SER L 778 -21.24 16.39 108.86
C SER L 778 -19.96 16.04 109.62
N PRO L 779 -18.93 15.45 108.96
CA PRO L 779 -17.69 15.00 109.54
C PRO L 779 -16.72 16.14 109.83
N VAL L 780 -15.80 15.86 110.74
CA VAL L 780 -14.69 16.73 111.08
C VAL L 780 -13.47 16.47 110.20
N PHE L 781 -12.86 17.50 109.63
CA PHE L 781 -11.66 17.26 108.83
C PHE L 781 -10.42 17.32 109.71
N MET L 782 -9.50 16.38 109.50
CA MET L 782 -8.25 16.31 110.23
C MET L 782 -7.17 15.60 109.44
N SER L 783 -5.94 15.65 109.94
CA SER L 783 -4.82 14.99 109.24
C SER L 783 -3.70 14.48 110.14
N ASP L 784 -2.97 13.51 109.57
CA ASP L 784 -1.80 12.93 110.22
C ASP L 784 -0.50 13.45 109.60
N LEU L 785 0.28 14.18 110.40
CA LEU L 785 1.53 14.81 109.93
C LEU L 785 2.76 14.04 110.41
N ASN L 786 3.50 13.45 109.47
CA ASN L 786 4.62 12.58 109.83
C ASN L 786 5.97 13.25 109.61
N ARG L 787 6.67 13.52 110.71
CA ARG L 787 7.94 14.24 110.68
C ARG L 787 9.00 13.59 109.84
N PHE L 788 8.85 12.28 109.65
CA PHE L 788 9.75 11.44 108.89
C PHE L 788 9.16 10.91 107.58
N GLY L 789 8.04 11.49 107.12
CA GLY L 789 7.45 11.02 105.87
C GLY L 789 8.07 11.73 104.66
N ASP L 790 7.66 11.37 103.45
CA ASP L 790 8.25 12.00 102.26
C ASP L 790 7.84 13.47 102.09
N ASN L 791 6.77 13.84 102.75
CA ASN L 791 6.28 15.20 102.69
C ASN L 791 6.72 15.96 103.93
N ALA L 792 7.63 15.38 104.71
CA ALA L 792 8.03 15.98 106.00
C ALA L 792 8.49 17.40 105.89
N ALA L 793 9.15 17.78 104.81
CA ALA L 793 9.58 19.16 104.71
C ALA L 793 8.40 20.12 104.85
N ILE L 794 7.24 19.71 104.33
CA ILE L 794 6.04 20.51 104.32
C ILE L 794 5.18 20.22 105.54
N GLU L 795 5.02 18.94 105.88
CA GLU L 795 4.17 18.53 106.98
C GLU L 795 4.69 19.08 108.29
N ASN L 796 6.00 19.25 108.40
CA ASN L 796 6.62 19.81 109.59
C ASN L 796 6.26 21.27 109.77
N VAL L 797 5.88 21.96 108.68
CA VAL L 797 5.50 23.35 108.77
C VAL L 797 4.13 23.34 109.38
N PHE L 798 3.29 22.43 108.88
CA PHE L 798 1.93 22.31 109.40
C PHE L 798 1.97 21.89 110.87
N ILE L 799 2.95 21.06 111.26
CA ILE L 799 3.04 20.73 112.68
C ILE L 799 3.42 21.99 113.45
N ASP L 800 4.41 22.76 112.97
CA ASP L 800 4.81 23.97 113.69
C ASP L 800 3.73 25.05 113.71
N ALA L 801 2.80 25.01 112.76
CA ALA L 801 1.69 25.95 112.72
C ALA L 801 0.80 25.79 113.97
N LEU L 802 0.96 24.67 114.70
CA LEU L 802 0.22 24.34 115.91
C LEU L 802 0.74 25.06 117.17
N GLY L 803 1.98 25.56 117.16
CA GLY L 803 2.51 26.19 118.37
C GLY L 803 4.03 26.31 118.34
N GLY L 804 4.64 26.67 119.46
CA GLY L 804 6.09 26.77 119.51
C GLY L 804 6.65 28.13 119.10
N VAL L 805 7.97 28.22 119.07
CA VAL L 805 8.69 29.46 118.81
C VAL L 805 8.42 30.04 117.42
N ASN L 806 8.17 29.19 116.46
CA ASN L 806 7.92 29.65 115.12
C ASN L 806 6.48 29.48 114.70
N GLN L 807 5.53 29.42 115.64
CA GLN L 807 4.17 29.19 115.16
C GLN L 807 3.68 30.18 114.12
N GLN L 808 3.95 31.46 114.33
CA GLN L 808 3.44 32.46 113.39
C GLN L 808 4.19 32.44 112.08
N ARG L 809 5.38 31.86 112.10
CA ARG L 809 6.21 31.81 110.93
C ARG L 809 5.79 30.61 110.09
N ALA L 810 5.41 29.53 110.77
CA ALA L 810 4.92 28.34 110.11
C ALA L 810 3.61 28.70 109.43
N VAL L 811 2.77 29.46 110.14
CA VAL L 811 1.57 29.96 109.53
C VAL L 811 1.88 30.85 108.36
N ALA L 812 2.83 31.79 108.51
CA ALA L 812 3.12 32.63 107.36
C ALA L 812 3.53 31.82 106.13
N ALA L 813 4.31 30.74 106.34
CA ALA L 813 4.73 29.89 105.21
C ALA L 813 3.54 29.21 104.49
N ILE L 814 2.56 28.77 105.27
CA ILE L 814 1.40 28.09 104.72
C ILE L 814 0.47 29.06 104.03
N ILE L 815 0.24 30.19 104.66
CA ILE L 815 -0.65 31.20 104.11
C ILE L 815 -0.04 31.75 102.85
N ALA L 816 1.28 31.98 102.86
CA ALA L 816 1.95 32.40 101.65
C ALA L 816 1.79 31.36 100.56
N GLY L 817 1.88 30.06 100.91
CA GLY L 817 1.70 29.03 99.89
C GLY L 817 0.30 29.09 99.29
N VAL L 818 -0.72 29.38 100.12
CA VAL L 818 -2.05 29.43 99.53
C VAL L 818 -2.11 30.63 98.61
N ASN L 819 -1.57 31.77 99.06
CA ASN L 819 -1.59 32.97 98.26
C ASN L 819 -0.76 32.85 97.00
N ASN L 820 0.29 32.02 97.02
CA ASN L 820 1.06 31.84 95.81
C ASN L 820 0.20 31.09 94.81
N LEU L 821 -0.63 30.15 95.30
CA LEU L 821 -1.52 29.43 94.40
C LEU L 821 -2.54 30.30 93.74
N ILE L 822 -3.11 31.23 94.52
CA ILE L 822 -4.22 32.05 94.02
C ILE L 822 -3.92 33.51 93.62
N GLY L 823 -2.71 34.03 93.88
CA GLY L 823 -2.42 35.42 93.53
C GLY L 823 -2.88 36.39 94.62
N GLY L 824 -2.92 35.90 95.86
CA GLY L 824 -3.35 36.68 97.02
C GLY L 824 -4.85 36.53 97.33
N GLY L 825 -5.26 36.99 98.52
CA GLY L 825 -6.67 36.93 98.88
C GLY L 825 -7.14 35.77 99.77
N PHE L 826 -6.24 34.91 100.26
CA PHE L 826 -6.72 33.82 101.13
C PHE L 826 -7.37 34.39 102.35
N GLU L 827 -6.79 35.48 102.83
CA GLU L 827 -7.18 36.26 103.99
C GLU L 827 -8.61 36.80 103.91
N LYS L 828 -9.21 36.76 102.72
CA LYS L 828 -10.57 37.23 102.55
C LYS L 828 -11.57 36.12 102.85
N PHE L 829 -11.06 34.90 102.94
CA PHE L 829 -11.86 33.70 103.19
C PHE L 829 -11.52 33.13 104.57
N PHE L 830 -10.28 33.33 105.00
CA PHE L 830 -9.75 32.86 106.28
C PHE L 830 -8.74 33.83 106.86
N ASP L 831 -9.09 34.49 107.95
CA ASP L 831 -8.15 35.39 108.56
C ASP L 831 -7.19 34.65 109.48
N HIS L 832 -5.95 34.51 109.06
CA HIS L 832 -4.95 33.75 109.78
C HIS L 832 -4.43 34.50 110.99
N ASN L 833 -4.82 35.76 111.13
CA ASN L 833 -4.44 36.52 112.29
C ASN L 833 -5.51 36.43 113.37
N THR L 834 -6.58 35.68 113.08
CA THR L 834 -7.67 35.46 114.02
C THR L 834 -7.80 33.97 114.34
N MET L 835 -7.55 33.13 113.33
CA MET L 835 -7.76 31.70 113.47
C MET L 835 -6.53 30.88 113.11
N PRO L 836 -6.25 29.75 113.81
CA PRO L 836 -5.19 28.80 113.53
C PRO L 836 -5.52 28.02 112.29
N ILE L 837 -4.49 27.56 111.58
CA ILE L 837 -4.70 26.71 110.41
C ILE L 837 -5.17 25.31 110.84
N ILE L 838 -4.47 24.77 111.83
CA ILE L 838 -4.75 23.45 112.40
C ILE L 838 -4.82 23.60 113.92
N GLN L 839 -5.81 23.00 114.56
CA GLN L 839 -5.86 23.01 116.00
C GLN L 839 -5.22 21.69 116.48
N PRO L 840 -4.43 21.62 117.55
CA PRO L 840 -3.86 20.37 118.04
C PRO L 840 -4.95 19.37 118.36
N TYR L 841 -4.74 18.09 117.98
CA TYR L 841 -5.71 17.05 118.32
C TYR L 841 -5.71 16.76 119.81
N GLY L 842 -4.50 16.67 120.38
CA GLY L 842 -4.30 16.31 121.78
C GLY L 842 -3.48 15.04 121.81
N THR L 843 -4.17 13.92 121.70
CA THR L 843 -3.57 12.59 121.65
C THR L 843 -2.70 12.49 120.38
N ASP L 844 -1.49 11.90 120.48
CA ASP L 844 -0.63 11.78 119.30
C ASP L 844 -1.02 10.55 118.49
N ILE L 845 -0.24 10.25 117.45
CA ILE L 845 -0.62 9.13 116.61
C ILE L 845 0.26 7.94 116.85
N GLN L 846 -0.39 6.85 117.17
CA GLN L 846 0.30 5.59 117.31
C GLN L 846 0.15 4.91 115.95
N LEU L 847 1.28 4.56 115.35
CA LEU L 847 1.32 3.98 114.01
C LEU L 847 1.94 2.62 114.05
N GLY L 848 1.68 1.82 113.04
CA GLY L 848 2.28 0.51 112.98
C GLY L 848 1.53 -0.41 112.05
N TYR L 849 1.99 -1.65 111.98
CA TYR L 849 1.34 -2.64 111.14
C TYR L 849 1.38 -3.99 111.84
N TYR L 850 0.47 -4.83 111.39
CA TYR L 850 0.29 -6.16 111.90
C TYR L 850 0.10 -7.09 110.74
N LEU L 851 0.19 -8.39 110.97
CA LEU L 851 -0.06 -9.29 109.86
C LEU L 851 -1.44 -9.91 109.90
N ASP L 852 -2.02 -10.11 108.73
CA ASP L 852 -3.32 -10.76 108.65
C ASP L 852 -3.18 -12.27 108.60
N GLY L 853 -4.28 -12.99 108.39
CA GLY L 853 -4.26 -14.46 108.42
C GLY L 853 -3.42 -15.13 107.34
N GLU L 854 -3.07 -14.40 106.27
CA GLU L 854 -2.27 -14.94 105.19
C GLU L 854 -0.82 -14.46 105.33
N GLY L 855 -0.56 -13.68 106.39
CA GLY L 855 0.75 -13.11 106.62
C GLY L 855 1.01 -11.80 105.89
N GLU L 856 -0.04 -11.12 105.38
CA GLU L 856 0.19 -9.87 104.65
C GLU L 856 0.20 -8.71 105.62
N LYS L 857 0.90 -7.64 105.26
CA LYS L 857 0.93 -6.49 106.14
C LYS L 857 -0.35 -5.69 106.07
N GLN L 858 -0.85 -5.27 107.23
CA GLN L 858 -2.03 -4.43 107.31
C GLN L 858 -1.81 -3.28 108.31
N ASP L 859 -2.40 -2.14 108.00
CA ASP L 859 -2.31 -0.94 108.83
C ASP L 859 -3.05 -1.08 110.17
N ARG L 860 -2.38 -0.80 111.29
CA ARG L 860 -3.01 -0.99 112.61
C ARG L 860 -4.24 -0.10 112.81
N ARG L 861 -4.40 0.91 111.95
CA ARG L 861 -5.53 1.84 111.98
C ARG L 861 -6.85 1.12 111.72
N ASP L 862 -6.79 -0.16 111.31
CA ASP L 862 -7.99 -0.97 111.12
C ASP L 862 -8.81 -1.06 112.41
N LEU L 863 -8.16 -1.03 113.59
CA LEU L 863 -8.97 -1.09 114.81
C LEU L 863 -9.45 0.27 115.26
N ASP L 864 -10.44 0.75 114.51
CA ASP L 864 -11.15 2.00 114.70
C ASP L 864 -12.36 1.66 115.55
N VAL L 865 -13.36 2.54 115.65
CA VAL L 865 -14.47 2.21 116.53
C VAL L 865 -15.18 0.93 116.15
N LEU L 866 -15.52 0.74 114.88
CA LEU L 866 -16.23 -0.47 114.51
C LEU L 866 -15.34 -1.68 114.70
N GLY L 867 -14.05 -1.49 114.42
CA GLY L 867 -13.05 -2.54 114.55
C GLY L 867 -12.97 -3.06 115.96
N ALA L 868 -12.79 -2.17 116.92
CA ALA L 868 -12.71 -2.55 118.32
C ALA L 868 -14.03 -3.15 118.82
N LEU L 869 -15.18 -2.63 118.33
CA LEU L 869 -16.47 -3.18 118.75
C LEU L 869 -16.59 -4.63 118.28
N ASN L 870 -16.09 -4.90 117.07
CA ASN L 870 -16.11 -6.26 116.57
C ASN L 870 -15.08 -7.13 117.27
N ALA L 871 -13.90 -6.57 117.58
CA ALA L 871 -12.83 -7.32 118.20
C ALA L 871 -13.19 -7.83 119.59
N SER L 872 -13.95 -7.02 120.33
CA SER L 872 -14.37 -7.38 121.69
C SER L 872 -15.69 -8.16 121.68
N ASP L 873 -16.26 -8.38 120.49
CA ASP L 873 -17.53 -9.07 120.31
C ASP L 873 -18.63 -8.44 121.17
N GLY L 874 -18.69 -7.11 121.18
CA GLY L 874 -19.71 -6.45 121.96
C GLY L 874 -19.39 -6.18 123.41
N ASN L 875 -18.21 -6.57 123.87
CA ASN L 875 -17.94 -6.30 125.26
C ASN L 875 -17.57 -4.84 125.34
N ILE L 876 -18.56 -4.04 125.71
CA ILE L 876 -18.42 -2.61 125.82
C ILE L 876 -17.48 -2.22 126.92
N GLN L 877 -17.47 -2.93 128.02
CA GLN L 877 -16.53 -2.51 129.04
C GLN L 877 -15.09 -2.57 128.48
N GLU L 878 -14.79 -3.61 127.66
CA GLU L 878 -13.48 -3.70 127.03
C GLU L 878 -13.31 -2.63 125.96
N TRP L 879 -14.38 -2.36 125.21
CA TRP L 879 -14.35 -1.35 124.16
C TRP L 879 -14.08 0.01 124.72
N MET L 880 -14.74 0.36 125.81
CA MET L 880 -14.62 1.64 126.44
C MET L 880 -13.27 1.82 127.05
N SER L 881 -12.68 0.73 127.56
CA SER L 881 -11.35 0.86 128.11
C SER L 881 -10.40 1.19 126.96
N TRP L 882 -10.60 0.49 125.82
CA TRP L 882 -9.83 0.75 124.61
C TRP L 882 -9.99 2.15 124.10
N TYR L 883 -11.23 2.60 124.03
CA TYR L 883 -11.56 3.90 123.51
C TYR L 883 -10.92 4.98 124.38
N GLY L 884 -11.11 4.90 125.70
CA GLY L 884 -10.60 5.88 126.65
C GLY L 884 -9.09 6.00 126.57
N THR L 885 -8.43 4.88 126.26
CA THR L 885 -6.97 4.85 126.15
C THR L 885 -6.43 5.97 125.24
N GLN L 886 -7.10 6.27 124.11
CA GLN L 886 -6.60 7.30 123.22
C GLN L 886 -7.43 8.59 123.24
N CYS L 887 -8.33 8.72 124.21
CA CYS L 887 -9.19 9.89 124.29
C CYS L 887 -8.93 10.72 125.54
N ASN L 888 -8.59 10.07 126.65
CA ASN L 888 -8.37 10.88 127.82
C ASN L 888 -6.95 11.40 127.80
N VAL L 889 -6.82 12.63 127.36
CA VAL L 889 -5.54 13.28 127.18
C VAL L 889 -4.77 13.48 128.49
N ALA L 890 -5.47 13.35 129.61
CA ALA L 890 -4.88 13.50 130.94
C ALA L 890 -4.01 12.30 131.32
N VAL L 891 -4.15 11.19 130.60
CA VAL L 891 -3.39 9.99 130.91
C VAL L 891 -2.01 10.12 130.34
N HIS L 892 -0.97 9.88 131.12
CA HIS L 892 0.36 10.03 130.56
C HIS L 892 0.46 9.18 129.28
N PRO L 893 1.03 9.71 128.17
CA PRO L 893 1.13 9.03 126.90
C PRO L 893 1.84 7.69 126.92
N GLU L 894 2.71 7.44 127.89
CA GLU L 894 3.36 6.15 127.91
C GLU L 894 2.35 5.09 128.28
N LEU L 895 1.43 5.44 129.16
CA LEU L 895 0.44 4.51 129.63
C LEU L 895 -0.52 4.32 128.51
N ARG L 896 -0.80 5.40 127.77
CA ARG L 896 -1.75 5.26 126.69
C ARG L 896 -1.19 4.29 125.66
N ALA L 897 0.10 4.42 125.34
CA ALA L 897 0.71 3.55 124.36
C ALA L 897 0.79 2.10 124.82
N ARG L 898 1.12 1.87 126.10
CA ARG L 898 1.22 0.49 126.56
C ARG L 898 -0.13 -0.20 126.53
N GLN L 899 -1.15 0.53 126.97
CA GLN L 899 -2.49 -0.01 127.02
C GLN L 899 -2.98 -0.31 125.61
N SER L 900 -2.65 0.57 124.65
CA SER L 900 -3.07 0.35 123.29
C SER L 900 -2.42 -0.88 122.70
N LYS L 901 -1.13 -1.06 123.01
CA LYS L 901 -0.42 -2.21 122.50
C LYS L 901 -1.02 -3.49 123.08
N ASN L 902 -1.44 -3.44 124.35
CA ASN L 902 -2.05 -4.60 124.96
C ASN L 902 -3.35 -4.94 124.24
N PHE L 903 -4.13 -3.89 123.90
CA PHE L 903 -5.40 -4.13 123.21
C PHE L 903 -5.20 -4.66 121.81
N ASP L 904 -4.20 -4.13 121.09
CA ASP L 904 -3.99 -4.60 119.73
C ASP L 904 -3.57 -6.04 119.76
N ARG L 905 -2.75 -6.44 120.72
CA ARG L 905 -2.39 -7.84 120.71
C ARG L 905 -3.59 -8.72 120.99
N GLN L 906 -4.45 -8.29 121.94
CA GLN L 906 -5.64 -9.08 122.30
C GLN L 906 -6.64 -9.17 121.16
N TYR L 907 -6.90 -8.03 120.57
CA TYR L 907 -7.75 -7.77 119.43
C TYR L 907 -7.27 -8.27 118.03
N LEU L 908 -5.97 -8.49 117.80
CA LEU L 908 -5.40 -9.00 116.57
C LEU L 908 -4.79 -10.41 116.64
N GLY L 909 -4.61 -10.99 117.84
CA GLY L 909 -4.00 -12.33 117.91
C GLY L 909 -2.47 -12.33 117.93
N ASN L 910 -1.89 -11.31 118.60
CA ASN L 910 -0.43 -11.13 118.72
C ASN L 910 0.25 -11.03 117.36
N SER L 911 -0.39 -10.34 116.42
CA SER L 911 0.14 -10.18 115.07
C SER L 911 0.80 -8.84 114.82
N VAL L 912 0.95 -8.01 115.84
CA VAL L 912 1.57 -6.70 115.67
C VAL L 912 3.06 -6.88 115.57
N THR L 913 3.67 -6.15 114.68
CA THR L 913 5.06 -5.76 114.55
C THR L 913 5.15 -4.22 114.66
N TYR L 914 5.44 -3.65 115.80
CA TYR L 914 5.35 -2.23 116.08
C TYR L 914 6.36 -1.43 115.25
N THR L 915 6.03 -0.19 114.87
CA THR L 915 6.89 0.61 113.95
C THR L 915 7.14 2.06 114.37
N THR L 916 6.14 2.95 114.54
CA THR L 916 6.42 4.40 114.57
C THR L 916 5.35 5.33 115.23
N ARG L 917 5.65 6.63 115.17
CA ARG L 917 4.97 7.83 115.69
C ARG L 917 4.76 8.99 114.69
N ALA L 918 3.65 9.72 114.88
CA ALA L 918 3.32 10.93 114.08
C ALA L 918 2.44 11.88 114.91
N HIS L 919 2.29 13.13 114.42
CA HIS L 919 1.47 14.12 115.13
C HIS L 919 0.09 14.28 114.50
N ARG L 920 -0.92 14.55 115.32
CA ARG L 920 -2.24 14.73 114.73
C ARG L 920 -2.80 16.10 115.03
N GLY L 921 -3.49 16.62 114.03
CA GLY L 921 -4.18 17.89 114.23
C GLY L 921 -5.51 17.88 113.51
N ILE L 922 -6.36 18.80 113.90
CA ILE L 922 -7.70 18.97 113.37
C ILE L 922 -7.71 20.19 112.50
N TRP L 923 -8.17 20.07 111.28
CA TRP L 923 -8.08 21.26 110.45
C TRP L 923 -9.07 22.26 110.90
N ASN L 924 -8.67 23.52 110.93
CA ASN L 924 -9.65 24.52 111.27
C ASN L 924 -10.67 24.42 110.15
N PRO L 925 -11.96 24.15 110.42
CA PRO L 925 -12.98 24.01 109.41
C PRO L 925 -12.96 25.19 108.45
N LYS L 926 -12.61 26.38 108.96
CA LYS L 926 -12.58 27.55 108.12
C LYS L 926 -11.37 27.58 107.22
N PHE L 927 -10.25 27.01 107.63
CA PHE L 927 -9.05 27.04 106.78
C PHE L 927 -9.32 26.24 105.54
N ILE L 928 -9.85 25.04 105.74
CA ILE L 928 -10.11 24.15 104.61
C ILE L 928 -11.25 24.62 103.74
N GLU L 929 -12.36 25.08 104.34
CA GLU L 929 -13.43 25.58 103.50
C GLU L 929 -12.92 26.76 102.69
N ALA L 930 -12.18 27.65 103.35
CA ALA L 930 -11.59 28.81 102.73
C ALA L 930 -10.58 28.44 101.68
N LEU L 931 -9.85 27.35 101.87
CA LEU L 931 -8.86 26.97 100.87
C LEU L 931 -9.57 26.64 99.58
N ASP L 932 -10.67 25.87 99.68
CA ASP L 932 -11.38 25.50 98.47
C ASP L 932 -12.08 26.71 97.86
N LYS L 933 -12.68 27.58 98.69
CA LYS L 933 -13.36 28.74 98.14
C LYS L 933 -12.40 29.75 97.57
N ALA L 934 -11.26 29.94 98.22
CA ALA L 934 -10.29 30.92 97.80
C ALA L 934 -9.71 30.55 96.46
N ILE L 935 -9.46 29.26 96.25
CA ILE L 935 -9.06 28.82 94.93
C ILE L 935 -10.18 28.95 93.93
N ALA L 936 -11.38 28.50 94.27
CA ALA L 936 -12.48 28.57 93.33
C ALA L 936 -12.81 30.00 92.87
N SER L 937 -12.66 30.95 93.79
CA SER L 937 -12.98 32.36 93.59
C SER L 937 -12.07 33.08 92.63
N VAL L 938 -11.11 32.33 92.07
CA VAL L 938 -10.45 32.50 90.76
C VAL L 938 -10.52 31.15 89.98
N GLY L 939 -10.41 31.13 88.66
CA GLY L 939 -9.91 29.99 87.98
C GLY L 939 -10.91 28.89 87.82
N LEU L 940 -10.45 27.78 87.23
CA LEU L 940 -11.20 26.54 87.00
C LEU L 940 -11.84 26.02 88.29
N THR L 941 -13.15 25.80 88.29
CA THR L 941 -13.73 24.93 89.33
C THR L 941 -13.73 23.46 88.90
N VAL L 942 -13.57 22.55 89.86
CA VAL L 942 -13.59 21.10 89.61
C VAL L 942 -15.00 20.61 89.29
N ALA L 943 -15.17 19.88 88.20
CA ALA L 943 -16.41 19.18 87.90
C ALA L 943 -16.59 17.94 88.80
N MET L 944 -17.69 17.91 89.56
CA MET L 944 -18.06 16.88 90.53
C MET L 944 -18.67 15.63 89.86
N ASP L 945 -17.99 15.10 88.85
CA ASP L 945 -18.43 13.98 88.01
C ASP L 945 -18.58 12.64 88.78
N ASN L 946 -19.22 11.66 88.13
CA ASN L 946 -19.48 10.31 88.64
C ASN L 946 -20.22 10.29 89.99
N VAL L 947 -21.32 11.04 90.07
CA VAL L 947 -22.15 11.19 91.28
C VAL L 947 -22.76 9.86 91.73
N ALA L 948 -23.25 9.04 90.84
CA ALA L 948 -23.45 7.61 90.88
C ALA L 948 -24.29 7.01 92.04
N GLN L 949 -25.41 7.62 92.45
CA GLN L 949 -26.43 6.92 93.26
C GLN L 949 -27.36 6.10 92.36
N ALA M 413 70.97 -8.58 9.56
CA ALA M 413 71.42 -9.05 8.25
C ALA M 413 71.23 -7.96 7.19
N GLY M 414 70.11 -7.19 7.22
CA GLY M 414 69.78 -6.15 6.24
C GLY M 414 70.84 -5.05 6.10
N ASN M 415 71.51 -4.72 7.21
CA ASN M 415 72.53 -3.69 7.19
C ASN M 415 73.78 -4.18 6.47
N LEU M 416 73.94 -5.50 6.42
CA LEU M 416 75.10 -6.13 5.84
C LEU M 416 74.80 -6.48 4.41
N ASN M 417 73.56 -6.84 4.14
CA ASN M 417 73.13 -7.28 2.82
C ASN M 417 73.27 -6.18 1.82
N SER M 418 73.11 -4.94 2.29
CA SER M 418 73.32 -3.76 1.46
C SER M 418 74.54 -3.90 0.57
N ILE M 419 75.64 -4.42 1.13
CA ILE M 419 76.85 -4.57 0.35
C ILE M 419 77.33 -6.02 0.16
N PHE M 420 76.92 -6.95 1.03
CA PHE M 420 77.50 -8.29 0.90
C PHE M 420 76.64 -9.25 0.10
N GLN M 421 75.51 -8.75 -0.41
CA GLN M 421 74.76 -9.38 -1.49
C GLN M 421 75.28 -8.93 -2.87
N ARG M 422 76.10 -7.86 -2.94
CA ARG M 422 76.47 -7.29 -4.22
C ARG M 422 77.51 -8.15 -4.89
N SER M 423 78.40 -8.69 -4.07
CA SER M 423 79.50 -9.49 -4.50
C SER M 423 79.12 -10.94 -4.31
N GLY M 424 79.07 -11.67 -5.41
CA GLY M 424 78.76 -13.08 -5.47
C GLY M 424 77.27 -13.43 -5.53
N ARG M 425 76.97 -14.66 -5.91
CA ARG M 425 75.65 -15.24 -6.21
C ARG M 425 75.56 -16.59 -5.51
N THR M 426 74.38 -17.15 -5.30
CA THR M 426 74.22 -18.53 -4.85
C THR M 426 73.11 -19.25 -5.55
N ASP M 427 73.07 -20.55 -5.36
CA ASP M 427 72.01 -21.42 -5.81
C ASP M 427 71.00 -21.59 -4.67
N GLY M 428 70.00 -22.44 -4.84
CA GLY M 428 69.01 -22.66 -3.79
C GLY M 428 67.65 -22.06 -4.10
N GLY M 429 66.75 -22.16 -3.13
CA GLY M 429 65.37 -21.70 -3.29
C GLY M 429 64.46 -22.86 -3.65
N ASP M 430 63.19 -22.57 -3.82
CA ASP M 430 62.18 -23.57 -4.11
C ASP M 430 62.31 -24.19 -5.50
N ALA M 431 62.46 -25.51 -5.55
CA ALA M 431 62.62 -26.25 -6.80
C ALA M 431 61.42 -26.03 -7.72
N ARG M 432 60.21 -25.88 -7.14
CA ARG M 432 59.03 -25.67 -7.99
C ARG M 432 59.15 -24.35 -8.70
N ALA M 433 59.70 -23.34 -8.02
CA ALA M 433 59.87 -22.04 -8.64
C ALA M 433 60.90 -22.10 -9.75
N SER M 434 61.94 -22.92 -9.55
CA SER M 434 62.95 -23.07 -10.60
C SER M 434 62.32 -23.75 -11.81
N GLU M 435 61.53 -24.81 -11.57
CA GLU M 435 60.81 -25.45 -12.66
C GLU M 435 59.91 -24.49 -13.39
N ALA M 436 59.19 -23.65 -12.63
CA ALA M 436 58.31 -22.69 -13.25
C ALA M 436 59.07 -21.70 -14.11
N LEU M 437 60.22 -21.19 -13.64
CA LEU M 437 61.05 -20.28 -14.43
C LEU M 437 61.53 -20.96 -15.71
N ALA M 438 61.94 -22.22 -15.60
CA ALA M 438 62.41 -22.96 -16.75
C ALA M 438 61.33 -23.25 -17.78
N VAL M 439 60.10 -23.58 -17.33
CA VAL M 439 59.05 -23.86 -18.30
C VAL M 439 58.64 -22.57 -18.97
N PHE M 440 58.61 -21.45 -18.22
CA PHE M 440 58.27 -20.21 -18.88
C PHE M 440 59.34 -19.82 -19.87
N ASN M 441 60.63 -20.05 -19.57
CA ASN M 441 61.67 -19.71 -20.54
C ASN M 441 61.51 -20.54 -21.81
N LYS M 442 61.15 -21.83 -21.65
CA LYS M 442 60.93 -22.69 -22.80
C LYS M 442 59.82 -22.17 -23.68
N LEU M 443 58.71 -21.84 -23.03
CA LEU M 443 57.51 -21.38 -23.73
C LEU M 443 57.75 -20.05 -24.37
N LYS M 444 58.54 -19.19 -23.71
CA LYS M 444 58.87 -17.91 -24.26
C LYS M 444 59.55 -18.12 -25.59
N GLU M 445 60.53 -19.02 -25.63
CA GLU M 445 61.25 -19.25 -26.87
C GLU M 445 60.36 -19.87 -27.94
N GLU M 446 59.44 -20.77 -27.56
CA GLU M 446 58.58 -21.33 -28.59
C GLU M 446 57.69 -20.26 -29.20
N ALA M 447 57.19 -19.35 -28.36
CA ALA M 447 56.33 -18.26 -28.82
C ALA M 447 57.10 -17.33 -29.72
N ILE M 448 58.40 -17.14 -29.46
CA ILE M 448 59.14 -16.25 -30.33
C ILE M 448 59.31 -16.93 -31.69
N ALA M 449 59.69 -18.21 -31.65
CA ALA M 449 59.93 -18.96 -32.88
C ALA M 449 58.72 -19.03 -33.78
N GLN M 450 57.53 -19.12 -33.18
CA GLN M 450 56.30 -19.21 -33.93
C GLN M 450 55.65 -17.88 -34.20
N GLN M 451 56.32 -16.79 -33.82
CA GLN M 451 55.81 -15.44 -33.98
C GLN M 451 54.51 -15.20 -33.26
N ASP M 452 54.35 -15.77 -32.06
CA ASP M 452 53.15 -15.48 -31.31
C ASP M 452 53.53 -14.29 -30.43
N LEU M 453 54.80 -14.26 -30.00
CA LEU M 453 55.34 -13.18 -29.18
C LEU M 453 56.59 -12.57 -29.77
N HIS M 454 56.78 -11.28 -29.58
CA HIS M 454 58.00 -10.61 -29.99
C HIS M 454 59.06 -10.79 -28.93
N ASP M 455 60.33 -10.82 -29.34
CA ASP M 455 61.41 -10.96 -28.37
C ASP M 455 61.77 -9.58 -27.84
N ASP M 456 60.87 -9.01 -27.06
CA ASP M 456 61.03 -7.66 -26.54
C ASP M 456 60.76 -7.58 -25.05
N PHE M 457 60.70 -8.73 -24.39
CA PHE M 457 60.37 -8.76 -22.98
C PHE M 457 61.28 -9.67 -22.21
N LEU M 458 61.36 -9.41 -20.91
CA LEU M 458 62.20 -10.19 -20.05
C LEU M 458 61.40 -10.91 -18.98
N VAL M 459 61.90 -12.05 -18.51
CA VAL M 459 61.27 -12.71 -17.38
C VAL M 459 62.33 -12.81 -16.31
N PHE M 460 62.03 -12.34 -15.10
CA PHE M 460 62.92 -12.41 -13.96
C PHE M 460 62.41 -13.35 -12.88
N ARG M 461 63.29 -13.67 -11.94
CA ARG M 461 63.02 -14.53 -10.79
C ARG M 461 62.86 -13.69 -9.52
N PHE M 462 61.82 -13.95 -8.74
CA PHE M 462 61.66 -13.43 -7.38
C PHE M 462 61.64 -14.62 -6.43
N ASP M 463 62.60 -14.68 -5.51
CA ASP M 463 62.87 -15.96 -4.83
C ASP M 463 63.19 -15.82 -3.33
N ARG M 464 62.97 -16.92 -2.59
CA ARG M 464 62.87 -16.94 -1.12
C ARG M 464 64.17 -16.52 -0.44
N ASP M 465 65.24 -17.21 -0.77
CA ASP M 465 66.52 -17.09 -0.07
C ASP M 465 67.18 -15.72 -0.26
N GLN M 466 66.92 -15.04 -1.39
CA GLN M 466 67.38 -13.66 -1.61
C GLN M 466 66.48 -12.62 -0.92
N ASN M 467 65.16 -12.74 -0.98
CA ASN M 467 64.24 -11.64 -0.66
C ASN M 467 63.40 -11.82 0.61
N ARG M 468 63.51 -12.96 1.32
CA ARG M 468 62.71 -13.28 2.54
C ARG M 468 61.19 -13.14 2.30
N VAL M 469 60.72 -13.85 1.27
CA VAL M 469 59.51 -13.51 0.49
C VAL M 469 58.15 -13.96 1.04
N GLY M 470 58.09 -15.03 1.83
CA GLY M 470 56.86 -15.83 1.91
C GLY M 470 56.71 -16.68 0.65
N TYR M 471 55.93 -16.24 -0.34
CA TYR M 471 55.74 -16.95 -1.62
C TYR M 471 56.65 -16.44 -2.75
N SER M 472 57.22 -17.37 -3.53
CA SER M 472 58.07 -17.10 -4.69
C SER M 472 57.20 -16.64 -5.82
N ALA M 473 57.81 -16.06 -6.85
CA ALA M 473 57.06 -15.55 -7.98
C ALA M 473 57.94 -15.41 -9.21
N LEU M 474 57.32 -15.43 -10.37
CA LEU M 474 58.03 -15.12 -11.60
C LEU M 474 57.61 -13.72 -11.97
N LEU M 475 58.49 -12.95 -12.58
CA LEU M 475 58.10 -11.58 -12.92
C LEU M 475 58.17 -11.29 -14.42
N VAL M 476 57.03 -10.94 -15.02
CA VAL M 476 57.05 -10.63 -16.46
C VAL M 476 57.25 -9.14 -16.63
N VAL M 477 58.30 -8.76 -17.38
CA VAL M 477 58.66 -7.36 -17.50
C VAL M 477 58.84 -6.73 -18.89
N LYS M 478 58.22 -5.55 -19.04
CA LYS M 478 58.37 -4.72 -20.25
C LYS M 478 58.93 -3.39 -19.82
N ARG M 479 59.61 -2.71 -20.74
CA ARG M 479 60.16 -1.40 -20.41
C ARG M 479 59.95 -0.39 -21.52
N ALA M 480 59.87 0.88 -21.13
CA ALA M 480 59.81 1.98 -22.08
C ALA M 480 60.28 3.27 -21.43
N ALA M 481 60.76 4.21 -22.22
CA ALA M 481 61.06 5.53 -21.68
C ALA M 481 59.94 6.44 -22.15
N ILE M 482 59.20 6.98 -21.20
CA ILE M 482 58.04 7.77 -21.52
C ILE M 482 58.23 9.21 -21.10
N ASN M 483 58.36 10.09 -22.09
CA ASN M 483 58.58 11.51 -21.88
C ASN M 483 59.76 11.75 -20.93
N GLY M 484 60.81 10.95 -21.09
CA GLY M 484 62.02 11.06 -20.30
C GLY M 484 62.05 10.18 -19.03
N GLN M 485 60.92 9.60 -18.63
CA GLN M 485 60.92 8.76 -17.43
C GLN M 485 61.14 7.31 -17.78
N GLN M 486 62.08 6.67 -17.13
CA GLN M 486 62.23 5.26 -17.44
C GLN M 486 61.18 4.50 -16.67
N VAL M 487 60.38 3.72 -17.39
CA VAL M 487 59.32 2.98 -16.74
C VAL M 487 59.43 1.47 -16.96
N ILE M 488 59.30 0.75 -15.87
CA ILE M 488 59.29 -0.70 -15.81
C ILE M 488 57.88 -1.11 -15.49
N VAL M 489 57.32 -2.01 -16.26
CA VAL M 489 55.99 -2.48 -15.93
C VAL M 489 56.08 -3.96 -15.67
N THR M 490 55.44 -4.39 -14.60
CA THR M 490 55.51 -5.80 -14.33
C THR M 490 54.24 -6.44 -13.83
N ARG M 491 54.19 -7.74 -14.11
CA ARG M 491 53.14 -8.61 -13.63
C ARG M 491 53.69 -9.88 -13.00
N PRO M 492 53.73 -9.95 -11.67
CA PRO M 492 54.17 -11.09 -10.88
C PRO M 492 53.21 -12.26 -10.99
N LEU M 493 53.74 -13.47 -10.93
CA LEU M 493 52.94 -14.68 -10.90
C LEU M 493 53.38 -15.46 -9.67
N VAL M 494 52.51 -15.46 -8.64
CA VAL M 494 52.84 -16.00 -7.32
C VAL M 494 52.77 -17.51 -7.34
N MET M 495 53.72 -18.19 -6.70
CA MET M 495 53.72 -19.65 -6.70
C MET M 495 53.72 -20.32 -5.32
N PRO M 496 52.55 -20.65 -4.75
CA PRO M 496 52.37 -21.38 -3.51
C PRO M 496 52.91 -22.79 -3.68
N ASN M 497 53.33 -23.44 -2.60
CA ASN M 497 53.84 -24.80 -2.67
C ASN M 497 53.25 -25.62 -1.52
N ASP M 498 52.59 -26.72 -1.83
CA ASP M 498 51.88 -27.51 -0.82
C ASP M 498 52.81 -28.25 0.14
N GLN M 499 54.08 -28.32 -0.24
CA GLN M 499 55.09 -28.99 0.54
C GLN M 499 55.85 -28.01 1.43
N ILE M 500 55.52 -26.71 1.35
CA ILE M 500 56.24 -25.73 2.14
C ILE M 500 55.33 -25.07 3.15
N THR M 501 55.76 -25.09 4.40
CA THR M 501 54.99 -24.47 5.44
C THR M 501 55.31 -22.98 5.49
N LEU M 502 54.27 -22.16 5.55
CA LEU M 502 54.45 -20.73 5.67
C LEU M 502 54.08 -20.36 7.10
N PRO M 503 54.69 -19.33 7.68
CA PRO M 503 54.32 -18.76 8.96
C PRO M 503 52.89 -18.26 8.90
N THR M 504 52.26 -18.37 10.07
CA THR M 504 50.91 -17.98 10.31
C THR M 504 50.71 -16.67 11.01
N LYS M 505 49.49 -16.14 10.89
CA LYS M 505 49.09 -15.01 11.70
C LYS M 505 48.54 -15.57 12.98
N LYS M 506 48.77 -14.87 14.08
CA LYS M 506 48.18 -15.26 15.35
C LYS M 506 46.97 -14.38 15.54
N LEU M 507 45.80 -14.96 15.33
CA LEU M 507 44.58 -14.19 15.35
C LEU M 507 43.91 -14.34 16.69
N THR M 508 43.93 -13.28 17.49
CA THR M 508 43.34 -13.37 18.82
C THR M 508 41.93 -12.85 18.71
N ILE M 509 40.99 -13.68 19.10
CA ILE M 509 39.60 -13.36 18.95
C ILE M 509 38.86 -13.32 20.28
N GLN M 510 38.17 -12.21 20.54
CA GLN M 510 37.42 -12.06 21.78
C GLN M 510 36.08 -12.78 21.66
N ASN M 511 36.10 -14.06 21.96
CA ASN M 511 34.89 -14.86 21.82
C ASN M 511 34.06 -14.75 23.06
N GLY M 512 33.17 -13.77 23.06
CA GLY M 512 32.37 -13.52 24.24
C GLY M 512 33.30 -13.05 25.34
N MET M 513 33.32 -13.77 26.45
CA MET M 513 34.15 -13.40 27.59
C MET M 513 35.58 -13.95 27.56
N HIS M 514 35.95 -14.73 26.55
CA HIS M 514 37.30 -15.30 26.53
C HIS M 514 38.05 -15.15 25.21
N GLN M 515 39.34 -14.81 25.30
CA GLN M 515 40.14 -14.72 24.09
C GLN M 515 40.80 -16.05 23.73
N GLU M 516 40.60 -16.45 22.49
CA GLU M 516 41.17 -17.67 21.93
C GLU M 516 42.02 -17.31 20.73
N THR M 517 43.05 -18.09 20.44
CA THR M 517 43.85 -17.78 19.26
C THR M 517 43.77 -18.84 18.18
N ILE M 518 43.51 -18.39 16.97
CA ILE M 518 43.49 -19.26 15.81
C ILE M 518 44.64 -18.90 14.92
N GLU M 519 45.45 -19.86 14.55
CA GLU M 519 46.53 -19.50 13.66
C GLU M 519 46.16 -19.87 12.25
N ALA M 520 46.58 -19.05 11.31
CA ALA M 520 46.31 -19.38 9.90
C ALA M 520 47.45 -18.93 9.00
N GLU M 521 47.78 -19.78 8.02
CA GLU M 521 48.86 -19.47 7.10
C GLU M 521 48.55 -18.24 6.32
N ALA M 522 49.54 -17.38 6.13
CA ALA M 522 49.26 -16.18 5.33
C ALA M 522 48.85 -16.58 3.92
N ASP M 523 47.79 -15.95 3.41
CA ASP M 523 47.35 -16.24 2.05
C ASP M 523 48.04 -15.28 1.10
N VAL M 524 47.77 -15.38 -0.18
CA VAL M 524 48.43 -14.49 -1.11
C VAL M 524 48.11 -13.02 -0.83
N GLN M 525 46.93 -12.72 -0.26
CA GLN M 525 46.60 -11.33 0.08
C GLN M 525 47.29 -10.83 1.33
N ASP M 526 47.81 -11.74 2.14
CA ASP M 526 48.48 -11.40 3.37
C ASP M 526 49.95 -11.23 3.09
N VAL M 527 50.44 -12.00 2.12
CA VAL M 527 51.83 -11.95 1.72
C VAL M 527 52.12 -10.82 0.76
N PHE M 528 51.27 -10.60 -0.24
CA PHE M 528 51.56 -9.55 -1.21
C PHE M 528 51.17 -8.19 -0.65
N THR M 529 51.98 -7.72 0.27
CA THR M 529 51.81 -6.47 0.99
C THR M 529 52.46 -5.36 0.20
N THR M 530 52.24 -4.12 0.61
CA THR M 530 52.88 -3.00 -0.05
C THR M 530 54.39 -3.19 -0.09
N GLN M 531 54.98 -3.66 1.01
CA GLN M 531 56.41 -3.83 1.01
C GLN M 531 56.84 -4.97 0.08
N TYR M 532 56.02 -6.03 -0.07
CA TYR M 532 56.37 -7.11 -0.99
C TYR M 532 56.52 -6.47 -2.37
N TRP M 533 55.55 -5.61 -2.71
CA TRP M 533 55.57 -4.85 -3.96
C TRP M 533 56.82 -3.99 -4.09
N ASN M 534 57.20 -3.31 -3.01
CA ASN M 534 58.41 -2.51 -3.05
C ASN M 534 59.65 -3.38 -3.30
N ARG M 535 59.74 -4.58 -2.71
CA ARG M 535 60.87 -5.45 -3.00
C ARG M 535 60.81 -6.00 -4.42
N ILE M 536 59.62 -6.14 -5.02
CA ILE M 536 59.56 -6.49 -6.43
C ILE M 536 60.14 -5.39 -7.26
N CYS M 537 59.77 -4.15 -6.95
CA CYS M 537 60.29 -2.98 -7.65
C CYS M 537 61.79 -3.01 -7.66
N ASP M 538 62.37 -3.17 -6.49
CA ASP M 538 63.82 -3.12 -6.41
C ASP M 538 64.51 -4.30 -7.07
N SER M 539 63.92 -5.49 -6.96
CA SER M 539 64.53 -6.67 -7.54
C SER M 539 64.56 -6.58 -9.04
N ILE M 540 63.50 -6.05 -9.64
CA ILE M 540 63.50 -5.94 -11.08
C ILE M 540 64.51 -4.91 -11.49
N ARG M 541 64.51 -3.74 -10.81
CA ARG M 541 65.45 -2.71 -11.19
C ARG M 541 66.88 -3.22 -11.18
N GLN M 542 67.24 -4.02 -10.18
CA GLN M 542 68.60 -4.53 -10.16
C GLN M 542 68.87 -5.52 -11.29
N GLN M 543 67.84 -6.27 -11.71
CA GLN M 543 68.03 -7.24 -12.79
C GLN M 543 67.96 -6.59 -14.19
N THR M 544 67.34 -5.40 -14.32
CA THR M 544 67.27 -4.71 -15.62
C THR M 544 68.35 -3.64 -15.76
N GLY M 545 68.84 -3.15 -14.61
CA GLY M 545 69.87 -2.12 -14.54
C GLY M 545 69.26 -0.73 -14.42
N LYS M 546 67.94 -0.64 -14.56
CA LYS M 546 67.30 0.66 -14.49
C LYS M 546 66.97 1.01 -13.05
N HIS M 547 68.04 1.38 -12.35
CA HIS M 547 68.01 1.61 -10.91
C HIS M 547 67.13 2.77 -10.47
N ASP M 548 66.94 3.75 -11.35
CA ASP M 548 66.09 4.89 -11.04
C ASP M 548 64.73 4.87 -11.75
N ALA M 549 64.32 3.71 -12.28
CA ALA M 549 63.03 3.61 -12.98
C ALA M 549 61.82 3.57 -12.06
N MET M 550 60.70 4.06 -12.61
CA MET M 550 59.40 3.99 -11.95
C MET M 550 58.82 2.63 -12.26
N VAL M 551 58.18 1.98 -11.29
CA VAL M 551 57.66 0.65 -11.57
C VAL M 551 56.13 0.55 -11.44
N ILE M 552 55.50 0.05 -12.50
CA ILE M 552 54.04 -0.12 -12.59
C ILE M 552 53.60 -1.54 -12.24
N ASN M 553 52.61 -1.60 -11.37
CA ASN M 553 51.96 -2.80 -10.94
C ASN M 553 50.81 -3.09 -11.88
N ALA M 554 51.00 -4.04 -12.78
CA ALA M 554 50.00 -4.31 -13.80
C ALA M 554 48.91 -5.24 -13.29
N GLY M 555 49.02 -5.65 -12.03
CA GLY M 555 48.06 -6.54 -11.44
C GLY M 555 48.67 -7.94 -11.44
N PRO M 556 49.01 -8.50 -10.27
CA PRO M 556 49.64 -9.78 -10.10
C PRO M 556 48.65 -10.88 -10.31
N THR M 557 49.15 -12.09 -10.50
CA THR M 557 48.28 -13.25 -10.53
C THR M 557 48.91 -14.38 -9.73
N VAL M 558 48.28 -15.55 -9.78
CA VAL M 558 48.70 -16.70 -8.99
C VAL M 558 48.72 -17.97 -9.83
N ILE M 559 49.74 -18.80 -9.63
CA ILE M 559 49.84 -20.13 -10.19
C ILE M 559 49.84 -21.10 -9.01
N PRO M 560 48.68 -21.63 -8.59
CA PRO M 560 48.40 -22.40 -7.38
C PRO M 560 49.27 -23.62 -7.23
N ALA M 561 49.49 -24.12 -6.02
CA ALA M 561 50.45 -25.21 -5.79
C ALA M 561 50.06 -26.57 -6.38
N ASP M 562 48.78 -26.80 -6.64
CA ASP M 562 48.13 -28.11 -6.64
C ASP M 562 48.41 -29.05 -7.82
N PHE M 563 48.96 -28.56 -8.93
CA PHE M 563 48.76 -29.21 -10.24
C PHE M 563 50.05 -29.39 -11.04
N ASP M 564 49.99 -30.30 -12.02
CA ASP M 564 51.10 -30.60 -12.92
C ASP M 564 51.52 -29.35 -13.72
N LEU M 565 52.80 -29.05 -13.74
CA LEU M 565 53.39 -28.03 -14.61
C LEU M 565 53.36 -28.44 -16.10
N LYS M 566 52.73 -29.57 -16.44
CA LYS M 566 52.63 -30.13 -17.79
C LYS M 566 51.67 -29.40 -18.72
N ASP M 567 50.80 -28.53 -18.23
CA ASP M 567 49.93 -27.69 -19.07
C ASP M 567 50.66 -26.46 -19.64
N GLU M 568 51.56 -26.76 -20.58
CA GLU M 568 52.24 -25.78 -21.40
C GLU M 568 51.28 -24.82 -22.08
N LEU M 569 50.08 -25.27 -22.44
CA LEU M 569 49.17 -24.34 -23.09
C LEU M 569 48.74 -23.26 -22.13
N VAL M 570 48.40 -23.65 -20.89
CA VAL M 570 48.00 -22.63 -19.94
C VAL M 570 49.13 -21.69 -19.64
N LEU M 571 50.32 -22.23 -19.44
CA LEU M 571 51.44 -21.40 -19.10
C LEU M 571 51.79 -20.44 -20.24
N LYS M 572 51.69 -20.91 -21.48
CA LYS M 572 51.96 -20.06 -22.62
C LYS M 572 50.98 -18.91 -22.65
N GLN M 573 49.70 -19.22 -22.40
CA GLN M 573 48.69 -18.18 -22.42
C GLN M 573 48.89 -17.21 -21.28
N LEU M 574 49.33 -17.69 -20.10
CA LEU M 574 49.56 -16.76 -19.02
C LEU M 574 50.66 -15.80 -19.40
N LEU M 575 51.70 -16.30 -20.10
CA LEU M 575 52.77 -15.40 -20.47
C LEU M 575 52.29 -14.38 -21.49
N ILE M 576 51.49 -14.82 -22.47
CA ILE M 576 51.04 -13.89 -23.48
C ILE M 576 50.18 -12.80 -22.86
N LYS M 577 49.24 -13.22 -22.01
CA LYS M 577 48.34 -12.31 -21.36
C LYS M 577 49.09 -11.36 -20.44
N SER M 578 50.13 -11.84 -19.75
CA SER M 578 50.88 -10.99 -18.86
C SER M 578 51.60 -9.92 -19.64
N VAL M 579 52.13 -10.30 -20.79
CA VAL M 579 52.79 -9.36 -21.67
C VAL M 579 51.79 -8.31 -22.14
N ASN M 580 50.58 -8.73 -22.51
CA ASN M 580 49.60 -7.77 -22.98
C ASN M 580 49.17 -6.79 -21.90
N LEU M 581 49.02 -7.28 -20.67
CA LEU M 581 48.61 -6.39 -19.60
C LEU M 581 49.70 -5.38 -19.33
N CYS M 582 50.95 -5.82 -19.42
CA CYS M 582 52.07 -4.93 -19.22
C CYS M 582 52.09 -3.83 -20.29
N ASP M 583 51.82 -4.21 -21.55
CA ASP M 583 51.80 -3.23 -22.63
C ASP M 583 50.69 -2.22 -22.45
N ASP M 584 49.53 -2.65 -21.95
CA ASP M 584 48.44 -1.72 -21.77
C ASP M 584 48.76 -0.72 -20.69
N MET M 585 49.45 -1.16 -19.65
CA MET M 585 49.78 -0.21 -18.62
C MET M 585 50.82 0.81 -19.07
N LEU M 586 51.78 0.39 -19.92
CA LEU M 586 52.73 1.38 -20.45
C LEU M 586 51.99 2.31 -21.37
N ALA M 587 51.03 1.78 -22.14
CA ALA M 587 50.24 2.58 -23.05
C ALA M 587 49.46 3.62 -22.28
N LYS M 588 48.93 3.24 -21.12
CA LYS M 588 48.22 4.23 -20.33
C LYS M 588 49.18 5.32 -19.89
N ARG M 589 50.35 4.90 -19.40
CA ARG M 589 51.36 5.84 -18.93
C ARG M 589 51.79 6.83 -20.03
N SER M 590 51.86 6.35 -21.28
CA SER M 590 52.26 7.16 -22.42
C SER M 590 51.13 7.98 -23.03
N GLY M 591 49.90 7.86 -22.52
CA GLY M 591 48.79 8.61 -23.08
C GLY M 591 48.07 8.00 -24.28
N GLU M 592 48.18 6.68 -24.53
CA GLU M 592 47.43 6.05 -25.63
C GLU M 592 45.94 6.46 -25.59
N GLN M 593 45.37 6.77 -26.75
CA GLN M 593 44.02 7.31 -26.84
C GLN M 593 42.97 6.28 -26.37
N PRO M 594 42.02 6.69 -25.52
CA PRO M 594 41.14 5.78 -24.80
C PRO M 594 40.13 5.10 -25.72
N PHE M 595 39.58 3.95 -25.31
CA PHE M 595 38.40 3.49 -26.00
C PHE M 595 37.23 4.41 -25.77
N SER M 596 36.50 4.70 -26.83
CA SER M 596 35.32 5.51 -26.71
C SER M 596 34.28 5.05 -27.68
N VAL M 597 33.03 5.44 -27.38
CA VAL M 597 31.87 5.07 -28.18
C VAL M 597 31.94 5.65 -29.59
N ALA M 598 32.75 6.68 -29.75
CA ALA M 598 32.94 7.33 -31.02
C ALA M 598 33.47 6.36 -32.07
N MET M 599 34.25 5.35 -31.65
CA MET M 599 34.82 4.42 -32.63
C MET M 599 33.88 3.25 -32.90
N LEU M 600 32.79 3.20 -32.15
CA LEU M 600 31.82 2.13 -32.22
C LEU M 600 30.57 2.60 -32.97
N LYS M 601 30.33 3.92 -32.93
CA LYS M 601 29.15 4.53 -33.54
C LYS M 601 29.27 4.64 -35.05
N GLY M 602 29.25 3.50 -35.73
CA GLY M 602 29.34 3.53 -37.17
C GLY M 602 28.00 4.02 -37.68
N THR M 603 27.96 4.66 -38.84
CA THR M 603 26.67 5.14 -39.36
C THR M 603 25.85 3.99 -39.93
N ASP M 604 26.53 2.88 -40.16
CA ASP M 604 26.00 1.66 -40.67
C ASP M 604 26.11 0.53 -39.64
N GLU M 605 26.25 0.85 -38.35
CA GLU M 605 26.49 -0.11 -37.29
C GLU M 605 25.68 0.20 -36.02
N THR M 606 25.00 -0.81 -35.47
CA THR M 606 24.28 -0.69 -34.22
C THR M 606 24.65 -1.84 -33.32
N LEU M 607 24.25 -1.78 -32.06
CA LEU M 607 24.48 -2.95 -31.22
C LEU M 607 23.21 -3.73 -30.94
N ALA M 608 23.40 -4.98 -30.54
CA ALA M 608 22.30 -5.87 -30.14
C ALA M 608 22.86 -6.84 -29.12
N ALA M 609 21.99 -7.47 -28.32
CA ALA M 609 22.52 -8.40 -27.32
C ALA M 609 21.66 -9.61 -27.09
N ARG M 610 22.29 -10.65 -26.57
CA ARG M 610 21.59 -11.87 -26.22
C ARG M 610 21.91 -12.33 -24.82
N LEU M 611 20.89 -12.82 -24.15
CA LEU M 611 21.05 -13.37 -22.82
C LEU M 611 21.04 -14.89 -22.93
N ASN M 612 22.18 -15.49 -22.60
CA ASN M 612 22.38 -16.93 -22.67
C ASN M 612 22.09 -17.57 -21.33
N PHE M 613 21.15 -18.52 -21.26
CA PHE M 613 20.80 -19.25 -20.03
C PHE M 613 21.37 -20.67 -19.90
N THR M 614 22.41 -21.00 -20.64
CA THR M 614 22.94 -22.38 -20.73
C THR M 614 23.51 -22.86 -19.42
N GLY M 615 23.26 -24.12 -19.08
CA GLY M 615 23.74 -24.76 -17.85
C GLY M 615 25.19 -25.26 -17.88
N LYS M 616 26.18 -24.41 -18.23
CA LYS M 616 27.63 -24.76 -18.19
C LYS M 616 28.52 -23.63 -17.66
N PRO M 617 29.62 -23.94 -16.95
CA PRO M 617 30.51 -22.96 -16.31
C PRO M 617 31.53 -22.34 -17.27
N MET M 618 32.20 -21.27 -16.84
CA MET M 618 33.32 -20.69 -17.57
C MET M 618 34.58 -21.07 -16.88
N HIS M 619 35.71 -20.95 -17.56
CA HIS M 619 36.95 -21.22 -16.85
C HIS M 619 37.84 -20.01 -16.89
N ASP M 620 38.64 -19.84 -15.85
CA ASP M 620 39.55 -18.72 -15.73
C ASP M 620 40.85 -19.02 -16.45
N SER M 621 41.83 -18.15 -16.25
CA SER M 621 43.10 -18.20 -16.93
C SER M 621 43.95 -19.43 -16.64
N LEU M 622 43.65 -20.17 -15.56
CA LEU M 622 44.43 -21.38 -15.33
C LEU M 622 43.55 -22.61 -15.36
N GLY M 623 42.38 -22.50 -16.01
CA GLY M 623 41.49 -23.64 -16.15
C GLY M 623 40.58 -23.96 -14.96
N TYR M 624 40.37 -23.00 -14.05
CA TYR M 624 39.51 -23.29 -12.90
C TYR M 624 38.10 -22.78 -13.18
N PRO M 625 37.03 -23.44 -12.70
CA PRO M 625 35.64 -23.10 -12.97
C PRO M 625 35.17 -21.79 -12.37
N ILE M 626 34.26 -21.14 -13.09
CA ILE M 626 33.57 -19.92 -12.69
C ILE M 626 32.05 -20.13 -12.75
N ARG M 627 31.38 -19.87 -11.62
CA ARG M 627 29.93 -20.00 -11.58
C ARG M 627 29.23 -18.81 -12.22
N SER M 628 28.26 -19.10 -13.06
CA SER M 628 27.36 -18.07 -13.56
C SER M 628 26.05 -18.71 -13.95
N ASP M 629 25.00 -17.93 -14.03
CA ASP M 629 23.75 -18.42 -14.56
C ASP M 629 23.48 -17.92 -15.96
N ILE M 630 23.90 -16.66 -16.21
CA ILE M 630 23.59 -15.99 -17.45
C ILE M 630 24.81 -15.36 -18.10
N LEU M 631 25.01 -15.61 -19.38
CA LEU M 631 26.09 -14.92 -20.06
C LEU M 631 25.49 -13.84 -20.93
N VAL M 632 25.92 -12.60 -20.72
CA VAL M 632 25.35 -11.52 -21.52
C VAL M 632 26.34 -11.17 -22.61
N SER M 633 25.93 -11.42 -23.85
CA SER M 633 26.82 -11.21 -25.00
C SER M 633 26.38 -10.03 -25.84
N LEU M 634 27.28 -9.04 -25.98
CA LEU M 634 26.96 -7.84 -26.74
C LEU M 634 27.66 -7.90 -28.09
N ASN M 635 26.84 -7.82 -29.16
CA ASN M 635 27.30 -7.94 -30.54
C ASN M 635 27.17 -6.67 -31.41
N ARG M 636 28.04 -6.60 -32.42
CA ARG M 636 28.06 -5.52 -33.42
C ARG M 636 27.30 -5.89 -34.68
N VAL M 637 26.21 -5.21 -34.95
CA VAL M 637 25.38 -5.54 -36.08
C VAL M 637 25.51 -4.50 -37.20
N LYS M 638 25.90 -4.94 -38.39
CA LYS M 638 26.03 -3.99 -39.48
C LYS M 638 25.00 -4.16 -40.56
N LYS M 639 24.73 -3.07 -41.26
CA LYS M 639 23.81 -3.10 -42.39
C LYS M 639 24.43 -3.95 -43.50
N PRO M 640 23.65 -4.76 -44.23
CA PRO M 640 24.11 -5.70 -45.24
C PRO M 640 24.51 -5.07 -46.58
N GLY M 641 25.51 -4.21 -46.52
CA GLY M 641 26.10 -3.55 -47.66
C GLY M 641 27.52 -4.08 -47.77
N GLN M 642 28.46 -3.21 -48.12
CA GLN M 642 29.83 -3.68 -48.22
C GLN M 642 30.39 -3.77 -46.82
N GLN M 643 31.03 -4.89 -46.51
CA GLN M 643 31.63 -5.07 -45.20
C GLN M 643 33.06 -5.51 -45.37
N GLU M 644 33.92 -5.20 -44.41
CA GLU M 644 35.33 -5.58 -44.47
C GLU M 644 35.49 -7.09 -44.54
N ASN M 645 34.55 -7.78 -43.93
CA ASN M 645 34.55 -9.23 -43.84
C ASN M 645 34.25 -9.92 -45.16
N GLU M 646 34.07 -9.16 -46.24
CA GLU M 646 33.90 -9.80 -47.53
C GLU M 646 35.18 -10.57 -47.89
N PHE M 647 36.30 -10.21 -47.25
CA PHE M 647 37.56 -10.88 -47.53
C PHE M 647 37.97 -11.88 -46.44
N TYR M 648 37.10 -12.10 -45.43
CA TYR M 648 37.49 -12.98 -44.32
C TYR M 648 36.34 -13.53 -43.47
N GLU M 649 36.60 -14.63 -42.77
CA GLU M 649 35.61 -15.12 -41.82
C GLU M 649 35.60 -14.13 -40.67
N ALA M 650 34.42 -13.80 -40.14
CA ALA M 650 34.35 -12.75 -39.14
C ALA M 650 33.27 -13.03 -38.11
N GLU M 651 33.44 -12.43 -36.93
CA GLU M 651 32.48 -12.54 -35.85
C GLU M 651 32.16 -11.14 -35.33
N ASP M 652 30.96 -11.01 -34.75
CA ASP M 652 30.48 -9.74 -34.21
C ASP M 652 30.58 -9.53 -32.68
N LYS M 653 31.24 -10.41 -31.94
CA LYS M 653 31.26 -10.21 -30.50
C LYS M 653 32.11 -9.00 -30.10
N LEU M 654 31.57 -8.14 -29.24
CA LEU M 654 32.31 -6.97 -28.74
C LEU M 654 32.83 -7.25 -27.35
N ASN M 655 31.92 -7.70 -26.48
CA ASN M 655 32.28 -8.02 -25.10
C ASN M 655 31.27 -8.96 -24.43
N GLN M 656 31.57 -9.34 -23.19
CA GLN M 656 30.70 -10.20 -22.41
C GLN M 656 30.78 -10.04 -20.89
N VAL M 657 29.63 -10.05 -20.23
CA VAL M 657 29.65 -10.05 -18.76
C VAL M 657 28.93 -11.29 -18.25
N SER M 658 29.60 -11.99 -17.35
CA SER M 658 29.09 -13.23 -16.80
C SER M 658 28.53 -13.00 -15.41
N CYS M 659 27.22 -13.27 -15.26
CA CYS M 659 26.56 -13.04 -13.99
C CYS M 659 25.92 -14.27 -13.36
N PHE M 660 25.95 -14.27 -12.05
CA PHE M 660 25.31 -15.24 -11.19
C PHE M 660 24.11 -14.61 -10.50
N VAL M 661 23.00 -15.35 -10.38
CA VAL M 661 21.86 -14.76 -9.68
C VAL M 661 21.74 -15.33 -8.27
N ASN M 662 21.95 -14.46 -7.30
CA ASN M 662 21.95 -14.85 -5.91
C ASN M 662 20.59 -14.56 -5.28
N LEU M 663 20.45 -14.93 -4.01
CA LEU M 663 19.26 -14.67 -3.20
C LEU M 663 19.68 -14.36 -1.75
N GLU M 664 19.33 -13.20 -1.23
CA GLU M 664 19.64 -12.84 0.16
C GLU M 664 18.39 -13.01 1.02
N TYR M 665 18.50 -13.72 2.11
CA TYR M 665 17.32 -13.94 2.96
C TYR M 665 17.22 -12.81 3.96
N THR M 666 16.10 -12.08 3.87
CA THR M 666 15.86 -10.89 4.67
C THR M 666 14.49 -10.94 5.35
N PRO M 667 14.33 -11.71 6.45
CA PRO M 667 13.07 -11.89 7.17
C PRO M 667 12.62 -10.57 7.74
N GLN M 668 11.31 -10.42 7.94
CA GLN M 668 10.77 -9.21 8.55
C GLN M 668 9.90 -9.55 9.80
N PRO M 669 10.48 -9.85 11.02
CA PRO M 669 9.77 -10.30 12.24
C PRO M 669 8.58 -9.40 12.61
N GLN M 682 3.78 -8.04 3.66
CA GLN M 682 5.23 -8.05 3.86
C GLN M 682 5.90 -8.27 2.49
N LEU M 683 7.26 -8.26 2.46
CA LEU M 683 8.08 -8.53 1.27
C LEU M 683 8.26 -10.03 1.10
N PRO M 684 8.43 -10.53 -0.12
CA PRO M 684 8.86 -11.87 -0.36
C PRO M 684 10.21 -11.96 0.38
N PRO M 685 10.46 -12.98 1.22
CA PRO M 685 11.69 -13.17 2.00
C PRO M 685 13.04 -13.19 1.27
N LEU M 686 13.10 -13.52 -0.02
CA LEU M 686 14.41 -13.53 -0.68
C LEU M 686 14.61 -12.38 -1.67
N THR M 687 15.69 -11.64 -1.46
CA THR M 687 16.04 -10.50 -2.28
C THR M 687 17.13 -10.92 -3.27
N PRO M 688 16.86 -10.98 -4.56
CA PRO M 688 17.78 -11.47 -5.54
C PRO M 688 18.89 -10.48 -5.77
N ALA M 689 19.99 -10.97 -6.34
CA ALA M 689 21.08 -10.10 -6.72
C ALA M 689 21.78 -10.56 -7.97
N ILE M 690 22.24 -9.60 -8.75
CA ILE M 690 22.98 -9.91 -9.94
C ILE M 690 24.44 -9.71 -9.61
N VAL M 691 25.17 -10.80 -9.59
CA VAL M 691 26.54 -10.76 -9.17
C VAL M 691 27.46 -10.93 -10.36
N ILE M 692 28.32 -9.96 -10.58
CA ILE M 692 29.23 -10.12 -11.69
C ILE M 692 30.36 -11.01 -11.23
N THR M 693 30.56 -12.11 -11.95
CA THR M 693 31.60 -13.05 -11.56
C THR M 693 32.78 -12.90 -12.51
N ASP M 694 32.50 -12.35 -13.69
CA ASP M 694 33.58 -12.08 -14.65
C ASP M 694 33.17 -11.00 -15.67
N VAL M 695 34.17 -10.26 -16.14
CA VAL M 695 34.03 -9.25 -17.18
C VAL M 695 35.09 -9.48 -18.26
N ARG M 696 34.67 -9.69 -19.49
CA ARG M 696 35.63 -9.94 -20.55
C ARG M 696 35.37 -9.11 -21.79
N GLN M 697 36.42 -8.90 -22.56
CA GLN M 697 36.31 -8.25 -23.84
C GLN M 697 36.29 -9.37 -24.85
N ALA M 698 35.82 -9.11 -26.05
CA ALA M 698 35.88 -10.16 -27.06
C ALA M 698 37.32 -10.49 -27.34
N GLU M 699 37.55 -11.73 -27.77
CA GLU M 699 38.87 -12.30 -28.05
C GLU M 699 39.62 -11.55 -29.14
N TRP M 700 38.89 -10.78 -29.91
CA TRP M 700 39.43 -9.98 -30.98
C TRP M 700 40.23 -8.80 -30.48
N LEU M 701 39.92 -8.34 -29.25
CA LEU M 701 40.56 -7.16 -28.68
C LEU M 701 41.63 -7.51 -27.69
N LYS M 702 42.86 -7.15 -28.01
CA LYS M 702 43.95 -7.51 -27.12
C LYS M 702 44.02 -6.67 -25.83
N ALA M 703 43.61 -5.40 -25.91
CA ALA M 703 43.67 -4.45 -24.80
C ALA M 703 42.64 -4.67 -23.69
N ASN M 704 43.05 -4.34 -22.47
CA ASN M 704 42.16 -4.39 -21.31
C ASN M 704 42.30 -3.10 -20.48
N THR M 705 41.36 -2.19 -20.64
CA THR M 705 41.43 -0.86 -20.04
C THR M 705 40.18 -0.54 -19.23
N MET M 706 40.23 0.56 -18.46
CA MET M 706 39.10 1.00 -17.64
C MET M 706 37.87 1.31 -18.48
N GLU M 707 38.09 1.94 -19.63
CA GLU M 707 36.96 2.32 -20.47
C GLU M 707 36.29 1.09 -21.00
N LEU M 708 37.08 0.11 -21.41
CA LEU M 708 36.51 -1.12 -21.94
C LEU M 708 35.75 -1.90 -20.88
N TYR M 709 36.28 -1.90 -19.65
CA TYR M 709 35.66 -2.61 -18.55
C TYR M 709 34.29 -2.01 -18.26
N LEU M 710 34.25 -0.68 -18.13
CA LEU M 710 33.04 0.07 -17.84
C LEU M 710 31.99 -0.06 -18.91
N PHE M 711 32.41 -0.03 -20.17
CA PHE M 711 31.43 -0.17 -21.22
C PHE M 711 30.80 -1.56 -21.09
N ALA M 712 31.63 -2.60 -20.91
CA ALA M 712 31.15 -3.97 -20.78
C ALA M 712 30.22 -4.15 -19.59
N LEU M 713 30.42 -3.42 -18.48
CA LEU M 713 29.57 -3.58 -17.30
C LEU M 713 28.10 -3.28 -17.56
N SER M 714 27.80 -2.51 -18.62
CA SER M 714 26.40 -2.16 -18.90
C SER M 714 25.62 -3.42 -19.30
N ASN M 715 26.36 -4.49 -19.63
CA ASN M 715 25.78 -5.76 -19.98
C ASN M 715 25.14 -6.39 -18.77
N ALA M 716 25.70 -6.15 -17.57
CA ALA M 716 25.07 -6.74 -16.41
C ALA M 716 23.79 -5.99 -16.16
N PHE M 717 23.81 -4.69 -16.37
CA PHE M 717 22.61 -3.91 -16.09
C PHE M 717 21.41 -4.43 -16.85
N ARG M 718 21.61 -4.69 -18.13
CA ARG M 718 20.54 -5.11 -19.01
C ARG M 718 20.04 -6.54 -18.78
N VAL M 719 20.72 -7.32 -17.93
CA VAL M 719 20.30 -8.71 -17.71
C VAL M 719 18.96 -8.72 -16.99
N THR M 720 18.60 -7.58 -16.37
CA THR M 720 17.37 -7.52 -15.63
C THR M 720 16.26 -6.92 -16.44
N ALA M 721 16.45 -6.77 -17.74
CA ALA M 721 15.36 -6.24 -18.53
C ALA M 721 14.19 -7.19 -18.32
N ASN M 722 13.00 -6.61 -18.16
CA ASN M 722 11.79 -7.38 -17.95
C ASN M 722 11.97 -8.33 -16.76
N GLN M 723 11.79 -9.62 -16.99
CA GLN M 723 11.96 -10.62 -15.94
C GLN M 723 12.91 -11.68 -16.44
N SER M 724 13.74 -11.31 -17.40
CA SER M 724 14.65 -12.26 -18.04
C SER M 724 15.60 -12.87 -17.03
N TRP M 725 16.08 -12.08 -16.10
CA TRP M 725 17.04 -12.54 -15.10
C TRP M 725 16.49 -13.70 -14.27
N ALA M 726 15.16 -13.79 -14.13
CA ALA M 726 14.55 -14.78 -13.25
C ALA M 726 14.48 -16.14 -13.88
N ARG M 727 14.90 -16.26 -15.14
CA ARG M 727 14.89 -17.57 -15.78
C ARG M 727 15.91 -18.47 -15.12
N SER M 728 16.87 -17.86 -14.42
CA SER M 728 17.94 -18.55 -13.73
C SER M 728 17.40 -19.34 -12.54
N LEU M 729 16.17 -19.01 -12.13
CA LEU M 729 15.56 -19.65 -10.99
C LEU M 729 14.71 -20.85 -11.41
N LEU M 730 14.60 -21.12 -12.72
CA LEU M 730 13.80 -22.26 -13.18
C LEU M 730 14.42 -23.60 -12.78
N PRO M 731 13.56 -24.63 -12.61
CA PRO M 731 13.99 -26.00 -12.76
C PRO M 731 14.38 -26.29 -14.22
N GLN M 732 15.16 -27.35 -14.41
CA GLN M 732 15.66 -27.84 -15.71
C GLN M 732 15.59 -29.39 -15.79
N LEU M 733 15.70 -29.94 -17.01
CA LEU M 733 15.36 -31.32 -17.37
C LEU M 733 15.87 -32.43 -16.43
N GLY M 734 14.96 -33.31 -16.00
CA GLY M 734 15.23 -34.71 -15.62
C GLY M 734 16.08 -34.98 -14.35
N LYS M 735 16.71 -33.96 -13.76
CA LYS M 735 17.61 -34.09 -12.60
C LYS M 735 16.90 -34.68 -11.38
N VAL M 736 17.37 -35.85 -10.90
CA VAL M 736 16.74 -36.60 -9.80
C VAL M 736 16.95 -35.94 -8.43
N LYS M 737 18.20 -35.57 -8.12
CA LYS M 737 18.58 -34.77 -6.95
C LYS M 737 19.71 -33.82 -7.32
N ASP M 738 19.44 -32.53 -7.51
CA ASP M 738 20.49 -31.54 -7.83
C ASP M 738 20.24 -30.17 -7.16
N MET M 739 21.31 -29.40 -7.00
CA MET M 739 21.42 -28.33 -6.00
C MET M 739 20.70 -27.00 -6.24
N ARG M 740 20.32 -26.54 -7.45
CA ARG M 740 19.89 -25.14 -7.56
C ARG M 740 18.38 -25.10 -7.65
N ASP M 741 17.75 -26.23 -7.36
CA ASP M 741 16.31 -26.38 -7.44
C ASP M 741 15.55 -25.38 -6.60
N ILE M 742 14.69 -24.61 -7.26
CA ILE M 742 13.85 -23.61 -6.62
C ILE M 742 12.95 -24.23 -5.62
N GLY M 743 12.66 -25.50 -5.75
CA GLY M 743 11.77 -26.14 -4.81
C GLY M 743 12.29 -26.12 -3.40
N ALA M 744 13.60 -25.86 -3.23
CA ALA M 744 14.20 -25.80 -1.91
C ALA M 744 13.67 -24.60 -1.15
N ILE M 745 13.14 -23.64 -1.89
CA ILE M 745 12.65 -22.36 -1.40
C ILE M 745 11.44 -22.60 -0.50
N GLY M 746 10.79 -23.76 -0.69
CA GLY M 746 9.62 -24.14 0.08
C GLY M 746 9.99 -24.40 1.53
N TYR M 747 11.28 -24.56 1.82
CA TYR M 747 11.68 -24.78 3.19
C TYR M 747 11.69 -23.48 3.98
N LEU M 748 11.85 -22.34 3.28
CA LEU M 748 11.88 -21.05 3.97
C LEU M 748 10.48 -20.44 3.94
N SER M 749 9.68 -20.82 2.94
CA SER M 749 8.34 -20.32 2.77
C SER M 749 7.45 -21.04 3.77
N ARG M 750 6.18 -20.62 3.83
CA ARG M 750 5.19 -21.22 4.72
C ARG M 750 5.10 -22.75 4.63
N LEU M 751 5.43 -23.31 3.48
CA LEU M 751 5.30 -24.75 3.29
C LEU M 751 6.20 -25.55 4.22
N ALA M 752 7.39 -25.03 4.54
CA ALA M 752 8.38 -25.74 5.33
C ALA M 752 8.64 -27.12 4.72
N ALA M 753 8.70 -27.17 3.40
CA ALA M 753 8.88 -28.40 2.67
C ALA M 753 9.45 -28.17 1.30
N ARG M 754 10.07 -29.17 0.72
CA ARG M 754 10.53 -28.98 -0.64
C ARG M 754 9.30 -29.05 -1.52
N VAL M 755 9.26 -28.18 -2.51
CA VAL M 755 8.18 -28.13 -3.47
C VAL M 755 8.44 -29.21 -4.51
N GLU M 756 7.43 -29.94 -4.89
CA GLU M 756 7.64 -30.94 -5.90
C GLU M 756 7.70 -30.24 -7.25
N THR M 757 8.94 -29.87 -7.65
CA THR M 757 9.20 -29.09 -8.86
C THR M 757 9.78 -29.82 -10.04
N LYS M 758 10.39 -30.99 -9.81
CA LYS M 758 11.10 -31.70 -10.88
C LYS M 758 10.22 -32.65 -11.67
N THR M 759 8.95 -32.75 -11.31
CA THR M 759 8.09 -33.77 -11.87
C THR M 759 7.15 -33.17 -12.91
N GLU M 760 6.47 -34.06 -13.61
CA GLU M 760 5.52 -33.70 -14.67
C GLU M 760 4.26 -33.01 -14.15
N THR M 761 4.05 -33.00 -12.84
CA THR M 761 2.86 -32.39 -12.27
C THR M 761 3.10 -30.94 -11.83
N PHE M 762 4.35 -30.46 -11.98
CA PHE M 762 4.63 -29.08 -11.60
C PHE M 762 4.44 -28.20 -12.82
N THR M 763 3.66 -27.16 -12.67
CA THR M 763 3.31 -26.28 -13.76
C THR M 763 4.11 -24.98 -13.80
N ASP M 764 4.01 -24.29 -14.93
CA ASP M 764 4.62 -22.96 -15.13
C ASP M 764 3.97 -21.98 -14.15
N GLN M 765 2.67 -22.15 -13.94
CA GLN M 765 1.94 -21.30 -13.04
C GLN M 765 2.43 -21.50 -11.61
N ASN M 766 2.75 -22.75 -11.24
CA ASN M 766 3.19 -22.96 -9.88
C ASN M 766 4.57 -22.33 -9.70
N PHE M 767 5.39 -22.39 -10.74
CA PHE M 767 6.70 -21.76 -10.68
C PHE M 767 6.58 -20.28 -10.45
N ALA M 768 5.71 -19.64 -11.24
CA ALA M 768 5.53 -18.21 -11.13
C ALA M 768 5.08 -17.83 -9.75
N GLU M 769 4.21 -18.65 -9.15
CA GLU M 769 3.72 -18.41 -7.81
C GLU M 769 4.82 -18.51 -6.76
N LEU M 770 5.77 -19.45 -6.95
CA LEU M 770 6.83 -19.55 -5.96
C LEU M 770 7.60 -18.23 -5.98
N LEU M 771 7.88 -17.73 -7.19
CA LEU M 771 8.55 -16.45 -7.24
C LEU M 771 7.70 -15.29 -6.71
N TYR M 772 6.41 -15.28 -7.00
CA TYR M 772 5.59 -14.17 -6.56
C TYR M 772 5.61 -14.03 -5.04
N ASN M 773 5.56 -15.15 -4.35
CA ASN M 773 5.55 -15.12 -2.90
C ASN M 773 6.93 -15.09 -2.23
N MET M 774 7.95 -15.73 -2.82
CA MET M 774 9.27 -15.79 -2.22
C MET M 774 10.37 -14.88 -2.74
N VAL M 775 10.29 -14.38 -3.98
CA VAL M 775 11.41 -13.61 -4.53
C VAL M 775 11.00 -12.20 -4.95
N ARG M 776 11.71 -11.21 -4.44
CA ARG M 776 11.42 -9.83 -4.78
C ARG M 776 11.78 -9.60 -6.25
N PRO M 777 10.92 -8.95 -7.05
CA PRO M 777 11.09 -8.73 -8.49
C PRO M 777 12.26 -7.85 -8.96
N SER M 778 12.86 -7.08 -8.06
CA SER M 778 13.96 -6.18 -8.43
C SER M 778 15.24 -6.53 -7.67
N PRO M 779 16.25 -7.13 -8.33
CA PRO M 779 17.51 -7.58 -7.75
C PRO M 779 18.49 -6.45 -7.48
N VAL M 780 19.41 -6.73 -6.57
CA VAL M 780 20.52 -5.85 -6.24
C VAL M 780 21.74 -6.13 -7.11
N PHE M 781 22.35 -5.11 -7.70
CA PHE M 781 23.55 -5.37 -8.49
C PHE M 781 24.79 -5.31 -7.63
N MET M 782 25.70 -6.26 -7.83
CA MET M 782 26.95 -6.33 -7.09
C MET M 782 28.03 -7.05 -7.88
N SER M 783 29.27 -7.02 -7.40
CA SER M 783 30.37 -7.69 -8.08
C SER M 783 31.48 -8.19 -7.18
N ASP M 784 32.20 -9.18 -7.75
CA ASP M 784 33.38 -9.75 -7.10
C ASP M 784 34.68 -9.24 -7.72
N LEU M 785 35.47 -8.51 -6.93
CA LEU M 785 36.71 -7.90 -7.41
C LEU M 785 37.95 -8.67 -6.91
N ASN M 786 38.67 -9.28 -7.86
CA ASN M 786 39.79 -10.15 -7.49
C ASN M 786 41.15 -9.48 -7.72
N ARG M 787 41.85 -9.22 -6.63
CA ARG M 787 43.12 -8.50 -6.66
C ARG M 787 44.19 -9.16 -7.52
N PHE M 788 44.03 -10.47 -7.69
CA PHE M 788 44.92 -11.33 -8.44
C PHE M 788 44.32 -11.87 -9.75
N GLY M 789 43.20 -11.29 -10.20
CA GLY M 789 42.61 -11.76 -11.45
C GLY M 789 43.23 -11.06 -12.67
N ASP M 790 42.81 -11.43 -13.87
CA ASP M 790 43.41 -10.81 -15.07
C ASP M 790 43.00 -9.36 -15.25
N ASN M 791 41.93 -8.96 -14.59
CA ASN M 791 41.46 -7.60 -14.67
C ASN M 791 41.90 -6.84 -13.43
N ALA M 792 42.82 -7.40 -12.64
CA ALA M 792 43.22 -6.81 -11.36
C ALA M 792 43.69 -5.39 -11.48
N ALA M 793 44.35 -5.02 -12.57
CA ALA M 793 44.79 -3.64 -12.68
C ALA M 793 43.61 -2.67 -12.55
N ILE M 794 42.45 -3.08 -13.07
CA ILE M 794 41.25 -2.28 -13.08
C ILE M 794 40.39 -2.55 -11.86
N GLU M 795 40.23 -3.83 -11.51
CA GLU M 795 39.38 -4.22 -10.40
C GLU M 795 39.90 -3.66 -9.09
N ASN M 796 41.22 -3.50 -8.98
CA ASN M 796 41.85 -2.94 -7.81
C ASN M 796 41.50 -1.46 -7.65
N VAL M 797 41.11 -0.78 -8.73
CA VAL M 797 40.74 0.61 -8.65
C VAL M 797 39.36 0.62 -8.05
N PHE M 798 38.53 -0.29 -8.53
CA PHE M 798 37.18 -0.41 -8.01
C PHE M 798 37.21 -0.81 -6.54
N ILE M 799 38.18 -1.64 -6.14
CA ILE M 799 38.29 -1.96 -4.72
C ILE M 799 38.67 -0.70 -3.97
N ASP M 800 39.66 0.07 -4.45
CA ASP M 800 40.07 1.29 -3.74
C ASP M 800 38.99 2.37 -3.73
N ALA M 801 38.06 2.32 -4.68
CA ALA M 801 36.96 3.27 -4.72
C ALA M 801 36.07 3.13 -3.46
N LEU M 802 36.23 2.01 -2.72
CA LEU M 802 35.50 1.70 -1.51
C LEU M 802 36.02 2.43 -0.26
N GLY M 803 37.26 2.92 -0.28
CA GLY M 803 37.80 3.56 0.92
C GLY M 803 39.32 3.67 0.88
N GLY M 804 39.93 4.03 2.00
CA GLY M 804 41.39 4.13 2.05
C GLY M 804 41.95 5.47 1.63
N VAL M 805 43.27 5.55 1.59
CA VAL M 805 44.00 6.80 1.31
C VAL M 805 43.74 7.37 -0.07
N ASN M 806 43.48 6.50 -1.03
CA ASN M 806 43.23 6.96 -2.37
C ASN M 806 41.78 6.79 -2.78
N GLN M 807 40.83 6.74 -1.85
CA GLN M 807 39.47 6.51 -2.32
C GLN M 807 38.98 7.49 -3.36
N GLN M 808 39.25 8.79 -3.17
CA GLN M 808 38.75 9.77 -4.11
C GLN M 808 39.51 9.73 -5.43
N ARG M 809 40.69 9.14 -5.40
CA ARG M 809 41.52 9.08 -6.58
C ARG M 809 41.08 7.89 -7.41
N ALA M 810 40.70 6.81 -6.71
CA ALA M 810 40.20 5.61 -7.36
C ALA M 810 38.89 5.97 -8.04
N VAL M 811 38.06 6.75 -7.34
CA VAL M 811 36.86 7.25 -7.95
C VAL M 811 37.18 8.13 -9.13
N ALA M 812 38.13 9.06 -9.00
CA ALA M 812 38.42 9.89 -10.15
C ALA M 812 38.82 9.06 -11.37
N ALA M 813 39.59 7.98 -11.16
CA ALA M 813 40.00 7.12 -12.28
C ALA M 813 38.82 6.44 -12.98
N ILE M 814 37.84 6.01 -12.20
CA ILE M 814 36.67 5.33 -12.74
C ILE M 814 35.75 6.30 -13.44
N ILE M 815 35.52 7.44 -12.81
CA ILE M 815 34.63 8.45 -13.37
C ILE M 815 35.24 8.99 -14.64
N ALA M 816 36.56 9.21 -14.64
CA ALA M 816 37.24 9.61 -15.86
C ALA M 816 37.06 8.57 -16.93
N GLY M 817 37.15 7.27 -16.58
CA GLY M 817 36.95 6.23 -17.58
C GLY M 817 35.55 6.29 -18.17
N VAL M 818 34.54 6.59 -17.35
CA VAL M 818 33.20 6.66 -17.93
C VAL M 818 33.15 7.84 -18.87
N ASN M 819 33.70 8.98 -18.42
CA ASN M 819 33.68 10.18 -19.24
C ASN M 819 34.51 10.03 -20.50
N ASN M 820 35.55 9.21 -20.47
CA ASN M 820 36.32 9.01 -21.68
C ASN M 820 35.46 8.25 -22.68
N LEU M 821 34.62 7.33 -22.17
CA LEU M 821 33.73 6.60 -23.07
C LEU M 821 32.71 7.47 -23.73
N ILE M 822 32.14 8.41 -22.95
CA ILE M 822 31.04 9.23 -23.47
C ILE M 822 31.35 10.68 -23.87
N GLY M 823 32.56 11.20 -23.63
CA GLY M 823 32.85 12.59 -23.98
C GLY M 823 32.41 13.57 -22.90
N GLY M 824 32.37 13.09 -21.66
CA GLY M 824 31.95 13.88 -20.51
C GLY M 824 30.46 13.75 -20.20
N GLY M 825 30.04 14.21 -19.00
CA GLY M 825 28.63 14.16 -18.64
C GLY M 825 28.17 13.02 -17.75
N PHE M 826 29.05 12.16 -17.24
CA PHE M 826 28.58 11.08 -16.37
C PHE M 826 27.92 11.67 -15.15
N GLU M 827 28.51 12.76 -14.68
CA GLU M 827 28.14 13.55 -13.53
C GLU M 827 26.71 14.10 -13.60
N LYS M 828 26.10 14.06 -14.79
CA LYS M 828 24.74 14.54 -14.97
C LYS M 828 23.74 13.44 -14.66
N PHE M 829 24.24 12.20 -14.55
CA PHE M 829 23.43 11.02 -14.29
C PHE M 829 23.78 10.46 -12.91
N PHE M 830 25.02 10.66 -12.49
CA PHE M 830 25.54 10.19 -11.20
C PHE M 830 26.56 11.16 -10.63
N ASP M 831 26.22 11.83 -9.55
CA ASP M 831 27.17 12.74 -8.95
C ASP M 831 28.12 11.99 -8.02
N HIS M 832 29.36 11.84 -8.45
CA HIS M 832 30.36 11.08 -7.72
C HIS M 832 30.89 11.83 -6.52
N ASN M 833 30.51 13.11 -6.39
CA ASN M 833 30.90 13.87 -5.24
C ASN M 833 29.83 13.80 -4.16
N THR M 834 28.76 13.06 -4.43
CA THR M 834 27.67 12.84 -3.49
C THR M 834 27.52 11.37 -3.16
N MET M 835 27.76 10.51 -4.15
CA MET M 835 27.54 9.08 -4.00
C MET M 835 28.77 8.25 -4.35
N PRO M 836 29.03 7.13 -3.65
CA PRO M 836 30.10 6.17 -3.92
C PRO M 836 29.77 5.38 -5.16
N ILE M 837 30.79 4.91 -5.86
CA ILE M 837 30.57 4.05 -7.02
C ILE M 837 30.10 2.67 -6.58
N ILE M 838 30.79 2.11 -5.59
CA ILE M 838 30.51 0.82 -5.00
C ILE M 838 30.44 0.98 -3.48
N GLN M 839 29.46 0.39 -2.83
CA GLN M 839 29.41 0.41 -1.38
C GLN M 839 30.03 -0.91 -0.91
N PRO M 840 30.82 -0.97 0.17
CA PRO M 840 31.39 -2.22 0.66
C PRO M 840 30.30 -3.21 0.99
N TYR M 841 30.50 -4.50 0.62
CA TYR M 841 29.52 -5.53 0.97
C TYR M 841 29.52 -5.81 2.47
N GLY M 842 30.72 -5.91 3.04
CA GLY M 842 30.93 -6.24 4.43
C GLY M 842 31.75 -7.53 4.49
N THR M 843 31.05 -8.64 4.39
CA THR M 843 31.64 -9.97 4.34
C THR M 843 32.51 -10.09 3.07
N ASP M 844 33.70 -10.68 3.17
CA ASP M 844 34.57 -10.83 1.99
C ASP M 844 34.16 -12.06 1.19
N ILE M 845 34.94 -12.38 0.15
CA ILE M 845 34.56 -13.50 -0.66
C ILE M 845 35.42 -14.69 -0.42
N GLN M 846 34.77 -15.78 -0.09
CA GLN M 846 35.45 -17.04 0.06
C GLN M 846 35.30 -17.73 -1.29
N LEU M 847 36.42 -18.09 -1.89
CA LEU M 847 36.45 -18.68 -3.23
C LEU M 847 37.07 -20.05 -3.16
N GLY M 848 36.81 -20.86 -4.18
CA GLY M 848 37.39 -22.17 -4.23
C GLY M 848 36.62 -23.09 -5.15
N TYR M 849 37.08 -24.34 -5.21
CA TYR M 849 36.42 -25.33 -6.04
C TYR M 849 36.45 -26.67 -5.33
N TYR M 850 35.54 -27.51 -5.76
CA TYR M 850 35.36 -28.84 -5.23
C TYR M 850 35.16 -29.78 -6.39
N LEU M 851 35.23 -31.07 -6.15
CA LEU M 851 34.98 -31.98 -7.25
C LEU M 851 33.60 -32.61 -7.20
N ASP M 852 33.01 -32.80 -8.37
CA ASP M 852 31.70 -33.44 -8.44
C ASP M 852 31.84 -34.96 -8.47
N GLY M 853 30.73 -35.67 -8.68
CA GLY M 853 30.75 -37.13 -8.63
C GLY M 853 31.57 -37.83 -9.71
N GLU M 854 31.92 -37.11 -10.79
CA GLU M 854 32.71 -37.66 -11.87
C GLU M 854 34.17 -37.19 -11.74
N GLY M 855 34.43 -36.41 -10.69
CA GLY M 855 35.75 -35.84 -10.45
C GLY M 855 36.02 -34.54 -11.20
N GLU M 856 34.97 -33.85 -11.71
CA GLU M 856 35.21 -32.62 -12.46
C GLU M 856 35.23 -31.44 -11.51
N LYS M 857 35.93 -30.38 -11.87
CA LYS M 857 35.98 -29.22 -11.00
C LYS M 857 34.70 -28.42 -11.08
N GLN M 858 34.21 -27.99 -9.91
CA GLN M 858 33.04 -27.13 -9.84
C GLN M 858 33.26 -25.98 -8.86
N ASP M 859 32.67 -24.85 -9.17
CA ASP M 859 32.77 -23.62 -8.35
C ASP M 859 32.03 -23.75 -7.01
N ARG M 860 32.72 -23.46 -5.89
CA ARG M 860 32.09 -23.63 -4.57
C ARG M 860 30.87 -22.74 -4.37
N ARG M 861 30.70 -21.74 -5.25
CA ARG M 861 29.58 -20.80 -5.22
C ARG M 861 28.26 -21.51 -5.47
N ASP M 862 28.31 -22.80 -5.87
CA ASP M 862 27.10 -23.59 -6.05
C ASP M 862 26.29 -23.68 -4.75
N LEU M 863 26.95 -23.63 -3.58
CA LEU M 863 26.14 -23.67 -2.35
C LEU M 863 25.67 -22.31 -1.92
N ASP M 864 24.68 -21.83 -2.66
CA ASP M 864 23.97 -20.58 -2.49
C ASP M 864 22.76 -20.90 -1.64
N VAL M 865 21.76 -20.01 -1.54
CA VAL M 865 20.67 -20.34 -0.64
C VAL M 865 19.94 -21.62 -1.02
N LEU M 866 19.60 -21.81 -2.28
CA LEU M 866 18.87 -23.02 -2.64
C LEU M 866 19.76 -24.23 -2.43
N GLY M 867 21.05 -24.05 -2.73
CA GLY M 867 22.05 -25.10 -2.59
C GLY M 867 22.13 -25.62 -1.17
N ALA M 868 22.31 -24.71 -0.22
CA ALA M 868 22.39 -25.09 1.18
C ALA M 868 21.07 -25.67 1.68
N LEU M 869 19.93 -25.15 1.20
CA LEU M 869 18.63 -25.69 1.63
C LEU M 869 18.49 -27.14 1.17
N ASN M 870 19.00 -27.42 -0.03
CA ASN M 870 18.97 -28.79 -0.52
C ASN M 870 20.00 -29.66 0.19
N ALA M 871 21.17 -29.09 0.48
CA ALA M 871 22.24 -29.86 1.11
C ALA M 871 21.88 -30.34 2.50
N SER M 872 21.13 -29.53 3.24
CA SER M 872 20.71 -29.88 4.59
C SER M 872 19.39 -30.65 4.60
N ASP M 873 18.81 -30.88 3.41
CA ASP M 873 17.53 -31.55 3.24
C ASP M 873 16.44 -30.91 4.10
N GLY M 874 16.39 -29.58 4.10
CA GLY M 874 15.37 -28.89 4.87
C GLY M 874 15.70 -28.62 6.32
N ASN M 875 16.88 -29.02 6.79
CA ASN M 875 17.16 -28.72 8.17
C ASN M 875 17.54 -27.27 8.23
N ILE M 876 16.55 -26.46 8.60
CA ILE M 876 16.71 -25.03 8.70
C ILE M 876 17.65 -24.65 9.78
N GLN M 877 17.65 -25.35 10.90
CA GLN M 877 18.61 -24.92 11.91
C GLN M 877 20.04 -25.00 11.34
N GLU M 878 20.32 -26.04 10.53
CA GLU M 878 21.64 -26.15 9.90
C GLU M 878 21.82 -25.08 8.83
N TRP M 879 20.74 -24.82 8.07
CA TRP M 879 20.77 -23.83 7.02
C TRP M 879 21.06 -22.45 7.56
N MET M 880 20.40 -22.09 8.65
CA MET M 880 20.53 -20.80 9.27
C MET M 880 21.89 -20.63 9.87
N SER M 881 22.47 -21.72 10.39
CA SER M 881 23.81 -21.59 10.93
C SER M 881 24.76 -21.28 9.77
N TRP M 882 24.55 -21.98 8.65
CA TRP M 882 25.31 -21.75 7.43
C TRP M 882 25.16 -20.35 6.90
N TYR M 883 23.92 -19.89 6.85
CA TYR M 883 23.59 -18.60 6.31
C TYR M 883 24.24 -17.51 7.17
N GLY M 884 24.06 -17.57 8.49
CA GLY M 884 24.57 -16.58 9.42
C GLY M 884 26.10 -16.49 9.34
N THR M 885 26.74 -17.60 9.04
CA THR M 885 28.20 -17.64 8.92
C THR M 885 28.75 -16.55 8.01
N GLN M 886 28.08 -16.25 6.88
CA GLN M 886 28.58 -15.23 5.97
C GLN M 886 27.75 -13.93 5.99
N CYS M 887 26.86 -13.79 6.96
CA CYS M 887 26.00 -12.61 7.03
C CYS M 887 26.28 -11.77 8.27
N ASN M 888 26.62 -12.42 9.38
CA ASN M 888 26.84 -11.60 10.54
C ASN M 888 28.26 -11.09 10.51
N VAL M 889 28.40 -9.86 10.06
CA VAL M 889 29.70 -9.22 9.87
C VAL M 889 30.46 -9.01 11.17
N ALA M 890 29.76 -9.13 12.31
CA ALA M 890 30.37 -8.97 13.62
C ALA M 890 31.23 -10.17 14.01
N VAL M 891 31.08 -11.29 13.32
CA VAL M 891 31.82 -12.50 13.63
C VAL M 891 33.22 -12.37 13.05
N HIS M 892 34.25 -12.61 13.84
CA HIS M 892 35.57 -12.47 13.27
C HIS M 892 35.67 -13.34 12.00
N PRO M 893 36.25 -12.83 10.88
CA PRO M 893 36.33 -13.51 9.62
C PRO M 893 37.02 -14.85 9.64
N GLU M 894 37.90 -15.10 10.62
CA GLU M 894 38.54 -16.40 10.64
C GLU M 894 37.52 -17.45 11.03
N LEU M 895 36.60 -17.08 11.90
CA LEU M 895 35.62 -18.00 12.39
C LEU M 895 34.65 -18.21 11.27
N ARG M 896 34.37 -17.13 10.53
CA ARG M 896 33.43 -17.27 9.45
C ARG M 896 33.97 -18.26 8.42
N ALA M 897 35.27 -18.14 8.12
CA ALA M 897 35.87 -19.02 7.13
C ALA M 897 35.94 -20.46 7.60
N ARG M 898 36.27 -20.68 8.88
CA ARG M 898 36.36 -22.06 9.36
C ARG M 898 35.01 -22.73 9.34
N GLN M 899 33.99 -21.99 9.77
CA GLN M 899 32.66 -22.52 9.83
C GLN M 899 32.16 -22.83 8.43
N SER M 900 32.49 -21.97 7.46
CA SER M 900 32.06 -22.20 6.10
C SER M 900 32.71 -23.44 5.52
N LYS M 901 34.00 -23.62 5.82
CA LYS M 901 34.69 -24.79 5.32
C LYS M 901 34.09 -26.05 5.92
N ASN M 902 33.67 -25.98 7.19
CA ASN M 902 33.06 -27.14 7.81
C ASN M 902 31.75 -27.48 7.10
N PHE M 903 30.97 -26.43 6.75
CA PHE M 903 29.71 -26.67 6.06
C PHE M 903 29.90 -27.21 4.68
N ASP M 904 30.90 -26.69 3.95
CA ASP M 904 31.09 -27.18 2.59
C ASP M 904 31.51 -28.62 2.63
N ARG M 905 32.33 -29.01 3.59
CA ARG M 905 32.69 -30.42 3.59
C ARG M 905 31.47 -31.29 3.89
N GLN M 906 30.63 -30.84 4.83
CA GLN M 906 29.43 -31.61 5.20
C GLN M 906 28.42 -31.71 4.06
N TYR M 907 28.17 -30.58 3.46
CA TYR M 907 27.32 -30.33 2.32
C TYR M 907 27.78 -30.84 0.92
N LEU M 908 29.09 -31.07 0.70
CA LEU M 908 29.66 -31.60 -0.53
C LEU M 908 30.26 -33.01 -0.45
N GLY M 909 30.45 -33.58 0.76
CA GLY M 909 31.04 -34.92 0.84
C GLY M 909 32.57 -34.94 0.86
N ASN M 910 33.15 -33.92 1.50
CA ASN M 910 34.61 -33.74 1.62
C ASN M 910 35.31 -33.65 0.26
N SER M 911 34.67 -32.98 -0.68
CA SER M 911 35.18 -32.82 -2.02
C SER M 911 35.86 -31.49 -2.31
N VAL M 912 36.01 -30.66 -1.28
CA VAL M 912 36.64 -29.35 -1.47
C VAL M 912 38.12 -29.55 -1.58
N THR M 913 38.75 -28.82 -2.48
CA THR M 913 40.13 -28.44 -2.60
C THR M 913 40.23 -26.91 -2.51
N TYR M 914 40.53 -26.33 -1.38
CA TYR M 914 40.45 -24.90 -1.10
C TYR M 914 41.46 -24.11 -1.95
N THR M 915 41.14 -22.87 -2.34
CA THR M 915 42.00 -22.09 -3.27
C THR M 915 42.26 -20.64 -2.87
N THR M 916 41.27 -19.75 -2.70
CA THR M 916 41.56 -18.29 -2.68
C THR M 916 40.50 -17.35 -2.03
N ARG M 917 40.81 -16.06 -2.10
CA ARG M 917 40.13 -14.85 -1.59
C ARG M 917 39.93 -13.70 -2.61
N ALA M 918 38.82 -12.96 -2.42
CA ALA M 918 38.50 -11.76 -3.24
C ALA M 918 37.63 -10.78 -2.41
N HIS M 919 37.49 -9.54 -2.90
CA HIS M 919 36.67 -8.54 -2.20
C HIS M 919 35.29 -8.38 -2.83
N ARG M 920 34.28 -8.09 -2.01
CA ARG M 920 32.96 -7.91 -2.60
C ARG M 920 32.41 -6.53 -2.31
N GLY M 921 31.72 -6.00 -3.31
CA GLY M 921 31.04 -4.73 -3.13
C GLY M 921 29.72 -4.74 -3.85
N ILE M 922 28.86 -3.81 -3.45
CA ILE M 922 27.53 -3.64 -3.98
C ILE M 922 27.52 -2.43 -4.87
N TRP M 923 27.06 -2.55 -6.08
CA TRP M 923 27.16 -1.38 -6.93
C TRP M 923 26.17 -0.37 -6.48
N ASN M 924 26.57 0.89 -6.45
CA ASN M 924 25.61 1.90 -6.14
C ASN M 924 24.58 1.80 -7.24
N PRO M 925 23.29 1.54 -6.97
CA PRO M 925 22.28 1.39 -7.98
C PRO M 925 22.29 2.56 -8.94
N LYS M 926 22.66 3.76 -8.45
CA LYS M 926 22.68 4.92 -9.30
C LYS M 926 23.89 4.94 -10.20
N PHE M 927 25.03 4.36 -9.79
CA PHE M 927 26.21 4.37 -10.64
C PHE M 927 25.93 3.57 -11.88
N ILE M 928 25.40 2.37 -11.67
CA ILE M 928 25.13 1.47 -12.78
C ILE M 928 23.98 1.95 -13.66
N GLU M 929 22.89 2.41 -13.06
CA GLU M 929 21.81 2.91 -13.90
C GLU M 929 22.33 4.08 -14.72
N ALA M 930 23.08 4.98 -14.07
CA ALA M 930 23.68 6.13 -14.71
C ALA M 930 24.67 5.73 -15.76
N LEU M 931 25.40 4.64 -15.57
CA LEU M 931 26.39 4.24 -16.56
C LEU M 931 25.68 3.90 -17.84
N ASP M 932 24.57 3.15 -17.72
CA ASP M 932 23.85 2.77 -18.93
C ASP M 932 23.16 3.99 -19.56
N LYS M 933 22.56 4.87 -18.73
CA LYS M 933 21.89 6.02 -19.29
C LYS M 933 22.85 7.02 -19.88
N ALA M 934 24.00 7.22 -19.22
CA ALA M 934 24.98 8.17 -19.66
C ALA M 934 25.54 7.80 -21.00
N ILE M 935 25.79 6.49 -21.19
CA ILE M 935 26.19 6.04 -22.51
C ILE M 935 25.05 6.17 -23.51
N ALA M 936 23.86 5.73 -23.16
CA ALA M 936 22.75 5.81 -24.10
C ALA M 936 22.43 7.24 -24.57
N SER M 937 22.59 8.19 -23.67
CA SER M 937 22.28 9.59 -23.87
C SER M 937 23.19 10.30 -24.84
N VAL M 938 24.15 9.54 -25.39
CA VAL M 938 24.80 9.69 -26.71
C VAL M 938 24.73 8.34 -27.48
N GLY M 939 24.84 8.31 -28.79
CA GLY M 939 25.33 7.16 -29.46
C GLY M 939 24.31 6.05 -29.61
N LEU M 940 24.77 4.95 -30.20
CA LEU M 940 24.01 3.70 -30.41
C LEU M 940 23.37 3.21 -29.12
N THR M 941 22.06 3.00 -29.10
CA THR M 941 21.48 2.14 -28.06
C THR M 941 21.47 0.66 -28.48
N VAL M 942 21.61 -0.24 -27.51
CA VAL M 942 21.59 -1.69 -27.74
C VAL M 942 20.18 -2.18 -28.06
N ALA M 943 20.00 -2.92 -29.14
CA ALA M 943 18.75 -3.62 -29.43
C ALA M 943 18.56 -4.84 -28.51
N MET M 944 17.48 -4.85 -27.76
CA MET M 944 17.09 -5.87 -26.77
C MET M 944 16.48 -7.13 -27.43
N ASP M 945 17.15 -7.67 -28.44
CA ASP M 945 16.70 -8.80 -29.27
C ASP M 945 16.55 -10.13 -28.49
N ASN M 946 15.89 -11.11 -29.13
CA ASN M 946 15.63 -12.46 -28.60
C ASN M 946 14.89 -12.46 -27.25
N VAL M 947 13.79 -11.69 -27.18
CA VAL M 947 12.97 -11.53 -25.96
C VAL M 947 12.35 -12.85 -25.50
N ALA M 948 11.86 -13.69 -26.39
CA ALA M 948 11.64 -15.11 -26.33
C ALA M 948 10.81 -15.69 -25.16
N GLN M 949 9.69 -15.08 -24.75
CA GLN M 949 8.67 -15.76 -23.92
C GLN M 949 7.73 -16.58 -24.82
N ALA N 413 -36.97 14.28 -47.70
CA ALA N 413 -36.52 13.82 -49.01
C ALA N 413 -36.72 14.92 -50.07
N GLY N 414 -37.85 15.66 -50.04
CA GLY N 414 -38.20 16.70 -51.03
C GLY N 414 -37.15 17.81 -51.17
N ASN N 415 -36.49 18.15 -50.06
CA ASN N 415 -35.46 19.19 -50.07
C ASN N 415 -34.21 18.70 -50.79
N LEU N 416 -34.04 17.39 -50.85
CA LEU N 416 -32.88 16.78 -51.43
C LEU N 416 -33.17 16.43 -52.86
N ASN N 417 -34.42 16.05 -53.12
CA ASN N 417 -34.83 15.60 -54.44
C ASN N 417 -34.70 16.70 -55.44
N SER N 418 -34.89 17.94 -54.98
CA SER N 418 -34.69 19.12 -55.80
C SER N 418 -33.47 18.99 -56.70
N ILE N 419 -32.36 18.48 -56.14
CA ILE N 419 -31.13 18.35 -56.91
C ILE N 419 -30.65 16.90 -57.10
N PHE N 420 -31.04 15.96 -56.24
CA PHE N 420 -30.45 14.64 -56.36
C PHE N 420 -31.30 13.67 -57.17
N GLN N 421 -32.44 14.15 -57.66
CA GLN N 421 -33.18 13.52 -58.76
C GLN N 421 -32.67 13.97 -60.13
N ARG N 422 -31.86 15.04 -60.20
CA ARG N 422 -31.50 15.61 -61.49
C ARG N 422 -30.44 14.78 -62.15
N SER N 423 -29.55 14.25 -61.34
CA SER N 423 -28.45 13.45 -61.77
C SER N 423 -28.81 11.99 -61.56
N GLY N 424 -28.85 11.26 -62.68
CA GLY N 424 -29.17 9.85 -62.73
C GLY N 424 -30.63 9.50 -62.79
N ARG N 425 -30.93 8.25 -63.16
CA ARG N 425 -32.23 7.66 -63.47
C ARG N 425 -32.31 6.30 -62.76
N THR N 426 -33.48 5.73 -62.55
CA THR N 426 -33.63 4.35 -62.10
C THR N 426 -34.73 3.63 -62.80
N ASP N 427 -34.76 2.31 -62.59
CA ASP N 427 -35.82 1.44 -63.06
C ASP N 427 -36.81 1.27 -61.91
N GLY N 428 -37.81 0.40 -62.09
CA GLY N 428 -38.80 0.17 -61.03
C GLY N 428 -40.16 0.76 -61.34
N GLY N 429 -41.06 0.65 -60.36
CA GLY N 429 -42.45 1.09 -60.52
C GLY N 429 -43.34 -0.08 -60.89
N ASP N 430 -44.63 0.19 -61.06
CA ASP N 430 -45.63 -0.82 -61.34
C ASP N 430 -45.48 -1.43 -62.73
N ALA N 431 -45.32 -2.75 -62.78
CA ALA N 431 -45.16 -3.48 -64.02
C ALA N 431 -46.36 -3.28 -64.95
N ARG N 432 -47.57 -3.14 -64.38
CA ARG N 432 -48.75 -2.96 -65.22
C ARG N 432 -48.63 -1.62 -65.94
N ALA N 433 -48.11 -0.61 -65.25
CA ALA N 433 -47.95 0.68 -65.87
C ALA N 433 -46.93 0.64 -66.99
N SER N 434 -45.87 -0.17 -66.78
CA SER N 434 -44.87 -0.31 -67.83
C SER N 434 -45.48 -1.01 -69.04
N GLU N 435 -46.26 -2.07 -68.80
CA GLU N 435 -46.97 -2.72 -69.89
C GLU N 435 -47.89 -1.77 -70.61
N ALA N 436 -48.60 -0.93 -69.86
CA ALA N 436 -49.50 0.01 -70.48
C ALA N 436 -48.74 1.01 -71.35
N LEU N 437 -47.61 1.54 -70.87
CA LEU N 437 -46.79 2.46 -71.68
C LEU N 437 -46.31 1.77 -72.95
N ALA N 438 -45.88 0.52 -72.84
CA ALA N 438 -45.40 -0.22 -73.99
C ALA N 438 -46.48 -0.52 -75.02
N VAL N 439 -47.71 -0.86 -74.56
CA VAL N 439 -48.75 -1.15 -75.53
C VAL N 439 -49.18 0.14 -76.20
N PHE N 440 -49.22 1.25 -75.46
CA PHE N 440 -49.57 2.49 -76.12
C PHE N 440 -48.50 2.90 -77.11
N ASN N 441 -47.22 2.67 -76.81
CA ASN N 441 -46.18 3.02 -77.78
C ASN N 441 -46.33 2.18 -79.05
N LYS N 442 -46.68 0.89 -78.88
CA LYS N 442 -46.89 0.04 -80.04
C LYS N 442 -48.01 0.54 -80.91
N LEU N 443 -49.13 0.86 -80.26
CA LEU N 443 -50.31 1.30 -80.96
C LEU N 443 -50.10 2.64 -81.60
N LYS N 444 -49.32 3.50 -80.95
CA LYS N 444 -49.00 4.79 -81.51
C LYS N 444 -48.33 4.58 -82.83
N GLU N 445 -47.33 3.70 -82.87
CA GLU N 445 -46.62 3.47 -84.10
C GLU N 445 -47.49 2.84 -85.17
N GLU N 446 -48.40 1.93 -84.79
CA GLU N 446 -49.26 1.36 -85.83
C GLU N 446 -50.16 2.42 -86.44
N ALA N 447 -50.67 3.33 -85.60
CA ALA N 447 -51.53 4.41 -86.05
C ALA N 447 -50.78 5.35 -86.96
N ILE N 448 -49.48 5.54 -86.69
CA ILE N 448 -48.76 6.44 -87.57
C ILE N 448 -48.58 5.76 -88.92
N ALA N 449 -48.19 4.48 -88.89
CA ALA N 449 -47.93 3.73 -90.11
C ALA N 449 -49.15 3.64 -91.02
N GLN N 450 -50.33 3.55 -90.41
CA GLN N 450 -51.56 3.45 -91.17
C GLN N 450 -52.23 4.78 -91.44
N GLN N 451 -51.56 5.87 -91.06
CA GLN N 451 -52.08 7.21 -91.22
C GLN N 451 -53.40 7.45 -90.50
N ASP N 452 -53.55 6.87 -89.31
CA ASP N 452 -54.74 7.15 -88.55
C ASP N 452 -54.39 8.33 -87.67
N LEU N 453 -53.11 8.39 -87.25
CA LEU N 453 -52.58 9.47 -86.43
C LEU N 453 -51.33 10.09 -87.02
N HIS N 454 -51.16 11.39 -86.82
CA HIS N 454 -49.94 12.07 -87.24
C HIS N 454 -48.89 11.90 -86.18
N ASP N 455 -47.62 11.88 -86.59
CA ASP N 455 -46.54 11.75 -85.62
C ASP N 455 -46.18 13.14 -85.09
N ASP N 456 -47.09 13.71 -84.31
CA ASP N 456 -46.95 15.05 -83.80
C ASP N 456 -47.22 15.14 -82.30
N PHE N 457 -47.27 13.99 -81.63
CA PHE N 457 -47.59 13.96 -80.23
C PHE N 457 -46.67 13.05 -79.46
N LEU N 458 -46.61 13.32 -78.17
CA LEU N 458 -45.75 12.55 -77.29
C LEU N 458 -46.55 11.82 -76.23
N VAL N 459 -46.02 10.70 -75.77
CA VAL N 459 -46.65 10.04 -74.62
C VAL N 459 -45.59 9.94 -73.55
N PHE N 460 -45.89 10.40 -72.35
CA PHE N 460 -45.00 10.34 -71.20
C PHE N 460 -45.51 9.40 -70.13
N ARG N 461 -44.62 9.09 -69.19
CA ARG N 461 -44.88 8.23 -68.03
C ARG N 461 -45.04 9.07 -66.77
N PHE N 462 -46.08 8.80 -65.99
CA PHE N 462 -46.25 9.31 -64.63
C PHE N 462 -46.25 8.13 -63.68
N ASP N 463 -45.30 8.09 -62.75
CA ASP N 463 -45.00 6.80 -62.07
C ASP N 463 -44.69 6.95 -60.57
N ARG N 464 -44.90 5.85 -59.83
CA ARG N 464 -44.99 5.83 -58.36
C ARG N 464 -43.71 6.26 -57.69
N ASP N 465 -42.62 5.58 -58.02
CA ASP N 465 -41.34 5.72 -57.32
C ASP N 465 -40.70 7.09 -57.51
N GLN N 466 -40.98 7.78 -58.63
CA GLN N 466 -40.53 9.16 -58.86
C GLN N 466 -41.42 10.19 -58.16
N ASN N 467 -42.75 10.05 -58.24
CA ASN N 467 -43.68 11.15 -57.91
C ASN N 467 -44.52 10.95 -56.64
N ARG N 468 -44.41 9.82 -55.92
CA ARG N 468 -45.19 9.49 -54.71
C ARG N 468 -46.72 9.61 -54.95
N VAL N 469 -47.18 8.89 -55.97
CA VAL N 469 -48.39 9.22 -56.76
C VAL N 469 -49.74 8.76 -56.20
N GLY N 470 -49.80 7.69 -55.40
CA GLY N 470 -51.01 6.89 -55.33
C GLY N 470 -51.15 6.02 -56.58
N TYR N 471 -51.94 6.46 -57.58
CA TYR N 471 -52.12 5.74 -58.87
C TYR N 471 -51.22 6.27 -59.99
N SER N 472 -50.64 5.34 -60.77
CA SER N 472 -49.79 5.62 -61.92
C SER N 472 -50.68 6.07 -63.06
N ALA N 473 -50.06 6.65 -64.09
CA ALA N 473 -50.82 7.15 -65.23
C ALA N 473 -49.94 7.30 -66.45
N LEU N 474 -50.58 7.26 -67.62
CA LEU N 474 -49.86 7.58 -68.85
C LEU N 474 -50.31 8.98 -69.22
N LEU N 475 -49.43 9.76 -69.82
CA LEU N 475 -49.83 11.12 -70.16
C LEU N 475 -49.77 11.42 -71.67
N VAL N 476 -50.91 11.76 -72.27
CA VAL N 476 -50.89 12.06 -73.71
C VAL N 476 -50.71 13.55 -73.87
N VAL N 477 -49.67 13.94 -74.63
CA VAL N 477 -49.31 15.35 -74.75
C VAL N 477 -49.15 15.98 -76.14
N LYS N 478 -49.78 17.15 -76.29
CA LYS N 478 -49.64 17.98 -77.50
C LYS N 478 -49.10 19.32 -77.08
N ARG N 479 -48.42 20.00 -78.00
CA ARG N 479 -47.89 21.31 -77.68
C ARG N 479 -48.09 22.33 -78.78
N ALA N 480 -48.20 23.59 -78.39
CA ALA N 480 -48.26 24.70 -79.34
C ALA N 480 -47.80 25.98 -78.69
N ALA N 481 -47.34 26.93 -79.49
CA ALA N 481 -47.06 28.25 -78.95
C ALA N 481 -48.17 29.16 -79.42
N ILE N 482 -48.92 29.68 -78.47
CA ILE N 482 -50.09 30.46 -78.79
C ILE N 482 -49.93 31.91 -78.38
N ASN N 483 -49.80 32.78 -79.36
CA ASN N 483 -49.59 34.20 -79.15
C ASN N 483 -48.41 34.46 -78.21
N GLY N 484 -47.36 33.67 -78.37
CA GLY N 484 -46.16 33.79 -77.57
C GLY N 484 -46.12 32.92 -76.31
N GLN N 485 -47.24 32.33 -75.91
CA GLN N 485 -47.23 31.49 -74.71
C GLN N 485 -46.99 30.04 -75.06
N GLN N 486 -46.05 29.41 -74.40
CA GLN N 486 -45.88 27.99 -74.72
C GLN N 486 -46.92 27.24 -73.94
N VAL N 487 -47.71 26.44 -74.65
CA VAL N 487 -48.77 25.69 -74.02
C VAL N 487 -48.64 24.18 -74.23
N ILE N 488 -48.76 23.47 -73.13
CA ILE N 488 -48.76 22.03 -73.08
C ILE N 488 -50.17 21.60 -72.75
N VAL N 489 -50.70 20.67 -73.52
CA VAL N 489 -52.03 20.19 -73.19
C VAL N 489 -51.93 18.73 -72.92
N THR N 490 -52.56 18.29 -71.86
CA THR N 490 -52.48 16.88 -71.58
C THR N 490 -53.74 16.22 -71.08
N ARG N 491 -53.78 14.92 -71.36
CA ARG N 491 -54.83 14.04 -70.88
C ARG N 491 -54.26 12.78 -70.25
N PRO N 492 -54.20 12.71 -68.92
CA PRO N 492 -53.76 11.58 -68.13
C PRO N 492 -54.72 10.40 -68.24
N LEU N 493 -54.17 9.20 -68.17
CA LEU N 493 -54.96 7.98 -68.13
C LEU N 493 -54.51 7.20 -66.91
N VAL N 494 -55.37 7.19 -65.89
CA VAL N 494 -55.04 6.66 -64.56
C VAL N 494 -55.10 5.14 -64.57
N MET N 495 -54.14 4.48 -63.94
CA MET N 495 -54.11 3.02 -63.94
C MET N 495 -54.12 2.35 -62.55
N PRO N 496 -55.28 2.01 -61.98
CA PRO N 496 -55.45 1.28 -60.74
C PRO N 496 -54.90 -0.13 -60.91
N ASN N 497 -54.47 -0.77 -59.83
CA ASN N 497 -53.94 -2.13 -59.90
C ASN N 497 -54.53 -2.94 -58.74
N ASP N 498 -55.18 -4.06 -59.05
CA ASP N 498 -55.87 -4.86 -58.05
C ASP N 498 -54.94 -5.58 -57.09
N GLN N 499 -53.67 -5.64 -57.47
CA GLN N 499 -52.65 -6.30 -56.68
C GLN N 499 -51.89 -5.31 -55.80
N ILE N 500 -52.25 -4.02 -55.89
CA ILE N 500 -51.53 -3.03 -55.09
C ILE N 500 -52.45 -2.36 -54.08
N THR N 501 -52.03 -2.40 -52.83
CA THR N 501 -52.80 -1.77 -51.79
C THR N 501 -52.49 -0.28 -51.74
N LEU N 502 -53.53 0.52 -51.68
CA LEU N 502 -53.37 1.95 -51.56
C LEU N 502 -53.74 2.33 -50.14
N PRO N 503 -53.15 3.37 -49.55
CA PRO N 503 -53.52 3.93 -48.28
C PRO N 503 -54.96 4.42 -48.33
N THR N 504 -55.58 4.31 -47.17
CA THR N 504 -56.94 4.68 -46.93
C THR N 504 -57.15 6.00 -46.23
N LYS N 505 -58.38 6.51 -46.34
CA LYS N 505 -58.79 7.63 -45.54
C LYS N 505 -59.33 7.08 -44.26
N LYS N 506 -59.10 7.77 -43.16
CA LYS N 506 -59.69 7.38 -41.90
C LYS N 506 -60.92 8.24 -41.70
N LEU N 507 -62.07 7.66 -41.90
CA LEU N 507 -63.30 8.41 -41.87
C LEU N 507 -63.97 8.25 -40.54
N THR N 508 -63.96 9.32 -39.74
CA THR N 508 -64.55 9.23 -38.42
C THR N 508 -65.96 9.72 -38.53
N ILE N 509 -66.90 8.88 -38.14
CA ILE N 509 -68.29 9.20 -38.28
C ILE N 509 -69.04 9.23 -36.95
N GLN N 510 -69.73 10.33 -36.70
CA GLN N 510 -70.48 10.47 -35.46
C GLN N 510 -71.81 9.74 -35.57
N ASN N 511 -71.79 8.46 -35.27
CA ASN N 511 -72.98 7.66 -35.42
C ASN N 511 -73.81 7.75 -34.16
N GLY N 512 -74.72 8.72 -34.17
CA GLY N 512 -75.51 8.97 -32.98
C GLY N 512 -74.58 9.45 -31.89
N MET N 513 -74.56 8.73 -30.78
CA MET N 513 -73.73 9.11 -29.64
C MET N 513 -72.29 8.57 -29.66
N HIS N 514 -71.92 7.81 -30.68
CA HIS N 514 -70.56 7.24 -30.70
C HIS N 514 -69.81 7.39 -32.02
N GLN N 515 -68.53 7.76 -31.93
CA GLN N 515 -67.73 7.84 -33.14
C GLN N 515 -67.05 6.52 -33.50
N GLU N 516 -67.26 6.12 -34.74
CA GLU N 516 -66.67 4.91 -35.29
C GLU N 516 -65.83 5.28 -36.50
N THR N 517 -64.80 4.50 -36.80
CA THR N 517 -64.00 4.82 -37.98
C THR N 517 -64.06 3.76 -39.04
N ILE N 518 -64.33 4.20 -40.26
CA ILE N 518 -64.34 3.32 -41.43
C ILE N 518 -63.19 3.71 -42.31
N GLU N 519 -62.37 2.75 -42.67
CA GLU N 519 -61.30 3.13 -43.57
C GLU N 519 -61.67 2.75 -44.98
N ALA N 520 -61.25 3.57 -45.92
CA ALA N 520 -61.51 3.24 -47.33
C ALA N 520 -60.40 3.69 -48.23
N GLU N 521 -60.06 2.85 -49.20
CA GLU N 521 -58.98 3.16 -50.14
C GLU N 521 -59.30 4.39 -50.91
N ALA N 522 -58.32 5.26 -51.11
CA ALA N 522 -58.60 6.45 -51.91
C ALA N 522 -59.02 6.06 -53.31
N ASP N 523 -60.08 6.68 -53.83
CA ASP N 523 -60.52 6.37 -55.18
C ASP N 523 -59.84 7.34 -56.13
N VAL N 524 -60.12 7.23 -57.41
CA VAL N 524 -59.46 8.12 -58.34
C VAL N 524 -59.79 9.60 -58.06
N GLN N 525 -60.97 9.89 -57.50
CA GLN N 525 -61.33 11.27 -57.16
C GLN N 525 -60.63 11.78 -55.91
N ASP N 526 -60.11 10.87 -55.10
CA ASP N 526 -59.45 11.23 -53.88
C ASP N 526 -57.97 11.41 -54.15
N VAL N 527 -57.47 10.64 -55.12
CA VAL N 527 -56.09 10.71 -55.52
C VAL N 527 -55.80 11.84 -56.49
N PHE N 528 -56.66 12.05 -57.49
CA PHE N 528 -56.38 13.10 -58.46
C PHE N 528 -56.79 14.46 -57.89
N THR N 529 -55.98 14.94 -56.98
CA THR N 529 -56.17 16.19 -56.27
C THR N 529 -55.53 17.30 -57.05
N THR N 530 -55.75 18.54 -56.64
CA THR N 530 -55.13 19.66 -57.30
C THR N 530 -53.62 19.49 -57.34
N GLN N 531 -53.03 19.03 -56.25
CA GLN N 531 -51.60 18.87 -56.24
C GLN N 531 -51.15 17.74 -57.17
N TYR N 532 -51.96 16.68 -57.32
CA TYR N 532 -51.60 15.59 -58.24
C TYR N 532 -51.45 16.24 -59.62
N TRP N 533 -52.44 17.09 -59.96
CA TRP N 533 -52.42 17.83 -61.22
C TRP N 533 -51.18 18.71 -61.34
N ASN N 534 -50.80 19.40 -60.26
CA ASN N 534 -49.60 20.21 -60.32
C ASN N 534 -48.37 19.36 -60.56
N ARG N 535 -48.26 18.16 -59.97
CA ARG N 535 -47.12 17.28 -60.26
C ARG N 535 -47.17 16.74 -61.67
N ILE N 536 -48.36 16.60 -62.27
CA ILE N 536 -48.41 16.23 -63.69
C ILE N 536 -47.84 17.34 -64.51
N CYS N 537 -48.24 18.58 -64.21
CA CYS N 537 -47.73 19.75 -64.90
C CYS N 537 -46.22 19.73 -64.92
N ASP N 538 -45.64 19.58 -63.75
CA ASP N 538 -44.19 19.65 -63.66
C ASP N 538 -43.49 18.48 -64.33
N SER N 539 -44.07 17.29 -64.22
CA SER N 539 -43.45 16.11 -64.79
C SER N 539 -43.41 16.20 -66.30
N ILE N 540 -44.50 16.71 -66.90
CA ILE N 540 -44.49 16.81 -68.34
C ILE N 540 -43.49 17.88 -68.75
N ARG N 541 -43.50 19.03 -68.07
CA ARG N 541 -42.58 20.07 -68.46
C ARG N 541 -41.14 19.57 -68.44
N GLN N 542 -40.77 18.79 -67.44
CA GLN N 542 -39.40 18.29 -67.42
C GLN N 542 -39.12 17.29 -68.55
N GLN N 543 -40.15 16.54 -68.97
CA GLN N 543 -39.95 15.57 -70.05
C GLN N 543 -40.02 16.22 -71.45
N THR N 544 -40.67 17.40 -71.58
CA THR N 544 -40.74 18.08 -72.89
C THR N 544 -39.66 19.17 -73.02
N GLY N 545 -39.18 19.67 -71.88
CA GLY N 545 -38.17 20.71 -71.80
C GLY N 545 -38.78 22.09 -71.69
N LYS N 546 -40.10 22.16 -71.82
CA LYS N 546 -40.76 23.46 -71.76
C LYS N 546 -41.09 23.80 -70.32
N HIS N 547 -40.03 24.19 -69.62
CA HIS N 547 -40.06 24.42 -68.18
C HIS N 547 -40.94 25.57 -67.75
N ASP N 548 -41.15 26.55 -68.62
CA ASP N 548 -42.01 27.67 -68.31
C ASP N 548 -43.38 27.64 -69.02
N ALA N 549 -43.77 26.47 -69.56
CA ALA N 549 -45.06 26.36 -70.26
C ALA N 549 -46.27 26.32 -69.34
N MET N 550 -47.39 26.79 -69.88
CA MET N 550 -48.69 26.72 -69.22
C MET N 550 -49.25 25.34 -69.53
N VAL N 551 -49.90 24.69 -68.56
CA VAL N 551 -50.40 23.34 -68.83
C VAL N 551 -51.93 23.25 -68.71
N ILE N 552 -52.55 22.73 -69.77
CA ILE N 552 -54.00 22.54 -69.84
C ILE N 552 -54.43 21.13 -69.50
N ASN N 553 -55.41 21.05 -68.63
CA ASN N 553 -56.06 19.84 -68.19
C ASN N 553 -57.21 19.54 -69.12
N ALA N 554 -57.01 18.59 -70.03
CA ALA N 554 -58.00 18.31 -71.05
C ALA N 554 -59.08 17.36 -70.54
N GLY N 555 -58.97 16.97 -69.28
CA GLY N 555 -59.92 16.06 -68.69
C GLY N 555 -59.30 14.67 -68.69
N PRO N 556 -58.96 14.12 -67.52
CA PRO N 556 -58.31 12.84 -67.35
C PRO N 556 -59.29 11.73 -67.55
N THR N 557 -58.78 10.53 -67.74
CA THR N 557 -59.63 9.36 -67.76
C THR N 557 -58.99 8.24 -66.97
N VAL N 558 -59.60 7.06 -67.01
CA VAL N 558 -59.16 5.92 -66.22
C VAL N 558 -59.14 4.64 -67.06
N ILE N 559 -58.11 3.82 -66.86
CA ILE N 559 -58.00 2.49 -67.43
C ILE N 559 -57.98 1.53 -66.24
N PRO N 560 -59.14 0.98 -65.82
CA PRO N 560 -59.41 0.21 -64.61
C PRO N 560 -58.53 -1.00 -64.46
N ALA N 561 -58.31 -1.49 -63.25
CA ALA N 561 -57.34 -2.57 -63.02
C ALA N 561 -57.71 -3.94 -63.60
N ASP N 562 -58.98 -4.18 -63.86
CA ASP N 562 -59.63 -5.50 -63.85
C ASP N 562 -59.33 -6.44 -65.04
N PHE N 563 -58.79 -5.94 -66.15
CA PHE N 563 -58.97 -6.60 -67.46
C PHE N 563 -57.69 -6.77 -68.26
N ASP N 564 -57.75 -7.68 -69.23
CA ASP N 564 -56.63 -7.95 -70.15
C ASP N 564 -56.23 -6.71 -70.94
N LEU N 565 -54.94 -6.41 -70.96
CA LEU N 565 -54.37 -5.38 -71.84
C LEU N 565 -54.39 -5.78 -73.33
N LYS N 566 -55.00 -6.93 -73.66
CA LYS N 566 -55.10 -7.49 -75.01
C LYS N 566 -56.08 -6.77 -75.95
N ASP N 567 -56.95 -5.90 -75.45
CA ASP N 567 -57.83 -5.07 -76.29
C ASP N 567 -57.11 -3.84 -76.87
N GLU N 568 -56.22 -4.12 -77.80
CA GLU N 568 -55.55 -3.14 -78.62
C GLU N 568 -56.51 -2.20 -79.31
N LEU N 569 -57.71 -2.65 -79.67
CA LEU N 569 -58.63 -1.73 -80.31
C LEU N 569 -59.07 -0.66 -79.35
N VAL N 570 -59.41 -1.06 -78.12
CA VAL N 570 -59.81 -0.04 -77.17
C VAL N 570 -58.69 0.91 -76.87
N LEU N 571 -57.51 0.38 -76.67
CA LEU N 571 -56.39 1.22 -76.33
C LEU N 571 -56.05 2.19 -77.46
N LYS N 572 -56.15 1.72 -78.71
CA LYS N 572 -55.88 2.57 -79.86
C LYS N 572 -56.88 3.71 -79.89
N GLN N 573 -58.15 3.39 -79.65
CA GLN N 573 -59.18 4.42 -79.65
C GLN N 573 -58.98 5.39 -78.52
N LEU N 574 -58.54 4.91 -77.34
CA LEU N 574 -58.31 5.84 -76.24
C LEU N 574 -57.23 6.82 -76.63
N LEU N 575 -56.19 6.33 -77.34
CA LEU N 575 -55.13 7.24 -77.72
C LEU N 575 -55.61 8.25 -78.74
N ILE N 576 -56.41 7.80 -79.70
CA ILE N 576 -56.88 8.74 -80.72
C ILE N 576 -57.75 9.80 -80.10
N LYS N 577 -58.68 9.38 -79.25
CA LYS N 577 -59.58 10.29 -78.59
C LYS N 577 -58.85 11.25 -77.68
N SER N 578 -57.81 10.77 -76.99
CA SER N 578 -57.07 11.64 -76.10
C SER N 578 -56.35 12.71 -76.89
N VAL N 579 -55.82 12.33 -78.04
CA VAL N 579 -55.16 13.28 -78.91
C VAL N 579 -56.18 14.32 -79.38
N ASN N 580 -57.38 13.88 -79.75
CA ASN N 580 -58.37 14.84 -80.23
C ASN N 580 -58.81 15.81 -79.15
N LEU N 581 -58.96 15.32 -77.93
CA LEU N 581 -59.38 16.20 -76.84
C LEU N 581 -58.29 17.22 -76.58
N CYS N 582 -57.03 16.80 -76.67
CA CYS N 582 -55.93 17.71 -76.48
C CYS N 582 -55.92 18.80 -77.54
N ASP N 583 -56.19 18.41 -78.80
CA ASP N 583 -56.22 19.40 -79.88
C ASP N 583 -57.34 20.40 -79.71
N ASP N 584 -58.49 19.95 -79.21
CA ASP N 584 -59.60 20.87 -79.03
C ASP N 584 -59.29 21.88 -77.94
N MET N 585 -58.60 21.44 -76.91
CA MET N 585 -58.27 22.40 -75.87
C MET N 585 -57.24 23.43 -76.34
N LEU N 586 -56.28 23.02 -77.19
CA LEU N 586 -55.35 24.01 -77.71
C LEU N 586 -56.10 24.95 -78.64
N ALA N 587 -57.04 24.39 -79.40
CA ALA N 587 -57.83 25.19 -80.31
C ALA N 587 -58.63 26.22 -79.55
N LYS N 588 -59.16 25.83 -78.38
CA LYS N 588 -59.89 26.82 -77.59
C LYS N 588 -58.93 27.92 -77.16
N ARG N 589 -57.76 27.52 -76.66
CA ARG N 589 -56.76 28.47 -76.20
C ARG N 589 -56.33 29.46 -77.29
N SER N 590 -56.27 28.98 -78.53
CA SER N 590 -55.87 29.79 -79.69
C SER N 590 -57.01 30.60 -80.30
N GLY N 591 -58.24 30.47 -79.78
CA GLY N 591 -59.36 31.21 -80.35
C GLY N 591 -60.08 30.58 -81.55
N GLU N 592 -59.95 29.27 -81.79
CA GLU N 592 -60.70 28.64 -82.89
C GLU N 592 -62.19 29.01 -82.84
N GLN N 593 -62.75 29.32 -84.01
CA GLN N 593 -64.12 29.84 -84.11
C GLN N 593 -65.15 28.81 -83.64
N PRO N 594 -66.11 29.21 -82.79
CA PRO N 594 -66.97 28.29 -82.06
C PRO N 594 -67.98 27.60 -82.98
N PHE N 595 -68.52 26.45 -82.57
CA PHE N 595 -69.69 25.98 -83.26
C PHE N 595 -70.87 26.88 -83.03
N SER N 596 -71.61 27.16 -84.08
CA SER N 596 -72.79 27.96 -83.96
C SER N 596 -73.84 27.49 -84.93
N VAL N 597 -75.08 27.87 -84.63
CA VAL N 597 -76.24 27.48 -85.44
C VAL N 597 -76.17 28.06 -86.83
N ALA N 598 -75.38 29.10 -87.00
CA ALA N 598 -75.19 29.75 -88.27
C ALA N 598 -74.66 28.78 -89.33
N MET N 599 -73.87 27.78 -88.90
CA MET N 599 -73.29 26.85 -89.88
C MET N 599 -74.22 25.68 -90.15
N LEU N 600 -75.30 25.62 -89.39
CA LEU N 600 -76.27 24.53 -89.46
C LEU N 600 -77.52 25.00 -90.21
N LYS N 601 -77.77 26.31 -90.19
CA LYS N 601 -78.97 26.91 -90.78
C LYS N 601 -78.84 27.01 -92.30
N GLY N 602 -78.85 25.88 -92.97
CA GLY N 602 -78.77 25.90 -94.42
C GLY N 602 -80.11 26.38 -94.94
N THR N 603 -80.15 27.02 -96.09
CA THR N 603 -81.44 27.48 -96.60
C THR N 603 -82.26 26.32 -97.17
N ASP N 604 -81.56 25.23 -97.41
CA ASP N 604 -82.08 23.99 -97.92
C ASP N 604 -81.96 22.86 -96.88
N GLU N 605 -81.82 23.19 -95.59
CA GLU N 605 -81.57 22.23 -94.53
C GLU N 605 -82.39 22.53 -93.27
N THR N 606 -83.05 21.52 -92.71
CA THR N 606 -83.78 21.64 -91.45
C THR N 606 -83.39 20.49 -90.56
N LEU N 607 -83.78 20.54 -89.30
CA LEU N 607 -83.55 19.38 -88.46
C LEU N 607 -84.80 18.59 -88.17
N ALA N 608 -84.61 17.34 -87.79
CA ALA N 608 -85.69 16.44 -87.37
C ALA N 608 -85.13 15.47 -86.35
N ALA N 609 -85.98 14.85 -85.54
CA ALA N 609 -85.45 13.92 -84.55
C ALA N 609 -86.31 12.70 -84.32
N ARG N 610 -85.64 11.66 -83.80
CA ARG N 610 -86.34 10.44 -83.45
C ARG N 610 -86.02 9.99 -82.04
N LEU N 611 -87.04 9.48 -81.37
CA LEU N 611 -86.86 8.93 -80.05
C LEU N 611 -86.86 7.42 -80.14
N ASN N 612 -85.71 6.83 -79.83
CA ASN N 612 -85.50 5.39 -79.89
C ASN N 612 -85.79 4.75 -78.54
N PHE N 613 -86.71 3.79 -78.48
CA PHE N 613 -87.05 3.06 -77.24
C PHE N 613 -86.46 1.64 -77.12
N THR N 614 -85.41 1.32 -77.86
CA THR N 614 -84.88 -0.04 -77.95
C THR N 614 -84.30 -0.53 -76.62
N GLY N 615 -84.53 -1.79 -76.28
CA GLY N 615 -84.05 -2.42 -75.07
C GLY N 615 -82.59 -2.90 -75.08
N LYS N 616 -81.62 -2.05 -75.44
CA LYS N 616 -80.17 -2.38 -75.41
C LYS N 616 -79.28 -1.23 -74.87
N PRO N 617 -78.18 -1.54 -74.16
CA PRO N 617 -77.30 -0.55 -73.52
C PRO N 617 -76.29 0.08 -74.48
N MET N 618 -75.62 1.16 -74.06
CA MET N 618 -74.52 1.75 -74.80
C MET N 618 -73.24 1.39 -74.11
N HIS N 619 -72.12 1.51 -74.78
CA HIS N 619 -70.88 1.26 -74.07
C HIS N 619 -70.00 2.48 -74.12
N ASP N 620 -69.21 2.66 -73.07
CA ASP N 620 -68.31 3.79 -72.96
C ASP N 620 -67.00 3.50 -73.68
N SER N 621 -66.03 4.39 -73.49
CA SER N 621 -64.77 4.34 -74.16
C SER N 621 -63.89 3.12 -73.86
N LEU N 622 -64.18 2.38 -72.79
CA LEU N 622 -63.40 1.19 -72.55
C LEU N 622 -64.26 -0.06 -72.59
N GLY N 623 -65.43 0.04 -73.24
CA GLY N 623 -66.31 -1.11 -73.37
C GLY N 623 -67.22 -1.43 -72.18
N TYR N 624 -67.45 -0.49 -71.27
CA TYR N 624 -68.30 -0.78 -70.12
C TYR N 624 -69.71 -0.28 -70.40
N PRO N 625 -70.77 -0.95 -69.92
CA PRO N 625 -72.17 -0.63 -70.19
C PRO N 625 -72.66 0.67 -69.58
N ILE N 626 -73.58 1.31 -70.31
CA ILE N 626 -74.27 2.53 -69.92
C ILE N 626 -75.79 2.30 -69.96
N ARG N 627 -76.46 2.56 -68.85
CA ARG N 627 -77.91 2.42 -68.80
C ARG N 627 -78.62 3.59 -69.43
N SER N 628 -79.59 3.31 -70.29
CA SER N 628 -80.50 4.32 -70.77
C SER N 628 -81.79 3.66 -71.18
N ASP N 629 -82.86 4.44 -71.25
CA ASP N 629 -84.11 3.93 -71.78
C ASP N 629 -84.38 4.43 -73.18
N ILE N 630 -83.98 5.69 -73.43
CA ILE N 630 -84.30 6.35 -74.68
C ILE N 630 -83.08 6.99 -75.32
N LEU N 631 -82.88 6.74 -76.60
CA LEU N 631 -81.80 7.45 -77.28
C LEU N 631 -82.42 8.51 -78.16
N VAL N 632 -82.01 9.76 -77.95
CA VAL N 632 -82.59 10.83 -78.75
C VAL N 632 -81.59 11.19 -79.84
N SER N 633 -82.00 10.94 -81.08
CA SER N 633 -81.12 11.15 -82.23
C SER N 633 -81.57 12.33 -83.08
N LEU N 634 -80.69 13.32 -83.20
CA LEU N 634 -81.01 14.52 -83.97
C LEU N 634 -80.32 14.48 -85.33
N ASN N 635 -81.14 14.53 -86.40
CA ASN N 635 -80.68 14.42 -87.78
C ASN N 635 -80.81 15.68 -88.64
N ARG N 636 -79.95 15.77 -89.65
CA ARG N 636 -79.95 16.84 -90.66
C ARG N 636 -80.70 16.46 -91.92
N VAL N 637 -81.79 17.14 -92.18
CA VAL N 637 -82.62 16.80 -93.32
C VAL N 637 -82.51 17.83 -94.44
N LYS N 638 -82.11 17.39 -95.62
CA LYS N 638 -81.99 18.35 -96.71
C LYS N 638 -83.02 18.16 -97.80
N LYS N 639 -83.30 19.26 -98.49
CA LYS N 639 -84.22 19.22 -99.62
C LYS N 639 -83.59 18.36 -100.73
N PRO N 640 -84.37 17.54 -101.46
CA PRO N 640 -83.90 16.61 -102.49
C PRO N 640 -83.50 17.25 -103.81
N GLY N 641 -82.52 18.11 -103.76
CA GLY N 641 -81.93 18.78 -104.90
C GLY N 641 -80.51 18.27 -105.01
N GLN N 642 -79.58 19.14 -105.36
CA GLN N 642 -78.21 18.68 -105.46
C GLN N 642 -77.63 18.60 -104.06
N GLN N 643 -76.98 17.50 -103.74
CA GLN N 643 -76.38 17.32 -102.44
C GLN N 643 -74.94 16.89 -102.61
N GLU N 644 -74.10 17.21 -101.64
CA GLU N 644 -72.68 16.85 -101.71
C GLU N 644 -72.50 15.34 -101.78
N ASN N 645 -73.43 14.63 -101.16
CA ASN N 645 -73.42 13.18 -101.08
C ASN N 645 -73.72 12.50 -102.40
N GLU N 646 -73.91 13.26 -103.48
CA GLU N 646 -74.07 12.60 -104.77
C GLU N 646 -72.78 11.85 -105.12
N PHE N 647 -71.66 12.22 -104.49
CA PHE N 647 -70.40 11.57 -104.76
C PHE N 647 -69.98 10.57 -103.68
N TYR N 648 -70.84 10.35 -102.66
CA TYR N 648 -70.45 9.47 -101.55
C TYR N 648 -71.59 8.91 -100.71
N GLU N 649 -71.32 7.81 -100.00
CA GLU N 649 -72.29 7.32 -99.04
C GLU N 649 -72.32 8.31 -97.90
N ALA N 650 -73.50 8.62 -97.37
CA ALA N 650 -73.58 9.68 -96.37
C ALA N 650 -74.66 9.38 -95.34
N GLU N 651 -74.50 9.99 -94.16
CA GLU N 651 -75.45 9.87 -93.08
C GLU N 651 -75.79 11.26 -92.57
N ASP N 652 -76.98 11.39 -91.98
CA ASP N 652 -77.48 12.65 -91.43
C ASP N 652 -77.39 12.86 -89.91
N LYS N 653 -76.72 11.99 -89.18
CA LYS N 653 -76.69 12.19 -87.73
C LYS N 653 -75.86 13.42 -87.34
N LEU N 654 -76.41 14.28 -86.47
CA LEU N 654 -75.68 15.44 -85.99
C LEU N 654 -75.16 15.17 -84.58
N ASN N 655 -76.06 14.72 -83.72
CA ASN N 655 -75.69 14.40 -82.34
C ASN N 655 -76.69 13.45 -81.66
N GLN N 656 -76.38 13.08 -80.41
CA GLN N 656 -77.25 12.21 -79.63
C GLN N 656 -77.16 12.37 -78.12
N VAL N 657 -78.31 12.34 -77.46
CA VAL N 657 -78.30 12.35 -75.99
C VAL N 657 -79.00 11.10 -75.47
N SER N 658 -78.31 10.41 -74.58
CA SER N 658 -78.82 9.16 -74.03
C SER N 658 -79.38 9.40 -72.64
N CYS N 659 -80.68 9.11 -72.49
CA CYS N 659 -81.35 9.34 -71.21
C CYS N 659 -81.98 8.10 -70.59
N PHE N 660 -81.95 8.11 -69.28
CA PHE N 660 -82.58 7.12 -68.41
C PHE N 660 -83.79 7.74 -67.73
N VAL N 661 -84.90 6.99 -67.59
CA VAL N 661 -86.03 7.57 -66.90
C VAL N 661 -86.15 7.00 -65.50
N ASN N 662 -85.94 7.88 -64.52
CA ASN N 662 -85.94 7.48 -63.12
C ASN N 662 -87.30 7.76 -62.51
N LEU N 663 -87.44 7.40 -61.22
CA LEU N 663 -88.63 7.64 -60.42
C LEU N 663 -88.22 7.96 -58.97
N GLU N 664 -88.58 9.12 -58.45
CA GLU N 664 -88.27 9.49 -57.06
C GLU N 664 -89.51 9.31 -56.21
N TYR N 665 -89.40 8.59 -55.11
CA TYR N 665 -90.57 8.36 -54.26
C TYR N 665 -90.69 9.49 -53.26
N THR N 666 -91.81 10.20 -53.35
CA THR N 666 -92.06 11.39 -52.55
C THR N 666 -93.43 11.33 -51.87
N PRO N 667 -93.59 10.57 -50.78
CA PRO N 667 -94.83 10.37 -50.06
C PRO N 667 -95.31 11.69 -49.47
N GLN N 668 -96.62 11.82 -49.27
CA GLN N 668 -97.17 13.03 -48.66
C GLN N 668 -98.04 12.69 -47.43
N PRO N 669 -97.45 12.38 -46.20
CA PRO N 669 -98.15 11.93 -44.97
C PRO N 669 -99.36 12.82 -44.61
N GLN N 682 -104.17 14.12 -53.56
CA GLN N 682 -102.72 14.13 -53.36
C GLN N 682 -102.05 13.91 -54.73
N LEU N 683 -100.69 13.94 -54.76
CA LEU N 683 -99.86 13.67 -55.95
C LEU N 683 -99.68 12.18 -56.11
N PRO N 684 -99.50 11.68 -57.33
CA PRO N 684 -99.05 10.34 -57.58
C PRO N 684 -97.71 10.26 -56.83
N PRO N 685 -97.44 9.25 -56.00
CA PRO N 685 -96.21 9.07 -55.21
C PRO N 685 -94.86 9.06 -55.94
N LEU N 686 -94.79 8.73 -57.23
CA LEU N 686 -93.50 8.73 -57.90
C LEU N 686 -93.31 9.88 -58.88
N THR N 687 -92.23 10.64 -58.68
CA THR N 687 -91.89 11.78 -59.51
C THR N 687 -90.80 11.37 -60.50
N PRO N 688 -91.07 11.31 -61.79
CA PRO N 688 -90.14 10.83 -62.76
C PRO N 688 -89.04 11.82 -63.00
N ALA N 689 -87.95 11.34 -63.55
CA ALA N 689 -86.86 12.24 -63.95
C ALA N 689 -86.16 11.77 -65.20
N ILE N 690 -85.71 12.74 -65.98
CA ILE N 690 -84.96 12.43 -67.17
C ILE N 690 -83.52 12.64 -66.84
N VAL N 691 -82.77 11.56 -66.81
CA VAL N 691 -81.39 11.61 -66.40
C VAL N 691 -80.48 11.46 -67.59
N ILE N 692 -79.63 12.44 -67.81
CA ILE N 692 -78.71 12.29 -68.92
C ILE N 692 -77.57 11.42 -68.46
N THR N 693 -77.36 10.31 -69.18
CA THR N 693 -76.31 9.39 -68.79
C THR N 693 -75.13 9.54 -69.74
N ASP N 694 -75.41 10.08 -70.92
CA ASP N 694 -74.35 10.38 -71.88
C ASP N 694 -74.77 11.44 -72.90
N VAL N 695 -73.78 12.19 -73.37
CA VAL N 695 -73.93 13.20 -74.43
C VAL N 695 -72.86 12.97 -75.48
N ARG N 696 -73.29 12.76 -76.73
CA ARG N 696 -72.32 12.52 -77.78
C ARG N 696 -72.59 13.35 -79.03
N GLN N 697 -71.54 13.57 -79.79
CA GLN N 697 -71.66 14.21 -81.08
C GLN N 697 -71.67 13.09 -82.08
N ALA N 698 -72.14 13.35 -83.28
CA ALA N 698 -72.08 12.30 -84.30
C ALA N 698 -70.62 11.97 -84.58
N GLU N 699 -70.38 10.75 -85.00
CA GLU N 699 -69.05 10.18 -85.28
C GLU N 699 -68.31 10.93 -86.38
N TRP N 700 -69.06 11.71 -87.15
CA TRP N 700 -68.52 12.51 -88.22
C TRP N 700 -67.74 13.70 -87.71
N LEU N 701 -68.05 14.16 -86.50
CA LEU N 701 -67.43 15.34 -85.92
C LEU N 701 -66.35 15.01 -84.93
N LYS N 702 -65.12 15.38 -85.26
CA LYS N 702 -64.02 15.03 -84.37
C LYS N 702 -63.96 15.87 -83.07
N ALA N 703 -64.39 17.13 -83.16
CA ALA N 703 -64.34 18.09 -82.04
C ALA N 703 -65.36 17.85 -80.94
N ASN N 704 -64.96 18.20 -79.71
CA ASN N 704 -65.85 18.14 -78.55
C ASN N 704 -65.71 19.42 -77.73
N THR N 705 -66.67 20.33 -77.89
CA THR N 705 -66.62 21.67 -77.29
C THR N 705 -67.86 21.97 -76.48
N MET N 706 -67.82 23.07 -75.72
CA MET N 706 -68.96 23.49 -74.90
C MET N 706 -70.19 23.80 -75.73
N GLU N 707 -69.99 24.42 -76.89
CA GLU N 707 -71.11 24.79 -77.72
C GLU N 707 -71.78 23.54 -78.25
N LEU N 708 -70.98 22.57 -78.66
CA LEU N 708 -71.53 21.35 -79.19
C LEU N 708 -72.29 20.56 -78.12
N TYR N 709 -71.75 20.56 -76.90
CA TYR N 709 -72.36 19.84 -75.79
C TYR N 709 -73.74 20.43 -75.50
N LEU N 710 -73.79 21.77 -75.38
CA LEU N 710 -75.01 22.50 -75.09
C LEU N 710 -76.06 22.37 -76.15
N PHE N 711 -75.64 22.40 -77.42
CA PHE N 711 -76.62 22.24 -78.46
C PHE N 711 -77.24 20.85 -78.33
N ALA N 712 -76.39 19.82 -78.15
CA ALA N 712 -76.87 18.44 -78.02
C ALA N 712 -77.80 18.27 -76.82
N LEU N 713 -77.59 18.99 -75.73
CA LEU N 713 -78.44 18.82 -74.54
C LEU N 713 -79.92 19.12 -74.80
N SER N 714 -80.22 19.87 -75.85
CA SER N 714 -81.62 20.20 -76.14
C SER N 714 -82.39 18.93 -76.54
N ASN N 715 -81.64 17.88 -76.87
CA ASN N 715 -82.21 16.59 -77.22
C ASN N 715 -82.84 15.96 -76.01
N ALA N 716 -82.29 16.20 -74.80
CA ALA N 716 -82.91 15.61 -73.65
C ALA N 716 -84.20 16.34 -73.40
N PHE N 717 -84.18 17.66 -73.61
CA PHE N 717 -85.40 18.42 -73.33
C PHE N 717 -86.59 17.88 -74.09
N ARG N 718 -86.38 17.63 -75.36
CA ARG N 718 -87.45 17.19 -76.25
C ARG N 718 -87.95 15.76 -76.01
N VAL N 719 -87.27 14.98 -75.16
CA VAL N 719 -87.65 13.59 -74.93
C VAL N 719 -89.00 13.58 -74.22
N THR N 720 -89.36 14.69 -73.60
CA THR N 720 -90.60 14.74 -72.86
C THR N 720 -91.72 15.35 -73.67
N ALA N 721 -91.52 15.50 -74.97
CA ALA N 721 -92.63 16.01 -75.76
C ALA N 721 -93.79 15.05 -75.54
N ASN N 722 -94.98 15.62 -75.39
CA ASN N 722 -96.19 14.84 -75.17
C ASN N 722 -95.99 13.89 -73.98
N GLN N 723 -96.16 12.59 -74.21
CA GLN N 723 -95.98 11.60 -73.16
C GLN N 723 -95.02 10.56 -73.66
N SER N 724 -94.19 10.93 -74.63
CA SER N 724 -93.28 9.98 -75.26
C SER N 724 -92.31 9.38 -74.25
N TRP N 725 -91.84 10.19 -73.32
CA TRP N 725 -90.89 9.74 -72.33
C TRP N 725 -91.41 8.58 -71.49
N ALA N 726 -92.74 8.46 -71.35
CA ALA N 726 -93.34 7.48 -70.47
C ALA N 726 -93.40 6.10 -71.09
N ARG N 727 -92.98 5.99 -72.35
CA ARG N 727 -92.98 4.68 -73.00
C ARG N 727 -91.94 3.79 -72.33
N SER N 728 -90.99 4.42 -71.64
CA SER N 728 -89.92 3.74 -70.94
C SER N 728 -90.45 2.94 -69.75
N LEU N 729 -91.67 3.25 -69.34
CA LEU N 729 -92.28 2.61 -68.21
C LEU N 729 -93.12 1.40 -68.62
N LEU N 730 -93.23 1.14 -69.93
CA LEU N 730 -94.01 -0.02 -70.38
C LEU N 730 -93.38 -1.36 -69.98
N PRO N 731 -94.23 -2.38 -69.81
CA PRO N 731 -93.79 -3.76 -69.96
C PRO N 731 -93.40 -4.05 -71.42
N GLN N 732 -92.60 -5.10 -71.61
CA GLN N 732 -92.10 -5.59 -72.91
C GLN N 732 -92.15 -7.12 -72.98
N LEU N 733 -92.03 -7.68 -74.20
CA LEU N 733 -92.37 -9.07 -74.57
C LEU N 733 -91.84 -10.17 -73.63
N GLY N 734 -92.74 -11.06 -73.19
CA GLY N 734 -92.45 -12.45 -72.80
C GLY N 734 -91.60 -12.71 -71.54
N LYS N 735 -90.98 -11.69 -70.94
CA LYS N 735 -90.07 -11.81 -69.79
C LYS N 735 -90.78 -12.40 -68.57
N VAL N 736 -90.31 -13.56 -68.09
CA VAL N 736 -90.93 -14.33 -66.99
C VAL N 736 -90.72 -13.66 -65.62
N LYS N 737 -89.47 -13.27 -65.32
CA LYS N 737 -89.10 -12.46 -64.13
C LYS N 737 -87.98 -11.51 -64.51
N ASP N 738 -88.26 -10.22 -64.71
CA ASP N 738 -87.22 -9.22 -65.02
C ASP N 738 -87.48 -7.86 -64.35
N MET N 739 -86.42 -7.06 -64.20
CA MET N 739 -86.33 -6.01 -63.20
C MET N 739 -87.07 -4.68 -63.44
N ARG N 740 -87.45 -4.22 -64.66
CA ARG N 740 -87.90 -2.83 -64.76
C ARG N 740 -89.41 -2.80 -64.85
N ASP N 741 -90.02 -3.93 -64.56
CA ASP N 741 -91.45 -4.10 -64.65
C ASP N 741 -92.23 -3.11 -63.79
N ILE N 742 -93.10 -2.35 -64.47
CA ILE N 742 -93.94 -1.35 -63.83
C ILE N 742 -94.84 -1.99 -62.82
N GLY N 743 -95.12 -3.26 -62.95
CA GLY N 743 -96.01 -3.92 -62.01
C GLY N 743 -95.47 -3.89 -60.60
N ALA N 744 -94.18 -3.61 -60.43
CA ALA N 744 -93.57 -3.54 -59.11
C ALA N 744 -94.12 -2.35 -58.35
N ILE N 745 -94.66 -1.38 -59.09
CA ILE N 745 -95.15 -0.11 -58.61
C ILE N 745 -96.37 -0.36 -57.71
N GLY N 746 -97.01 -1.52 -57.89
CA GLY N 746 -98.17 -1.92 -57.12
C GLY N 746 -97.80 -2.18 -55.67
N TYR N 747 -96.50 -2.32 -55.37
CA TYR N 747 -96.10 -2.54 -54.01
C TYR N 747 -96.11 -1.24 -53.23
N LEU N 748 -95.95 -0.09 -53.92
CA LEU N 748 -95.95 1.19 -53.24
C LEU N 748 -97.35 1.79 -53.27
N SER N 749 -98.13 1.40 -54.27
CA SER N 749 -99.49 1.89 -54.43
C SER N 749 -100.37 1.16 -53.43
N ARG N 750 -101.64 1.56 -53.37
CA ARG N 750 -102.62 0.95 -52.48
C ARG N 750 -102.70 -0.57 -52.57
N LEU N 751 -102.37 -1.14 -53.72
CA LEU N 751 -102.48 -2.58 -53.90
C LEU N 751 -101.57 -3.37 -52.98
N ALA N 752 -100.38 -2.82 -52.66
CA ALA N 752 -99.39 -3.53 -51.86
C ALA N 752 -99.12 -4.90 -52.47
N ALA N 753 -99.06 -4.95 -53.79
CA ALA N 753 -98.86 -6.19 -54.52
C ALA N 753 -98.30 -5.95 -55.89
N ARG N 754 -97.66 -6.95 -56.47
CA ARG N 754 -97.22 -6.76 -57.84
C ARG N 754 -98.44 -6.84 -58.73
N VAL N 755 -98.48 -5.97 -59.70
CA VAL N 755 -99.57 -5.93 -60.67
C VAL N 755 -99.30 -7.01 -61.70
N GLU N 756 -100.31 -7.75 -62.08
CA GLU N 756 -100.08 -8.75 -63.10
C GLU N 756 -100.02 -8.05 -64.44
N THR N 757 -98.79 -7.68 -64.84
CA THR N 757 -98.54 -6.89 -66.05
C THR N 757 -97.94 -7.62 -67.24
N LYS N 758 -97.33 -8.77 -67.01
CA LYS N 758 -96.62 -9.48 -68.08
C LYS N 758 -97.49 -10.44 -68.86
N THR N 759 -98.76 -10.56 -68.49
CA THR N 759 -99.61 -11.58 -69.06
C THR N 759 -100.55 -10.99 -70.10
N GLU N 760 -101.22 -11.89 -70.80
CA GLU N 760 -102.18 -11.55 -71.85
C GLU N 760 -103.45 -10.87 -71.34
N THR N 761 -103.65 -10.86 -70.01
CA THR N 761 -104.84 -10.27 -69.45
C THR N 761 -104.62 -8.81 -69.02
N PHE N 762 -103.38 -8.32 -69.17
CA PHE N 762 -103.10 -6.93 -68.80
C PHE N 762 -103.31 -6.05 -70.02
N THR N 763 -104.11 -5.01 -69.86
CA THR N 763 -104.46 -4.15 -70.96
C THR N 763 -103.68 -2.84 -71.00
N ASP N 764 -103.78 -2.15 -72.12
CA ASP N 764 -103.18 -0.82 -72.32
C ASP N 764 -103.84 0.16 -71.36
N GLN N 765 -105.14 -0.03 -71.14
CA GLN N 765 -105.89 0.82 -70.23
C GLN N 765 -105.39 0.63 -68.81
N ASN N 766 -105.06 -0.62 -68.44
CA ASN N 766 -104.60 -0.83 -67.08
C ASN N 766 -103.24 -0.19 -66.90
N PHE N 767 -102.42 -0.24 -67.95
CA PHE N 767 -101.12 0.41 -67.89
C PHE N 767 -101.26 1.89 -67.65
N ALA N 768 -102.13 2.51 -68.45
CA ALA N 768 -102.33 3.94 -68.34
C ALA N 768 -102.78 4.33 -66.95
N GLU N 769 -103.65 3.49 -66.36
CA GLU N 769 -104.13 3.73 -65.01
C GLU N 769 -103.03 3.64 -63.97
N LEU N 770 -102.07 2.72 -64.15
CA LEU N 770 -101.01 2.64 -63.17
C LEU N 770 -100.26 3.96 -63.19
N LEU N 771 -99.98 4.46 -64.40
CA LEU N 771 -99.32 5.76 -64.45
C LEU N 771 -100.18 6.89 -63.93
N TYR N 772 -101.48 6.89 -64.21
CA TYR N 772 -102.31 8.00 -63.77
C TYR N 772 -102.29 8.14 -62.26
N ASN N 773 -102.32 7.01 -61.56
CA ASN N 773 -102.33 7.06 -60.11
C ASN N 773 -100.95 7.10 -59.44
N MET N 774 -99.93 6.47 -60.03
CA MET N 774 -98.61 6.42 -59.43
C MET N 774 -97.51 7.34 -59.96
N VAL N 775 -97.60 7.83 -61.19
CA VAL N 775 -96.50 8.62 -61.74
C VAL N 775 -96.91 10.03 -62.18
N ARG N 776 -96.22 11.02 -61.66
CA ARG N 776 -96.52 12.40 -62.00
C ARG N 776 -96.17 12.62 -63.48
N PRO N 777 -97.03 13.26 -64.28
CA PRO N 777 -96.86 13.48 -65.71
C PRO N 777 -95.70 14.38 -66.19
N SER N 778 -95.10 15.17 -65.29
CA SER N 778 -94.02 16.06 -65.66
C SER N 778 -92.73 15.74 -64.90
N PRO N 779 -91.72 15.14 -65.56
CA PRO N 779 -90.46 14.71 -64.98
C PRO N 779 -89.49 15.85 -64.70
N VAL N 780 -88.57 15.58 -63.79
CA VAL N 780 -87.46 16.47 -63.47
C VAL N 780 -86.24 16.20 -64.35
N PHE N 781 -85.65 17.22 -64.94
CA PHE N 781 -84.43 16.99 -65.73
C PHE N 781 -83.19 17.05 -64.86
N MET N 782 -82.28 16.12 -65.06
CA MET N 782 -81.02 16.06 -64.33
C MET N 782 -79.93 15.34 -65.11
N SER N 783 -78.71 15.40 -64.62
CA SER N 783 -77.60 14.73 -65.32
C SER N 783 -76.47 14.25 -64.42
N ASP N 784 -75.74 13.27 -64.98
CA ASP N 784 -74.57 12.70 -64.33
C ASP N 784 -73.27 13.23 -64.95
N LEU N 785 -72.48 13.96 -64.17
CA LEU N 785 -71.25 14.59 -64.65
C LEU N 785 -70.01 13.83 -64.15
N ASN N 786 -69.28 13.23 -65.10
CA ASN N 786 -68.14 12.38 -64.73
C ASN N 786 -66.80 13.06 -64.96
N ARG N 787 -66.09 13.33 -63.86
CA ARG N 787 -64.83 14.05 -63.90
C ARG N 787 -63.76 13.40 -64.75
N PHE N 788 -63.91 12.09 -64.93
CA PHE N 788 -63.00 11.24 -65.68
C PHE N 788 -63.60 10.70 -66.99
N GLY N 789 -64.73 11.27 -67.44
CA GLY N 789 -65.32 10.79 -68.69
C GLY N 789 -64.70 11.48 -69.90
N ASP N 790 -65.12 11.11 -71.11
CA ASP N 790 -64.53 11.74 -72.31
C ASP N 790 -64.95 13.19 -72.49
N ASN N 791 -66.03 13.58 -71.83
CA ASN N 791 -66.51 14.94 -71.91
C ASN N 791 -66.08 15.70 -70.68
N ALA N 792 -65.16 15.14 -69.88
CA ALA N 792 -64.75 15.74 -68.61
C ALA N 792 -64.30 17.17 -68.73
N ALA N 793 -63.65 17.54 -69.83
CA ALA N 793 -63.22 18.93 -69.93
C ALA N 793 -64.42 19.88 -69.80
N ILE N 794 -65.57 19.46 -70.31
CA ILE N 794 -66.78 20.25 -70.34
C ILE N 794 -67.63 19.97 -69.10
N GLU N 795 -67.78 18.70 -68.76
CA GLU N 795 -68.63 18.29 -67.65
C GLU N 795 -68.11 18.85 -66.34
N ASN N 796 -66.79 19.03 -66.24
CA ASN N 796 -66.17 19.60 -65.06
C ASN N 796 -66.53 21.07 -64.90
N VAL N 797 -66.93 21.74 -65.98
CA VAL N 797 -67.30 23.14 -65.91
C VAL N 797 -68.69 23.14 -65.29
N PHE N 798 -69.52 22.21 -65.78
CA PHE N 798 -70.87 22.08 -65.25
C PHE N 798 -70.83 21.69 -63.79
N ILE N 799 -69.85 20.87 -63.38
CA ILE N 799 -69.74 20.55 -61.97
C ILE N 799 -69.37 21.82 -61.22
N ASP N 800 -68.40 22.59 -61.70
CA ASP N 800 -68.00 23.81 -60.99
C ASP N 800 -69.08 24.89 -60.98
N ALA N 801 -70.01 24.82 -61.93
CA ALA N 801 -71.12 25.76 -61.97
C ALA N 801 -72.01 25.61 -60.71
N LEU N 802 -71.83 24.50 -59.98
CA LEU N 802 -72.57 24.18 -58.76
C LEU N 802 -72.05 24.92 -57.52
N GLY N 803 -70.81 25.43 -57.53
CA GLY N 803 -70.28 26.07 -56.33
C GLY N 803 -68.76 26.19 -56.37
N GLY N 804 -68.15 26.57 -55.25
CA GLY N 804 -66.69 26.67 -55.21
C GLY N 804 -66.15 28.02 -55.63
N VAL N 805 -64.83 28.12 -55.67
CA VAL N 805 -64.11 29.37 -55.95
C VAL N 805 -64.38 29.94 -57.33
N ASN N 806 -64.63 29.07 -58.30
CA ASN N 806 -64.89 29.52 -59.64
C ASN N 806 -66.33 29.33 -60.05
N GLN N 807 -67.29 29.28 -59.11
CA GLN N 807 -68.65 29.03 -59.58
C GLN N 807 -69.14 30.02 -60.63
N GLN N 808 -68.88 31.30 -60.43
CA GLN N 808 -69.40 32.28 -61.37
C GLN N 808 -68.65 32.25 -62.69
N ARG N 809 -67.45 31.67 -62.67
CA ARG N 809 -66.62 31.62 -63.84
C ARG N 809 -67.05 30.42 -64.67
N ALA N 810 -67.42 29.34 -63.97
CA ALA N 810 -67.91 28.14 -64.61
C ALA N 810 -69.22 28.48 -65.30
N VAL N 811 -70.05 29.25 -64.59
CA VAL N 811 -71.27 29.74 -65.21
C VAL N 811 -70.96 30.62 -66.39
N ALA N 812 -70.02 31.56 -66.26
CA ALA N 812 -69.74 32.39 -67.41
C ALA N 812 -69.31 31.57 -68.63
N ALA N 813 -68.54 30.49 -68.42
CA ALA N 813 -68.12 29.64 -69.54
C ALA N 813 -69.30 28.94 -70.24
N ILE N 814 -70.28 28.50 -69.46
CA ILE N 814 -71.43 27.81 -70.00
C ILE N 814 -72.37 28.77 -70.69
N ILE N 815 -72.61 29.92 -70.07
CA ILE N 815 -73.50 30.91 -70.62
C ILE N 815 -72.90 31.45 -71.90
N ALA N 816 -71.58 31.69 -71.90
CA ALA N 816 -70.92 32.09 -73.11
C ALA N 816 -71.08 31.05 -74.19
N GLY N 817 -70.98 29.76 -73.84
CA GLY N 817 -71.17 28.71 -74.83
C GLY N 817 -72.56 28.75 -75.44
N VAL N 818 -73.57 29.04 -74.60
CA VAL N 818 -74.91 29.10 -75.18
C VAL N 818 -74.98 30.28 -76.12
N ASN N 819 -74.44 31.42 -75.68
CA ASN N 819 -74.46 32.62 -76.50
C ASN N 819 -73.64 32.48 -77.76
N ASN N 820 -72.60 31.66 -77.74
CA ASN N 820 -71.82 31.47 -78.95
C ASN N 820 -72.69 30.71 -79.93
N LEU N 821 -73.51 29.77 -79.43
CA LEU N 821 -74.40 29.04 -80.33
C LEU N 821 -75.42 29.89 -80.99
N ILE N 822 -76.00 30.83 -80.21
CA ILE N 822 -77.11 31.64 -80.72
C ILE N 822 -76.83 33.10 -81.13
N GLY N 823 -75.61 33.62 -80.89
CA GLY N 823 -75.33 35.02 -81.25
C GLY N 823 -75.79 36.00 -80.16
N GLY N 824 -75.82 35.52 -78.93
CA GLY N 824 -76.25 36.31 -77.77
C GLY N 824 -77.73 36.15 -77.46
N GLY N 825 -78.16 36.62 -76.27
CA GLY N 825 -79.57 36.55 -75.90
C GLY N 825 -80.02 35.40 -75.00
N PHE N 826 -79.12 34.55 -74.49
CA PHE N 826 -79.59 33.47 -73.63
C PHE N 826 -80.25 34.06 -72.41
N GLU N 827 -79.67 35.15 -71.94
CA GLU N 827 -80.05 35.94 -70.78
C GLU N 827 -81.49 36.47 -70.86
N LYS N 828 -82.10 36.43 -72.05
CA LYS N 828 -83.46 36.89 -72.23
C LYS N 828 -84.45 35.77 -71.91
N PHE N 829 -83.92 34.55 -71.81
CA PHE N 829 -84.72 33.37 -71.54
C PHE N 829 -84.38 32.81 -70.16
N PHE N 830 -83.14 33.01 -69.73
CA PHE N 830 -82.61 32.56 -68.45
C PHE N 830 -81.60 33.54 -67.88
N ASP N 831 -81.96 34.21 -66.81
CA ASP N 831 -81.00 35.12 -66.20
C ASP N 831 -80.05 34.39 -65.28
N HIS N 832 -78.81 34.25 -65.71
CA HIS N 832 -77.81 33.50 -64.98
C HIS N 832 -77.28 34.27 -63.78
N ASN N 833 -77.67 35.53 -63.66
CA ASN N 833 -77.29 36.31 -62.50
C ASN N 833 -78.36 36.22 -61.42
N THR N 834 -79.42 35.46 -61.69
CA THR N 834 -80.51 35.25 -60.75
C THR N 834 -80.64 33.77 -60.41
N MET N 835 -80.39 32.91 -61.40
CA MET N 835 -80.59 31.48 -61.26
C MET N 835 -79.35 30.66 -61.60
N PRO N 836 -79.07 29.54 -60.91
CA PRO N 836 -78.01 28.60 -61.17
C PRO N 836 -78.33 27.80 -62.41
N ILE N 837 -77.31 27.33 -63.12
CA ILE N 837 -77.52 26.47 -64.27
C ILE N 837 -77.98 25.09 -63.83
N ILE N 838 -77.27 24.54 -62.83
CA ILE N 838 -77.55 23.24 -62.25
C ILE N 838 -77.61 23.40 -60.73
N GLN N 839 -78.60 22.80 -60.08
CA GLN N 839 -78.64 22.83 -58.63
C GLN N 839 -78.00 21.52 -58.15
N PRO N 840 -77.21 21.46 -57.08
CA PRO N 840 -76.62 20.22 -56.59
C PRO N 840 -77.71 19.22 -56.26
N TYR N 841 -77.49 17.94 -56.62
CA TYR N 841 -78.46 16.90 -56.26
C TYR N 841 -78.46 16.62 -54.76
N GLY N 842 -77.25 16.54 -54.20
CA GLY N 842 -77.04 16.19 -52.80
C GLY N 842 -76.21 14.93 -52.75
N THR N 843 -76.90 13.80 -52.85
CA THR N 843 -76.30 12.47 -52.89
C THR N 843 -75.43 12.37 -54.16
N ASP N 844 -74.22 11.80 -54.06
CA ASP N 844 -73.35 11.65 -55.24
C ASP N 844 -73.75 10.42 -56.05
N ILE N 845 -72.98 10.10 -57.07
CA ILE N 845 -73.34 8.98 -57.90
C ILE N 845 -72.47 7.79 -57.65
N GLN N 846 -73.10 6.70 -57.31
CA GLN N 846 -72.41 5.45 -57.16
C GLN N 846 -72.55 4.76 -58.52
N LEU N 847 -71.43 4.40 -59.11
CA LEU N 847 -71.40 3.80 -60.45
C LEU N 847 -70.76 2.45 -60.39
N GLY N 848 -71.02 1.64 -61.40
CA GLY N 848 -70.42 0.32 -61.45
C GLY N 848 -71.18 -0.60 -62.37
N TYR N 849 -70.71 -1.85 -62.42
CA TYR N 849 -71.37 -2.85 -63.25
C TYR N 849 -71.31 -4.19 -62.54
N TYR N 850 -72.22 -5.04 -62.98
CA TYR N 850 -72.39 -6.37 -62.45
C TYR N 850 -72.57 -7.30 -63.60
N LEU N 851 -72.49 -8.60 -63.36
CA LEU N 851 -72.73 -9.51 -64.46
C LEU N 851 -74.11 -10.15 -64.40
N ASP N 852 -74.70 -10.35 -65.57
CA ASP N 852 -75.99 -11.00 -65.64
C ASP N 852 -75.83 -12.53 -65.68
N GLY N 853 -76.93 -13.25 -65.88
CA GLY N 853 -76.92 -14.71 -65.83
C GLY N 853 -76.08 -15.39 -66.91
N GLU N 854 -75.74 -14.67 -67.98
CA GLU N 854 -74.94 -15.23 -69.07
C GLU N 854 -73.50 -14.74 -68.93
N GLY N 855 -73.24 -13.94 -67.89
CA GLY N 855 -71.93 -13.36 -67.66
C GLY N 855 -71.66 -12.06 -68.41
N GLU N 856 -72.72 -11.39 -68.92
CA GLU N 856 -72.49 -10.15 -69.66
C GLU N 856 -72.48 -8.97 -68.71
N LYS N 857 -71.80 -7.90 -69.08
CA LYS N 857 -71.76 -6.74 -68.21
C LYS N 857 -73.05 -5.95 -68.29
N GLN N 858 -73.55 -5.53 -67.13
CA GLN N 858 -74.73 -4.69 -67.04
C GLN N 858 -74.51 -3.53 -66.07
N ASP N 859 -75.11 -2.40 -66.38
CA ASP N 859 -75.02 -1.18 -65.57
C ASP N 859 -75.76 -1.31 -64.22
N ARG N 860 -75.08 -1.02 -63.11
CA ARG N 860 -75.71 -1.19 -61.78
C ARG N 860 -76.94 -0.31 -61.59
N ARG N 861 -77.12 0.69 -62.47
CA ARG N 861 -78.24 1.62 -62.44
C ARG N 861 -79.57 0.88 -62.68
N ASP N 862 -79.50 -0.40 -63.09
CA ASP N 862 -80.69 -1.20 -63.26
C ASP N 862 -81.50 -1.29 -61.96
N LEU N 863 -80.85 -1.24 -60.80
CA LEU N 863 -81.66 -1.30 -59.57
C LEU N 863 -82.14 0.07 -59.13
N ASP N 864 -83.13 0.53 -59.88
CA ASP N 864 -83.86 1.79 -59.70
C ASP N 864 -85.07 1.45 -58.85
N VAL N 865 -86.07 2.33 -58.75
CA VAL N 865 -87.17 1.99 -57.85
C VAL N 865 -87.87 0.70 -58.23
N LEU N 866 -88.21 0.51 -59.50
CA LEU N 866 -88.93 -0.70 -59.85
C LEU N 866 -88.03 -1.91 -59.64
N GLY N 867 -86.74 -1.71 -59.93
CA GLY N 867 -85.73 -2.76 -59.80
C GLY N 867 -85.65 -3.27 -58.38
N ALA N 868 -85.47 -2.36 -57.43
CA ALA N 868 -85.39 -2.74 -56.03
C ALA N 868 -86.70 -3.34 -55.52
N LEU N 869 -87.85 -2.82 -56.01
CA LEU N 869 -89.14 -3.38 -55.58
C LEU N 869 -89.27 -4.83 -56.03
N ASN N 870 -88.76 -5.11 -57.24
CA ASN N 870 -88.77 -6.48 -57.73
C ASN N 870 -87.73 -7.34 -57.02
N ALA N 871 -86.57 -6.76 -56.73
CA ALA N 871 -85.48 -7.51 -56.09
C ALA N 871 -85.84 -7.99 -54.71
N SER N 872 -86.60 -7.19 -53.97
CA SER N 872 -87.02 -7.54 -52.61
C SER N 872 -88.33 -8.32 -52.60
N ASP N 873 -88.90 -8.56 -53.79
CA ASP N 873 -90.19 -9.25 -53.95
C ASP N 873 -91.27 -8.62 -53.10
N GLY N 874 -91.34 -7.29 -53.10
CA GLY N 874 -92.36 -6.61 -52.32
C GLY N 874 -92.03 -6.34 -50.87
N ASN N 875 -90.85 -6.72 -50.41
CA ASN N 875 -90.58 -6.42 -49.03
C ASN N 875 -90.21 -4.96 -48.97
N ILE N 876 -91.21 -4.17 -48.60
CA ILE N 876 -91.07 -2.73 -48.51
C ILE N 876 -90.13 -2.34 -47.42
N GLN N 877 -90.12 -3.03 -46.31
CA GLN N 877 -89.17 -2.59 -45.30
C GLN N 877 -87.73 -2.66 -45.87
N GLU N 878 -87.44 -3.69 -46.67
CA GLU N 878 -86.12 -3.80 -47.30
C GLU N 878 -85.96 -2.72 -48.38
N TRP N 879 -87.03 -2.48 -49.13
CA TRP N 879 -87.01 -1.48 -50.19
C TRP N 879 -86.75 -0.11 -49.65
N MET N 880 -87.40 0.25 -48.56
CA MET N 880 -87.29 1.55 -47.95
C MET N 880 -85.93 1.72 -47.35
N SER N 881 -85.34 0.64 -46.82
CA SER N 881 -84.01 0.79 -46.28
C SER N 881 -83.06 1.10 -47.44
N TRP N 882 -83.26 0.40 -48.57
CA TRP N 882 -82.50 0.64 -49.79
C TRP N 882 -82.67 2.04 -50.31
N TYR N 883 -83.91 2.48 -50.36
CA TYR N 883 -84.25 3.77 -50.90
C TYR N 883 -83.61 4.86 -50.05
N GLY N 884 -83.80 4.80 -48.73
CA GLY N 884 -83.28 5.80 -47.80
C GLY N 884 -81.77 5.92 -47.88
N THR N 885 -81.10 4.80 -48.18
CA THR N 885 -79.65 4.78 -48.30
C THR N 885 -79.12 5.88 -49.22
N GLN N 886 -79.79 6.17 -50.34
CA GLN N 886 -79.30 7.20 -51.25
C GLN N 886 -80.14 8.48 -51.25
N CYS N 887 -81.04 8.62 -50.27
CA CYS N 887 -81.91 9.78 -50.20
C CYS N 887 -81.63 10.63 -48.96
N ASN N 888 -81.29 9.99 -47.85
CA ASN N 888 -81.07 10.81 -46.68
C ASN N 888 -79.65 11.34 -46.72
N VAL N 889 -79.53 12.56 -47.16
CA VAL N 889 -78.24 13.22 -47.37
C VAL N 889 -77.48 13.43 -46.06
N ALA N 890 -78.17 13.32 -44.92
CA ALA N 890 -77.57 13.49 -43.61
C ALA N 890 -76.70 12.30 -43.22
N VAL N 891 -76.84 11.17 -43.92
CA VAL N 891 -76.08 9.97 -43.61
C VAL N 891 -74.68 10.11 -44.18
N HIS N 892 -73.66 9.88 -43.40
CA HIS N 892 -72.33 10.04 -43.97
C HIS N 892 -72.23 9.17 -45.23
N PRO N 893 -71.66 9.68 -46.35
CA PRO N 893 -71.56 8.99 -47.62
C PRO N 893 -70.85 7.66 -47.58
N GLU N 894 -69.97 7.42 -46.61
CA GLU N 894 -69.32 6.13 -46.58
C GLU N 894 -70.32 5.07 -46.20
N LEU N 895 -71.25 5.44 -45.32
CA LEU N 895 -72.23 4.51 -44.84
C LEU N 895 -73.20 4.29 -45.96
N ARG N 896 -73.48 5.36 -46.69
CA ARG N 896 -74.42 5.21 -47.78
C ARG N 896 -73.88 4.23 -48.80
N ALA N 897 -72.58 4.36 -49.12
CA ALA N 897 -71.96 3.49 -50.10
C ALA N 897 -71.88 2.04 -49.62
N ARG N 898 -71.54 1.82 -48.34
CA ARG N 898 -71.44 0.44 -47.86
C ARG N 898 -72.79 -0.24 -47.88
N GLN N 899 -73.81 0.49 -47.45
CA GLN N 899 -75.14 -0.05 -47.39
C GLN N 899 -75.63 -0.37 -48.79
N SER N 900 -75.31 0.50 -49.75
CA SER N 900 -75.74 0.26 -51.12
C SER N 900 -75.08 -0.96 -51.69
N LYS N 901 -73.80 -1.15 -51.39
CA LYS N 901 -73.08 -2.31 -51.89
C LYS N 901 -73.68 -3.58 -51.29
N ASN N 902 -74.09 -3.51 -50.02
CA ASN N 902 -74.69 -4.67 -49.40
C ASN N 902 -76.00 -5.02 -50.11
N PHE N 903 -76.78 -3.98 -50.46
CA PHE N 903 -78.05 -4.24 -51.15
C PHE N 903 -77.85 -4.77 -52.53
N ASP N 904 -76.86 -4.25 -53.26
CA ASP N 904 -76.66 -4.73 -54.61
C ASP N 904 -76.23 -6.17 -54.58
N ARG N 905 -75.40 -6.56 -53.62
CA ARG N 905 -75.03 -7.96 -53.62
C ARG N 905 -76.24 -8.85 -53.32
N GLN N 906 -77.09 -8.41 -52.37
CA GLN N 906 -78.27 -9.19 -52.01
C GLN N 906 -79.29 -9.29 -53.13
N TYR N 907 -79.54 -8.17 -53.74
CA TYR N 907 -80.40 -7.92 -54.89
C TYR N 907 -79.93 -8.43 -56.27
N LEU N 908 -78.63 -8.65 -56.51
CA LEU N 908 -78.06 -9.17 -57.73
C LEU N 908 -77.44 -10.58 -57.65
N GLY N 909 -77.24 -11.14 -56.44
CA GLY N 909 -76.63 -12.48 -56.36
C GLY N 909 -75.10 -12.47 -56.34
N ASN N 910 -74.53 -11.45 -55.70
CA ASN N 910 -73.08 -11.26 -55.58
C ASN N 910 -72.39 -11.18 -56.94
N SER N 911 -73.03 -10.50 -57.88
CA SER N 911 -72.52 -10.34 -59.24
C SER N 911 -71.86 -9.01 -59.51
N VAL N 912 -71.71 -8.17 -58.50
CA VAL N 912 -71.10 -6.86 -58.68
C VAL N 912 -69.60 -7.04 -58.78
N THR N 913 -68.99 -6.30 -59.69
CA THR N 913 -67.61 -5.91 -59.81
C THR N 913 -67.52 -4.37 -59.74
N TYR N 914 -67.24 -3.79 -58.60
CA TYR N 914 -67.33 -2.37 -58.33
C TYR N 914 -66.33 -1.57 -59.17
N THR N 915 -66.67 -0.32 -59.57
CA THR N 915 -65.81 0.46 -60.49
C THR N 915 -65.57 1.92 -60.10
N THR N 916 -66.57 2.80 -59.93
CA THR N 916 -66.29 4.26 -59.90
C THR N 916 -67.37 5.18 -59.26
N ARG N 917 -67.07 6.49 -59.34
CA ARG N 917 -67.75 7.69 -58.82
C ARG N 917 -67.97 8.83 -59.84
N ALA N 918 -69.08 9.56 -59.65
CA ALA N 918 -69.42 10.76 -60.46
C ALA N 918 -70.30 11.72 -59.65
N HIS N 919 -70.46 12.96 -60.13
CA HIS N 919 -71.28 13.96 -59.44
C HIS N 919 -72.67 14.10 -60.06
N ARG N 920 -73.68 14.38 -59.24
CA ARG N 920 -75.00 14.55 -59.83
C ARG N 920 -75.57 15.92 -59.54
N GLY N 921 -76.25 16.43 -60.55
CA GLY N 921 -76.95 17.69 -60.37
C GLY N 921 -78.28 17.68 -61.07
N ILE N 922 -79.14 18.61 -60.69
CA ILE N 922 -80.47 18.75 -61.22
C ILE N 922 -80.50 19.97 -62.11
N TRP N 923 -80.96 19.84 -63.33
CA TRP N 923 -80.87 21.01 -64.17
C TRP N 923 -81.87 22.01 -63.72
N ASN N 924 -81.48 23.28 -63.70
CA ASN N 924 -82.46 24.27 -63.38
C ASN N 924 -83.48 24.16 -64.48
N PRO N 925 -84.77 23.88 -64.21
CA PRO N 925 -85.78 23.73 -65.21
C PRO N 925 -85.78 24.90 -66.19
N LYS N 926 -85.43 26.10 -65.69
CA LYS N 926 -85.41 27.26 -66.55
C LYS N 926 -84.20 27.29 -67.45
N PHE N 927 -83.06 26.72 -67.04
CA PHE N 927 -81.88 26.74 -67.89
C PHE N 927 -82.15 25.93 -69.12
N ILE N 928 -82.67 24.72 -68.91
CA ILE N 928 -82.93 23.83 -70.03
C ILE N 928 -84.08 24.29 -70.90
N GLU N 929 -85.19 24.75 -70.30
CA GLU N 929 -86.26 25.23 -71.14
C GLU N 929 -85.76 26.40 -71.96
N ALA N 930 -85.02 27.32 -71.31
CA ALA N 930 -84.44 28.46 -71.96
C ALA N 930 -83.43 28.09 -73.00
N LEU N 931 -82.69 26.99 -72.80
CA LEU N 931 -81.71 26.61 -73.80
C LEU N 931 -82.42 26.27 -75.08
N ASP N 932 -83.51 25.50 -74.97
CA ASP N 932 -84.24 25.11 -76.17
C ASP N 932 -84.94 26.32 -76.80
N LYS N 933 -85.54 27.19 -75.98
CA LYS N 933 -86.22 28.35 -76.53
C LYS N 933 -85.27 29.35 -77.12
N ALA N 934 -84.13 29.55 -76.47
CA ALA N 934 -83.16 30.52 -76.91
C ALA N 934 -82.59 30.15 -78.25
N ILE N 935 -82.34 28.85 -78.44
CA ILE N 935 -81.93 28.39 -79.76
C ILE N 935 -83.06 28.52 -80.76
N ALA N 936 -84.26 28.07 -80.41
CA ALA N 936 -85.36 28.12 -81.35
C ALA N 936 -85.70 29.54 -81.82
N SER N 937 -85.54 30.51 -80.91
CA SER N 937 -85.88 31.91 -81.12
C SER N 937 -84.97 32.62 -82.09
N VAL N 938 -84.00 31.87 -82.64
CA VAL N 938 -83.35 32.03 -83.96
C VAL N 938 -83.41 30.67 -84.73
N GLY N 939 -83.32 30.64 -86.04
CA GLY N 939 -82.81 29.50 -86.72
C GLY N 939 -83.80 28.39 -86.86
N LEU N 940 -83.34 27.28 -87.44
CA LEU N 940 -84.09 26.02 -87.65
C LEU N 940 -84.72 25.52 -86.37
N THR N 941 -86.04 25.30 -86.35
CA THR N 941 -86.60 24.44 -85.30
C THR N 941 -86.59 22.96 -85.72
N VAL N 942 -86.43 22.06 -84.75
CA VAL N 942 -86.44 20.60 -84.98
C VAL N 942 -87.86 20.11 -85.29
N ALA N 943 -88.03 19.36 -86.38
CA ALA N 943 -89.28 18.65 -86.66
C ALA N 943 -89.44 17.43 -85.74
N MET N 944 -90.53 17.41 -84.98
CA MET N 944 -90.90 16.38 -84.01
C MET N 944 -91.51 15.12 -84.66
N ASP N 945 -90.82 14.59 -85.67
CA ASP N 945 -91.27 13.45 -86.49
C ASP N 945 -91.40 12.12 -85.71
N ASN N 946 -92.05 11.13 -86.35
CA ASN N 946 -92.29 9.79 -85.82
C ASN N 946 -93.03 9.77 -84.47
N VAL N 947 -94.14 10.53 -84.40
CA VAL N 947 -94.97 10.69 -83.18
C VAL N 947 -95.57 9.35 -82.72
N ALA N 948 -96.05 8.52 -83.60
CA ALA N 948 -96.26 7.10 -83.54
C ALA N 948 -97.08 6.51 -82.36
N GLN N 949 -98.20 7.11 -81.96
CA GLN N 949 -99.22 6.41 -81.15
C GLN N 949 -100.15 5.59 -82.02
N ALA O 413 41.97 3.95 45.63
CA ALA O 413 41.43 4.05 46.99
C ALA O 413 42.19 5.09 47.81
N GLY O 414 43.54 5.16 47.69
CA GLY O 414 44.42 6.07 48.47
C GLY O 414 44.05 7.55 48.32
N ASN O 415 43.59 7.94 47.13
CA ASN O 415 43.22 9.32 46.88
C ASN O 415 41.94 9.68 47.61
N LEU O 416 41.14 8.66 47.92
CA LEU O 416 39.85 8.84 48.55
C LEU O 416 40.01 8.69 50.04
N ASN O 417 40.92 7.80 50.45
CA ASN O 417 41.14 7.48 51.84
C ASN O 417 41.63 8.69 52.59
N SER O 418 42.37 9.55 51.90
CA SER O 418 42.82 10.81 52.46
C SER O 418 41.75 11.49 53.29
N ILE O 419 40.50 11.50 52.79
CA ILE O 419 39.42 12.14 53.50
C ILE O 419 38.29 11.20 53.95
N PHE O 420 38.13 10.03 53.32
CA PHE O 420 36.96 9.22 53.69
C PHE O 420 37.27 8.15 54.71
N GLN O 421 38.52 8.10 55.17
CA GLN O 421 38.91 7.43 56.40
C GLN O 421 38.76 8.33 57.62
N ARG O 422 38.59 9.66 57.42
CA ARG O 422 38.63 10.59 58.55
C ARG O 422 37.34 10.52 59.32
N SER O 423 36.26 10.35 58.58
CA SER O 423 34.94 10.32 59.10
C SER O 423 34.52 8.86 59.22
N GLY O 424 34.25 8.45 60.45
CA GLY O 424 33.82 7.11 60.80
C GLY O 424 34.93 6.09 61.02
N ARG O 425 34.60 4.98 61.65
CA ARG O 425 35.45 3.89 62.15
C ARG O 425 34.80 2.57 61.73
N THR O 426 35.54 1.46 61.71
CA THR O 426 34.94 0.13 61.54
C THR O 426 35.59 -0.89 62.45
N ASP O 427 34.96 -2.05 62.52
CA ASP O 427 35.45 -3.22 63.20
C ASP O 427 36.18 -4.09 62.17
N GLY O 428 36.62 -5.28 62.57
CA GLY O 428 37.31 -6.17 61.64
C GLY O 428 38.81 -6.29 61.90
N GLY O 429 39.48 -7.02 61.01
CA GLY O 429 40.90 -7.31 61.15
C GLY O 429 41.12 -8.67 61.80
N ASP O 430 42.38 -9.02 61.97
CA ASP O 430 42.76 -10.32 62.52
C ASP O 430 42.41 -10.49 63.99
N ALA O 431 41.62 -11.52 64.30
CA ALA O 431 41.19 -11.80 65.65
C ALA O 431 42.37 -12.04 66.58
N ARG O 432 43.45 -12.64 66.06
CA ARG O 432 44.63 -12.88 66.90
C ARG O 432 45.23 -11.56 67.33
N ALA O 433 45.23 -10.58 66.43
CA ALA O 433 45.77 -9.28 66.76
C ALA O 433 44.92 -8.59 67.81
N SER O 434 43.59 -8.79 67.71
CA SER O 434 42.70 -8.20 68.71
C SER O 434 42.97 -8.85 70.07
N GLU O 435 43.12 -10.18 70.09
CA GLU O 435 43.46 -10.86 71.33
C GLU O 435 44.76 -10.36 71.90
N ALA O 436 45.76 -10.16 71.03
CA ALA O 436 47.03 -9.68 71.49
C ALA O 436 46.92 -8.29 72.09
N LEU O 437 46.17 -7.37 71.46
CA LEU O 437 45.95 -6.03 72.01
C LEU O 437 45.27 -6.11 73.37
N ALA O 438 44.27 -6.98 73.49
CA ALA O 438 43.55 -7.14 74.74
C ALA O 438 44.40 -7.72 75.87
N VAL O 439 45.26 -8.70 75.56
CA VAL O 439 46.09 -9.27 76.62
C VAL O 439 47.13 -8.25 77.04
N PHE O 440 47.67 -7.49 76.08
CA PHE O 440 48.62 -6.47 76.50
C PHE O 440 47.96 -5.40 77.34
N ASN O 441 46.71 -5.02 77.02
CA ASN O 441 46.04 -4.02 77.84
C ASN O 441 45.82 -4.54 79.25
N LYS O 442 45.47 -5.82 79.36
CA LYS O 442 45.30 -6.43 80.68
C LYS O 442 46.57 -6.38 81.50
N LEU O 443 47.67 -6.78 80.86
CA LEU O 443 48.95 -6.87 81.51
C LEU O 443 49.46 -5.49 81.86
N LYS O 444 49.17 -4.51 81.01
CA LYS O 444 49.56 -3.16 81.26
C LYS O 444 48.94 -2.72 82.56
N GLU O 445 47.64 -2.98 82.73
CA GLU O 445 46.98 -2.56 83.95
C GLU O 445 47.49 -3.31 85.17
N GLU O 446 47.81 -4.61 85.03
CA GLU O 446 48.33 -5.30 86.20
C GLU O 446 49.66 -4.73 86.64
N ALA O 447 50.51 -4.39 85.66
CA ALA O 447 51.82 -3.81 85.93
C ALA O 447 51.68 -2.45 86.58
N ILE O 448 50.63 -1.70 86.22
CA ILE O 448 50.50 -0.40 86.85
C ILE O 448 50.09 -0.62 88.29
N ALA O 449 49.11 -1.51 88.51
CA ALA O 449 48.59 -1.77 89.84
C ALA O 449 49.65 -2.27 90.82
N GLN O 450 50.58 -3.04 90.30
CA GLN O 450 51.65 -3.59 91.13
C GLN O 450 52.90 -2.74 91.16
N GLN O 451 52.84 -1.57 90.53
CA GLN O 451 53.97 -0.67 90.44
C GLN O 451 55.18 -1.26 89.75
N ASP O 452 54.96 -2.05 88.72
CA ASP O 452 56.10 -2.57 87.99
C ASP O 452 56.32 -1.57 86.87
N LEU O 453 55.22 -0.97 86.37
CA LEU O 453 55.25 0.03 85.32
C LEU O 453 54.51 1.30 85.70
N HIS O 454 55.00 2.44 85.24
CA HIS O 454 54.29 3.70 85.44
C HIS O 454 53.23 3.86 84.38
N ASP O 455 52.15 4.56 84.72
CA ASP O 455 51.10 4.79 83.74
C ASP O 455 51.45 6.02 82.92
N ASP O 456 52.47 5.89 82.10
CA ASP O 456 52.98 7.00 81.31
C ASP O 456 53.18 6.63 79.85
N PHE O 457 52.61 5.51 79.43
CA PHE O 457 52.80 5.03 78.09
C PHE O 457 51.52 4.57 77.46
N LEU O 458 51.52 4.56 76.14
CA LEU O 458 50.35 4.16 75.40
C LEU O 458 50.62 2.93 74.54
N VAL O 459 49.59 2.14 74.29
CA VAL O 459 49.74 1.03 73.35
C VAL O 459 48.71 1.27 72.26
N PHE O 460 49.14 1.27 71.00
CA PHE O 460 48.27 1.42 69.85
C PHE O 460 48.19 0.16 69.02
N ARG O 461 47.21 0.14 68.12
CA ARG O 461 46.94 -0.95 67.18
C ARG O 461 47.43 -0.57 65.78
N PHE O 462 48.17 -1.48 65.12
CA PHE O 462 48.49 -1.39 63.70
C PHE O 462 47.86 -2.59 63.01
N ASP O 463 46.95 -2.36 62.07
CA ASP O 463 46.04 -3.42 61.64
C ASP O 463 45.74 -3.45 60.13
N ARG O 464 45.34 -4.63 59.64
CA ARG O 464 45.34 -5.00 58.22
C ARG O 464 44.40 -4.14 57.39
N ASP O 465 43.13 -4.10 57.80
CA ASP O 465 42.06 -3.49 57.01
C ASP O 465 42.19 -1.97 56.89
N GLN O 466 42.83 -1.31 57.86
CA GLN O 466 43.14 0.12 57.79
C GLN O 466 44.39 0.41 56.94
N ASN O 467 45.47 -0.34 57.11
CA ASN O 467 46.80 0.06 56.63
C ASN O 467 47.36 -0.78 55.46
N ARG O 468 46.66 -1.83 54.99
CA ARG O 468 47.12 -2.75 53.91
C ARG O 468 48.52 -3.34 54.20
N VAL O 469 48.62 -3.97 55.38
CA VAL O 469 49.88 -4.14 56.14
C VAL O 469 50.78 -5.31 55.76
N GLY O 470 50.26 -6.40 55.21
CA GLY O 470 50.92 -7.70 55.36
C GLY O 470 50.69 -8.24 56.77
N TYR O 471 51.63 -8.06 57.70
CA TYR O 471 51.51 -8.50 59.11
C TYR O 471 51.04 -7.38 60.07
N SER O 472 50.13 -7.71 60.98
CA SER O 472 49.59 -6.83 62.00
C SER O 472 50.64 -6.65 63.08
N ALA O 473 50.45 -5.64 63.92
CA ALA O 473 51.42 -5.37 64.97
C ALA O 473 50.80 -4.55 66.09
N LEU O 474 51.39 -4.66 67.27
CA LEU O 474 51.01 -3.79 68.37
C LEU O 474 52.09 -2.76 68.47
N LEU O 475 51.76 -1.54 68.86
CA LEU O 475 52.79 -0.51 68.94
C LEU O 475 52.96 0.07 70.34
N VAL O 476 54.16 -0.09 70.93
CA VAL O 476 54.37 0.47 72.27
C VAL O 476 54.96 1.86 72.12
N VAL O 477 54.28 2.86 72.72
CA VAL O 477 54.69 4.25 72.54
C VAL O 477 54.92 5.15 73.76
N LYS O 478 56.06 5.85 73.70
CA LYS O 478 56.41 6.86 74.71
C LYS O 478 56.58 8.18 74.00
N ARG O 479 56.38 9.27 74.72
CA ARG O 479 56.55 10.59 74.11
C ARG O 479 57.30 11.56 75.00
N ALA O 480 57.99 12.50 74.36
CA ALA O 480 58.65 13.59 75.07
C ALA O 480 58.85 14.78 74.15
N ALA O 481 58.96 15.98 74.71
CA ALA O 481 59.33 17.12 73.90
C ALA O 481 60.78 17.42 74.23
N ILE O 482 61.64 17.31 73.24
CA ILE O 482 63.06 17.45 73.45
C ILE O 482 63.60 18.68 72.75
N ASN O 483 63.97 19.67 73.54
CA ASN O 483 64.48 20.94 73.02
C ASN O 483 63.54 21.54 71.99
N GLY O 484 62.24 21.43 72.25
CA GLY O 484 61.21 21.97 71.37
C GLY O 484 60.67 21.00 70.32
N GLN O 485 61.34 19.86 70.10
CA GLN O 485 60.85 18.90 69.10
C GLN O 485 59.94 17.87 69.73
N GLN O 486 58.77 17.67 69.16
CA GLN O 486 57.95 16.63 69.75
C GLN O 486 58.43 15.30 69.20
N VAL O 487 58.77 14.39 70.10
CA VAL O 487 59.28 13.11 69.69
C VAL O 487 58.44 11.94 70.19
N ILE O 488 58.13 11.05 69.26
CA ILE O 488 57.41 9.81 69.51
C ILE O 488 58.39 8.70 69.37
N VAL O 489 58.46 7.81 70.33
CA VAL O 489 59.35 6.68 70.17
C VAL O 489 58.53 5.44 70.20
N THR O 490 58.79 4.53 69.29
CA THR O 490 58.01 3.34 69.30
C THR O 490 58.76 2.05 69.01
N ARG O 491 58.17 0.98 69.55
CA ARG O 491 58.61 -0.37 69.32
C ARG O 491 57.46 -1.29 68.93
N PRO O 492 57.31 -1.59 67.63
CA PRO O 492 56.33 -2.49 67.07
C PRO O 492 56.58 -3.92 67.47
N LEU O 493 55.50 -4.69 67.62
CA LEU O 493 55.57 -6.12 67.87
C LEU O 493 54.74 -6.81 66.80
N VAL O 494 55.43 -7.44 65.85
CA VAL O 494 54.80 -8.00 64.65
C VAL O 494 54.11 -9.31 64.97
N MET O 495 52.91 -9.53 64.44
CA MET O 495 52.17 -10.74 64.73
C MET O 495 51.76 -11.59 63.52
N PRO O 496 52.57 -12.57 63.09
CA PRO O 496 52.29 -13.53 62.03
C PRO O 496 51.12 -14.41 62.45
N ASN O 497 50.38 -14.96 61.50
CA ASN O 497 49.25 -15.84 61.82
C ASN O 497 49.29 -17.04 60.89
N ASP O 498 49.32 -18.24 61.46
CA ASP O 498 49.48 -19.47 60.67
C ASP O 498 48.25 -19.81 59.83
N GLN O 499 47.15 -19.17 60.14
CA GLN O 499 45.89 -19.38 59.45
C GLN O 499 45.68 -18.34 58.35
N ILE O 500 46.63 -17.41 58.18
CA ILE O 500 46.45 -16.37 57.17
C ILE O 500 47.52 -16.48 56.10
N THR O 501 47.07 -16.55 54.87
CA THR O 501 48.00 -16.61 53.76
C THR O 501 48.46 -15.22 53.39
N LEU O 502 49.76 -15.06 53.22
CA LEU O 502 50.32 -13.80 52.81
C LEU O 502 50.75 -13.95 51.36
N PRO O 503 50.71 -12.89 50.54
CA PRO O 503 51.24 -12.87 49.21
C PRO O 503 52.73 -13.15 49.23
N THR O 504 53.16 -13.79 48.15
CA THR O 504 54.51 -14.20 47.92
C THR O 504 55.31 -13.33 46.98
N LYS O 505 56.62 -13.48 47.05
CA LYS O 505 57.50 -12.90 46.06
C LYS O 505 57.62 -13.90 44.95
N LYS O 506 57.71 -13.42 43.72
CA LYS O 506 57.96 -14.29 42.60
C LYS O 506 59.43 -14.21 42.30
N LEU O 507 60.17 -15.24 42.68
CA LEU O 507 61.59 -15.21 42.57
C LEU O 507 62.02 -15.95 41.33
N THR O 508 62.50 -15.21 40.34
CA THR O 508 62.89 -15.84 39.09
C THR O 508 64.37 -16.11 39.17
N ILE O 509 64.74 -17.36 39.01
CA ILE O 509 66.12 -17.74 39.15
C ILE O 509 66.70 -18.35 37.89
N GLN O 510 67.84 -17.82 37.46
CA GLN O 510 68.49 -18.32 36.26
C GLN O 510 69.30 -19.57 36.59
N ASN O 511 68.62 -20.71 36.56
CA ASN O 511 69.26 -21.95 36.93
C ASN O 511 69.97 -22.53 35.73
N GLY O 512 71.24 -22.16 35.59
CA GLY O 512 71.98 -22.59 34.42
C GLY O 512 71.36 -21.95 33.20
N MET O 513 70.91 -22.77 32.26
CA MET O 513 70.32 -22.26 31.02
C MET O 513 68.82 -22.01 31.08
N HIS O 514 68.16 -22.25 32.22
CA HIS O 514 66.71 -22.06 32.27
C HIS O 514 66.20 -21.29 33.49
N GLN O 515 65.26 -20.37 33.26
CA GLN O 515 64.68 -19.66 34.38
C GLN O 515 63.46 -20.36 34.97
N GLU O 516 63.51 -20.56 36.27
CA GLU O 516 62.43 -21.18 37.03
C GLU O 516 61.95 -20.20 38.07
N THR O 517 60.67 -20.29 38.48
CA THR O 517 60.21 -19.38 39.52
C THR O 517 59.80 -20.10 40.78
N ILE O 518 60.32 -19.60 41.90
CA ILE O 518 59.96 -20.12 43.21
C ILE O 518 59.20 -19.05 43.93
N GLU O 519 58.03 -19.37 44.45
CA GLU O 519 57.34 -18.35 45.19
C GLU O 519 57.55 -18.56 46.66
N ALA O 520 57.64 -17.47 47.39
CA ALA O 520 57.78 -17.59 48.85
C ALA O 520 57.08 -16.47 49.58
N GLU O 521 56.43 -16.82 50.69
CA GLU O 521 55.70 -15.83 51.47
C GLU O 521 56.63 -14.79 52.00
N ALA O 522 56.21 -13.54 51.96
CA ALA O 522 57.10 -12.52 52.51
C ALA O 522 57.34 -12.76 54.00
N ASP O 523 58.60 -12.67 54.42
CA ASP O 523 58.90 -12.86 55.83
C ASP O 523 58.85 -11.52 56.53
N VAL O 524 59.09 -11.49 57.82
CA VAL O 524 59.02 -10.21 58.52
C VAL O 524 60.03 -9.18 57.96
N GLN O 525 61.16 -9.64 57.41
CA GLN O 525 62.14 -8.72 56.82
C GLN O 525 61.72 -8.20 55.46
N ASP O 526 60.76 -8.87 54.83
CA ASP O 526 60.30 -8.49 53.51
C ASP O 526 59.12 -7.55 53.66
N VAL O 527 58.37 -7.76 54.74
CA VAL O 527 57.21 -6.93 55.05
C VAL O 527 57.59 -5.63 55.75
N PHE O 528 58.49 -5.68 56.72
CA PHE O 528 58.82 -4.46 57.44
C PHE O 528 59.82 -3.63 56.64
N THR O 529 59.30 -3.00 55.60
CA THR O 529 60.04 -2.19 54.67
C THR O 529 60.07 -0.77 55.17
N THR O 530 60.87 0.08 54.52
CA THR O 530 60.91 1.48 54.92
C THR O 530 59.52 2.08 54.91
N GLN O 531 58.72 1.76 53.90
CA GLN O 531 57.39 2.33 53.85
C GLN O 531 56.50 1.78 54.97
N TYR O 532 56.68 0.51 55.37
CA TYR O 532 55.88 -0.04 56.47
C TYR O 532 56.16 0.86 57.68
N TRP O 533 57.45 1.16 57.90
CA TRP O 533 57.87 2.06 58.96
C TRP O 533 57.23 3.44 58.85
N ASN O 534 57.19 3.98 57.63
CA ASN O 534 56.56 5.27 57.45
C ASN O 534 55.06 5.21 57.80
N ARG O 535 54.35 4.14 57.46
CA ARG O 535 52.95 4.03 57.85
C ARG O 535 52.80 3.83 59.35
N ILE O 536 53.79 3.23 60.03
CA ILE O 536 53.74 3.19 61.50
C ILE O 536 53.83 4.58 62.04
N CYS O 537 54.77 5.37 61.51
CA CYS O 537 54.95 6.74 61.93
C CYS O 537 53.64 7.49 61.88
N ASP O 538 52.99 7.40 60.72
CA ASP O 538 51.76 8.16 60.55
C ASP O 538 50.61 7.66 61.39
N SER O 539 50.52 6.33 61.56
CA SER O 539 49.42 5.76 62.33
C SER O 539 49.52 6.16 63.79
N ILE O 540 50.74 6.19 64.33
CA ILE O 540 50.87 6.57 65.71
C ILE O 540 50.55 8.03 65.84
N ARG O 541 51.09 8.86 64.94
CA ARG O 541 50.82 10.29 65.05
C ARG O 541 49.33 10.58 65.07
N GLN O 542 48.57 9.88 64.23
CA GLN O 542 47.13 10.13 64.24
C GLN O 542 46.46 9.67 65.52
N GLN O 543 47.00 8.61 66.15
CA GLN O 543 46.40 8.10 67.39
C GLN O 543 46.87 8.90 68.63
N THR O 544 48.02 9.61 68.55
CA THR O 544 48.50 10.42 69.70
C THR O 544 48.11 11.89 69.54
N GLY O 545 47.87 12.32 68.30
CA GLY O 545 47.50 13.69 67.96
C GLY O 545 48.72 14.53 67.60
N LYS O 546 49.90 13.96 67.79
CA LYS O 546 51.11 14.71 67.50
C LYS O 546 51.48 14.56 66.04
N HIS O 547 50.72 15.26 65.22
CA HIS O 547 50.77 15.14 63.77
C HIS O 547 52.09 15.60 63.15
N ASP O 548 52.81 16.49 63.82
CA ASP O 548 54.09 16.97 63.34
C ASP O 548 55.30 16.40 64.12
N ALA O 549 55.09 15.33 64.90
CA ALA O 549 56.19 14.75 65.67
C ALA O 549 57.17 13.92 64.84
N MET O 550 58.40 13.87 65.35
CA MET O 550 59.46 13.04 64.79
C MET O 550 59.29 11.66 65.40
N VAL O 551 59.46 10.59 64.61
CA VAL O 551 59.26 9.26 65.19
C VAL O 551 60.52 8.40 65.17
N ILE O 552 60.88 7.87 66.34
CA ILE O 552 62.03 7.01 66.52
C ILE O 552 61.69 5.53 66.50
N ASN O 553 62.47 4.81 65.72
CA ASN O 553 62.40 3.37 65.57
C ASN O 553 63.30 2.74 66.61
N ALA O 554 62.71 2.23 67.68
CA ALA O 554 63.48 1.70 68.79
C ALA O 554 63.93 0.27 68.54
N GLY O 555 63.56 -0.27 67.38
CA GLY O 555 63.90 -1.63 67.04
C GLY O 555 62.68 -2.50 67.29
N PRO O 556 62.04 -3.03 66.24
CA PRO O 556 60.84 -3.83 66.29
C PRO O 556 61.16 -5.21 66.78
N THR O 557 60.13 -5.93 67.18
CA THR O 557 60.29 -7.33 67.49
C THR O 557 59.13 -8.12 66.90
N VAL O 558 59.09 -9.42 67.22
CA VAL O 558 58.10 -10.33 66.65
C VAL O 558 57.50 -11.23 67.74
N ILE O 559 56.19 -11.45 67.64
CA ILE O 559 55.46 -12.41 68.46
C ILE O 559 54.91 -13.45 67.49
N PRO O 560 55.63 -14.58 67.26
CA PRO O 560 55.41 -15.60 66.25
C PRO O 560 54.04 -16.22 66.30
N ALA O 561 53.53 -16.77 65.21
CA ALA O 561 52.16 -17.25 65.15
C ALA O 561 51.82 -18.48 66.02
N ASP O 562 52.83 -19.26 66.39
CA ASP O 562 52.74 -20.69 66.68
C ASP O 562 52.08 -21.09 68.01
N PHE O 563 51.92 -20.19 68.97
CA PHE O 563 51.82 -20.56 70.38
C PHE O 563 50.67 -19.91 71.14
N ASP O 564 50.32 -20.51 72.29
CA ASP O 564 49.26 -20.01 73.16
C ASP O 564 49.58 -18.60 73.67
N LEU O 565 48.62 -17.69 73.56
CA LEU O 565 48.67 -16.36 74.18
C LEU O 565 48.57 -16.42 75.72
N LYS O 566 48.56 -17.61 76.30
CA LYS O 566 48.43 -17.87 77.74
C LYS O 566 49.68 -17.55 78.57
N ASP O 567 50.85 -17.35 77.95
CA ASP O 567 52.06 -16.92 78.66
C ASP O 567 52.08 -15.39 78.92
N GLU O 568 51.22 -15.02 79.85
CA GLU O 568 51.16 -13.69 80.41
C GLU O 568 52.51 -13.22 80.95
N LEU O 569 53.34 -14.13 81.46
CA LEU O 569 54.63 -13.67 81.95
C LEU O 569 55.49 -13.18 80.81
N VAL O 570 55.52 -13.93 79.72
CA VAL O 570 56.32 -13.45 78.60
C VAL O 570 55.81 -12.17 78.05
N LEU O 571 54.50 -12.07 77.89
CA LEU O 571 53.92 -10.87 77.34
C LEU O 571 54.17 -9.66 78.23
N LYS O 572 54.09 -9.85 79.55
CA LYS O 572 54.36 -8.77 80.48
C LYS O 572 55.78 -8.29 80.32
N GLN O 573 56.71 -9.24 80.23
CA GLN O 573 58.10 -8.88 80.08
C GLN O 573 58.35 -8.19 78.76
N LEU O 574 57.67 -8.61 77.69
CA LEU O 574 57.88 -7.93 76.42
C LEU O 574 57.43 -6.50 76.54
N LEU O 575 56.34 -6.26 77.27
CA LEU O 575 55.88 -4.88 77.40
C LEU O 575 56.86 -4.06 78.21
N ILE O 576 57.39 -4.64 79.29
CA ILE O 576 58.30 -3.87 80.13
C ILE O 576 59.56 -3.53 79.35
N LYS O 577 60.10 -4.51 78.66
CA LYS O 577 61.30 -4.33 77.88
C LYS O 577 61.08 -3.35 76.75
N SER O 578 59.91 -3.37 76.11
CA SER O 578 59.65 -2.45 75.02
C SER O 578 59.59 -1.03 75.54
N VAL O 579 59.02 -0.86 76.72
CA VAL O 579 58.97 0.44 77.34
C VAL O 579 60.38 0.92 77.65
N ASN O 580 61.24 0.03 78.17
CA ASN O 580 62.59 0.44 78.49
C ASN O 580 63.40 0.84 77.26
N LEU O 581 63.22 0.10 76.17
CA LEU O 581 63.95 0.42 74.96
C LEU O 581 63.50 1.76 74.42
N CYS O 582 62.21 2.05 74.53
CA CYS O 582 61.68 3.32 74.10
C CYS O 582 62.28 4.46 74.92
N ASP O 583 62.39 4.25 76.25
CA ASP O 583 62.96 5.29 77.11
C ASP O 583 64.42 5.55 76.79
N ASP O 584 65.17 4.50 76.45
CA ASP O 584 66.58 4.69 76.15
C ASP O 584 66.74 5.47 74.87
N MET O 585 65.87 5.24 73.91
CA MET O 585 66.00 6.01 72.68
C MET O 585 65.64 7.48 72.87
N LEU O 586 64.66 7.78 73.74
CA LEU O 586 64.36 9.19 73.99
C LEU O 586 65.52 9.79 74.75
N ALA O 587 66.11 9.01 75.66
CA ALA O 587 67.24 9.47 76.43
C ALA O 587 68.40 9.80 75.52
N LYS O 588 68.62 8.98 74.48
CA LYS O 588 69.67 9.29 73.55
C LYS O 588 69.37 10.60 72.86
N ARG O 589 68.13 10.75 72.39
CA ARG O 589 67.71 11.95 71.68
C ARG O 589 67.88 13.21 72.53
N SER O 590 67.66 13.10 73.84
CA SER O 590 67.78 14.21 74.78
C SER O 590 69.20 14.46 75.28
N GLY O 591 70.17 13.63 74.87
CA GLY O 591 71.55 13.82 75.33
C GLY O 591 71.92 13.18 76.67
N GLU O 592 71.17 12.19 77.17
CA GLU O 592 71.57 11.50 78.41
C GLU O 592 73.04 11.08 78.38
N GLN O 593 73.76 11.29 79.48
CA GLN O 593 75.20 11.08 79.54
C GLN O 593 75.56 9.60 79.35
N PRO O 594 76.55 9.29 78.49
CA PRO O 594 76.80 7.94 78.02
C PRO O 594 77.39 7.05 79.10
N PHE O 595 77.27 5.72 78.96
CA PHE O 595 78.09 4.88 79.80
C PHE O 595 79.54 5.02 79.45
N SER O 596 80.38 5.10 80.47
CA SER O 596 81.79 5.17 80.25
C SER O 596 82.52 4.45 81.35
N VAL O 597 83.77 4.09 81.05
CA VAL O 597 84.63 3.36 81.98
C VAL O 597 84.92 4.17 83.23
N ALA O 598 84.76 5.47 83.13
CA ALA O 598 84.99 6.38 84.24
C ALA O 598 84.11 6.04 85.42
N MET O 599 82.90 5.49 85.18
CA MET O 599 82.01 5.19 86.29
C MET O 599 82.24 3.79 86.84
N LEU O 600 83.11 3.05 86.18
CA LEU O 600 83.41 1.67 86.52
C LEU O 600 84.76 1.60 87.22
N LYS O 601 85.63 2.57 86.94
CA LYS O 601 86.99 2.61 87.47
C LYS O 601 87.02 3.07 88.93
N GLY O 602 86.51 2.25 89.81
CA GLY O 602 86.52 2.60 91.23
C GLY O 602 87.96 2.44 91.70
N THR O 603 88.38 3.20 92.70
CA THR O 603 89.76 3.05 93.17
C THR O 603 89.92 1.79 94.02
N ASP O 604 88.78 1.26 94.42
CA ASP O 604 88.65 0.06 95.20
C ASP O 604 87.93 -1.05 94.40
N GLU O 605 87.90 -0.96 93.08
CA GLU O 605 87.16 -1.87 92.22
C GLU O 605 87.94 -2.27 90.97
N THR O 606 87.99 -3.57 90.67
CA THR O 606 88.60 -4.08 89.45
C THR O 606 87.66 -5.05 88.80
N LEU O 607 87.96 -5.44 87.57
CA LEU O 607 87.13 -6.49 86.97
C LEU O 607 87.81 -7.83 86.92
N ALA O 608 87.00 -8.87 86.79
CA ALA O 608 87.48 -10.25 86.62
C ALA O 608 86.45 -11.00 85.79
N ALA O 609 86.84 -12.12 85.18
CA ALA O 609 85.86 -12.84 84.37
C ALA O 609 85.99 -14.34 84.44
N ARG O 610 84.89 -14.99 84.10
CA ARG O 610 84.85 -16.44 84.04
C ARG O 610 84.28 -16.95 82.74
N LEU O 611 84.87 -18.01 82.25
CA LEU O 611 84.39 -18.66 81.05
C LEU O 611 83.64 -19.93 81.45
N ASN O 612 82.34 -19.92 81.20
CA ASN O 612 81.44 -21.02 81.55
C ASN O 612 81.30 -21.97 80.37
N PHE O 613 81.63 -23.25 80.55
CA PHE O 613 81.48 -24.29 79.51
C PHE O 613 80.28 -25.22 79.65
N THR O 614 79.25 -24.83 80.38
CA THR O 614 78.12 -25.70 80.71
C THR O 614 77.30 -26.09 79.49
N GLY O 615 76.86 -27.34 79.44
CA GLY O 615 76.06 -27.88 78.34
C GLY O 615 74.56 -27.56 78.38
N LYS O 616 74.15 -26.28 78.49
CA LYS O 616 72.73 -25.86 78.46
C LYS O 616 72.50 -24.56 77.65
N PRO O 617 71.35 -24.42 76.95
CA PRO O 617 71.03 -23.29 76.08
C PRO O 617 70.54 -22.05 76.84
N MET O 618 70.47 -20.89 76.17
CA MET O 618 69.83 -19.69 76.71
C MET O 618 68.51 -19.52 76.04
N HIS O 619 67.63 -18.72 76.61
CA HIS O 619 66.39 -18.47 75.89
C HIS O 619 66.25 -16.99 75.65
N ASP O 620 65.58 -16.67 74.55
CA ASP O 620 65.35 -15.28 74.17
C ASP O 620 64.12 -14.73 74.85
N SER O 621 63.70 -13.54 74.43
CA SER O 621 62.62 -12.82 75.04
C SER O 621 61.25 -13.48 74.95
N LEU O 622 61.07 -14.47 74.06
CA LEU O 622 59.79 -15.14 74.03
C LEU O 622 59.91 -16.62 74.37
N GLY O 623 61.02 -16.97 75.05
CA GLY O 623 61.22 -18.35 75.45
C GLY O 623 61.78 -19.32 74.41
N TYR O 624 62.40 -18.82 73.34
CA TYR O 624 62.92 -19.72 72.32
C TYR O 624 64.43 -19.94 72.56
N PRO O 625 64.98 -21.13 72.28
CA PRO O 625 66.36 -21.49 72.56
C PRO O 625 67.40 -20.74 71.73
N ILE O 626 68.56 -20.51 72.36
CA ILE O 626 69.74 -19.91 71.77
C ILE O 626 70.95 -20.84 71.94
N ARG O 627 71.59 -21.19 70.84
CA ARG O 627 72.78 -22.03 70.90
C ARG O 627 74.01 -21.26 71.32
N SER O 628 74.76 -21.81 72.26
CA SER O 628 76.07 -21.30 72.58
C SER O 628 76.90 -22.42 73.17
N ASP O 629 78.20 -22.28 73.15
CA ASP O 629 79.07 -23.21 73.84
C ASP O 629 79.62 -22.63 75.12
N ILE O 630 79.91 -21.33 75.09
CA ILE O 630 80.58 -20.68 76.19
C ILE O 630 79.88 -19.39 76.62
N LEU O 631 79.65 -19.24 77.92
CA LEU O 631 79.10 -17.98 78.38
C LEU O 631 80.21 -17.20 79.05
N VAL O 632 80.47 -15.99 78.57
CA VAL O 632 81.53 -15.21 79.17
C VAL O 632 80.91 -14.20 80.10
N SER O 633 81.21 -14.36 81.40
CA SER O 633 80.62 -13.51 82.43
C SER O 633 81.64 -12.57 83.05
N LEU O 634 81.37 -11.26 82.92
CA LEU O 634 82.29 -10.25 83.43
C LEU O 634 81.74 -9.67 84.73
N ASN O 635 82.52 -9.81 85.81
CA ASN O 635 82.15 -9.40 87.16
C ASN O 635 82.94 -8.22 87.75
N ARG O 636 82.29 -7.52 88.69
CA ARG O 636 82.87 -6.40 89.44
C ARG O 636 83.41 -6.84 90.80
N VAL O 637 84.71 -6.76 90.98
CA VAL O 637 85.32 -7.23 92.21
C VAL O 637 85.79 -6.07 93.08
N LYS O 638 85.30 -6.00 94.31
CA LYS O 638 85.73 -4.91 95.17
C LYS O 638 86.58 -5.36 96.32
N LYS O 639 87.40 -4.43 96.80
CA LYS O 639 88.24 -4.68 97.95
C LYS O 639 87.34 -4.88 99.18
N PRO O 640 87.64 -5.80 100.10
CA PRO O 640 86.83 -6.16 101.27
C PRO O 640 86.87 -5.15 102.42
N GLY O 641 86.44 -3.94 102.13
CA GLY O 641 86.32 -2.86 103.08
C GLY O 641 84.85 -2.56 103.22
N GLN O 642 84.48 -1.29 103.34
CA GLN O 642 83.08 -0.98 103.45
C GLN O 642 82.46 -1.04 102.06
N GLN O 643 81.34 -1.73 101.94
CA GLN O 643 80.66 -1.85 100.66
C GLN O 643 79.21 -1.46 100.86
N GLU O 644 78.58 -0.97 99.79
CA GLU O 644 77.17 -0.56 99.86
C GLU O 644 76.28 -1.74 100.22
N ASN O 645 76.69 -2.92 99.81
CA ASN O 645 75.97 -4.15 100.02
C ASN O 645 75.96 -4.61 101.46
N GLU O 646 76.56 -3.85 102.39
CA GLU O 646 76.45 -4.22 103.78
C GLU O 646 74.98 -4.14 104.22
N PHE O 647 74.16 -3.41 103.45
CA PHE O 647 72.74 -3.27 103.79
C PHE O 647 71.83 -4.14 102.91
N TYR O 648 72.41 -4.95 102.01
CA TYR O 648 71.58 -5.73 101.07
C TYR O 648 72.25 -6.94 100.43
N GLU O 649 71.44 -7.88 99.94
CA GLU O 649 71.98 -8.97 99.16
C GLU O 649 72.43 -8.38 97.85
N ALA O 650 73.58 -8.79 97.33
CA ALA O 650 74.12 -8.16 96.14
C ALA O 650 74.85 -9.14 95.25
N GLU O 651 74.94 -8.79 93.97
CA GLU O 651 75.65 -9.58 92.98
C GLU O 651 76.61 -8.69 92.22
N ASP O 652 77.67 -9.28 91.68
CA ASP O 652 78.70 -8.57 90.92
C ASP O 652 78.64 -8.66 89.40
N LYS O 653 77.59 -9.21 88.82
CA LYS O 653 77.58 -9.31 87.35
C LYS O 653 77.44 -7.96 86.68
N LEU O 654 78.30 -7.67 85.68
CA LEU O 654 78.22 -6.43 84.92
C LEU O 654 77.56 -6.68 83.59
N ASN O 655 78.07 -7.69 82.88
CA ASN O 655 77.51 -8.05 81.58
C ASN O 655 77.88 -9.49 81.16
N GLN O 656 77.36 -9.90 80.00
CA GLN O 656 77.64 -11.23 79.47
C GLN O 656 77.56 -11.36 77.95
N VAL O 657 78.50 -12.08 77.37
CA VAL O 657 78.42 -12.37 75.93
C VAL O 657 78.39 -13.87 75.72
N SER O 658 77.41 -14.30 74.95
CA SER O 658 77.19 -15.72 74.69
C SER O 658 77.72 -16.08 73.31
N CYS O 659 78.69 -17.00 73.30
CA CYS O 659 79.31 -17.39 72.03
C CYS O 659 79.21 -18.87 71.72
N PHE O 660 79.13 -19.13 70.42
CA PHE O 660 79.13 -20.44 69.81
C PHE O 660 80.45 -20.66 69.09
N VAL O 661 81.03 -21.86 69.16
CA VAL O 661 82.27 -22.07 68.43
C VAL O 661 82.02 -22.89 67.18
N ASN O 662 82.21 -22.26 66.04
CA ASN O 662 81.94 -22.87 64.75
C ASN O 662 83.22 -23.44 64.17
N LEU O 663 83.09 -24.07 63.00
CA LEU O 663 84.21 -24.61 62.22
C LEU O 663 83.92 -24.45 60.72
N GLU O 664 84.78 -23.74 59.99
CA GLU O 664 84.63 -23.56 58.55
C GLU O 664 85.56 -24.51 57.81
N TYR O 665 85.05 -25.28 56.88
CA TYR O 665 85.91 -26.21 56.16
C TYR O 665 86.51 -25.52 54.96
N THR O 666 87.84 -25.45 54.97
CA THR O 666 88.61 -24.74 53.95
C THR O 666 89.73 -25.61 53.37
N PRO O 667 89.43 -26.55 52.46
CA PRO O 667 90.37 -27.49 51.88
C PRO O 667 91.40 -26.72 51.06
N GLN O 668 92.59 -27.29 50.91
CA GLN O 668 93.63 -26.67 50.10
C GLN O 668 94.15 -27.64 49.01
N PRO O 669 93.42 -27.86 47.83
CA PRO O 669 93.75 -28.83 46.77
C PRO O 669 95.21 -28.76 46.30
N GLN O 682 100.51 -28.21 55.05
CA GLN O 682 99.25 -27.53 54.76
C GLN O 682 98.63 -27.11 56.11
N LEU O 683 97.48 -26.40 56.06
CA LEU O 683 96.69 -25.98 57.23
C LEU O 683 95.79 -27.12 57.69
N PRO O 684 95.46 -27.20 58.98
CA PRO O 684 94.43 -28.06 59.46
C PRO O 684 93.18 -27.61 58.67
N PRO O 685 92.40 -28.51 58.06
CA PRO O 685 91.20 -28.21 57.26
C PRO O 685 90.07 -27.40 57.90
N LEU O 686 89.91 -27.39 59.23
CA LEU O 686 88.82 -26.61 59.80
C LEU O 686 89.28 -25.34 60.52
N THR O 687 88.71 -24.21 60.11
CA THR O 687 89.02 -22.91 60.67
C THR O 687 87.93 -22.52 61.65
N PRO O 688 88.20 -22.44 62.94
CA PRO O 688 87.22 -22.19 63.96
C PRO O 688 86.77 -20.75 63.92
N ALA O 689 85.61 -20.51 64.50
CA ALA O 689 85.13 -19.15 64.64
C ALA O 689 84.37 -18.93 65.92
N ILE O 690 84.49 -17.74 66.46
CA ILE O 690 83.76 -17.37 67.66
C ILE O 690 82.59 -16.55 67.21
N VAL O 691 81.40 -17.10 67.36
CA VAL O 691 80.22 -16.46 66.87
C VAL O 691 79.41 -15.90 68.01
N ILE O 692 79.17 -14.61 67.98
CA ILE O 692 78.36 -14.06 69.06
C ILE O 692 76.91 -14.32 68.72
N THR O 693 76.22 -15.00 69.63
CA THR O 693 74.83 -15.36 69.38
C THR O 693 73.94 -14.45 70.21
N ASP O 694 74.52 -13.88 71.28
CA ASP O 694 73.79 -12.92 72.10
C ASP O 694 74.74 -12.02 72.91
N VAL O 695 74.27 -10.80 73.16
CA VAL O 695 74.97 -9.80 73.99
C VAL O 695 73.99 -9.25 75.01
N ARG O 696 74.31 -9.39 76.30
CA ARG O 696 73.41 -8.90 77.33
C ARG O 696 74.12 -8.08 78.38
N GLN O 697 73.36 -7.22 79.03
CA GLN O 697 73.86 -6.48 80.16
C GLN O 697 73.36 -7.22 81.37
N ALA O 698 73.96 -7.00 82.53
CA ALA O 698 73.44 -7.64 83.73
C ALA O 698 72.05 -7.15 83.98
N GLU O 699 71.25 -7.98 84.64
CA GLU O 699 69.84 -7.74 84.96
C GLU O 699 69.62 -6.52 85.83
N TRP O 700 70.69 -6.08 86.47
CA TRP O 700 70.69 -4.93 87.32
C TRP O 700 70.56 -3.63 86.54
N LEU O 701 71.00 -3.64 85.28
CA LEU O 701 71.00 -2.44 84.45
C LEU O 701 69.85 -2.40 83.48
N LYS O 702 68.99 -1.41 83.65
CA LYS O 702 67.81 -1.35 82.80
C LYS O 702 68.11 -0.87 81.36
N ALA O 703 69.10 0.01 81.20
CA ALA O 703 69.47 0.62 79.93
C ALA O 703 70.19 -0.32 78.94
N ASN O 704 69.94 -0.08 77.65
CA ASN O 704 70.62 -0.80 76.57
C ASN O 704 71.09 0.19 75.51
N THR O 705 72.39 0.52 75.54
CA THR O 705 72.95 1.55 74.67
C THR O 705 74.15 1.02 73.88
N MET O 706 74.61 1.82 72.91
CA MET O 706 75.77 1.45 72.09
C MET O 706 77.03 1.26 72.91
N GLU O 707 77.22 2.13 73.90
CA GLU O 707 78.42 2.05 74.71
C GLU O 707 78.42 0.78 75.51
N LEU O 708 77.26 0.44 76.06
CA LEU O 708 77.17 -0.76 76.85
C LEU O 708 77.38 -2.02 76.02
N TYR O 709 76.85 -2.00 74.79
CA TYR O 709 76.97 -3.14 73.89
C TYR O 709 78.44 -3.37 73.55
N LEU O 710 79.13 -2.30 73.17
CA LEU O 710 80.54 -2.34 72.81
C LEU O 710 81.43 -2.76 73.94
N PHE O 711 81.16 -2.27 75.13
CA PHE O 711 81.98 -2.67 76.24
C PHE O 711 81.83 -4.18 76.43
N ALA O 712 80.58 -4.67 76.42
CA ALA O 712 80.30 -6.10 76.60
C ALA O 712 80.95 -6.95 75.51
N LEU O 713 81.08 -6.46 74.28
CA LEU O 713 81.67 -7.27 73.20
C LEU O 713 83.10 -7.69 73.47
N SER O 714 83.80 -6.98 74.38
CA SER O 714 85.19 -7.34 74.66
C SER O 714 85.26 -8.71 75.35
N ASN O 715 84.10 -9.17 75.85
CA ASN O 715 83.97 -10.46 76.48
C ASN O 715 84.14 -11.55 75.45
N ALA O 716 83.72 -11.32 74.20
CA ALA O 716 83.90 -12.36 73.22
C ALA O 716 85.37 -12.43 72.90
N PHE O 717 86.02 -11.27 72.84
CA PHE O 717 87.43 -11.29 72.48
C PHE O 717 88.25 -12.18 73.39
N ARG O 718 88.01 -12.03 74.68
CA ARG O 718 88.76 -12.75 75.69
C ARG O 718 88.47 -14.24 75.79
N VAL O 719 87.45 -14.74 75.07
CA VAL O 719 87.10 -16.15 75.15
C VAL O 719 88.20 -16.98 74.53
N THR O 720 89.05 -16.33 73.71
CA THR O 720 90.10 -17.05 73.05
C THR O 720 91.42 -16.94 73.78
N ALA O 721 91.39 -16.45 75.02
CA ALA O 721 92.64 -16.41 75.73
C ALA O 721 93.18 -17.83 75.79
N ASN O 722 94.47 -17.97 75.58
CA ASN O 722 95.12 -19.27 75.60
C ASN O 722 94.42 -20.21 74.62
N GLN O 723 93.94 -21.35 75.10
CA GLN O 723 93.24 -22.32 74.27
C GLN O 723 91.91 -22.63 74.92
N SER O 724 91.43 -21.70 75.74
CA SER O 724 90.21 -21.92 76.50
C SER O 724 89.01 -22.16 75.59
N TRP O 725 88.96 -21.43 74.50
CA TRP O 725 87.84 -21.53 73.56
C TRP O 725 87.68 -22.95 73.01
N ALA O 726 88.78 -23.73 72.96
CA ALA O 726 88.76 -25.04 72.34
C ALA O 726 88.17 -26.11 73.23
N ARG O 727 87.82 -25.74 74.46
CA ARG O 727 87.21 -26.71 75.36
C ARG O 727 85.83 -27.09 74.83
N SER O 728 85.27 -26.23 73.97
CA SER O 728 83.97 -26.41 73.36
C SER O 728 83.97 -27.60 72.40
N LEU O 729 85.17 -28.02 72.00
CA LEU O 729 85.32 -29.09 71.06
C LEU O 729 85.47 -30.45 71.75
N LEU O 730 85.49 -30.46 73.09
CA LEU O 730 85.63 -31.73 73.81
C LEU O 730 84.41 -32.62 73.66
N PRO O 731 84.62 -33.94 73.74
CA PRO O 731 83.57 -34.86 74.16
C PRO O 731 83.17 -34.62 75.61
N GLN O 732 81.97 -35.07 75.97
CA GLN O 732 81.37 -34.97 77.31
C GLN O 732 80.65 -36.28 77.70
N LEU O 733 80.34 -36.44 79.00
CA LEU O 733 79.97 -37.71 79.66
C LEU O 733 78.91 -38.57 78.92
N GLY O 734 79.22 -39.85 78.73
CA GLY O 734 78.27 -40.97 78.62
C GLY O 734 77.34 -41.03 77.40
N LYS O 735 77.27 -39.98 76.57
CA LYS O 735 76.36 -39.87 75.42
C LYS O 735 76.61 -40.97 74.38
N VAL O 736 75.60 -41.80 74.12
CA VAL O 736 75.70 -42.98 73.24
C VAL O 736 75.78 -42.59 71.76
N LYS O 737 74.88 -41.71 71.31
CA LYS O 737 74.88 -41.09 69.97
C LYS O 737 74.40 -39.65 70.09
N ASP O 738 75.29 -38.65 70.02
CA ASP O 738 74.90 -37.24 70.08
C ASP O 738 75.77 -36.35 69.16
N MET O 739 75.23 -35.19 68.80
CA MET O 739 75.62 -34.45 67.59
C MET O 739 76.93 -33.64 67.60
N ARG O 740 77.55 -33.19 68.71
CA ARG O 740 78.63 -32.22 68.56
C ARG O 740 79.96 -32.92 68.72
N ASP O 741 79.92 -34.25 68.70
CA ASP O 741 81.08 -35.08 68.89
C ASP O 741 82.20 -34.79 67.91
N ILE O 742 83.37 -34.45 68.44
CA ILE O 742 84.56 -34.15 67.67
C ILE O 742 84.97 -35.33 66.86
N GLY O 743 84.59 -36.52 67.27
CA GLY O 743 84.98 -37.70 66.53
C GLY O 743 84.46 -37.70 65.11
N ALA O 744 83.46 -36.86 64.82
CA ALA O 744 82.90 -36.77 63.48
C ALA O 744 83.92 -36.18 62.52
N ILE O 745 84.91 -35.49 63.08
CA ILE O 745 85.93 -34.76 62.38
C ILE O 745 86.81 -35.75 61.62
N GLY O 746 86.80 -37.02 62.06
CA GLY O 746 87.57 -38.09 61.46
C GLY O 746 87.05 -38.41 60.08
N TYR O 747 85.83 -37.95 59.74
CA TYR O 747 85.30 -38.22 58.44
C TYR O 747 85.90 -37.28 57.41
N LEU O 748 86.39 -36.09 57.83
CA LEU O 748 86.97 -35.14 56.91
C LEU O 748 88.49 -35.32 56.89
N SER O 749 89.03 -35.83 58.00
CA SER O 749 90.46 -36.06 58.13
C SER O 749 90.80 -37.32 57.35
N ARG O 750 92.10 -37.62 57.28
CA ARG O 750 92.61 -38.79 56.58
C ARG O 750 91.92 -40.11 56.98
N LEU O 751 91.42 -40.19 58.21
CA LEU O 751 90.80 -41.41 58.68
C LEU O 751 89.58 -41.82 57.89
N ALA O 752 88.80 -40.85 57.40
CA ALA O 752 87.54 -41.11 56.72
C ALA O 752 86.67 -42.01 57.57
N ALA O 753 86.66 -41.76 58.87
CA ALA O 753 85.92 -42.57 59.82
C ALA O 753 85.63 -41.80 61.08
N ARG O 754 84.61 -42.21 61.82
CA ARG O 754 84.40 -41.56 63.09
C ARG O 754 85.47 -42.05 64.05
N VAL O 755 85.98 -41.13 64.83
CA VAL O 755 87.00 -41.45 65.81
C VAL O 755 86.29 -42.00 67.03
N GLU O 756 86.82 -43.06 67.61
CA GLU O 756 86.19 -43.59 68.79
C GLU O 756 86.55 -42.69 69.97
N THR O 757 85.69 -41.69 70.20
CA THR O 757 85.94 -40.66 71.22
C THR O 757 85.12 -40.74 72.49
N LYS O 758 84.00 -41.45 72.47
CA LYS O 758 83.09 -41.48 73.62
C LYS O 758 83.41 -42.56 74.63
N THR O 759 84.43 -43.36 74.37
CA THR O 759 84.70 -44.54 75.17
C THR O 759 85.86 -44.29 76.12
N GLU O 760 86.05 -45.24 77.03
CA GLU O 760 87.10 -45.21 78.04
C GLU O 760 88.51 -45.37 77.47
N THR O 761 88.62 -45.72 76.18
CA THR O 761 89.91 -45.93 75.57
C THR O 761 90.41 -44.68 74.85
N PHE O 762 89.60 -43.61 74.82
CA PHE O 762 90.02 -42.38 74.15
C PHE O 762 90.71 -41.50 75.19
N THR O 763 91.89 -41.04 74.87
CA THR O 763 92.70 -40.26 75.78
C THR O 763 92.66 -38.77 75.51
N ASP O 764 93.16 -38.01 76.48
CA ASP O 764 93.30 -36.54 76.37
C ASP O 764 94.31 -36.24 75.25
N GLN O 765 95.33 -37.08 75.16
CA GLN O 765 96.35 -36.91 74.14
C GLN O 765 95.73 -37.12 72.77
N ASN O 766 94.82 -38.09 72.64
CA ASN O 766 94.25 -38.32 71.32
C ASN O 766 93.37 -37.14 70.94
N PHE O 767 92.68 -36.56 71.93
CA PHE O 767 91.87 -35.38 71.67
C PHE O 767 92.72 -34.25 71.14
N ALA O 768 93.82 -33.99 71.85
CA ALA O 768 94.69 -32.90 71.46
C ALA O 768 95.20 -33.08 70.05
N GLU O 769 95.50 -34.34 69.68
CA GLU O 769 95.97 -34.65 68.35
C GLU O 769 94.92 -34.39 67.28
N LEU O 770 93.64 -34.66 67.60
CA LEU O 770 92.62 -34.41 66.59
C LEU O 770 92.62 -32.92 66.32
N LEU O 771 92.71 -32.11 67.37
CA LEU O 771 92.76 -30.68 67.13
C LEU O 771 94.05 -30.25 66.44
N TYR O 772 95.19 -30.84 66.78
CA TYR O 772 96.43 -30.39 66.16
C TYR O 772 96.40 -30.57 64.65
N ASN O 773 95.84 -31.68 64.20
CA ASN O 773 95.79 -31.94 62.78
C ASN O 773 94.58 -31.37 62.04
N MET O 774 93.40 -31.27 62.70
CA MET O 774 92.20 -30.78 62.04
C MET O 774 91.75 -29.35 62.31
N VAL O 775 92.13 -28.73 63.43
CA VAL O 775 91.58 -27.40 63.75
C VAL O 775 92.67 -26.33 63.90
N ARG O 776 92.52 -25.25 63.15
CA ARG O 776 93.49 -24.17 63.23
C ARG O 776 93.37 -23.51 64.61
N PRO O 777 94.48 -23.22 65.30
CA PRO O 777 94.53 -22.67 66.66
C PRO O 777 93.98 -21.24 66.87
N SER O 778 93.81 -20.47 65.81
CA SER O 778 93.34 -19.10 65.93
C SER O 778 92.01 -18.89 65.18
N PRO O 779 90.87 -18.76 65.89
CA PRO O 779 89.53 -18.62 65.34
C PRO O 779 89.24 -17.23 64.79
N VAL O 780 88.26 -17.18 63.91
CA VAL O 780 87.71 -15.95 63.35
C VAL O 780 86.58 -15.41 64.19
N PHE O 781 86.60 -14.13 64.53
CA PHE O 781 85.47 -13.57 65.29
C PHE O 781 84.38 -13.07 64.36
N MET O 782 83.13 -13.37 64.70
CA MET O 782 81.98 -12.95 63.92
C MET O 782 80.72 -12.86 64.78
N SER O 783 79.66 -12.30 64.22
CA SER O 783 78.41 -12.17 64.97
C SER O 783 77.14 -12.21 64.13
N ASP O 784 76.05 -12.57 64.84
CA ASP O 784 74.72 -12.60 64.26
C ASP O 784 73.88 -11.38 64.69
N LEU O 785 73.52 -10.53 63.73
CA LEU O 785 72.79 -9.29 64.00
C LEU O 785 71.31 -9.42 63.61
N ASN O 786 70.43 -9.37 64.62
CA ASN O 786 69.00 -9.62 64.37
C ASN O 786 68.19 -8.32 64.38
N ARG O 787 67.65 -7.97 63.21
CA ARG O 787 66.91 -6.72 63.04
C ARG O 787 65.71 -6.58 63.94
N PHE O 788 65.20 -7.72 64.38
CA PHE O 788 64.04 -7.84 65.24
C PHE O 788 64.36 -8.33 66.67
N GLY O 789 65.64 -8.31 67.05
CA GLY O 789 65.99 -8.76 68.40
C GLY O 789 65.87 -7.61 69.42
N ASP O 790 66.10 -7.89 70.69
CA ASP O 790 65.97 -6.84 71.71
C ASP O 790 67.06 -5.77 71.61
N ASN O 791 68.15 -6.11 70.95
CA ASN O 791 69.25 -5.18 70.78
C ASN O 791 69.18 -4.57 69.40
N ALA O 792 68.06 -4.75 68.68
CA ALA O 792 67.94 -4.30 67.29
C ALA O 792 68.27 -2.85 67.10
N ALA O 793 67.94 -2.00 68.05
CA ALA O 793 68.25 -0.58 67.85
C ALA O 793 69.76 -0.40 67.60
N ILE O 794 70.57 -1.22 68.24
CA ILE O 794 72.01 -1.14 68.17
C ILE O 794 72.56 -2.05 67.07
N GLU O 795 72.03 -3.28 66.99
CA GLU O 795 72.50 -4.26 66.04
C GLU O 795 72.26 -3.80 64.62
N ASN O 796 71.20 -3.01 64.42
CA ASN O 796 70.88 -2.45 63.11
C ASN O 796 71.92 -1.43 62.67
N VAL O 797 72.65 -0.84 63.62
CA VAL O 797 73.66 0.15 63.28
C VAL O 797 74.82 -0.67 62.76
N PHE O 798 75.12 -1.76 63.47
CA PHE O 798 76.20 -2.64 63.05
C PHE O 798 75.88 -3.27 61.69
N ILE O 799 74.60 -3.55 61.41
CA ILE O 799 74.27 -4.06 60.09
C ILE O 799 74.54 -2.95 59.08
N ASP O 800 74.10 -1.71 59.34
CA ASP O 800 74.32 -0.63 58.38
C ASP O 800 75.79 -0.26 58.21
N ALA O 801 76.62 -0.58 59.20
CA ALA O 801 78.06 -0.33 59.11
C ALA O 801 78.67 -1.15 57.96
N LEU O 802 77.94 -2.15 57.45
CA LEU O 802 78.35 -3.03 56.37
C LEU O 802 78.20 -2.41 54.97
N GLY O 803 77.38 -1.37 54.82
CA GLY O 803 77.16 -0.79 53.49
C GLY O 803 75.91 0.07 53.42
N GLY O 804 75.51 0.45 52.21
CA GLY O 804 74.29 1.25 52.07
C GLY O 804 74.52 2.76 52.18
N VAL O 805 73.41 3.50 52.13
CA VAL O 805 73.43 4.96 52.10
C VAL O 805 74.01 5.59 53.36
N ASN O 806 73.86 4.92 54.49
CA ASN O 806 74.38 5.45 55.72
C ASN O 806 75.56 4.66 56.24
N GLN O 807 76.31 3.95 55.39
CA GLN O 807 77.39 3.18 55.97
C GLN O 807 78.36 3.97 56.82
N GLN O 808 78.76 5.15 56.35
CA GLN O 808 79.75 5.91 57.10
C GLN O 808 79.15 6.53 58.35
N ARG O 809 77.83 6.63 58.39
CA ARG O 809 77.15 7.23 59.51
C ARG O 809 76.96 6.17 60.58
N ALA O 810 76.72 4.93 60.14
CA ALA O 810 76.59 3.80 61.04
C ALA O 810 77.93 3.58 61.70
N VAL O 811 79.00 3.68 60.91
CA VAL O 811 80.33 3.62 61.47
C VAL O 811 80.55 4.75 62.43
N ALA O 812 80.19 5.98 62.06
CA ALA O 812 80.42 7.07 63.00
C ALA O 812 79.72 6.82 64.34
N ALA O 813 78.50 6.26 64.31
CA ALA O 813 77.78 5.97 65.56
C ALA O 813 78.50 4.95 66.45
N ILE O 814 79.08 3.93 65.83
CA ILE O 814 79.77 2.88 66.55
C ILE O 814 81.09 3.37 67.10
N ILE O 815 81.84 4.08 66.26
CA ILE O 815 83.14 4.60 66.65
C ILE O 815 82.95 5.61 67.75
N ALA O 816 81.92 6.47 67.64
CA ALA O 816 81.61 7.39 68.71
C ALA O 816 81.30 6.64 69.97
N GLY O 817 80.55 5.53 69.89
CA GLY O 817 80.25 4.75 71.09
C GLY O 817 81.52 4.22 71.74
N VAL O 818 82.50 3.80 70.92
CA VAL O 818 83.71 3.30 71.55
C VAL O 818 84.40 4.46 72.23
N ASN O 819 84.48 5.60 71.54
CA ASN O 819 85.14 6.76 72.09
C ASN O 819 84.43 7.31 73.31
N ASN O 820 83.11 7.13 73.41
CA ASN O 820 82.41 7.59 74.58
C ASN O 820 82.84 6.73 75.76
N LEU O 821 83.05 5.42 75.49
CA LEU O 821 83.51 4.55 76.57
C LEU O 821 84.87 4.90 77.09
N ILE O 822 85.78 5.25 76.17
CA ILE O 822 87.18 5.49 76.57
C ILE O 822 87.67 6.94 76.66
N GLY O 823 86.86 7.93 76.25
CA GLY O 823 87.34 9.32 76.30
C GLY O 823 88.16 9.71 75.07
N GLY O 824 87.87 9.04 73.95
CA GLY O 824 88.57 9.26 72.69
C GLY O 824 89.78 8.33 72.50
N GLY O 825 90.31 8.27 71.26
CA GLY O 825 91.48 7.45 70.99
C GLY O 825 91.25 6.07 70.38
N PHE O 826 90.02 5.69 70.00
CA PHE O 826 89.85 4.37 69.40
C PHE O 826 90.64 4.29 68.12
N GLU O 827 90.65 5.41 67.41
CA GLU O 827 91.31 5.65 66.14
C GLU O 827 92.82 5.40 66.19
N LYS O 828 93.40 5.31 67.39
CA LYS O 828 94.82 5.06 67.54
C LYS O 828 95.10 3.57 67.52
N PHE O 829 94.05 2.77 67.64
CA PHE O 829 94.14 1.31 67.66
C PHE O 829 93.49 0.74 66.40
N PHE O 830 92.49 1.45 65.88
CA PHE O 830 91.74 1.05 64.68
C PHE O 830 91.31 2.26 63.88
N ASP O 831 91.89 2.44 62.71
CA ASP O 831 91.49 3.56 61.88
C ASP O 831 90.25 3.22 61.07
N HIS O 832 89.12 3.80 61.45
CA HIS O 832 87.84 3.51 60.84
C HIS O 832 87.70 4.18 59.48
N ASN O 833 88.66 5.03 59.13
CA ASN O 833 88.65 5.64 57.82
C ASN O 833 89.48 4.83 56.83
N THR O 834 90.03 3.71 57.31
CA THR O 834 90.81 2.80 56.50
C THR O 834 90.18 1.41 56.48
N MET O 835 89.60 1.02 57.60
CA MET O 835 89.06 -0.32 57.76
C MET O 835 87.59 -0.32 58.20
N PRO O 836 86.77 -1.28 57.73
CA PRO O 836 85.39 -1.50 58.13
C PRO O 836 85.33 -2.08 59.51
N ILE O 837 84.26 -1.83 60.24
CA ILE O 837 84.08 -2.43 61.56
C ILE O 837 83.76 -3.92 61.43
N ILE O 838 82.84 -4.22 60.53
CA ILE O 838 82.40 -5.58 60.23
C ILE O 838 82.45 -5.78 58.72
N GLN O 839 82.97 -6.91 58.26
CA GLN O 839 82.94 -7.20 56.85
C GLN O 839 81.72 -8.09 56.62
N PRO O 840 80.95 -7.97 55.53
CA PRO O 840 79.80 -8.83 55.26
C PRO O 840 80.22 -10.28 55.21
N TYR O 841 79.42 -11.17 55.81
CA TYR O 841 79.73 -12.61 55.73
C TYR O 841 79.51 -13.15 54.32
N GLY O 842 78.39 -12.74 53.72
CA GLY O 842 77.96 -13.20 52.41
C GLY O 842 76.62 -13.88 52.57
N THR O 843 76.66 -15.16 52.93
CA THR O 843 75.48 -15.96 53.21
C THR O 843 74.75 -15.37 54.43
N ASP O 844 73.41 -15.27 54.39
CA ASP O 844 72.65 -14.73 55.51
C ASP O 844 72.43 -15.81 56.57
N ILE O 845 71.65 -15.48 57.61
CA ILE O 845 71.47 -16.45 58.66
C ILE O 845 70.11 -17.06 58.60
N GLN O 846 70.09 -18.37 58.54
CA GLN O 846 68.87 -19.12 58.61
C GLN O 846 68.73 -19.50 60.08
N LEU O 847 67.61 -19.12 60.68
CA LEU O 847 67.36 -19.34 62.11
C LEU O 847 66.14 -20.18 62.28
N GLY O 848 66.01 -20.78 63.45
CA GLY O 848 64.84 -21.59 63.73
C GLY O 848 65.10 -22.57 64.85
N TYR O 849 64.08 -23.37 65.14
CA TYR O 849 64.19 -24.37 66.19
C TYR O 849 63.44 -25.62 65.76
N TYR O 850 63.83 -26.69 66.41
CA TYR O 850 63.30 -28.02 66.17
C TYR O 850 63.07 -28.67 67.50
N LEU O 851 62.33 -29.77 67.53
CA LEU O 851 62.16 -30.43 68.79
C LEU O 851 63.03 -31.66 68.95
N ASP O 852 63.50 -31.89 70.17
CA ASP O 852 64.31 -33.07 70.43
C ASP O 852 63.42 -34.27 70.77
N GLY O 853 64.04 -35.38 71.17
CA GLY O 853 63.30 -36.61 71.42
C GLY O 853 62.29 -36.56 72.57
N GLU O 854 62.40 -35.56 73.45
CA GLU O 854 61.50 -35.42 74.58
C GLU O 854 60.47 -34.32 74.28
N GLY O 855 60.58 -33.73 73.08
CA GLY O 855 59.72 -32.64 72.65
C GLY O 855 60.19 -31.26 73.12
N GLU O 856 61.46 -31.11 73.53
CA GLU O 856 61.92 -29.80 74.00
C GLU O 856 62.44 -29.00 72.83
N LYS O 857 62.39 -27.68 72.94
CA LYS O 857 62.89 -26.85 71.85
C LYS O 857 64.40 -26.80 71.84
N GLN O 858 64.98 -26.93 70.63
CA GLN O 858 66.42 -26.82 70.45
C GLN O 858 66.75 -25.93 69.25
N ASP O 859 67.84 -25.21 69.36
CA ASP O 859 68.32 -24.30 68.31
C ASP O 859 68.82 -25.05 67.07
N ARG O 860 68.32 -24.69 65.88
CA ARG O 860 68.71 -25.42 64.65
C ARG O 860 70.20 -25.31 64.35
N ARG O 861 70.89 -24.38 65.02
CA ARG O 861 72.33 -24.16 64.86
C ARG O 861 73.13 -25.38 65.32
N ASP O 862 72.45 -26.35 65.96
CA ASP O 862 73.10 -27.60 66.37
C ASP O 862 73.69 -28.33 65.17
N LEU O 863 73.09 -28.20 63.97
CA LEU O 863 73.69 -28.89 62.83
C LEU O 863 74.77 -28.07 62.15
N ASP O 864 75.89 -28.01 62.84
CA ASP O 864 77.13 -27.35 62.45
C ASP O 864 77.97 -28.41 61.75
N VAL O 865 79.26 -28.18 61.53
CA VAL O 865 80.01 -29.19 60.78
C VAL O 865 80.00 -30.55 61.45
N LEU O 866 80.26 -30.63 62.75
CA LEU O 866 80.30 -31.93 63.37
C LEU O 866 78.92 -32.55 63.38
N GLY O 867 77.91 -31.69 63.55
CA GLY O 867 76.51 -32.10 63.58
C GLY O 867 76.12 -32.78 62.28
N ALA O 868 76.35 -32.11 61.16
CA ALA O 868 76.02 -32.67 59.87
C ALA O 868 76.83 -33.94 59.56
N LEU O 869 78.12 -33.97 60.00
CA LEU O 869 78.93 -35.16 59.75
C LEU O 869 78.35 -36.36 60.50
N ASN O 870 77.84 -36.11 61.71
CA ASN O 870 77.21 -37.16 62.47
C ASN O 870 75.84 -37.52 61.89
N ALA O 871 75.10 -36.52 61.43
CA ALA O 871 73.75 -36.75 60.91
C ALA O 871 73.74 -37.62 59.66
N SER O 872 74.76 -37.45 58.81
CA SER O 872 74.88 -38.23 57.58
C SER O 872 75.63 -39.54 57.80
N ASP O 873 76.07 -39.79 59.04
CA ASP O 873 76.85 -40.98 59.41
C ASP O 873 78.06 -41.16 58.51
N GLY O 874 78.77 -40.05 58.25
CA GLY O 874 79.95 -40.15 57.41
C GLY O 874 79.73 -40.05 55.92
N ASN O 875 78.49 -39.88 55.48
CA ASN O 875 78.33 -39.78 54.06
C ASN O 875 78.72 -38.37 53.67
N ILE O 876 79.96 -38.27 53.21
CA ILE O 876 80.54 -37.01 52.82
C ILE O 876 79.87 -36.43 51.62
N GLN O 877 79.45 -37.24 50.68
CA GLN O 877 78.78 -36.60 49.55
C GLN O 877 77.54 -35.83 50.03
N GLU O 878 76.82 -36.40 51.02
CA GLU O 878 75.65 -35.70 51.59
C GLU O 878 76.10 -34.50 52.42
N TRP O 879 77.20 -34.67 53.16
CA TRP O 879 77.74 -33.60 53.99
C TRP O 879 78.15 -32.41 53.17
N MET O 880 78.85 -32.67 52.07
CA MET O 880 79.34 -31.64 51.19
C MET O 880 78.23 -30.94 50.50
N SER O 881 77.15 -31.67 50.17
CA SER O 881 76.03 -30.99 49.54
C SER O 881 75.43 -30.02 50.57
N TRP O 882 75.32 -30.48 51.82
CA TRP O 882 74.85 -29.66 52.91
C TRP O 882 75.71 -28.46 53.15
N TYR O 883 77.01 -28.69 53.19
CA TYR O 883 77.97 -27.65 53.48
C TYR O 883 77.91 -26.58 52.38
N GLY O 884 77.97 -27.00 51.11
CA GLY O 884 77.96 -26.09 49.97
C GLY O 884 76.71 -25.23 49.94
N THR O 885 75.61 -25.78 50.42
CA THR O 885 74.33 -25.06 50.47
C THR O 885 74.47 -23.68 51.11
N GLN O 886 75.25 -23.54 52.19
CA GLN O 886 75.38 -22.24 52.85
C GLN O 886 76.75 -21.57 52.62
N CYS O 887 77.54 -22.10 51.69
CA CYS O 887 78.86 -21.55 51.44
C CYS O 887 78.98 -20.96 50.04
N ASN O 888 78.32 -21.55 49.06
CA ASN O 888 78.46 -20.99 47.74
C ASN O 888 77.49 -19.84 47.60
N VAL O 889 78.02 -18.65 47.78
CA VAL O 889 77.24 -17.42 47.77
C VAL O 889 76.61 -17.12 46.40
N ALA O 890 77.10 -17.79 45.35
CA ALA O 890 76.58 -17.63 44.01
C ALA O 890 75.21 -18.28 43.81
N VAL O 891 74.82 -19.16 44.73
CA VAL O 891 73.54 -19.86 44.63
C VAL O 891 72.44 -18.94 45.10
N HIS O 892 71.38 -18.78 44.31
CA HIS O 892 70.34 -17.88 44.77
C HIS O 892 69.90 -18.30 46.18
N PRO O 893 69.72 -17.36 47.13
CA PRO O 893 69.37 -17.64 48.51
C PRO O 893 68.09 -18.42 48.71
N GLU O 894 67.16 -18.38 47.76
CA GLU O 894 65.95 -19.15 47.95
C GLU O 894 66.27 -20.63 47.86
N LEU O 895 67.21 -20.96 46.97
CA LEU O 895 67.57 -22.32 46.74
C LEU O 895 68.36 -22.76 47.93
N ARG O 896 69.19 -21.84 48.45
CA ARG O 896 69.99 -22.22 49.59
C ARG O 896 69.09 -22.57 50.76
N ALA O 897 68.04 -21.76 50.96
CA ALA O 897 67.13 -21.99 52.07
C ALA O 897 66.32 -23.27 51.90
N ARG O 898 65.85 -23.55 50.67
CA ARG O 898 65.05 -24.75 50.48
C ARG O 898 65.88 -25.99 50.71
N GLN O 899 67.10 -25.97 50.20
CA GLN O 899 67.99 -27.11 50.32
C GLN O 899 68.34 -27.33 51.78
N SER O 900 68.53 -26.24 52.53
CA SER O 900 68.86 -26.38 53.94
C SER O 900 67.72 -26.96 54.70
N LYS O 901 66.49 -26.55 54.39
CA LYS O 901 65.33 -27.07 55.06
C LYS O 901 65.19 -28.56 54.77
N ASN O 902 65.51 -28.96 53.54
CA ASN O 902 65.42 -30.37 53.20
C ASN O 902 66.43 -31.16 54.04
N PHE O 903 67.64 -30.61 54.21
CA PHE O 903 68.65 -31.31 54.99
C PHE O 903 68.29 -31.37 56.45
N ASP O 904 67.72 -30.29 57.01
CA ASP O 904 67.39 -30.34 58.42
C ASP O 904 66.30 -31.35 58.65
N ARG O 905 65.34 -31.46 57.75
CA ARG O 905 64.33 -32.46 58.01
C ARG O 905 64.92 -33.86 57.96
N GLN O 906 65.82 -34.11 57.00
CA GLN O 906 66.44 -35.43 56.86
C GLN O 906 67.33 -35.79 58.04
N TYR O 907 68.14 -34.84 58.41
CA TYR O 907 69.08 -34.83 59.53
C TYR O 907 68.49 -34.74 60.96
N LEU O 908 67.26 -34.24 61.17
CA LEU O 908 66.57 -34.15 62.45
C LEU O 908 65.34 -35.05 62.61
N GLY O 909 64.83 -35.68 61.54
CA GLY O 909 63.63 -36.52 61.69
C GLY O 909 62.31 -35.76 61.60
N ASN O 910 62.28 -34.75 60.72
CA ASN O 910 61.11 -33.89 60.50
C ASN O 910 60.63 -33.20 61.77
N SER O 911 61.57 -32.75 62.58
CA SER O 911 61.27 -32.09 63.85
C SER O 911 61.37 -30.58 63.81
N VAL O 912 61.60 -30.00 62.64
CA VAL O 912 61.73 -28.55 62.52
C VAL O 912 60.36 -27.95 62.57
N THR O 913 60.23 -26.84 63.28
CA THR O 913 59.24 -25.80 63.25
C THR O 913 59.91 -24.48 62.85
N TYR O 914 59.90 -24.07 61.60
CA TYR O 914 60.66 -22.98 61.06
C TYR O 914 60.24 -21.63 61.66
N THR O 915 61.16 -20.67 61.81
CA THR O 915 60.86 -19.40 62.52
C THR O 915 61.35 -18.11 61.82
N THR O 916 62.64 -17.91 61.53
CA THR O 916 63.12 -16.54 61.20
C THR O 916 64.48 -16.41 60.44
N ARG O 917 64.87 -15.16 60.23
CA ARG O 917 66.03 -14.58 59.52
C ARG O 917 66.83 -13.52 60.30
N ALA O 918 68.15 -13.49 60.02
CA ALA O 918 69.09 -12.47 60.60
C ALA O 918 70.28 -12.27 59.65
N HIS O 919 71.05 -11.20 59.88
CA HIS O 919 72.21 -10.91 59.04
C HIS O 919 73.53 -11.34 59.70
N ARG O 920 74.50 -11.77 58.89
CA ARG O 920 75.76 -12.16 59.51
C ARG O 920 76.92 -11.34 58.98
N GLY O 921 77.83 -11.04 59.89
CA GLY O 921 79.04 -10.36 59.49
C GLY O 921 80.22 -10.88 60.27
N ILE O 922 81.40 -10.60 59.74
CA ILE O 922 82.67 -11.03 60.30
C ILE O 922 83.33 -9.84 60.93
N TRP O 923 83.73 -9.92 62.17
CA TRP O 923 84.28 -8.72 62.75
C TRP O 923 85.62 -8.46 62.17
N ASN O 924 85.90 -7.20 61.86
CA ASN O 924 87.23 -6.90 61.40
C ASN O 924 88.12 -7.28 62.56
N PRO O 925 89.08 -8.20 62.41
CA PRO O 925 89.94 -8.63 63.49
C PRO O 925 90.58 -7.45 64.20
N LYS O 926 90.84 -6.36 63.46
CA LYS O 926 91.44 -5.20 64.05
C LYS O 926 90.45 -4.39 64.86
N PHE O 927 89.17 -4.40 64.52
CA PHE O 927 88.19 -3.62 65.27
C PHE O 927 88.10 -4.18 66.67
N ILE O 928 87.95 -5.50 66.73
CA ILE O 928 87.79 -6.16 68.01
C ILE O 928 89.06 -6.16 68.84
N GLU O 929 90.21 -6.45 68.22
CA GLU O 929 91.43 -6.40 69.00
C GLU O 929 91.62 -4.99 69.53
N ALA O 930 91.38 -3.99 68.68
CA ALA O 930 91.48 -2.60 69.04
C ALA O 930 90.49 -2.22 70.08
N LEU O 931 89.30 -2.80 70.08
CA LEU O 931 88.30 -2.44 71.07
C LEU O 931 88.81 -2.82 72.44
N ASP O 932 89.38 -4.04 72.54
CA ASP O 932 89.88 -4.47 73.84
C ASP O 932 91.12 -3.68 74.24
N LYS O 933 92.03 -3.41 73.29
CA LYS O 933 93.23 -2.65 73.63
C LYS O 933 92.93 -1.21 73.96
N ALA O 934 92.01 -0.61 73.22
CA ALA O 934 91.67 0.78 73.40
C ALA O 934 91.05 1.02 74.75
N ILE O 935 90.21 0.09 75.19
CA ILE O 935 89.71 0.17 76.55
C ILE O 935 90.80 -0.08 77.57
N ALA O 936 91.60 -1.12 77.37
CA ALA O 936 92.63 -1.43 78.35
C ALA O 936 93.65 -0.30 78.53
N SER O 937 93.95 0.40 77.45
CA SER O 937 94.94 1.47 77.38
C SER O 937 94.56 2.71 78.14
N VAL O 938 93.38 2.67 78.77
CA VAL O 938 92.97 3.38 79.99
C VAL O 938 92.39 2.37 81.03
N GLY O 939 92.36 2.66 82.31
CA GLY O 939 91.39 2.08 83.17
C GLY O 939 91.72 0.68 83.60
N LEU O 940 90.79 0.09 84.37
CA LEU O 940 90.84 -1.29 84.87
C LEU O 940 91.06 -2.29 83.74
N THR O 941 92.09 -3.13 83.84
CA THR O 941 92.10 -4.35 83.03
C THR O 941 91.39 -5.51 83.73
N VAL O 942 90.75 -6.39 82.96
CA VAL O 942 90.06 -7.59 83.48
C VAL O 942 91.06 -8.64 83.96
N ALA O 943 90.89 -9.14 85.18
CA ALA O 943 91.64 -10.29 85.68
C ALA O 943 91.13 -11.60 85.04
N MET O 944 92.03 -12.31 84.36
CA MET O 944 91.78 -13.56 83.62
C MET O 944 91.72 -14.79 84.56
N ASP O 945 90.91 -14.70 85.62
CA ASP O 945 90.79 -15.71 86.67
C ASP O 945 90.20 -17.07 86.19
N ASN O 946 90.32 -18.08 87.04
CA ASN O 946 89.83 -19.46 86.82
C ASN O 946 90.40 -20.11 85.54
N VAL O 947 91.72 -20.02 85.38
CA VAL O 947 92.44 -20.55 84.21
C VAL O 947 92.29 -22.07 84.05
N ALA O 948 92.35 -22.84 85.11
CA ALA O 948 91.81 -24.15 85.35
C ALA O 948 92.17 -25.30 84.37
N GLN O 949 93.43 -25.43 83.91
CA GLN O 949 93.92 -26.68 83.30
C GLN O 949 94.37 -27.66 84.39
N ALA P 413 76.93 -19.61 -71.70
CA ALA P 413 76.38 -19.50 -70.35
C ALA P 413 77.16 -18.46 -69.54
N GLY P 414 78.51 -18.40 -69.66
CA GLY P 414 79.39 -17.48 -68.90
C GLY P 414 79.04 -16.00 -69.06
N ASN P 415 78.57 -15.63 -70.25
CA ASN P 415 78.20 -14.24 -70.51
C ASN P 415 76.93 -13.86 -69.78
N LEU P 416 76.13 -14.87 -69.46
CA LEU P 416 74.85 -14.68 -68.83
C LEU P 416 75.00 -14.83 -67.34
N ASN P 417 75.91 -15.71 -66.93
CA ASN P 417 76.13 -16.01 -65.53
C ASN P 417 76.62 -14.81 -64.78
N SER P 418 77.37 -13.96 -65.50
CA SER P 418 77.84 -12.70 -64.95
C SER P 418 76.77 -12.00 -64.12
N ILE P 419 75.52 -11.99 -64.61
CA ILE P 419 74.45 -11.33 -63.91
C ILE P 419 73.31 -12.26 -63.44
N PHE P 420 73.14 -13.44 -64.06
CA PHE P 420 71.98 -14.24 -63.69
C PHE P 420 72.27 -15.30 -62.65
N GLN P 421 73.52 -15.36 -62.20
CA GLN P 421 73.92 -16.02 -60.96
C GLN P 421 73.77 -15.09 -59.75
N ARG P 422 73.62 -13.77 -59.96
CA ARG P 422 73.66 -12.84 -58.84
C ARG P 422 72.37 -12.88 -58.08
N SER P 423 71.29 -13.06 -58.81
CA SER P 423 69.96 -13.08 -58.28
C SER P 423 69.54 -14.53 -58.15
N GLY P 424 69.28 -14.93 -56.91
CA GLY P 424 68.84 -16.26 -56.54
C GLY P 424 69.94 -17.28 -56.33
N ARG P 425 69.60 -18.39 -55.68
CA ARG P 425 70.44 -19.47 -55.18
C ARG P 425 69.79 -20.80 -55.58
N THR P 426 70.52 -21.90 -55.59
CA THR P 426 69.92 -23.24 -55.74
C THR P 426 70.56 -24.25 -54.83
N ASP P 427 69.91 -25.40 -54.75
CA ASP P 427 70.41 -26.58 -54.05
C ASP P 427 71.12 -27.46 -55.08
N GLY P 428 71.56 -28.65 -54.68
CA GLY P 428 72.24 -29.56 -55.59
C GLY P 428 73.74 -29.69 -55.34
N GLY P 429 74.40 -30.43 -56.22
CA GLY P 429 75.82 -30.71 -56.08
C GLY P 429 76.03 -32.07 -55.43
N ASP P 430 77.29 -32.44 -55.25
CA ASP P 430 77.66 -33.74 -54.69
C ASP P 430 77.32 -33.88 -53.21
N ALA P 431 76.53 -34.90 -52.90
CA ALA P 431 76.09 -35.17 -51.54
C ALA P 431 77.28 -35.41 -50.61
N ARG P 432 78.35 -36.02 -51.13
CA ARG P 432 79.53 -36.27 -50.29
C ARG P 432 80.13 -34.94 -49.88
N ALA P 433 80.14 -33.98 -50.79
CA ALA P 433 80.70 -32.67 -50.47
C ALA P 433 79.84 -31.97 -49.43
N SER P 434 78.52 -32.16 -49.51
CA SER P 434 77.64 -31.55 -48.52
C SER P 434 77.90 -32.18 -47.16
N GLU P 435 78.03 -33.53 -47.13
CA GLU P 435 78.39 -34.20 -45.88
C GLU P 435 79.69 -33.69 -45.31
N ALA P 436 80.69 -33.52 -46.19
CA ALA P 436 81.96 -33.04 -45.73
C ALA P 436 81.87 -31.63 -45.15
N LEU P 437 81.12 -30.72 -45.78
CA LEU P 437 80.91 -29.38 -45.24
C LEU P 437 80.23 -29.44 -43.89
N ALA P 438 79.23 -30.30 -43.75
CA ALA P 438 78.51 -30.44 -42.50
C ALA P 438 79.36 -31.02 -41.37
N VAL P 439 80.22 -32.01 -41.66
CA VAL P 439 81.03 -32.57 -40.60
C VAL P 439 82.09 -31.56 -40.20
N PHE P 440 82.63 -30.80 -41.16
CA PHE P 440 83.59 -29.79 -40.77
C PHE P 440 82.94 -28.71 -39.94
N ASN P 441 81.68 -28.32 -40.26
CA ASN P 441 81.02 -27.30 -39.45
C ASN P 441 80.81 -27.81 -38.02
N LYS P 442 80.45 -29.10 -37.89
CA LYS P 442 80.28 -29.69 -36.57
C LYS P 442 81.55 -29.64 -35.76
N LEU P 443 82.65 -30.06 -36.39
CA LEU P 443 83.93 -30.14 -35.74
C LEU P 443 84.44 -28.77 -35.41
N LYS P 444 84.16 -27.80 -36.28
CA LYS P 444 84.56 -26.44 -36.03
C LYS P 444 83.95 -26.00 -34.73
N GLU P 445 82.65 -26.23 -34.56
CA GLU P 445 81.99 -25.80 -33.35
C GLU P 445 82.50 -26.54 -32.11
N GLU P 446 82.81 -27.84 -32.24
CA GLU P 446 83.33 -28.54 -31.07
C GLU P 446 84.67 -27.95 -30.64
N ALA P 447 85.52 -27.64 -31.63
CA ALA P 447 86.82 -27.06 -31.37
C ALA P 447 86.69 -25.69 -30.73
N ILE P 448 85.65 -24.94 -31.09
CA ILE P 448 85.53 -23.64 -30.47
C ILE P 448 85.12 -23.84 -29.02
N ALA P 449 84.14 -24.72 -28.80
CA ALA P 449 83.61 -24.96 -27.46
C ALA P 449 84.68 -25.45 -26.48
N GLN P 450 85.62 -26.25 -26.99
CA GLN P 450 86.68 -26.79 -26.16
C GLN P 450 87.93 -25.96 -26.16
N GLN P 451 87.88 -24.79 -26.78
CA GLN P 451 89.01 -23.89 -26.89
C GLN P 451 90.22 -24.50 -27.56
N ASP P 452 89.99 -25.30 -28.60
CA ASP P 452 91.11 -25.83 -29.33
C ASP P 452 91.35 -24.84 -30.46
N LEU P 453 90.25 -24.25 -30.96
CA LEU P 453 90.28 -23.25 -32.02
C LEU P 453 89.54 -21.98 -31.64
N HIS P 454 90.04 -20.84 -32.12
CA HIS P 454 89.35 -19.57 -31.92
C HIS P 454 88.29 -19.41 -32.98
N ASP P 455 87.21 -18.71 -32.65
CA ASP P 455 86.16 -18.48 -33.63
C ASP P 455 86.50 -17.25 -34.46
N ASP P 456 87.53 -17.39 -35.28
CA ASP P 456 88.05 -16.30 -36.08
C ASP P 456 88.24 -16.68 -37.54
N PHE P 457 87.67 -17.82 -37.95
CA PHE P 457 87.85 -18.30 -39.30
C PHE P 457 86.56 -18.76 -39.91
N LEU P 458 86.56 -18.78 -41.23
CA LEU P 458 85.38 -19.18 -41.97
C LEU P 458 85.64 -20.42 -42.80
N VAL P 459 84.60 -21.21 -43.05
CA VAL P 459 84.74 -22.31 -43.98
C VAL P 459 83.72 -22.09 -45.08
N PHE P 460 84.15 -22.11 -46.32
CA PHE P 460 83.27 -21.96 -47.48
C PHE P 460 83.17 -23.24 -48.30
N ARG P 461 82.19 -23.24 -49.20
CA ARG P 461 81.92 -24.34 -50.13
C ARG P 461 82.41 -23.99 -51.54
N PHE P 462 83.13 -24.90 -52.18
CA PHE P 462 83.46 -24.83 -53.61
C PHE P 462 82.81 -26.03 -54.29
N ASP P 463 81.91 -25.79 -55.23
CA ASP P 463 80.98 -26.86 -55.64
C ASP P 463 80.68 -26.90 -57.15
N ARG P 464 80.27 -28.08 -57.62
CA ARG P 464 80.26 -28.46 -59.04
C ARG P 464 79.33 -27.61 -59.88
N ASP P 465 78.07 -27.55 -59.47
CA ASP P 465 76.99 -26.95 -60.26
C ASP P 465 77.14 -25.43 -60.40
N GLN P 466 77.78 -24.76 -59.43
CA GLN P 466 78.09 -23.34 -59.52
C GLN P 466 79.34 -23.06 -60.37
N ASN P 467 80.43 -23.82 -60.19
CA ASN P 467 81.76 -23.43 -60.69
C ASN P 467 82.32 -24.29 -61.85
N ARG P 468 81.60 -25.34 -62.31
CA ARG P 468 82.05 -26.27 -63.38
C ARG P 468 83.45 -26.87 -63.08
N VAL P 469 83.55 -27.49 -61.91
CA VAL P 469 84.80 -27.64 -61.14
C VAL P 469 85.70 -28.83 -61.51
N GLY P 470 85.17 -29.92 -62.05
CA GLY P 470 85.82 -31.23 -61.89
C GLY P 470 85.58 -31.76 -60.47
N TYR P 471 86.54 -31.57 -59.55
CA TYR P 471 86.41 -31.99 -58.14
C TYR P 471 85.96 -30.86 -57.19
N SER P 472 85.04 -31.19 -56.28
CA SER P 472 84.52 -30.30 -55.26
C SER P 472 85.57 -30.11 -54.18
N ALA P 473 85.39 -29.09 -53.35
CA ALA P 473 86.36 -28.81 -52.31
C ALA P 473 85.75 -27.98 -51.19
N LEU P 474 86.34 -28.08 -50.01
CA LEU P 474 85.96 -27.20 -48.92
C LEU P 474 87.06 -26.17 -48.83
N LEU P 475 86.74 -24.95 -48.45
CA LEU P 475 87.78 -23.93 -48.38
C LEU P 475 87.96 -23.34 -46.99
N VAL P 476 89.15 -23.50 -46.41
CA VAL P 476 89.37 -22.92 -45.06
C VAL P 476 89.96 -21.54 -45.23
N VAL P 477 89.30 -20.54 -44.64
CA VAL P 477 89.71 -19.15 -44.83
C VAL P 477 89.96 -18.24 -43.62
N LYS P 478 91.10 -17.54 -43.69
CA LYS P 478 91.45 -16.53 -42.69
C LYS P 478 91.63 -15.21 -43.42
N ARG P 479 91.45 -14.11 -42.71
CA ARG P 479 91.62 -12.81 -43.33
C ARG P 479 92.38 -11.82 -42.46
N ALA P 480 93.07 -10.89 -43.10
CA ALA P 480 93.74 -9.81 -42.40
C ALA P 480 93.94 -8.62 -43.33
N ALA P 481 94.06 -7.43 -42.78
CA ALA P 481 94.45 -6.30 -43.61
C ALA P 481 95.89 -6.00 -43.28
N ILE P 482 96.74 -6.13 -44.29
CA ILE P 482 98.16 -5.99 -44.08
C ILE P 482 98.71 -4.78 -44.79
N ASN P 483 99.10 -3.78 -44.02
CA ASN P 483 99.62 -2.52 -44.53
C ASN P 483 98.67 -1.92 -45.56
N GLY P 484 97.37 -2.02 -45.30
CA GLY P 484 96.35 -1.48 -46.18
C GLY P 484 95.80 -2.46 -47.23
N GLN P 485 96.46 -3.61 -47.44
CA GLN P 485 95.96 -4.56 -48.43
C GLN P 485 95.05 -5.58 -47.79
N GLN P 486 93.88 -5.79 -48.35
CA GLN P 486 93.04 -6.82 -47.75
C GLN P 486 93.52 -8.15 -48.28
N VAL P 487 93.85 -9.06 -47.38
CA VAL P 487 94.36 -10.35 -47.79
C VAL P 487 93.50 -11.50 -47.26
N ILE P 488 93.18 -12.40 -48.18
CA ILE P 488 92.46 -13.62 -47.93
C ILE P 488 93.45 -14.76 -48.06
N VAL P 489 93.50 -15.64 -47.09
CA VAL P 489 94.38 -16.77 -47.24
C VAL P 489 93.54 -18.00 -47.19
N THR P 490 93.81 -18.92 -48.10
CA THR P 490 93.03 -20.11 -48.08
C THR P 490 93.75 -21.41 -48.35
N ARG P 491 93.16 -22.46 -47.80
CA ARG P 491 93.59 -23.82 -48.03
C ARG P 491 92.43 -24.73 -48.41
N PRO P 492 92.28 -25.05 -49.69
CA PRO P 492 91.28 -25.94 -50.25
C PRO P 492 91.53 -27.38 -49.84
N LEU P 493 90.45 -28.14 -49.68
CA LEU P 493 90.51 -29.57 -49.41
C LEU P 493 89.67 -30.27 -50.47
N VAL P 494 90.36 -30.91 -51.41
CA VAL P 494 89.72 -31.47 -52.61
C VAL P 494 89.02 -32.76 -52.27
N MET P 495 87.83 -32.99 -52.80
CA MET P 495 87.08 -34.20 -52.51
C MET P 495 86.66 -35.06 -53.71
N PRO P 496 87.46 -36.05 -54.12
CA PRO P 496 87.17 -37.01 -55.17
C PRO P 496 86.00 -37.87 -54.74
N ASN P 497 85.25 -38.43 -55.68
CA ASN P 497 84.12 -39.29 -55.36
C ASN P 497 84.15 -40.51 -56.27
N ASP P 498 84.18 -41.71 -55.70
CA ASP P 498 84.33 -42.94 -56.47
C ASP P 498 83.09 -43.28 -57.31
N GLN P 499 81.99 -42.62 -56.99
CA GLN P 499 80.73 -42.83 -57.68
C GLN P 499 80.52 -41.81 -58.79
N ILE P 500 81.47 -40.89 -58.97
CA ILE P 500 81.30 -39.86 -60.00
C ILE P 500 82.36 -39.98 -61.06
N THR P 501 81.91 -40.05 -62.30
CA THR P 501 82.83 -40.13 -63.41
C THR P 501 83.30 -38.75 -63.79
N LEU P 502 84.61 -38.60 -63.96
CA LEU P 502 85.17 -37.34 -64.39
C LEU P 502 85.60 -37.51 -65.83
N PRO P 503 85.56 -36.47 -66.67
CA PRO P 503 86.10 -36.46 -68.00
C PRO P 503 87.58 -36.75 -67.97
N THR P 504 88.01 -37.40 -69.04
CA THR P 504 89.36 -37.82 -69.29
C THR P 504 90.16 -36.97 -70.23
N LYS P 505 91.47 -37.12 -70.17
CA LYS P 505 92.35 -36.55 -71.16
C LYS P 505 92.45 -37.56 -72.26
N LYS P 506 92.54 -37.10 -73.49
CA LYS P 506 92.78 -37.99 -74.61
C LYS P 506 94.25 -37.92 -74.92
N LEU P 507 94.98 -38.94 -74.53
CA LEU P 507 96.41 -38.93 -74.65
C LEU P 507 96.84 -39.68 -75.87
N THR P 508 97.31 -38.95 -76.87
CA THR P 508 97.69 -39.60 -78.12
C THR P 508 99.18 -39.87 -78.04
N ILE P 509 99.54 -41.12 -78.20
CA ILE P 509 100.91 -41.53 -78.04
C ILE P 509 101.49 -42.15 -79.30
N GLN P 510 102.63 -41.63 -79.73
CA GLN P 510 103.28 -42.15 -80.93
C GLN P 510 104.07 -43.39 -80.60
N ASN P 511 103.39 -44.53 -80.61
CA ASN P 511 104.03 -45.77 -80.24
C ASN P 511 104.73 -46.37 -81.44
N GLY P 512 105.99 -46.01 -81.58
CA GLY P 512 106.73 -46.44 -82.75
C GLY P 512 106.11 -45.81 -83.97
N MET P 513 105.66 -46.63 -84.91
CA MET P 513 105.07 -46.15 -86.14
C MET P 513 103.56 -45.87 -86.09
N HIS P 514 102.91 -46.12 -84.94
CA HIS P 514 101.45 -45.91 -84.89
C HIS P 514 100.96 -45.13 -83.68
N GLN P 515 100.02 -44.20 -83.91
CA GLN P 515 99.45 -43.47 -82.79
C GLN P 515 98.23 -44.16 -82.20
N GLU P 516 98.27 -44.34 -80.90
CA GLU P 516 97.19 -44.96 -80.13
C GLU P 516 96.72 -43.96 -79.09
N THR P 517 95.46 -44.03 -78.68
CA THR P 517 95.00 -43.12 -77.65
C THR P 517 94.59 -43.82 -76.37
N ILE P 518 95.11 -43.32 -75.26
CA ILE P 518 94.74 -43.82 -73.95
C ILE P 518 93.99 -42.73 -73.23
N GLU P 519 92.83 -43.05 -72.71
CA GLU P 519 92.15 -42.01 -71.98
C GLU P 519 92.35 -42.22 -70.51
N ALA P 520 92.46 -41.12 -69.78
CA ALA P 520 92.61 -41.23 -68.33
C ALA P 520 91.91 -40.10 -67.61
N GLU P 521 91.26 -40.43 -66.50
CA GLU P 521 90.54 -39.43 -65.72
C GLU P 521 91.48 -38.39 -65.20
N ALA P 522 91.07 -37.13 -65.25
CA ALA P 522 91.96 -36.10 -64.71
C ALA P 522 92.20 -36.35 -63.23
N ASP P 523 93.47 -36.25 -62.80
CA ASP P 523 93.77 -36.44 -61.39
C ASP P 523 93.72 -35.09 -60.71
N VAL P 524 93.98 -35.04 -59.42
CA VAL P 524 93.91 -33.76 -58.74
C VAL P 524 94.92 -32.75 -59.30
N GLN P 525 96.06 -33.21 -59.85
CA GLN P 525 97.03 -32.30 -60.45
C GLN P 525 96.62 -31.79 -61.82
N ASP P 526 95.65 -32.47 -62.45
CA ASP P 526 95.19 -32.09 -63.75
C ASP P 526 94.02 -31.14 -63.61
N VAL P 527 93.27 -31.34 -62.53
CA VAL P 527 92.12 -30.51 -62.23
C VAL P 527 92.50 -29.20 -61.55
N PHE P 528 93.41 -29.25 -60.56
CA PHE P 528 93.74 -28.02 -59.86
C PHE P 528 94.74 -27.20 -60.67
N THR P 529 94.23 -26.59 -61.72
CA THR P 529 94.98 -25.78 -62.66
C THR P 529 95.02 -24.36 -62.17
N THR P 530 95.81 -23.53 -62.83
CA THR P 530 95.88 -22.13 -62.44
C THR P 530 94.49 -21.51 -62.46
N GLN P 531 93.67 -21.84 -63.47
CA GLN P 531 92.35 -21.25 -63.51
C GLN P 531 91.45 -21.79 -62.39
N TYR P 532 91.64 -23.05 -61.97
CA TYR P 532 90.84 -23.60 -60.86
C TYR P 532 91.12 -22.68 -59.67
N TRP P 533 92.41 -22.39 -59.46
CA TRP P 533 92.85 -21.48 -58.39
C TRP P 533 92.21 -20.11 -58.53
N ASN P 534 92.18 -19.57 -59.75
CA ASN P 534 91.54 -18.27 -59.93
C ASN P 534 90.05 -18.32 -59.58
N ARG P 535 89.34 -19.40 -59.91
CA ARG P 535 87.93 -19.50 -59.51
C ARG P 535 87.79 -19.68 -58.02
N ILE P 536 88.77 -20.28 -57.33
CA ILE P 536 88.73 -20.31 -55.87
C ILE P 536 88.84 -18.91 -55.33
N CYS P 537 89.77 -18.13 -55.87
CA CYS P 537 89.96 -16.76 -55.48
C CYS P 537 88.65 -16.01 -55.53
N ASP P 538 88.00 -16.09 -56.68
CA ASP P 538 86.78 -15.32 -56.85
C ASP P 538 85.63 -15.82 -56.00
N SER P 539 85.52 -17.14 -55.82
CA SER P 539 84.43 -17.70 -55.04
C SER P 539 84.54 -17.29 -53.59
N ILE P 540 85.76 -17.27 -53.06
CA ILE P 540 85.89 -16.86 -51.67
C ILE P 540 85.58 -15.40 -51.56
N ARG P 541 86.13 -14.58 -52.47
CA ARG P 541 85.87 -13.15 -52.37
C ARG P 541 84.38 -12.86 -52.35
N GLN P 542 83.61 -13.55 -53.19
CA GLN P 542 82.18 -13.29 -53.17
C GLN P 542 81.51 -13.74 -51.87
N GLN P 543 82.04 -14.80 -51.24
CA GLN P 543 81.45 -15.28 -50.00
C GLN P 543 81.91 -14.48 -48.77
N THR P 544 83.07 -13.77 -48.86
CA THR P 544 83.55 -12.96 -47.73
C THR P 544 83.17 -11.49 -47.89
N GLY P 545 82.93 -11.08 -49.12
CA GLY P 545 82.57 -9.70 -49.49
C GLY P 545 83.79 -8.88 -49.85
N LYS P 546 84.98 -9.45 -49.66
CA LYS P 546 86.18 -8.70 -49.96
C LYS P 546 86.56 -8.88 -51.42
N HIS P 547 85.79 -8.18 -52.25
CA HIS P 547 85.85 -8.31 -53.69
C HIS P 547 87.16 -7.87 -54.32
N ASP P 548 87.89 -6.97 -53.66
CA ASP P 548 89.17 -6.51 -54.16
C ASP P 548 90.38 -7.07 -53.37
N ALA P 549 90.17 -8.13 -52.58
CA ALA P 549 91.27 -8.72 -51.81
C ALA P 549 92.24 -9.57 -52.63
N MET P 550 93.47 -9.61 -52.13
CA MET P 550 94.52 -10.47 -52.68
C MET P 550 94.34 -11.84 -52.06
N VAL P 551 94.51 -12.91 -52.83
CA VAL P 551 94.29 -14.23 -52.25
C VAL P 551 95.56 -15.10 -52.27
N ILE P 552 95.90 -15.63 -51.08
CA ILE P 552 97.06 -16.48 -50.89
C ILE P 552 96.71 -17.96 -50.90
N ASN P 553 97.48 -18.71 -51.68
CA ASN P 553 97.40 -20.14 -51.81
C ASN P 553 98.30 -20.77 -50.77
N ALA P 554 97.71 -21.27 -49.69
CA ALA P 554 98.49 -21.79 -48.58
C ALA P 554 98.91 -23.22 -48.82
N GLY P 555 98.54 -23.78 -49.98
CA GLY P 555 98.88 -25.14 -50.30
C GLY P 555 97.65 -25.99 -50.05
N PRO P 556 97.00 -26.53 -51.09
CA PRO P 556 95.79 -27.32 -51.03
C PRO P 556 96.10 -28.70 -50.52
N THR P 557 95.07 -29.41 -50.12
CA THR P 557 95.23 -30.82 -49.79
C THR P 557 94.06 -31.60 -50.37
N VAL P 558 94.01 -32.89 -50.04
CA VAL P 558 93.02 -33.80 -50.60
C VAL P 558 92.41 -34.69 -49.51
N ILE P 559 91.10 -34.90 -49.59
CA ILE P 559 90.37 -35.84 -48.76
C ILE P 559 89.81 -36.89 -49.72
N PRO P 560 90.51 -38.02 -49.94
CA PRO P 560 90.29 -39.06 -50.95
C PRO P 560 88.92 -39.67 -50.88
N ALA P 561 88.40 -40.22 -51.98
CA ALA P 561 87.02 -40.70 -52.02
C ALA P 561 86.68 -41.91 -51.14
N ASP P 562 87.69 -42.69 -50.76
CA ASP P 562 87.58 -44.12 -50.46
C ASP P 562 86.93 -44.51 -49.12
N PHE P 563 86.77 -43.59 -48.17
CA PHE P 563 86.69 -43.96 -46.75
C PHE P 563 85.53 -43.29 -46.00
N ASP P 564 85.18 -43.88 -44.86
CA ASP P 564 84.13 -43.36 -43.97
C ASP P 564 84.46 -41.95 -43.48
N LEU P 565 83.49 -41.04 -43.60
CA LEU P 565 83.57 -39.71 -42.99
C LEU P 565 83.47 -39.74 -41.46
N LYS P 566 83.45 -40.94 -40.85
CA LYS P 566 83.32 -41.18 -39.41
C LYS P 566 84.59 -40.86 -38.59
N ASP P 567 85.75 -40.67 -39.21
CA ASP P 567 86.97 -40.23 -38.52
C ASP P 567 87.00 -38.71 -38.26
N GLU P 568 86.14 -38.31 -37.34
CA GLU P 568 86.09 -36.98 -36.79
C GLU P 568 87.44 -36.52 -36.26
N LEU P 569 88.27 -37.43 -35.75
CA LEU P 569 89.56 -36.98 -35.25
C LEU P 569 90.42 -36.50 -36.40
N VAL P 570 90.44 -37.27 -37.50
CA VAL P 570 91.25 -36.81 -38.62
C VAL P 570 90.74 -35.52 -39.18
N LEU P 571 89.43 -35.41 -39.33
CA LEU P 571 88.87 -34.21 -39.90
C LEU P 571 89.12 -32.99 -39.02
N LYS P 572 89.05 -33.18 -37.69
CA LYS P 572 89.32 -32.08 -36.78
C LYS P 572 90.75 -31.62 -36.94
N GLN P 573 91.67 -32.58 -37.02
CA GLN P 573 93.06 -32.23 -37.17
C GLN P 573 93.32 -31.55 -38.51
N LEU P 574 92.63 -31.97 -39.57
CA LEU P 574 92.84 -31.31 -40.85
C LEU P 574 92.40 -29.87 -40.74
N LEU P 575 91.31 -29.62 -40.02
CA LEU P 575 90.86 -28.24 -39.90
C LEU P 575 91.84 -27.42 -39.09
N ILE P 576 92.37 -27.99 -38.00
CA ILE P 576 93.30 -27.22 -37.18
C ILE P 576 94.54 -26.89 -37.96
N LYS P 577 95.09 -27.88 -38.65
CA LYS P 577 96.28 -27.72 -39.43
C LYS P 577 96.07 -26.74 -40.57
N SER P 578 94.89 -26.77 -41.20
CA SER P 578 94.63 -25.86 -42.30
C SER P 578 94.60 -24.43 -41.80
N VAL P 579 94.02 -24.24 -40.62
CA VAL P 579 93.97 -22.93 -40.01
C VAL P 579 95.39 -22.46 -39.71
N ASN P 580 96.24 -23.35 -39.19
CA ASN P 580 97.61 -22.95 -38.87
C ASN P 580 98.42 -22.58 -40.11
N LEU P 581 98.22 -23.32 -41.19
CA LEU P 581 98.96 -23.02 -42.40
C LEU P 581 98.52 -21.67 -42.95
N CYS P 582 97.23 -21.38 -42.84
CA CYS P 582 96.70 -20.12 -43.29
C CYS P 582 97.31 -18.97 -42.48
N ASP P 583 97.42 -19.16 -41.14
CA ASP P 583 98.01 -18.12 -40.30
C ASP P 583 99.46 -17.87 -40.62
N ASP P 584 100.20 -18.93 -40.94
CA ASP P 584 101.61 -18.74 -41.26
C ASP P 584 101.79 -17.98 -42.54
N MET P 585 100.90 -18.20 -43.51
CA MET P 585 101.04 -17.46 -44.74
C MET P 585 100.69 -15.99 -44.56
N LEU P 586 99.70 -15.68 -43.70
CA LEU P 586 99.42 -14.26 -43.46
C LEU P 586 100.59 -13.66 -42.71
N ALA P 587 101.18 -14.43 -41.79
CA ALA P 587 102.31 -13.97 -41.03
C ALA P 587 103.47 -13.65 -41.94
N LYS P 588 103.67 -14.49 -42.97
CA LYS P 588 104.74 -14.20 -43.91
C LYS P 588 104.44 -12.88 -44.61
N ARG P 589 103.19 -12.74 -45.08
CA ARG P 589 102.78 -11.54 -45.79
C ARG P 589 102.96 -10.27 -44.96
N SER P 590 102.74 -10.37 -43.65
CA SER P 590 102.87 -9.25 -42.72
C SER P 590 104.31 -9.00 -42.23
N GLY P 591 105.26 -9.85 -42.63
CA GLY P 591 106.64 -9.65 -42.18
C GLY P 591 107.01 -10.29 -40.83
N GLU P 592 106.27 -11.27 -40.32
CA GLU P 592 106.66 -11.95 -39.08
C GLU P 592 108.13 -12.38 -39.11
N GLN P 593 108.84 -12.17 -38.01
CA GLN P 593 110.28 -12.38 -37.96
C GLN P 593 110.64 -13.87 -38.13
N PRO P 594 111.62 -14.19 -38.99
CA PRO P 594 111.87 -15.56 -39.45
C PRO P 594 112.45 -16.43 -38.37
N PHE P 595 112.31 -17.75 -38.49
CA PHE P 595 113.13 -18.60 -37.65
C PHE P 595 114.59 -18.48 -37.99
N SER P 596 115.42 -18.39 -36.98
CA SER P 596 116.85 -18.33 -37.20
C SER P 596 117.57 -19.04 -36.10
N VAL P 597 118.81 -19.42 -36.41
CA VAL P 597 119.67 -20.14 -35.46
C VAL P 597 119.98 -19.32 -34.22
N ALA P 598 119.83 -18.03 -34.34
CA ALA P 598 120.06 -17.11 -33.23
C ALA P 598 119.17 -17.43 -32.04
N MET P 599 117.97 -17.97 -32.28
CA MET P 599 117.07 -18.26 -31.17
C MET P 599 117.30 -19.65 -30.60
N LEU P 600 118.16 -20.40 -31.26
CA LEU P 600 118.46 -21.78 -30.91
C LEU P 600 119.81 -21.85 -30.21
N LYS P 601 120.69 -20.88 -30.50
CA LYS P 601 122.05 -20.85 -29.97
C LYS P 601 122.08 -20.37 -28.52
N GLY P 602 121.57 -21.20 -27.63
CA GLY P 602 121.59 -20.83 -26.22
C GLY P 602 123.02 -20.99 -25.75
N THR P 603 123.45 -20.23 -24.75
CA THR P 603 124.82 -20.38 -24.28
C THR P 603 124.98 -21.62 -23.43
N ASP P 604 123.85 -22.16 -23.01
CA ASP P 604 123.70 -23.35 -22.22
C ASP P 604 122.98 -24.46 -23.00
N GLU P 605 122.95 -24.38 -24.34
CA GLU P 605 122.20 -25.30 -25.19
C GLU P 605 122.97 -25.71 -26.43
N THR P 606 123.01 -27.01 -26.72
CA THR P 606 123.61 -27.54 -27.93
C THR P 606 122.66 -28.50 -28.58
N LEU P 607 122.95 -28.92 -29.80
CA LEU P 607 122.12 -29.96 -30.39
C LEU P 607 122.80 -31.30 -30.42
N ALA P 608 121.98 -32.35 -30.55
CA ALA P 608 122.45 -33.73 -30.71
C ALA P 608 121.42 -34.47 -31.53
N ALA P 609 121.79 -35.61 -32.13
CA ALA P 609 120.80 -36.32 -32.93
C ALA P 609 120.92 -37.82 -32.86
N ARG P 610 119.82 -38.47 -33.18
CA ARG P 610 119.78 -39.92 -33.22
C ARG P 610 119.19 -40.44 -34.52
N LEU P 611 119.78 -41.51 -35.00
CA LEU P 611 119.28 -42.17 -36.19
C LEU P 611 118.53 -43.43 -35.77
N ASN P 612 117.23 -43.41 -36.03
CA ASN P 612 116.32 -44.49 -35.66
C ASN P 612 116.17 -45.47 -36.82
N PHE P 613 116.49 -46.75 -36.64
CA PHE P 613 116.35 -47.80 -37.66
C PHE P 613 115.12 -48.72 -37.51
N THR P 614 114.10 -48.31 -36.78
CA THR P 614 112.96 -49.17 -36.45
C THR P 614 112.15 -49.56 -37.67
N GLY P 615 111.70 -50.81 -37.70
CA GLY P 615 110.89 -51.36 -38.79
C GLY P 615 109.39 -51.03 -38.76
N LYS P 616 108.99 -49.75 -38.65
CA LYS P 616 107.58 -49.32 -38.69
C LYS P 616 107.34 -48.02 -39.50
N PRO P 617 106.20 -47.88 -40.20
CA PRO P 617 105.89 -46.75 -41.08
C PRO P 617 105.40 -45.50 -40.33
N MET P 618 105.34 -44.35 -41.01
CA MET P 618 104.71 -43.16 -40.48
C MET P 618 103.40 -42.97 -41.15
N HIS P 619 102.52 -42.16 -40.58
CA HIS P 619 101.28 -41.90 -41.29
C HIS P 619 101.14 -40.43 -41.55
N ASP P 620 100.48 -40.11 -42.66
CA ASP P 620 100.26 -38.73 -43.06
C ASP P 620 99.03 -38.16 -42.36
N SER P 621 98.62 -36.98 -42.80
CA SER P 621 97.54 -36.23 -42.20
C SER P 621 96.16 -36.90 -42.28
N LEU P 622 95.98 -37.89 -43.16
CA LEU P 622 94.69 -38.55 -43.17
C LEU P 622 94.81 -40.02 -42.83
N GLY P 623 95.92 -40.38 -42.15
CA GLY P 623 96.10 -41.76 -41.73
C GLY P 623 96.66 -42.74 -42.77
N TYR P 624 97.28 -42.25 -43.85
CA TYR P 624 97.80 -43.17 -44.86
C TYR P 624 99.29 -43.39 -44.62
N PRO P 625 99.84 -44.58 -44.88
CA PRO P 625 101.23 -44.96 -44.60
C PRO P 625 102.26 -44.22 -45.44
N ILE P 626 103.42 -44.00 -44.82
CA ILE P 626 104.61 -43.41 -45.42
C ILE P 626 105.81 -44.35 -45.23
N ARG P 627 106.44 -44.71 -46.34
CA ARG P 627 107.63 -45.56 -46.28
C ARG P 627 108.87 -44.78 -45.88
N SER P 628 109.61 -45.34 -44.93
CA SER P 628 110.94 -44.84 -44.61
C SER P 628 111.75 -45.94 -44.01
N ASP P 629 113.06 -45.82 -44.05
CA ASP P 629 113.92 -46.75 -43.35
C ASP P 629 114.49 -46.17 -42.08
N ILE P 630 114.78 -44.87 -42.11
CA ILE P 630 115.45 -44.20 -41.01
C ILE P 630 114.76 -42.91 -40.60
N LEU P 631 114.54 -42.75 -39.31
CA LEU P 631 113.99 -41.47 -38.85
C LEU P 631 115.11 -40.71 -38.19
N VAL P 632 115.38 -39.49 -38.69
CA VAL P 632 116.45 -38.71 -38.09
C VAL P 632 115.84 -37.69 -37.17
N SER P 633 116.14 -37.84 -35.88
CA SER P 633 115.55 -36.99 -34.85
C SER P 633 116.58 -36.04 -34.25
N LEU P 634 116.31 -34.73 -34.38
CA LEU P 634 117.24 -33.72 -33.88
C LEU P 634 116.69 -33.13 -32.58
N ASN P 635 117.49 -33.26 -31.50
CA ASN P 635 117.12 -32.83 -30.16
C ASN P 635 117.93 -31.66 -29.58
N ARG P 636 117.28 -30.93 -28.65
CA ARG P 636 117.87 -29.82 -27.91
C ARG P 636 118.40 -30.25 -26.55
N VAL P 637 119.70 -30.18 -26.37
CA VAL P 637 120.32 -30.64 -25.14
C VAL P 637 120.79 -29.47 -24.28
N LYS P 638 120.30 -29.39 -23.05
CA LYS P 638 120.74 -28.29 -22.20
C LYS P 638 121.60 -28.75 -21.05
N LYS P 639 122.44 -27.82 -20.58
CA LYS P 639 123.27 -28.06 -19.42
C LYS P 639 122.38 -28.24 -18.20
N PRO P 640 122.67 -29.16 -17.27
CA PRO P 640 121.86 -29.48 -16.09
C PRO P 640 121.92 -28.47 -14.95
N GLY P 641 121.49 -27.27 -15.25
CA GLY P 641 121.38 -26.17 -14.31
C GLY P 641 119.91 -25.87 -14.17
N GLN P 642 119.56 -24.59 -14.07
CA GLN P 642 118.15 -24.28 -13.95
C GLN P 642 117.53 -24.35 -15.34
N GLN P 643 116.40 -25.02 -15.44
CA GLN P 643 115.71 -25.16 -16.72
C GLN P 643 114.27 -24.75 -16.53
N GLU P 644 113.63 -24.26 -17.59
CA GLU P 644 112.24 -23.85 -17.53
C GLU P 644 111.33 -25.01 -17.16
N ASN P 645 111.75 -26.20 -17.56
CA ASN P 645 111.01 -27.44 -17.34
C ASN P 645 111.00 -27.87 -15.88
N GLU P 646 111.61 -27.11 -14.98
CA GLU P 646 111.50 -27.46 -13.58
C GLU P 646 110.03 -27.38 -13.13
N PHE P 647 109.21 -26.65 -13.90
CA PHE P 647 107.80 -26.50 -13.57
C PHE P 647 106.89 -27.37 -14.44
N TYR P 648 107.45 -28.19 -15.33
CA TYR P 648 106.62 -28.97 -16.24
C TYR P 648 107.27 -30.18 -16.90
N GLU P 649 106.46 -31.12 -17.36
CA GLU P 649 106.99 -32.23 -18.14
C GLU P 649 107.44 -31.66 -19.47
N ALA P 650 108.58 -32.09 -19.98
CA ALA P 650 109.12 -31.46 -21.18
C ALA P 650 109.86 -32.45 -22.06
N GLU P 651 109.93 -32.12 -23.34
CA GLU P 651 110.64 -32.92 -24.32
C GLU P 651 111.60 -32.04 -25.09
N ASP P 652 112.66 -32.64 -25.63
CA ASP P 652 113.68 -31.95 -26.40
C ASP P 652 113.63 -32.05 -27.93
N LYS P 653 112.57 -32.60 -28.50
CA LYS P 653 112.56 -32.72 -29.96
C LYS P 653 112.43 -31.37 -30.65
N LEU P 654 113.28 -31.10 -31.64
CA LEU P 654 113.21 -29.86 -32.41
C LEU P 654 112.54 -30.13 -33.74
N ASN P 655 113.04 -31.14 -34.44
CA ASN P 655 112.48 -31.52 -35.74
C ASN P 655 112.83 -32.96 -36.14
N GLN P 656 112.31 -33.38 -37.30
CA GLN P 656 112.58 -34.71 -37.82
C GLN P 656 112.50 -34.85 -39.35
N VAL P 657 113.44 -35.58 -39.92
CA VAL P 657 113.35 -35.88 -41.36
C VAL P 657 113.30 -37.40 -41.54
N SER P 658 112.31 -37.82 -42.32
CA SER P 658 112.09 -39.24 -42.56
C SER P 658 112.61 -39.62 -43.93
N CYS P 659 113.58 -40.53 -43.94
CA CYS P 659 114.20 -40.95 -45.20
C CYS P 659 114.09 -42.43 -45.51
N PHE P 660 113.99 -42.70 -46.80
CA PHE P 660 113.99 -44.02 -47.39
C PHE P 660 115.31 -44.24 -48.13
N VAL P 661 115.88 -45.45 -48.03
CA VAL P 661 117.11 -45.69 -48.77
C VAL P 661 116.85 -46.52 -50.01
N ASN P 662 117.05 -45.89 -51.17
CA ASN P 662 116.77 -46.51 -52.44
C ASN P 662 118.04 -47.09 -53.02
N LEU P 663 117.91 -47.73 -54.19
CA LEU P 663 119.01 -48.29 -54.97
C LEU P 663 118.73 -48.14 -56.47
N GLU P 664 119.59 -47.44 -57.20
CA GLU P 664 119.43 -47.27 -58.64
C GLU P 664 120.36 -48.23 -59.37
N TYR P 665 119.84 -49.01 -60.31
CA TYR P 665 120.69 -49.96 -61.01
C TYR P 665 121.30 -49.28 -62.22
N THR P 666 122.63 -49.22 -62.21
CA THR P 666 123.40 -48.53 -63.24
C THR P 666 124.51 -49.41 -63.82
N PRO P 667 124.20 -50.35 -64.71
CA PRO P 667 125.13 -51.31 -65.30
C PRO P 667 126.17 -50.55 -66.12
N GLN P 668 127.36 -51.13 -66.27
CA GLN P 668 128.40 -50.53 -67.08
C GLN P 668 128.91 -51.51 -68.18
N PRO P 669 128.17 -51.73 -69.34
CA PRO P 669 128.49 -52.71 -70.40
C PRO P 669 129.95 -52.66 -70.88
N GLN P 682 135.29 -52.07 -62.14
CA GLN P 682 134.03 -51.39 -62.43
C GLN P 682 133.41 -50.94 -61.08
N LEU P 683 132.26 -50.22 -61.14
CA LEU P 683 131.47 -49.79 -59.97
C LEU P 683 130.58 -50.92 -59.50
N PRO P 684 130.25 -50.99 -58.21
CA PRO P 684 129.21 -51.84 -57.71
C PRO P 684 127.96 -51.39 -58.50
N PRO P 685 127.17 -52.29 -59.11
CA PRO P 685 125.98 -51.98 -59.91
C PRO P 685 124.84 -51.16 -59.27
N LEU P 686 124.70 -51.14 -57.95
CA LEU P 686 123.61 -50.34 -57.37
C LEU P 686 124.08 -49.07 -56.67
N THR P 687 123.52 -47.94 -57.09
CA THR P 687 123.84 -46.64 -56.54
C THR P 687 122.76 -46.23 -55.56
N PRO P 688 123.03 -46.15 -54.27
CA PRO P 688 122.05 -45.87 -53.26
C PRO P 688 121.61 -44.44 -53.31
N ALA P 689 120.45 -44.18 -52.73
CA ALA P 689 119.98 -42.81 -52.59
C ALA P 689 119.22 -42.58 -51.32
N ILE P 690 119.35 -41.38 -50.79
CA ILE P 690 118.62 -41.01 -49.60
C ILE P 690 117.46 -40.17 -50.05
N VAL P 691 116.27 -40.72 -49.88
CA VAL P 691 115.09 -40.08 -50.38
C VAL P 691 114.29 -39.49 -49.25
N ILE P 692 114.06 -38.20 -49.27
CA ILE P 692 113.26 -37.64 -48.21
C ILE P 692 111.81 -37.89 -48.54
N THR P 693 111.11 -38.57 -47.62
CA THR P 693 109.72 -38.90 -47.86
C THR P 693 108.84 -37.99 -47.03
N ASP P 694 109.42 -37.41 -45.97
CA ASP P 694 108.70 -36.44 -45.17
C ASP P 694 109.65 -35.54 -44.37
N VAL P 695 109.20 -34.31 -44.13
CA VAL P 695 109.90 -33.31 -43.31
C VAL P 695 108.93 -32.75 -42.29
N ARG P 696 109.25 -32.89 -41.01
CA ARG P 696 108.36 -32.36 -39.98
C ARG P 696 109.08 -31.55 -38.93
N GLN P 697 108.33 -30.68 -38.29
CA GLN P 697 108.83 -29.93 -37.16
C GLN P 697 108.33 -30.66 -35.94
N ALA P 698 108.94 -30.43 -34.79
CA ALA P 698 108.42 -31.06 -33.58
C ALA P 698 107.03 -30.55 -33.34
N GLU P 699 106.23 -31.36 -32.66
CA GLU P 699 104.82 -31.12 -32.35
C GLU P 699 104.61 -29.88 -31.48
N TRP P 700 105.68 -29.44 -30.85
CA TRP P 700 105.69 -28.28 -30.01
C TRP P 700 105.57 -26.99 -30.80
N LEU P 701 106.00 -27.02 -32.07
CA LEU P 701 106.02 -25.84 -32.91
C LEU P 701 104.86 -25.79 -33.86
N LYS P 702 104.00 -24.80 -33.71
CA LYS P 702 102.83 -24.73 -34.56
C LYS P 702 103.12 -24.27 -36.00
N ALA P 703 104.12 -23.40 -36.16
CA ALA P 703 104.50 -22.80 -37.45
C ALA P 703 105.20 -23.76 -38.43
N ASN P 704 104.95 -23.52 -39.72
CA ASN P 704 105.62 -24.26 -40.79
C ASN P 704 106.10 -23.29 -41.87
N THR P 705 107.39 -22.97 -41.85
CA THR P 705 107.96 -21.95 -42.72
C THR P 705 109.15 -22.49 -43.51
N MET P 706 109.62 -21.71 -44.50
CA MET P 706 110.77 -22.09 -45.31
C MET P 706 112.03 -22.27 -44.50
N GLU P 707 112.23 -21.40 -43.52
CA GLU P 707 113.44 -21.47 -42.71
C GLU P 707 113.43 -22.74 -41.89
N LEU P 708 112.28 -23.07 -41.34
CA LEU P 708 112.17 -24.26 -40.53
C LEU P 708 112.37 -25.53 -41.35
N TYR P 709 111.83 -25.52 -42.59
CA TYR P 709 111.95 -26.66 -43.47
C TYR P 709 113.41 -26.91 -43.81
N LEU P 710 114.11 -25.84 -44.20
CA LEU P 710 115.52 -25.91 -44.57
C LEU P 710 116.41 -26.31 -43.44
N PHE P 711 116.14 -25.81 -42.25
CA PHE P 711 116.97 -26.21 -41.14
C PHE P 711 116.80 -27.71 -40.94
N ALA P 712 115.55 -28.20 -40.95
CA ALA P 712 115.27 -29.61 -40.75
C ALA P 712 115.91 -30.49 -41.82
N LEU P 713 116.04 -30.01 -43.06
CA LEU P 713 116.62 -30.83 -44.14
C LEU P 713 118.06 -31.27 -43.86
N SER P 714 118.76 -30.56 -42.97
CA SER P 714 120.14 -30.91 -42.68
C SER P 714 120.20 -32.29 -41.98
N ASN P 715 119.04 -32.72 -41.48
CA ASN P 715 118.91 -34.01 -40.83
C ASN P 715 119.07 -35.11 -41.85
N ALA P 716 118.65 -34.89 -43.10
CA ALA P 716 118.83 -35.95 -44.08
C ALA P 716 120.29 -36.02 -44.40
N PHE P 717 120.94 -34.87 -44.47
CA PHE P 717 122.35 -34.89 -44.84
C PHE P 717 123.17 -35.78 -43.91
N ARG P 718 122.93 -35.62 -42.63
CA ARG P 718 123.69 -36.33 -41.61
C ARG P 718 123.39 -37.83 -41.50
N VAL P 719 122.36 -38.32 -42.21
CA VAL P 719 121.99 -39.74 -42.12
C VAL P 719 123.10 -40.57 -42.74
N THR P 720 123.94 -39.94 -43.57
CA THR P 720 124.99 -40.68 -44.23
C THR P 720 126.31 -40.56 -43.49
N ALA P 721 126.29 -40.06 -42.27
CA ALA P 721 127.55 -40.01 -41.54
C ALA P 721 128.06 -41.45 -41.48
N ASN P 722 129.36 -41.60 -41.69
CA ASN P 722 130.01 -42.90 -41.67
C ASN P 722 129.28 -43.84 -42.63
N GLN P 723 128.81 -44.98 -42.13
CA GLN P 723 128.09 -45.95 -42.95
C GLN P 723 126.76 -46.23 -42.30
N SER P 724 126.29 -45.30 -41.49
CA SER P 724 125.08 -45.51 -40.72
C SER P 724 123.88 -45.75 -41.63
N TRP P 725 123.82 -45.02 -42.73
CA TRP P 725 122.71 -45.14 -43.66
C TRP P 725 122.53 -46.55 -44.21
N ALA P 726 123.61 -47.34 -44.24
CA ALA P 726 123.59 -48.66 -44.86
C ALA P 726 122.99 -49.70 -43.95
N ARG P 727 122.65 -49.33 -42.72
CA ARG P 727 122.04 -50.29 -41.82
C ARG P 727 120.66 -50.66 -42.34
N SER P 728 120.10 -49.80 -43.19
CA SER P 728 118.80 -50.00 -43.80
C SER P 728 118.80 -51.18 -44.75
N LEU P 729 119.98 -51.61 -45.15
CA LEU P 729 120.12 -52.70 -46.09
C LEU P 729 120.26 -54.04 -45.38
N LEU P 730 120.30 -54.04 -44.04
CA LEU P 730 120.43 -55.31 -43.31
C LEU P 730 119.20 -56.20 -43.45
N PRO P 731 119.40 -57.53 -43.35
CA PRO P 731 118.34 -58.42 -42.94
C PRO P 731 117.95 -58.16 -41.48
N GLN P 732 116.75 -58.60 -41.11
CA GLN P 732 116.14 -58.49 -39.77
C GLN P 732 115.42 -59.80 -39.37
N LEU P 733 115.11 -59.95 -38.08
CA LEU P 733 114.74 -61.20 -37.40
C LEU P 733 113.68 -62.06 -38.11
N GLY P 734 113.98 -63.35 -38.29
CA GLY P 734 113.02 -64.46 -38.39
C GLY P 734 112.08 -64.52 -39.61
N LYS P 735 112.01 -63.48 -40.45
CA LYS P 735 111.11 -63.37 -41.61
C LYS P 735 111.34 -64.48 -42.63
N VAL P 736 110.33 -65.32 -42.88
CA VAL P 736 110.42 -66.50 -43.75
C VAL P 736 110.49 -66.13 -45.23
N LYS P 737 109.60 -65.24 -45.69
CA LYS P 737 109.60 -64.64 -47.04
C LYS P 737 109.12 -63.19 -46.93
N ASP P 738 110.03 -62.21 -47.01
CA ASP P 738 109.65 -60.79 -46.96
C ASP P 738 110.52 -59.91 -47.89
N MET P 739 109.99 -58.75 -48.27
CA MET P 739 110.38 -58.02 -49.48
C MET P 739 111.69 -57.23 -49.48
N ARG P 740 112.32 -56.77 -48.38
CA ARG P 740 113.41 -55.81 -48.53
C ARG P 740 114.73 -56.51 -48.37
N ASP P 741 114.68 -57.84 -48.38
CA ASP P 741 115.84 -58.67 -48.18
C ASP P 741 116.96 -58.41 -49.18
N ILE P 742 118.13 -58.07 -48.64
CA ILE P 742 119.32 -57.79 -49.42
C ILE P 742 119.72 -58.97 -50.23
N GLY P 743 119.33 -60.16 -49.81
CA GLY P 743 119.72 -61.34 -50.53
C GLY P 743 119.19 -61.36 -51.95
N ALA P 744 118.20 -60.51 -52.24
CA ALA P 744 117.63 -60.43 -53.58
C ALA P 744 118.66 -59.87 -54.55
N ILE P 745 119.64 -59.16 -54.00
CA ILE P 745 120.68 -58.45 -54.71
C ILE P 745 121.54 -59.45 -55.47
N GLY P 746 121.53 -60.71 -55.01
CA GLY P 746 122.29 -61.79 -55.61
C GLY P 746 121.76 -62.13 -56.98
N TYR P 747 120.55 -61.66 -57.32
CA TYR P 747 120.02 -61.95 -58.62
C TYR P 747 120.62 -61.01 -59.67
N LEU P 748 121.10 -59.83 -59.24
CA LEU P 748 121.70 -58.89 -60.18
C LEU P 748 123.22 -59.08 -60.20
N SER P 749 123.75 -59.58 -59.10
CA SER P 749 125.18 -59.82 -58.96
C SER P 749 125.52 -61.09 -59.73
N ARG P 750 126.81 -61.39 -59.81
CA ARG P 750 127.31 -62.58 -60.49
C ARG P 750 126.62 -63.88 -60.08
N LEU P 751 126.11 -63.95 -58.85
CA LEU P 751 125.50 -65.18 -58.37
C LEU P 751 124.27 -65.58 -59.15
N ALA P 752 123.50 -64.60 -59.64
CA ALA P 752 122.24 -64.87 -60.32
C ALA P 752 121.35 -65.75 -59.45
N ALA P 753 121.35 -65.48 -58.16
CA ALA P 753 120.61 -66.28 -57.20
C ALA P 753 120.33 -65.50 -55.95
N ARG P 754 119.31 -65.90 -55.20
CA ARG P 754 119.10 -65.23 -53.93
C ARG P 754 120.17 -65.72 -52.99
N VAL P 755 120.70 -64.80 -52.21
CA VAL P 755 121.71 -65.11 -51.22
C VAL P 755 121.00 -65.65 -49.99
N GLU P 756 121.53 -66.71 -49.41
CA GLU P 756 120.89 -67.22 -48.22
C GLU P 756 121.26 -66.32 -47.06
N THR P 757 120.41 -65.30 -46.82
CA THR P 757 120.66 -64.27 -45.82
C THR P 757 119.85 -64.33 -44.54
N LYS P 758 118.73 -65.04 -44.55
CA LYS P 758 117.82 -65.04 -43.40
C LYS P 758 118.14 -66.13 -42.38
N THR P 759 119.15 -66.93 -42.65
CA THR P 759 119.41 -68.10 -41.83
C THR P 759 120.58 -67.85 -40.89
N GLU P 760 120.76 -68.79 -39.97
CA GLU P 760 121.83 -68.76 -38.97
C GLU P 760 123.23 -68.94 -39.54
N THR P 761 123.33 -69.31 -40.82
CA THR P 761 124.63 -69.52 -41.43
C THR P 761 125.13 -68.28 -42.17
N PHE P 762 124.32 -67.21 -42.20
CA PHE P 762 124.74 -65.98 -42.88
C PHE P 762 125.44 -65.11 -41.86
N THR P 763 126.63 -64.65 -42.19
CA THR P 763 127.44 -63.87 -41.28
C THR P 763 127.41 -62.37 -41.57
N ASP P 764 127.91 -61.61 -40.60
CA ASP P 764 128.08 -60.15 -40.72
C ASP P 764 129.08 -59.86 -41.84
N GLN P 765 130.09 -60.71 -41.94
CA GLN P 765 131.10 -60.56 -42.96
C GLN P 765 130.49 -60.78 -44.32
N ASN P 766 129.57 -61.74 -44.45
CA ASN P 766 128.99 -61.98 -45.75
C ASN P 766 128.13 -60.80 -46.15
N PHE P 767 127.44 -60.20 -45.16
CA PHE P 767 126.63 -59.02 -45.43
C PHE P 767 127.48 -57.89 -45.97
N ALA P 768 128.60 -57.63 -45.27
CA ALA P 768 129.48 -56.56 -45.67
C ALA P 768 129.98 -56.76 -47.08
N GLU P 769 130.27 -58.02 -47.44
CA GLU P 769 130.73 -58.34 -48.77
C GLU P 769 129.67 -58.10 -49.83
N LEU P 770 128.40 -58.35 -49.51
CA LEU P 770 127.38 -58.09 -50.52
C LEU P 770 127.39 -56.62 -50.82
N LEU P 771 127.48 -55.79 -49.76
CA LEU P 771 127.55 -54.36 -50.01
C LEU P 771 128.83 -53.94 -50.72
N TYR P 772 129.97 -54.54 -50.38
CA TYR P 772 131.22 -54.11 -51.00
C TYR P 772 131.18 -54.30 -52.50
N ASN P 773 130.60 -55.42 -52.94
CA ASN P 773 130.55 -55.69 -54.36
C ASN P 773 129.34 -55.12 -55.10
N MET P 774 128.18 -55.01 -54.44
CA MET P 774 126.97 -54.51 -55.10
C MET P 774 126.52 -53.08 -54.84
N VAL P 775 126.91 -52.45 -53.74
CA VAL P 775 126.37 -51.12 -53.42
C VAL P 775 127.47 -50.06 -53.29
N ARG P 776 127.33 -48.98 -54.04
CA ARG P 776 128.30 -47.90 -53.98
C ARG P 776 128.19 -47.23 -52.61
N PRO P 777 129.30 -46.94 -51.91
CA PRO P 777 129.36 -46.37 -50.57
C PRO P 777 128.82 -44.94 -50.36
N SER P 778 128.66 -44.18 -51.44
CA SER P 778 128.19 -42.80 -51.33
C SER P 778 126.86 -42.59 -52.08
N PRO P 779 125.73 -42.45 -51.37
CA PRO P 779 124.39 -42.31 -51.91
C PRO P 779 124.11 -40.92 -52.47
N VAL P 780 123.12 -40.88 -53.36
CA VAL P 780 122.59 -39.66 -53.93
C VAL P 780 121.45 -39.08 -53.09
N PHE P 781 121.49 -37.80 -52.75
CA PHE P 781 120.36 -37.23 -52.01
C PHE P 781 119.27 -36.74 -52.94
N MET P 782 118.03 -37.01 -52.59
CA MET P 782 116.87 -36.60 -53.37
C MET P 782 115.61 -36.49 -52.50
N SER P 783 114.55 -35.94 -53.06
CA SER P 783 113.30 -35.79 -52.32
C SER P 783 112.03 -35.83 -53.15
N ASP P 784 110.95 -36.17 -52.44
CA ASP P 784 109.61 -36.19 -53.01
C ASP P 784 108.79 -34.97 -52.59
N LEU P 785 108.43 -34.12 -53.57
CA LEU P 785 107.71 -32.88 -53.29
C LEU P 785 106.22 -33.00 -53.68
N ASN P 786 105.34 -32.94 -52.68
CA ASN P 786 103.92 -33.17 -52.91
C ASN P 786 103.11 -31.89 -52.91
N ARG P 787 102.58 -31.53 -54.08
CA ARG P 787 101.84 -30.28 -54.26
C ARG P 787 100.65 -30.12 -53.36
N PHE P 788 100.12 -31.26 -52.91
CA PHE P 788 98.96 -31.36 -52.05
C PHE P 788 99.29 -31.84 -50.62
N GLY P 789 100.57 -31.82 -50.23
CA GLY P 789 100.92 -32.26 -48.88
C GLY P 789 100.80 -31.11 -47.87
N ASP P 790 101.05 -31.38 -46.59
CA ASP P 790 100.92 -30.31 -45.59
C ASP P 790 102.02 -29.25 -45.71
N ASN P 791 103.10 -29.61 -46.36
CA ASN P 791 104.20 -28.69 -46.55
C ASN P 791 104.14 -28.09 -47.94
N ALA P 792 103.01 -28.27 -48.64
CA ALA P 792 102.89 -27.83 -50.04
C ALA P 792 103.22 -26.38 -50.24
N ALA P 793 102.91 -25.51 -49.30
CA ALA P 793 103.23 -24.12 -49.52
C ALA P 793 104.73 -23.93 -49.78
N ILE P 794 105.55 -24.75 -49.13
CA ILE P 794 106.99 -24.69 -49.20
C ILE P 794 107.52 -25.61 -50.29
N GLU P 795 107.00 -26.83 -50.35
CA GLU P 795 107.46 -27.84 -51.30
C GLU P 795 107.21 -27.37 -52.72
N ASN P 796 106.15 -26.59 -52.94
CA ASN P 796 105.84 -26.04 -54.25
C ASN P 796 106.89 -25.03 -54.70
N VAL P 797 107.62 -24.43 -53.75
CA VAL P 797 108.64 -23.46 -54.11
C VAL P 797 109.79 -24.29 -54.62
N PHE P 798 110.07 -25.38 -53.91
CA PHE P 798 111.14 -26.27 -54.31
C PHE P 798 110.83 -26.89 -55.67
N ILE P 799 109.55 -27.17 -55.94
CA ILE P 799 109.21 -27.69 -57.26
C ILE P 799 109.48 -26.60 -58.28
N ASP P 800 109.05 -25.36 -58.02
CA ASP P 800 109.28 -24.28 -59.00
C ASP P 800 110.74 -23.92 -59.18
N ALA P 801 111.58 -24.25 -58.19
CA ALA P 801 113.01 -24.00 -58.28
C ALA P 801 113.62 -24.83 -59.43
N LEU P 802 112.89 -25.84 -59.92
CA LEU P 802 113.29 -26.73 -60.99
C LEU P 802 113.13 -26.12 -62.40
N GLY P 803 112.32 -25.07 -62.56
CA GLY P 803 112.11 -24.52 -63.90
C GLY P 803 110.86 -23.65 -63.98
N GLY P 804 110.45 -23.27 -65.18
CA GLY P 804 109.24 -22.45 -65.33
C GLY P 804 109.48 -20.95 -65.23
N VAL P 805 108.38 -20.22 -65.29
CA VAL P 805 108.40 -18.75 -65.32
C VAL P 805 109.00 -18.11 -64.07
N ASN P 806 108.84 -18.76 -62.94
CA ASN P 806 109.37 -18.23 -61.72
C ASN P 806 110.54 -19.02 -61.19
N GLN P 807 111.29 -19.74 -62.04
CA GLN P 807 112.37 -20.53 -61.45
C GLN P 807 113.33 -19.72 -60.61
N GLN P 808 113.75 -18.55 -61.09
CA GLN P 808 114.75 -17.79 -60.35
C GLN P 808 114.15 -17.15 -59.10
N ARG P 809 112.83 -17.06 -59.07
CA ARG P 809 112.15 -16.44 -57.95
C ARG P 809 111.96 -17.48 -56.87
N ALA P 810 111.71 -18.72 -57.30
CA ALA P 810 111.57 -19.84 -56.39
C ALA P 810 112.91 -20.06 -55.72
N VAL P 811 113.98 -19.98 -56.53
CA VAL P 811 115.31 -20.05 -55.96
C VAL P 811 115.55 -18.90 -55.02
N ALA P 812 115.20 -17.67 -55.39
CA ALA P 812 115.44 -16.58 -54.47
C ALA P 812 114.74 -16.81 -53.12
N ALA P 813 113.52 -17.37 -53.14
CA ALA P 813 112.80 -17.64 -51.90
C ALA P 813 113.51 -18.66 -51.00
N ILE P 814 114.08 -19.69 -51.61
CA ILE P 814 114.77 -20.74 -50.87
C ILE P 814 116.10 -20.24 -50.34
N ILE P 815 116.85 -19.54 -51.18
CA ILE P 815 118.15 -19.03 -50.80
C ILE P 815 117.97 -18.01 -49.71
N ALA P 816 116.95 -17.15 -49.83
CA ALA P 816 116.65 -16.22 -48.77
C ALA P 816 116.33 -16.95 -47.49
N GLY P 817 115.58 -18.06 -47.57
CA GLY P 817 115.27 -18.82 -46.36
C GLY P 817 116.53 -19.35 -45.70
N VAL P 818 117.51 -19.79 -46.52
CA VAL P 818 118.72 -20.29 -45.89
C VAL P 818 119.43 -19.14 -45.22
N ASN P 819 119.52 -18.00 -45.93
CA ASN P 819 120.18 -16.83 -45.37
C ASN P 819 119.47 -16.28 -44.17
N ASN P 820 118.16 -16.45 -44.07
CA ASN P 820 117.47 -15.96 -42.90
C ASN P 820 117.89 -16.82 -41.72
N LEU P 821 118.10 -18.13 -41.96
CA LEU P 821 118.55 -19.00 -40.89
C LEU P 821 119.91 -18.65 -40.37
N ILE P 822 120.83 -18.31 -41.29
CA ILE P 822 122.22 -18.08 -40.89
C ILE P 822 122.72 -16.63 -40.82
N GLY P 823 121.93 -15.63 -41.24
CA GLY P 823 122.39 -14.25 -41.21
C GLY P 823 123.22 -13.88 -42.45
N GLY P 824 122.94 -14.56 -43.55
CA GLY P 824 123.63 -14.36 -44.82
C GLY P 824 124.82 -15.30 -45.01
N GLY P 825 125.35 -15.36 -46.24
CA GLY P 825 126.51 -16.20 -46.51
C GLY P 825 126.28 -17.58 -47.12
N PHE P 826 125.04 -17.96 -47.47
CA PHE P 826 124.86 -19.28 -48.07
C PHE P 826 125.65 -19.38 -49.36
N GLU P 827 125.67 -18.27 -50.07
CA GLU P 827 126.33 -18.05 -51.34
C GLU P 827 127.84 -18.30 -51.30
N LYS P 828 128.42 -18.38 -50.09
CA LYS P 828 129.84 -18.64 -49.94
C LYS P 828 130.11 -20.13 -49.95
N PHE P 829 129.05 -20.93 -49.83
CA PHE P 829 129.13 -22.38 -49.80
C PHE P 829 128.48 -22.97 -51.04
N PHE P 830 127.48 -22.26 -51.57
CA PHE P 830 126.72 -22.65 -52.75
C PHE P 830 126.30 -21.45 -53.57
N ASP P 831 126.87 -21.29 -54.74
CA ASP P 831 126.48 -20.17 -55.58
C ASP P 831 125.23 -20.51 -56.39
N HIS P 832 124.11 -19.92 -56.01
CA HIS P 832 122.83 -20.20 -56.62
C HIS P 832 122.69 -19.54 -57.98
N ASN P 833 123.65 -18.71 -58.34
CA ASN P 833 123.64 -18.11 -59.66
C ASN P 833 124.45 -18.94 -60.64
N THR P 834 125.01 -20.05 -60.15
CA THR P 834 125.79 -20.98 -60.96
C THR P 834 125.14 -22.36 -60.97
N MET P 835 124.56 -22.74 -59.82
CA MET P 835 124.02 -24.08 -59.66
C MET P 835 122.56 -24.06 -59.21
N PRO P 836 121.71 -25.03 -59.68
CA PRO P 836 120.34 -25.23 -59.27
C PRO P 836 120.28 -25.79 -57.88
N ILE P 837 119.21 -25.53 -57.15
CA ILE P 837 119.03 -26.11 -55.83
C ILE P 837 118.70 -27.60 -55.94
N ILE P 838 117.78 -27.91 -56.84
CA ILE P 838 117.33 -29.27 -57.12
C ILE P 838 117.38 -29.48 -58.63
N GLN P 839 117.88 -30.62 -59.08
CA GLN P 839 117.86 -30.93 -60.49
C GLN P 839 116.62 -31.81 -60.72
N PRO P 840 115.84 -31.69 -61.79
CA PRO P 840 114.69 -32.54 -62.06
C PRO P 840 115.11 -34.00 -62.10
N TYR P 841 114.31 -34.89 -61.49
CA TYR P 841 114.60 -36.32 -61.55
C TYR P 841 114.37 -36.87 -62.96
N GLY P 842 113.25 -36.46 -63.56
CA GLY P 842 112.83 -36.93 -64.86
C GLY P 842 111.47 -37.60 -64.70
N THR P 843 111.51 -38.87 -64.32
CA THR P 843 110.33 -39.67 -64.03
C THR P 843 109.60 -39.06 -62.81
N ASP P 844 108.26 -38.96 -62.85
CA ASP P 844 107.50 -38.40 -61.73
C ASP P 844 107.28 -39.47 -60.66
N ILE P 845 106.51 -39.12 -59.63
CA ILE P 845 106.32 -40.08 -58.57
C ILE P 845 104.95 -40.68 -58.61
N GLN P 846 104.94 -42.00 -58.66
CA GLN P 846 103.70 -42.73 -58.59
C GLN P 846 103.57 -43.10 -57.11
N LEU P 847 102.46 -42.70 -56.51
CA LEU P 847 102.20 -42.91 -55.08
C LEU P 847 100.98 -43.74 -54.90
N GLY P 848 100.85 -44.34 -53.73
CA GLY P 848 99.68 -45.13 -53.43
C GLY P 848 99.93 -46.10 -52.30
N TYR P 849 98.91 -46.89 -52.01
CA TYR P 849 99.02 -47.89 -50.94
C TYR P 849 98.26 -49.13 -51.35
N TYR P 850 98.65 -50.21 -50.70
CA TYR P 850 98.10 -51.52 -50.92
C TYR P 850 97.87 -52.16 -49.59
N LEU P 851 97.13 -53.25 -49.55
CA LEU P 851 96.95 -53.91 -48.28
C LEU P 851 97.81 -55.15 -48.11
N ASP P 852 98.29 -55.36 -46.90
CA ASP P 852 99.09 -56.55 -46.62
C ASP P 852 98.20 -57.74 -46.27
N GLY P 853 98.80 -58.85 -45.86
CA GLY P 853 98.05 -60.08 -45.60
C GLY P 853 97.05 -60.00 -44.44
N GLU P 854 97.18 -59.00 -43.57
CA GLU P 854 96.27 -58.84 -42.44
C GLU P 854 95.26 -57.74 -42.76
N GLY P 855 95.37 -57.16 -43.96
CA GLY P 855 94.51 -56.06 -44.39
C GLY P 855 94.99 -54.68 -43.94
N GLU P 856 96.26 -54.54 -43.53
CA GLU P 856 96.73 -53.23 -43.07
C GLU P 856 97.25 -52.43 -44.25
N LYS P 857 97.20 -51.12 -44.16
CA LYS P 857 97.71 -50.30 -45.26
C LYS P 857 99.22 -50.27 -45.28
N GLN P 858 99.80 -50.41 -46.47
CA GLN P 858 101.23 -50.30 -46.66
C GLN P 858 101.56 -49.44 -47.87
N ASP P 859 102.67 -48.72 -47.78
CA ASP P 859 103.15 -47.82 -48.83
C ASP P 859 103.64 -48.59 -50.07
N ARG P 860 103.13 -48.23 -51.27
CA ARG P 860 103.51 -48.97 -52.48
C ARG P 860 105.00 -48.89 -52.79
N ARG P 861 105.71 -47.95 -52.14
CA ARG P 861 107.15 -47.74 -52.29
C ARG P 861 107.94 -48.97 -51.82
N ASP P 862 107.27 -49.92 -51.17
CA ASP P 862 107.91 -51.16 -50.76
C ASP P 862 108.48 -51.91 -51.96
N LEU P 863 107.88 -51.79 -53.15
CA LEU P 863 108.48 -52.50 -54.28
C LEU P 863 109.56 -51.69 -54.97
N ASP P 864 110.68 -51.63 -54.29
CA ASP P 864 111.92 -50.99 -54.68
C ASP P 864 112.75 -52.05 -55.38
N VAL P 865 114.05 -51.83 -55.61
CA VAL P 865 114.78 -52.86 -56.34
C VAL P 865 114.77 -54.21 -55.67
N LEU P 866 115.03 -54.27 -54.37
CA LEU P 866 115.08 -55.58 -53.72
C LEU P 866 113.68 -56.18 -53.72
N GLY P 867 112.67 -55.32 -53.55
CA GLY P 867 111.29 -55.71 -53.52
C GLY P 867 110.87 -56.41 -54.80
N ALA P 868 111.11 -55.75 -55.93
CA ALA P 868 110.77 -56.32 -57.23
C ALA P 868 111.58 -57.59 -57.52
N LEU P 869 112.86 -57.64 -57.09
CA LEU P 869 113.67 -58.83 -57.31
C LEU P 869 113.08 -60.02 -56.57
N ASN P 870 112.58 -59.75 -55.34
CA ASN P 870 111.93 -60.80 -54.58
C ASN P 870 110.57 -61.14 -55.15
N ALA P 871 109.83 -60.14 -55.62
CA ALA P 871 108.49 -60.37 -56.14
C ALA P 871 108.47 -61.25 -57.37
N SER P 872 109.48 -61.11 -58.22
CA SER P 872 109.59 -61.89 -59.45
C SER P 872 110.34 -63.21 -59.22
N ASP P 873 110.77 -63.45 -57.98
CA ASP P 873 111.55 -64.63 -57.60
C ASP P 873 112.76 -64.83 -58.50
N GLY P 874 113.48 -63.74 -58.78
CA GLY P 874 114.65 -63.85 -59.62
C GLY P 874 114.42 -63.76 -61.11
N ASN P 875 113.18 -63.59 -61.55
CA ASN P 875 113.02 -63.50 -62.97
C ASN P 875 113.42 -62.09 -63.36
N ILE P 876 114.65 -62.01 -63.84
CA ILE P 876 115.25 -60.75 -64.23
C ILE P 876 114.57 -60.18 -65.44
N GLN P 877 114.14 -60.99 -66.37
CA GLN P 877 113.48 -60.36 -67.50
C GLN P 877 112.25 -59.58 -67.02
N GLU P 878 111.52 -60.14 -66.03
CA GLU P 878 110.37 -59.42 -65.47
C GLU P 878 110.83 -58.22 -64.65
N TRP P 879 111.92 -58.39 -63.91
CA TRP P 879 112.47 -57.32 -63.09
C TRP P 879 112.89 -56.14 -63.92
N MET P 880 113.57 -56.41 -65.03
CA MET P 880 114.08 -55.39 -65.90
C MET P 880 112.96 -54.68 -66.61
N SER P 881 111.88 -55.41 -66.92
CA SER P 881 110.77 -54.74 -67.56
C SER P 881 110.18 -53.75 -66.54
N TRP P 882 110.07 -54.21 -65.28
CA TRP P 882 109.59 -53.37 -64.19
C TRP P 882 110.47 -52.16 -63.97
N TYR P 883 111.77 -52.40 -63.94
CA TYR P 883 112.73 -51.37 -63.66
C TYR P 883 112.67 -50.31 -64.77
N GLY P 884 112.74 -50.75 -66.03
CA GLY P 884 112.73 -49.85 -67.19
C GLY P 884 111.49 -48.97 -67.22
N THR P 885 110.37 -49.51 -66.72
CA THR P 885 109.11 -48.79 -66.68
C THR P 885 109.26 -47.40 -66.05
N GLN P 886 110.04 -47.26 -64.98
CA GLN P 886 110.19 -45.94 -64.33
C GLN P 886 111.55 -45.28 -64.58
N CYS P 887 112.34 -45.83 -65.50
CA CYS P 887 113.67 -45.30 -65.77
C CYS P 887 113.79 -44.72 -67.16
N ASN P 888 113.11 -45.32 -68.13
CA ASN P 888 113.26 -44.77 -69.46
C ASN P 888 112.29 -43.62 -69.61
N VAL P 889 112.83 -42.42 -69.45
CA VAL P 889 112.05 -41.19 -69.47
C VAL P 889 111.43 -40.91 -70.83
N ALA P 890 111.90 -41.58 -71.87
CA ALA P 890 111.39 -41.43 -73.22
C ALA P 890 110.01 -42.07 -73.41
N VAL P 891 109.62 -42.94 -72.48
CA VAL P 891 108.34 -43.63 -72.57
C VAL P 891 107.24 -42.70 -72.11
N HIS P 892 106.18 -42.55 -72.89
CA HIS P 892 105.15 -41.63 -72.44
C HIS P 892 104.71 -42.04 -71.03
N PRO P 893 104.54 -41.09 -70.08
CA PRO P 893 104.19 -41.35 -68.70
C PRO P 893 102.90 -42.12 -68.49
N GLU P 894 101.97 -42.09 -69.44
CA GLU P 894 100.76 -42.85 -69.23
C GLU P 894 101.07 -44.33 -69.31
N LEU P 895 102.00 -44.67 -70.20
CA LEU P 895 102.36 -46.04 -70.42
C LEU P 895 103.15 -46.47 -69.23
N ARG P 896 103.97 -45.55 -68.72
CA ARG P 896 104.78 -45.93 -67.57
C ARG P 896 103.88 -46.26 -66.40
N ALA P 897 102.84 -45.44 -66.20
CA ALA P 897 101.93 -45.66 -65.09
C ALA P 897 101.11 -46.93 -65.26
N ARG P 898 100.64 -47.21 -66.48
CA ARG P 898 99.83 -48.41 -66.65
C ARG P 898 100.65 -49.67 -66.41
N GLN P 899 101.87 -49.65 -66.92
CA GLN P 899 102.75 -50.79 -66.80
C GLN P 899 103.10 -51.00 -65.34
N SER P 900 103.31 -49.91 -64.60
CA SER P 900 103.64 -50.04 -63.20
C SER P 900 102.50 -50.61 -62.40
N LYS P 901 101.27 -50.18 -62.74
CA LYS P 901 100.11 -50.70 -62.05
C LYS P 901 99.96 -52.18 -62.32
N ASN P 902 100.27 -52.60 -63.57
CA ASN P 902 100.17 -54.02 -63.88
C ASN P 902 101.17 -54.81 -63.04
N PHE P 903 102.39 -54.26 -62.88
CA PHE P 903 103.40 -54.96 -62.08
C PHE P 903 103.04 -55.01 -60.63
N ASP P 904 102.48 -53.92 -60.08
CA ASP P 904 102.15 -53.95 -58.67
C ASP P 904 101.05 -54.95 -58.42
N ARG P 905 100.10 -55.05 -59.33
CA ARG P 905 99.07 -56.05 -59.04
C ARG P 905 99.65 -57.46 -59.09
N GLN P 906 100.56 -57.72 -60.05
CA GLN P 906 101.17 -59.04 -60.18
C GLN P 906 102.06 -59.41 -59.00
N TYR P 907 102.88 -58.45 -58.63
CA TYR P 907 103.81 -58.44 -57.53
C TYR P 907 103.23 -58.34 -56.08
N LEU P 908 102.01 -57.82 -55.89
CA LEU P 908 101.32 -57.71 -54.61
C LEU P 908 100.08 -58.60 -54.43
N GLY P 909 99.57 -59.24 -55.49
CA GLY P 909 98.36 -60.07 -55.32
C GLY P 909 97.04 -59.30 -55.43
N ASN P 910 97.02 -58.30 -56.31
CA ASN P 910 95.85 -57.43 -56.55
C ASN P 910 95.38 -56.72 -55.27
N SER P 911 96.33 -56.28 -54.47
CA SER P 911 96.04 -55.61 -53.21
C SER P 911 96.15 -54.10 -53.26
N VAL P 912 96.38 -53.53 -54.44
CA VAL P 912 96.52 -52.10 -54.57
C VAL P 912 95.15 -51.47 -54.51
N THR P 913 95.03 -50.35 -53.83
CA THR P 913 94.05 -49.31 -53.85
C THR P 913 94.73 -48.00 -54.26
N TYR P 914 94.71 -47.60 -55.53
CA TYR P 914 95.49 -46.51 -56.08
C TYR P 914 95.06 -45.16 -55.48
N THR P 915 95.99 -44.20 -55.34
CA THR P 915 95.70 -42.93 -54.65
C THR P 915 96.20 -41.65 -55.37
N THR P 916 97.49 -41.45 -55.66
CA THR P 916 97.98 -40.09 -56.01
C THR P 916 99.34 -39.99 -56.77
N ARG P 917 99.73 -38.73 -56.99
CA ARG P 917 100.90 -38.17 -57.70
C ARG P 917 101.71 -37.10 -56.94
N ALA P 918 103.03 -37.08 -57.22
CA ALA P 918 103.96 -36.07 -56.67
C ALA P 918 105.16 -35.87 -57.62
N HIS P 919 105.94 -34.81 -57.39
CA HIS P 919 107.11 -34.54 -58.24
C HIS P 919 108.42 -34.97 -57.58
N ARG P 920 109.37 -35.41 -58.38
CA ARG P 920 110.65 -35.81 -57.77
C ARG P 920 111.80 -35.00 -58.31
N GLY P 921 112.72 -34.70 -57.40
CA GLY P 921 113.93 -34.03 -57.81
C GLY P 921 115.11 -34.56 -57.03
N ILE P 922 116.30 -34.29 -57.56
CA ILE P 922 117.56 -34.72 -57.00
C ILE P 922 118.23 -33.52 -56.39
N TRP P 923 118.63 -33.60 -55.14
CA TRP P 923 119.19 -32.39 -54.58
C TRP P 923 120.53 -32.14 -55.17
N ASN P 924 120.83 -30.90 -55.49
CA ASN P 924 122.15 -30.62 -55.96
C ASN P 924 123.05 -30.98 -54.80
N PRO P 925 124.01 -31.91 -54.94
CA PRO P 925 124.87 -32.34 -53.86
C PRO P 925 125.50 -31.15 -53.17
N LYS P 926 125.77 -30.07 -53.92
CA LYS P 926 126.38 -28.91 -53.33
C LYS P 926 125.40 -28.09 -52.53
N PHE P 927 124.12 -28.09 -52.87
CA PHE P 927 123.16 -27.29 -52.11
C PHE P 927 123.06 -27.85 -50.72
N ILE P 928 122.89 -29.17 -50.65
CA ILE P 928 122.73 -29.81 -49.35
C ILE P 928 124.01 -29.81 -48.53
N GLU P 929 125.16 -30.10 -49.14
CA GLU P 929 126.38 -30.06 -48.37
C GLU P 929 126.58 -28.65 -47.84
N ALA P 930 126.35 -27.66 -48.71
CA ALA P 930 126.46 -26.26 -48.36
C ALA P 930 125.46 -25.87 -47.32
N LEU P 931 124.27 -26.44 -47.32
CA LEU P 931 123.28 -26.06 -46.33
C LEU P 931 123.80 -26.44 -44.96
N ASP P 932 124.36 -27.65 -44.84
CA ASP P 932 124.85 -28.08 -43.55
C ASP P 932 126.10 -27.29 -43.15
N LYS P 933 127.00 -27.04 -44.11
CA LYS P 933 128.21 -26.29 -43.77
C LYS P 933 127.93 -24.84 -43.47
N ALA P 934 127.01 -24.24 -44.21
CA ALA P 934 126.67 -22.85 -44.04
C ALA P 934 126.07 -22.60 -42.69
N ILE P 935 125.22 -23.51 -42.24
CA ILE P 935 124.71 -23.41 -40.88
C ILE P 935 125.81 -23.66 -39.86
N ALA P 936 126.60 -24.72 -40.05
CA ALA P 936 127.64 -25.02 -39.06
C ALA P 936 128.67 -23.89 -38.90
N SER P 937 128.95 -23.20 -40.00
CA SER P 937 129.96 -22.14 -40.07
C SER P 937 129.59 -20.89 -39.33
N VAL P 938 128.41 -20.91 -38.69
CA VAL P 938 128.00 -20.19 -37.47
C VAL P 938 127.42 -21.18 -36.43
N GLY P 939 127.40 -20.88 -35.14
CA GLY P 939 126.43 -21.45 -34.28
C GLY P 939 126.75 -22.86 -33.84
N LEU P 940 125.82 -23.43 -33.07
CA LEU P 940 125.86 -24.81 -32.55
C LEU P 940 126.07 -25.82 -33.67
N THR P 941 127.10 -26.67 -33.57
CA THR P 941 127.10 -27.90 -34.37
C THR P 941 126.38 -29.05 -33.65
N VAL P 942 125.74 -29.93 -34.41
CA VAL P 942 125.04 -31.11 -33.87
C VAL P 942 126.03 -32.17 -33.38
N ALA P 943 125.86 -32.65 -32.16
CA ALA P 943 126.60 -33.80 -31.65
C ALA P 943 126.09 -35.11 -32.28
N MET P 944 126.97 -35.83 -32.97
CA MET P 944 126.72 -37.10 -33.68
C MET P 944 126.65 -38.31 -32.73
N ASP P 945 125.85 -38.21 -31.67
CA ASP P 945 125.71 -39.21 -30.61
C ASP P 945 125.12 -40.56 -31.08
N ASN P 946 125.23 -41.57 -30.22
CA ASN P 946 124.74 -42.94 -30.43
C ASN P 946 125.30 -43.60 -31.70
N VAL P 947 126.62 -43.54 -31.87
CA VAL P 947 127.34 -44.08 -33.04
C VAL P 947 127.18 -45.60 -33.18
N ALA P 948 127.23 -46.36 -32.11
CA ALA P 948 126.69 -47.67 -31.85
C ALA P 948 127.04 -48.82 -32.82
N GLN P 949 128.29 -48.96 -33.29
CA GLN P 949 128.77 -50.22 -33.88
C GLN P 949 129.21 -51.20 -32.79
N ALA Q 413 -30.96 3.21 -128.96
CA ALA Q 413 -31.50 3.32 -127.60
C ALA Q 413 -30.74 4.37 -126.79
N GLY Q 414 -29.38 4.45 -126.91
CA GLY Q 414 -28.51 5.37 -126.15
C GLY Q 414 -28.88 6.85 -126.31
N ASN Q 415 -29.35 7.22 -127.50
CA ASN Q 415 -29.73 8.60 -127.77
C ASN Q 415 -31.01 8.97 -127.03
N LEU Q 416 -31.80 7.95 -126.71
CA LEU Q 416 -33.08 8.13 -126.08
C LEU Q 416 -32.93 7.99 -124.59
N ASN Q 417 -32.01 7.11 -124.18
CA ASN Q 417 -31.79 6.82 -122.79
C ASN Q 417 -31.30 8.03 -122.03
N SER Q 418 -30.57 8.88 -122.75
CA SER Q 418 -30.11 10.15 -122.21
C SER Q 418 -31.19 10.83 -121.37
N ILE Q 419 -32.43 10.83 -121.87
CA ILE Q 419 -33.52 11.48 -121.16
C ILE Q 419 -34.64 10.53 -120.70
N PHE Q 420 -34.80 9.36 -121.32
CA PHE Q 420 -35.96 8.55 -120.95
C PHE Q 420 -35.65 7.49 -119.91
N GLN Q 421 -34.39 7.44 -119.45
CA GLN Q 421 -34.00 6.78 -118.21
C GLN Q 421 -34.15 7.71 -117.00
N ARG Q 422 -34.32 9.03 -117.21
CA ARG Q 422 -34.28 9.97 -116.10
C ARG Q 422 -35.57 9.92 -115.33
N SER Q 423 -36.65 9.73 -116.06
CA SER Q 423 -37.98 9.69 -115.53
C SER Q 423 -38.39 8.24 -115.40
N GLY Q 424 -38.65 7.84 -114.16
CA GLY Q 424 -39.08 6.50 -113.79
C GLY Q 424 -37.95 5.50 -113.57
N ARG Q 425 -38.28 4.38 -112.92
CA ARG Q 425 -37.43 3.30 -112.43
C ARG Q 425 -38.07 1.98 -112.82
N THR Q 426 -37.34 0.87 -112.83
CA THR Q 426 -37.92 -0.47 -112.98
C THR Q 426 -37.26 -1.48 -112.07
N ASP Q 427 -37.91 -2.63 -111.99
CA ASP Q 427 -37.39 -3.79 -111.29
C ASP Q 427 -36.66 -4.68 -112.32
N GLY Q 428 -36.22 -5.86 -111.90
CA GLY Q 428 -35.53 -6.77 -112.83
C GLY Q 428 -34.04 -6.87 -112.57
N GLY Q 429 -33.36 -7.61 -113.46
CA GLY Q 429 -31.94 -7.88 -113.32
C GLY Q 429 -31.71 -9.23 -112.66
N ASP Q 430 -30.45 -9.59 -112.48
CA ASP Q 430 -30.06 -10.88 -111.92
C ASP Q 430 -30.41 -11.02 -110.44
N ALA Q 431 -31.19 -12.06 -110.13
CA ALA Q 431 -31.61 -12.32 -108.76
C ALA Q 431 -30.42 -12.55 -107.84
N ARG Q 432 -29.34 -13.14 -108.36
CA ARG Q 432 -28.17 -13.38 -107.52
C ARG Q 432 -27.57 -12.05 -107.10
N ALA Q 433 -27.58 -11.09 -108.01
CA ALA Q 433 -27.03 -9.77 -107.70
C ALA Q 433 -27.90 -9.08 -106.66
N SER Q 434 -29.22 -9.29 -106.75
CA SER Q 434 -30.10 -8.69 -105.75
C SER Q 434 -29.84 -9.31 -104.39
N GLU Q 435 -29.68 -10.65 -104.35
CA GLU Q 435 -29.33 -11.32 -103.11
C GLU Q 435 -28.03 -10.80 -102.55
N ALA Q 436 -27.03 -10.62 -103.42
CA ALA Q 436 -25.75 -10.12 -102.97
C ALA Q 436 -25.88 -8.72 -102.39
N LEU Q 437 -26.63 -7.82 -103.02
CA LEU Q 437 -26.85 -6.47 -102.49
C LEU Q 437 -27.52 -6.54 -101.13
N ALA Q 438 -28.52 -7.41 -100.99
CA ALA Q 438 -29.24 -7.56 -99.74
C ALA Q 438 -28.38 -8.13 -98.60
N VAL Q 439 -27.51 -9.11 -98.90
CA VAL Q 439 -26.70 -9.66 -97.83
C VAL Q 439 -25.66 -8.63 -97.44
N PHE Q 440 -25.12 -7.87 -98.41
CA PHE Q 440 -24.16 -6.86 -98.01
C PHE Q 440 -24.84 -5.78 -97.17
N ASN Q 441 -26.09 -5.40 -97.50
CA ASN Q 441 -26.76 -4.40 -96.68
C ASN Q 441 -26.96 -4.91 -95.26
N LYS Q 442 -27.31 -6.20 -95.13
CA LYS Q 442 -27.48 -6.78 -93.80
C LYS Q 442 -26.21 -6.71 -93.00
N LEU Q 443 -25.11 -7.13 -93.63
CA LEU Q 443 -23.82 -7.19 -92.98
C LEU Q 443 -23.32 -5.82 -92.65
N LYS Q 444 -23.62 -4.85 -93.52
CA LYS Q 444 -23.22 -3.49 -93.27
C LYS Q 444 -23.84 -3.05 -91.98
N GLU Q 445 -25.13 -3.30 -91.80
CA GLU Q 445 -25.80 -2.88 -90.59
C GLU Q 445 -25.29 -3.60 -89.36
N GLU Q 446 -24.96 -4.90 -89.49
CA GLU Q 446 -24.44 -5.59 -88.31
C GLU Q 446 -23.10 -4.99 -87.89
N ALA Q 447 -22.26 -4.67 -88.88
CA ALA Q 447 -20.95 -4.08 -88.61
C ALA Q 447 -21.10 -2.71 -87.97
N ILE Q 448 -22.15 -1.97 -88.34
CA ILE Q 448 -22.28 -0.67 -87.72
C ILE Q 448 -22.70 -0.87 -86.27
N ALA Q 449 -23.66 -1.77 -86.05
CA ALA Q 449 -24.18 -2.02 -84.71
C ALA Q 449 -23.11 -2.49 -83.73
N GLN Q 450 -22.17 -3.27 -84.24
CA GLN Q 450 -21.11 -3.81 -83.41
C GLN Q 450 -19.86 -2.96 -83.39
N GLN Q 451 -19.93 -1.79 -84.03
CA GLN Q 451 -18.81 -0.87 -84.14
C GLN Q 451 -17.59 -1.47 -84.82
N ASP Q 452 -17.80 -2.28 -85.85
CA ASP Q 452 -16.68 -2.79 -86.58
C ASP Q 452 -16.45 -1.80 -87.71
N LEU Q 453 -17.55 -1.23 -88.21
CA LEU Q 453 -17.54 -0.23 -89.27
C LEU Q 453 -18.28 1.03 -88.89
N HIS Q 454 -17.81 2.17 -89.37
CA HIS Q 454 -18.51 3.43 -89.18
C HIS Q 454 -19.57 3.59 -90.24
N ASP Q 455 -20.66 4.28 -89.91
CA ASP Q 455 -21.72 4.50 -90.88
C ASP Q 455 -21.37 5.71 -91.71
N ASP Q 456 -20.35 5.58 -92.54
CA ASP Q 456 -19.85 6.68 -93.34
C ASP Q 456 -19.66 6.30 -94.80
N PHE Q 457 -20.22 5.16 -95.20
CA PHE Q 457 -20.02 4.69 -96.56
C PHE Q 457 -21.31 4.20 -97.17
N LEU Q 458 -21.32 4.19 -98.48
CA LEU Q 458 -22.50 3.77 -99.22
C LEU Q 458 -22.22 2.53 -100.06
N VAL Q 459 -23.25 1.74 -100.30
CA VAL Q 459 -23.10 0.63 -101.23
C VAL Q 459 -24.13 0.84 -102.32
N PHE Q 460 -23.69 0.83 -103.58
CA PHE Q 460 -24.57 0.96 -104.72
C PHE Q 460 -24.66 -0.31 -105.55
N ARG Q 461 -25.64 -0.34 -106.45
CA ARG Q 461 -25.90 -1.44 -107.37
C ARG Q 461 -25.41 -1.07 -108.78
N PHE Q 462 -24.69 -1.98 -109.43
CA PHE Q 462 -24.37 -1.92 -110.85
C PHE Q 462 -24.99 -3.12 -111.53
N ASP Q 463 -25.90 -2.89 -112.47
CA ASP Q 463 -26.82 -3.97 -112.88
C ASP Q 463 -27.10 -4.01 -114.39
N ARG Q 464 -27.50 -5.20 -114.87
CA ARG Q 464 -27.52 -5.59 -116.29
C ARG Q 464 -28.47 -4.74 -117.12
N ASP Q 465 -29.73 -4.70 -116.71
CA ASP Q 465 -30.81 -4.11 -117.50
C ASP Q 465 -30.67 -2.59 -117.64
N GLN Q 466 -30.04 -1.92 -116.67
CA GLN Q 466 -29.75 -0.48 -116.77
C GLN Q 466 -28.50 -0.19 -117.61
N ASN Q 467 -27.40 -0.95 -117.44
CA ASN Q 467 -26.08 -0.55 -117.94
C ASN Q 467 -25.52 -1.39 -119.09
N ARG Q 468 -26.22 -2.45 -119.56
CA ARG Q 468 -25.76 -3.38 -120.62
C ARG Q 468 -24.36 -3.96 -120.33
N VAL Q 469 -24.25 -4.58 -119.15
CA VAL Q 469 -22.99 -4.73 -118.39
C VAL Q 469 -22.07 -5.90 -118.75
N GLY Q 470 -22.60 -7.00 -119.30
CA GLY Q 470 -21.94 -8.29 -119.13
C GLY Q 470 -22.16 -8.82 -117.71
N TYR Q 471 -21.22 -8.63 -116.79
CA TYR Q 471 -21.33 -9.05 -115.38
C TYR Q 471 -21.80 -7.92 -114.43
N SER Q 472 -22.71 -8.26 -113.51
CA SER Q 472 -23.25 -7.36 -112.50
C SER Q 472 -22.19 -7.16 -111.43
N ALA Q 473 -22.38 -6.15 -110.59
CA ALA Q 473 -21.41 -5.85 -109.55
C ALA Q 473 -22.04 -5.04 -108.43
N LEU Q 474 -21.43 -5.13 -107.25
CA LEU Q 474 -21.82 -4.24 -106.16
C LEU Q 474 -20.74 -3.20 -106.09
N LEU Q 475 -21.08 -1.99 -105.70
CA LEU Q 475 -20.05 -0.96 -105.63
C LEU Q 475 -19.87 -0.36 -104.24
N VAL Q 476 -18.68 -0.51 -103.66
CA VAL Q 476 -18.46 0.06 -102.32
C VAL Q 476 -17.88 1.45 -102.49
N VAL Q 477 -18.55 2.46 -101.89
CA VAL Q 477 -18.16 3.85 -102.09
C VAL Q 477 -17.92 4.76 -100.88
N LYS Q 478 -16.79 5.47 -100.95
CA LYS Q 478 -16.43 6.48 -99.96
C LYS Q 478 -16.28 7.80 -100.69
N ARG Q 479 -16.47 8.91 -99.97
CA ARG Q 479 -16.32 10.21 -100.60
C ARG Q 479 -15.57 11.19 -99.73
N ALA Q 480 -14.89 12.14 -100.37
CA ALA Q 480 -14.23 13.24 -99.68
C ALA Q 480 -14.04 14.41 -100.60
N ALA Q 481 -13.94 15.61 -100.06
CA ALA Q 481 -13.57 16.75 -100.89
C ALA Q 481 -12.11 17.06 -100.55
N ILE Q 482 -11.26 16.95 -101.56
CA ILE Q 482 -9.84 17.10 -101.35
C ILE Q 482 -9.31 18.31 -102.06
N ASN Q 483 -8.94 19.31 -101.30
CA ASN Q 483 -8.43 20.57 -101.81
C ASN Q 483 -9.38 21.17 -102.85
N GLY Q 484 -10.67 21.06 -102.59
CA GLY Q 484 -11.71 21.59 -103.47
C GLY Q 484 -12.24 20.59 -104.51
N GLN Q 485 -11.58 19.45 -104.72
CA GLN Q 485 -12.07 18.49 -105.70
C GLN Q 485 -12.96 17.46 -105.06
N GLN Q 486 -14.14 17.24 -105.62
CA GLN Q 486 -14.95 16.21 -105.03
C GLN Q 486 -14.47 14.88 -105.56
N VAL Q 487 -14.13 13.98 -104.65
CA VAL Q 487 -13.61 12.69 -105.06
C VAL Q 487 -14.45 11.53 -104.53
N ILE Q 488 -14.76 10.63 -105.45
CA ILE Q 488 -15.47 9.39 -105.19
C ILE Q 488 -14.47 8.28 -105.32
N VAL Q 489 -14.41 7.40 -104.36
CA VAL Q 489 -13.51 6.28 -104.50
C VAL Q 489 -14.33 5.02 -104.45
N THR Q 490 -14.06 4.11 -105.36
CA THR Q 490 -14.84 2.91 -105.34
C THR Q 490 -14.10 1.62 -105.60
N ARG Q 491 -14.67 0.57 -105.06
CA ARG Q 491 -14.23 -0.79 -105.28
C ARG Q 491 -15.38 -1.72 -105.66
N PRO Q 492 -15.53 -2.04 -106.94
CA PRO Q 492 -16.52 -2.94 -107.50
C PRO Q 492 -16.25 -4.37 -107.09
N LEU Q 493 -17.33 -5.14 -106.92
CA LEU Q 493 -17.25 -6.57 -106.66
C LEU Q 493 -18.08 -7.28 -107.71
N VAL Q 494 -17.40 -7.92 -108.66
CA VAL Q 494 -18.02 -8.48 -109.86
C VAL Q 494 -18.71 -9.79 -109.51
N MET Q 495 -19.91 -10.02 -110.04
CA MET Q 495 -20.65 -11.24 -109.74
C MET Q 495 -21.06 -12.11 -110.94
N PRO Q 496 -20.24 -13.08 -111.35
CA PRO Q 496 -20.52 -14.05 -112.41
C PRO Q 496 -21.68 -14.93 -111.97
N ASN Q 497 -22.43 -15.49 -112.91
CA ASN Q 497 -23.55 -16.37 -112.58
C ASN Q 497 -23.51 -17.58 -113.51
N ASP Q 498 -23.48 -18.79 -112.92
CA ASP Q 498 -23.31 -20.01 -113.70
C ASP Q 498 -24.54 -20.37 -114.53
N GLN Q 499 -25.65 -19.73 -114.22
CA GLN Q 499 -26.90 -19.95 -114.91
C GLN Q 499 -27.12 -18.92 -116.02
N ILE Q 500 -26.18 -17.99 -116.19
CA ILE Q 500 -26.36 -16.97 -117.21
C ILE Q 500 -25.30 -17.08 -118.29
N THR Q 501 -25.75 -17.16 -119.53
CA THR Q 501 -24.83 -17.24 -120.64
C THR Q 501 -24.37 -15.84 -121.02
N LEU Q 502 -23.07 -15.68 -121.19
CA LEU Q 502 -22.52 -14.42 -121.62
C LEU Q 502 -22.09 -14.59 -123.06
N PRO Q 503 -22.13 -13.54 -123.89
CA PRO Q 503 -21.61 -13.53 -125.24
C PRO Q 503 -20.12 -13.80 -125.21
N THR Q 504 -19.69 -14.46 -126.28
CA THR Q 504 -18.33 -14.86 -126.51
C THR Q 504 -17.55 -14.00 -127.47
N LYS Q 505 -16.23 -14.15 -127.40
CA LYS Q 505 -15.37 -13.56 -128.40
C LYS Q 505 -15.24 -14.58 -129.50
N LYS Q 506 -15.15 -14.11 -130.72
CA LYS Q 506 -14.91 -15.00 -131.85
C LYS Q 506 -13.44 -14.91 -132.15
N LEU Q 507 -12.71 -15.93 -131.76
CA LEU Q 507 -11.27 -15.90 -131.88
C LEU Q 507 -10.84 -16.65 -133.11
N THR Q 508 -10.38 -15.92 -134.12
CA THR Q 508 -9.98 -16.56 -135.36
C THR Q 508 -8.50 -16.81 -135.28
N ILE Q 509 -8.13 -18.07 -135.43
CA ILE Q 509 -6.75 -18.45 -135.28
C ILE Q 509 -6.16 -19.07 -136.53
N GLN Q 510 -5.03 -18.54 -136.97
CA GLN Q 510 -4.38 -19.05 -138.17
C GLN Q 510 -3.58 -20.30 -137.83
N ASN Q 511 -4.24 -21.43 -137.85
CA ASN Q 511 -3.58 -22.67 -137.47
C ASN Q 511 -2.88 -23.26 -138.67
N GLY Q 512 -1.63 -22.89 -138.81
CA GLY Q 512 -0.89 -23.32 -139.98
C GLY Q 512 -1.51 -22.69 -141.21
N MET Q 513 -1.95 -23.53 -142.14
CA MET Q 513 -2.54 -23.04 -143.38
C MET Q 513 -4.05 -22.78 -143.32
N HIS Q 514 -4.71 -23.03 -142.17
CA HIS Q 514 -6.17 -22.84 -142.12
C HIS Q 514 -6.66 -22.06 -140.91
N GLN Q 515 -7.61 -21.14 -141.14
CA GLN Q 515 -8.19 -20.42 -140.03
C GLN Q 515 -9.41 -21.12 -139.44
N GLU Q 516 -9.35 -21.30 -138.12
CA GLU Q 516 -10.43 -21.92 -137.36
C GLU Q 516 -10.91 -20.94 -136.32
N THR Q 517 -12.17 -21.02 -135.91
CA THR Q 517 -12.64 -20.10 -134.87
C THR Q 517 -13.05 -20.82 -133.60
N ILE Q 518 -12.53 -20.31 -132.50
CA ILE Q 518 -12.89 -20.81 -131.18
C ILE Q 518 -13.65 -19.73 -130.47
N GLU Q 519 -14.81 -20.06 -129.94
CA GLU Q 519 -15.50 -19.03 -129.21
C GLU Q 519 -15.28 -19.23 -127.74
N ALA Q 520 -15.19 -18.12 -127.01
CA ALA Q 520 -15.04 -18.23 -125.57
C ALA Q 520 -15.75 -17.11 -124.84
N GLU Q 521 -16.41 -17.45 -123.73
CA GLU Q 521 -17.13 -16.45 -122.95
C GLU Q 521 -16.20 -15.40 -122.44
N ALA Q 522 -16.62 -14.15 -122.49
CA ALA Q 522 -15.75 -13.12 -121.96
C ALA Q 522 -15.50 -13.36 -120.47
N ASP Q 523 -14.24 -13.24 -120.04
CA ASP Q 523 -13.94 -13.42 -118.62
C ASP Q 523 -13.99 -12.07 -117.94
N VAL Q 524 -13.74 -12.02 -116.66
CA VAL Q 524 -13.81 -10.74 -115.98
C VAL Q 524 -12.81 -9.72 -116.55
N GLN Q 525 -11.68 -10.17 -117.09
CA GLN Q 525 -10.71 -9.25 -117.70
C GLN Q 525 -11.14 -8.75 -119.07
N ASP Q 526 -12.09 -9.43 -119.68
CA ASP Q 526 -12.55 -9.06 -121.00
C ASP Q 526 -13.73 -8.13 -120.85
N VAL Q 527 -14.49 -8.33 -119.77
CA VAL Q 527 -15.64 -7.51 -119.47
C VAL Q 527 -15.28 -6.21 -118.79
N PHE Q 528 -14.37 -6.23 -117.82
CA PHE Q 528 -14.05 -5.00 -117.10
C PHE Q 528 -13.05 -4.17 -117.92
N THR Q 529 -13.58 -3.57 -118.97
CA THR Q 529 -12.84 -2.76 -119.91
C THR Q 529 -12.81 -1.33 -119.43
N THR Q 530 -12.02 -0.49 -120.08
CA THR Q 530 -11.98 0.91 -119.69
C THR Q 530 -13.38 1.51 -119.71
N GLN Q 531 -14.17 1.17 -120.72
CA GLN Q 531 -15.51 1.75 -120.77
C GLN Q 531 -16.40 1.20 -119.64
N TYR Q 532 -16.20 -0.06 -119.22
CA TYR Q 532 -17.00 -0.61 -118.12
C TYR Q 532 -16.72 0.31 -116.92
N TRP Q 533 -15.44 0.61 -116.71
CA TRP Q 533 -15.01 1.53 -115.65
C TRP Q 533 -15.66 2.90 -115.78
N ASN Q 534 -15.71 3.43 -117.01
CA ASN Q 534 -16.35 4.72 -117.19
C ASN Q 534 -17.83 4.66 -116.85
N ARG Q 535 -18.54 3.58 -117.18
CA ARG Q 535 -19.95 3.46 -116.77
C ARG Q 535 -20.08 3.27 -115.27
N ILE Q 536 -19.10 2.69 -114.59
CA ILE Q 536 -19.13 2.66 -113.12
C ILE Q 536 -19.05 4.06 -112.59
N CYS Q 537 -18.12 4.85 -113.14
CA CYS Q 537 -17.94 6.23 -112.73
C CYS Q 537 -19.26 6.97 -112.79
N ASP Q 538 -19.91 6.88 -113.94
CA ASP Q 538 -21.14 7.62 -114.11
C ASP Q 538 -22.28 7.12 -113.27
N SER Q 539 -22.37 5.80 -113.08
CA SER Q 539 -23.46 5.22 -112.29
C SER Q 539 -23.36 5.64 -110.85
N ILE Q 540 -22.14 5.68 -110.31
CA ILE Q 540 -22.01 6.08 -108.93
C ILE Q 540 -22.34 7.55 -108.82
N ARG Q 541 -21.79 8.37 -109.72
CA ARG Q 541 -22.06 9.79 -109.63
C ARG Q 541 -23.56 10.08 -109.61
N GLN Q 542 -24.33 9.38 -110.44
CA GLN Q 542 -25.77 9.62 -110.43
C GLN Q 542 -26.43 9.16 -109.13
N GLN Q 543 -25.89 8.10 -108.51
CA GLN Q 543 -26.47 7.62 -107.25
C GLN Q 543 -26.00 8.43 -106.03
N THR Q 544 -24.85 9.14 -106.12
CA THR Q 544 -24.39 9.96 -104.99
C THR Q 544 -24.78 11.43 -105.15
N GLY Q 545 -25.03 11.85 -106.39
CA GLY Q 545 -25.40 13.21 -106.74
C GLY Q 545 -24.19 14.05 -107.12
N LYS Q 546 -23.00 13.49 -106.93
CA LYS Q 546 -21.79 14.25 -107.23
C LYS Q 546 -21.42 14.08 -108.69
N HIS Q 547 -22.20 14.76 -109.52
CA HIS Q 547 -22.14 14.64 -110.97
C HIS Q 547 -20.83 15.09 -111.59
N ASP Q 548 -20.12 15.99 -110.94
CA ASP Q 548 -18.83 16.47 -111.43
C ASP Q 548 -17.63 15.92 -110.64
N ALA Q 549 -17.82 14.85 -109.86
CA ALA Q 549 -16.72 14.28 -109.07
C ALA Q 549 -15.74 13.45 -109.90
N MET Q 550 -14.50 13.41 -109.41
CA MET Q 550 -13.45 12.57 -109.95
C MET Q 550 -13.62 11.20 -109.33
N VAL Q 551 -13.43 10.13 -110.10
CA VAL Q 551 -13.64 8.80 -109.52
C VAL Q 551 -12.36 7.94 -109.53
N ILE Q 552 -12.01 7.42 -108.35
CA ILE Q 552 -10.84 6.57 -108.16
C ILE Q 552 -11.18 5.09 -108.16
N ASN Q 553 -10.40 4.37 -108.94
CA ASN Q 553 -10.47 2.92 -109.08
C ASN Q 553 -9.56 2.31 -108.02
N ALA Q 554 -10.14 1.80 -106.96
CA ALA Q 554 -9.37 1.29 -105.84
C ALA Q 554 -8.92 -0.14 -106.08
N GLY Q 555 -9.28 -0.70 -107.23
CA GLY Q 555 -8.94 -2.05 -107.55
C GLY Q 555 -10.16 -2.92 -107.30
N PRO Q 556 -10.79 -3.47 -108.34
CA PRO Q 556 -11.99 -4.27 -108.27
C PRO Q 556 -11.68 -5.65 -107.78
N THR Q 557 -12.70 -6.37 -107.37
CA THR Q 557 -12.52 -7.78 -107.04
C THR Q 557 -13.68 -8.57 -107.62
N VAL Q 558 -13.72 -9.85 -107.28
CA VAL Q 558 -14.71 -10.78 -107.83
C VAL Q 558 -15.30 -11.67 -106.75
N ILE Q 559 -16.61 -11.89 -106.83
CA ILE Q 559 -17.33 -12.85 -106.00
C ILE Q 559 -17.88 -13.91 -106.96
N PRO Q 560 -17.16 -15.02 -107.17
CA PRO Q 560 -17.38 -16.06 -108.18
C PRO Q 560 -18.74 -16.69 -108.12
N ALA Q 561 -19.25 -17.26 -109.20
CA ALA Q 561 -20.64 -17.75 -109.25
C ALA Q 561 -20.95 -18.95 -108.36
N ASP Q 562 -19.94 -19.73 -107.99
CA ASP Q 562 -20.03 -21.16 -107.68
C ASP Q 562 -20.68 -21.56 -106.35
N PHE Q 563 -20.85 -20.63 -105.40
CA PHE Q 563 -20.93 -20.99 -103.98
C PHE Q 563 -22.09 -20.35 -103.22
N ASP Q 564 -22.43 -20.93 -102.08
CA ASP Q 564 -23.48 -20.43 -101.19
C ASP Q 564 -23.18 -19.01 -100.71
N LEU Q 565 -24.15 -18.11 -100.82
CA LEU Q 565 -24.09 -16.77 -100.22
C LEU Q 565 -24.18 -16.81 -98.68
N LYS Q 566 -24.19 -18.00 -98.08
CA LYS Q 566 -24.31 -18.24 -96.64
C LYS Q 566 -23.06 -17.91 -95.82
N ASP Q 567 -21.90 -17.71 -96.44
CA ASP Q 567 -20.67 -17.26 -95.75
C ASP Q 567 -20.66 -15.75 -95.49
N GLU Q 568 -21.53 -15.35 -94.57
CA GLU Q 568 -21.59 -14.02 -94.02
C GLU Q 568 -20.25 -13.54 -93.50
N LEU Q 569 -19.40 -14.44 -92.97
CA LEU Q 569 -18.11 -13.97 -92.48
C LEU Q 569 -17.26 -13.49 -93.64
N VAL Q 570 -17.24 -14.26 -94.73
CA VAL Q 570 -16.43 -13.79 -95.86
C VAL Q 570 -16.95 -12.50 -96.41
N LEU Q 571 -18.26 -12.41 -96.57
CA LEU Q 571 -18.84 -11.22 -97.14
C LEU Q 571 -18.60 -10.00 -96.26
N LYS Q 572 -18.67 -10.18 -94.93
CA LYS Q 572 -18.42 -9.09 -94.02
C LYS Q 572 -16.99 -8.60 -94.18
N GLN Q 573 -16.06 -9.55 -94.27
CA GLN Q 573 -14.66 -9.18 -94.43
C GLN Q 573 -14.42 -8.50 -95.75
N LEU Q 574 -15.11 -8.94 -96.81
CA LEU Q 574 -14.91 -8.28 -98.09
C LEU Q 574 -15.35 -6.84 -97.99
N LEU Q 575 -16.45 -6.60 -97.26
CA LEU Q 575 -16.92 -5.22 -97.14
C LEU Q 575 -15.94 -4.39 -96.33
N ILE Q 576 -15.40 -4.95 -95.25
CA ILE Q 576 -14.49 -4.18 -94.43
C ILE Q 576 -13.24 -3.83 -95.21
N LYS Q 577 -12.70 -4.83 -95.90
CA LYS Q 577 -11.49 -4.64 -96.69
C LYS Q 577 -11.72 -3.67 -97.82
N SER Q 578 -12.90 -3.72 -98.45
CA SER Q 578 -13.16 -2.81 -99.55
C SER Q 578 -13.22 -1.38 -99.05
N VAL Q 579 -13.80 -1.19 -97.88
CA VAL Q 579 -13.86 0.11 -97.27
C VAL Q 579 -12.43 0.60 -96.97
N ASN Q 580 -11.58 -0.28 -96.44
CA ASN Q 580 -10.22 0.14 -96.14
C ASN Q 580 -9.42 0.52 -97.37
N LEU Q 581 -9.61 -0.23 -98.45
CA LEU Q 581 -8.87 0.08 -99.66
C LEU Q 581 -9.33 1.42 -100.21
N CYS Q 582 -10.62 1.69 -100.10
CA CYS Q 582 -11.15 2.96 -100.54
C CYS Q 582 -10.57 4.11 -99.74
N ASP Q 583 -10.44 3.92 -98.41
CA ASP Q 583 -9.87 4.98 -97.57
C ASP Q 583 -8.42 5.24 -97.89
N ASP Q 584 -7.68 4.18 -98.22
CA ASP Q 584 -6.27 4.38 -98.52
C ASP Q 584 -6.10 5.15 -99.81
N MET Q 585 -6.99 4.91 -100.77
CA MET Q 585 -6.85 5.65 -102.01
C MET Q 585 -7.22 7.12 -101.83
N LEU Q 586 -8.20 7.42 -100.97
CA LEU Q 586 -8.50 8.84 -100.73
C LEU Q 586 -7.34 9.46 -99.97
N ALA Q 587 -6.74 8.69 -99.06
CA ALA Q 587 -5.61 9.17 -98.30
C ALA Q 587 -4.45 9.48 -99.22
N LYS Q 588 -4.25 8.65 -100.24
CA LYS Q 588 -3.19 8.95 -101.18
C LYS Q 588 -3.50 10.26 -101.89
N ARG Q 589 -4.75 10.40 -102.36
CA ARG Q 589 -5.17 11.59 -103.07
C ARG Q 589 -5.00 12.87 -102.23
N SER Q 590 -5.22 12.75 -100.92
CA SER Q 590 -5.10 13.89 -100.00
C SER Q 590 -3.67 14.14 -99.51
N GLY Q 591 -2.70 13.31 -99.91
CA GLY Q 591 -1.33 13.51 -99.46
C GLY Q 591 -0.96 12.89 -98.11
N GLU Q 592 -1.69 11.90 -97.60
CA GLU Q 592 -1.28 11.23 -96.35
C GLU Q 592 0.19 10.81 -96.39
N GLN Q 593 0.90 11.04 -95.29
CA GLN Q 593 2.35 10.83 -95.23
C GLN Q 593 2.72 9.35 -95.40
N PRO Q 594 3.69 9.04 -96.27
CA PRO Q 594 3.96 7.68 -96.72
C PRO Q 594 4.55 6.80 -95.64
N PHE Q 595 4.43 5.48 -95.76
CA PHE Q 595 5.26 4.65 -94.91
C PHE Q 595 6.71 4.79 -95.27
N SER Q 596 7.55 4.89 -94.26
CA SER Q 596 8.96 4.96 -94.48
C SER Q 596 9.70 4.26 -93.37
N VAL Q 597 10.94 3.89 -93.68
CA VAL Q 597 11.81 3.18 -92.75
C VAL Q 597 12.11 4.00 -91.51
N ALA Q 598 11.95 5.31 -91.62
CA ALA Q 598 12.17 6.21 -90.52
C ALA Q 598 11.29 5.89 -89.32
N MET Q 599 10.09 5.33 -89.56
CA MET Q 599 9.19 5.04 -88.44
C MET Q 599 9.44 3.65 -87.88
N LEU Q 600 10.31 2.91 -88.53
CA LEU Q 600 10.62 1.54 -88.18
C LEU Q 600 11.98 1.48 -87.48
N LYS Q 601 12.84 2.45 -87.78
CA LYS Q 601 14.20 2.50 -87.24
C LYS Q 601 14.24 2.98 -85.80
N GLY Q 602 13.72 2.16 -84.91
CA GLY Q 602 13.74 2.52 -83.49
C GLY Q 602 15.18 2.38 -83.02
N THR Q 603 15.60 3.15 -82.04
CA THR Q 603 16.98 3.02 -81.56
C THR Q 603 17.15 1.76 -80.70
N ASP Q 604 16.02 1.22 -80.29
CA ASP Q 604 15.89 0.03 -79.49
C ASP Q 604 15.17 -1.09 -80.27
N GLU Q 605 15.14 -1.01 -81.60
CA GLU Q 605 14.40 -1.93 -82.46
C GLU Q 605 15.18 -2.35 -83.70
N THR Q 606 15.23 -3.64 -83.99
CA THR Q 606 15.84 -4.16 -85.20
C THR Q 606 14.89 -5.15 -85.84
N LEU Q 607 15.20 -5.56 -87.06
CA LEU Q 607 14.36 -6.61 -87.65
C LEU Q 607 15.06 -7.94 -87.69
N ALA Q 608 14.25 -8.99 -87.82
CA ALA Q 608 14.73 -10.37 -87.96
C ALA Q 608 13.71 -11.13 -88.78
N ALA Q 609 14.10 -12.25 -89.38
CA ALA Q 609 13.12 -12.99 -90.19
C ALA Q 609 13.25 -14.49 -90.10
N ARG Q 610 12.15 -15.14 -90.43
CA ARG Q 610 12.12 -16.60 -90.47
C ARG Q 610 11.54 -17.12 -91.77
N LEU Q 611 12.15 -18.19 -92.25
CA LEU Q 611 11.65 -18.86 -93.43
C LEU Q 611 10.92 -20.12 -93.02
N ASN Q 612 9.61 -20.12 -93.26
CA ASN Q 612 8.72 -21.21 -92.91
C ASN Q 612 8.58 -22.18 -94.07
N PHE Q 613 8.91 -23.47 -93.88
CA PHE Q 613 8.78 -24.52 -94.90
C PHE Q 613 7.56 -25.44 -94.75
N THR Q 614 6.54 -25.04 -94.02
CA THR Q 614 5.41 -25.91 -93.68
C THR Q 614 4.60 -26.32 -94.89
N GLY Q 615 4.16 -27.57 -94.93
CA GLY Q 615 3.36 -28.13 -96.03
C GLY Q 615 1.86 -27.82 -95.98
N LYS Q 616 1.45 -26.55 -95.88
CA LYS Q 616 0.02 -26.13 -95.92
C LYS Q 616 -0.23 -24.83 -96.73
N PRO Q 617 -1.37 -24.71 -97.43
CA PRO Q 617 -1.69 -23.58 -98.31
C PRO Q 617 -2.20 -22.34 -97.57
N MET Q 618 -2.27 -21.20 -98.25
CA MET Q 618 -2.91 -20.00 -97.71
C MET Q 618 -4.23 -19.82 -98.39
N HIS Q 619 -5.11 -19.02 -97.82
CA HIS Q 619 -6.35 -18.78 -98.52
C HIS Q 619 -6.51 -17.31 -98.80
N ASP Q 620 -7.18 -17.00 -99.89
CA ASP Q 620 -7.41 -15.62 -100.30
C ASP Q 620 -8.65 -15.07 -99.60
N SER Q 621 -9.07 -13.88 -100.04
CA SER Q 621 -10.15 -13.16 -99.44
C SER Q 621 -11.52 -13.82 -99.52
N LEU Q 622 -11.70 -14.83 -100.39
CA LEU Q 622 -12.98 -15.50 -100.41
C LEU Q 622 -12.83 -16.97 -100.07
N GLY Q 623 -11.73 -17.31 -99.39
CA GLY Q 623 -11.52 -18.69 -98.96
C GLY Q 623 -10.96 -19.67 -100.00
N TYR Q 624 -10.35 -19.18 -101.08
CA TYR Q 624 -9.82 -20.09 -102.09
C TYR Q 624 -8.34 -20.29 -101.84
N PRO Q 625 -7.77 -21.49 -102.11
CA PRO Q 625 -6.38 -21.84 -101.83
C PRO Q 625 -5.35 -21.11 -102.68
N ILE Q 626 -4.20 -20.86 -102.05
CA ILE Q 626 -3.01 -20.26 -102.66
C ILE Q 626 -1.80 -21.18 -102.48
N ARG Q 627 -1.15 -21.54 -103.57
CA ARG Q 627 0.04 -22.37 -103.52
C ARG Q 627 1.26 -21.59 -103.11
N SER Q 628 2.01 -22.13 -102.17
CA SER Q 628 3.33 -21.62 -101.85
C SER Q 628 4.16 -22.72 -101.25
N ASP Q 629 5.47 -22.57 -101.28
CA ASP Q 629 6.33 -23.50 -100.58
C ASP Q 629 6.89 -22.91 -99.32
N ILE Q 630 7.17 -21.60 -99.36
CA ILE Q 630 7.84 -20.93 -98.27
C ILE Q 630 7.14 -19.65 -97.84
N LEU Q 631 6.91 -19.49 -96.55
CA LEU Q 631 6.35 -18.22 -96.10
C LEU Q 631 7.47 -17.44 -95.44
N VAL Q 632 7.72 -16.23 -95.94
CA VAL Q 632 8.78 -15.43 -95.34
C VAL Q 632 8.16 -14.41 -94.42
N SER Q 633 8.46 -14.55 -93.13
CA SER Q 633 7.87 -13.71 -92.10
C SER Q 633 8.88 -12.74 -91.50
N LEU Q 634 8.61 -11.44 -91.64
CA LEU Q 634 9.53 -10.43 -91.13
C LEU Q 634 8.98 -9.84 -89.84
N ASN Q 635 9.77 -9.96 -88.77
CA ASN Q 635 9.40 -9.54 -87.42
C ASN Q 635 10.19 -8.35 -86.84
N ARG Q 636 9.54 -7.64 -85.91
CA ARG Q 636 10.12 -6.51 -85.16
C ARG Q 636 10.66 -6.93 -83.81
N VAL Q 637 11.96 -6.84 -83.63
CA VAL Q 637 12.58 -7.29 -82.41
C VAL Q 637 13.04 -6.13 -81.55
N LYS Q 638 12.55 -6.05 -80.32
CA LYS Q 638 12.98 -4.94 -79.46
C LYS Q 638 13.85 -5.39 -78.31
N LYS Q 639 14.67 -4.45 -77.84
CA LYS Q 639 15.50 -4.69 -76.68
C LYS Q 639 14.61 -4.86 -75.46
N PRO Q 640 14.93 -5.79 -74.53
CA PRO Q 640 14.11 -6.12 -73.37
C PRO Q 640 14.15 -5.11 -72.22
N GLY Q 641 13.72 -3.90 -72.52
CA GLY Q 641 13.60 -2.81 -71.58
C GLY Q 641 12.12 -2.52 -71.44
N GLN Q 642 11.75 -1.25 -71.34
CA GLN Q 642 10.34 -0.94 -71.22
C GLN Q 642 9.73 -1.02 -72.60
N GLN Q 643 8.61 -1.71 -72.71
CA GLN Q 643 7.92 -1.85 -73.99
C GLN Q 643 6.47 -1.46 -73.81
N GLU Q 644 5.84 -0.98 -74.87
CA GLU Q 644 4.43 -0.58 -74.79
C GLU Q 644 3.53 -1.75 -74.41
N ASN Q 645 3.97 -2.95 -74.82
CA ASN Q 645 3.25 -4.18 -74.59
C ASN Q 645 3.23 -4.62 -73.14
N GLU Q 646 3.84 -3.85 -72.24
CA GLU Q 646 3.73 -4.20 -70.83
C GLU Q 646 2.27 -4.13 -70.40
N PHE Q 647 1.44 -3.40 -71.16
CA PHE Q 647 0.03 -3.28 -70.83
C PHE Q 647 -0.88 -4.15 -71.70
N TYR Q 648 -0.31 -4.97 -72.59
CA TYR Q 648 -1.14 -5.76 -73.50
C TYR Q 648 -0.47 -6.97 -74.15
N GLU Q 649 -1.28 -7.92 -74.62
CA GLU Q 649 -0.73 -9.02 -75.39
C GLU Q 649 -0.29 -8.44 -76.72
N ALA Q 650 0.87 -8.86 -77.23
CA ALA Q 650 1.40 -8.23 -78.43
C ALA Q 650 2.13 -9.22 -79.31
N GLU Q 651 2.21 -8.89 -80.59
CA GLU Q 651 2.93 -9.69 -81.58
C GLU Q 651 3.87 -8.79 -82.34
N ASP Q 652 4.94 -9.38 -82.88
CA ASP Q 652 5.96 -8.68 -83.66
C ASP Q 652 5.90 -8.79 -85.18
N LYS Q 653 4.85 -9.34 -85.76
CA LYS Q 653 4.84 -9.47 -87.22
C LYS Q 653 4.69 -8.11 -87.90
N LEU Q 654 5.54 -7.84 -88.89
CA LEU Q 654 5.46 -6.61 -89.66
C LEU Q 654 4.79 -6.88 -91.00
N ASN Q 655 5.30 -7.89 -91.70
CA ASN Q 655 4.74 -8.27 -93.00
C ASN Q 655 5.11 -9.71 -93.39
N GLN Q 656 4.59 -10.13 -94.56
CA GLN Q 656 4.87 -11.47 -95.08
C GLN Q 656 4.79 -11.61 -96.59
N VAL Q 657 5.74 -12.34 -97.17
CA VAL Q 657 5.65 -12.63 -98.61
C VAL Q 657 5.62 -14.15 -98.80
N SER Q 658 4.63 -14.58 -99.56
CA SER Q 658 4.43 -16.00 -99.80
C SER Q 658 4.95 -16.38 -101.17
N CYS Q 659 5.94 -17.29 -101.19
CA CYS Q 659 6.55 -17.69 -102.44
C CYS Q 659 6.46 -19.18 -102.75
N PHE Q 660 6.37 -19.45 -104.03
CA PHE Q 660 6.37 -20.77 -104.64
C PHE Q 660 7.69 -20.99 -105.37
N VAL Q 661 8.28 -22.19 -105.27
CA VAL Q 661 9.52 -22.40 -106.01
C VAL Q 661 9.26 -23.24 -107.25
N ASN Q 662 9.45 -22.62 -108.40
CA ASN Q 662 9.17 -23.24 -109.67
C ASN Q 662 10.46 -23.82 -110.26
N LEU Q 663 10.32 -24.46 -111.43
CA LEU Q 663 11.44 -25.00 -112.21
C LEU Q 663 11.15 -24.85 -113.71
N GLU Q 664 12.01 -24.16 -114.44
CA GLU Q 664 11.84 -23.98 -115.89
C GLU Q 664 12.78 -24.93 -116.61
N TYR Q 665 12.27 -25.72 -117.54
CA TYR Q 665 13.13 -26.66 -118.25
C TYR Q 665 13.73 -25.98 -119.46
N THR Q 666 15.06 -25.91 -119.46
CA THR Q 666 15.81 -25.20 -120.48
C THR Q 666 16.94 -26.07 -121.05
N PRO Q 667 16.64 -27.02 -121.95
CA PRO Q 667 17.58 -27.96 -122.54
C PRO Q 667 18.62 -27.20 -123.36
N GLN Q 668 19.80 -27.77 -123.51
CA GLN Q 668 20.84 -27.16 -124.32
C GLN Q 668 21.36 -28.13 -125.42
N PRO Q 669 20.62 -28.37 -126.58
CA PRO Q 669 20.95 -29.34 -127.64
C PRO Q 669 22.41 -29.27 -128.11
N GLN Q 682 27.74 -28.61 -119.39
CA GLN Q 682 26.48 -27.94 -119.67
C GLN Q 682 25.86 -27.51 -118.33
N LEU Q 683 24.70 -26.81 -118.38
CA LEU Q 683 23.91 -26.38 -117.21
C LEU Q 683 23.03 -27.51 -116.74
N PRO Q 684 22.69 -27.58 -115.46
CA PRO Q 684 21.66 -28.45 -114.96
C PRO Q 684 20.41 -28.01 -115.74
N PRO Q 685 19.63 -28.92 -116.35
CA PRO Q 685 18.43 -28.63 -117.14
C PRO Q 685 17.29 -27.82 -116.51
N LEU Q 686 17.16 -27.79 -115.19
CA LEU Q 686 16.05 -27.01 -114.61
C LEU Q 686 16.51 -25.73 -113.91
N THR Q 687 15.94 -24.61 -114.34
CA THR Q 687 16.25 -23.30 -113.79
C THR Q 687 15.15 -22.91 -112.80
N PRO Q 688 15.43 -22.81 -111.51
CA PRO Q 688 14.45 -22.55 -110.51
C PRO Q 688 13.99 -21.12 -110.55
N ALA Q 689 12.83 -20.87 -109.97
CA ALA Q 689 12.35 -19.51 -109.85
C ALA Q 689 11.59 -19.28 -108.56
N ILE Q 690 11.71 -18.09 -108.04
CA ILE Q 690 10.98 -17.71 -106.84
C ILE Q 690 9.80 -16.90 -107.30
N VAL Q 691 8.62 -17.45 -107.13
CA VAL Q 691 7.43 -16.82 -107.63
C VAL Q 691 6.63 -16.25 -106.49
N ILE Q 692 6.38 -14.96 -106.53
CA ILE Q 692 5.58 -14.40 -105.46
C ILE Q 692 4.13 -14.68 -105.79
N THR Q 693 3.44 -15.36 -104.87
CA THR Q 693 2.05 -15.71 -105.10
C THR Q 693 1.17 -14.80 -104.28
N ASP Q 694 1.74 -14.21 -103.22
CA ASP Q 694 1.01 -13.25 -102.42
C ASP Q 694 1.96 -12.33 -101.62
N VAL Q 695 1.49 -11.11 -101.38
CA VAL Q 695 2.17 -10.11 -100.56
C VAL Q 695 1.20 -9.55 -99.54
N ARG Q 696 1.53 -9.68 -98.26
CA ARG Q 696 0.63 -9.17 -97.23
C ARG Q 696 1.35 -8.35 -96.19
N GLN Q 697 0.58 -7.48 -95.55
CA GLN Q 697 1.07 -6.72 -94.42
C GLN Q 697 0.59 -7.45 -93.20
N ALA Q 698 1.19 -7.21 -92.05
CA ALA Q 698 0.68 -7.84 -90.84
C ALA Q 698 -0.73 -7.36 -90.59
N GLU Q 699 -1.51 -8.18 -89.92
CA GLU Q 699 -2.91 -7.95 -89.61
C GLU Q 699 -3.14 -6.72 -88.74
N TRP Q 700 -2.08 -6.26 -88.11
CA TRP Q 700 -2.08 -5.11 -87.27
C TRP Q 700 -2.21 -3.82 -88.06
N LEU Q 701 -1.78 -3.84 -89.32
CA LEU Q 701 -1.78 -2.65 -90.17
C LEU Q 701 -2.93 -2.63 -91.13
N LYS Q 702 -3.81 -1.64 -90.96
CA LYS Q 702 -4.98 -1.59 -91.82
C LYS Q 702 -4.69 -1.13 -93.26
N ALA Q 703 -3.69 -0.25 -93.43
CA ALA Q 703 -3.34 0.35 -94.72
C ALA Q 703 -2.62 -0.59 -95.69
N ASN Q 704 -2.88 -0.36 -96.98
CA ASN Q 704 -2.20 -1.09 -98.05
C ASN Q 704 -1.73 -0.11 -99.13
N THR Q 705 -0.44 0.21 -99.12
CA THR Q 705 0.13 1.24 -99.99
C THR Q 705 1.31 0.71 -100.77
N MET Q 706 1.78 1.50 -101.76
CA MET Q 706 2.93 1.12 -102.58
C MET Q 706 4.19 0.96 -101.77
N GLU Q 707 4.39 1.83 -100.79
CA GLU Q 707 5.60 1.78 -99.98
C GLU Q 707 5.60 0.50 -99.16
N LEU Q 708 4.45 0.17 -98.60
CA LEU Q 708 4.35 -1.03 -97.79
C LEU Q 708 4.56 -2.29 -98.62
N TYR Q 709 4.03 -2.29 -99.84
CA TYR Q 709 4.15 -3.43 -100.74
C TYR Q 709 5.62 -3.67 -101.07
N LEU Q 710 6.31 -2.59 -101.47
CA LEU Q 710 7.72 -2.64 -101.84
C LEU Q 710 8.62 -3.03 -100.71
N PHE Q 711 8.34 -2.53 -99.52
CA PHE Q 711 9.18 -2.92 -98.40
C PHE Q 711 9.03 -4.43 -98.20
N ALA Q 712 7.78 -4.93 -98.21
CA ALA Q 712 7.51 -6.35 -98.01
C ALA Q 712 8.16 -7.21 -99.09
N LEU Q 713 8.28 -6.73 -100.32
CA LEU Q 713 8.86 -7.55 -101.40
C LEU Q 713 10.31 -7.97 -101.12
N SER Q 714 11.00 -7.25 -100.23
CA SER Q 714 12.40 -7.59 -99.94
C SER Q 714 12.47 -8.96 -99.24
N ASN Q 715 11.31 -9.42 -98.74
CA ASN Q 715 11.20 -10.71 -98.08
C ASN Q 715 11.37 -11.81 -99.11
N ALA Q 716 10.93 -11.59 -100.36
CA ALA Q 716 11.13 -12.64 -101.33
C ALA Q 716 12.60 -12.70 -101.65
N PHE Q 717 13.23 -11.55 -101.73
CA PHE Q 717 14.64 -11.55 -102.10
C PHE Q 717 15.48 -12.43 -101.17
N ARG Q 718 15.23 -12.27 -99.88
CA ARG Q 718 16.00 -12.98 -98.87
C ARG Q 718 15.71 -14.48 -98.76
N VAL Q 719 14.69 -14.97 -99.47
CA VAL Q 719 14.34 -16.40 -99.37
C VAL Q 719 15.44 -17.23 -99.99
N THR Q 720 16.28 -16.59 -100.81
CA THR Q 720 17.34 -17.31 -101.47
C THR Q 720 18.66 -17.18 -100.76
N ALA Q 721 18.63 -16.67 -99.52
CA ALA Q 721 19.89 -16.62 -98.80
C ALA Q 721 20.43 -18.04 -98.74
N ASN Q 722 21.72 -18.18 -98.94
CA ASN Q 722 22.38 -19.48 -98.92
C ASN Q 722 21.67 -20.44 -99.88
N GLN Q 723 21.20 -21.56 -99.38
CA GLN Q 723 20.50 -22.54 -100.20
C GLN Q 723 19.17 -22.85 -99.54
N SER Q 724 18.70 -21.91 -98.73
CA SER Q 724 17.48 -22.15 -97.97
C SER Q 724 16.29 -22.39 -98.87
N TRP Q 725 16.22 -21.67 -99.97
CA TRP Q 725 15.10 -21.80 -100.90
C TRP Q 725 14.94 -23.21 -101.44
N ALA Q 726 16.03 -23.99 -101.48
CA ALA Q 726 16.03 -25.31 -102.10
C ALA Q 726 15.43 -26.36 -101.19
N ARG Q 727 15.10 -25.99 -99.96
CA ARG Q 727 14.50 -26.96 -99.05
C ARG Q 727 13.12 -27.33 -99.57
N SER Q 728 12.55 -26.49 -100.43
CA SER Q 728 11.24 -26.69 -101.03
C SER Q 728 11.25 -27.88 -101.99
N LEU Q 729 12.44 -28.30 -102.39
CA LEU Q 729 12.60 -29.38 -103.32
C LEU Q 729 12.76 -30.73 -102.62
N LEU Q 730 12.79 -30.73 -101.27
CA LEU Q 730 12.93 -31.99 -100.54
C LEU Q 730 11.72 -32.90 -100.68
N PRO Q 731 11.93 -34.21 -100.58
CA PRO Q 731 10.88 -35.12 -100.16
C PRO Q 731 10.49 -34.87 -98.71
N GLN Q 732 9.29 -35.32 -98.33
CA GLN Q 732 8.69 -35.21 -97.00
C GLN Q 732 7.98 -36.52 -96.59
N LEU Q 733 7.67 -36.68 -95.29
CA LEU Q 733 7.30 -37.93 -94.62
C LEU Q 733 6.25 -38.80 -95.33
N GLY Q 734 6.57 -40.10 -95.51
CA GLY Q 734 5.63 -41.21 -95.61
C GLY Q 734 4.69 -41.28 -96.83
N LYS Q 735 4.61 -40.24 -97.66
CA LYS Q 735 3.69 -40.15 -98.82
C LYS Q 735 3.95 -41.26 -99.85
N VAL Q 736 2.94 -42.10 -100.09
CA VAL Q 736 3.05 -43.29 -100.96
C VAL Q 736 3.11 -42.91 -102.44
N LYS Q 737 2.20 -42.05 -102.90
CA LYS Q 737 2.21 -41.43 -104.25
C LYS Q 737 1.72 -40.00 -104.15
N ASP Q 738 2.61 -39.00 -104.22
CA ASP Q 738 2.21 -37.58 -104.19
C ASP Q 738 3.07 -36.70 -105.11
N MET Q 739 2.53 -35.54 -105.49
CA MET Q 739 2.91 -34.81 -106.70
C MET Q 739 4.21 -34.01 -106.70
N ARG Q 740 4.84 -33.54 -105.60
CA ARG Q 740 5.92 -32.57 -105.77
C ARG Q 740 7.25 -33.26 -105.60
N ASP Q 741 7.21 -34.59 -105.60
CA ASP Q 741 8.38 -35.42 -105.41
C ASP Q 741 9.49 -35.13 -106.40
N ILE Q 742 10.66 -34.78 -105.86
CA ILE Q 742 11.84 -34.48 -106.65
C ILE Q 742 12.26 -35.67 -107.45
N GLY Q 743 11.89 -36.85 -107.03
CA GLY Q 743 12.28 -38.04 -107.75
C GLY Q 743 11.75 -38.07 -109.17
N ALA Q 744 10.75 -37.23 -109.47
CA ALA Q 744 10.19 -37.16 -110.80
C ALA Q 744 11.20 -36.58 -111.77
N ILE Q 745 12.18 -35.87 -111.22
CA ILE Q 745 13.21 -35.14 -111.94
C ILE Q 745 14.09 -36.14 -112.70
N GLY Q 746 14.08 -37.40 -112.24
CA GLY Q 746 14.86 -38.46 -112.83
C GLY Q 746 14.33 -38.81 -114.21
N TYR Q 747 13.11 -38.36 -114.54
CA TYR Q 747 12.58 -38.64 -115.85
C TYR Q 747 13.18 -37.70 -116.89
N LEU Q 748 13.65 -36.52 -116.47
CA LEU Q 748 14.23 -35.58 -117.41
C LEU Q 748 15.75 -35.75 -117.43
N SER Q 749 16.30 -36.25 -116.32
CA SER Q 749 17.73 -36.47 -116.19
C SER Q 749 18.08 -37.73 -116.96
N ARG Q 750 19.37 -38.03 -117.03
CA ARG Q 750 19.88 -39.21 -117.72
C ARG Q 750 19.21 -40.52 -117.30
N LEU Q 751 18.70 -40.59 -116.08
CA LEU Q 751 18.10 -41.82 -115.59
C LEU Q 751 16.87 -42.24 -116.37
N ALA Q 752 16.09 -41.27 -116.86
CA ALA Q 752 14.83 -41.54 -117.55
C ALA Q 752 13.95 -42.45 -116.67
N ALA Q 753 13.95 -42.18 -115.38
CA ALA Q 753 13.22 -42.98 -114.42
C ALA Q 753 12.92 -42.19 -113.16
N ARG Q 754 11.92 -42.61 -112.42
CA ARG Q 754 11.70 -41.94 -111.16
C ARG Q 754 12.78 -42.41 -110.20
N VAL Q 755 13.29 -41.49 -109.43
CA VAL Q 755 14.31 -41.78 -108.44
C VAL Q 755 13.61 -42.33 -107.22
N GLU Q 756 14.15 -43.38 -106.62
CA GLU Q 756 13.52 -43.90 -105.43
C GLU Q 756 13.88 -42.99 -104.27
N THR Q 757 13.02 -41.99 -104.04
CA THR Q 757 13.26 -40.94 -103.04
C THR Q 757 12.45 -41.02 -101.76
N LYS Q 758 11.34 -41.74 -101.77
CA LYS Q 758 10.43 -41.75 -100.62
C LYS Q 758 10.75 -42.83 -99.60
N THR Q 759 11.78 -43.62 -99.86
CA THR Q 759 12.05 -44.79 -99.04
C THR Q 759 13.22 -44.53 -98.10
N GLU Q 760 13.42 -45.46 -97.18
CA GLU Q 760 14.47 -45.42 -96.18
C GLU Q 760 15.88 -45.57 -96.76
N THR Q 761 15.98 -45.94 -98.03
CA THR Q 761 17.28 -46.15 -98.63
C THR Q 761 17.76 -44.91 -99.39
N PHE Q 762 16.94 -43.85 -99.42
CA PHE Q 762 17.36 -42.62 -100.09
C PHE Q 762 18.05 -41.73 -99.08
N THR Q 763 19.23 -41.27 -99.41
CA THR Q 763 20.04 -40.47 -98.49
C THR Q 763 20.00 -38.98 -98.79
N ASP Q 764 20.49 -38.20 -97.83
CA ASP Q 764 20.63 -36.76 -97.95
C ASP Q 764 21.63 -36.45 -99.08
N GLN Q 765 22.66 -37.29 -99.17
CA GLN Q 765 23.66 -37.14 -100.19
C GLN Q 765 23.06 -37.36 -101.56
N ASN Q 766 22.14 -38.32 -101.67
CA ASN Q 766 21.57 -38.57 -102.98
C ASN Q 766 20.69 -37.40 -103.38
N PHE Q 767 20.00 -36.81 -102.39
CA PHE Q 767 19.17 -35.64 -102.66
C PHE Q 767 20.01 -34.51 -103.20
N ALA Q 768 21.13 -34.23 -102.50
CA ALA Q 768 21.99 -33.14 -102.91
C ALA Q 768 22.50 -33.35 -104.32
N GLU Q 769 22.80 -34.60 -104.67
CA GLU Q 769 23.27 -34.92 -106.01
C GLU Q 769 22.21 -34.69 -107.07
N LEU Q 770 20.92 -34.96 -106.74
CA LEU Q 770 19.91 -34.72 -107.75
C LEU Q 770 19.90 -33.23 -108.05
N LEU Q 771 19.98 -32.41 -106.99
CA LEU Q 771 20.04 -30.98 -107.26
C LEU Q 771 21.33 -30.55 -107.96
N TYR Q 772 22.46 -31.13 -107.61
CA TYR Q 772 23.70 -30.69 -108.24
C TYR Q 772 23.67 -30.89 -109.74
N ASN Q 773 23.10 -32.01 -110.18
CA ASN Q 773 23.05 -32.28 -111.60
C ASN Q 773 21.84 -31.72 -112.33
N MET Q 774 20.68 -31.62 -111.68
CA MET Q 774 19.46 -31.14 -112.34
C MET Q 774 18.99 -29.71 -112.09
N VAL Q 775 19.38 -29.08 -110.97
CA VAL Q 775 18.84 -27.75 -110.66
C VAL Q 775 19.92 -26.67 -110.53
N ARG Q 776 19.76 -25.60 -111.29
CA ARG Q 776 20.73 -24.51 -111.23
C ARG Q 776 20.61 -23.84 -109.85
N PRO Q 777 21.71 -23.54 -109.16
CA PRO Q 777 21.77 -22.97 -107.82
C PRO Q 777 21.22 -21.55 -107.62
N SER Q 778 21.03 -20.79 -108.69
CA SER Q 778 20.56 -19.41 -108.58
C SER Q 778 19.23 -19.22 -109.33
N PRO Q 779 18.09 -19.08 -108.62
CA PRO Q 779 16.76 -18.95 -109.16
C PRO Q 779 16.46 -17.57 -109.72
N VAL Q 780 15.48 -17.55 -110.60
CA VAL Q 780 14.92 -16.33 -111.17
C VAL Q 780 13.78 -15.77 -110.33
N PHE Q 781 13.80 -14.48 -110.01
CA PHE Q 781 12.68 -13.92 -109.26
C PHE Q 781 11.58 -13.44 -110.19
N MET Q 782 10.33 -13.74 -109.84
CA MET Q 782 9.18 -13.33 -110.62
C MET Q 782 7.92 -13.24 -109.76
N SER Q 783 6.84 -12.69 -110.32
CA SER Q 783 5.60 -12.55 -109.57
C SER Q 783 4.33 -12.61 -110.40
N ASP Q 784 3.25 -12.96 -109.68
CA ASP Q 784 1.91 -13.00 -110.26
C ASP Q 784 1.07 -11.79 -109.84
N LEU Q 785 0.71 -10.95 -110.81
CA LEU Q 785 -0.03 -9.71 -110.54
C LEU Q 785 -1.51 -9.84 -110.93
N ASN Q 786 -2.39 -9.79 -109.92
CA ASN Q 786 -3.81 -10.05 -110.16
C ASN Q 786 -4.64 -8.76 -110.16
N ARG Q 787 -5.17 -8.42 -111.32
CA ARG Q 787 -5.92 -7.17 -111.51
C ARG Q 787 -7.12 -7.02 -110.61
N PHE Q 788 -7.63 -8.17 -110.16
CA PHE Q 788 -8.79 -8.28 -109.29
C PHE Q 788 -8.45 -8.75 -107.87
N GLY Q 789 -7.17 -8.73 -107.48
CA GLY Q 789 -6.82 -9.16 -106.13
C GLY Q 789 -6.94 -8.00 -105.13
N ASP Q 790 -6.70 -8.26 -103.84
CA ASP Q 790 -6.83 -7.20 -102.84
C ASP Q 790 -5.76 -6.13 -102.95
N ASN Q 791 -4.67 -6.47 -103.61
CA ASN Q 791 -3.57 -5.55 -103.80
C ASN Q 791 -3.64 -4.96 -105.19
N ALA Q 792 -4.77 -5.14 -105.89
CA ALA Q 792 -4.89 -4.71 -107.29
C ALA Q 792 -4.57 -3.25 -107.50
N ALA Q 793 -4.90 -2.39 -106.56
CA ALA Q 793 -4.59 -0.99 -106.78
C ALA Q 793 -3.09 -0.79 -107.03
N ILE Q 794 -2.27 -1.60 -106.38
CA ILE Q 794 -0.82 -1.52 -106.46
C ILE Q 794 -0.29 -2.44 -107.56
N GLU Q 795 -0.80 -3.67 -107.61
CA GLU Q 795 -0.33 -4.66 -108.56
C GLU Q 795 -0.58 -4.21 -109.99
N ASN Q 796 -1.64 -3.43 -110.19
CA ASN Q 796 -1.96 -2.89 -111.51
C ASN Q 796 -0.94 -1.87 -111.96
N VAL Q 797 -0.20 -1.26 -111.02
CA VAL Q 797 0.80 -0.29 -111.37
C VAL Q 797 1.96 -1.09 -111.89
N PHE Q 798 2.27 -2.19 -111.17
CA PHE Q 798 3.34 -3.06 -111.58
C PHE Q 798 3.03 -3.70 -112.92
N ILE Q 799 1.75 -3.99 -113.20
CA ILE Q 799 1.43 -4.51 -114.52
C ILE Q 799 1.69 -3.41 -115.54
N ASP Q 800 1.24 -2.18 -115.29
CA ASP Q 800 1.45 -1.10 -116.27
C ASP Q 800 2.91 -0.73 -116.44
N ALA Q 801 3.75 -1.03 -115.45
CA ALA Q 801 5.18 -0.78 -115.56
C ALA Q 801 5.80 -1.61 -116.70
N LEU Q 802 5.08 -2.62 -117.18
CA LEU Q 802 5.49 -3.50 -118.26
C LEU Q 802 5.32 -2.90 -119.66
N GLY Q 803 4.50 -1.85 -119.83
CA GLY Q 803 4.28 -1.31 -121.16
C GLY Q 803 3.02 -0.45 -121.24
N GLY Q 804 2.61 -0.08 -122.44
CA GLY Q 804 1.40 0.71 -122.59
C GLY Q 804 1.61 2.22 -122.49
N VAL Q 805 0.50 2.95 -122.55
CA VAL Q 805 0.51 4.41 -122.59
C VAL Q 805 1.10 5.06 -121.35
N ASN Q 806 0.95 4.41 -120.21
CA ASN Q 806 1.47 4.95 -118.98
C ASN Q 806 2.66 4.17 -118.46
N GLN Q 807 3.41 3.46 -119.31
CA GLN Q 807 4.50 2.69 -118.72
C GLN Q 807 5.46 3.50 -117.88
N GLN Q 808 5.86 4.68 -118.36
CA GLN Q 808 6.85 5.45 -117.63
C GLN Q 808 6.25 6.08 -116.38
N ARG Q 809 4.93 6.17 -116.34
CA ARG Q 809 4.25 6.78 -115.22
C ARG Q 809 4.06 5.73 -114.14
N ALA Q 810 3.83 4.49 -114.58
CA ALA Q 810 3.70 3.36 -113.66
C ALA Q 810 5.05 3.16 -112.99
N VAL Q 811 6.11 3.25 -113.80
CA VAL Q 811 7.45 3.20 -113.23
C VAL Q 811 7.67 4.35 -112.29
N ALA Q 812 7.30 5.57 -112.67
CA ALA Q 812 7.53 6.67 -111.74
C ALA Q 812 6.84 6.43 -110.40
N ALA Q 813 5.63 5.86 -110.41
CA ALA Q 813 4.90 5.58 -109.17
C ALA Q 813 5.62 4.58 -108.27
N ILE Q 814 6.22 3.56 -108.89
CA ILE Q 814 6.92 2.51 -108.14
C ILE Q 814 8.24 3.02 -107.61
N ILE Q 815 8.98 3.73 -108.46
CA ILE Q 815 10.27 4.25 -108.07
C ILE Q 815 10.09 5.28 -106.98
N ALA Q 816 9.05 6.12 -107.10
CA ALA Q 816 8.75 7.05 -106.05
C ALA Q 816 8.43 6.32 -104.76
N GLY Q 817 7.69 5.20 -104.85
CA GLY Q 817 7.39 4.44 -103.64
C GLY Q 817 8.67 3.92 -102.97
N VAL Q 818 9.64 3.50 -103.79
CA VAL Q 818 10.86 3.00 -103.16
C VAL Q 818 11.56 4.17 -102.49
N ASN Q 819 11.63 5.30 -103.21
CA ASN Q 819 12.28 6.47 -102.66
C ASN Q 819 11.57 7.03 -101.44
N ASN Q 820 10.25 6.85 -101.35
CA ASN Q 820 9.56 7.32 -100.18
C ASN Q 820 10.00 6.47 -98.99
N LEU Q 821 10.21 5.16 -99.25
CA LEU Q 821 10.68 4.31 -98.17
C LEU Q 821 12.04 4.67 -97.65
N ILE Q 822 12.95 5.01 -98.57
CA ILE Q 822 14.34 5.26 -98.17
C ILE Q 822 14.82 6.71 -98.11
N GLY Q 823 14.01 7.71 -98.52
CA GLY Q 823 14.48 9.10 -98.49
C GLY Q 823 15.30 9.47 -99.73
N GLY Q 824 15.01 8.78 -100.83
CA GLY Q 824 15.71 8.99 -102.10
C GLY Q 824 16.91 8.06 -102.29
N GLY Q 825 17.43 8.00 -103.53
CA GLY Q 825 18.61 7.18 -103.79
C GLY Q 825 18.39 5.79 -104.40
N PHE Q 826 17.16 5.40 -104.76
CA PHE Q 826 16.99 4.08 -105.35
C PHE Q 826 17.78 3.98 -106.63
N GLU Q 827 17.79 5.10 -107.35
CA GLU Q 827 18.45 5.33 -108.62
C GLU Q 827 19.95 5.09 -108.57
N LYS Q 828 20.53 5.01 -107.38
CA LYS Q 828 21.95 4.77 -107.22
C LYS Q 828 22.25 3.28 -107.23
N PHE Q 829 21.19 2.47 -107.11
CA PHE Q 829 21.29 1.02 -107.06
C PHE Q 829 20.64 0.42 -108.32
N PHE Q 830 19.63 1.12 -108.85
CA PHE Q 830 18.88 0.72 -110.04
C PHE Q 830 18.44 1.92 -110.85
N ASP Q 831 19.02 2.08 -112.02
CA ASP Q 831 18.61 3.19 -112.86
C ASP Q 831 17.37 2.84 -113.66
N HIS Q 832 16.24 3.42 -113.28
CA HIS Q 832 14.95 3.13 -113.89
C HIS Q 832 14.81 3.78 -115.26
N ASN Q 833 15.77 4.62 -115.62
CA ASN Q 833 15.75 5.22 -116.94
C ASN Q 833 16.57 4.40 -117.92
N THR Q 834 17.14 3.29 -117.43
CA THR Q 834 17.92 2.37 -118.24
C THR Q 834 17.29 0.98 -118.24
N MET Q 835 16.72 0.60 -117.10
CA MET Q 835 16.18 -0.75 -116.93
C MET Q 835 14.72 -0.74 -116.48
N PRO Q 836 13.89 -1.71 -116.95
CA PRO Q 836 12.52 -1.93 -116.55
C PRO Q 836 12.48 -2.50 -115.15
N ILE Q 837 11.40 -2.24 -114.42
CA ILE Q 837 11.23 -2.83 -113.09
C ILE Q 837 10.92 -4.32 -113.21
N ILE Q 838 9.99 -4.64 -114.10
CA ILE Q 838 9.55 -6.00 -114.38
C ILE Q 838 9.60 -6.22 -115.89
N GLN Q 839 10.11 -7.35 -116.34
CA GLN Q 839 10.09 -7.66 -117.76
C GLN Q 839 8.87 -8.55 -117.97
N PRO Q 840 8.10 -8.45 -119.06
CA PRO Q 840 6.95 -9.30 -119.31
C PRO Q 840 7.38 -10.76 -119.35
N TYR Q 841 6.58 -11.65 -118.74
CA TYR Q 841 6.89 -13.09 -118.81
C TYR Q 841 6.67 -13.64 -120.20
N GLY Q 842 5.55 -13.24 -120.81
CA GLY Q 842 5.12 -13.73 -122.12
C GLY Q 842 3.77 -14.41 -121.94
N THR Q 843 3.83 -15.67 -121.56
CA THR Q 843 2.65 -16.48 -121.27
C THR Q 843 1.92 -15.87 -120.05
N ASP Q 844 0.58 -15.79 -120.10
CA ASP Q 844 -0.18 -15.24 -118.97
C ASP Q 844 -0.39 -16.30 -117.91
N ILE Q 845 -1.16 -15.97 -116.87
CA ILE Q 845 -1.34 -16.92 -115.81
C ILE Q 845 -2.70 -17.54 -115.85
N GLN Q 846 -2.71 -18.86 -115.91
CA GLN Q 846 -3.93 -19.61 -115.82
C GLN Q 846 -4.07 -19.97 -114.35
N LEU Q 847 -5.18 -19.59 -113.75
CA LEU Q 847 -5.43 -19.79 -112.32
C LEU Q 847 -6.65 -20.64 -112.12
N GLY Q 848 -6.76 -21.24 -110.96
CA GLY Q 848 -7.92 -22.04 -110.66
C GLY Q 848 -7.67 -23.00 -109.53
N TYR Q 849 -8.67 -23.81 -109.23
CA TYR Q 849 -8.55 -24.80 -108.17
C TYR Q 849 -9.30 -26.06 -108.58
N TYR Q 850 -8.90 -27.12 -107.92
CA TYR Q 850 -9.44 -28.44 -108.15
C TYR Q 850 -9.66 -29.08 -106.81
N LEU Q 851 -10.39 -30.19 -106.78
CA LEU Q 851 -10.56 -30.85 -105.50
C LEU Q 851 -9.68 -32.07 -105.33
N ASP Q 852 -9.20 -32.27 -104.12
CA ASP Q 852 -8.39 -33.45 -103.83
C ASP Q 852 -9.27 -34.65 -103.48
N GLY Q 853 -8.65 -35.76 -103.07
CA GLY Q 853 -9.39 -36.99 -102.81
C GLY Q 853 -10.40 -36.94 -101.66
N GLU Q 854 -10.28 -35.93 -100.78
CA GLU Q 854 -11.19 -35.77 -99.66
C GLU Q 854 -12.21 -34.67 -99.97
N GLY Q 855 -12.11 -34.10 -101.17
CA GLY Q 855 -12.97 -33.02 -101.60
C GLY Q 855 -12.52 -31.62 -101.15
N GLU Q 856 -11.24 -31.47 -100.74
CA GLU Q 856 -10.79 -30.16 -100.30
C GLU Q 856 -10.28 -29.36 -101.48
N LYS Q 857 -10.33 -28.04 -101.39
CA LYS Q 857 -9.84 -27.23 -102.48
C LYS Q 857 -8.32 -27.17 -102.50
N GLN Q 858 -7.75 -27.31 -103.69
CA GLN Q 858 -6.31 -27.19 -103.89
C GLN Q 858 -5.99 -26.31 -105.09
N ASP Q 859 -4.90 -25.59 -105.01
CA ASP Q 859 -4.42 -24.69 -106.06
C ASP Q 859 -3.93 -25.45 -107.30
N ARG Q 860 -4.44 -25.10 -108.50
CA ARG Q 860 -4.05 -25.85 -109.71
C ARG Q 860 -2.56 -25.74 -110.03
N ARG Q 861 -1.87 -24.80 -109.37
CA ARG Q 861 -0.43 -24.57 -109.52
C ARG Q 861 0.38 -25.79 -109.06
N ASP Q 862 -0.28 -26.75 -108.40
CA ASP Q 862 0.36 -27.99 -107.99
C ASP Q 862 0.95 -28.73 -109.18
N LEU Q 863 0.34 -28.62 -110.38
CA LEU Q 863 0.95 -29.32 -111.51
C LEU Q 863 2.01 -28.50 -112.21
N ASP Q 864 3.15 -28.43 -111.52
CA ASP Q 864 4.38 -27.77 -111.91
C ASP Q 864 5.22 -28.83 -112.62
N VAL Q 865 6.52 -28.59 -112.84
CA VAL Q 865 7.25 -29.60 -113.57
C VAL Q 865 7.26 -30.97 -112.90
N LEU Q 866 7.53 -31.03 -111.60
CA LEU Q 866 7.57 -32.33 -110.95
C LEU Q 866 6.19 -32.95 -110.95
N GLY Q 867 5.18 -32.10 -110.78
CA GLY Q 867 3.79 -32.51 -110.74
C GLY Q 867 3.38 -33.20 -112.02
N ALA Q 868 3.62 -32.55 -113.16
CA ALA Q 868 3.28 -33.12 -114.45
C ALA Q 868 4.10 -34.38 -114.74
N LEU Q 869 5.38 -34.40 -114.31
CA LEU Q 869 6.21 -35.60 -114.54
C LEU Q 869 5.63 -36.79 -113.78
N ASN Q 870 5.12 -36.52 -112.56
CA ASN Q 870 4.50 -37.58 -111.79
C ASN Q 870 3.13 -37.95 -112.37
N ALA Q 871 2.38 -36.95 -112.84
CA ALA Q 871 1.03 -37.19 -113.36
C ALA Q 871 1.02 -38.08 -114.59
N SER Q 872 2.04 -37.92 -115.43
CA SER Q 872 2.16 -38.70 -116.66
C SER Q 872 2.91 -40.01 -116.43
N ASP Q 873 3.36 -40.25 -115.19
CA ASP Q 873 4.14 -41.42 -114.81
C ASP Q 873 5.36 -41.61 -115.71
N GLY Q 874 6.06 -40.51 -116.00
CA GLY Q 874 7.23 -40.62 -116.84
C GLY Q 874 7.00 -40.53 -118.33
N ASN Q 875 5.77 -40.37 -118.76
CA ASN Q 875 5.60 -40.28 -120.19
C ASN Q 875 5.98 -38.87 -120.58
N ILE Q 876 7.22 -38.77 -121.05
CA ILE Q 876 7.80 -37.51 -121.45
C ILE Q 876 7.11 -36.95 -122.66
N GLN Q 877 6.69 -37.77 -123.59
CA GLN Q 877 6.03 -37.14 -124.73
C GLN Q 877 4.79 -36.39 -124.24
N GLU Q 878 4.07 -36.94 -123.25
CA GLU Q 878 2.90 -36.24 -122.69
C GLU Q 878 3.35 -35.02 -121.88
N TRP Q 879 4.45 -35.18 -121.13
CA TRP Q 879 4.98 -34.11 -120.31
C TRP Q 879 5.39 -32.93 -121.15
N MET Q 880 6.07 -33.19 -122.25
CA MET Q 880 6.57 -32.17 -123.13
C MET Q 880 5.45 -31.48 -123.84
N SER Q 881 4.38 -32.21 -124.15
CA SER Q 881 3.25 -31.55 -124.78
C SER Q 881 2.65 -30.57 -123.77
N TRP Q 882 2.55 -31.02 -122.51
CA TRP Q 882 2.07 -30.19 -121.42
C TRP Q 882 2.93 -28.97 -121.20
N TYR Q 883 4.23 -29.20 -121.16
CA TYR Q 883 5.19 -28.17 -120.90
C TYR Q 883 5.12 -27.11 -122.00
N GLY Q 884 5.18 -27.54 -123.26
CA GLY Q 884 5.16 -26.64 -124.42
C GLY Q 884 3.91 -25.78 -124.45
N THR Q 885 2.80 -26.33 -123.95
CA THR Q 885 1.54 -25.62 -123.91
C THR Q 885 1.66 -24.22 -123.28
N GLN Q 886 2.46 -24.07 -122.22
CA GLN Q 886 2.58 -22.76 -121.57
C GLN Q 886 3.94 -22.08 -121.81
N CYS Q 887 4.73 -22.63 -122.73
CA CYS Q 887 6.06 -22.08 -123.00
C CYS Q 887 6.17 -21.50 -124.41
N ASN Q 888 5.49 -22.11 -125.37
CA ASN Q 888 5.64 -21.56 -126.70
C ASN Q 888 4.66 -20.41 -126.85
N VAL Q 889 5.19 -19.22 -126.69
CA VAL Q 889 4.40 -17.99 -126.71
C VAL Q 889 3.76 -17.72 -128.08
N ALA Q 890 4.25 -18.39 -129.11
CA ALA Q 890 3.72 -18.24 -130.46
C ALA Q 890 2.36 -18.90 -130.64
N VAL Q 891 1.98 -19.77 -129.71
CA VAL Q 891 0.71 -20.48 -129.80
C VAL Q 891 -0.40 -19.56 -129.35
N HIS Q 892 -1.46 -19.42 -130.12
CA HIS Q 892 -2.51 -18.51 -129.68
C HIS Q 892 -2.94 -18.92 -128.27
N PRO Q 893 -3.12 -17.97 -127.31
CA PRO Q 893 -3.47 -18.23 -125.94
C PRO Q 893 -4.75 -19.02 -125.73
N GLU Q 894 -5.68 -19.00 -126.67
CA GLU Q 894 -6.88 -19.77 -126.46
C GLU Q 894 -6.55 -21.24 -126.55
N LEU Q 895 -5.62 -21.58 -127.44
CA LEU Q 895 -5.25 -22.95 -127.65
C LEU Q 895 -4.45 -23.36 -126.46
N ARG Q 896 -3.64 -22.44 -125.95
CA ARG Q 896 -2.82 -22.80 -124.81
C ARG Q 896 -3.73 -23.14 -123.63
N ALA Q 897 -4.77 -22.33 -123.44
CA ALA Q 897 -5.68 -22.56 -122.31
C ALA Q 897 -6.49 -23.84 -122.48
N ARG Q 898 -6.96 -24.13 -123.70
CA ARG Q 898 -7.75 -25.34 -123.88
C ARG Q 898 -6.92 -26.58 -123.64
N GLN Q 899 -5.69 -26.56 -124.16
CA GLN Q 899 -4.80 -27.69 -124.02
C GLN Q 899 -4.45 -27.90 -122.57
N SER Q 900 -4.25 -26.79 -121.82
CA SER Q 900 -3.92 -26.92 -120.42
C SER Q 900 -5.06 -27.51 -119.63
N LYS Q 901 -6.28 -27.09 -119.96
CA LYS Q 901 -7.44 -27.62 -119.27
C LYS Q 901 -7.57 -29.10 -119.54
N ASN Q 902 -7.26 -29.52 -120.78
CA ASN Q 902 -7.34 -30.93 -121.10
C ASN Q 902 -6.34 -31.71 -120.27
N PHE Q 903 -5.13 -31.15 -120.10
CA PHE Q 903 -4.11 -31.84 -119.31
C PHE Q 903 -4.46 -31.89 -117.84
N ASP Q 904 -5.03 -30.81 -117.29
CA ASP Q 904 -5.37 -30.83 -115.89
C ASP Q 904 -6.45 -31.85 -115.64
N ARG Q 905 -7.41 -31.97 -116.55
CA ARG Q 905 -8.42 -32.97 -116.26
C ARG Q 905 -7.82 -34.38 -116.31
N GLN Q 906 -6.92 -34.62 -117.27
CA GLN Q 906 -6.29 -35.95 -117.39
C GLN Q 906 -5.40 -36.29 -116.21
N TYR Q 907 -4.59 -35.34 -115.85
CA TYR Q 907 -3.66 -35.31 -114.73
C TYR Q 907 -4.24 -35.21 -113.30
N LEU Q 908 -5.47 -34.70 -113.10
CA LEU Q 908 -6.15 -34.60 -111.83
C LEU Q 908 -7.38 -35.50 -111.64
N GLY Q 909 -7.90 -36.15 -112.70
CA GLY Q 909 -9.09 -37.00 -112.54
C GLY Q 909 -10.42 -36.24 -112.64
N ASN Q 910 -10.45 -35.24 -113.52
CA ASN Q 910 -11.63 -34.39 -113.76
C ASN Q 910 -12.11 -33.69 -112.49
N SER Q 911 -11.16 -33.22 -111.68
CA SER Q 911 -11.46 -32.55 -110.42
C SER Q 911 -11.36 -31.04 -110.48
N VAL Q 912 -11.13 -30.48 -111.66
CA VAL Q 912 -11.02 -29.04 -111.79
C VAL Q 912 -12.39 -28.43 -111.73
N THR Q 913 -12.51 -27.31 -111.05
CA THR Q 913 -13.51 -26.29 -111.08
C THR Q 913 -12.85 -24.96 -111.49
N TYR Q 914 -12.87 -24.57 -112.74
CA TYR Q 914 -12.10 -23.47 -113.31
C TYR Q 914 -12.54 -22.12 -112.71
N THR Q 915 -11.62 -21.15 -112.57
CA THR Q 915 -11.93 -19.88 -111.89
C THR Q 915 -11.45 -18.60 -112.60
N THR Q 916 -10.15 -18.40 -112.89
CA THR Q 916 -9.68 -17.02 -113.25
C THR Q 916 -8.33 -16.91 -114.00
N ARG Q 917 -7.94 -15.64 -114.23
CA ARG Q 917 -6.78 -15.07 -114.95
C ARG Q 917 -5.98 -14.00 -114.19
N ALA Q 918 -4.66 -13.96 -114.46
CA ALA Q 918 -3.74 -12.94 -113.91
C ALA Q 918 -2.54 -12.73 -114.86
N HIS Q 919 -1.78 -11.66 -114.64
CA HIS Q 919 -0.61 -11.37 -115.48
C HIS Q 919 0.71 -11.80 -114.84
N ARG Q 920 1.67 -12.23 -115.63
CA ARG Q 920 2.94 -12.61 -115.02
C ARG Q 920 4.09 -11.80 -115.55
N GLY Q 921 5.00 -11.48 -114.66
CA GLY Q 921 6.21 -10.80 -115.06
C GLY Q 921 7.40 -11.31 -114.28
N ILE Q 922 8.57 -11.03 -114.81
CA ILE Q 922 9.84 -11.45 -114.26
C ILE Q 922 10.50 -10.25 -113.65
N TRP Q 923 10.91 -10.32 -112.40
CA TRP Q 923 11.45 -9.11 -111.84
C TRP Q 923 12.79 -8.85 -112.43
N ASN Q 924 13.07 -7.59 -112.75
CA ASN Q 924 14.39 -7.29 -113.22
C ASN Q 924 15.29 -7.65 -112.06
N PRO Q 925 16.26 -8.57 -112.20
CA PRO Q 925 17.12 -8.99 -111.13
C PRO Q 925 17.75 -7.79 -110.43
N LYS Q 926 18.00 -6.72 -111.18
CA LYS Q 926 18.60 -5.54 -110.60
C LYS Q 926 17.62 -4.73 -109.79
N PHE Q 927 16.33 -4.74 -110.14
CA PHE Q 927 15.36 -3.96 -109.38
C PHE Q 927 15.27 -4.52 -107.98
N ILE Q 928 15.12 -5.83 -107.91
CA ILE Q 928 14.97 -6.48 -106.61
C ILE Q 928 16.25 -6.47 -105.79
N GLU Q 929 17.40 -6.75 -106.40
CA GLU Q 929 18.61 -6.69 -105.64
C GLU Q 929 18.81 -5.27 -105.12
N ALA Q 930 18.56 -4.29 -105.98
CA ALA Q 930 18.66 -2.89 -105.64
C ALA Q 930 17.66 -2.50 -104.58
N LEU Q 931 16.47 -3.09 -104.59
CA LEU Q 931 15.48 -2.72 -103.60
C LEU Q 931 16.00 -3.09 -102.23
N ASP Q 932 16.56 -4.30 -102.11
CA ASP Q 932 17.07 -4.73 -100.82
C ASP Q 932 18.31 -3.92 -100.42
N LYS Q 933 19.22 -3.65 -101.38
CA LYS Q 933 20.42 -2.89 -101.04
C LYS Q 933 20.11 -1.44 -100.74
N ALA Q 934 19.18 -0.85 -101.49
CA ALA Q 934 18.84 0.53 -101.32
C ALA Q 934 18.23 0.79 -99.96
N ILE Q 935 17.39 -0.14 -99.52
CA ILE Q 935 16.89 -0.05 -98.15
C ILE Q 935 17.98 -0.28 -97.14
N ALA Q 936 18.79 -1.33 -97.32
CA ALA Q 936 19.82 -1.62 -96.34
C ALA Q 936 20.85 -0.48 -96.17
N SER Q 937 21.13 0.21 -97.27
CA SER Q 937 22.12 1.28 -97.35
C SER Q 937 21.73 2.53 -96.60
N VAL Q 938 20.56 2.48 -95.96
CA VAL Q 938 20.15 3.22 -94.75
C VAL Q 938 19.58 2.21 -93.71
N GLY Q 939 19.55 2.51 -92.42
CA GLY Q 939 18.58 1.94 -91.56
C GLY Q 939 18.92 0.54 -91.11
N LEU Q 940 18.00 -0.05 -90.33
CA LEU Q 940 18.05 -1.43 -89.82
C LEU Q 940 18.28 -2.44 -90.94
N THR Q 941 19.31 -3.26 -90.83
CA THR Q 941 19.33 -4.51 -91.63
C THR Q 941 18.62 -5.65 -90.91
N VAL Q 942 17.98 -6.55 -91.68
CA VAL Q 942 17.30 -7.73 -91.14
C VAL Q 942 18.30 -8.77 -90.65
N ALA Q 943 18.14 -9.27 -89.42
CA ALA Q 943 18.89 -10.40 -88.91
C ALA Q 943 18.38 -11.72 -89.54
N MET Q 944 19.29 -12.44 -90.22
CA MET Q 944 19.04 -13.69 -90.94
C MET Q 944 18.99 -14.91 -89.99
N ASP Q 945 18.18 -14.82 -88.93
CA ASP Q 945 18.06 -15.82 -87.87
C ASP Q 945 17.48 -17.18 -88.34
N ASN Q 946 17.60 -18.19 -87.46
CA ASN Q 946 17.12 -19.57 -87.67
C ASN Q 946 17.69 -20.23 -88.95
N VAL Q 947 19.01 -20.14 -89.12
CA VAL Q 947 19.73 -20.67 -90.29
C VAL Q 947 19.58 -22.19 -90.43
N ALA Q 948 19.65 -22.94 -89.36
CA ALA Q 948 19.12 -24.26 -89.10
C ALA Q 948 19.48 -25.42 -90.07
N GLN Q 949 20.74 -25.55 -90.53
CA GLN Q 949 21.22 -26.81 -91.13
C GLN Q 949 21.68 -27.77 -90.04
N ALA R 413 80.83 -0.20 92.27
CA ALA R 413 79.90 -1.29 92.00
C ALA R 413 78.51 -0.86 92.47
N GLY R 414 78.38 -0.44 93.76
CA GLY R 414 77.13 0.07 94.36
C GLY R 414 76.86 1.47 93.81
N ASN R 415 77.89 2.06 93.21
CA ASN R 415 77.76 3.38 92.64
C ASN R 415 77.25 3.27 91.22
N LEU R 416 77.02 2.04 90.75
CA LEU R 416 76.49 1.87 89.43
C LEU R 416 75.00 1.95 89.52
N ASN R 417 74.47 2.15 90.73
CA ASN R 417 73.05 2.34 90.87
C ASN R 417 72.69 3.64 90.15
N SER R 418 73.69 4.55 90.01
CA SER R 418 73.50 5.80 89.30
C SER R 418 73.25 5.63 87.81
N ILE R 419 73.61 4.46 87.25
CA ILE R 419 73.38 4.14 85.85
C ILE R 419 72.20 3.18 85.76
N PHE R 420 72.14 2.24 86.70
CA PHE R 420 71.18 1.15 86.70
C PHE R 420 69.77 1.65 86.74
N GLN R 421 69.58 2.71 87.53
CA GLN R 421 68.27 3.31 87.75
C GLN R 421 67.94 4.53 86.87
N ARG R 422 68.78 4.89 85.88
CA ARG R 422 68.51 6.11 85.09
C ARG R 422 67.24 6.10 84.27
N SER R 423 66.87 4.95 83.73
CA SER R 423 65.71 4.89 82.87
C SER R 423 65.00 3.55 82.90
N GLY R 424 63.72 3.59 82.60
CA GLY R 424 62.96 2.37 82.45
C GLY R 424 62.47 1.79 83.78
N ARG R 425 61.86 0.63 83.66
CA ARG R 425 61.24 -0.14 84.73
C ARG R 425 61.64 -1.62 84.67
N THR R 426 61.53 -2.37 85.75
CA THR R 426 61.84 -3.79 85.60
C THR R 426 60.81 -4.72 86.22
N ASP R 427 60.99 -5.99 85.96
CA ASP R 427 60.18 -7.08 86.49
C ASP R 427 60.89 -7.60 87.75
N GLY R 428 60.35 -7.33 88.93
CA GLY R 428 61.05 -7.72 90.16
C GLY R 428 60.19 -7.58 91.41
N GLY R 429 60.82 -7.75 92.58
CA GLY R 429 60.15 -7.71 93.88
C GLY R 429 59.97 -9.14 94.39
N ASP R 430 60.15 -9.38 95.69
CA ASP R 430 59.96 -10.72 96.25
C ASP R 430 58.46 -11.10 96.36
N ALA R 431 58.17 -12.40 96.47
CA ALA R 431 56.80 -12.92 96.50
C ALA R 431 55.95 -12.34 97.64
N ARG R 432 56.52 -12.08 98.83
CA ARG R 432 55.78 -11.48 99.95
C ARG R 432 55.55 -10.00 99.73
N ALA R 433 56.53 -9.21 99.31
CA ALA R 433 56.29 -7.79 99.00
C ALA R 433 55.31 -7.60 97.83
N SER R 434 55.32 -8.50 96.85
CA SER R 434 54.32 -8.55 95.79
C SER R 434 52.93 -8.82 96.35
N GLU R 435 52.76 -9.84 97.20
CA GLU R 435 51.44 -10.17 97.70
C GLU R 435 50.97 -9.08 98.63
N ALA R 436 51.90 -8.56 99.44
CA ALA R 436 51.57 -7.53 100.38
C ALA R 436 51.12 -6.28 99.65
N LEU R 437 51.76 -5.92 98.54
CA LEU R 437 51.30 -4.72 97.88
C LEU R 437 49.91 -4.93 97.36
N ALA R 438 49.65 -6.10 96.78
CA ALA R 438 48.33 -6.34 96.22
C ALA R 438 47.23 -6.30 97.27
N VAL R 439 47.47 -6.86 98.47
CA VAL R 439 46.40 -6.84 99.46
C VAL R 439 46.27 -5.46 100.04
N PHE R 440 47.38 -4.75 100.24
CA PHE R 440 47.26 -3.44 100.83
C PHE R 440 46.59 -2.47 99.88
N ASN R 441 46.82 -2.58 98.57
CA ASN R 441 46.10 -1.69 97.66
C ASN R 441 44.61 -2.03 97.66
N LYS R 442 44.27 -3.34 97.76
CA LYS R 442 42.85 -3.71 97.82
C LYS R 442 42.18 -3.09 99.02
N LEU R 443 42.86 -3.19 100.18
CA LEU R 443 42.35 -2.69 101.42
C LEU R 443 42.19 -1.19 101.39
N LYS R 444 43.15 -0.50 100.79
CA LYS R 444 42.99 0.94 100.65
C LYS R 444 41.69 1.25 99.96
N GLU R 445 41.45 0.57 98.83
CA GLU R 445 40.25 0.88 98.06
C GLU R 445 38.97 0.51 98.78
N GLU R 446 38.96 -0.59 99.54
CA GLU R 446 37.73 -0.92 100.23
C GLU R 446 37.48 0.12 101.33
N ALA R 447 38.55 0.54 102.03
CA ALA R 447 38.39 1.52 103.07
C ALA R 447 37.84 2.82 102.49
N ILE R 448 38.23 3.16 101.26
CA ILE R 448 37.69 4.37 100.65
C ILE R 448 36.21 4.13 100.36
N ALA R 449 35.89 2.96 99.78
CA ALA R 449 34.51 2.62 99.39
C ALA R 449 33.53 2.64 100.57
N GLN R 450 34.00 2.24 101.74
CA GLN R 450 33.18 2.21 102.94
C GLN R 450 33.19 3.54 103.65
N GLN R 451 33.90 4.54 103.10
CA GLN R 451 34.16 5.87 103.63
C GLN R 451 34.94 5.89 104.96
N ASP R 452 35.73 4.86 105.27
CA ASP R 452 36.45 4.82 106.52
C ASP R 452 37.75 5.57 106.34
N LEU R 453 38.32 5.48 105.14
CA LEU R 453 39.60 6.11 104.82
C LEU R 453 39.40 7.26 103.84
N HIS R 454 40.14 8.36 104.00
CA HIS R 454 40.16 9.48 103.04
C HIS R 454 41.14 9.24 101.87
N ASP R 455 40.79 9.63 100.65
CA ASP R 455 41.55 9.30 99.44
C ASP R 455 42.63 10.34 99.09
N ASP R 456 43.49 10.69 100.05
CA ASP R 456 44.43 11.83 99.98
C ASP R 456 45.92 11.41 99.89
N PHE R 457 46.22 10.15 99.59
CA PHE R 457 47.54 9.55 99.84
C PHE R 457 47.89 8.32 98.99
N LEU R 458 49.10 7.78 99.18
CA LEU R 458 49.66 6.66 98.40
C LEU R 458 50.29 5.55 99.27
N VAL R 459 50.28 4.35 98.71
CA VAL R 459 50.91 3.11 99.22
C VAL R 459 52.00 2.70 98.25
N PHE R 460 53.22 2.42 98.72
CA PHE R 460 54.32 2.09 97.81
C PHE R 460 55.04 0.81 98.17
N ARG R 461 55.55 0.06 97.19
CA ARG R 461 56.39 -1.12 97.45
C ARG R 461 57.86 -0.73 97.41
N PHE R 462 58.61 -1.07 98.45
CA PHE R 462 60.06 -0.84 98.46
C PHE R 462 60.73 -2.19 98.20
N ASP R 463 61.50 -2.29 97.12
CA ASP R 463 62.11 -3.56 96.74
C ASP R 463 63.56 -3.75 97.14
N ARG R 464 63.93 -4.99 97.41
CA ARG R 464 65.32 -5.29 97.76
C ARG R 464 66.12 -5.39 96.44
N ASP R 465 65.40 -5.61 95.34
CA ASP R 465 65.94 -5.69 94.00
C ASP R 465 66.16 -4.28 93.43
N GLN R 466 65.10 -3.47 93.37
CA GLN R 466 65.20 -2.15 92.77
C GLN R 466 66.05 -1.20 93.61
N ASN R 467 66.24 -1.44 94.92
CA ASN R 467 66.94 -0.52 95.80
C ASN R 467 67.57 -1.22 97.04
N ARG R 468 68.39 -0.46 97.76
CA ARG R 468 69.48 -0.86 98.67
C ARG R 468 69.05 -1.27 100.11
N VAL R 469 68.19 -2.26 100.29
CA VAL R 469 67.90 -2.85 101.58
C VAL R 469 68.02 -4.35 101.57
N GLY R 470 68.17 -4.95 102.74
CA GLY R 470 68.14 -6.38 102.84
C GLY R 470 66.73 -6.92 102.89
N TYR R 471 65.84 -6.13 103.48
CA TYR R 471 64.45 -6.52 103.63
C TYR R 471 63.54 -5.53 102.98
N SER R 472 62.65 -6.06 102.16
CA SER R 472 61.64 -5.30 101.46
C SER R 472 60.57 -4.86 102.44
N ALA R 473 59.80 -3.86 102.05
CA ALA R 473 58.79 -3.30 102.94
C ALA R 473 57.74 -2.57 102.14
N LEU R 474 56.56 -2.42 102.72
CA LEU R 474 55.63 -1.53 102.07
C LEU R 474 55.69 -0.22 102.79
N LEU R 475 55.40 0.84 102.11
CA LEU R 475 55.46 2.12 102.73
C LEU R 475 54.11 2.79 102.80
N VAL R 476 53.71 3.14 104.01
CA VAL R 476 52.47 3.88 104.20
C VAL R 476 52.87 5.33 104.11
N VAL R 477 52.46 6.02 103.05
CA VAL R 477 52.96 7.37 102.83
C VAL R 477 51.90 8.46 102.70
N LYS R 478 52.08 9.54 103.48
CA LYS R 478 51.19 10.70 103.34
C LYS R 478 52.01 11.95 103.18
N ARG R 479 51.46 12.93 102.47
CA ARG R 479 52.20 14.15 102.24
C ARG R 479 51.39 15.43 102.28
N ALA R 480 52.09 16.51 102.67
CA ALA R 480 51.58 17.87 102.58
C ALA R 480 52.75 18.86 102.52
N ALA R 481 52.53 20.05 101.98
CA ALA R 481 53.60 21.04 102.07
C ALA R 481 53.33 21.87 103.30
N ILE R 482 54.36 22.04 104.12
CA ILE R 482 54.23 22.79 105.35
C ILE R 482 55.13 24.00 105.34
N ASN R 483 54.51 25.18 105.28
CA ASN R 483 55.20 26.45 105.23
C ASN R 483 56.26 26.49 104.12
N GLY R 484 55.91 25.91 102.97
CA GLY R 484 56.79 25.89 101.81
C GLY R 484 57.66 24.64 101.66
N GLN R 485 57.79 23.82 102.71
CA GLN R 485 58.62 22.62 102.59
C GLN R 485 57.78 21.41 102.26
N GLN R 486 58.20 20.60 101.31
CA GLN R 486 57.39 19.42 101.08
C GLN R 486 57.70 18.39 102.14
N VAL R 487 56.69 17.95 102.88
CA VAL R 487 56.91 16.99 103.95
C VAL R 487 56.13 15.69 103.75
N ILE R 488 56.86 14.59 103.85
CA ILE R 488 56.28 13.28 103.70
C ILE R 488 56.44 12.48 104.98
N VAL R 489 55.37 11.85 105.46
CA VAL R 489 55.54 11.03 106.65
C VAL R 489 55.38 9.59 106.24
N THR R 490 56.37 8.78 106.60
CA THR R 490 56.33 7.37 106.22
C THR R 490 56.40 6.43 107.39
N ARG R 491 55.55 5.40 107.31
CA ARG R 491 55.52 4.31 108.27
C ARG R 491 55.79 2.99 107.53
N PRO R 492 57.06 2.53 107.41
CA PRO R 492 57.43 1.28 106.75
C PRO R 492 56.85 0.06 107.42
N LEU R 493 56.46 -0.92 106.61
CA LEU R 493 55.97 -2.21 107.06
C LEU R 493 56.89 -3.29 106.50
N VAL R 494 57.80 -3.80 107.31
CA VAL R 494 58.79 -4.74 106.81
C VAL R 494 58.14 -6.07 106.53
N MET R 495 58.51 -6.67 105.40
CA MET R 495 57.97 -7.95 104.97
C MET R 495 58.99 -9.09 104.94
N PRO R 496 59.36 -9.72 106.07
CA PRO R 496 60.35 -10.77 106.14
C PRO R 496 59.84 -11.88 105.27
N ASN R 497 60.73 -12.58 104.61
CA ASN R 497 60.36 -13.62 103.68
C ASN R 497 61.14 -14.84 104.11
N ASP R 498 60.43 -15.89 104.52
CA ASP R 498 60.99 -17.10 105.03
C ASP R 498 61.88 -17.86 104.05
N GLN R 499 61.74 -17.54 102.75
CA GLN R 499 62.48 -18.21 101.70
C GLN R 499 63.72 -17.41 101.30
N ILE R 500 63.91 -16.23 101.91
CA ILE R 500 65.04 -15.39 101.55
C ILE R 500 66.00 -15.17 102.71
N THR R 501 67.26 -15.52 102.49
CA THR R 501 68.24 -15.34 103.55
C THR R 501 69.19 -14.22 103.22
N LEU R 502 69.26 -13.25 104.11
CA LEU R 502 70.16 -12.13 103.95
C LEU R 502 71.47 -12.62 104.54
N PRO R 503 72.64 -12.32 103.96
CA PRO R 503 73.91 -12.73 104.51
C PRO R 503 73.99 -12.26 105.94
N THR R 504 74.54 -13.10 106.78
CA THR R 504 74.68 -12.86 108.19
C THR R 504 75.83 -11.95 108.54
N LYS R 505 75.77 -11.35 109.73
CA LYS R 505 76.78 -10.49 110.33
C LYS R 505 77.74 -11.32 111.17
N LYS R 506 79.02 -10.96 111.22
CA LYS R 506 79.98 -11.60 112.11
C LYS R 506 80.04 -10.92 113.46
N LEU R 507 79.70 -11.67 114.49
CA LEU R 507 79.71 -11.21 115.86
C LEU R 507 80.99 -11.71 116.52
N THR R 508 82.05 -10.89 116.61
CA THR R 508 83.26 -11.42 117.21
C THR R 508 83.22 -11.14 118.70
N ILE R 509 83.34 -12.21 119.48
CA ILE R 509 83.28 -12.08 120.93
C ILE R 509 84.62 -12.34 121.58
N GLN R 510 85.12 -11.33 122.27
CA GLN R 510 86.41 -11.48 122.89
C GLN R 510 86.25 -12.05 124.29
N ASN R 511 86.26 -13.37 124.37
CA ASN R 511 86.03 -14.05 125.64
C ASN R 511 87.34 -14.16 126.40
N GLY R 512 87.78 -13.04 126.94
CA GLY R 512 89.06 -13.02 127.61
C GLY R 512 90.14 -13.29 126.57
N MET R 513 90.91 -14.35 126.77
CA MET R 513 91.98 -14.69 125.84
C MET R 513 91.49 -15.53 124.65
N HIS R 514 90.20 -15.90 124.67
CA HIS R 514 89.61 -16.71 123.62
C HIS R 514 88.74 -15.90 122.67
N GLN R 515 89.08 -15.92 121.39
CA GLN R 515 88.29 -15.16 120.44
C GLN R 515 87.50 -16.11 119.55
N GLU R 516 86.19 -15.89 119.51
CA GLU R 516 85.31 -16.74 118.68
C GLU R 516 84.25 -15.89 118.00
N THR R 517 83.94 -16.21 116.75
CA THR R 517 82.92 -15.47 116.02
C THR R 517 81.65 -16.26 115.76
N ILE R 518 80.52 -15.63 116.07
CA ILE R 518 79.21 -16.23 115.82
C ILE R 518 78.58 -15.52 114.64
N GLU R 519 78.11 -16.23 113.65
CA GLU R 519 77.46 -15.54 112.57
C GLU R 519 75.97 -15.53 112.85
N ALA R 520 75.29 -14.42 112.55
CA ALA R 520 73.85 -14.38 112.82
C ALA R 520 73.07 -13.48 111.86
N GLU R 521 71.80 -13.83 111.68
CA GLU R 521 70.86 -13.10 110.83
C GLU R 521 70.55 -11.72 111.35
N ALA R 522 70.40 -10.76 110.43
CA ALA R 522 70.02 -9.42 110.82
C ALA R 522 68.52 -9.36 111.11
N ASP R 523 68.19 -8.81 112.28
CA ASP R 523 66.80 -8.63 112.70
C ASP R 523 66.38 -7.24 112.32
N VAL R 524 65.15 -6.85 112.59
CA VAL R 524 64.75 -5.52 112.15
C VAL R 524 65.61 -4.41 112.76
N GLN R 525 66.14 -4.63 113.95
CA GLN R 525 67.04 -3.67 114.60
C GLN R 525 68.36 -3.51 113.85
N ASP R 526 68.85 -4.58 113.22
CA ASP R 526 70.13 -4.57 112.53
C ASP R 526 69.93 -4.08 111.11
N VAL R 527 68.75 -4.39 110.58
CA VAL R 527 68.35 -4.04 109.23
C VAL R 527 68.05 -2.57 109.10
N PHE R 528 67.31 -2.02 110.06
CA PHE R 528 66.92 -0.62 109.99
C PHE R 528 68.03 0.30 110.48
N THR R 529 69.02 0.40 109.63
CA THR R 529 70.19 1.20 109.85
C THR R 529 69.87 2.61 109.40
N THR R 530 70.76 3.55 109.65
CA THR R 530 70.46 4.88 109.20
C THR R 530 70.38 4.96 107.69
N GLN R 531 71.21 4.16 107.01
CA GLN R 531 71.16 4.19 105.57
C GLN R 531 69.93 3.46 105.07
N TYR R 532 69.46 2.44 105.78
CA TYR R 532 68.26 1.74 105.33
C TYR R 532 67.18 2.79 105.16
N TRP R 533 67.01 3.62 106.21
CA TRP R 533 66.02 4.70 106.18
C TRP R 533 66.26 5.69 105.07
N ASN R 534 67.52 6.08 104.87
CA ASN R 534 67.80 7.07 103.84
C ASN R 534 67.42 6.49 102.47
N ARG R 535 67.59 5.19 102.29
CA ARG R 535 67.25 4.55 101.02
C ARG R 535 65.74 4.50 100.86
N ILE R 536 65.01 4.29 101.97
CA ILE R 536 63.56 4.29 101.91
C ILE R 536 63.12 5.64 101.42
N CYS R 537 63.67 6.71 102.00
CA CYS R 537 63.35 8.09 101.60
C CYS R 537 63.60 8.30 100.12
N ASP R 538 64.75 7.86 99.61
CA ASP R 538 65.06 8.11 98.21
C ASP R 538 64.08 7.44 97.27
N SER R 539 63.68 6.20 97.59
CA SER R 539 62.74 5.47 96.76
C SER R 539 61.41 6.16 96.75
N ILE R 540 60.99 6.67 97.93
CA ILE R 540 59.71 7.34 97.96
C ILE R 540 59.78 8.52 97.04
N ARG R 541 60.86 9.30 97.10
CA ARG R 541 60.95 10.45 96.23
C ARG R 541 60.86 10.04 94.75
N GLN R 542 61.49 8.91 94.38
CA GLN R 542 61.37 8.45 92.99
C GLN R 542 59.92 8.12 92.64
N GLN R 543 59.18 7.58 93.60
CA GLN R 543 57.80 7.17 93.44
C GLN R 543 56.75 8.29 93.59
N THR R 544 57.07 9.37 94.32
CA THR R 544 56.12 10.47 94.53
C THR R 544 56.41 11.69 93.67
N GLY R 545 57.66 11.80 93.20
CA GLY R 545 58.15 12.90 92.37
C GLY R 545 58.70 14.03 93.22
N LYS R 546 58.54 13.91 94.52
CA LYS R 546 58.96 14.96 95.41
C LYS R 546 60.41 14.80 95.80
N HIS R 547 61.27 15.14 94.84
CA HIS R 547 62.70 14.93 94.96
C HIS R 547 63.39 15.84 95.96
N ASP R 548 62.77 16.96 96.30
CA ASP R 548 63.32 17.85 97.30
C ASP R 548 62.60 17.71 98.66
N ALA R 549 61.78 16.66 98.84
CA ALA R 549 61.02 16.48 100.09
C ALA R 549 61.86 15.97 101.25
N MET R 550 61.40 16.37 102.44
CA MET R 550 61.92 15.91 103.72
C MET R 550 61.02 14.79 104.20
N VAL R 551 61.60 13.73 104.76
CA VAL R 551 60.75 12.62 105.17
C VAL R 551 60.87 12.34 106.67
N ILE R 552 59.70 12.31 107.31
CA ILE R 552 59.47 12.05 108.72
C ILE R 552 59.34 10.56 109.00
N ASN R 553 60.07 10.07 109.99
CA ASN R 553 60.08 8.66 110.34
C ASN R 553 59.01 8.36 111.39
N ALA R 554 57.92 7.72 111.00
CA ALA R 554 56.82 7.41 111.89
C ALA R 554 57.06 6.11 112.63
N GLY R 555 58.21 5.52 112.38
CA GLY R 555 58.60 4.30 113.04
C GLY R 555 58.34 3.07 112.19
N PRO R 556 59.35 2.34 111.81
CA PRO R 556 59.21 1.17 110.99
C PRO R 556 58.58 0.14 111.85
N THR R 557 57.81 -0.73 111.28
CA THR R 557 57.36 -1.88 112.03
C THR R 557 57.50 -3.06 111.14
N VAL R 558 57.14 -4.22 111.63
CA VAL R 558 57.27 -5.42 110.84
C VAL R 558 56.03 -6.25 110.87
N ILE R 559 55.71 -6.82 109.72
CA ILE R 559 54.67 -7.81 109.59
C ILE R 559 55.36 -9.12 109.28
N PRO R 560 55.58 -10.00 110.28
CA PRO R 560 56.42 -11.20 110.28
C PRO R 560 56.05 -12.17 109.19
N ALA R 561 57.02 -12.98 108.77
CA ALA R 561 56.78 -13.95 107.69
C ALA R 561 55.64 -14.90 108.03
N ASP R 562 55.50 -15.34 109.29
CA ASP R 562 54.88 -16.64 109.64
C ASP R 562 53.41 -16.90 109.23
N PHE R 563 52.51 -15.96 109.49
CA PHE R 563 51.06 -16.14 109.31
C PHE R 563 50.59 -16.03 107.85
N ASP R 564 49.36 -16.47 107.56
CA ASP R 564 48.72 -16.34 106.22
C ASP R 564 48.23 -14.90 105.94
N LEU R 565 48.51 -14.36 104.74
CA LEU R 565 48.22 -12.96 104.39
C LEU R 565 46.72 -12.62 104.19
N LYS R 566 45.80 -13.58 104.35
CA LYS R 566 44.36 -13.42 104.12
C LYS R 566 43.59 -12.63 105.20
N ASP R 567 44.24 -12.21 106.29
CA ASP R 567 43.61 -11.45 107.38
C ASP R 567 43.38 -9.97 107.02
N GLU R 568 42.45 -9.74 106.09
CA GLU R 568 42.07 -8.42 105.64
C GLU R 568 41.67 -7.50 106.78
N LEU R 569 41.06 -8.04 107.84
CA LEU R 569 40.67 -7.15 108.93
C LEU R 569 41.88 -6.54 109.61
N VAL R 570 42.87 -7.37 109.94
CA VAL R 570 44.03 -6.80 110.59
C VAL R 570 44.77 -5.85 109.67
N LEU R 571 44.91 -6.25 108.42
CA LEU R 571 45.66 -5.46 107.49
C LEU R 571 45.00 -4.10 107.27
N LYS R 572 43.66 -4.07 107.21
CA LYS R 572 42.95 -2.81 107.08
C LYS R 572 43.25 -1.93 108.27
N GLN R 573 43.23 -2.55 109.46
CA GLN R 573 43.47 -1.82 110.68
C GLN R 573 44.90 -1.29 110.71
N LEU R 574 45.86 -2.05 110.16
CA LEU R 574 47.22 -1.55 110.14
C LEU R 574 47.31 -0.31 109.28
N LEU R 575 46.60 -0.29 108.14
CA LEU R 575 46.66 0.92 107.32
C LEU R 575 46.03 2.08 108.03
N ILE R 576 44.90 1.84 108.68
CA ILE R 576 44.19 2.86 109.41
C ILE R 576 45.10 3.47 110.47
N LYS R 577 45.73 2.63 111.30
CA LYS R 577 46.55 3.12 112.39
C LYS R 577 47.78 3.86 111.88
N SER R 578 48.37 3.35 110.80
CA SER R 578 49.57 3.94 110.24
C SER R 578 49.28 5.30 109.61
N VAL R 579 48.13 5.47 108.97
CA VAL R 579 47.81 6.77 108.41
C VAL R 579 47.48 7.74 109.53
N ASN R 580 46.89 7.29 110.63
CA ASN R 580 46.59 8.12 111.78
C ASN R 580 47.86 8.78 112.22
N LEU R 581 48.86 7.94 112.40
CA LEU R 581 50.11 8.43 112.93
C LEU R 581 50.74 9.38 111.92
N CYS R 582 50.61 9.08 110.62
CA CYS R 582 51.17 9.96 109.62
C CYS R 582 50.53 11.35 109.69
N ASP R 583 49.20 11.40 109.91
CA ASP R 583 48.52 12.69 110.01
C ASP R 583 48.96 13.45 111.24
N ASP R 584 49.19 12.74 112.35
CA ASP R 584 49.66 13.36 113.58
C ASP R 584 51.00 14.00 113.33
N MET R 585 51.90 13.28 112.67
CA MET R 585 53.23 13.81 112.54
C MET R 585 53.26 14.99 111.57
N LEU R 586 52.39 14.99 110.53
CA LEU R 586 52.35 16.17 109.69
C LEU R 586 51.79 17.32 110.54
N ALA R 587 50.77 17.03 111.36
CA ALA R 587 50.18 18.05 112.19
C ALA R 587 51.18 18.64 113.18
N LYS R 588 51.97 17.80 113.84
CA LYS R 588 52.84 18.25 114.90
C LYS R 588 54.01 19.01 114.31
N ARG R 589 54.45 18.65 113.11
CA ARG R 589 55.37 19.46 112.28
C ARG R 589 54.73 20.79 111.84
N SER R 590 53.42 20.79 111.57
CA SER R 590 52.63 21.99 111.21
C SER R 590 52.40 22.96 112.36
N GLY R 591 52.80 22.60 113.58
CA GLY R 591 52.55 23.37 114.79
C GLY R 591 51.20 23.14 115.48
N GLU R 592 50.52 22.00 115.29
CA GLU R 592 49.24 21.70 115.97
C GLU R 592 49.30 21.81 117.51
N GLN R 593 48.21 22.25 118.14
CA GLN R 593 48.11 22.45 119.60
C GLN R 593 48.22 21.13 120.40
N PRO R 594 48.91 21.13 121.55
CA PRO R 594 49.23 19.93 122.32
C PRO R 594 48.09 19.46 123.23
N PHE R 595 48.11 18.19 123.65
CA PHE R 595 47.24 17.71 124.71
C PHE R 595 47.66 18.28 126.05
N SER R 596 46.68 18.68 126.86
CA SER R 596 47.00 19.19 128.17
C SER R 596 45.95 18.95 129.24
N VAL R 597 46.37 19.14 130.49
CA VAL R 597 45.49 18.94 131.64
C VAL R 597 44.37 19.95 131.59
N ALA R 598 44.63 21.11 131.00
CA ALA R 598 43.69 22.19 130.83
C ALA R 598 42.50 21.78 129.97
N MET R 599 42.71 20.82 129.06
CA MET R 599 41.64 20.39 128.18
C MET R 599 40.76 19.43 128.96
N LEU R 600 41.38 18.69 129.89
CA LEU R 600 40.67 17.75 130.75
C LEU R 600 40.04 18.41 131.95
N LYS R 601 40.65 19.48 132.42
CA LYS R 601 40.22 20.12 133.63
C LYS R 601 39.04 21.03 133.42
N GLY R 602 37.89 20.44 133.24
CA GLY R 602 36.70 21.25 133.10
C GLY R 602 36.47 21.80 134.49
N THR R 603 35.77 22.92 134.62
CA THR R 603 35.56 23.47 135.95
C THR R 603 34.58 22.62 136.74
N ASP R 604 33.87 21.79 136.01
CA ASP R 604 32.93 20.82 136.51
C ASP R 604 33.33 19.38 136.21
N GLU R 605 34.61 19.02 136.08
CA GLU R 605 35.02 17.64 135.69
C GLU R 605 36.18 17.10 136.55
N THR R 606 36.15 15.81 136.95
CA THR R 606 37.28 15.19 137.68
C THR R 606 37.65 13.80 137.14
N LEU R 607 38.87 13.35 137.46
CA LEU R 607 39.36 12.03 137.08
C LEU R 607 39.22 11.02 138.18
N ALA R 608 39.26 9.75 137.81
CA ALA R 608 39.26 8.64 138.75
C ALA R 608 39.97 7.45 138.12
N ALA R 609 40.52 6.53 138.93
CA ALA R 609 41.20 5.36 138.33
C ALA R 609 41.16 4.07 139.17
N ARG R 610 41.28 2.93 138.45
CA ARG R 610 41.30 1.60 139.08
C ARG R 610 42.35 0.64 138.53
N LEU R 611 42.70 -0.37 139.33
CA LEU R 611 43.61 -1.41 138.88
C LEU R 611 42.83 -2.68 138.56
N ASN R 612 42.93 -3.11 137.31
CA ASN R 612 42.28 -4.31 136.84
C ASN R 612 43.24 -5.48 137.00
N PHE R 613 42.90 -6.44 137.87
CA PHE R 613 43.57 -7.74 137.97
C PHE R 613 43.02 -8.70 136.93
N THR R 614 43.54 -8.59 135.72
CA THR R 614 42.81 -8.98 134.52
C THR R 614 42.41 -10.47 134.47
N GLY R 615 43.35 -11.39 134.64
CA GLY R 615 43.15 -12.80 134.27
C GLY R 615 43.20 -13.10 132.75
N LYS R 616 43.59 -12.14 131.90
CA LYS R 616 43.70 -12.26 130.42
C LYS R 616 44.81 -11.37 129.80
N PRO R 617 45.41 -11.76 128.65
CA PRO R 617 46.37 -10.96 127.88
C PRO R 617 45.70 -9.97 126.93
N MET R 618 46.49 -9.00 126.42
CA MET R 618 46.07 -7.97 125.47
C MET R 618 46.95 -8.01 124.23
N HIS R 619 46.50 -7.49 123.10
CA HIS R 619 47.07 -7.87 121.82
C HIS R 619 47.49 -6.66 121.03
N ASP R 620 48.60 -6.80 120.32
CA ASP R 620 49.12 -5.67 119.53
C ASP R 620 48.41 -5.57 118.19
N SER R 621 48.86 -4.64 117.35
CA SER R 621 48.18 -4.42 116.07
C SER R 621 48.16 -5.61 115.12
N LEU R 622 49.02 -6.62 115.34
CA LEU R 622 49.04 -7.81 114.50
C LEU R 622 48.41 -9.01 115.20
N GLY R 623 47.86 -8.77 116.39
CA GLY R 623 47.24 -9.83 117.17
C GLY R 623 48.17 -10.64 118.08
N TYR R 624 49.41 -10.18 118.35
CA TYR R 624 50.26 -11.00 119.20
C TYR R 624 50.03 -10.57 120.65
N PRO R 625 50.06 -11.48 121.65
CA PRO R 625 49.82 -11.20 123.06
C PRO R 625 50.93 -10.37 123.70
N ILE R 626 50.55 -9.51 124.62
CA ILE R 626 51.44 -8.70 125.44
C ILE R 626 51.21 -9.00 126.92
N ARG R 627 52.28 -9.39 127.63
CA ARG R 627 52.13 -9.63 129.07
C ARG R 627 51.68 -8.41 129.85
N SER R 628 50.71 -8.65 130.73
CA SER R 628 50.19 -7.65 131.66
C SER R 628 49.63 -8.37 132.87
N ASP R 629 49.98 -7.94 134.09
CA ASP R 629 49.36 -8.53 135.27
C ASP R 629 48.24 -7.62 135.72
N ILE R 630 48.48 -6.33 135.54
CA ILE R 630 47.57 -5.27 135.94
C ILE R 630 47.29 -4.30 134.80
N LEU R 631 46.02 -4.07 134.51
CA LEU R 631 45.73 -3.04 133.52
C LEU R 631 45.23 -1.82 134.27
N VAL R 632 45.91 -0.68 134.12
CA VAL R 632 45.46 0.47 134.88
C VAL R 632 44.54 1.27 134.00
N SER R 633 43.34 1.48 134.49
CA SER R 633 42.34 2.21 133.73
C SER R 633 42.04 3.56 134.32
N LEU R 634 42.28 4.60 133.52
CA LEU R 634 42.01 5.97 133.96
C LEU R 634 40.71 6.37 133.31
N ASN R 635 39.75 6.68 134.18
CA ASN R 635 38.39 6.98 133.82
C ASN R 635 38.30 8.34 133.15
N ARG R 636 37.27 8.50 132.35
CA ARG R 636 37.01 9.73 131.62
C ARG R 636 36.80 10.85 132.60
N VAL R 637 37.37 12.01 132.31
CA VAL R 637 37.18 13.11 133.22
C VAL R 637 35.71 13.56 133.06
N LYS R 638 34.98 13.68 134.17
CA LYS R 638 33.58 14.13 134.13
C LYS R 638 33.04 14.35 135.53
N LYS R 639 31.79 14.83 135.63
CA LYS R 639 31.15 14.86 136.94
C LYS R 639 29.63 14.61 136.85
N PRO R 640 29.01 13.92 137.82
CA PRO R 640 27.57 13.79 137.90
C PRO R 640 27.01 15.20 138.01
N GLY R 641 25.90 15.44 137.35
CA GLY R 641 25.31 16.77 137.38
C GLY R 641 25.60 17.55 136.11
N GLN R 642 26.55 17.05 135.30
CA GLN R 642 26.82 17.72 134.04
C GLN R 642 25.75 17.37 133.04
N GLN R 643 25.56 18.24 132.05
CA GLN R 643 24.60 17.97 131.00
C GLN R 643 24.91 16.68 130.27
N GLU R 644 23.91 15.83 130.16
CA GLU R 644 24.01 14.57 129.47
C GLU R 644 24.02 14.85 127.97
N ASN R 645 24.93 14.22 127.23
CA ASN R 645 25.06 14.49 125.80
C ASN R 645 24.12 13.68 124.91
N GLU R 646 22.84 14.05 124.97
CA GLU R 646 21.73 13.43 124.24
C GLU R 646 21.61 11.94 124.63
N PHE R 647 21.00 11.14 123.77
CA PHE R 647 20.87 9.71 124.04
C PHE R 647 22.10 8.99 123.61
N TYR R 648 23.12 8.97 124.46
CA TYR R 648 24.41 8.37 124.15
C TYR R 648 24.73 7.20 125.07
N GLU R 649 25.64 6.36 124.63
CA GLU R 649 26.24 5.36 125.52
C GLU R 649 27.72 5.27 125.23
N ALA R 650 28.54 5.36 126.27
CA ALA R 650 29.97 5.35 126.06
C ALA R 650 30.68 4.75 127.24
N GLU R 651 31.87 4.22 126.99
CA GLU R 651 32.71 3.77 128.09
C GLU R 651 33.38 4.98 128.69
N ASP R 652 33.34 5.11 130.00
CA ASP R 652 33.95 6.26 130.65
C ASP R 652 35.43 6.07 130.86
N LYS R 653 36.19 6.03 129.78
CA LYS R 653 37.63 5.82 129.85
C LYS R 653 38.39 6.89 129.07
N LEU R 654 39.52 7.31 129.61
CA LEU R 654 40.41 8.25 128.95
C LEU R 654 41.62 7.56 128.35
N ASN R 655 42.29 6.73 129.17
CA ASN R 655 43.47 5.99 128.72
C ASN R 655 43.81 4.81 129.62
N GLN R 656 44.84 4.07 129.22
CA GLN R 656 45.25 2.93 130.03
C GLN R 656 46.72 2.57 129.90
N VAL R 657 47.25 1.96 130.97
CA VAL R 657 48.63 1.45 130.92
C VAL R 657 48.70 -0.01 131.33
N SER R 658 49.33 -0.79 130.50
CA SER R 658 49.50 -2.21 130.76
C SER R 658 50.82 -2.43 131.44
N CYS R 659 50.81 -3.17 132.54
CA CYS R 659 52.07 -3.44 133.21
C CYS R 659 52.06 -4.78 133.92
N PHE R 660 53.24 -5.22 134.32
CA PHE R 660 53.35 -6.45 135.08
C PHE R 660 54.38 -6.31 136.16
N VAL R 661 54.34 -7.18 137.15
CA VAL R 661 55.40 -7.03 138.16
C VAL R 661 56.21 -8.29 138.35
N ASN R 662 57.53 -8.19 138.19
CA ASN R 662 58.34 -9.38 138.41
C ASN R 662 58.88 -9.33 139.82
N LEU R 663 59.59 -10.38 140.20
CA LEU R 663 60.24 -10.40 141.49
C LEU R 663 61.69 -10.75 141.24
N GLU R 664 62.50 -9.72 141.09
CA GLU R 664 63.89 -9.94 140.69
C GLU R 664 64.69 -10.32 141.93
N TYR R 665 65.64 -11.23 141.81
CA TYR R 665 66.48 -11.64 142.94
C TYR R 665 67.72 -10.75 142.86
N THR R 666 67.82 -9.84 143.82
CA THR R 666 68.84 -8.80 143.75
C THR R 666 69.83 -8.82 144.90
N PRO R 667 71.05 -8.29 144.71
CA PRO R 667 72.11 -8.19 145.70
C PRO R 667 71.85 -7.17 146.79
N GLN R 668 72.54 -7.39 147.89
CA GLN R 668 72.56 -6.49 149.03
C GLN R 668 73.86 -6.74 149.81
N PRO R 669 74.60 -5.70 150.37
CA PRO R 669 75.79 -5.84 151.21
C PRO R 669 75.57 -6.79 152.41
N GLN R 682 67.92 -3.54 156.83
CA GLN R 682 67.99 -4.87 156.22
C GLN R 682 66.77 -5.08 155.29
N LEU R 683 67.03 -5.30 153.98
CA LEU R 683 66.01 -5.57 152.96
C LEU R 683 65.86 -7.08 152.70
N PRO R 684 64.66 -7.53 152.31
CA PRO R 684 64.37 -8.86 151.84
C PRO R 684 64.99 -8.95 150.43
N PRO R 685 65.27 -10.15 149.89
CA PRO R 685 65.88 -10.43 148.58
C PRO R 685 65.19 -10.10 147.24
N LEU R 686 63.86 -9.91 147.20
CA LEU R 686 63.24 -9.65 145.90
C LEU R 686 62.76 -8.22 145.62
N THR R 687 62.97 -7.80 144.38
CA THR R 687 62.54 -6.48 143.92
C THR R 687 61.23 -6.45 143.12
N PRO R 688 60.27 -5.61 143.52
CA PRO R 688 58.98 -5.39 142.88
C PRO R 688 59.19 -4.54 141.64
N ALA R 689 59.61 -5.23 140.58
CA ALA R 689 59.95 -4.56 139.35
C ALA R 689 58.69 -4.31 138.56
N ILE R 690 58.26 -3.05 138.51
CA ILE R 690 56.98 -2.74 137.88
C ILE R 690 57.31 -2.37 136.45
N VAL R 691 56.86 -3.16 135.49
CA VAL R 691 57.24 -2.95 134.12
C VAL R 691 56.08 -2.55 133.23
N ILE R 692 56.19 -1.39 132.60
CA ILE R 692 55.18 -1.03 131.61
C ILE R 692 55.44 -1.74 130.30
N THR R 693 54.42 -2.41 129.80
CA THR R 693 54.54 -3.14 128.55
C THR R 693 53.80 -2.48 127.42
N ASP R 694 52.81 -1.64 127.75
CA ASP R 694 52.09 -0.92 126.71
C ASP R 694 51.43 0.34 127.26
N VAL R 695 51.28 1.33 126.39
CA VAL R 695 50.59 2.59 126.73
C VAL R 695 49.57 2.91 125.63
N ARG R 696 48.27 2.99 125.97
CA ARG R 696 47.18 3.22 124.99
C ARG R 696 46.24 4.34 125.41
N GLN R 697 45.74 5.10 124.44
CA GLN R 697 44.70 6.09 124.71
C GLN R 697 43.39 5.39 124.49
N ALA R 698 42.30 5.90 125.05
CA ALA R 698 41.03 5.25 124.81
C ALA R 698 40.74 5.28 123.32
N GLU R 699 40.10 4.22 122.84
CA GLU R 699 39.79 3.98 121.43
C GLU R 699 38.99 5.06 120.73
N TRP R 700 38.27 5.88 121.47
CA TRP R 700 37.49 6.94 120.84
C TRP R 700 38.35 8.10 120.36
N LEU R 701 39.59 8.21 120.84
CA LEU R 701 40.49 9.31 120.49
C LEU R 701 41.38 8.81 119.35
N LYS R 702 41.69 9.62 118.35
CA LYS R 702 42.41 9.13 117.17
C LYS R 702 43.91 9.44 117.26
N ALA R 703 44.26 10.63 117.76
CA ALA R 703 45.64 11.11 117.79
C ALA R 703 46.56 10.35 118.75
N ASN R 704 47.83 10.26 118.37
CA ASN R 704 48.86 9.65 119.20
C ASN R 704 50.07 10.57 119.31
N THR R 705 50.17 11.27 120.42
CA THR R 705 51.20 12.27 120.63
C THR R 705 51.96 11.99 121.92
N MET R 706 53.11 12.67 122.09
CA MET R 706 53.88 12.50 123.31
C MET R 706 53.17 12.97 124.54
N GLU R 707 52.40 14.04 124.45
CA GLU R 707 51.72 14.52 125.63
C GLU R 707 50.70 13.49 126.09
N LEU R 708 49.99 12.89 125.12
CA LEU R 708 49.01 11.87 125.48
C LEU R 708 49.69 10.66 126.14
N TYR R 709 50.85 10.27 125.59
CA TYR R 709 51.63 9.15 126.12
C TYR R 709 52.09 9.42 127.55
N LEU R 710 52.72 10.59 127.73
CA LEU R 710 53.29 10.99 129.00
C LEU R 710 52.26 11.09 130.08
N PHE R 711 51.11 11.65 129.76
CA PHE R 711 50.03 11.76 130.72
C PHE R 711 49.57 10.38 131.18
N ALA R 712 49.43 9.46 130.21
CA ALA R 712 48.99 8.10 130.53
C ALA R 712 50.00 7.37 131.40
N LEU R 713 51.29 7.68 131.29
CA LEU R 713 52.30 6.97 132.11
C LEU R 713 52.06 7.13 133.61
N SER R 714 51.34 8.18 134.01
CA SER R 714 51.10 8.43 135.44
C SER R 714 50.21 7.31 136.01
N ASN R 715 49.56 6.57 135.10
CA ASN R 715 48.69 5.48 135.47
C ASN R 715 49.50 4.38 136.08
N ALA R 716 50.75 4.18 135.62
CA ALA R 716 51.53 3.10 136.21
C ALA R 716 52.04 3.53 137.56
N PHE R 717 52.38 4.80 137.69
CA PHE R 717 52.93 5.22 138.98
C PHE R 717 51.98 4.94 140.13
N ARG R 718 50.71 5.26 139.92
CA ARG R 718 49.67 5.12 140.93
C ARG R 718 49.45 3.67 141.39
N VAL R 719 49.97 2.72 140.61
CA VAL R 719 49.85 1.29 140.88
C VAL R 719 50.44 0.98 142.22
N THR R 720 51.56 1.64 142.57
CA THR R 720 52.17 1.37 143.85
C THR R 720 52.12 2.61 144.75
N ALA R 721 51.96 3.80 144.15
CA ALA R 721 51.98 5.03 144.92
C ALA R 721 50.74 5.23 145.76
N ASN R 722 49.58 4.83 145.23
CA ASN R 722 48.34 5.00 145.97
C ASN R 722 47.74 3.66 146.31
N GLN R 723 47.85 2.72 145.38
CA GLN R 723 47.25 1.40 145.51
C GLN R 723 48.35 0.36 145.73
N SER R 724 47.96 -0.90 145.93
CA SER R 724 48.97 -1.95 146.16
C SER R 724 48.90 -3.11 145.20
N TRP R 725 49.94 -3.12 144.39
CA TRP R 725 50.23 -4.02 143.28
C TRP R 725 50.33 -5.47 143.67
N ALA R 726 50.64 -5.73 144.95
CA ALA R 726 50.92 -7.05 145.49
C ALA R 726 49.75 -7.98 145.36
N ARG R 727 48.52 -7.46 145.23
CA ARG R 727 47.36 -8.33 145.02
C ARG R 727 47.56 -9.16 143.76
N SER R 728 48.33 -8.67 142.78
CA SER R 728 48.53 -9.38 141.53
C SER R 728 49.36 -10.63 141.71
N LEU R 729 50.03 -10.75 142.86
CA LEU R 729 50.86 -11.91 143.12
C LEU R 729 50.09 -13.03 143.77
N LEU R 730 48.82 -12.79 144.11
CA LEU R 730 48.10 -13.88 144.73
C LEU R 730 48.04 -15.07 143.80
N PRO R 731 48.27 -16.29 144.29
CA PRO R 731 48.24 -17.52 143.52
C PRO R 731 46.82 -17.77 143.10
N GLN R 732 46.64 -18.44 141.96
CA GLN R 732 45.28 -18.72 141.56
C GLN R 732 44.78 -19.93 142.30
N LEU R 733 44.35 -19.69 143.53
CA LEU R 733 44.03 -20.81 144.40
C LEU R 733 42.88 -21.58 143.80
N GLY R 734 43.03 -22.90 143.77
CA GLY R 734 42.04 -23.82 143.21
C GLY R 734 42.40 -24.22 141.78
N LYS R 735 43.32 -23.49 141.14
CA LYS R 735 43.76 -23.80 139.79
C LYS R 735 45.04 -24.60 139.87
N VAL R 736 45.05 -25.81 139.33
CA VAL R 736 46.26 -26.60 139.42
C VAL R 736 47.38 -26.02 138.55
N LYS R 737 47.04 -25.65 137.33
CA LYS R 737 48.02 -25.17 136.39
C LYS R 737 48.37 -23.68 136.49
N ASP R 738 49.01 -23.30 137.60
CA ASP R 738 49.44 -21.91 137.75
C ASP R 738 50.96 -21.91 137.68
N MET R 739 51.50 -21.60 136.50
CA MET R 739 52.93 -21.74 136.30
C MET R 739 53.72 -20.71 137.08
N ARG R 740 53.06 -19.65 137.56
CA ARG R 740 53.75 -18.59 138.27
C ARG R 740 53.28 -18.52 139.71
N ASP R 741 52.78 -19.65 140.19
CA ASP R 741 52.26 -19.75 141.54
C ASP R 741 53.29 -19.25 142.55
N ILE R 742 52.87 -18.35 143.43
CA ILE R 742 53.69 -17.70 144.46
C ILE R 742 54.37 -18.71 145.33
N GLY R 743 53.84 -19.93 145.40
CA GLY R 743 54.45 -20.94 146.24
C GLY R 743 55.93 -21.13 145.91
N ALA R 744 56.30 -20.86 144.65
CA ALA R 744 57.66 -21.01 144.14
C ALA R 744 58.64 -20.10 144.85
N ILE R 745 58.15 -19.03 145.47
CA ILE R 745 58.99 -18.04 146.12
C ILE R 745 59.79 -18.70 147.25
N GLY R 746 59.27 -19.81 147.77
CA GLY R 746 59.87 -20.57 148.85
C GLY R 746 61.20 -21.20 148.42
N TYR R 747 61.46 -21.25 147.12
CA TYR R 747 62.70 -21.82 146.64
C TYR R 747 63.86 -20.82 146.76
N LEU R 748 63.56 -19.51 146.77
CA LEU R 748 64.60 -18.49 146.88
C LEU R 748 64.78 -18.06 148.32
N SER R 749 63.73 -18.30 149.13
CA SER R 749 63.71 -18.00 150.54
C SER R 749 64.47 -19.09 151.25
N ARG R 750 64.62 -18.94 152.56
CA ARG R 750 65.35 -19.90 153.39
C ARG R 750 64.69 -21.29 153.46
N LEU R 751 63.44 -21.41 153.00
CA LEU R 751 62.72 -22.68 153.00
C LEU R 751 63.29 -23.68 152.00
N ALA R 752 63.81 -23.19 150.86
CA ALA R 752 64.29 -24.04 149.78
C ALA R 752 63.22 -25.07 149.40
N ALA R 753 61.98 -24.62 149.36
CA ALA R 753 60.87 -25.51 149.07
C ALA R 753 59.68 -24.76 148.54
N ARG R 754 58.80 -25.45 147.84
CA ARG R 754 57.58 -24.78 147.42
C ARG R 754 56.68 -24.68 148.63
N VAL R 755 56.03 -23.54 148.77
CA VAL R 755 55.08 -23.31 149.84
C VAL R 755 53.81 -24.04 149.45
N GLU R 756 53.21 -24.77 150.37
CA GLU R 756 52.01 -25.44 149.93
C GLU R 756 50.87 -24.45 149.90
N THR R 757 50.54 -24.06 148.68
CA THR R 757 49.50 -23.09 148.33
C THR R 757 48.28 -23.77 147.72
N LYS R 758 48.27 -25.11 147.58
CA LYS R 758 47.16 -25.95 147.06
C LYS R 758 46.09 -26.25 148.14
N THR R 759 46.48 -26.03 149.38
CA THR R 759 45.76 -26.49 150.56
C THR R 759 44.78 -25.48 151.10
N GLU R 760 43.79 -25.99 151.83
CA GLU R 760 42.77 -25.19 152.48
C GLU R 760 43.34 -24.40 153.66
N THR R 761 44.57 -24.74 154.05
CA THR R 761 45.23 -24.09 155.15
C THR R 761 46.08 -22.91 154.66
N PHE R 762 46.10 -22.65 153.35
CA PHE R 762 46.85 -21.51 152.86
C PHE R 762 45.95 -20.30 152.94
N THR R 763 46.43 -19.27 153.60
CA THR R 763 45.65 -18.08 153.87
C THR R 763 46.27 -16.84 153.29
N ASP R 764 45.43 -15.83 153.16
CA ASP R 764 45.87 -14.44 152.87
C ASP R 764 46.99 -13.98 153.81
N GLN R 765 46.91 -14.33 155.08
CA GLN R 765 47.91 -13.95 156.05
C GLN R 765 49.24 -14.64 155.73
N ASN R 766 49.18 -15.91 155.30
CA ASN R 766 50.41 -16.63 155.00
C ASN R 766 51.05 -16.02 153.77
N PHE R 767 50.21 -15.60 152.82
CA PHE R 767 50.68 -14.95 151.60
C PHE R 767 51.43 -13.69 151.95
N ALA R 768 50.80 -12.85 152.80
CA ALA R 768 51.43 -11.61 153.17
C ALA R 768 52.76 -11.86 153.85
N GLU R 769 52.84 -12.90 154.68
CA GLU R 769 54.09 -13.22 155.35
C GLU R 769 55.18 -13.63 154.38
N LEU R 770 54.82 -14.37 153.32
CA LEU R 770 55.83 -14.78 152.36
C LEU R 770 56.44 -13.53 151.78
N LEU R 771 55.57 -12.56 151.46
CA LEU R 771 56.05 -11.31 150.89
C LEU R 771 56.77 -10.46 151.93
N TYR R 772 56.37 -10.50 153.18
CA TYR R 772 57.06 -9.68 154.17
C TYR R 772 58.52 -10.07 154.25
N ASN R 773 58.77 -11.38 154.19
CA ASN R 773 60.12 -11.89 154.26
C ASN R 773 60.88 -11.88 152.93
N MET R 774 60.15 -12.00 151.82
CA MET R 774 60.79 -12.04 150.52
C MET R 774 60.81 -10.82 149.62
N VAL R 775 59.83 -9.91 149.69
CA VAL R 775 59.76 -8.80 148.74
C VAL R 775 59.89 -7.41 149.36
N ARG R 776 60.78 -6.62 148.78
CA ARG R 776 61.11 -5.27 149.21
C ARG R 776 59.91 -4.33 149.07
N PRO R 777 59.68 -3.42 150.04
CA PRO R 777 58.60 -2.44 150.04
C PRO R 777 58.69 -1.26 149.06
N SER R 778 59.87 -1.03 148.48
CA SER R 778 60.05 0.13 147.61
C SER R 778 59.95 -0.23 146.12
N PRO R 779 58.92 0.25 145.38
CA PRO R 779 58.64 -0.09 143.99
C PRO R 779 59.66 0.49 143.07
N VAL R 780 59.93 -0.19 141.96
CA VAL R 780 60.82 0.36 140.96
C VAL R 780 60.07 0.46 139.65
N PHE R 781 60.07 1.64 139.02
CA PHE R 781 59.34 1.80 137.76
C PHE R 781 60.20 1.84 136.52
N MET R 782 59.89 0.92 135.64
CA MET R 782 60.62 0.73 134.39
C MET R 782 59.65 0.42 133.27
N SER R 783 60.12 0.52 132.04
CA SER R 783 59.27 0.20 130.91
C SER R 783 60.03 -0.35 129.75
N ASP R 784 59.29 -1.04 128.90
CA ASP R 784 59.83 -1.52 127.65
C ASP R 784 59.95 -0.34 126.72
N LEU R 785 60.88 -0.42 125.78
CA LEU R 785 61.00 0.59 124.76
C LEU R 785 61.21 -0.11 123.39
N ASN R 786 60.28 0.09 122.44
CA ASN R 786 60.40 -0.68 121.18
C ASN R 786 60.33 0.17 119.91
N ARG R 787 61.48 0.26 119.21
CA ARG R 787 61.62 1.09 118.01
C ARG R 787 60.74 0.62 116.87
N PHE R 788 60.27 -0.62 116.96
CA PHE R 788 59.46 -1.25 115.95
C PHE R 788 58.06 -1.57 116.44
N GLY R 789 57.68 -0.99 117.57
CA GLY R 789 56.37 -1.30 118.12
C GLY R 789 55.26 -0.43 117.55
N ASP R 790 54.07 -0.60 118.09
CA ASP R 790 52.88 0.11 117.61
C ASP R 790 52.96 1.62 117.85
N ASN R 791 53.81 1.99 118.80
CA ASN R 791 54.04 3.36 119.20
C ASN R 791 55.45 3.82 118.85
N ALA R 792 56.08 3.20 117.85
CA ALA R 792 57.48 3.47 117.51
C ALA R 792 57.82 4.93 117.24
N ALA R 793 56.94 5.74 116.68
CA ALA R 793 57.33 7.14 116.43
C ALA R 793 57.70 7.84 117.73
N ILE R 794 57.05 7.43 118.81
CA ILE R 794 57.22 7.98 120.13
C ILE R 794 58.23 7.17 120.92
N GLU R 795 58.19 5.85 120.89
CA GLU R 795 59.11 4.96 121.55
C GLU R 795 60.54 5.42 121.22
N ASN R 796 60.77 5.83 119.97
CA ASN R 796 62.09 6.26 119.53
C ASN R 796 62.64 7.47 120.31
N VAL R 797 61.79 8.38 120.82
CA VAL R 797 62.37 9.50 121.54
C VAL R 797 62.76 9.02 122.91
N PHE R 798 61.96 8.13 123.46
CA PHE R 798 62.24 7.62 124.80
C PHE R 798 63.47 6.70 124.77
N ILE R 799 63.71 6.05 123.64
CA ILE R 799 64.89 5.22 123.48
C ILE R 799 66.12 6.08 123.31
N ASP R 800 66.05 7.10 122.47
CA ASP R 800 67.23 7.93 122.27
C ASP R 800 67.56 8.73 123.54
N ALA R 801 66.55 8.97 124.37
CA ALA R 801 66.70 9.66 125.65
C ALA R 801 67.56 8.85 126.64
N LEU R 802 67.77 7.55 126.36
CA LEU R 802 68.59 6.67 127.20
C LEU R 802 70.07 7.00 127.11
N GLY R 803 70.51 7.51 125.95
CA GLY R 803 71.93 7.80 125.74
C GLY R 803 72.26 7.82 124.27
N GLY R 804 73.45 8.30 123.92
CA GLY R 804 73.85 8.35 122.51
C GLY R 804 73.97 9.79 122.02
N VAL R 805 74.25 9.94 120.72
CA VAL R 805 74.54 11.24 120.12
C VAL R 805 73.43 12.27 120.25
N ASN R 806 72.17 11.84 120.28
CA ASN R 806 71.10 12.79 120.36
C ASN R 806 70.33 12.70 121.68
N GLN R 807 70.98 12.19 122.73
CA GLN R 807 70.26 12.08 124.00
C GLN R 807 69.74 13.40 124.47
N GLN R 808 70.52 14.47 124.30
CA GLN R 808 70.08 15.75 124.81
C GLN R 808 68.83 16.23 124.10
N ARG R 809 68.74 15.94 122.81
CA ARG R 809 67.59 16.40 122.05
C ARG R 809 66.35 15.60 122.43
N ALA R 810 66.53 14.28 122.61
CA ALA R 810 65.42 13.43 122.98
C ALA R 810 64.90 13.83 124.36
N VAL R 811 65.81 14.07 125.30
CA VAL R 811 65.41 14.54 126.61
C VAL R 811 64.68 15.86 126.56
N ALA R 812 65.19 16.81 125.75
CA ALA R 812 64.53 18.10 125.65
C ALA R 812 63.09 17.94 125.15
N ALA R 813 62.89 17.03 124.19
CA ALA R 813 61.54 16.78 123.65
C ALA R 813 60.59 16.22 124.70
N ILE R 814 61.11 15.38 125.59
CA ILE R 814 60.31 14.73 126.60
C ILE R 814 59.92 15.70 127.69
N ILE R 815 60.88 16.51 128.16
CA ILE R 815 60.51 17.48 129.17
C ILE R 815 59.59 18.54 128.58
N ALA R 816 59.78 18.91 127.30
CA ALA R 816 58.83 19.82 126.69
C ALA R 816 57.45 19.21 126.65
N GLY R 817 57.35 17.90 126.36
CA GLY R 817 56.04 17.25 126.32
C GLY R 817 55.35 17.34 127.67
N VAL R 818 56.09 17.14 128.76
CA VAL R 818 55.35 17.24 130.00
C VAL R 818 54.96 18.70 130.24
N ASN R 819 55.86 19.65 129.98
CA ASN R 819 55.50 21.05 130.19
C ASN R 819 54.29 21.44 129.38
N ASN R 820 54.11 20.82 128.21
CA ASN R 820 52.92 21.13 127.44
C ASN R 820 51.69 20.63 128.19
N LEU R 821 51.83 19.50 128.91
CA LEU R 821 50.70 18.98 129.68
C LEU R 821 50.30 19.87 130.84
N ILE R 822 51.30 20.41 131.51
CA ILE R 822 51.05 21.20 132.73
C ILE R 822 51.14 22.73 132.63
N GLY R 823 51.57 23.29 131.50
CA GLY R 823 51.68 24.75 131.40
C GLY R 823 53.00 25.24 131.98
N GLY R 824 54.00 24.38 131.93
CA GLY R 824 55.33 24.66 132.46
C GLY R 824 55.48 24.21 133.90
N GLY R 825 56.72 24.27 134.42
CA GLY R 825 56.97 23.90 135.81
C GLY R 825 57.53 22.50 136.10
N PHE R 826 57.88 21.69 135.09
CA PHE R 826 58.43 20.35 135.39
C PHE R 826 59.78 20.56 136.08
N GLU R 827 60.45 21.62 135.61
CA GLU R 827 61.74 22.11 136.04
C GLU R 827 61.74 22.59 137.50
N LYS R 828 60.56 22.71 138.11
CA LYS R 828 60.52 23.14 139.50
C LYS R 828 60.69 21.93 140.40
N PHE R 829 60.64 20.73 139.83
CA PHE R 829 60.82 19.53 140.60
C PHE R 829 62.25 19.02 140.45
N PHE R 830 62.84 19.02 139.26
CA PHE R 830 64.23 18.54 139.16
C PHE R 830 64.94 18.97 137.89
N ASP R 831 66.27 18.83 137.93
CA ASP R 831 67.14 19.13 136.80
C ASP R 831 67.32 17.92 135.88
N HIS R 832 66.77 17.98 134.67
CA HIS R 832 66.80 16.89 133.72
C HIS R 832 68.19 16.66 133.14
N ASN R 833 69.08 17.61 133.38
CA ASN R 833 70.44 17.50 132.90
C ASN R 833 71.37 16.91 133.96
N THR R 834 70.81 16.57 135.13
CA THR R 834 71.57 15.94 136.20
C THR R 834 70.94 14.58 136.36
N MET R 835 69.65 14.54 136.01
CA MET R 835 68.81 13.36 136.11
C MET R 835 68.15 12.98 134.78
N PRO R 836 68.85 12.26 133.86
CA PRO R 836 68.37 11.90 132.55
C PRO R 836 67.08 11.14 132.76
N ILE R 837 66.15 11.26 131.83
CA ILE R 837 64.82 10.73 132.03
C ILE R 837 64.74 9.21 132.16
N ILE R 838 65.46 8.45 131.30
CA ILE R 838 65.39 6.99 131.40
C ILE R 838 66.80 6.40 131.42
N GLN R 839 67.07 5.50 132.35
CA GLN R 839 68.36 4.80 132.41
C GLN R 839 68.24 3.46 131.71
N PRO R 840 69.31 2.88 131.17
CA PRO R 840 69.28 1.54 130.62
C PRO R 840 69.13 0.50 131.71
N TYR R 841 68.37 -0.56 131.44
CA TYR R 841 68.36 -1.76 132.29
C TYR R 841 69.48 -2.75 131.95
N GLY R 842 70.13 -2.59 130.79
CA GLY R 842 71.22 -3.49 130.37
C GLY R 842 70.70 -4.77 129.71
N THR R 843 70.18 -5.74 130.46
CA THR R 843 69.65 -6.98 129.85
C THR R 843 68.47 -6.58 128.98
N ASP R 844 68.52 -6.86 127.68
CA ASP R 844 67.44 -6.49 126.77
C ASP R 844 66.36 -7.57 126.72
N ILE R 845 65.34 -7.36 125.88
CA ILE R 845 64.19 -8.23 125.97
C ILE R 845 64.01 -9.07 124.71
N GLN R 846 63.93 -10.38 124.89
CA GLN R 846 63.58 -11.24 123.77
C GLN R 846 62.08 -11.38 123.82
N LEU R 847 61.41 -11.06 122.73
CA LEU R 847 59.97 -11.16 122.70
C LEU R 847 59.58 -12.35 121.87
N GLY R 848 58.40 -12.86 122.14
CA GLY R 848 57.87 -14.01 121.43
C GLY R 848 56.68 -14.54 122.19
N TYR R 849 56.14 -15.63 121.69
CA TYR R 849 54.97 -16.24 122.28
C TYR R 849 55.07 -17.74 122.13
N TYR R 850 54.30 -18.43 122.93
CA TYR R 850 54.29 -19.87 122.89
C TYR R 850 52.88 -20.35 122.86
N LEU R 851 52.68 -21.57 122.42
CA LEU R 851 51.30 -22.03 122.45
C LEU R 851 51.00 -22.86 123.69
N ASP R 852 49.81 -22.62 124.23
CA ASP R 852 49.38 -23.36 125.41
C ASP R 852 48.70 -24.66 124.99
N GLY R 853 48.12 -25.39 125.96
CA GLY R 853 47.53 -26.70 125.69
C GLY R 853 46.33 -26.70 124.73
N GLU R 854 45.71 -25.54 124.49
CA GLU R 854 44.58 -25.44 123.58
C GLU R 854 45.01 -24.77 122.27
N GLY R 855 46.31 -24.47 122.16
CA GLY R 855 46.87 -23.80 121.00
C GLY R 855 46.76 -22.27 121.01
N GLU R 856 46.51 -21.65 122.17
CA GLU R 856 46.39 -20.19 122.19
C GLU R 856 47.76 -19.55 122.34
N LYS R 857 47.90 -18.32 121.84
CA LYS R 857 49.18 -17.63 121.95
C LYS R 857 49.35 -16.98 123.31
N GLN R 858 50.46 -17.28 123.97
CA GLN R 858 50.74 -16.71 125.28
C GLN R 858 52.13 -16.08 125.28
N ASP R 859 52.29 -15.00 126.02
CA ASP R 859 53.57 -14.28 126.06
C ASP R 859 54.72 -15.10 126.68
N ARG R 860 55.87 -15.21 125.98
CA ARG R 860 56.99 -16.04 126.48
C ARG R 860 57.55 -15.53 127.81
N ARG R 861 57.20 -14.29 128.16
CA ARG R 861 57.65 -13.63 129.38
C ARG R 861 57.12 -14.31 130.63
N ASP R 862 56.18 -15.26 130.46
CA ASP R 862 55.65 -15.98 131.59
C ASP R 862 56.75 -16.70 132.38
N LEU R 863 57.86 -17.12 131.75
CA LEU R 863 58.91 -17.73 132.60
C LEU R 863 59.81 -16.66 133.23
N ASP R 864 59.21 -15.97 134.18
CA ASP R 864 59.75 -14.90 134.98
C ASP R 864 60.33 -15.53 136.24
N VAL R 865 60.67 -14.78 137.27
CA VAL R 865 61.31 -15.51 138.36
C VAL R 865 60.44 -16.62 138.99
N LEU R 866 59.16 -16.36 139.27
CA LEU R 866 58.34 -17.41 139.85
C LEU R 866 58.13 -18.53 138.83
N GLY R 867 57.93 -18.14 137.56
CA GLY R 867 57.73 -19.08 136.47
C GLY R 867 58.88 -20.06 136.31
N ALA R 868 60.09 -19.53 136.24
CA ALA R 868 61.28 -20.34 136.06
C ALA R 868 61.50 -21.28 137.27
N LEU R 869 61.19 -20.82 138.49
CA LEU R 869 61.35 -21.68 139.68
C LEU R 869 60.42 -22.88 139.63
N ASN R 870 59.18 -22.65 139.15
CA ASN R 870 58.30 -23.80 139.01
C ASN R 870 58.72 -24.68 137.84
N ALA R 871 59.22 -24.07 136.77
CA ALA R 871 59.61 -24.85 135.60
C ALA R 871 60.71 -25.86 135.91
N SER R 872 61.65 -25.48 136.78
CA SER R 872 62.75 -26.38 137.17
C SER R 872 62.36 -27.24 138.38
N ASP R 873 61.14 -27.04 138.87
CA ASP R 873 60.58 -27.72 140.03
C ASP R 873 61.50 -27.65 141.23
N GLY R 874 62.04 -26.49 141.50
CA GLY R 874 62.93 -26.35 142.64
C GLY R 874 64.39 -26.61 142.37
N ASN R 875 64.76 -26.97 141.16
CA ASN R 875 66.17 -27.20 140.94
C ASN R 875 66.78 -25.82 140.80
N ILE R 876 67.33 -25.36 141.92
CA ILE R 876 67.92 -24.03 142.04
C ILE R 876 69.13 -23.87 141.18
N GLN R 877 69.89 -24.94 140.96
CA GLN R 877 71.06 -24.78 140.12
C GLN R 877 70.64 -24.50 138.68
N GLU R 878 69.56 -25.14 138.23
CA GLU R 878 69.07 -24.88 136.88
C GLU R 878 68.52 -23.46 136.81
N TRP R 879 67.82 -23.05 137.87
CA TRP R 879 67.25 -21.73 137.94
C TRP R 879 68.31 -20.67 137.89
N MET R 880 69.37 -20.83 138.70
CA MET R 880 70.43 -19.85 138.79
C MET R 880 71.22 -19.74 137.51
N SER R 881 71.36 -20.85 136.78
CA SER R 881 72.06 -20.77 135.50
C SER R 881 71.27 -19.84 134.58
N TRP R 882 69.95 -20.07 134.53
CA TRP R 882 69.06 -19.21 133.76
C TRP R 882 69.05 -17.78 134.25
N TYR R 883 68.95 -17.62 135.56
CA TYR R 883 68.84 -16.31 136.17
C TYR R 883 70.09 -15.51 135.86
N GLY R 884 71.28 -16.12 135.94
CA GLY R 884 72.51 -15.41 135.63
C GLY R 884 72.51 -15.00 134.15
N THR R 885 71.96 -15.87 133.29
CA THR R 885 71.86 -15.57 131.87
C THR R 885 71.06 -14.30 131.64
N GLN R 886 70.02 -14.09 132.45
CA GLN R 886 69.15 -12.93 132.32
C GLN R 886 69.64 -11.69 133.09
N CYS R 887 70.76 -11.80 133.81
CA CYS R 887 71.21 -10.67 134.64
C CYS R 887 72.64 -10.19 134.40
N ASN R 888 73.55 -11.10 134.09
CA ASN R 888 74.95 -10.76 133.91
C ASN R 888 75.11 -10.23 132.50
N VAL R 889 75.33 -8.94 132.38
CA VAL R 889 75.37 -8.34 131.06
C VAL R 889 76.76 -7.99 130.64
N ALA R 890 77.74 -8.62 131.31
CA ALA R 890 79.13 -8.61 130.83
C ALA R 890 79.31 -9.69 129.78
N VAL R 891 78.29 -10.52 129.67
CA VAL R 891 78.25 -11.63 128.74
C VAL R 891 77.65 -11.11 127.46
N HIS R 892 78.34 -11.31 126.35
CA HIS R 892 77.83 -10.82 125.10
C HIS R 892 76.40 -11.32 124.90
N PRO R 893 75.45 -10.47 124.45
CA PRO R 893 74.04 -10.78 124.28
C PRO R 893 73.75 -11.94 123.36
N GLU R 894 74.66 -12.30 122.45
CA GLU R 894 74.37 -13.43 121.59
C GLU R 894 74.44 -14.69 122.42
N LEU R 895 75.36 -14.71 123.38
CA LEU R 895 75.58 -15.90 124.18
C LEU R 895 74.38 -16.06 125.08
N ARG R 896 73.89 -14.91 125.55
CA ARG R 896 72.73 -14.91 126.43
C ARG R 896 71.49 -15.31 125.65
N ALA R 897 71.36 -14.82 124.42
CA ALA R 897 70.19 -15.16 123.62
C ALA R 897 70.15 -16.65 123.32
N ARG R 898 71.32 -17.25 123.07
CA ARG R 898 71.34 -18.67 122.78
C ARG R 898 70.93 -19.48 123.99
N GLN R 899 71.41 -19.08 125.17
CA GLN R 899 71.02 -19.85 126.35
C GLN R 899 69.57 -19.62 126.73
N SER R 900 69.04 -18.42 126.44
CA SER R 900 67.65 -18.15 126.75
C SER R 900 66.75 -19.02 125.88
N LYS R 901 67.14 -19.19 124.62
CA LYS R 901 66.38 -20.05 123.72
C LYS R 901 66.50 -21.52 124.13
N ASN R 902 67.68 -21.93 124.62
CA ASN R 902 67.84 -23.31 125.06
C ASN R 902 66.91 -23.58 126.23
N PHE R 903 66.85 -22.63 127.17
CA PHE R 903 65.96 -22.75 128.34
C PHE R 903 64.50 -22.77 127.89
N ASP R 904 64.05 -21.95 126.92
CA ASP R 904 62.65 -22.11 126.52
C ASP R 904 62.36 -23.48 125.95
N ARG R 905 63.26 -24.05 125.16
CA ARG R 905 62.90 -25.36 124.62
C ARG R 905 62.71 -26.41 125.73
N GLN R 906 63.59 -26.36 126.75
CA GLN R 906 63.46 -27.32 127.85
C GLN R 906 62.31 -27.05 128.83
N TYR R 907 62.04 -25.78 129.12
CA TYR R 907 61.05 -25.43 130.13
C TYR R 907 59.70 -24.88 129.65
N LEU R 908 59.65 -24.27 128.47
CA LEU R 908 58.44 -23.67 127.96
C LEU R 908 57.83 -24.61 126.93
N GLY R 909 58.70 -25.23 126.14
CA GLY R 909 58.31 -26.18 125.10
C GLY R 909 58.92 -25.79 123.77
N ASN R 910 58.70 -26.63 122.76
CA ASN R 910 59.28 -26.34 121.44
C ASN R 910 58.33 -25.53 120.58
N SER R 911 57.10 -25.31 121.06
CA SER R 911 56.10 -24.54 120.33
C SER R 911 56.26 -23.07 120.65
N VAL R 912 57.44 -22.55 120.32
CA VAL R 912 57.77 -21.17 120.65
C VAL R 912 58.20 -20.41 119.41
N THR R 913 57.56 -19.27 119.22
CA THR R 913 57.81 -18.37 118.11
C THR R 913 58.40 -17.08 118.60
N TYR R 914 59.47 -16.64 117.97
CA TYR R 914 60.10 -15.43 118.42
C TYR R 914 59.68 -14.24 117.58
N THR R 915 59.52 -13.10 118.22
CA THR R 915 59.11 -11.86 117.58
C THR R 915 60.09 -10.75 117.89
N THR R 916 59.87 -9.59 117.26
CA THR R 916 60.72 -8.41 117.37
C THR R 916 61.12 -8.10 118.78
N ARG R 917 62.43 -7.91 118.96
CA ARG R 917 63.09 -7.63 120.25
C ARG R 917 62.89 -6.19 120.72
N ALA R 918 63.12 -5.96 122.02
CA ALA R 918 62.95 -4.61 122.57
C ALA R 918 63.92 -4.28 123.70
N HIS R 919 64.06 -2.98 123.94
CA HIS R 919 64.88 -2.41 125.00
C HIS R 919 64.10 -2.25 126.28
N ARG R 920 64.81 -2.13 127.39
CA ARG R 920 64.15 -1.81 128.65
C ARG R 920 64.96 -0.74 129.35
N GLY R 921 64.26 0.13 130.08
CA GLY R 921 64.94 1.15 130.86
C GLY R 921 64.18 1.52 132.12
N ILE R 922 64.82 2.28 132.97
CA ILE R 922 64.30 2.65 134.27
C ILE R 922 63.89 4.08 134.26
N TRP R 923 62.70 4.37 134.68
CA TRP R 923 62.29 5.76 134.69
C TRP R 923 62.89 6.43 135.89
N ASN R 924 63.52 7.57 135.64
CA ASN R 924 64.18 8.29 136.71
C ASN R 924 63.13 8.67 137.77
N PRO R 925 63.33 8.33 139.06
CA PRO R 925 62.40 8.64 140.13
C PRO R 925 62.04 10.12 140.19
N LYS R 926 62.91 11.01 139.70
CA LYS R 926 62.60 12.43 139.73
C LYS R 926 61.68 12.81 138.59
N PHE R 927 61.75 12.08 137.47
CA PHE R 927 60.88 12.32 136.34
C PHE R 927 59.50 11.97 136.80
N ILE R 928 59.44 10.84 137.51
CA ILE R 928 58.18 10.34 137.99
C ILE R 928 57.60 11.29 139.01
N GLU R 929 58.41 11.76 139.97
CA GLU R 929 57.92 12.71 140.95
C GLU R 929 57.35 13.93 140.30
N ALA R 930 58.07 14.47 139.32
CA ALA R 930 57.64 15.68 138.67
C ALA R 930 56.40 15.46 137.82
N LEU R 931 56.30 14.35 137.11
CA LEU R 931 55.11 14.15 136.31
C LEU R 931 53.87 14.03 137.17
N ASP R 932 53.96 13.21 138.22
CA ASP R 932 52.79 12.98 139.05
C ASP R 932 52.41 14.21 139.86
N LYS R 933 53.40 14.81 140.50
CA LYS R 933 53.09 15.97 141.29
C LYS R 933 52.72 17.14 140.43
N ALA R 934 53.36 17.33 139.27
CA ALA R 934 53.02 18.49 138.47
C ALA R 934 51.60 18.43 137.99
N ILE R 935 51.09 17.24 137.65
CA ILE R 935 49.70 17.16 137.21
C ILE R 935 48.76 17.45 138.39
N ALA R 936 49.05 16.83 139.54
CA ALA R 936 48.21 17.05 140.71
C ALA R 936 48.25 18.51 141.18
N SER R 937 49.40 19.15 141.03
CA SER R 937 49.66 20.51 141.47
C SER R 937 49.02 21.57 140.63
N VAL R 938 48.44 21.18 139.49
CA VAL R 938 47.79 22.16 138.64
C VAL R 938 46.29 21.92 138.72
N GLY R 939 45.90 21.05 139.67
CA GLY R 939 44.50 20.77 139.96
C GLY R 939 43.84 19.62 139.21
N LEU R 940 44.58 18.80 138.46
CA LEU R 940 43.86 17.75 137.77
C LEU R 940 43.77 16.52 138.66
N THR R 941 42.91 16.63 139.65
CA THR R 941 42.74 15.64 140.70
C THR R 941 42.11 14.38 140.17
N VAL R 942 42.69 13.25 140.60
CA VAL R 942 42.21 11.92 140.28
C VAL R 942 41.89 11.14 141.55
N ALA R 943 40.68 10.60 141.61
CA ALA R 943 40.23 9.81 142.75
C ALA R 943 40.57 8.34 142.58
N MET R 944 40.88 7.67 143.66
CA MET R 944 41.10 6.24 143.52
C MET R 944 39.78 5.55 143.68
N ASP R 945 39.48 4.60 142.81
CA ASP R 945 38.24 3.84 142.91
C ASP R 945 38.33 2.79 144.00
N ASN R 946 39.53 2.25 144.21
CA ASN R 946 39.70 1.21 145.22
C ASN R 946 39.98 1.86 146.57
N VAL R 947 39.02 2.63 147.09
CA VAL R 947 39.21 3.61 148.18
C VAL R 947 39.90 3.00 149.41
N ALA R 948 39.59 1.74 149.72
CA ALA R 948 40.38 0.89 150.59
C ALA R 948 40.34 -0.55 150.09
N GLN R 949 41.38 -1.34 150.38
CA GLN R 949 41.55 -2.70 149.89
C GLN R 949 40.44 -3.63 150.42
N ALA S 413 115.87 -23.58 -25.14
CA ALA S 413 114.93 -24.67 -25.38
C ALA S 413 113.55 -24.22 -24.91
N GLY S 414 113.43 -23.79 -23.64
CA GLY S 414 112.19 -23.27 -23.04
C GLY S 414 111.92 -21.87 -23.60
N ASN S 415 112.95 -21.29 -24.20
CA ASN S 415 112.83 -19.98 -24.79
C ASN S 415 112.32 -20.10 -26.20
N LEU S 416 112.08 -21.34 -26.66
CA LEU S 416 111.54 -21.51 -27.98
C LEU S 416 110.05 -21.42 -27.88
N ASN S 417 109.53 -21.21 -26.67
CA ASN S 417 108.11 -21.00 -26.53
C ASN S 417 107.76 -19.70 -27.26
N SER S 418 108.76 -18.80 -27.42
CA SER S 418 108.57 -17.55 -28.14
C SER S 418 108.33 -17.74 -29.63
N ILE S 419 108.68 -18.93 -30.18
CA ILE S 419 108.44 -19.25 -31.57
C ILE S 419 107.26 -20.20 -31.65
N PHE S 420 107.19 -21.14 -30.70
CA PHE S 420 106.22 -22.22 -30.68
C PHE S 420 104.81 -21.72 -30.66
N GLN S 421 104.62 -20.65 -29.87
CA GLN S 421 103.33 -20.03 -29.66
C GLN S 421 103.00 -18.82 -30.55
N ARG S 422 103.84 -18.48 -31.53
CA ARG S 422 103.58 -17.27 -32.34
C ARG S 422 102.31 -17.27 -33.16
N SER S 423 101.93 -18.42 -33.68
CA SER S 423 100.77 -18.48 -34.54
C SER S 423 100.05 -19.82 -34.49
N GLY S 424 98.77 -19.78 -34.79
CA GLY S 424 97.99 -20.99 -34.93
C GLY S 424 97.51 -21.55 -33.59
N ARG S 425 96.89 -22.71 -33.70
CA ARG S 425 96.27 -23.46 -32.62
C ARG S 425 96.66 -24.94 -32.67
N THR S 426 96.55 -25.69 -31.58
CA THR S 426 96.84 -27.12 -31.72
C THR S 426 95.82 -28.02 -31.08
N ASP S 427 96.00 -29.31 -31.33
CA ASP S 427 95.17 -30.38 -30.79
C ASP S 427 95.88 -30.89 -29.53
N GLY S 428 95.34 -30.60 -28.35
CA GLY S 428 96.04 -30.99 -27.12
C GLY S 428 95.19 -30.83 -25.87
N GLY S 429 95.82 -31.00 -24.71
CA GLY S 429 95.15 -30.95 -23.40
C GLY S 429 94.98 -32.37 -22.88
N ASP S 430 95.14 -32.59 -21.58
CA ASP S 430 94.94 -33.93 -21.00
C ASP S 430 93.45 -34.30 -20.89
N ALA S 431 93.15 -35.59 -20.76
CA ALA S 431 91.78 -36.10 -20.72
C ALA S 431 90.93 -35.51 -19.58
N ARG S 432 91.50 -35.23 -18.40
CA ARG S 432 90.77 -34.63 -17.29
C ARG S 432 90.55 -33.14 -17.51
N ALA S 433 91.54 -32.37 -17.94
CA ALA S 433 91.31 -30.95 -18.28
C ALA S 433 90.33 -30.76 -19.44
N SER S 434 90.33 -31.67 -20.40
CA SER S 434 89.33 -31.72 -21.47
C SER S 434 87.93 -31.98 -20.90
N GLU S 435 87.76 -33.00 -20.05
CA GLU S 435 86.44 -33.31 -19.53
C GLU S 435 85.98 -32.20 -18.60
N ALA S 436 86.91 -31.69 -17.81
CA ALA S 436 86.59 -30.64 -16.89
C ALA S 436 86.14 -29.41 -17.62
N LEU S 437 86.79 -29.05 -18.74
CA LEU S 437 86.34 -27.86 -19.41
C LEU S 437 84.94 -28.07 -19.92
N ALA S 438 84.67 -29.24 -20.49
CA ALA S 438 83.35 -29.47 -21.04
C ALA S 438 82.24 -29.41 -19.99
N VAL S 439 82.49 -29.97 -18.79
CA VAL S 439 81.42 -29.93 -17.78
C VAL S 439 81.31 -28.54 -17.23
N PHE S 440 82.42 -27.84 -17.03
CA PHE S 440 82.31 -26.53 -16.46
C PHE S 440 81.64 -25.55 -17.41
N ASN S 441 81.86 -25.69 -18.73
CA ASN S 441 81.16 -24.80 -19.63
C ASN S 441 79.66 -25.13 -19.63
N LYS S 442 79.31 -26.43 -19.52
CA LYS S 442 77.90 -26.79 -19.45
C LYS S 442 77.23 -26.16 -18.25
N LEU S 443 77.91 -26.25 -17.10
CA LEU S 443 77.39 -25.74 -15.86
C LEU S 443 77.26 -24.24 -15.90
N LYS S 444 78.22 -23.55 -16.51
CA LYS S 444 78.06 -22.12 -16.66
C LYS S 444 76.76 -21.81 -17.35
N GLU S 445 76.52 -22.49 -18.48
CA GLU S 445 75.32 -22.18 -19.25
C GLU S 445 74.04 -22.54 -18.52
N GLU S 446 74.03 -23.62 -17.75
CA GLU S 446 72.79 -23.94 -17.06
C GLU S 446 72.56 -22.90 -15.97
N ALA S 447 73.62 -22.49 -15.28
CA ALA S 447 73.47 -21.48 -14.24
C ALA S 447 72.94 -20.19 -14.83
N ILE S 448 73.33 -19.86 -16.06
CA ILE S 448 72.79 -18.66 -16.68
C ILE S 448 71.30 -18.89 -16.98
N ALA S 449 70.97 -20.06 -17.54
CA ALA S 449 69.60 -20.39 -17.91
C ALA S 449 68.61 -20.36 -16.74
N GLN S 450 69.09 -20.75 -15.56
CA GLN S 450 68.27 -20.76 -14.36
C GLN S 450 68.29 -19.43 -13.66
N GLN S 451 69.01 -18.44 -14.23
CA GLN S 451 69.29 -17.10 -13.70
C GLN S 451 70.06 -17.08 -12.38
N ASP S 452 70.84 -18.11 -12.07
CA ASP S 452 71.57 -18.14 -10.81
C ASP S 452 72.87 -17.40 -11.01
N LEU S 453 73.44 -17.51 -12.20
CA LEU S 453 74.72 -16.89 -12.54
C LEU S 453 74.53 -15.75 -13.53
N HIS S 454 75.27 -14.65 -13.38
CA HIS S 454 75.29 -13.55 -14.36
C HIS S 454 76.27 -13.81 -15.52
N ASP S 455 75.92 -13.41 -16.74
CA ASP S 455 76.68 -13.76 -17.96
C ASP S 455 77.78 -12.73 -18.31
N ASP S 456 78.63 -12.38 -17.35
CA ASP S 456 79.58 -11.25 -17.44
C ASP S 456 81.06 -11.67 -17.53
N PHE S 457 81.35 -12.94 -17.82
CA PHE S 457 82.68 -13.54 -17.56
C PHE S 457 83.01 -14.78 -18.40
N LEU S 458 84.22 -15.34 -18.22
CA LEU S 458 84.77 -16.46 -18.99
C LEU S 458 85.39 -17.57 -18.11
N VAL S 459 85.37 -18.78 -18.65
CA VAL S 459 86.01 -20.01 -18.14
C VAL S 459 87.08 -20.44 -19.11
N PHE S 460 88.30 -20.72 -18.63
CA PHE S 460 89.40 -21.07 -19.55
C PHE S 460 90.11 -22.35 -19.18
N ARG S 461 90.61 -23.11 -20.15
CA ARG S 461 91.44 -24.29 -19.89
C ARG S 461 92.91 -23.91 -19.93
N PHE S 462 93.67 -24.26 -18.89
CA PHE S 462 95.11 -24.04 -18.89
C PHE S 462 95.78 -25.39 -19.13
N ASP S 463 96.55 -25.50 -20.21
CA ASP S 463 97.14 -26.78 -20.58
C ASP S 463 98.60 -26.97 -20.20
N ARG S 464 98.96 -28.20 -19.90
CA ARG S 464 100.35 -28.53 -19.57
C ARG S 464 101.14 -28.64 -20.87
N ASP S 465 100.42 -28.85 -21.97
CA ASP S 465 100.96 -28.95 -23.32
C ASP S 465 101.17 -27.56 -23.90
N GLN S 466 100.13 -26.74 -23.97
CA GLN S 466 100.23 -25.42 -24.58
C GLN S 466 101.11 -24.47 -23.74
N ASN S 467 101.28 -24.71 -22.44
CA ASN S 467 102.00 -23.78 -21.56
C ASN S 467 102.63 -24.47 -20.32
N ARG S 468 103.46 -23.71 -19.61
CA ARG S 468 104.54 -24.12 -18.70
C ARG S 468 104.12 -24.51 -17.26
N VAL S 469 103.24 -25.48 -17.07
CA VAL S 469 102.95 -26.06 -15.77
C VAL S 469 103.07 -27.57 -15.76
N GLY S 470 103.21 -28.15 -14.58
CA GLY S 470 103.17 -29.59 -14.47
C GLY S 470 101.75 -30.11 -14.41
N TYR S 471 100.87 -29.31 -13.83
CA TYR S 471 99.48 -29.69 -13.68
C TYR S 471 98.57 -28.70 -14.32
N SER S 472 97.68 -29.24 -15.14
CA SER S 472 96.67 -28.47 -15.84
C SER S 472 95.62 -28.02 -14.86
N ALA S 473 94.86 -27.01 -15.27
CA ALA S 473 93.85 -26.44 -14.38
C ALA S 473 92.79 -25.71 -15.18
N LEU S 474 91.62 -25.54 -14.60
CA LEU S 474 90.69 -24.66 -15.25
C LEU S 474 90.76 -23.35 -14.54
N LEU S 475 90.48 -22.29 -15.24
CA LEU S 475 90.56 -21.00 -14.62
C LEU S 475 89.21 -20.33 -14.56
N VAL S 476 88.81 -19.95 -13.34
CA VAL S 476 87.57 -19.21 -13.17
C VAL S 476 87.99 -17.76 -13.27
N VAL S 477 87.58 -17.08 -14.34
CA VAL S 477 88.08 -15.74 -14.57
C VAL S 477 87.03 -14.64 -14.71
N LYS S 478 87.22 -13.55 -13.94
CA LYS S 478 86.34 -12.40 -14.09
C LYS S 478 87.16 -11.15 -14.26
N ARG S 479 86.61 -10.17 -14.97
CA ARG S 479 87.37 -8.96 -15.23
C ARG S 479 86.57 -7.67 -15.19
N ALA S 480 87.28 -6.59 -14.82
CA ALA S 480 86.78 -5.22 -14.91
C ALA S 480 87.94 -4.25 -14.99
N ALA S 481 87.73 -3.06 -15.54
CA ALA S 481 88.81 -2.08 -15.46
C ALA S 481 88.56 -1.23 -14.23
N ILE S 482 89.59 -1.06 -13.43
CA ILE S 482 89.46 -0.31 -12.21
C ILE S 482 90.37 0.91 -12.23
N ASN S 483 89.75 2.08 -12.29
CA ASN S 483 90.46 3.35 -12.35
C ASN S 483 91.51 3.38 -13.47
N GLY S 484 91.16 2.80 -14.61
CA GLY S 484 92.03 2.75 -15.78
C GLY S 484 92.90 1.49 -15.91
N GLN S 485 93.02 0.68 -14.86
CA GLN S 485 93.84 -0.53 -14.97
C GLN S 485 92.99 -1.73 -15.28
N GLN S 486 93.41 -2.55 -16.23
CA GLN S 486 92.58 -3.73 -16.45
C GLN S 486 92.90 -4.75 -15.37
N VAL S 487 91.87 -5.19 -14.63
CA VAL S 487 92.10 -6.13 -13.55
C VAL S 487 91.32 -7.42 -13.74
N ILE S 488 92.03 -8.53 -13.64
CA ILE S 488 91.45 -9.84 -13.77
C ILE S 488 91.61 -10.62 -12.47
N VAL S 489 90.54 -11.25 -11.99
CA VAL S 489 90.70 -12.06 -10.79
C VAL S 489 90.53 -13.50 -11.18
N THR S 490 91.51 -14.32 -10.83
CA THR S 490 91.46 -15.72 -11.19
C THR S 490 91.53 -16.66 -10.02
N ARG S 491 90.68 -17.67 -10.09
CA ARG S 491 90.64 -18.76 -9.11
C ARG S 491 90.90 -20.09 -9.84
N PRO S 492 92.17 -20.56 -9.95
CA PRO S 492 92.53 -21.81 -10.60
C PRO S 492 91.94 -23.03 -9.92
N LEU S 493 91.54 -24.01 -10.72
CA LEU S 493 91.04 -25.29 -10.26
C LEU S 493 91.95 -26.38 -10.82
N VAL S 494 92.87 -26.89 -10.00
CA VAL S 494 93.86 -27.84 -10.49
C VAL S 494 93.18 -29.17 -10.76
N MET S 495 93.56 -29.78 -11.88
CA MET S 495 93.00 -31.06 -12.31
C MET S 495 94.01 -32.22 -12.33
N PRO S 496 94.38 -32.83 -11.19
CA PRO S 496 95.37 -33.89 -11.11
C PRO S 496 94.85 -35.01 -11.96
N ASN S 497 95.73 -35.71 -12.62
CA ASN S 497 95.35 -36.76 -13.55
C ASN S 497 96.12 -37.98 -13.10
N ASP S 498 95.41 -39.02 -12.68
CA ASP S 498 95.96 -40.24 -12.17
C ASP S 498 96.84 -41.00 -13.15
N GLN S 499 96.69 -40.70 -14.44
CA GLN S 499 97.44 -41.38 -15.48
C GLN S 499 98.68 -40.59 -15.89
N ILE S 500 98.88 -39.41 -15.30
CA ILE S 500 100.02 -38.58 -15.67
C ILE S 500 100.98 -38.35 -14.53
N THR S 501 102.23 -38.72 -14.73
CA THR S 501 103.22 -38.53 -13.68
C THR S 501 104.17 -37.42 -14.02
N LEU S 502 104.26 -36.45 -13.14
CA LEU S 502 105.16 -35.34 -13.32
C LEU S 502 106.47 -35.82 -12.73
N PRO S 503 107.65 -35.54 -13.31
CA PRO S 503 108.90 -35.95 -12.76
C PRO S 503 108.99 -35.47 -11.33
N THR S 504 109.54 -36.31 -10.48
CA THR S 504 109.69 -36.06 -9.07
C THR S 504 110.85 -35.14 -8.74
N LYS S 505 110.79 -34.54 -7.56
CA LYS S 505 111.80 -33.68 -6.96
C LYS S 505 112.76 -34.50 -6.12
N LYS S 506 114.05 -34.16 -6.08
CA LYS S 506 115.00 -34.79 -5.19
C LYS S 506 115.07 -34.09 -3.84
N LEU S 507 114.73 -34.84 -2.80
CA LEU S 507 114.74 -34.37 -1.44
C LEU S 507 116.03 -34.86 -0.78
N THR S 508 117.09 -34.06 -0.70
CA THR S 508 118.30 -34.57 -0.09
C THR S 508 118.26 -34.30 1.39
N ILE S 509 118.38 -35.36 2.19
CA ILE S 509 118.32 -35.22 3.62
C ILE S 509 119.67 -35.47 4.28
N GLN S 510 120.17 -34.46 4.96
CA GLN S 510 121.46 -34.61 5.58
C GLN S 510 121.30 -35.17 6.98
N ASN S 511 121.31 -36.49 7.08
CA ASN S 511 121.07 -37.16 8.35
C ASN S 511 122.39 -37.27 9.11
N GLY S 512 122.84 -36.15 9.64
CA GLY S 512 124.12 -36.13 10.31
C GLY S 512 125.19 -36.42 9.26
N MET S 513 125.96 -37.48 9.48
CA MET S 513 127.02 -37.84 8.54
C MET S 513 126.52 -38.68 7.37
N HIS S 514 125.23 -39.04 7.39
CA HIS S 514 124.63 -39.85 6.34
C HIS S 514 123.77 -39.05 5.40
N GLN S 515 124.10 -39.09 4.11
CA GLN S 515 123.31 -38.33 3.16
C GLN S 515 122.52 -39.28 2.28
N GLU S 516 121.21 -39.06 2.24
CA GLU S 516 120.32 -39.90 1.43
C GLU S 516 119.26 -39.06 0.74
N THR S 517 118.94 -39.39 -0.52
CA THR S 517 117.93 -38.65 -1.24
C THR S 517 116.66 -39.43 -1.50
N ILE S 518 115.53 -38.79 -1.19
CA ILE S 518 114.21 -39.38 -1.43
C ILE S 518 113.59 -38.67 -2.61
N GLU S 519 113.11 -39.40 -3.61
CA GLU S 519 112.46 -38.70 -4.69
C GLU S 519 110.96 -38.69 -4.40
N ALA S 520 110.30 -37.58 -4.71
CA ALA S 520 108.85 -37.52 -4.44
C ALA S 520 108.08 -36.63 -5.40
N GLU S 521 106.81 -36.97 -5.57
CA GLU S 521 105.88 -36.24 -6.43
C GLU S 521 105.57 -34.86 -5.92
N ALA S 522 105.43 -33.91 -6.85
CA ALA S 522 105.05 -32.56 -6.47
C ALA S 522 103.56 -32.48 -6.18
N ASP S 523 103.24 -31.93 -5.00
CA ASP S 523 101.84 -31.74 -4.59
C ASP S 523 101.43 -30.35 -4.98
N VAL S 524 100.21 -29.94 -4.71
CA VAL S 524 99.81 -28.61 -5.16
C VAL S 524 100.68 -27.50 -4.56
N GLN S 525 101.22 -27.71 -3.37
CA GLN S 525 102.13 -26.75 -2.73
C GLN S 525 103.44 -26.60 -3.49
N ASP S 526 103.92 -27.69 -4.10
CA ASP S 526 105.20 -27.69 -4.81
C ASP S 526 105.00 -27.22 -6.23
N VAL S 527 103.83 -27.52 -6.76
CA VAL S 527 103.41 -27.18 -8.10
C VAL S 527 103.12 -25.70 -8.24
N PHE S 528 102.39 -25.14 -7.28
CA PHE S 528 102.01 -23.74 -7.37
C PHE S 528 103.12 -22.83 -6.90
N THR S 529 104.11 -22.74 -7.74
CA THR S 529 105.29 -21.95 -7.54
C THR S 529 104.97 -20.55 -7.99
N THR S 530 105.87 -19.61 -7.76
CA THR S 530 105.58 -18.27 -8.22
C THR S 530 105.51 -18.22 -9.73
N GLN S 531 106.33 -19.03 -10.40
CA GLN S 531 106.26 -19.01 -11.85
C GLN S 531 105.03 -19.74 -12.34
N TYR S 532 104.56 -20.75 -11.62
CA TYR S 532 103.35 -21.44 -12.06
C TYR S 532 102.28 -20.38 -12.23
N TRP S 533 102.12 -19.54 -11.20
CA TRP S 533 101.14 -18.46 -11.23
C TRP S 533 101.38 -17.48 -12.35
N ASN S 534 102.65 -17.09 -12.56
CA ASN S 534 102.92 -16.13 -13.60
C ASN S 534 102.54 -16.71 -14.96
N ARG S 535 102.70 -18.02 -15.13
CA ARG S 535 102.34 -18.65 -16.39
C ARG S 535 100.83 -18.70 -16.55
N ILE S 536 100.11 -18.89 -15.43
CA ILE S 536 98.66 -18.89 -15.49
C ILE S 536 98.22 -17.55 -16.00
N CYS S 537 98.79 -16.47 -15.42
CA CYS S 537 98.47 -15.09 -15.83
C CYS S 537 98.72 -14.89 -17.32
N ASP S 538 99.87 -15.34 -17.83
CA ASP S 538 100.17 -15.11 -19.23
C ASP S 538 99.19 -15.79 -20.16
N SER S 539 98.79 -17.02 -19.82
CA SER S 539 97.83 -17.75 -20.66
C SER S 539 96.50 -17.05 -20.66
N ILE S 540 96.10 -16.53 -19.49
CA ILE S 540 94.82 -15.86 -19.45
C ILE S 540 94.89 -14.68 -20.38
N ARG S 541 95.99 -13.92 -20.34
CA ARG S 541 96.08 -12.76 -21.22
C ARG S 541 95.99 -13.19 -22.70
N GLN S 542 96.60 -14.32 -23.06
CA GLN S 542 96.48 -14.80 -24.44
C GLN S 542 95.02 -15.11 -24.79
N GLN S 543 94.29 -15.65 -23.81
CA GLN S 543 92.89 -16.06 -23.97
C GLN S 543 91.85 -14.92 -23.83
N THR S 544 92.18 -13.83 -23.11
CA THR S 544 91.24 -12.72 -22.90
C THR S 544 91.54 -11.51 -23.78
N GLY S 545 92.79 -11.42 -24.26
CA GLY S 545 93.28 -10.34 -25.09
C GLY S 545 93.84 -9.20 -24.26
N LYS S 546 93.68 -9.31 -22.95
CA LYS S 546 94.11 -8.25 -22.07
C LYS S 546 95.57 -8.42 -21.69
N HIS S 547 96.42 -8.10 -22.65
CA HIS S 547 97.85 -8.31 -22.53
C HIS S 547 98.55 -7.39 -21.55
N ASP S 548 97.94 -6.26 -21.22
CA ASP S 548 98.49 -5.38 -20.22
C ASP S 548 97.77 -5.49 -18.86
N ALA S 549 96.95 -6.53 -18.67
CA ALA S 549 96.20 -6.71 -17.41
C ALA S 549 97.03 -7.20 -16.24
N MET S 550 96.57 -6.79 -15.06
CA MET S 550 97.09 -7.24 -13.78
C MET S 550 96.19 -8.35 -13.29
N VAL S 551 96.76 -9.42 -12.72
CA VAL S 551 95.92 -10.51 -12.31
C VAL S 551 96.03 -10.78 -10.79
N ILE S 552 94.87 -10.79 -10.15
CA ILE S 552 94.64 -11.04 -8.74
C ILE S 552 94.50 -12.53 -8.44
N ASN S 553 95.23 -13.02 -7.45
CA ASN S 553 95.24 -14.43 -7.10
C ASN S 553 94.17 -14.70 -6.03
N ALA S 554 93.06 -15.35 -6.42
CA ALA S 554 91.96 -15.64 -5.51
C ALA S 554 92.21 -16.93 -4.76
N GLY S 555 93.35 -17.53 -5.03
CA GLY S 555 93.73 -18.74 -4.35
C GLY S 555 93.46 -19.98 -5.19
N PRO S 556 94.47 -20.73 -5.56
CA PRO S 556 94.31 -21.90 -6.37
C PRO S 556 93.68 -22.91 -5.50
N THR S 557 92.89 -23.79 -6.06
CA THR S 557 92.45 -24.93 -5.29
C THR S 557 92.58 -26.11 -6.18
N VAL S 558 92.21 -27.27 -5.67
CA VAL S 558 92.33 -28.47 -6.45
C VAL S 558 91.08 -29.30 -6.41
N ILE S 559 90.77 -29.89 -7.56
CA ILE S 559 89.71 -30.86 -7.68
C ILE S 559 90.41 -32.18 -7.98
N PRO S 560 90.63 -33.04 -6.96
CA PRO S 560 91.44 -34.26 -6.96
C PRO S 560 91.06 -35.23 -8.03
N ALA S 561 92.02 -36.05 -8.46
CA ALA S 561 91.79 -37.02 -9.52
C ALA S 561 90.63 -37.97 -9.17
N ASP S 562 90.50 -38.39 -7.90
CA ASP S 562 89.88 -39.69 -7.54
C ASP S 562 88.40 -39.94 -7.94
N PHE S 563 87.49 -39.00 -7.69
CA PHE S 563 86.04 -39.18 -7.86
C PHE S 563 85.58 -39.07 -9.32
N ASP S 564 84.34 -39.51 -9.61
CA ASP S 564 83.70 -39.38 -10.94
C ASP S 564 83.21 -37.95 -11.25
N LEU S 565 83.50 -37.42 -12.45
CA LEU S 565 83.21 -36.01 -12.81
C LEU S 565 81.71 -35.66 -13.02
N LYS S 566 80.80 -36.62 -12.84
CA LYS S 566 79.35 -36.44 -13.07
C LYS S 566 78.59 -35.65 -11.99
N ASP S 567 79.24 -35.23 -10.91
CA ASP S 567 78.63 -34.45 -9.82
C ASP S 567 78.41 -32.97 -10.19
N GLU S 568 77.47 -32.74 -11.12
CA GLU S 568 77.10 -31.43 -11.58
C GLU S 568 76.71 -30.50 -10.46
N LEU S 569 76.11 -31.02 -9.39
CA LEU S 569 75.72 -30.12 -8.30
C LEU S 569 76.93 -29.50 -7.64
N VAL S 570 77.91 -30.34 -7.29
CA VAL S 570 79.09 -29.77 -6.65
C VAL S 570 79.83 -28.84 -7.58
N LEU S 571 79.95 -29.25 -8.84
CA LEU S 571 80.72 -28.48 -9.78
C LEU S 571 80.07 -27.10 -10.00
N LYS S 572 78.73 -27.07 -10.06
CA LYS S 572 78.02 -25.81 -10.20
C LYS S 572 78.33 -24.93 -9.02
N GLN S 573 78.30 -25.53 -7.82
CA GLN S 573 78.56 -24.79 -6.61
C GLN S 573 79.99 -24.28 -6.59
N LEU S 574 80.93 -25.04 -7.13
CA LEU S 574 82.31 -24.56 -7.16
C LEU S 574 82.41 -23.32 -8.03
N LEU S 575 81.69 -23.31 -9.17
CA LEU S 575 81.75 -22.09 -10.00
C LEU S 575 81.14 -20.93 -9.30
N ILE S 576 80.01 -21.15 -8.64
CA ILE S 576 79.30 -20.12 -7.93
C ILE S 576 80.22 -19.52 -6.86
N LYS S 577 80.85 -20.34 -6.04
CA LYS S 577 81.67 -19.85 -4.96
C LYS S 577 82.91 -19.13 -5.48
N SER S 578 83.49 -19.65 -6.56
CA SER S 578 84.68 -19.07 -7.12
C SER S 578 84.42 -17.71 -7.76
N VAL S 579 83.25 -17.55 -8.40
CA VAL S 579 82.95 -16.25 -8.97
C VAL S 579 82.62 -15.26 -7.86
N ASN S 580 82.03 -15.71 -6.76
CA ASN S 580 81.74 -14.85 -5.61
C ASN S 580 83.02 -14.20 -5.18
N LEU S 581 84.01 -15.05 -4.99
CA LEU S 581 85.28 -14.56 -4.48
C LEU S 581 85.90 -13.62 -5.50
N CYS S 582 85.76 -13.94 -6.79
CA CYS S 582 86.33 -13.06 -7.80
C CYS S 582 85.69 -11.68 -7.74
N ASP S 583 84.37 -11.62 -7.52
CA ASP S 583 83.69 -10.32 -7.42
C ASP S 583 84.16 -9.56 -6.21
N ASP S 584 84.37 -10.25 -5.09
CA ASP S 584 84.86 -9.63 -3.87
C ASP S 584 86.19 -8.99 -4.13
N MET S 585 87.09 -9.72 -4.78
CA MET S 585 88.42 -9.19 -4.92
C MET S 585 88.45 -8.03 -5.90
N LEU S 586 87.59 -8.04 -6.94
CA LEU S 586 87.55 -6.86 -7.80
C LEU S 586 87.00 -5.71 -6.95
N ALA S 587 85.98 -5.99 -6.12
CA ALA S 587 85.40 -4.95 -5.30
C ALA S 587 86.40 -4.35 -4.32
N LYS S 588 87.18 -5.20 -3.66
CA LYS S 588 88.07 -4.74 -2.60
C LYS S 588 89.25 -3.99 -3.20
N ARG S 589 89.69 -4.38 -4.40
CA ARG S 589 90.59 -3.57 -5.23
C ARG S 589 89.96 -2.24 -5.68
N SER S 590 88.65 -2.24 -5.96
CA SER S 590 87.87 -1.04 -6.34
C SER S 590 87.66 -0.05 -5.18
N GLY S 591 88.06 -0.41 -3.97
CA GLY S 591 87.80 0.37 -2.76
C GLY S 591 86.45 0.16 -2.07
N GLU S 592 85.77 -0.98 -2.24
CA GLU S 592 84.49 -1.26 -1.56
C GLU S 592 84.56 -1.13 -0.01
N GLN S 593 83.47 -0.67 0.62
CA GLN S 593 83.38 -0.47 2.06
C GLN S 593 83.48 -1.77 2.88
N PRO S 594 84.18 -1.77 4.04
CA PRO S 594 84.48 -2.98 4.81
C PRO S 594 83.35 -3.42 5.73
N PHE S 595 83.36 -4.69 6.15
CA PHE S 595 82.49 -5.15 7.23
C PHE S 595 82.92 -4.57 8.56
N SER S 596 81.94 -4.16 9.36
CA SER S 596 82.27 -3.63 10.67
C SER S 596 81.22 -3.87 11.75
N VAL S 597 81.65 -3.66 13.00
CA VAL S 597 80.76 -3.85 14.14
C VAL S 597 79.65 -2.84 14.08
N ALA S 598 79.92 -1.68 13.49
CA ALA S 598 78.97 -0.59 13.31
C ALA S 598 77.79 -1.00 12.46
N MET S 599 77.99 -1.98 11.56
CA MET S 599 76.92 -2.41 10.69
C MET S 599 76.03 -3.36 11.47
N LEU S 600 76.65 -4.09 12.41
CA LEU S 600 75.93 -5.01 13.28
C LEU S 600 75.31 -4.34 14.48
N LYS S 601 75.93 -3.26 14.94
CA LYS S 601 75.50 -2.63 16.14
C LYS S 601 74.34 -1.69 15.93
N GLY S 602 73.18 -2.29 15.76
CA GLY S 602 71.99 -1.48 15.61
C GLY S 602 71.78 -0.91 16.99
N THR S 603 71.08 0.22 17.11
CA THR S 603 70.87 0.79 18.45
C THR S 603 69.90 -0.05 19.24
N ASP S 604 69.18 -0.89 18.53
CA ASP S 604 68.23 -1.84 19.03
C ASP S 604 68.62 -3.29 18.75
N GLU S 605 69.91 -3.66 18.61
CA GLU S 605 70.30 -5.04 18.25
C GLU S 605 71.46 -5.58 19.11
N THR S 606 71.42 -6.87 19.52
CA THR S 606 72.55 -7.49 20.24
C THR S 606 72.91 -8.90 19.73
N LEU S 607 74.13 -9.34 20.03
CA LEU S 607 74.61 -10.67 19.66
C LEU S 607 74.47 -11.67 20.79
N ALA S 608 74.48 -12.94 20.42
CA ALA S 608 74.48 -14.05 21.37
C ALA S 608 75.19 -15.25 20.74
N ALA S 609 75.73 -16.16 21.56
CA ALA S 609 76.40 -17.34 20.97
C ALA S 609 76.35 -18.62 21.83
N ARG S 610 76.47 -19.77 21.12
CA ARG S 610 76.49 -21.09 21.77
C ARG S 610 77.52 -22.07 21.21
N LEU S 611 77.87 -23.06 22.03
CA LEU S 611 78.77 -24.12 21.58
C LEU S 611 77.99 -25.38 21.27
N ASN S 612 78.08 -25.82 20.03
CA ASN S 612 77.42 -27.03 19.58
C ASN S 612 78.38 -28.20 19.75
N PHE S 613 78.02 -29.15 20.61
CA PHE S 613 78.69 -30.45 20.73
C PHE S 613 78.13 -31.43 19.70
N THR S 614 78.65 -31.32 18.49
CA THR S 614 77.91 -31.73 17.30
C THR S 614 77.50 -33.21 17.26
N GLY S 615 78.44 -34.14 17.44
CA GLY S 615 78.22 -35.55 17.08
C GLY S 615 78.27 -35.87 15.56
N LYS S 616 78.66 -34.90 14.70
CA LYS S 616 78.77 -35.05 13.22
C LYS S 616 79.89 -34.17 12.59
N PRO S 617 80.48 -34.57 11.45
CA PRO S 617 81.44 -33.79 10.67
C PRO S 617 80.78 -32.79 9.70
N MET S 618 81.57 -31.85 9.19
CA MET S 618 81.16 -30.82 8.23
C MET S 618 82.03 -30.88 6.99
N HIS S 619 81.58 -30.36 5.85
CA HIS S 619 82.15 -30.76 4.57
C HIS S 619 82.57 -29.56 3.77
N ASP S 620 83.68 -29.71 3.05
CA ASP S 620 84.20 -28.59 2.26
C ASP S 620 83.49 -28.49 0.92
N SER S 621 83.94 -27.59 0.07
CA SER S 621 83.25 -27.36 -1.20
C SER S 621 83.23 -28.57 -2.15
N LEU S 622 84.09 -29.58 -1.92
CA LEU S 622 84.10 -30.78 -2.75
C LEU S 622 83.47 -31.97 -2.04
N GLY S 623 82.91 -31.72 -0.86
CA GLY S 623 82.29 -32.76 -0.05
C GLY S 623 83.22 -33.58 0.86
N TYR S 624 84.46 -33.12 1.11
CA TYR S 624 85.31 -33.94 1.99
C TYR S 624 85.08 -33.49 3.43
N PRO S 625 85.11 -34.39 4.43
CA PRO S 625 84.88 -34.09 5.84
C PRO S 625 86.00 -33.27 6.46
N ILE S 626 85.63 -32.40 7.38
CA ILE S 626 86.52 -31.58 8.19
C ILE S 626 86.30 -31.87 9.67
N ARG S 627 87.36 -32.26 10.39
CA ARG S 627 87.20 -32.49 11.83
C ARG S 627 86.77 -31.25 12.59
N SER S 628 85.80 -31.47 13.48
CA SER S 628 85.29 -30.46 14.40
C SER S 628 84.73 -31.17 15.62
N ASP S 629 85.09 -30.74 16.84
CA ASP S 629 84.46 -31.31 18.02
C ASP S 629 83.35 -30.39 18.47
N ILE S 630 83.60 -29.09 18.27
CA ILE S 630 82.70 -28.03 18.68
C ILE S 630 82.43 -27.07 17.52
N LEU S 631 81.15 -26.83 17.23
CA LEU S 631 80.87 -25.81 16.23
C LEU S 631 80.37 -24.57 16.96
N VAL S 632 81.07 -23.45 16.81
CA VAL S 632 80.63 -22.29 17.56
C VAL S 632 79.72 -21.48 16.68
N SER S 633 78.51 -21.26 17.17
CA SER S 633 77.51 -20.54 16.40
C SER S 633 77.21 -19.17 16.99
N LEU S 634 77.47 -18.14 16.18
CA LEU S 634 77.21 -16.77 16.60
C LEU S 634 75.90 -16.38 15.95
N ASN S 635 74.96 -16.04 16.82
CA ASN S 635 73.59 -15.73 16.46
C ASN S 635 73.51 -14.39 15.78
N ARG S 636 72.48 -14.23 14.97
CA ARG S 636 72.23 -13.01 14.24
C ARG S 636 72.02 -11.87 15.21
N VAL S 637 72.60 -10.72 14.91
CA VAL S 637 72.41 -9.61 15.80
C VAL S 637 70.96 -9.14 15.65
N LYS S 638 70.23 -9.02 16.76
CA LYS S 638 68.83 -8.56 16.71
C LYS S 638 68.30 -8.33 18.11
N LYS S 639 67.06 -7.83 18.22
CA LYS S 639 66.41 -7.78 19.53
C LYS S 639 64.89 -8.03 19.43
N PRO S 640 64.27 -8.70 20.41
CA PRO S 640 62.83 -8.83 20.51
C PRO S 640 62.28 -7.42 20.60
N GLY S 641 61.17 -7.16 19.94
CA GLY S 641 60.58 -5.84 19.97
C GLY S 641 60.88 -5.07 18.68
N GLN S 642 61.82 -5.58 17.88
CA GLN S 642 62.10 -4.92 16.60
C GLN S 642 61.01 -5.27 15.61
N GLN S 643 60.84 -4.42 14.62
CA GLN S 643 59.86 -4.68 13.57
C GLN S 643 60.17 -5.99 12.86
N GLU S 644 59.15 -6.83 12.75
CA GLU S 644 59.24 -8.11 12.06
C GLU S 644 59.26 -7.83 10.57
N ASN S 645 60.17 -8.47 9.84
CA ASN S 645 60.30 -8.22 8.40
C ASN S 645 59.34 -9.03 7.52
N GLU S 646 58.08 -8.65 7.59
CA GLU S 646 56.94 -9.27 6.87
C GLU S 646 56.82 -10.75 7.26
N PHE S 647 56.21 -11.57 6.42
CA PHE S 647 56.07 -12.99 6.69
C PHE S 647 57.29 -13.72 6.27
N TYR S 648 58.31 -13.74 7.12
CA TYR S 648 59.60 -14.36 6.82
C TYR S 648 59.91 -15.51 7.74
N GLU S 649 60.82 -16.37 7.32
CA GLU S 649 61.42 -17.36 8.20
C GLU S 649 62.89 -17.46 7.92
N ALA S 650 63.71 -17.37 8.95
CA ALA S 650 65.14 -17.39 8.74
C ALA S 650 65.85 -17.98 9.92
N GLU S 651 67.05 -18.52 9.68
CA GLU S 651 67.87 -18.96 10.77
C GLU S 651 68.55 -17.75 11.36
N ASP S 652 68.52 -17.62 12.67
CA ASP S 652 69.15 -16.46 13.30
C ASP S 652 70.62 -16.67 13.52
N LYS S 653 71.38 -16.71 12.43
CA LYS S 653 72.82 -16.94 12.50
C LYS S 653 73.57 -15.87 11.71
N LEU S 654 74.72 -15.46 12.25
CA LEU S 654 75.61 -14.53 11.57
C LEU S 654 76.81 -15.24 10.98
N ASN S 655 77.48 -16.05 11.81
CA ASN S 655 78.66 -16.81 11.36
C ASN S 655 78.99 -17.98 12.26
N GLN S 656 80.01 -18.73 11.87
CA GLN S 656 80.42 -19.87 12.69
C GLN S 656 81.89 -20.24 12.57
N VAL S 657 82.42 -20.84 13.63
CA VAL S 657 83.79 -21.36 13.59
C VAL S 657 83.85 -22.82 14.01
N SER S 658 84.48 -23.62 13.18
CA SER S 658 84.63 -25.03 13.45
C SER S 658 85.95 -25.25 14.13
N CYS S 659 85.94 -25.97 15.24
CA CYS S 659 87.20 -26.25 15.92
C CYS S 659 87.19 -27.58 16.63
N PHE S 660 88.36 -28.03 17.03
CA PHE S 660 88.47 -29.26 17.81
C PHE S 660 89.51 -29.11 18.88
N VAL S 661 89.46 -29.98 19.88
CA VAL S 661 90.52 -29.82 20.89
C VAL S 661 91.32 -31.09 21.08
N ASN S 662 92.64 -31.00 20.92
CA ASN S 662 93.45 -32.18 21.15
C ASN S 662 93.99 -32.13 22.56
N LEU S 663 94.68 -33.19 22.95
CA LEU S 663 95.35 -33.19 24.23
C LEU S 663 96.79 -33.55 23.99
N GLU S 664 97.61 -32.53 23.82
CA GLU S 664 99.00 -32.77 23.42
C GLU S 664 99.80 -33.13 24.66
N TYR S 665 100.74 -34.05 24.54
CA TYR S 665 101.59 -34.45 25.68
C TYR S 665 102.83 -33.58 25.59
N THR S 666 102.94 -32.65 26.53
CA THR S 666 103.97 -31.62 26.45
C THR S 666 104.96 -31.65 27.61
N PRO S 667 106.18 -31.11 27.41
CA PRO S 667 107.26 -31.02 28.39
C PRO S 667 107.00 -30.00 29.47
N GLN S 668 107.69 -30.20 30.58
CA GLN S 668 107.71 -29.30 31.71
C GLN S 668 109.02 -29.54 32.49
N PRO S 669 109.76 -28.50 33.03
CA PRO S 669 110.96 -28.64 33.87
C PRO S 669 110.73 -29.59 35.08
N GLN S 682 103.13 -26.24 39.48
CA GLN S 682 103.18 -27.57 38.89
C GLN S 682 101.96 -27.79 37.98
N LEU S 683 102.21 -28.02 36.66
CA LEU S 683 101.19 -28.30 35.64
C LEU S 683 101.02 -29.80 35.40
N PRO S 684 99.82 -30.25 35.02
CA PRO S 684 99.51 -31.59 34.56
C PRO S 684 100.13 -31.69 33.14
N PRO S 685 100.41 -32.90 32.62
CA PRO S 685 101.02 -33.19 31.31
C PRO S 685 100.32 -32.87 29.97
N LEU S 686 98.99 -32.67 29.93
CA LEU S 686 98.36 -32.42 28.63
C LEU S 686 97.89 -31.00 28.34
N THR S 687 98.10 -30.58 27.09
CA THR S 687 97.69 -29.26 26.62
C THR S 687 96.38 -29.24 25.82
N PRO S 688 95.41 -28.38 26.21
CA PRO S 688 94.13 -28.16 25.59
C PRO S 688 94.34 -27.32 24.33
N ALA S 689 94.74 -28.03 23.29
CA ALA S 689 95.10 -27.37 22.04
C ALA S 689 93.84 -27.12 21.26
N ILE S 690 93.40 -25.86 21.19
CA ILE S 690 92.13 -25.55 20.56
C ILE S 690 92.46 -25.18 19.13
N VAL S 691 92.00 -25.99 18.19
CA VAL S 691 92.38 -25.79 16.80
C VAL S 691 91.23 -25.39 15.91
N ILE S 692 91.33 -24.25 15.26
CA ILE S 692 90.33 -23.87 14.28
C ILE S 692 90.57 -24.61 12.98
N THR S 693 89.55 -25.28 12.48
CA THR S 693 89.66 -26.02 11.24
C THR S 693 88.93 -25.35 10.11
N ASP S 694 87.95 -24.51 10.44
CA ASP S 694 87.22 -23.80 9.39
C ASP S 694 86.58 -22.53 9.93
N VAL S 695 86.43 -21.55 9.05
CA VAL S 695 85.74 -20.28 9.37
C VAL S 695 84.73 -19.96 8.28
N ARG S 696 83.43 -19.87 8.62
CA ARG S 696 82.34 -19.64 7.64
C ARG S 696 81.41 -18.50 8.04
N GLN S 697 80.90 -17.75 7.08
CA GLN S 697 79.88 -16.76 7.33
C GLN S 697 78.56 -17.46 7.14
N ALA S 698 77.48 -16.93 7.69
CA ALA S 698 76.19 -17.57 7.46
C ALA S 698 75.90 -17.56 5.96
N GLU S 699 75.25 -18.62 5.49
CA GLU S 699 74.95 -18.87 4.09
C GLU S 699 74.14 -17.78 3.38
N TRP S 700 73.43 -16.96 4.13
CA TRP S 700 72.66 -15.91 3.49
C TRP S 700 73.52 -14.75 2.99
N LEU S 701 74.77 -14.64 3.46
CA LEU S 701 75.68 -13.55 3.10
C LEU S 701 76.56 -14.07 1.97
N LYS S 702 76.87 -13.27 0.96
CA LYS S 702 77.58 -13.77 -0.22
C LYS S 702 79.08 -13.47 -0.14
N ALA S 703 79.44 -12.28 0.35
CA ALA S 703 80.83 -11.81 0.38
C ALA S 703 81.74 -12.56 1.34
N ASN S 704 83.01 -12.68 0.96
CA ASN S 704 84.04 -13.27 1.79
C ASN S 704 85.26 -12.36 1.89
N THR S 705 85.37 -11.65 2.99
CA THR S 705 86.41 -10.66 3.18
C THR S 705 87.17 -10.92 4.47
N MET S 706 88.31 -10.25 4.64
CA MET S 706 89.09 -10.42 5.85
C MET S 706 88.39 -9.94 7.09
N GLU S 707 87.63 -8.86 6.98
CA GLU S 707 86.95 -8.36 8.16
C GLU S 707 85.92 -9.38 8.63
N LEU S 708 85.21 -9.99 7.68
CA LEU S 708 84.22 -11.00 8.06
C LEU S 708 84.89 -12.20 8.72
N TYR S 709 86.05 -12.61 8.17
CA TYR S 709 86.84 -13.73 8.71
C TYR S 709 87.30 -13.45 10.13
N LEU S 710 87.93 -12.29 10.31
CA LEU S 710 88.50 -11.88 11.57
C LEU S 710 87.48 -11.75 12.64
N PHE S 711 86.33 -11.19 12.32
CA PHE S 711 85.26 -11.07 13.28
C PHE S 711 84.79 -12.44 13.76
N ALA S 712 84.64 -13.37 12.80
CA ALA S 712 84.19 -14.72 13.13
C ALA S 712 85.20 -15.46 14.00
N LEU S 713 86.49 -15.16 13.90
CA LEU S 713 87.50 -15.86 14.71
C LEU S 713 87.27 -15.69 16.21
N SER S 714 86.54 -14.62 16.61
CA SER S 714 86.32 -14.36 18.03
C SER S 714 85.43 -15.47 18.61
N ASN S 715 84.76 -16.21 17.71
CA ASN S 715 83.89 -17.29 18.09
C ASN S 715 84.70 -18.40 18.72
N ALA S 716 85.94 -18.61 18.26
CA ALA S 716 86.72 -19.69 18.85
C ALA S 716 87.23 -19.24 20.19
N PHE S 717 87.58 -17.98 20.31
CA PHE S 717 88.14 -17.55 21.59
C PHE S 717 87.19 -17.82 22.76
N ARG S 718 85.92 -17.48 22.54
CA ARG S 718 84.88 -17.60 23.56
C ARG S 718 84.65 -19.05 24.04
N VAL S 719 85.15 -20.02 23.25
CA VAL S 719 85.03 -21.44 23.54
C VAL S 719 85.63 -21.74 24.89
N THR S 720 86.75 -21.08 25.22
CA THR S 720 87.36 -21.34 26.51
C THR S 720 87.32 -20.10 27.38
N ALA S 721 87.17 -18.92 26.77
CA ALA S 721 87.20 -17.67 27.54
C ALA S 721 85.96 -17.46 28.39
N ASN S 722 84.79 -17.86 27.86
CA ASN S 722 83.57 -17.67 28.60
C ASN S 722 82.95 -19.01 28.97
N GLN S 723 83.05 -19.95 28.04
CA GLN S 723 82.45 -21.27 28.17
C GLN S 723 83.54 -22.31 28.41
N SER S 724 83.15 -23.58 28.62
CA SER S 724 84.14 -24.62 28.85
C SER S 724 84.06 -25.80 27.90
N TRP S 725 85.10 -25.82 27.09
CA TRP S 725 85.38 -26.72 26.00
C TRP S 725 85.48 -28.18 26.39
N ALA S 726 85.79 -28.42 27.68
CA ALA S 726 86.05 -29.75 28.22
C ALA S 726 84.88 -30.67 28.10
N ARG S 727 83.66 -30.14 27.97
CA ARG S 727 82.50 -31.01 27.77
C ARG S 727 82.69 -31.85 26.52
N SER S 728 83.45 -31.37 25.54
CA SER S 728 83.64 -32.10 24.29
C SER S 728 84.47 -33.35 24.49
N LEU S 729 85.14 -33.47 25.64
CA LEU S 729 85.97 -34.63 25.90
C LEU S 729 85.19 -35.73 26.56
N LEU S 730 83.92 -35.49 26.90
CA LEU S 730 83.19 -36.56 27.54
C LEU S 730 83.13 -37.75 26.62
N PRO S 731 83.35 -38.99 27.12
CA PRO S 731 83.31 -40.21 26.37
C PRO S 731 81.88 -40.46 25.94
N GLN S 732 81.70 -41.14 24.82
CA GLN S 732 80.34 -41.41 24.42
C GLN S 732 79.83 -42.61 25.17
N LEU S 733 79.41 -42.36 26.41
CA LEU S 733 79.08 -43.47 27.28
C LEU S 733 77.91 -44.23 26.69
N GLY S 734 78.06 -45.56 26.67
CA GLY S 734 77.07 -46.47 26.12
C GLY S 734 77.42 -46.90 24.69
N LYS S 735 78.35 -46.18 24.05
CA LYS S 735 78.78 -46.50 22.70
C LYS S 735 80.06 -47.31 22.78
N VAL S 736 80.05 -48.52 22.26
CA VAL S 736 81.27 -49.31 22.36
C VAL S 736 82.37 -48.75 21.48
N LYS S 737 82.03 -48.39 20.25
CA LYS S 737 83.03 -47.92 19.30
C LYS S 737 83.38 -46.45 19.39
N ASP S 738 84.02 -46.05 20.49
CA ASP S 738 84.47 -44.67 20.63
C ASP S 738 85.99 -44.68 20.55
N MET S 739 86.52 -44.38 19.37
CA MET S 739 87.95 -44.53 19.17
C MET S 739 88.76 -43.50 19.94
N ARG S 740 88.10 -42.44 20.42
CA ARG S 740 88.80 -41.37 21.11
C ARG S 740 88.34 -41.29 22.55
N ASP S 741 87.82 -42.41 23.05
CA ASP S 741 87.31 -42.48 24.40
C ASP S 741 88.35 -41.99 25.39
N ILE S 742 87.93 -41.08 26.28
CA ILE S 742 88.76 -40.43 27.29
C ILE S 742 89.44 -41.43 28.16
N GLY S 743 88.91 -42.64 28.24
CA GLY S 743 89.51 -43.64 29.09
C GLY S 743 90.99 -43.85 28.76
N ALA S 744 91.36 -43.60 27.50
CA ALA S 744 92.70 -43.76 26.99
C ALA S 744 93.70 -42.85 27.68
N ILE S 745 93.21 -41.77 28.30
CA ILE S 745 94.06 -40.78 28.93
C ILE S 745 94.85 -41.43 30.08
N GLY S 746 94.34 -42.53 30.61
CA GLY S 746 94.94 -43.29 31.69
C GLY S 746 96.26 -43.94 31.27
N TYR S 747 96.52 -44.00 29.96
CA TYR S 747 97.75 -44.59 29.49
C TYR S 747 98.92 -43.59 29.59
N LEU S 748 98.62 -42.28 29.59
CA LEU S 748 99.67 -41.25 29.69
C LEU S 748 99.86 -40.82 31.13
N SER S 749 98.81 -41.04 31.93
CA SER S 749 98.80 -40.73 33.35
C SER S 749 99.55 -41.83 34.06
N ARG S 750 99.71 -41.66 35.37
CA ARG S 750 100.43 -42.61 36.21
C ARG S 750 99.76 -44.00 36.29
N LEU S 751 98.51 -44.11 35.84
CA LEU S 751 97.78 -45.38 35.85
C LEU S 751 98.35 -46.39 34.86
N ALA S 752 98.87 -45.91 33.72
CA ALA S 752 99.33 -46.79 32.64
C ALA S 752 98.26 -47.80 32.27
N ALA S 753 97.02 -47.35 32.22
CA ALA S 753 95.90 -48.24 31.96
C ALA S 753 94.72 -47.48 31.42
N ARG S 754 93.83 -48.16 30.73
CA ARG S 754 92.62 -47.50 30.31
C ARG S 754 91.71 -47.38 31.51
N VAL S 755 91.07 -46.23 31.64
CA VAL S 755 90.12 -45.98 32.72
C VAL S 755 88.86 -46.72 32.34
N GLU S 756 88.25 -47.43 33.26
CA GLU S 756 87.06 -48.10 32.84
C GLU S 756 85.91 -47.10 32.79
N THR S 757 85.59 -46.71 31.57
CA THR S 757 84.55 -45.75 31.22
C THR S 757 83.32 -46.42 30.61
N LYS S 758 83.30 -47.76 30.50
CA LYS S 758 82.18 -48.61 29.98
C LYS S 758 81.12 -48.89 31.06
N THR S 759 81.51 -48.66 32.31
CA THR S 759 80.80 -49.10 33.49
C THR S 759 79.82 -48.07 34.02
N GLU S 760 78.83 -48.58 34.77
CA GLU S 760 77.82 -47.76 35.41
C GLU S 760 78.40 -46.97 36.57
N THR S 761 79.62 -47.31 36.96
CA THR S 761 80.30 -46.65 38.05
C THR S 761 81.14 -45.49 37.56
N PHE S 762 81.16 -45.24 36.24
CA PHE S 762 81.92 -44.10 35.74
C PHE S 762 81.03 -42.89 35.81
N THR S 763 81.51 -41.87 36.47
CA THR S 763 80.75 -40.66 36.73
C THR S 763 81.38 -39.42 36.13
N ASP S 764 80.54 -38.41 36.00
CA ASP S 764 80.98 -37.03 35.69
C ASP S 764 82.10 -36.56 36.62
N GLN S 765 82.03 -36.91 37.89
CA GLN S 765 83.04 -36.52 38.86
C GLN S 765 84.35 -37.23 38.55
N ASN S 766 84.29 -38.50 38.12
CA ASN S 766 85.52 -39.22 37.83
C ASN S 766 86.16 -38.64 36.58
N PHE S 767 85.32 -38.22 35.63
CA PHE S 767 85.79 -37.59 34.41
C PHE S 767 86.55 -36.32 34.74
N ALA S 768 85.93 -35.48 35.58
CA ALA S 768 86.56 -34.23 35.94
C ALA S 768 87.90 -34.48 36.62
N GLU S 769 87.98 -35.52 37.46
CA GLU S 769 89.22 -35.85 38.13
C GLU S 769 90.31 -36.27 37.17
N LEU S 770 89.93 -37.02 36.11
CA LEU S 770 90.94 -37.44 35.16
C LEU S 770 91.56 -36.20 34.57
N LEU S 771 90.70 -35.23 34.24
CA LEU S 771 91.18 -33.99 33.65
C LEU S 771 91.92 -33.14 34.68
N TYR S 772 91.51 -33.16 35.95
CA TYR S 772 92.21 -32.33 36.92
C TYR S 772 93.67 -32.73 36.99
N ASN S 773 93.91 -34.04 36.96
CA ASN S 773 95.27 -34.55 37.02
C ASN S 773 96.01 -34.57 35.69
N MET S 774 95.29 -34.69 34.58
CA MET S 774 95.91 -34.76 33.27
C MET S 774 95.94 -33.53 32.37
N VAL S 775 94.97 -32.62 32.44
CA VAL S 775 94.90 -31.52 31.46
C VAL S 775 95.05 -30.13 32.08
N ARG S 776 95.93 -29.34 31.48
CA ARG S 776 96.27 -28.00 31.90
C ARG S 776 95.07 -27.05 31.76
N PRO S 777 94.86 -26.12 32.71
CA PRO S 777 93.78 -25.14 32.71
C PRO S 777 93.88 -23.97 31.72
N SER S 778 95.05 -23.75 31.14
CA SER S 778 95.25 -22.60 30.25
C SER S 778 95.14 -22.98 28.77
N PRO S 779 94.11 -22.50 28.03
CA PRO S 779 93.83 -22.85 26.65
C PRO S 779 94.85 -22.27 25.71
N VAL S 780 95.11 -22.99 24.61
CA VAL S 780 95.99 -22.44 23.60
C VAL S 780 95.24 -22.35 22.29
N PHE S 781 95.25 -21.17 21.66
CA PHE S 781 94.53 -21.02 20.40
C PHE S 781 95.39 -21.00 19.16
N MET S 782 95.06 -21.92 18.27
CA MET S 782 95.79 -22.13 17.02
C MET S 782 94.81 -22.44 15.91
N SER S 783 95.28 -22.36 14.69
CA SER S 783 94.42 -22.68 13.57
C SER S 783 95.17 -23.25 12.41
N ASP S 784 94.43 -23.94 11.56
CA ASP S 784 94.96 -24.44 10.31
C ASP S 784 95.08 -23.27 9.38
N LEU S 785 96.01 -23.36 8.44
CA LEU S 785 96.14 -22.37 7.39
C LEU S 785 96.33 -23.07 6.04
N ASN S 786 95.41 -22.87 5.09
CA ASN S 786 95.52 -23.66 3.83
C ASN S 786 95.46 -22.83 2.55
N ARG S 787 96.60 -22.75 1.85
CA ARG S 787 96.74 -21.92 0.64
C ARG S 787 95.86 -22.41 -0.50
N PHE S 788 95.38 -23.63 -0.38
CA PHE S 788 94.57 -24.27 -1.39
C PHE S 788 93.17 -24.58 -0.89
N GLY S 789 92.79 -23.99 0.24
CA GLY S 789 91.49 -24.28 0.79
C GLY S 789 90.37 -23.41 0.21
N ASP S 790 89.18 -23.57 0.76
CA ASP S 790 88.00 -22.85 0.28
C ASP S 790 88.10 -21.35 0.51
N ASN S 791 88.95 -20.97 1.45
CA ASN S 791 89.18 -19.60 1.85
C ASN S 791 90.59 -19.15 1.47
N ALA S 792 91.22 -19.78 0.49
CA ALA S 792 92.61 -19.52 0.13
C ALA S 792 92.97 -18.06 -0.15
N ALA S 793 92.10 -17.26 -0.72
CA ALA S 793 92.49 -15.87 -0.98
C ALA S 793 92.87 -15.15 0.31
N ILE S 794 92.22 -15.55 1.39
CA ILE S 794 92.39 -14.99 2.71
C ILE S 794 93.41 -15.80 3.51
N GLU S 795 93.35 -17.12 3.49
CA GLU S 795 94.27 -18.01 4.15
C GLU S 795 95.70 -17.56 3.82
N ASN S 796 95.93 -17.16 2.57
CA ASN S 796 97.25 -16.75 2.12
C ASN S 796 97.81 -15.54 2.89
N VAL S 797 96.96 -14.61 3.38
CA VAL S 797 97.56 -13.48 4.09
C VAL S 797 97.95 -13.96 5.47
N PHE S 798 97.13 -14.84 6.03
CA PHE S 798 97.42 -15.34 7.36
C PHE S 798 98.64 -16.26 7.35
N ILE S 799 98.88 -16.92 6.22
CA ILE S 799 100.05 -17.77 6.07
C ILE S 799 101.29 -16.93 5.89
N ASP S 800 101.22 -15.91 5.03
CA ASP S 800 102.42 -15.08 4.84
C ASP S 800 102.75 -14.28 6.09
N ALA S 801 101.73 -14.02 6.92
CA ALA S 801 101.90 -13.32 8.19
C ALA S 801 102.75 -14.12 9.18
N LEU S 802 102.96 -15.43 8.92
CA LEU S 802 103.77 -16.31 9.76
C LEU S 802 105.26 -15.98 9.66
N GLY S 803 105.70 -15.49 8.50
CA GLY S 803 107.11 -15.21 8.29
C GLY S 803 107.45 -15.22 6.81
N GLY S 804 108.63 -14.74 6.45
CA GLY S 804 109.02 -14.70 5.05
C GLY S 804 109.15 -13.28 4.54
N VAL S 805 109.44 -13.14 3.25
CA VAL S 805 109.73 -11.84 2.63
C VAL S 805 108.63 -10.81 2.75
N ASN S 806 107.37 -11.23 2.79
CA ASN S 806 106.30 -10.27 2.87
C ASN S 806 105.54 -10.34 4.18
N GLN S 807 106.19 -10.85 5.24
CA GLN S 807 105.47 -10.95 6.51
C GLN S 807 104.96 -9.61 6.96
N GLN S 808 105.74 -8.56 6.78
CA GLN S 808 105.32 -7.26 7.29
C GLN S 808 104.07 -6.78 6.58
N ARG S 809 103.97 -7.07 5.28
CA ARG S 809 102.82 -6.62 4.53
C ARG S 809 101.58 -7.41 4.91
N ALA S 810 101.75 -8.73 5.11
CA ALA S 810 100.64 -9.56 5.49
C ALA S 810 100.12 -9.15 6.86
N VAL S 811 101.04 -8.91 7.80
CA VAL S 811 100.64 -8.43 9.12
C VAL S 811 99.93 -7.09 9.05
N ALA S 812 100.44 -6.17 8.23
CA ALA S 812 99.78 -4.87 8.12
C ALA S 812 98.35 -5.02 7.62
N ALA S 813 98.12 -5.94 6.67
CA ALA S 813 96.79 -6.19 6.14
C ALA S 813 95.83 -6.73 7.20
N ILE S 814 96.35 -7.57 8.09
CA ILE S 814 95.54 -8.20 9.10
C ILE S 814 95.16 -7.22 10.19
N ILE S 815 96.12 -6.41 10.65
CA ILE S 815 95.77 -5.42 11.65
C ILE S 815 94.85 -4.37 11.06
N ALA S 816 95.05 -4.01 9.78
CA ALA S 816 94.09 -3.10 9.16
C ALA S 816 92.71 -3.71 9.13
N GLY S 817 92.61 -5.02 8.85
CA GLY S 817 91.29 -5.65 8.82
C GLY S 817 90.61 -5.55 10.17
N VAL S 818 91.35 -5.74 11.26
CA VAL S 818 90.60 -5.63 12.51
C VAL S 818 90.23 -4.16 12.73
N ASN S 819 91.15 -3.22 12.46
CA ASN S 819 90.79 -1.82 12.66
C ASN S 819 89.58 -1.43 11.84
N ASN S 820 89.38 -2.05 10.68
CA ASN S 820 88.21 -1.74 9.91
C ASN S 820 86.97 -2.23 10.67
N LEU S 821 87.10 -3.36 11.40
CA LEU S 821 85.97 -3.85 12.17
C LEU S 821 85.59 -2.96 13.33
N ILE S 822 86.59 -2.40 13.98
CA ILE S 822 86.34 -1.62 15.21
C ILE S 822 86.44 -0.08 15.10
N GLY S 823 86.87 0.46 13.95
CA GLY S 823 86.99 1.92 13.84
C GLY S 823 88.32 2.41 14.42
N GLY S 824 89.31 1.54 14.36
CA GLY S 824 90.65 1.82 14.88
C GLY S 824 90.79 1.38 16.34
N GLY S 825 92.03 1.43 16.85
CA GLY S 825 92.29 1.07 18.24
C GLY S 825 92.84 -0.33 18.54
N PHE S 826 93.18 -1.15 17.54
CA PHE S 826 93.73 -2.49 17.85
C PHE S 826 95.08 -2.28 18.53
N GLU S 827 95.76 -1.23 18.05
CA GLU S 827 97.06 -0.74 18.48
C GLU S 827 97.06 -0.25 19.93
N LYS S 828 95.87 -0.11 20.55
CA LYS S 828 95.84 0.33 21.93
C LYS S 828 96.00 -0.87 22.85
N PHE S 829 95.95 -2.08 22.27
CA PHE S 829 96.12 -3.27 23.06
C PHE S 829 97.55 -3.80 22.92
N PHE S 830 98.14 -3.81 21.73
CA PHE S 830 99.51 -4.30 21.62
C PHE S 830 100.24 -3.88 20.35
N ASP S 831 101.55 -4.03 20.39
CA ASP S 831 102.43 -3.76 19.25
C ASP S 831 102.60 -4.97 18.33
N HIS S 832 102.05 -4.91 17.14
CA HIS S 832 102.07 -6.02 16.19
C HIS S 832 103.45 -6.26 15.61
N ASN S 833 104.36 -5.31 15.84
CA ASN S 833 105.72 -5.45 15.36
C ASN S 833 106.64 -6.02 16.43
N THR S 834 106.08 -6.35 17.60
CA THR S 834 106.83 -6.97 18.67
C THR S 834 106.20 -8.34 18.85
N MET S 835 104.91 -8.36 18.50
CA MET S 835 104.05 -9.54 18.60
C MET S 835 103.39 -9.92 17.28
N PRO S 836 104.09 -10.66 16.37
CA PRO S 836 103.61 -11.03 15.06
C PRO S 836 102.31 -11.77 15.30
N ILE S 837 101.39 -11.65 14.36
CA ILE S 837 100.05 -12.19 14.57
C ILE S 837 99.95 -13.70 14.71
N ILE S 838 100.66 -14.47 13.86
CA ILE S 838 100.59 -15.93 13.97
C ILE S 838 102.00 -16.53 13.99
N GLN S 839 102.26 -17.43 14.93
CA GLN S 839 103.54 -18.12 14.99
C GLN S 839 103.42 -19.47 14.31
N PRO S 840 104.49 -20.06 13.77
CA PRO S 840 104.44 -21.41 13.23
C PRO S 840 104.28 -22.45 14.34
N TYR S 841 103.52 -23.50 14.07
CA TYR S 841 103.49 -24.69 14.93
C TYR S 841 104.61 -25.69 14.59
N GLY S 842 105.27 -25.55 13.44
CA GLY S 842 106.34 -26.45 13.02
C GLY S 842 105.82 -27.74 12.36
N THR S 843 105.29 -28.70 13.13
CA THR S 843 104.75 -29.94 12.54
C THR S 843 103.57 -29.55 11.66
N ASP S 844 103.61 -29.83 10.37
CA ASP S 844 102.54 -29.46 9.47
C ASP S 844 101.45 -30.53 9.42
N ILE S 845 100.43 -30.33 8.59
CA ILE S 845 99.27 -31.19 8.68
C ILE S 845 99.08 -32.04 7.44
N GLN S 846 99.00 -33.36 7.62
CA GLN S 846 98.63 -34.21 6.51
C GLN S 846 97.13 -34.35 6.57
N LEU S 847 96.47 -34.02 5.49
CA LEU S 847 95.03 -34.12 5.45
C LEU S 847 94.62 -35.32 4.63
N GLY S 848 93.44 -35.82 4.91
CA GLY S 848 92.91 -36.97 4.22
C GLY S 848 91.73 -37.49 4.98
N TYR S 849 91.17 -38.57 4.50
CA TYR S 849 90.00 -39.17 5.09
C TYR S 849 90.07 -40.67 4.96
N TYR S 850 89.31 -41.35 5.76
CA TYR S 850 89.29 -42.79 5.74
C TYR S 850 87.88 -43.27 5.71
N LEU S 851 87.66 -44.49 5.28
CA LEU S 851 86.28 -44.94 5.33
C LEU S 851 85.98 -45.75 6.57
N ASP S 852 84.80 -45.50 7.12
CA ASP S 852 84.36 -46.23 8.30
C ASP S 852 83.67 -47.54 7.90
N GLY S 853 83.10 -48.24 8.87
CA GLY S 853 82.49 -49.56 8.62
C GLY S 853 81.29 -49.56 7.66
N GLU S 854 80.68 -48.40 7.41
CA GLU S 854 79.55 -48.30 6.50
C GLU S 854 79.99 -47.64 5.19
N GLY S 855 81.28 -47.34 5.07
CA GLY S 855 81.84 -46.69 3.90
C GLY S 855 81.74 -45.16 3.89
N GLU S 856 81.50 -44.53 5.07
CA GLU S 856 81.40 -43.06 5.06
C GLU S 856 82.76 -42.43 5.20
N LYS S 857 82.91 -41.22 4.69
CA LYS S 857 84.20 -40.52 4.79
C LYS S 857 84.37 -39.87 6.14
N GLN S 858 85.48 -40.17 6.80
CA GLN S 858 85.77 -39.60 8.11
C GLN S 858 87.16 -38.96 8.09
N ASP S 859 87.34 -37.89 8.83
CA ASP S 859 88.61 -37.16 8.86
C ASP S 859 89.77 -37.99 9.48
N ARG S 860 90.90 -38.13 8.77
CA ARG S 860 92.02 -38.95 9.29
C ARG S 860 92.59 -38.42 10.60
N ARG S 861 92.25 -37.19 10.94
CA ARG S 861 92.71 -36.52 12.16
C ARG S 861 92.17 -37.18 13.42
N ASP S 862 91.24 -38.13 13.25
CA ASP S 862 90.69 -38.84 14.39
C ASP S 862 91.80 -39.55 15.19
N LEU S 863 92.91 -39.98 14.57
CA LEU S 863 93.95 -40.60 15.42
C LEU S 863 94.86 -39.53 16.03
N ASP S 864 94.26 -38.82 16.98
CA ASP S 864 94.82 -37.75 17.77
C ASP S 864 95.40 -38.38 19.02
N VAL S 865 95.75 -37.61 20.06
CA VAL S 865 96.38 -38.33 21.15
C VAL S 865 95.51 -39.42 21.79
N LEU S 866 94.23 -39.16 22.07
CA LEU S 866 93.41 -40.21 22.66
C LEU S 866 93.18 -41.33 21.66
N GLY S 867 92.99 -40.95 20.39
CA GLY S 867 92.77 -41.90 19.30
C GLY S 867 93.91 -42.89 19.15
N ALA S 868 95.13 -42.37 19.06
CA ALA S 868 96.31 -43.20 18.90
C ALA S 868 96.53 -44.12 20.11
N LEU S 869 96.22 -43.64 21.34
CA LEU S 869 96.39 -44.49 22.52
C LEU S 869 95.45 -45.68 22.49
N ASN S 870 94.21 -45.46 22.01
CA ASN S 870 93.32 -46.61 21.88
C ASN S 870 93.73 -47.49 20.73
N ALA S 871 94.24 -46.90 19.65
CA ALA S 871 94.61 -47.69 18.48
C ALA S 871 95.70 -48.71 18.80
N SER S 872 96.65 -48.32 19.66
CA SER S 872 97.74 -49.22 20.06
C SER S 872 97.35 -50.07 21.27
N ASP S 873 96.13 -49.86 21.77
CA ASP S 873 95.57 -50.53 22.93
C ASP S 873 96.51 -50.45 24.13
N GLY S 874 97.05 -49.28 24.39
CA GLY S 874 97.94 -49.15 25.53
C GLY S 874 99.40 -49.43 25.26
N ASN S 875 99.76 -49.79 24.04
CA ASN S 875 101.16 -50.03 23.82
C ASN S 875 101.80 -48.65 23.67
N ILE S 876 102.35 -48.19 24.79
CA ILE S 876 102.94 -46.87 24.89
C ILE S 876 104.16 -46.72 24.03
N GLN S 877 104.91 -47.79 23.81
CA GLN S 877 106.08 -47.65 22.98
C GLN S 877 105.65 -47.38 21.53
N GLU S 878 104.57 -48.02 21.08
CA GLU S 878 104.08 -47.77 19.73
C GLU S 878 103.53 -46.35 19.64
N TRP S 879 102.84 -45.93 20.72
CA TRP S 879 102.28 -44.59 20.78
C TRP S 879 103.35 -43.54 20.72
N MET S 880 104.41 -43.70 21.51
CA MET S 880 105.48 -42.73 21.60
C MET S 880 106.25 -42.65 20.31
N SER S 881 106.39 -43.77 19.58
CA SER S 881 107.09 -43.69 18.31
C SER S 881 106.30 -42.76 17.38
N TRP S 882 104.97 -42.99 17.34
CA TRP S 882 104.10 -42.13 16.56
C TRP S 882 104.10 -40.69 17.05
N TYR S 883 103.99 -40.51 18.35
CA TYR S 883 103.90 -39.20 18.95
C TYR S 883 105.16 -38.41 18.63
N GLY S 884 106.34 -39.04 18.72
CA GLY S 884 107.58 -38.34 18.39
C GLY S 884 107.57 -37.94 16.91
N THR S 885 107.02 -38.82 16.06
CA THR S 885 106.91 -38.53 14.63
C THR S 885 106.12 -37.25 14.39
N GLN S 886 105.09 -37.03 15.20
CA GLN S 886 104.22 -35.86 15.06
C GLN S 886 104.71 -34.62 15.82
N CYS S 887 105.84 -34.72 16.53
CA CYS S 887 106.31 -33.60 17.37
C CYS S 887 107.74 -33.13 17.11
N ASN S 888 108.64 -34.05 16.81
CA ASN S 888 110.03 -33.72 16.61
C ASN S 888 110.21 -33.20 15.21
N VAL S 889 110.42 -31.91 15.07
CA VAL S 889 110.47 -31.33 13.75
C VAL S 889 111.87 -30.99 13.32
N ALA S 890 112.84 -31.61 14.00
CA ALA S 890 114.22 -31.62 13.51
C ALA S 890 114.40 -32.71 12.47
N VAL S 891 113.37 -33.54 12.37
CA VAL S 891 113.32 -34.65 11.46
C VAL S 891 112.73 -34.14 10.17
N HIS S 892 113.41 -34.36 9.06
CA HIS S 892 112.90 -33.87 7.80
C HIS S 892 111.46 -34.36 7.61
N PRO S 893 110.51 -33.52 7.15
CA PRO S 893 109.11 -33.81 6.99
C PRO S 893 108.80 -34.99 6.09
N GLU S 894 109.70 -35.36 5.18
CA GLU S 894 109.40 -36.50 4.33
C GLU S 894 109.47 -37.75 5.17
N LEU S 895 110.40 -37.77 6.13
CA LEU S 895 110.61 -38.95 6.93
C LEU S 895 109.41 -39.09 7.84
N ARG S 896 108.93 -37.93 8.30
CA ARG S 896 107.78 -37.92 9.18
C ARG S 896 106.53 -38.32 8.42
N ALA S 897 106.39 -37.84 7.18
CA ALA S 897 105.23 -38.19 6.39
C ALA S 897 105.17 -39.67 6.10
N ARG S 898 106.34 -40.28 5.85
CA ARG S 898 106.35 -41.70 5.57
C ARG S 898 105.95 -42.50 6.79
N GLN S 899 106.42 -42.10 7.97
CA GLN S 899 106.03 -42.85 9.16
C GLN S 899 104.59 -42.60 9.54
N SER S 900 104.06 -41.41 9.24
CA SER S 900 102.68 -41.12 9.54
C SER S 900 101.77 -42.00 8.70
N LYS S 901 102.15 -42.19 7.43
CA LYS S 901 101.37 -43.04 6.54
C LYS S 901 101.49 -44.50 6.96
N ASN S 902 102.67 -44.92 7.45
CA ASN S 902 102.83 -46.30 7.90
C ASN S 902 101.90 -46.56 9.09
N PHE S 903 101.85 -45.61 10.02
CA PHE S 903 100.96 -45.70 11.18
C PHE S 903 99.49 -45.71 10.73
N ASP S 904 99.04 -44.90 9.76
CA ASP S 904 97.65 -45.05 9.37
C ASP S 904 97.34 -46.42 8.81
N ARG S 905 98.24 -47.01 8.02
CA ARG S 905 97.86 -48.32 7.50
C ARG S 905 97.68 -49.36 8.61
N GLN S 906 98.56 -49.31 9.64
CA GLN S 906 98.43 -50.25 10.75
C GLN S 906 97.28 -49.97 11.72
N TYR S 907 97.02 -48.69 12.00
CA TYR S 907 96.03 -48.33 13.01
C TYR S 907 94.69 -47.78 12.52
N LEU S 908 94.64 -47.18 11.34
CA LEU S 908 93.43 -46.57 10.83
C LEU S 908 92.81 -47.52 9.81
N GLY S 909 93.67 -48.16 9.03
CA GLY S 909 93.28 -49.10 7.99
C GLY S 909 93.89 -48.74 6.65
N ASN S 910 93.66 -49.58 5.65
CA ASN S 910 94.24 -49.32 4.34
C ASN S 910 93.28 -48.49 3.46
N SER S 911 92.06 -48.27 3.95
CA SER S 911 91.07 -47.50 3.22
C SER S 911 91.24 -46.03 3.52
N VAL S 912 92.42 -45.51 3.18
CA VAL S 912 92.76 -44.14 3.50
C VAL S 912 93.19 -43.39 2.26
N THR S 913 92.55 -42.25 2.06
CA THR S 913 92.81 -41.36 0.93
C THR S 913 93.41 -40.07 1.42
N TYR S 914 94.48 -39.65 0.78
CA TYR S 914 95.12 -38.43 1.21
C TYR S 914 94.70 -37.25 0.35
N THR S 915 94.56 -36.10 1.00
CA THR S 915 94.14 -34.86 0.34
C THR S 915 95.14 -33.75 0.64
N THR S 916 94.93 -32.60 0.00
CA THR S 916 95.77 -31.43 0.08
C THR S 916 96.19 -31.11 1.50
N ARG S 917 97.50 -30.92 1.68
CA ARG S 917 98.16 -30.63 2.96
C ARG S 917 97.99 -29.19 3.41
N ALA S 918 98.20 -28.94 4.71
CA ALA S 918 98.05 -27.59 5.26
C ALA S 918 99.02 -27.25 6.38
N HIS S 919 99.18 -25.96 6.61
CA HIS S 919 100.00 -25.38 7.66
C HIS S 919 99.22 -25.21 8.94
N ARG S 920 99.94 -25.09 10.05
CA ARG S 920 99.29 -24.74 11.31
C ARG S 920 100.09 -23.67 12.00
N GLY S 921 99.40 -22.79 12.71
CA GLY S 921 100.09 -21.78 13.49
C GLY S 921 99.34 -21.39 14.74
N ILE S 922 100.00 -20.62 15.59
CA ILE S 922 99.48 -20.25 16.88
C ILE S 922 99.08 -18.80 16.86
N TRP S 923 97.88 -18.49 17.28
CA TRP S 923 97.48 -17.10 17.28
C TRP S 923 98.10 -16.44 18.47
N ASN S 924 98.73 -15.30 18.22
CA ASN S 924 99.40 -14.57 19.27
C ASN S 924 98.37 -14.18 20.32
N PRO S 925 98.55 -14.50 21.62
CA PRO S 925 97.63 -14.17 22.69
C PRO S 925 97.28 -12.69 22.74
N LYS S 926 98.16 -11.82 22.23
CA LYS S 926 97.85 -10.39 22.26
C LYS S 926 96.93 -10.01 21.12
N PHE S 927 96.99 -10.77 20.00
CA PHE S 927 96.12 -10.53 18.87
C PHE S 927 94.74 -10.87 19.33
N ILE S 928 94.68 -11.99 20.06
CA ILE S 928 93.42 -12.48 20.56
C ILE S 928 92.84 -11.50 21.56
N GLU S 929 93.66 -11.03 22.51
CA GLU S 929 93.18 -10.08 23.49
C GLU S 929 92.61 -8.86 22.82
N ALA S 930 93.33 -8.32 21.85
CA ALA S 930 92.92 -7.13 21.17
C ALA S 930 91.68 -7.34 20.34
N LEU S 931 91.57 -8.46 19.64
CA LEU S 931 90.36 -8.65 18.84
C LEU S 931 89.13 -8.76 19.70
N ASP S 932 89.22 -9.58 20.77
CA ASP S 932 88.04 -9.79 21.59
C ASP S 932 87.68 -8.56 22.40
N LYS S 933 88.68 -7.94 23.02
CA LYS S 933 88.38 -6.78 23.80
C LYS S 933 88.01 -5.61 22.94
N ALA S 934 88.65 -5.44 21.77
CA ALA S 934 88.31 -4.29 20.96
C ALA S 934 86.88 -4.34 20.48
N ILE S 935 86.37 -5.53 20.16
CA ILE S 935 84.98 -5.60 19.72
C ILE S 935 84.04 -5.30 20.91
N ALA S 936 84.32 -5.91 22.06
CA ALA S 936 83.50 -5.67 23.23
C ALA S 936 83.55 -4.20 23.69
N SER S 937 84.70 -3.57 23.52
CA SER S 937 84.97 -2.21 23.95
C SER S 937 84.33 -1.15 23.10
N VAL S 938 83.75 -1.55 21.97
CA VAL S 938 83.10 -0.59 21.11
C VAL S 938 81.60 -0.80 21.20
N GLY S 939 81.20 -1.66 22.16
CA GLY S 939 79.81 -1.94 22.45
C GLY S 939 79.14 -3.08 21.72
N LEU S 940 79.87 -3.92 20.98
CA LEU S 940 79.14 -4.98 20.29
C LEU S 940 79.05 -6.20 21.19
N THR S 941 78.18 -6.06 22.18
CA THR S 941 78.01 -7.04 23.24
C THR S 941 77.37 -8.32 22.73
N VAL S 942 77.96 -9.44 23.16
CA VAL S 942 77.47 -10.76 22.86
C VAL S 942 77.15 -11.53 24.14
N ALA S 943 75.93 -12.06 24.21
CA ALA S 943 75.48 -12.84 25.35
C ALA S 943 75.81 -14.31 25.19
N MET S 944 76.12 -14.98 26.28
CA MET S 944 76.32 -16.41 26.15
C MET S 944 75.00 -17.09 26.33
N ASP S 945 74.69 -18.04 25.46
CA ASP S 945 73.45 -18.79 25.57
C ASP S 945 73.53 -19.83 26.68
N ASN S 946 74.73 -20.38 26.89
CA ASN S 946 74.90 -21.40 27.91
C ASN S 946 75.18 -20.75 29.26
N VAL S 947 74.23 -19.97 29.76
CA VAL S 947 74.43 -18.99 30.86
C VAL S 947 75.12 -19.59 32.07
N ALA S 948 74.80 -20.84 32.40
CA ALA S 948 75.59 -21.69 33.28
C ALA S 948 75.55 -23.14 32.78
N GLN S 949 76.57 -23.92 33.09
CA GLN S 949 76.73 -25.30 32.62
C GLN S 949 75.62 -26.21 33.16
N ALA T 413 8.06 -0.29 -82.40
CA ALA T 413 7.13 -1.39 -82.65
C ALA T 413 5.75 -0.95 -82.18
N GLY T 414 5.61 -0.53 -80.89
CA GLY T 414 4.38 0.00 -80.30
C GLY T 414 4.09 1.38 -80.86
N ASN T 415 5.12 1.97 -81.47
CA ASN T 415 4.98 3.28 -82.07
C ASN T 415 4.46 3.16 -83.47
N LEU T 416 4.24 1.91 -83.92
CA LEU T 416 3.71 1.74 -85.24
C LEU T 416 2.22 1.82 -85.15
N ASN T 417 1.69 2.02 -83.94
CA ASN T 417 0.27 2.21 -83.80
C ASN T 417 -0.10 3.50 -84.54
N SER T 418 0.90 4.41 -84.69
CA SER T 418 0.70 5.65 -85.41
C SER T 418 0.45 5.47 -86.90
N ILE T 419 0.81 4.29 -87.44
CA ILE T 419 0.58 3.95 -88.84
C ILE T 419 -0.60 2.99 -88.92
N PHE T 420 -0.66 2.05 -87.96
CA PHE T 420 -1.62 0.96 -87.95
C PHE T 420 -3.02 1.46 -87.91
N GLN T 421 -3.22 2.53 -87.14
CA GLN T 421 -4.53 3.13 -86.92
C GLN T 421 -4.86 4.34 -87.81
N ARG T 422 -4.03 4.69 -88.81
CA ARG T 422 -4.31 5.89 -89.60
C ARG T 422 -5.57 5.87 -90.43
N SER T 423 -5.94 4.72 -90.95
CA SER T 423 -7.11 4.64 -91.80
C SER T 423 -7.80 3.30 -91.75
N GLY T 424 -9.09 3.32 -92.05
CA GLY T 424 -9.86 2.10 -92.19
C GLY T 424 -10.33 1.54 -90.85
N ARG T 425 -10.94 0.37 -90.95
CA ARG T 425 -11.55 -0.39 -89.87
C ARG T 425 -11.14 -1.86 -89.93
N THR T 426 -11.25 -2.61 -88.83
CA THR T 426 -10.94 -4.03 -88.97
C THR T 426 -11.95 -4.95 -88.33
N ASP T 427 -11.77 -6.23 -88.59
CA ASP T 427 -12.57 -7.31 -88.03
C ASP T 427 -11.86 -7.81 -86.78
N GLY T 428 -12.40 -7.53 -85.60
CA GLY T 428 -11.69 -7.91 -84.37
C GLY T 428 -12.55 -7.75 -83.12
N GLY T 429 -11.91 -7.92 -81.95
CA GLY T 429 -12.58 -7.87 -80.65
C GLY T 429 -12.75 -9.29 -80.13
N ASP T 430 -12.57 -9.51 -78.82
CA ASP T 430 -12.76 -10.85 -78.24
C ASP T 430 -14.25 -11.23 -78.12
N ALA T 431 -14.54 -12.53 -78.00
CA ALA T 431 -15.90 -13.06 -77.95
C ALA T 431 -16.75 -12.47 -76.81
N ARG T 432 -16.18 -12.19 -75.64
CA ARG T 432 -16.92 -11.58 -74.52
C ARG T 432 -17.17 -10.11 -74.75
N ALA T 433 -16.18 -9.32 -75.19
CA ALA T 433 -16.42 -7.90 -75.52
C ALA T 433 -17.41 -7.73 -76.68
N SER T 434 -17.39 -8.64 -77.65
CA SER T 434 -18.40 -8.69 -78.70
C SER T 434 -19.79 -8.98 -78.14
N GLU T 435 -19.95 -9.99 -77.28
CA GLU T 435 -21.27 -10.32 -76.77
C GLU T 435 -21.74 -9.21 -75.84
N ALA T 436 -20.81 -8.69 -75.04
CA ALA T 436 -21.14 -7.65 -74.13
C ALA T 436 -21.61 -6.41 -74.86
N LEU T 437 -20.97 -6.06 -75.98
CA LEU T 437 -21.42 -4.87 -76.65
C LEU T 437 -22.82 -5.09 -77.16
N ALA T 438 -23.07 -6.27 -77.73
CA ALA T 438 -24.39 -6.52 -78.27
C ALA T 438 -25.50 -6.47 -77.23
N VAL T 439 -25.25 -7.01 -76.02
CA VAL T 439 -26.32 -6.99 -75.03
C VAL T 439 -26.45 -5.60 -74.46
N PHE T 440 -25.34 -4.88 -74.27
CA PHE T 440 -25.47 -3.58 -73.71
C PHE T 440 -26.15 -2.61 -74.66
N ASN T 441 -25.93 -2.74 -75.97
CA ASN T 441 -26.64 -1.86 -76.88
C ASN T 441 -28.13 -2.21 -76.87
N LYS T 442 -28.47 -3.51 -76.76
CA LYS T 442 -29.87 -3.89 -76.69
C LYS T 442 -30.56 -3.27 -75.49
N LEU T 443 -29.87 -3.33 -74.34
CA LEU T 443 -30.39 -2.83 -73.10
C LEU T 443 -30.54 -1.34 -73.14
N LYS T 444 -29.59 -0.64 -73.76
CA LYS T 444 -29.75 0.79 -73.91
C LYS T 444 -31.06 1.09 -74.60
N GLU T 445 -31.30 0.40 -75.73
CA GLU T 445 -32.50 0.70 -76.49
C GLU T 445 -33.78 0.33 -75.76
N GLU T 446 -33.78 -0.76 -74.99
CA GLU T 446 -35.00 -1.09 -74.29
C GLU T 446 -35.26 -0.04 -73.21
N ALA T 447 -34.19 0.39 -72.52
CA ALA T 447 -34.36 1.38 -71.48
C ALA T 447 -34.90 2.67 -72.07
N ILE T 448 -34.52 3.00 -73.31
CA ILE T 448 -35.07 4.20 -73.92
C ILE T 448 -36.55 3.95 -74.22
N ALA T 449 -36.87 2.77 -74.78
CA ALA T 449 -38.25 2.42 -75.15
C ALA T 449 -39.22 2.45 -73.99
N GLN T 450 -38.74 2.06 -72.81
CA GLN T 450 -39.56 2.04 -71.60
C GLN T 450 -39.55 3.39 -70.91
N GLN T 451 -38.85 4.38 -71.47
CA GLN T 451 -38.59 5.72 -70.95
C GLN T 451 -37.81 5.76 -69.63
N ASP T 452 -37.02 4.73 -69.31
CA ASP T 452 -36.30 4.71 -68.06
C ASP T 452 -34.99 5.46 -68.25
N LEU T 453 -34.43 5.36 -69.46
CA LEU T 453 -33.16 5.99 -69.79
C LEU T 453 -33.35 7.13 -70.78
N HIS T 454 -32.62 8.24 -70.63
CA HIS T 454 -32.62 9.34 -71.61
C HIS T 454 -31.64 9.09 -72.77
N ASP T 455 -31.99 9.47 -73.99
CA ASP T 455 -31.24 9.13 -75.21
C ASP T 455 -30.15 10.17 -75.57
N ASP T 456 -29.29 10.54 -74.61
CA ASP T 456 -28.36 11.68 -74.71
C ASP T 456 -26.87 11.27 -74.78
N PHE T 457 -26.57 10.00 -75.07
CA PHE T 457 -25.24 9.41 -74.82
C PHE T 457 -24.89 8.18 -75.67
N LEU T 458 -23.67 7.63 -75.47
CA LEU T 458 -23.12 6.52 -76.25
C LEU T 458 -22.48 5.41 -75.36
N VAL T 459 -22.48 4.20 -75.92
CA VAL T 459 -21.85 2.98 -75.39
C VAL T 459 -20.76 2.56 -76.36
N PHE T 460 -19.55 2.30 -75.89
CA PHE T 460 -18.44 1.96 -76.80
C PHE T 460 -17.71 0.69 -76.43
N ARG T 461 -17.20 -0.08 -77.40
CA ARG T 461 -16.36 -1.25 -77.14
C ARG T 461 -14.89 -0.85 -77.19
N PHE T 462 -14.13 -1.18 -76.14
CA PHE T 462 -12.69 -0.96 -76.14
C PHE T 462 -12.01 -2.30 -76.39
N ASP T 463 -11.24 -2.40 -77.47
CA ASP T 463 -10.63 -3.68 -77.83
C ASP T 463 -9.17 -3.85 -77.44
N ARG T 464 -8.80 -5.09 -77.15
CA ARG T 464 -7.41 -5.38 -76.81
C ARG T 464 -6.62 -5.49 -78.12
N ASP T 465 -7.33 -5.72 -79.22
CA ASP T 465 -6.80 -5.82 -80.57
C ASP T 465 -6.59 -4.41 -81.15
N GLN T 466 -7.65 -3.61 -81.22
CA GLN T 466 -7.57 -2.30 -81.83
C GLN T 466 -6.70 -1.33 -81.00
N ASN T 467 -6.51 -1.57 -79.70
CA ASN T 467 -5.81 -0.64 -78.82
C ASN T 467 -5.18 -1.31 -77.57
N ARG T 468 -4.35 -0.53 -76.86
CA ARG T 468 -3.27 -0.94 -75.96
C ARG T 468 -3.68 -1.32 -74.52
N VAL T 469 -4.55 -2.32 -74.33
CA VAL T 469 -4.83 -2.88 -73.02
C VAL T 469 -4.70 -4.40 -73.01
N GLY T 470 -4.55 -4.97 -71.83
CA GLY T 470 -4.57 -6.42 -71.72
C GLY T 470 -5.98 -6.95 -71.66
N TYR T 471 -6.88 -6.16 -71.09
CA TYR T 471 -8.26 -6.55 -70.93
C TYR T 471 -9.18 -5.57 -71.58
N SER T 472 -10.07 -6.11 -72.38
CA SER T 472 -11.08 -5.36 -73.10
C SER T 472 -12.14 -4.92 -72.11
N ALA T 473 -12.92 -3.92 -72.52
CA ALA T 473 -13.92 -3.35 -71.63
C ALA T 473 -14.99 -2.65 -72.42
N LEU T 474 -16.16 -2.50 -71.85
CA LEU T 474 -17.11 -1.61 -72.50
C LEU T 474 -17.05 -0.30 -71.79
N LEU T 475 -17.34 0.75 -72.49
CA LEU T 475 -17.28 2.04 -71.88
C LEU T 475 -18.63 2.70 -71.82
N VAL T 476 -19.03 3.07 -70.60
CA VAL T 476 -20.28 3.80 -70.43
C VAL T 476 -19.88 5.25 -70.53
N VAL T 477 -20.29 5.93 -71.60
CA VAL T 477 -19.81 7.28 -71.83
C VAL T 477 -20.88 8.37 -71.97
N LYS T 478 -20.69 9.46 -71.21
CA LYS T 478 -21.58 10.61 -71.35
C LYS T 478 -20.78 11.87 -71.53
N ARG T 479 -21.33 12.82 -72.24
CA ARG T 479 -20.59 14.04 -72.49
C ARG T 479 -21.41 15.34 -72.46
N ALA T 480 -20.71 16.41 -72.09
CA ALA T 480 -21.23 17.78 -72.18
C ALA T 480 -20.07 18.76 -72.27
N ALA T 481 -20.29 19.96 -72.82
CA ALA T 481 -19.23 20.94 -72.74
C ALA T 481 -19.49 21.79 -71.52
N ILE T 482 -18.45 21.97 -70.71
CA ILE T 482 -18.59 22.73 -69.48
C ILE T 482 -17.69 23.95 -69.51
N ASN T 483 -18.32 25.12 -69.58
CA ASN T 483 -17.63 26.40 -69.64
C ASN T 483 -16.59 26.44 -70.76
N GLY T 484 -16.93 25.85 -71.90
CA GLY T 484 -16.06 25.80 -73.07
C GLY T 484 -15.17 24.55 -73.19
N GLN T 485 -15.04 23.75 -72.14
CA GLN T 485 -14.21 22.55 -72.26
C GLN T 485 -15.05 21.34 -72.57
N GLN T 486 -14.62 20.52 -73.50
CA GLN T 486 -15.43 19.33 -73.73
C GLN T 486 -15.11 18.32 -72.65
N VAL T 487 -16.12 17.87 -71.91
CA VAL T 487 -15.89 16.93 -70.83
C VAL T 487 -16.66 15.63 -71.01
N ILE T 488 -15.92 14.54 -70.90
CA ILE T 488 -16.50 13.22 -71.04
C ILE T 488 -16.33 12.43 -69.75
N VAL T 489 -17.40 11.80 -69.27
CA VAL T 489 -17.23 10.99 -68.06
C VAL T 489 -17.38 9.54 -68.45
N THR T 490 -16.39 8.74 -68.09
CA THR T 490 -16.43 7.34 -68.46
C THR T 490 -16.34 6.41 -67.27
N ARG T 491 -17.18 5.37 -67.34
CA ARG T 491 -17.21 4.29 -66.36
C ARG T 491 -16.93 2.96 -67.10
N PRO T 492 -15.67 2.51 -67.21
CA PRO T 492 -15.29 1.26 -67.86
C PRO T 492 -15.87 0.03 -67.17
N LEU T 493 -16.26 -0.96 -67.97
CA LEU T 493 -16.74 -2.24 -67.51
C LEU T 493 -15.83 -3.32 -68.06
N VAL T 494 -14.90 -3.81 -67.25
CA VAL T 494 -13.91 -4.76 -67.74
C VAL T 494 -14.56 -6.09 -68.01
N MET T 495 -14.18 -6.70 -69.13
CA MET T 495 -14.72 -7.99 -69.55
C MET T 495 -13.70 -9.13 -69.57
N PRO T 496 -13.32 -9.75 -68.43
CA PRO T 496 -12.33 -10.79 -68.35
C PRO T 496 -12.84 -11.92 -69.21
N ASN T 497 -11.94 -12.62 -69.86
CA ASN T 497 -12.32 -13.66 -70.78
C ASN T 497 -11.54 -14.88 -70.35
N ASP T 498 -12.24 -15.92 -69.92
CA ASP T 498 -11.67 -17.14 -69.40
C ASP T 498 -10.78 -17.89 -70.38
N GLN T 499 -10.94 -17.59 -71.67
CA GLN T 499 -10.19 -18.27 -72.72
C GLN T 499 -8.95 -17.47 -73.13
N ILE T 500 -8.77 -16.28 -72.54
CA ILE T 500 -7.64 -15.44 -72.91
C ILE T 500 -6.68 -15.20 -71.76
N THR T 501 -5.42 -15.55 -71.97
CA THR T 501 -4.43 -15.36 -70.92
C THR T 501 -3.49 -14.24 -71.26
N LEU T 502 -3.42 -13.25 -70.39
CA LEU T 502 -2.52 -12.14 -70.56
C LEU T 502 -1.21 -12.61 -69.97
N PRO T 503 -0.03 -12.32 -70.56
CA PRO T 503 1.23 -12.72 -70.00
C PRO T 503 1.31 -12.23 -68.57
N THR T 504 1.87 -13.07 -67.73
CA THR T 504 2.02 -12.81 -66.32
C THR T 504 3.15 -11.88 -65.99
N LYS T 505 3.11 -11.27 -64.81
CA LYS T 505 4.11 -10.40 -64.22
C LYS T 505 5.07 -11.22 -63.37
N LYS T 506 6.35 -10.86 -63.33
CA LYS T 506 7.32 -11.48 -62.44
C LYS T 506 7.38 -10.78 -61.10
N LEU T 507 7.05 -11.53 -60.05
CA LEU T 507 7.06 -11.05 -58.69
C LEU T 507 8.35 -11.54 -58.03
N THR T 508 9.40 -10.71 -57.95
CA THR T 508 10.62 -11.23 -57.35
C THR T 508 10.57 -10.94 -55.86
N ILE T 509 10.71 -12.00 -55.07
CA ILE T 509 10.65 -11.86 -53.62
C ILE T 509 12.00 -12.10 -52.97
N GLN T 510 12.49 -11.08 -52.29
CA GLN T 510 13.79 -11.22 -51.68
C GLN T 510 13.63 -11.77 -50.27
N ASN T 511 13.64 -13.10 -50.18
CA ASN T 511 13.42 -13.76 -48.90
C ASN T 511 14.74 -13.86 -48.14
N GLY T 512 15.18 -12.73 -47.62
CA GLY T 512 16.46 -12.70 -46.96
C GLY T 512 17.53 -12.98 -48.00
N MET T 513 18.31 -14.04 -47.78
CA MET T 513 19.38 -14.38 -48.72
C MET T 513 18.88 -15.23 -49.89
N HIS T 514 17.60 -15.60 -49.87
CA HIS T 514 17.01 -16.43 -50.91
C HIS T 514 16.13 -15.63 -51.86
N GLN T 515 16.46 -15.67 -53.14
CA GLN T 515 15.66 -14.92 -54.10
C GLN T 515 14.89 -15.88 -54.97
N GLU T 516 13.57 -15.67 -55.01
CA GLU T 516 12.69 -16.53 -55.83
C GLU T 516 11.63 -15.70 -56.52
N THR T 517 11.31 -16.03 -57.76
CA THR T 517 10.29 -15.29 -58.49
C THR T 517 9.02 -16.10 -58.74
N ILE T 518 7.88 -15.47 -58.44
CA ILE T 518 6.59 -16.07 -58.68
C ILE T 518 5.95 -15.38 -59.86
N GLU T 519 5.48 -16.11 -60.85
CA GLU T 519 4.81 -15.41 -61.93
C GLU T 519 3.33 -15.42 -61.64
N ALA T 520 2.64 -14.31 -61.96
CA ALA T 520 1.19 -14.28 -61.68
C ALA T 520 0.42 -13.39 -62.65
N GLU T 521 -0.85 -13.75 -62.82
CA GLU T 521 -1.80 -13.03 -63.67
C GLU T 521 -2.13 -11.64 -63.16
N ALA T 522 -2.27 -10.70 -64.10
CA ALA T 522 -2.65 -9.36 -63.73
C ALA T 522 -4.16 -9.29 -63.42
N ASP T 523 -4.48 -8.73 -62.25
CA ASP T 523 -5.87 -8.56 -61.83
C ASP T 523 -6.30 -7.18 -62.23
N VAL T 524 -7.52 -6.78 -61.96
CA VAL T 524 -7.94 -5.46 -62.41
C VAL T 524 -7.09 -4.34 -61.82
N GLN T 525 -6.54 -4.54 -60.62
CA GLN T 525 -5.64 -3.57 -59.99
C GLN T 525 -4.32 -3.42 -60.75
N ASP T 526 -3.83 -4.49 -61.36
CA ASP T 526 -2.56 -4.48 -62.06
C ASP T 526 -2.76 -4.01 -63.49
N VAL T 527 -3.93 -4.33 -64.02
CA VAL T 527 -4.35 -3.99 -65.36
C VAL T 527 -4.66 -2.52 -65.51
N PHE T 528 -5.40 -1.97 -64.54
CA PHE T 528 -5.79 -0.58 -64.63
C PHE T 528 -4.68 0.36 -64.16
N THR T 529 -3.69 0.45 -65.01
CA THR T 529 -2.53 1.27 -64.81
C THR T 529 -2.86 2.66 -65.27
N THR T 530 -1.97 3.60 -65.03
CA THR T 530 -2.28 4.93 -65.48
C THR T 530 -2.36 4.99 -67.01
N GLN T 531 -1.53 4.18 -67.68
CA GLN T 531 -1.59 4.20 -69.11
C GLN T 531 -2.81 3.46 -69.61
N TYR T 532 -3.28 2.44 -68.88
CA TYR T 532 -4.48 1.74 -69.33
C TYR T 532 -5.56 2.78 -69.50
N TRP T 533 -5.73 3.62 -68.47
CA TRP T 533 -6.72 4.70 -68.50
C TRP T 533 -6.49 5.69 -69.62
N ASN T 534 -5.23 6.08 -69.82
CA ASN T 534 -4.97 7.04 -70.87
C ASN T 534 -5.35 6.46 -72.23
N ARG T 535 -5.16 5.15 -72.41
CA ARG T 535 -5.51 4.51 -73.66
C ARG T 535 -7.03 4.45 -73.81
N ILE T 536 -7.75 4.25 -72.70
CA ILE T 536 -9.19 4.23 -72.75
C ILE T 536 -9.65 5.58 -73.25
N CYS T 537 -9.10 6.66 -72.69
CA CYS T 537 -9.42 8.02 -73.09
C CYS T 537 -9.18 8.23 -74.58
N ASP T 538 -8.02 7.79 -75.10
CA ASP T 538 -7.72 8.02 -76.51
C ASP T 538 -8.71 7.34 -77.43
N SER T 539 -9.09 6.10 -77.09
CA SER T 539 -10.04 5.36 -77.92
C SER T 539 -11.37 6.05 -77.92
N ILE T 540 -11.79 6.57 -76.75
CA ILE T 540 -13.07 7.22 -76.72
C ILE T 540 -13.01 8.41 -77.65
N ARG T 541 -11.93 9.17 -77.61
CA ARG T 541 -11.84 10.33 -78.50
C ARG T 541 -11.94 9.90 -79.97
N GLN T 542 -11.31 8.77 -80.33
CA GLN T 542 -11.42 8.29 -81.70
C GLN T 542 -12.88 7.96 -82.06
N GLN T 543 -13.61 7.42 -81.08
CA GLN T 543 -15.00 7.00 -81.23
C GLN T 543 -16.05 8.12 -81.09
N THR T 544 -15.73 9.21 -80.38
CA THR T 544 -16.68 10.31 -80.16
C THR T 544 -16.40 11.52 -81.05
N GLY T 545 -15.16 11.63 -81.53
CA GLY T 545 -14.67 12.72 -82.36
C GLY T 545 -14.13 13.87 -81.53
N LYS T 546 -14.28 13.75 -80.22
CA LYS T 546 -13.86 14.82 -79.35
C LYS T 546 -12.40 14.66 -78.97
N HIS T 547 -11.56 15.00 -79.93
CA HIS T 547 -10.12 14.81 -79.81
C HIS T 547 -9.43 15.73 -78.82
N ASP T 548 -10.05 16.85 -78.49
CA ASP T 548 -9.51 17.74 -77.50
C ASP T 548 -10.23 17.62 -76.14
N ALA T 549 -11.04 16.57 -75.95
CA ALA T 549 -11.78 16.39 -74.70
C ALA T 549 -10.95 15.90 -73.53
N MET T 550 -11.40 16.31 -72.34
CA MET T 550 -10.88 15.87 -71.06
C MET T 550 -11.77 14.75 -70.57
N VAL T 551 -11.19 13.69 -69.99
CA VAL T 551 -12.03 12.59 -69.57
C VAL T 551 -11.92 12.33 -68.06
N ILE T 552 -13.07 12.30 -67.42
CA ILE T 552 -13.29 12.05 -66.01
C ILE T 552 -13.42 10.56 -65.72
N ASN T 553 -12.69 10.08 -64.73
CA ASN T 553 -12.66 8.67 -64.36
C ASN T 553 -13.73 8.39 -63.30
N ALA T 554 -14.82 7.74 -63.69
CA ALA T 554 -15.92 7.43 -62.78
C ALA T 554 -15.67 6.14 -62.03
N GLY T 555 -14.52 5.55 -62.28
CA GLY T 555 -14.13 4.35 -61.61
C GLY T 555 -14.38 3.12 -62.45
N PRO T 556 -13.36 2.37 -62.83
CA PRO T 556 -13.52 1.20 -63.63
C PRO T 556 -14.13 0.17 -62.75
N THR T 557 -14.91 -0.72 -63.31
CA THR T 557 -15.34 -1.85 -62.54
C THR T 557 -15.20 -3.04 -63.43
N VAL T 558 -15.55 -4.19 -62.92
CA VAL T 558 -15.43 -5.40 -63.70
C VAL T 558 -16.66 -6.24 -63.65
N ILE T 559 -16.97 -6.83 -64.80
CA ILE T 559 -18.01 -7.81 -64.91
C ILE T 559 -17.32 -9.14 -65.22
N PRO T 560 -17.08 -9.99 -64.21
CA PRO T 560 -16.26 -11.19 -64.20
C PRO T 560 -16.61 -12.18 -65.27
N ALA T 561 -15.65 -12.98 -65.70
CA ALA T 561 -15.87 -13.96 -66.76
C ALA T 561 -17.03 -14.92 -66.40
N ASP T 562 -17.15 -15.34 -65.14
CA ASP T 562 -17.75 -16.65 -64.78
C ASP T 562 -19.23 -16.91 -65.17
N PHE T 563 -20.15 -15.98 -64.92
CA PHE T 563 -21.59 -16.17 -65.10
C PHE T 563 -22.06 -16.07 -66.56
N ASP T 564 -23.30 -16.52 -66.84
CA ASP T 564 -23.94 -16.41 -68.17
C ASP T 564 -24.44 -14.98 -68.48
N LEU T 565 -24.17 -14.44 -69.68
CA LEU T 565 -24.46 -13.04 -70.04
C LEU T 565 -25.97 -12.71 -70.25
N LYS T 566 -26.87 -13.68 -70.07
CA LYS T 566 -28.32 -13.52 -70.30
C LYS T 566 -29.09 -12.73 -69.22
N ASP T 567 -28.43 -12.30 -68.14
CA ASP T 567 -29.07 -11.53 -67.05
C ASP T 567 -29.30 -10.04 -67.43
N GLU T 568 -30.24 -9.83 -68.35
CA GLU T 568 -30.63 -8.52 -68.82
C GLU T 568 -31.02 -7.59 -67.69
N LEU T 569 -31.63 -8.12 -66.62
CA LEU T 569 -32.01 -7.23 -65.53
C LEU T 569 -30.81 -6.59 -64.88
N VAL T 570 -29.82 -7.42 -64.54
CA VAL T 570 -28.65 -6.84 -63.88
C VAL T 570 -27.92 -5.91 -64.82
N LEU T 571 -27.79 -6.30 -66.07
CA LEU T 571 -27.03 -5.53 -67.02
C LEU T 571 -27.70 -4.17 -67.25
N LYS T 572 -29.04 -4.15 -67.30
CA LYS T 572 -29.76 -2.89 -67.44
C LYS T 572 -29.45 -2.00 -66.26
N GLN T 573 -29.48 -2.60 -65.07
CA GLN T 573 -29.22 -1.86 -63.86
C GLN T 573 -27.80 -1.33 -63.83
N LEU T 574 -26.85 -2.08 -64.38
CA LEU T 574 -25.48 -1.59 -64.40
C LEU T 574 -25.40 -0.35 -65.27
N LEU T 575 -26.11 -0.35 -66.43
CA LEU T 575 -26.06 0.86 -67.25
C LEU T 575 -26.70 2.02 -66.55
N ILE T 576 -27.82 1.79 -65.89
CA ILE T 576 -28.54 2.81 -65.18
C ILE T 576 -27.63 3.44 -64.12
N LYS T 577 -26.99 2.61 -63.30
CA LYS T 577 -26.17 3.11 -62.21
C LYS T 577 -24.94 3.84 -62.73
N SER T 578 -24.36 3.32 -63.81
CA SER T 578 -23.16 3.92 -64.37
C SER T 578 -23.45 5.28 -65.01
N VAL T 579 -24.61 5.42 -65.66
CA VAL T 579 -24.93 6.72 -66.23
C VAL T 579 -25.27 7.71 -65.12
N ASN T 580 -25.85 7.25 -64.01
CA ASN T 580 -26.16 8.11 -62.87
C ASN T 580 -24.88 8.78 -62.44
N LEU T 581 -23.88 7.94 -62.25
CA LEU T 581 -22.62 8.45 -61.75
C LEU T 581 -22.00 9.38 -62.76
N CYS T 582 -22.14 9.06 -64.06
CA CYS T 582 -21.59 9.94 -65.06
C CYS T 582 -22.23 11.32 -65.01
N ASP T 583 -23.56 11.37 -64.79
CA ASP T 583 -24.25 12.66 -64.69
C ASP T 583 -23.79 13.43 -63.47
N ASP T 584 -23.57 12.73 -62.36
CA ASP T 584 -23.09 13.37 -61.14
C ASP T 584 -21.75 14.01 -61.40
N MET T 585 -20.85 13.29 -62.04
CA MET T 585 -19.52 13.84 -62.19
C MET T 585 -19.51 15.00 -63.18
N LEU T 586 -20.37 14.98 -64.21
CA LEU T 586 -20.43 16.16 -65.06
C LEU T 586 -20.98 17.31 -64.23
N ALA T 587 -22.00 17.02 -63.39
CA ALA T 587 -22.59 18.05 -62.57
C ALA T 587 -21.60 18.67 -61.60
N LYS T 588 -20.81 17.83 -60.93
CA LYS T 588 -19.93 18.29 -59.87
C LYS T 588 -18.76 19.05 -60.47
N ARG T 589 -18.32 18.67 -61.67
CA ARG T 589 -17.41 19.48 -62.50
C ARG T 589 -18.06 20.80 -62.96
N SER T 590 -19.37 20.80 -63.24
CA SER T 590 -20.16 21.98 -63.61
C SER T 590 -20.39 22.97 -62.47
N GLY T 591 -19.99 22.62 -61.25
CA GLY T 591 -20.24 23.41 -60.04
C GLY T 591 -21.59 23.18 -59.35
N GLU T 592 -22.26 22.03 -59.52
CA GLU T 592 -23.53 21.74 -58.83
C GLU T 592 -23.46 21.86 -57.29
N GLN T 593 -24.56 22.31 -56.66
CA GLN T 593 -24.66 22.52 -55.21
C GLN T 593 -24.53 21.21 -54.39
N PRO T 594 -23.84 21.23 -53.24
CA PRO T 594 -23.52 20.02 -52.46
C PRO T 594 -24.66 19.57 -51.54
N PHE T 595 -24.63 18.30 -51.12
CA PHE T 595 -25.49 17.84 -50.03
C PHE T 595 -25.08 18.42 -48.71
N SER T 596 -26.06 18.83 -47.90
CA SER T 596 -25.73 19.36 -46.60
C SER T 596 -26.78 19.10 -45.52
N VAL T 597 -26.35 19.33 -44.28
CA VAL T 597 -27.23 19.12 -43.13
C VAL T 597 -28.35 20.13 -43.19
N ALA T 598 -28.09 21.30 -43.78
CA ALA T 598 -29.05 22.37 -43.97
C ALA T 598 -30.23 21.94 -44.82
N MET T 599 -30.02 20.97 -45.71
CA MET T 599 -31.09 20.52 -46.58
C MET T 599 -31.97 19.57 -45.79
N LEU T 600 -31.34 18.85 -44.86
CA LEU T 600 -32.05 17.91 -43.99
C LEU T 600 -32.68 18.59 -42.79
N LYS T 601 -32.07 19.65 -42.34
CA LYS T 601 -32.51 20.30 -41.12
C LYS T 601 -33.67 21.22 -41.34
N GLY T 602 -34.84 20.61 -41.51
CA GLY T 602 -36.02 21.41 -41.66
C GLY T 602 -36.24 21.98 -40.27
N THR T 603 -36.96 23.10 -40.16
CA THR T 603 -37.17 23.67 -38.82
C THR T 603 -38.14 22.81 -38.02
N ASP T 604 -38.85 21.97 -38.74
CA ASP T 604 -39.79 21.02 -38.23
C ASP T 604 -39.37 19.56 -38.51
N GLU T 605 -38.09 19.21 -38.65
CA GLU T 605 -37.68 17.83 -39.01
C GLU T 605 -36.51 17.31 -38.16
N THR T 606 -36.54 16.03 -37.75
CA THR T 606 -35.41 15.40 -37.01
C THR T 606 -35.03 14.02 -37.53
N LEU T 607 -33.80 13.57 -37.23
CA LEU T 607 -33.31 12.25 -37.60
C LEU T 607 -33.45 11.24 -36.47
N ALA T 608 -33.41 9.97 -36.83
CA ALA T 608 -33.40 8.87 -35.88
C ALA T 608 -32.68 7.69 -36.50
N ALA T 609 -32.14 6.77 -35.69
CA ALA T 609 -31.45 5.60 -36.28
C ALA T 609 -31.47 4.32 -35.43
N ARG T 610 -31.35 3.18 -36.12
CA ARG T 610 -31.32 1.85 -35.47
C ARG T 610 -30.28 0.88 -36.04
N LEU T 611 -29.91 -0.10 -35.22
CA LEU T 611 -29.01 -1.15 -35.66
C LEU T 611 -29.78 -2.43 -35.96
N ASN T 612 -29.68 -2.86 -37.22
CA ASN T 612 -30.33 -4.08 -37.66
C ASN T 612 -29.37 -5.25 -37.49
N PHE T 613 -29.71 -6.20 -36.63
CA PHE T 613 -29.03 -7.49 -36.51
C PHE T 613 -29.57 -8.47 -37.54
N THR T 614 -29.06 -8.37 -38.75
CA THR T 614 -29.78 -8.78 -39.94
C THR T 614 -30.18 -10.26 -39.97
N GLY T 615 -29.24 -11.19 -39.79
CA GLY T 615 -29.44 -12.60 -40.15
C GLY T 615 -29.38 -12.91 -41.67
N LYS T 616 -29.01 -11.95 -42.53
CA LYS T 616 -28.89 -12.09 -44.01
C LYS T 616 -27.79 -11.20 -44.64
N PRO T 617 -27.19 -11.60 -45.78
CA PRO T 617 -26.24 -10.81 -46.56
C PRO T 617 -26.92 -9.82 -47.53
N MET T 618 -26.14 -8.87 -48.05
CA MET T 618 -26.56 -7.85 -49.01
C MET T 618 -25.68 -7.90 -50.25
N HIS T 619 -26.14 -7.39 -51.38
CA HIS T 619 -25.58 -7.78 -52.66
C HIS T 619 -25.17 -6.57 -53.47
N ASP T 620 -24.06 -6.71 -54.18
CA ASP T 620 -23.54 -5.60 -54.99
C ASP T 620 -24.26 -5.51 -56.31
N SER T 621 -23.81 -4.59 -57.17
CA SER T 621 -24.50 -4.38 -58.44
C SER T 621 -24.51 -5.58 -59.39
N LEU T 622 -23.65 -6.59 -59.16
CA LEU T 622 -23.62 -7.79 -59.99
C LEU T 622 -24.25 -8.98 -59.27
N GLY T 623 -24.80 -8.74 -58.09
CA GLY T 623 -25.40 -9.79 -57.30
C GLY T 623 -24.47 -10.58 -56.38
N TYR T 624 -23.24 -10.12 -56.12
CA TYR T 624 -22.39 -10.93 -55.25
C TYR T 624 -22.61 -10.47 -53.81
N PRO T 625 -22.58 -11.38 -52.81
CA PRO T 625 -22.81 -11.07 -51.40
C PRO T 625 -21.70 -10.25 -50.77
N ILE T 626 -22.07 -9.37 -49.86
CA ILE T 626 -21.19 -8.55 -49.05
C ILE T 626 -21.41 -8.84 -47.57
N ARG T 627 -20.34 -9.21 -46.85
CA ARG T 627 -20.49 -9.44 -45.41
C ARG T 627 -20.93 -8.21 -44.64
N SER T 628 -21.90 -8.44 -43.75
CA SER T 628 -22.42 -7.44 -42.85
C SER T 628 -22.98 -8.16 -41.61
N ASP T 629 -22.62 -7.72 -40.40
CA ASP T 629 -23.24 -8.29 -39.21
C ASP T 629 -24.36 -7.38 -38.76
N ILE T 630 -24.12 -6.08 -38.97
CA ILE T 630 -25.03 -5.03 -38.57
C ILE T 630 -25.32 -4.07 -39.72
N LEU T 631 -26.59 -3.84 -40.01
CA LEU T 631 -26.89 -2.83 -41.01
C LEU T 631 -27.40 -1.60 -40.27
N VAL T 632 -26.72 -0.47 -40.44
CA VAL T 632 -27.17 0.69 -39.69
C VAL T 632 -28.10 1.48 -40.57
N SER T 633 -29.31 1.69 -40.08
CA SER T 633 -30.31 2.41 -40.85
C SER T 633 -30.61 3.77 -40.27
N LEU T 634 -30.37 4.80 -41.08
CA LEU T 634 -30.64 6.17 -40.65
C LEU T 634 -31.95 6.56 -41.29
N ASN T 635 -32.91 6.88 -40.44
CA ASN T 635 -34.28 7.17 -40.79
C ASN T 635 -34.38 8.52 -41.47
N ARG T 636 -35.41 8.66 -42.28
CA ARG T 636 -35.67 9.89 -43.02
C ARG T 636 -35.89 11.01 -42.04
N VAL T 637 -35.32 12.18 -42.35
CA VAL T 637 -35.52 13.28 -41.45
C VAL T 637 -36.98 13.73 -41.62
N LYS T 638 -37.71 13.85 -40.49
CA LYS T 638 -39.11 14.30 -40.54
C LYS T 638 -39.65 14.53 -39.14
N LYS T 639 -40.89 15.01 -39.04
CA LYS T 639 -41.54 15.05 -37.73
C LYS T 639 -43.06 14.79 -37.82
N PRO T 640 -43.68 14.11 -36.84
CA PRO T 640 -45.11 13.97 -36.74
C PRO T 640 -45.67 15.37 -36.65
N GLY T 641 -46.79 15.62 -37.31
CA GLY T 641 -47.39 16.94 -37.29
C GLY T 641 -47.09 17.70 -38.58
N GLN T 642 -46.16 17.20 -39.38
CA GLN T 642 -45.88 17.86 -40.65
C GLN T 642 -46.96 17.49 -41.65
N GLN T 643 -47.15 18.35 -42.64
CA GLN T 643 -48.12 18.07 -43.68
C GLN T 643 -47.81 16.77 -44.40
N GLU T 644 -48.81 15.93 -44.50
CA GLU T 644 -48.71 14.64 -45.19
C GLU T 644 -48.69 14.92 -46.69
N ASN T 645 -47.78 14.29 -47.41
CA ASN T 645 -47.65 14.53 -48.85
C ASN T 645 -48.60 13.71 -49.73
N GLU T 646 -49.88 14.08 -49.66
CA GLU T 646 -50.99 13.46 -50.38
C GLU T 646 -51.10 11.97 -49.98
N PHE T 647 -51.71 11.14 -50.83
CA PHE T 647 -51.84 9.73 -50.55
C PHE T 647 -50.60 9.00 -50.97
N TYR T 648 -49.58 8.99 -50.12
CA TYR T 648 -48.29 8.39 -50.43
C TYR T 648 -47.97 7.24 -49.50
N GLU T 649 -47.05 6.39 -49.93
CA GLU T 649 -46.45 5.40 -49.04
C GLU T 649 -44.97 5.32 -49.33
N ALA T 650 -44.15 5.42 -48.29
CA ALA T 650 -42.72 5.41 -48.51
C ALA T 650 -41.99 4.83 -47.33
N GLU T 651 -40.80 4.31 -47.57
CA GLU T 651 -39.96 3.87 -46.48
C GLU T 651 -39.30 5.09 -45.89
N ASP T 652 -39.32 5.23 -44.58
CA ASP T 652 -38.71 6.39 -43.94
C ASP T 652 -37.23 6.20 -43.73
N LYS T 653 -36.49 6.16 -44.82
CA LYS T 653 -35.04 5.96 -44.75
C LYS T 653 -34.29 7.02 -45.54
N LEU T 654 -33.15 7.45 -45.00
CA LEU T 654 -32.28 8.39 -45.68
C LEU T 654 -31.07 7.70 -46.27
N ASN T 655 -30.39 6.88 -45.45
CA ASN T 655 -29.21 6.14 -45.90
C ASN T 655 -28.86 4.98 -44.99
N GLN T 656 -27.83 4.23 -45.38
CA GLN T 656 -27.41 3.10 -44.56
C GLN T 656 -25.94 2.74 -44.69
N VAL T 657 -25.40 2.16 -43.62
CA VAL T 657 -24.03 1.65 -43.67
C VAL T 657 -23.96 0.19 -43.24
N SER T 658 -23.31 -0.60 -44.06
CA SER T 658 -23.14 -2.02 -43.79
C SER T 658 -21.81 -2.21 -43.11
N CYS T 659 -21.81 -2.94 -42.00
CA CYS T 659 -20.56 -3.20 -41.33
C CYS T 659 -20.56 -4.53 -40.61
N PHE T 660 -19.38 -4.97 -40.21
CA PHE T 660 -19.26 -6.20 -39.43
C PHE T 660 -18.23 -6.03 -38.38
N VAL T 661 -18.25 -6.91 -37.36
CA VAL T 661 -17.20 -6.73 -36.36
C VAL T 661 -16.38 -7.99 -36.17
N ASN T 662 -15.06 -7.88 -36.33
CA ASN T 662 -14.25 -9.08 -36.09
C ASN T 662 -13.71 -9.01 -34.69
N LEU T 663 -13.00 -10.05 -34.29
CA LEU T 663 -12.32 -10.05 -33.01
C LEU T 663 -10.89 -10.39 -33.26
N GLU T 664 -10.07 -9.36 -33.44
CA GLU T 664 -8.68 -9.59 -33.82
C GLU T 664 -7.89 -9.94 -32.59
N TYR T 665 -6.93 -10.86 -32.69
CA TYR T 665 -6.08 -11.25 -31.56
C TYR T 665 -4.85 -10.36 -31.66
N THR T 666 -4.74 -9.43 -30.71
CA THR T 666 -3.73 -8.39 -30.80
C THR T 666 -2.74 -8.41 -29.64
N PRO T 667 -1.52 -7.86 -29.84
CA PRO T 667 -0.46 -7.75 -28.87
C PRO T 667 -0.71 -6.73 -27.78
N GLN T 668 -0.02 -6.92 -26.67
CA GLN T 668 -0.01 -6.02 -25.55
C GLN T 668 1.30 -6.25 -24.77
N PRO T 669 2.04 -5.19 -24.22
CA PRO T 669 3.23 -5.33 -23.38
C PRO T 669 3.01 -6.27 -22.18
N GLN T 682 -4.63 -3.00 -17.78
CA GLN T 682 -4.56 -4.32 -18.37
C GLN T 682 -5.77 -4.56 -19.28
N LEU T 683 -5.52 -4.79 -20.60
CA LEU T 683 -6.54 -5.08 -21.61
C LEU T 683 -6.69 -6.59 -21.85
N PRO T 684 -7.89 -7.05 -22.23
CA PRO T 684 -8.18 -8.39 -22.69
C PRO T 684 -7.55 -8.49 -24.10
N PRO T 685 -7.28 -9.69 -24.62
CA PRO T 685 -6.66 -9.97 -25.94
C PRO T 685 -7.36 -9.67 -27.27
N LEU T 686 -8.69 -9.48 -27.32
CA LEU T 686 -9.32 -9.24 -28.62
C LEU T 686 -9.81 -7.81 -28.91
N THR T 687 -9.62 -7.40 -30.16
CA THR T 687 -10.04 -6.09 -30.64
C THR T 687 -11.34 -6.08 -31.43
N PRO T 688 -12.32 -5.23 -31.03
CA PRO T 688 -13.60 -5.03 -31.67
C PRO T 688 -13.40 -4.19 -32.92
N ALA T 689 -12.99 -4.90 -33.97
CA ALA T 689 -12.64 -4.23 -35.21
C ALA T 689 -13.91 -4.00 -36.00
N ILE T 690 -14.36 -2.74 -36.06
CA ILE T 690 -15.63 -2.44 -36.69
C ILE T 690 -15.31 -2.08 -38.12
N VAL T 691 -15.76 -2.88 -39.06
CA VAL T 691 -15.39 -2.69 -40.45
C VAL T 691 -16.54 -2.31 -41.34
N ILE T 692 -16.45 -1.16 -41.98
CA ILE T 692 -17.46 -0.80 -42.97
C ILE T 692 -17.20 -1.53 -44.27
N THR T 693 -18.22 -2.21 -44.77
CA THR T 693 -18.09 -2.94 -46.01
C THR T 693 -18.85 -2.30 -47.14
N ASP T 694 -19.84 -1.46 -46.81
CA ASP T 694 -20.57 -0.76 -47.86
C ASP T 694 -21.22 0.51 -47.32
N VAL T 695 -21.39 1.49 -48.20
CA VAL T 695 -22.08 2.74 -47.88
C VAL T 695 -23.10 3.05 -48.98
N ARG T 696 -24.40 3.13 -48.64
CA ARG T 696 -25.49 3.35 -49.62
C ARG T 696 -26.44 4.47 -49.20
N GLN T 697 -26.95 5.22 -50.18
CA GLN T 697 -27.99 6.20 -49.92
C GLN T 697 -29.30 5.49 -50.11
N ALA T 698 -30.38 6.01 -49.56
CA ALA T 698 -31.66 5.36 -49.79
C ALA T 698 -31.95 5.36 -51.28
N GLU T 699 -32.59 4.29 -51.75
CA GLU T 699 -32.90 4.03 -53.16
C GLU T 699 -33.71 5.11 -53.87
N TRP T 700 -34.43 5.93 -53.13
CA TRP T 700 -35.21 6.98 -53.76
C TRP T 700 -34.36 8.14 -54.26
N LEU T 701 -33.12 8.26 -53.79
CA LEU T 701 -32.22 9.36 -54.16
C LEU T 701 -31.34 8.85 -55.29
N LYS T 702 -31.03 9.65 -56.30
CA LYS T 702 -30.31 9.15 -57.48
C LYS T 702 -28.82 9.48 -57.40
N ALA T 703 -28.48 10.66 -56.91
CA ALA T 703 -27.09 11.15 -56.89
C ALA T 703 -26.17 10.40 -55.92
N ASN T 704 -24.89 10.31 -56.31
CA ASN T 704 -23.86 9.72 -55.46
C ASN T 704 -22.66 10.64 -55.38
N THR T 705 -22.55 11.36 -54.26
CA THR T 705 -21.52 12.37 -54.08
C THR T 705 -20.76 12.10 -52.80
N MET T 706 -19.62 12.79 -52.63
CA MET T 706 -18.85 12.64 -51.41
C MET T 706 -19.54 13.11 -50.18
N GLU T 707 -20.32 14.18 -50.28
CA GLU T 707 -21.00 14.67 -49.10
C GLU T 707 -22.02 13.64 -48.64
N LEU T 708 -22.73 13.03 -49.58
CA LEU T 708 -23.70 12.01 -49.21
C LEU T 708 -23.01 10.81 -48.55
N TYR T 709 -21.85 10.42 -49.10
CA TYR T 709 -21.06 9.31 -48.55
C TYR T 709 -20.60 9.59 -47.13
N LEU T 710 -19.98 10.76 -46.97
CA LEU T 710 -19.41 11.17 -45.71
C LEU T 710 -20.43 11.29 -44.62
N PHE T 711 -21.59 11.85 -44.94
CA PHE T 711 -22.67 11.96 -43.98
C PHE T 711 -23.11 10.58 -43.50
N ALA T 712 -23.26 9.65 -44.46
CA ALA T 712 -23.69 8.29 -44.13
C ALA T 712 -22.67 7.56 -43.25
N LEU T 713 -21.38 7.88 -43.37
CA LEU T 713 -20.37 7.18 -42.54
C LEU T 713 -20.61 7.37 -41.04
N SER T 714 -21.34 8.42 -40.65
CA SER T 714 -21.57 8.67 -39.23
C SER T 714 -22.44 7.57 -38.65
N ASN T 715 -23.10 6.81 -39.54
CA ASN T 715 -23.96 5.73 -39.17
C ASN T 715 -23.14 4.62 -38.53
N ALA T 716 -21.90 4.42 -39.00
CA ALA T 716 -21.11 3.36 -38.40
C ALA T 716 -20.60 3.81 -37.06
N PHE T 717 -20.27 5.07 -36.95
CA PHE T 717 -19.72 5.52 -35.67
C PHE T 717 -20.65 5.24 -34.50
N ARG T 718 -21.93 5.55 -34.72
CA ARG T 718 -22.97 5.43 -33.70
C ARG T 718 -23.18 3.98 -33.22
N VAL T 719 -22.67 3.01 -34.00
CA VAL T 719 -22.77 1.59 -33.71
C VAL T 719 -22.17 1.30 -32.36
N THR T 720 -21.06 1.96 -32.04
CA THR T 720 -20.44 1.72 -30.75
C THR T 720 -20.49 2.96 -29.87
N ALA T 721 -20.66 4.14 -30.48
CA ALA T 721 -20.64 5.39 -29.72
C ALA T 721 -21.89 5.58 -28.88
N ASN T 722 -23.04 5.17 -29.39
CA ASN T 722 -24.28 5.35 -28.66
C ASN T 722 -24.88 4.01 -28.29
N GLN T 723 -24.77 3.07 -29.22
CA GLN T 723 -25.36 1.74 -29.07
C GLN T 723 -24.26 0.71 -28.84
N SER T 724 -24.63 -0.55 -28.63
CA SER T 724 -23.63 -1.58 -28.39
C SER T 724 -23.69 -2.77 -29.35
N TRP T 725 -22.65 -2.78 -30.16
CA TRP T 725 -22.37 -3.68 -31.25
C TRP T 725 -22.25 -5.14 -30.85
N ALA T 726 -21.94 -5.38 -29.57
CA ALA T 726 -21.66 -6.70 -29.01
C ALA T 726 -22.82 -7.63 -29.14
N ARG T 727 -24.06 -7.12 -29.27
CA ARG T 727 -25.20 -7.99 -29.47
C ARG T 727 -25.01 -8.84 -30.72
N SER T 728 -24.24 -8.35 -31.70
CA SER T 728 -24.05 -9.08 -32.95
C SER T 728 -23.21 -10.32 -32.75
N LEU T 729 -22.53 -10.43 -31.60
CA LEU T 729 -21.70 -11.58 -31.33
C LEU T 729 -22.46 -12.69 -30.67
N LEU T 730 -23.74 -12.46 -30.33
CA LEU T 730 -24.45 -13.55 -29.69
C LEU T 730 -24.50 -14.74 -30.61
N PRO T 731 -24.27 -15.96 -30.10
CA PRO T 731 -24.30 -17.19 -30.86
C PRO T 731 -25.71 -17.44 -31.28
N GLN T 732 -25.90 -18.14 -32.41
CA GLN T 732 -27.26 -18.42 -32.80
C GLN T 732 -27.76 -19.63 -32.04
N LEU T 733 -28.18 -19.39 -30.82
CA LEU T 733 -28.50 -20.49 -29.94
C LEU T 733 -29.64 -21.27 -30.52
N GLY T 734 -29.48 -22.60 -30.54
CA GLY T 734 -30.47 -23.51 -31.09
C GLY T 734 -30.13 -23.94 -32.52
N LYS T 735 -29.20 -23.21 -33.17
CA LYS T 735 -28.77 -23.53 -34.51
C LYS T 735 -27.48 -24.32 -34.44
N VAL T 736 -27.47 -25.54 -34.96
CA VAL T 736 -26.25 -26.32 -34.86
C VAL T 736 -25.14 -25.75 -35.74
N LYS T 737 -25.49 -25.39 -36.97
CA LYS T 737 -24.50 -24.92 -37.91
C LYS T 737 -24.16 -23.43 -37.83
N ASP T 738 -23.53 -23.03 -36.73
CA ASP T 738 -23.09 -21.65 -36.59
C ASP T 738 -21.58 -21.63 -36.67
N MET T 739 -21.05 -21.34 -37.85
CA MET T 739 -19.61 -21.47 -38.06
C MET T 739 -18.82 -20.43 -37.29
N ARG T 740 -19.49 -19.38 -36.81
CA ARG T 740 -18.80 -18.30 -36.12
C ARG T 740 -19.26 -18.22 -34.68
N ASP T 741 -19.77 -19.34 -34.18
CA ASP T 741 -20.28 -19.42 -32.83
C ASP T 741 -19.23 -18.92 -31.83
N ILE T 742 -19.67 -18.01 -30.95
CA ILE T 742 -18.84 -17.35 -29.94
C ILE T 742 -18.16 -18.34 -29.06
N GLY T 743 -18.68 -19.56 -28.99
CA GLY T 743 -18.06 -20.55 -28.13
C GLY T 743 -16.58 -20.75 -28.47
N ALA T 744 -16.22 -20.49 -29.73
CA ALA T 744 -14.86 -20.64 -30.24
C ALA T 744 -13.88 -19.72 -29.54
N ILE T 745 -14.38 -18.65 -28.92
CA ILE T 745 -13.54 -17.64 -28.30
C ILE T 745 -12.73 -18.29 -27.16
N GLY T 746 -13.25 -19.40 -26.62
CA GLY T 746 -12.63 -20.14 -25.54
C GLY T 746 -11.31 -20.78 -25.97
N TYR T 747 -11.05 -20.83 -27.27
CA TYR T 747 -9.81 -21.41 -27.74
C TYR T 747 -8.65 -20.40 -27.63
N LEU T 748 -8.96 -19.09 -27.65
CA LEU T 748 -7.93 -18.07 -27.55
C LEU T 748 -7.74 -17.62 -26.10
N SER T 749 -8.78 -17.85 -25.31
CA SER T 749 -8.81 -17.54 -23.89
C SER T 749 -8.03 -18.62 -23.17
N ARG T 750 -7.87 -18.46 -21.87
CA ARG T 750 -7.15 -19.40 -21.02
C ARG T 750 -7.80 -20.80 -20.94
N LEU T 751 -9.05 -20.92 -21.39
CA LEU T 751 -9.77 -22.20 -21.39
C LEU T 751 -9.19 -23.20 -22.37
N ALA T 752 -8.68 -22.72 -23.52
CA ALA T 752 -8.20 -23.59 -24.59
C ALA T 752 -9.26 -24.62 -24.95
N ALA T 753 -10.51 -24.18 -25.00
CA ALA T 753 -11.62 -25.08 -25.26
C ALA T 753 -12.81 -24.34 -25.80
N ARG T 754 -13.70 -25.04 -26.50
CA ARG T 754 -14.91 -24.38 -26.91
C ARG T 754 -15.81 -24.26 -25.70
N VAL T 755 -16.47 -23.13 -25.58
CA VAL T 755 -17.42 -22.88 -24.51
C VAL T 755 -18.68 -23.63 -24.88
N GLU T 756 -19.28 -24.34 -23.96
CA GLU T 756 -20.46 -25.03 -24.38
C GLU T 756 -21.62 -24.05 -24.42
N THR T 757 -21.95 -23.66 -25.64
CA THR T 757 -23.00 -22.70 -26.00
C THR T 757 -24.23 -23.39 -26.61
N LYS T 758 -24.22 -24.74 -26.72
CA LYS T 758 -25.34 -25.59 -27.23
C LYS T 758 -26.40 -25.88 -26.15
N THR T 759 -26.01 -25.65 -24.91
CA THR T 759 -26.71 -26.10 -23.73
C THR T 759 -27.70 -25.08 -23.18
N GLU T 760 -28.68 -25.60 -22.45
CA GLU T 760 -29.71 -24.78 -21.81
C GLU T 760 -29.13 -23.99 -20.64
N THR T 761 -27.91 -24.32 -20.26
CA THR T 761 -27.24 -23.65 -19.16
C THR T 761 -26.41 -22.48 -19.65
N PHE T 762 -26.40 -22.22 -20.98
CA PHE T 762 -25.63 -21.09 -21.48
C PHE T 762 -26.55 -19.88 -21.41
N THR T 763 -26.07 -18.85 -20.75
CA THR T 763 -26.85 -17.65 -20.50
C THR T 763 -26.24 -16.42 -21.10
N ASP T 764 -27.08 -15.41 -21.23
CA ASP T 764 -26.65 -14.02 -21.54
C ASP T 764 -25.53 -13.55 -20.62
N GLN T 765 -25.60 -13.89 -19.33
CA GLN T 765 -24.60 -13.49 -18.36
C GLN T 765 -23.28 -14.18 -18.69
N ASN T 766 -23.34 -15.46 -19.10
CA ASN T 766 -22.10 -16.17 -19.41
C ASN T 766 -21.46 -15.57 -20.65
N PHE T 767 -22.30 -15.17 -21.60
CA PHE T 767 -21.84 -14.53 -22.82
C PHE T 767 -21.10 -13.25 -22.49
N ALA T 768 -21.72 -12.42 -21.65
CA ALA T 768 -21.10 -11.17 -21.29
C ALA T 768 -19.77 -11.40 -20.61
N GLU T 769 -19.68 -12.44 -19.77
CA GLU T 769 -18.42 -12.75 -19.10
C GLU T 769 -17.34 -13.16 -20.06
N LEU T 770 -17.70 -13.91 -21.12
CA LEU T 770 -16.69 -14.33 -22.08
C LEU T 770 -16.08 -13.09 -22.67
N LEU T 771 -16.95 -12.12 -23.00
CA LEU T 771 -16.49 -10.88 -23.58
C LEU T 771 -15.76 -10.02 -22.56
N TYR T 772 -16.16 -10.05 -21.30
CA TYR T 772 -15.47 -9.20 -20.32
C TYR T 772 -14.01 -9.60 -20.25
N ASN T 773 -13.75 -10.90 -20.29
CA ASN T 773 -12.40 -11.40 -20.22
C ASN T 773 -11.66 -11.41 -21.55
N MET T 774 -12.38 -11.54 -22.67
CA MET T 774 -11.75 -11.60 -23.97
C MET T 774 -11.73 -10.37 -24.87
N VAL T 775 -12.72 -9.47 -24.81
CA VAL T 775 -12.81 -8.38 -25.78
C VAL T 775 -12.66 -6.98 -25.17
N ARG T 776 -11.78 -6.19 -25.77
CA ARG T 776 -11.45 -4.83 -25.35
C ARG T 776 -12.67 -3.90 -25.49
N PRO T 777 -12.89 -2.97 -24.54
CA PRO T 777 -13.98 -2.00 -24.53
C PRO T 777 -13.90 -0.83 -25.53
N SER T 778 -12.72 -0.60 -26.12
CA SER T 778 -12.54 0.55 -27.00
C SER T 778 -12.65 0.17 -28.49
N PRO T 779 -13.68 0.63 -29.23
CA PRO T 779 -13.96 0.28 -30.60
C PRO T 779 -12.94 0.86 -31.55
N VAL T 780 -12.69 0.16 -32.64
CA VAL T 780 -11.80 0.71 -33.66
C VAL T 780 -12.55 0.79 -34.97
N PHE T 781 -12.56 1.97 -35.60
CA PHE T 781 -13.28 2.11 -36.86
C PHE T 781 -12.43 2.13 -38.10
N MET T 782 -12.74 1.21 -38.99
CA MET T 782 -12.02 1.01 -40.23
C MET T 782 -12.99 0.69 -41.34
N SER T 783 -12.52 0.76 -42.57
CA SER T 783 -13.38 0.44 -43.69
C SER T 783 -12.62 -0.12 -44.85
N ASP T 784 -13.35 -0.82 -45.69
CA ASP T 784 -12.82 -1.32 -46.94
C ASP T 784 -12.71 -0.14 -47.88
N LEU T 785 -11.78 -0.23 -48.82
CA LEU T 785 -11.67 0.77 -49.87
C LEU T 785 -11.47 0.05 -51.22
N ASN T 786 -12.39 0.24 -52.17
CA ASN T 786 -12.27 -0.55 -53.42
C ASN T 786 -12.35 0.30 -54.70
N ARG T 787 -11.21 0.38 -55.41
CA ARG T 787 -11.07 1.19 -56.62
C ARG T 787 -11.95 0.71 -57.75
N PHE T 788 -12.41 -0.53 -57.64
CA PHE T 788 -13.23 -1.16 -58.64
C PHE T 788 -14.63 -1.48 -58.15
N GLY T 789 -15.01 -0.90 -57.02
CA GLY T 789 -16.31 -1.20 -56.45
C GLY T 789 -17.43 -0.35 -57.04
N ASP T 790 -18.61 -0.52 -56.49
CA ASP T 790 -19.81 0.18 -56.98
C ASP T 790 -19.72 1.69 -56.74
N ASN T 791 -18.88 2.08 -55.81
CA ASN T 791 -18.65 3.45 -55.41
C ASN T 791 -17.25 3.92 -55.78
N ALA T 792 -16.62 3.28 -56.77
CA ALA T 792 -15.23 3.56 -57.12
C ALA T 792 -14.88 5.02 -57.40
N ALA T 793 -15.77 5.81 -57.98
CA ALA T 793 -15.39 7.21 -58.25
C ALA T 793 -15.02 7.93 -56.95
N ILE T 794 -15.66 7.53 -55.87
CA ILE T 794 -15.49 8.09 -54.56
C ILE T 794 -14.47 7.30 -53.76
N GLU T 795 -14.51 5.97 -53.77
CA GLU T 795 -13.58 5.10 -53.10
C GLU T 795 -12.16 5.56 -53.44
N ASN T 796 -11.93 5.96 -54.70
CA ASN T 796 -10.62 6.39 -55.15
C ASN T 796 -10.07 7.61 -54.38
N VAL T 797 -10.92 8.52 -53.89
CA VAL T 797 -10.34 9.66 -53.18
C VAL T 797 -9.94 9.19 -51.81
N PHE T 798 -10.75 8.29 -51.24
CA PHE T 798 -10.46 7.80 -49.90
C PHE T 798 -9.23 6.89 -49.92
N ILE T 799 -8.99 6.23 -51.05
CA ILE T 799 -7.80 5.39 -51.20
C ILE T 799 -6.58 6.25 -51.38
N ASP T 800 -6.65 7.28 -52.23
CA ASP T 800 -5.47 8.11 -52.44
C ASP T 800 -5.14 8.91 -51.17
N ALA T 801 -6.17 9.17 -50.35
CA ALA T 801 -6.01 9.87 -49.08
C ALA T 801 -5.14 9.08 -48.09
N LEU T 802 -4.92 7.77 -48.36
CA LEU T 802 -4.10 6.90 -47.51
C LEU T 802 -2.62 7.24 -47.61
N GLY T 803 -2.17 7.74 -48.77
CA GLY T 803 -0.77 8.03 -48.98
C GLY T 803 -0.43 8.03 -50.46
N GLY T 804 0.75 8.52 -50.82
CA GLY T 804 1.14 8.56 -52.23
C GLY T 804 1.25 9.99 -52.74
N VAL T 805 1.53 10.12 -54.03
CA VAL T 805 1.81 11.41 -54.65
C VAL T 805 0.70 12.44 -54.53
N ASN T 806 -0.55 12.01 -54.49
CA ASN T 806 -1.64 12.96 -54.41
C ASN T 806 -2.39 12.88 -53.10
N GLN T 807 -1.74 12.38 -52.04
CA GLN T 807 -2.46 12.28 -50.77
C GLN T 807 -2.97 13.61 -50.31
N GLN T 808 -2.21 14.67 -50.50
CA GLN T 808 -2.65 15.96 -50.00
C GLN T 808 -3.89 16.43 -50.70
N ARG T 809 -4.00 16.14 -52.00
CA ARG T 809 -5.16 16.57 -52.75
C ARG T 809 -6.38 15.76 -52.37
N ALA T 810 -6.20 14.46 -52.17
CA ALA T 810 -7.30 13.61 -51.79
C ALA T 810 -7.82 14.02 -50.41
N VAL T 811 -6.90 14.28 -49.47
CA VAL T 811 -7.31 14.75 -48.16
C VAL T 811 -8.03 16.07 -48.23
N ALA T 812 -7.54 17.01 -49.05
CA ALA T 812 -8.20 18.29 -49.17
C ALA T 812 -9.64 18.13 -49.66
N ALA T 813 -9.84 17.20 -50.61
CA ALA T 813 -11.19 16.94 -51.14
C ALA T 813 -12.14 16.40 -50.07
N ILE T 814 -11.61 15.57 -49.19
CA ILE T 814 -12.41 14.93 -48.17
C ILE T 814 -12.80 15.91 -47.09
N ILE T 815 -11.85 16.72 -46.63
CA ILE T 815 -12.20 17.70 -45.63
C ILE T 815 -13.14 18.74 -46.22
N ALA T 816 -12.95 19.11 -47.50
CA ALA T 816 -13.91 20.00 -48.12
C ALA T 816 -15.29 19.38 -48.15
N GLY T 817 -15.39 18.07 -48.43
CA GLY T 817 -16.69 17.43 -48.46
C GLY T 817 -17.37 17.53 -47.11
N VAL T 818 -16.63 17.34 -46.01
CA VAL T 818 -17.37 17.45 -44.76
C VAL T 818 -17.76 18.91 -44.55
N ASN T 819 -16.86 19.87 -44.82
CA ASN T 819 -17.23 21.26 -44.62
C ASN T 819 -18.45 21.64 -45.45
N ASN T 820 -18.63 21.00 -46.59
CA ASN T 820 -19.81 21.31 -47.37
C ASN T 820 -21.04 20.81 -46.60
N LEU T 821 -20.90 19.68 -45.88
CA LEU T 821 -22.02 19.18 -45.10
C LEU T 821 -22.42 20.06 -43.95
N ILE T 822 -21.42 20.63 -43.28
CA ILE T 822 -21.68 21.42 -42.07
C ILE T 822 -21.60 22.95 -42.18
N GLY T 823 -21.17 23.49 -43.34
CA GLY T 823 -21.07 24.95 -43.44
C GLY T 823 -19.74 25.47 -42.87
N GLY T 824 -18.74 24.61 -42.92
CA GLY T 824 -17.41 24.89 -42.40
C GLY T 824 -17.26 24.47 -40.94
N GLY T 825 -16.01 24.53 -40.44
CA GLY T 825 -15.75 24.18 -39.04
C GLY T 825 -15.20 22.78 -38.73
N PHE T 826 -14.84 21.96 -39.74
CA PHE T 826 -14.28 20.62 -39.42
C PHE T 826 -12.93 20.85 -38.74
N GLU T 827 -12.27 21.91 -39.23
CA GLU T 827 -10.97 22.41 -38.81
C GLU T 827 -10.97 22.90 -37.36
N LYS T 828 -12.15 23.03 -36.74
CA LYS T 828 -12.19 23.47 -35.36
C LYS T 828 -12.01 22.28 -34.44
N PHE T 829 -12.06 21.07 -35.01
CA PHE T 829 -11.87 19.87 -34.21
C PHE T 829 -10.44 19.37 -34.36
N PHE T 830 -9.86 19.36 -35.56
CA PHE T 830 -8.47 18.88 -35.66
C PHE T 830 -7.76 19.30 -36.94
N ASP T 831 -6.44 19.17 -36.89
CA ASP T 831 -5.57 19.45 -38.03
C ASP T 831 -5.38 18.23 -38.94
N HIS T 832 -5.94 18.29 -40.15
CA HIS T 832 -5.91 17.18 -41.09
C HIS T 832 -4.52 16.95 -41.67
N ASN T 833 -3.63 17.91 -41.44
CA ASN T 833 -2.26 17.79 -41.93
C ASN T 833 -1.33 17.23 -40.86
N THR T 834 -1.89 16.90 -39.69
CA THR T 834 -1.12 16.28 -38.62
C THR T 834 -1.74 14.91 -38.43
N MET T 835 -3.04 14.87 -38.79
CA MET T 835 -3.88 13.69 -38.68
C MET T 835 -4.53 13.29 -40.00
N PRO T 836 -3.84 12.57 -40.90
CA PRO T 836 -4.31 12.19 -42.21
C PRO T 836 -5.60 11.44 -41.98
N ILE T 837 -6.53 11.54 -42.90
CA ILE T 837 -7.86 11.00 -42.70
C ILE T 837 -7.94 9.47 -42.57
N ILE T 838 -7.23 8.72 -43.42
CA ILE T 838 -7.29 7.26 -43.30
C ILE T 838 -5.87 6.67 -43.28
N GLN T 839 -5.60 5.77 -42.34
CA GLN T 839 -4.30 5.09 -42.28
C GLN T 839 -4.41 3.74 -42.97
N PRO T 840 -3.34 3.17 -43.50
CA PRO T 840 -3.37 1.81 -44.04
C PRO T 840 -3.51 0.78 -42.93
N TYR T 841 -4.28 -0.29 -43.19
CA TYR T 841 -4.27 -1.47 -42.33
C TYR T 841 -3.16 -2.46 -42.67
N GLY T 842 -2.51 -2.32 -43.82
CA GLY T 842 -1.42 -3.21 -44.23
C GLY T 842 -1.92 -4.49 -44.89
N THR T 843 -2.44 -5.46 -44.12
CA THR T 843 -2.97 -6.71 -44.70
C THR T 843 -4.16 -6.34 -45.59
N ASP T 844 -4.12 -6.62 -46.88
CA ASP T 844 -5.19 -6.26 -47.79
C ASP T 844 -6.27 -7.34 -47.83
N ILE T 845 -7.29 -7.15 -48.66
CA ILE T 845 -8.44 -8.03 -48.57
C ILE T 845 -8.62 -8.88 -49.81
N GLN T 846 -8.70 -10.20 -49.63
CA GLN T 846 -9.04 -11.06 -50.73
C GLN T 846 -10.55 -11.21 -50.67
N LEU T 847 -11.22 -10.90 -51.75
CA LEU T 847 -12.65 -11.01 -51.79
C LEU T 847 -13.05 -12.20 -52.61
N GLY T 848 -14.22 -12.72 -52.33
CA GLY T 848 -14.74 -13.88 -53.02
C GLY T 848 -15.92 -14.40 -52.25
N TYR T 849 -16.47 -15.50 -52.74
CA TYR T 849 -17.63 -16.11 -52.15
C TYR T 849 -17.53 -17.61 -52.27
N TYR T 850 -18.29 -18.30 -51.47
CA TYR T 850 -18.30 -19.74 -51.49
C TYR T 850 -19.70 -20.23 -51.51
N LEU T 851 -19.92 -21.45 -51.94
CA LEU T 851 -21.28 -21.92 -51.89
C LEU T 851 -21.58 -22.72 -50.66
N ASP T 852 -22.77 -22.49 -50.10
CA ASP T 852 -23.19 -23.22 -48.91
C ASP T 852 -23.87 -24.53 -49.31
N GLY T 853 -24.44 -25.25 -48.35
CA GLY T 853 -25.02 -26.56 -48.59
C GLY T 853 -26.22 -26.58 -49.55
N GLU T 854 -26.85 -25.43 -49.80
CA GLU T 854 -27.99 -25.34 -50.71
C GLU T 854 -27.56 -24.68 -52.03
N GLY T 855 -26.27 -24.38 -52.14
CA GLY T 855 -25.71 -23.72 -53.31
C GLY T 855 -25.83 -22.19 -53.33
N GLU T 856 -26.07 -21.55 -52.15
CA GLU T 856 -26.20 -20.08 -52.16
C GLU T 856 -24.84 -19.45 -52.02
N LYS T 857 -24.69 -18.23 -52.53
CA LYS T 857 -23.42 -17.53 -52.43
C LYS T 857 -23.25 -16.87 -51.08
N GLN T 858 -22.14 -17.15 -50.43
CA GLN T 858 -21.86 -16.57 -49.12
C GLN T 858 -20.48 -15.93 -49.13
N ASP T 859 -20.31 -14.85 -48.40
CA ASP T 859 -19.03 -14.12 -48.37
C ASP T 859 -17.88 -14.93 -47.74
N ARG T 860 -16.74 -15.04 -48.46
CA ARG T 860 -15.61 -15.86 -47.95
C ARG T 860 -15.04 -15.33 -46.63
N ARG T 861 -15.40 -14.09 -46.29
CA ARG T 861 -14.94 -13.42 -45.08
C ARG T 861 -15.48 -14.08 -43.82
N ASP T 862 -16.41 -15.04 -43.98
CA ASP T 862 -16.94 -15.76 -42.84
C ASP T 862 -15.83 -16.46 -42.03
N LEU T 863 -14.71 -16.89 -42.67
CA LEU T 863 -13.66 -17.48 -41.81
C LEU T 863 -12.76 -16.41 -41.21
N ASP T 864 -13.37 -15.70 -40.25
CA ASP T 864 -12.82 -14.61 -39.46
C ASP T 864 -12.24 -15.24 -38.21
N VAL T 865 -11.90 -14.46 -37.18
CA VAL T 865 -11.26 -15.19 -36.08
C VAL T 865 -12.11 -16.28 -35.44
N LEU T 866 -13.38 -16.03 -35.16
CA LEU T 866 -14.20 -17.09 -34.56
C LEU T 866 -14.43 -18.22 -35.58
N GLY T 867 -14.62 -17.83 -36.85
CA GLY T 867 -14.83 -18.79 -37.93
C GLY T 867 -13.67 -19.77 -38.09
N ALA T 868 -12.46 -19.24 -38.17
CA ALA T 868 -11.26 -20.04 -38.33
C ALA T 868 -11.04 -20.97 -37.13
N LEU T 869 -11.34 -20.50 -35.90
CA LEU T 869 -11.18 -21.34 -34.70
C LEU T 869 -12.11 -22.55 -34.74
N ASN T 870 -13.35 -22.33 -35.22
CA ASN T 870 -14.23 -23.48 -35.35
C ASN T 870 -13.81 -24.37 -36.50
N ALA T 871 -13.31 -23.78 -37.58
CA ALA T 871 -12.93 -24.56 -38.74
C ALA T 871 -11.82 -25.56 -38.43
N SER T 872 -10.87 -25.18 -37.56
CA SER T 872 -9.78 -26.06 -37.17
C SER T 872 -10.16 -26.90 -35.96
N ASP T 873 -11.37 -26.71 -35.46
CA ASP T 873 -11.93 -27.38 -34.29
C ASP T 873 -11.00 -27.30 -33.09
N GLY T 874 -10.46 -26.12 -32.83
CA GLY T 874 -9.58 -25.97 -31.69
C GLY T 874 -8.12 -26.24 -31.97
N ASN T 875 -7.75 -26.61 -33.19
CA ASN T 875 -6.34 -26.82 -33.40
C ASN T 875 -5.72 -25.44 -33.56
N ILE T 876 -5.17 -24.98 -32.44
CA ILE T 876 -4.60 -23.65 -32.34
C ILE T 876 -3.38 -23.49 -33.20
N GLN T 877 -2.63 -24.55 -33.42
CA GLN T 877 -1.46 -24.40 -34.26
C GLN T 877 -1.88 -24.13 -35.70
N GLU T 878 -2.96 -24.79 -36.14
CA GLU T 878 -3.45 -24.54 -37.50
C GLU T 878 -4.02 -23.13 -37.59
N TRP T 879 -4.71 -22.71 -36.51
CA TRP T 879 -5.29 -21.38 -36.46
C TRP T 879 -4.23 -20.32 -36.52
N MET T 880 -3.16 -20.47 -35.73
CA MET T 880 -2.11 -19.48 -35.64
C MET T 880 -1.33 -19.39 -36.93
N SER T 881 -1.19 -20.51 -37.65
CA SER T 881 -0.49 -20.43 -38.92
C SER T 881 -1.29 -19.52 -39.85
N TRP T 882 -2.61 -19.75 -39.90
CA TRP T 882 -3.49 -18.90 -40.67
C TRP T 882 -3.51 -17.47 -40.20
N TYR T 883 -3.61 -17.29 -38.88
CA TYR T 883 -3.72 -15.98 -38.30
C TYR T 883 -2.47 -15.17 -38.61
N GLY T 884 -1.28 -15.78 -38.53
CA GLY T 884 -0.05 -15.08 -38.86
C GLY T 884 -0.07 -14.68 -40.33
N THR T 885 -0.61 -15.56 -41.18
CA THR T 885 -0.72 -15.28 -42.62
C THR T 885 -1.52 -14.00 -42.85
N GLN T 886 -2.56 -13.80 -42.04
CA GLN T 886 -3.44 -12.63 -42.19
C GLN T 886 -2.96 -11.39 -41.42
N CYS T 887 -1.82 -11.48 -40.71
CA CYS T 887 -1.38 -10.35 -39.89
C CYS T 887 0.04 -9.87 -40.15
N ASN T 888 0.96 -10.78 -40.44
CA ASN T 888 2.35 -10.43 -40.63
C ASN T 888 2.52 -9.92 -42.04
N VAL T 889 2.72 -8.63 -42.18
CA VAL T 889 2.76 -8.04 -43.50
C VAL T 889 4.15 -7.69 -43.94
N ALA T 890 5.14 -8.30 -43.26
CA ALA T 890 6.51 -8.30 -43.74
C ALA T 890 6.70 -9.39 -44.79
N VAL T 891 5.68 -10.22 -44.89
CA VAL T 891 5.65 -11.34 -45.80
C VAL T 891 5.04 -10.84 -47.09
N HIS T 892 5.73 -11.04 -48.19
CA HIS T 892 5.21 -10.57 -49.45
C HIS T 892 3.78 -11.07 -49.64
N PRO T 893 2.82 -10.23 -50.10
CA PRO T 893 1.42 -10.55 -50.26
C PRO T 893 1.12 -11.73 -51.16
N GLU T 894 2.03 -12.09 -52.07
CA GLU T 894 1.74 -13.23 -52.92
C GLU T 894 1.82 -14.49 -52.08
N LEU T 895 2.75 -14.50 -51.11
CA LEU T 895 2.97 -15.67 -50.31
C LEU T 895 1.78 -15.82 -49.41
N ARG T 896 1.29 -14.67 -48.95
CA ARG T 896 0.14 -14.67 -48.06
C ARG T 896 -1.11 -15.09 -48.83
N ALA T 897 -1.26 -14.61 -50.06
CA ALA T 897 -2.42 -14.96 -50.86
C ALA T 897 -2.45 -16.45 -51.14
N ARG T 898 -1.28 -17.05 -51.39
CA ARG T 898 -1.26 -18.47 -51.68
C ARG T 898 -1.66 -19.27 -50.45
N GLN T 899 -1.18 -18.86 -49.27
CA GLN T 899 -1.56 -19.61 -48.09
C GLN T 899 -3.01 -19.39 -47.71
N SER T 900 -3.54 -18.19 -48.01
CA SER T 900 -4.93 -17.92 -47.69
C SER T 900 -5.83 -18.81 -48.54
N LYS T 901 -5.45 -18.99 -49.81
CA LYS T 901 -6.22 -19.85 -50.69
C LYS T 901 -6.09 -21.32 -50.27
N ASN T 902 -4.90 -21.72 -49.77
CA ASN T 902 -4.73 -23.10 -49.33
C ASN T 902 -5.66 -23.36 -48.14
N PHE T 903 -5.71 -22.42 -47.21
CA PHE T 903 -6.60 -22.52 -46.05
C PHE T 903 -8.06 -22.54 -46.49
N ASP T 904 -8.52 -21.75 -47.48
CA ASP T 904 -9.91 -21.90 -47.86
C ASP T 904 -10.21 -23.28 -48.42
N ARG T 905 -9.31 -23.86 -49.20
CA ARG T 905 -9.67 -25.17 -49.72
C ARG T 905 -9.84 -26.21 -48.61
N GLN T 906 -8.98 -26.15 -47.59
CA GLN T 906 -9.08 -27.10 -46.48
C GLN T 906 -10.23 -26.82 -45.50
N TYR T 907 -10.51 -25.55 -45.22
CA TYR T 907 -11.50 -25.19 -44.22
C TYR T 907 -12.85 -24.66 -44.71
N LEU T 908 -12.90 -24.06 -45.88
CA LEU T 908 -14.12 -23.47 -46.40
C LEU T 908 -14.74 -24.42 -47.41
N GLY T 909 -13.86 -25.05 -48.19
CA GLY T 909 -14.25 -26.00 -49.23
C GLY T 909 -13.64 -25.64 -50.56
N ASN T 910 -13.86 -26.49 -51.57
CA ASN T 910 -13.30 -26.21 -52.88
C ASN T 910 -14.25 -25.39 -53.76
N SER T 911 -15.47 -25.19 -53.27
CA SER T 911 -16.48 -24.43 -54.01
C SER T 911 -16.31 -22.96 -53.70
N VAL T 912 -15.14 -22.43 -54.05
CA VAL T 912 -14.82 -21.05 -53.73
C VAL T 912 -14.40 -20.29 -54.97
N THR T 913 -15.05 -19.17 -55.18
CA THR T 913 -14.80 -18.28 -56.30
C THR T 913 -14.22 -16.98 -55.81
N TYR T 914 -13.15 -16.54 -56.45
CA TYR T 914 -12.52 -15.31 -56.02
C TYR T 914 -12.96 -14.15 -56.88
N THR T 915 -13.11 -12.99 -56.24
CA THR T 915 -13.53 -11.77 -56.90
C THR T 915 -12.55 -10.63 -56.61
N THR T 916 -12.78 -9.50 -57.24
CA THR T 916 -11.94 -8.32 -57.16
C THR T 916 -11.53 -7.99 -55.74
N ARG T 917 -10.22 -7.79 -55.56
CA ARG T 917 -9.56 -7.50 -54.29
C ARG T 917 -9.76 -6.05 -53.84
N ALA T 918 -9.54 -5.80 -52.53
CA ALA T 918 -9.71 -4.44 -51.99
C ALA T 918 -8.73 -4.10 -50.87
N HIS T 919 -8.59 -2.80 -50.65
CA HIS T 919 -7.77 -2.21 -49.59
C HIS T 919 -8.55 -2.05 -48.31
N ARG T 920 -7.84 -1.91 -47.20
CA ARG T 920 -8.49 -1.58 -45.95
C ARG T 920 -7.70 -0.49 -45.26
N GLY T 921 -8.39 0.37 -44.54
CA GLY T 921 -7.72 1.40 -43.77
C GLY T 921 -8.47 1.79 -42.52
N ILE T 922 -7.81 2.56 -41.68
CA ILE T 922 -8.35 2.94 -40.38
C ILE T 922 -8.75 4.37 -40.41
N TRP T 923 -9.95 4.66 -39.98
CA TRP T 923 -10.36 6.04 -39.99
C TRP T 923 -9.77 6.74 -38.80
N ASN T 924 -9.14 7.87 -39.06
CA ASN T 924 -8.48 8.61 -38.00
C ASN T 924 -9.52 8.99 -36.95
N PRO T 925 -9.32 8.67 -35.65
CA PRO T 925 -10.25 8.98 -34.57
C PRO T 925 -10.62 10.47 -34.53
N LYS T 926 -9.75 11.36 -35.03
CA LYS T 926 -10.07 12.77 -35.01
C LYS T 926 -10.99 13.15 -36.16
N PHE T 927 -10.93 12.39 -37.27
CA PHE T 927 -11.80 12.62 -38.41
C PHE T 927 -13.17 12.27 -37.94
N ILE T 928 -13.22 11.14 -37.22
CA ILE T 928 -14.49 10.64 -36.72
C ILE T 928 -15.07 11.61 -35.71
N GLU T 929 -14.25 12.09 -34.76
CA GLU T 929 -14.75 13.05 -33.79
C GLU T 929 -15.33 14.26 -34.44
N ALA T 930 -14.61 14.79 -35.43
CA ALA T 930 -15.04 15.99 -36.10
C ALA T 930 -16.28 15.77 -36.93
N LEU T 931 -16.37 14.64 -37.64
CA LEU T 931 -17.58 14.42 -38.43
C LEU T 931 -18.80 14.31 -37.56
N ASP T 932 -18.72 13.50 -36.51
CA ASP T 932 -19.89 13.27 -35.68
C ASP T 932 -20.26 14.51 -34.87
N LYS T 933 -19.28 15.14 -34.24
CA LYS T 933 -19.58 16.30 -33.46
C LYS T 933 -19.96 17.44 -34.34
N ALA T 934 -19.33 17.63 -35.50
CA ALA T 934 -19.67 18.78 -36.31
C ALA T 934 -21.10 18.71 -36.79
N ILE T 935 -21.61 17.52 -37.12
CA ILE T 935 -23.00 17.42 -37.54
C ILE T 935 -23.93 17.72 -36.37
N ALA T 936 -23.64 17.11 -35.21
CA ALA T 936 -24.47 17.34 -34.04
C ALA T 936 -24.44 18.81 -33.59
N SER T 937 -23.30 19.46 -33.75
CA SER T 937 -23.03 20.82 -33.32
C SER T 937 -23.68 21.87 -34.18
N VAL T 938 -24.26 21.46 -35.31
CA VAL T 938 -24.92 22.43 -36.17
C VAL T 938 -26.42 22.19 -36.08
N GLY T 939 -26.81 21.34 -35.11
CA GLY T 939 -28.19 21.03 -34.83
C GLY T 939 -28.85 19.88 -35.56
N LEU T 940 -28.11 19.05 -36.30
CA LEU T 940 -28.84 17.99 -36.98
C LEU T 940 -28.91 16.77 -36.07
N THR T 941 -29.78 16.89 -35.09
CA THR T 941 -29.94 15.91 -34.03
C THR T 941 -30.56 14.64 -34.53
N VAL T 942 -29.97 13.52 -34.10
CA VAL T 942 -30.45 12.19 -34.40
C VAL T 942 -30.77 11.43 -33.12
N ALA T 943 -31.96 10.88 -33.05
CA ALA T 943 -32.41 10.09 -31.90
C ALA T 943 -32.07 8.63 -32.06
N MET T 944 -31.76 7.97 -30.97
CA MET T 944 -31.53 6.54 -31.09
C MET T 944 -32.85 5.84 -30.92
N ASP T 945 -33.14 4.87 -31.79
CA ASP T 945 -34.38 4.12 -31.67
C ASP T 945 -34.28 3.08 -30.57
N ASN T 946 -33.09 2.54 -30.35
CA ASN T 946 -32.90 1.52 -29.33
C ASN T 946 -32.62 2.18 -27.99
N VAL T 947 -33.58 2.96 -27.48
CA VAL T 947 -33.40 3.95 -26.39
C VAL T 947 -32.70 3.35 -25.17
N ALA T 948 -33.01 2.09 -24.85
CA ALA T 948 -32.20 1.26 -23.96
C ALA T 948 -32.23 -0.19 -24.46
N GLN T 949 -31.20 -0.97 -24.16
CA GLN T 949 -31.03 -2.34 -24.63
C GLN T 949 -32.14 -3.26 -24.08
N PRO U 985 -0.83 10.73 47.41
CA PRO U 985 -1.10 11.93 46.59
C PRO U 985 -0.24 13.15 47.02
N GLN U 986 -0.07 13.38 48.33
CA GLN U 986 0.70 14.49 48.91
C GLN U 986 1.98 14.00 49.56
N PHE U 987 2.95 14.89 49.68
CA PHE U 987 4.20 14.52 50.30
C PHE U 987 4.43 15.19 51.62
N GLY U 988 4.50 14.40 52.69
CA GLY U 988 4.75 14.97 53.98
C GLY U 988 6.25 15.15 54.07
N VAL U 989 6.69 16.08 54.91
CA VAL U 989 8.11 16.32 55.11
C VAL U 989 8.45 16.29 56.60
N GLY U 990 9.45 15.49 56.96
CA GLY U 990 9.88 15.40 58.35
C GLY U 990 11.00 16.41 58.58
N GLN U 991 11.58 16.42 59.76
CA GLN U 991 12.63 17.41 60.05
C GLN U 991 14.03 16.99 59.61
N GLY U 992 14.25 16.89 58.30
CA GLY U 992 15.58 16.76 57.70
C GLY U 992 16.49 17.97 57.99
N SER U 993 17.80 17.80 57.77
CA SER U 993 18.83 18.75 58.19
C SER U 993 20.13 18.61 57.39
N GLY U 994 21.08 19.53 57.56
CA GLY U 994 22.41 19.52 56.93
C GLY U 994 22.40 20.02 55.49
N PHE U 995 21.62 19.38 54.62
CA PHE U 995 21.37 19.82 53.25
C PHE U 995 20.41 21.01 53.16
N TYR U 996 19.62 21.24 54.20
CA TYR U 996 18.76 22.39 54.39
C TYR U 996 18.38 22.54 55.86
N PRO V 985 34.16 -12.54 -69.89
CA PRO V 985 33.91 -11.36 -70.71
C PRO V 985 34.77 -10.13 -70.30
N GLN V 986 34.95 -9.89 -68.98
CA GLN V 986 35.73 -8.77 -68.41
C GLN V 986 37.01 -9.27 -67.77
N PHE V 987 37.98 -8.38 -67.65
CA PHE V 987 39.24 -8.76 -67.04
C PHE V 987 39.47 -8.07 -65.72
N GLY V 988 39.54 -8.85 -64.66
CA GLY V 988 39.79 -8.28 -63.36
C GLY V 988 41.30 -8.10 -63.27
N VAL V 989 41.74 -7.17 -62.46
CA VAL V 989 43.17 -6.94 -62.26
C VAL V 989 43.51 -6.96 -60.77
N GLY V 990 44.50 -7.76 -60.40
CA GLY V 990 44.94 -7.83 -59.01
C GLY V 990 46.07 -6.83 -58.80
N GLN V 991 46.66 -6.81 -57.61
CA GLN V 991 47.71 -5.83 -57.34
C GLN V 991 49.10 -6.26 -57.78
N GLY V 992 49.32 -6.37 -59.09
CA GLY V 992 50.65 -6.52 -59.69
C GLY V 992 51.57 -5.31 -59.41
N SER V 993 52.87 -5.50 -59.63
CA SER V 993 53.91 -4.55 -59.22
C SER V 993 55.21 -4.71 -60.04
N GLY V 994 56.17 -3.79 -59.87
CA GLY V 994 57.49 -3.81 -60.50
C GLY V 994 57.48 -3.32 -61.95
N PHE V 995 56.69 -3.98 -62.80
CA PHE V 995 56.45 -3.54 -64.19
C PHE V 995 55.49 -2.34 -64.29
N TYR V 996 54.70 -2.10 -63.24
CA TYR V 996 53.85 -0.94 -63.06
C TYR V 996 53.48 -0.77 -61.59
N PRO W 985 -73.79 9.84 -127.12
CA PRO W 985 -74.05 11.02 -127.95
C PRO W 985 -73.21 12.26 -127.54
N GLN W 986 -73.03 12.50 -126.21
CA GLN W 986 -72.26 13.63 -125.65
C GLN W 986 -70.98 13.15 -125.01
N PHE W 987 -70.01 14.04 -124.89
CA PHE W 987 -68.76 13.68 -124.28
C PHE W 987 -68.53 14.37 -122.96
N GLY W 988 -68.45 13.59 -121.89
CA GLY W 988 -68.19 14.17 -120.60
C GLY W 988 -66.70 14.37 -120.52
N VAL W 989 -66.26 15.30 -119.70
CA VAL W 989 -64.84 15.56 -119.50
C VAL W 989 -64.50 15.54 -118.02
N GLY W 990 -63.49 14.75 -117.64
CA GLY W 990 -63.05 14.68 -116.25
C GLY W 990 -61.94 15.69 -116.05
N GLN W 991 -61.35 15.72 -114.86
CA GLN W 991 -60.31 16.71 -114.59
C GLN W 991 -58.91 16.30 -115.03
N GLY W 992 -58.70 16.19 -116.34
CA GLY W 992 -57.36 16.05 -116.94
C GLY W 992 -56.45 17.26 -116.67
N SER W 993 -55.14 17.09 -116.89
CA SER W 993 -54.11 18.06 -116.47
C SER W 993 -52.82 17.91 -117.29
N GLY W 994 -51.87 18.84 -117.13
CA GLY W 994 -50.55 18.83 -117.76
C GLY W 994 -50.57 19.32 -119.21
N PHE W 995 -51.35 18.65 -120.06
CA PHE W 995 -51.59 19.08 -121.45
C PHE W 995 -52.57 20.27 -121.54
N TYR W 996 -53.36 20.50 -120.50
CA TYR W 996 -54.21 21.67 -120.32
C TYR W 996 -54.59 21.82 -118.85
N PRO X 985 2.83 19.10 123.66
CA PRO X 985 2.74 20.20 122.71
C PRO X 985 4.14 20.80 122.41
N GLN X 986 5.03 19.96 121.85
CA GLN X 986 6.41 20.31 121.46
C GLN X 986 6.48 20.63 119.99
N PHE X 987 6.51 21.91 119.70
CA PHE X 987 6.46 22.40 118.33
C PHE X 987 7.68 23.28 118.11
N GLY X 988 8.15 23.42 116.86
CA GLY X 988 9.35 24.20 116.61
C GLY X 988 10.57 23.34 116.94
N VAL X 989 10.39 22.03 116.81
CA VAL X 989 11.39 21.02 117.12
C VAL X 989 12.04 20.51 115.85
N GLY X 990 13.33 20.78 115.73
CA GLY X 990 14.10 20.43 114.55
C GLY X 990 14.30 21.72 113.76
N GLN X 991 15.55 22.04 113.44
CA GLN X 991 15.82 23.27 112.73
C GLN X 991 16.25 23.06 111.30
N GLY X 992 16.49 24.19 110.60
CA GLY X 992 17.03 24.24 109.25
C GLY X 992 16.01 24.00 108.14
N SER X 993 14.72 24.09 108.41
CA SER X 993 13.67 23.73 107.44
C SER X 993 13.62 24.61 106.18
N GLY X 994 14.34 25.72 106.12
CA GLY X 994 14.38 26.68 105.01
C GLY X 994 13.04 27.37 104.68
N PHE X 995 11.94 27.10 105.40
CA PHE X 995 10.62 27.69 105.09
C PHE X 995 10.49 29.16 105.53
N TYR X 996 11.21 29.59 106.56
CA TYR X 996 11.15 30.95 107.10
C TYR X 996 12.54 31.43 107.57
N PRO Y 985 38.08 -3.49 6.28
CA PRO Y 985 38.00 -2.39 5.31
C PRO Y 985 39.40 -1.80 5.01
N GLN Y 986 40.29 -2.65 4.45
CA GLN Y 986 41.67 -2.32 4.06
C GLN Y 986 41.73 -2.02 2.59
N PHE Y 987 41.77 -0.74 2.28
CA PHE Y 987 41.73 -0.26 0.91
C PHE Y 987 42.95 0.61 0.69
N GLY Y 988 43.41 0.74 -0.57
CA GLY Y 988 44.62 1.51 -0.84
C GLY Y 988 45.84 0.64 -0.49
N VAL Y 989 45.65 -0.67 -0.62
CA VAL Y 989 46.64 -1.69 -0.31
C VAL Y 989 47.28 -2.21 -1.57
N GLY Y 990 48.57 -1.95 -1.69
CA GLY Y 990 49.34 -2.31 -2.87
C GLY Y 990 49.55 -1.04 -3.67
N GLN Y 991 50.79 -0.73 -4.00
CA GLN Y 991 51.08 0.49 -4.73
C GLN Y 991 51.50 0.28 -6.15
N GLY Y 992 51.74 1.39 -6.86
CA GLY Y 992 52.29 1.43 -8.22
C GLY Y 992 51.26 1.17 -9.32
N SER Y 993 49.97 1.29 -9.05
CA SER Y 993 48.92 0.93 -10.00
C SER Y 993 48.87 1.79 -11.28
N GLY Y 994 49.60 2.91 -11.36
CA GLY Y 994 49.63 3.84 -12.47
C GLY Y 994 48.30 4.54 -12.82
N PHE Y 995 47.20 4.28 -12.08
CA PHE Y 995 45.89 4.88 -12.39
C PHE Y 995 45.76 6.35 -11.97
N TYR Y 996 46.50 6.79 -10.94
CA TYR Y 996 46.45 8.16 -10.41
C TYR Y 996 47.83 8.63 -9.95
N PRO Z 985 -69.92 19.03 -50.97
CA PRO Z 985 -70.01 20.13 -51.93
C PRO Z 985 -68.62 20.73 -52.23
N GLN Z 986 -67.72 19.88 -52.79
CA GLN Z 986 -66.35 20.23 -53.19
C GLN Z 986 -66.29 20.54 -54.67
N PHE Z 987 -66.25 21.81 -54.97
CA PHE Z 987 -66.32 22.30 -56.34
C PHE Z 987 -65.10 23.18 -56.57
N GLY Z 988 -64.64 23.31 -57.83
CA GLY Z 988 -63.43 24.09 -58.09
C GLY Z 988 -62.21 23.24 -57.75
N VAL Z 989 -62.39 21.92 -57.88
CA VAL Z 989 -61.39 20.91 -57.56
C VAL Z 989 -60.73 20.40 -58.82
N GLY Z 990 -59.45 20.67 -58.95
CA GLY Z 990 -58.67 20.32 -60.13
C GLY Z 990 -58.48 21.59 -60.93
N GLN Z 991 -57.24 21.90 -61.26
CA GLN Z 991 -56.98 23.13 -61.98
C GLN Z 991 -56.55 22.92 -63.41
N GLY Z 992 -56.32 24.04 -64.13
CA GLY Z 992 -55.78 24.07 -65.48
C GLY Z 992 -56.80 23.81 -66.58
N SER Z 993 -58.09 23.91 -66.31
CA SER Z 993 -59.15 23.54 -67.27
C SER Z 993 -59.20 24.40 -68.54
N GLY Z 994 -58.48 25.52 -68.61
CA GLY Z 994 -58.45 26.46 -69.73
C GLY Z 994 -59.80 27.15 -70.07
N PHE Z 995 -60.90 26.87 -69.34
CA PHE Z 995 -62.22 27.46 -69.65
C PHE Z 995 -62.36 28.93 -69.23
N TYR Z 996 -61.62 29.38 -68.21
CA TYR Z 996 -61.69 30.74 -67.68
C TYR Z 996 -60.31 31.23 -67.22
N PRO AA 985 73.08 -7.66 49.65
CA PRO AA 985 73.75 -6.59 50.38
C PRO AA 985 72.86 -5.32 50.48
N GLN AA 986 71.70 -5.48 51.15
CA GLN AA 986 70.70 -4.43 51.38
C GLN AA 986 70.88 -3.85 52.77
N PHE AA 987 71.50 -2.69 52.80
CA PHE AA 987 71.86 -2.03 54.05
C PHE AA 987 71.25 -0.64 54.03
N GLY AA 988 70.99 -0.05 55.20
CA GLY AA 988 70.34 1.27 55.25
C GLY AA 988 68.85 1.08 55.01
N VAL AA 989 68.35 -0.10 55.41
CA VAL AA 989 66.97 -0.52 55.25
C VAL AA 989 66.21 -0.37 56.56
N GLY AA 990 65.25 0.52 56.55
CA GLY AA 990 64.46 0.84 57.73
C GLY AA 990 64.97 2.18 58.25
N GLN AA 991 64.07 3.12 58.45
CA GLN AA 991 64.48 4.45 58.89
C GLN AA 991 64.08 4.77 60.30
N GLY AA 992 64.47 5.97 60.76
CA GLY AA 992 64.10 6.54 62.05
C GLY AA 992 64.91 6.04 63.23
N SER AA 993 66.07 5.43 63.02
CA SER AA 993 66.85 4.79 64.09
C SER AA 993 67.40 5.74 65.16
N GLY AA 994 67.33 7.06 64.97
CA GLY AA 994 67.83 8.09 65.86
C GLY AA 994 69.35 8.08 66.14
N PHE AA 995 70.13 7.16 65.53
CA PHE AA 995 71.58 7.06 65.79
C PHE AA 995 72.41 8.15 65.09
N TYR AA 996 71.94 8.68 63.96
CA TYR AA 996 72.65 9.69 63.16
C TYR AA 996 71.67 10.71 62.55
N PRO BA 985 107.97 -31.38 -67.65
CA PRO BA 985 108.65 -30.31 -66.94
C PRO BA 985 107.76 -29.04 -66.85
N GLN BA 986 106.60 -29.18 -66.18
CA GLN BA 986 105.61 -28.12 -65.95
C GLN BA 986 105.79 -27.52 -64.57
N PHE BA 987 106.43 -26.37 -64.55
CA PHE BA 987 106.80 -25.70 -63.31
C PHE BA 987 106.20 -24.31 -63.34
N GLY BA 988 105.94 -23.71 -62.17
CA GLY BA 988 105.30 -22.39 -62.15
C GLY BA 988 103.80 -22.56 -62.37
N VAL BA 989 103.30 -23.74 -61.95
CA VAL BA 989 101.92 -24.15 -62.11
C VAL BA 989 101.16 -23.99 -60.80
N GLY BA 990 100.21 -23.09 -60.81
CA GLY BA 990 99.43 -22.75 -59.63
C GLY BA 990 99.94 -21.41 -59.13
N GLN BA 991 99.05 -20.46 -58.95
CA GLN BA 991 99.47 -19.14 -58.51
C GLN BA 991 99.08 -18.80 -57.09
N GLY BA 992 99.48 -17.61 -56.66
CA GLY BA 992 99.11 -17.01 -55.37
C GLY BA 992 99.93 -17.51 -54.18
N SER BA 993 101.08 -18.14 -54.39
CA SER BA 993 101.86 -18.76 -53.33
C SER BA 993 102.42 -17.80 -52.26
N GLY BA 994 102.35 -16.49 -52.46
CA GLY BA 994 102.86 -15.45 -51.58
C GLY BA 994 104.38 -15.46 -51.31
N PHE BA 995 105.15 -16.40 -51.91
CA PHE BA 995 106.61 -16.50 -51.65
C PHE BA 995 107.44 -15.43 -52.38
N TYR BA 996 106.97 -14.90 -53.50
CA TYR BA 996 107.68 -13.90 -54.31
C TYR BA 996 106.70 -12.89 -54.93
N PRO CA 985 0.21 -8.23 -124.91
CA PRO CA 985 0.88 -7.15 -124.20
C PRO CA 985 -0.02 -5.89 -124.11
N GLN CA 986 -1.18 -6.04 -123.43
CA GLN CA 986 -2.18 -4.99 -123.21
C GLN CA 986 -2.00 -4.39 -121.83
N PHE CA 987 -1.38 -3.22 -121.81
CA PHE CA 987 -1.02 -2.55 -120.57
C PHE CA 987 -1.63 -1.16 -120.60
N GLY CA 988 -1.90 -0.56 -119.43
CA GLY CA 988 -2.54 0.75 -119.41
C GLY CA 988 -4.05 0.55 -119.63
N VAL CA 989 -4.53 -0.62 -119.22
CA VAL CA 989 -5.91 -1.04 -119.37
C VAL CA 989 -6.66 -0.90 -118.06
N GLY CA 990 -7.63 -0.01 -118.07
CA GLY CA 990 -8.41 0.33 -116.89
C GLY CA 990 -7.91 1.67 -116.39
N GLN CA 991 -8.81 2.61 -116.20
CA GLN CA 991 -8.41 3.94 -115.78
C GLN CA 991 -8.80 4.27 -114.36
N GLY CA 992 -8.42 5.48 -113.92
CA GLY CA 992 -8.79 6.07 -112.64
C GLY CA 992 -7.97 5.58 -111.44
N SER CA 993 -6.81 4.97 -111.66
CA SER CA 993 -6.02 4.35 -110.59
C SER CA 993 -5.48 5.31 -109.53
N GLY CA 994 -5.56 6.63 -109.74
CA GLY CA 994 -5.05 7.68 -108.84
C GLY CA 994 -3.53 7.67 -108.59
N PHE CA 995 -2.75 6.75 -109.18
CA PHE CA 995 -1.30 6.66 -108.93
C PHE CA 995 -0.47 7.74 -109.64
N TYR CA 996 -0.95 8.26 -110.78
CA TYR CA 996 -0.26 9.28 -111.58
C TYR CA 996 -1.24 10.27 -112.21
N PRO DA 985 76.08 -1.75 126.17
CA PRO DA 985 76.94 -0.71 126.76
C PRO DA 985 76.79 0.67 126.06
N GLN DA 986 76.68 0.69 124.72
CA GLN DA 986 76.55 1.90 123.88
C GLN DA 986 75.16 2.00 123.29
N PHE DA 987 74.76 3.21 122.95
CA PHE DA 987 73.45 3.41 122.35
C PHE DA 987 73.54 3.83 120.91
N GLY DA 988 73.01 2.99 120.02
CA GLY DA 988 73.02 3.35 118.62
C GLY DA 988 71.81 4.23 118.41
N VAL DA 989 71.85 5.08 117.40
CA VAL DA 989 70.73 5.95 117.08
C VAL DA 989 70.34 5.80 115.62
N GLY DA 990 69.06 5.56 115.36
CA GLY DA 990 68.56 5.43 113.99
C GLY DA 990 68.09 6.80 113.52
N GLN DA 991 67.53 6.88 112.32
CA GLN DA 991 67.09 8.17 111.80
C GLN DA 991 65.71 8.59 112.24
N GLY DA 992 65.54 8.88 113.53
CA GLY DA 992 64.35 9.54 114.07
C GLY DA 992 64.14 10.96 113.51
N SER DA 993 62.93 11.51 113.69
CA SER DA 993 62.50 12.75 113.03
C SER DA 993 61.34 13.43 113.78
N GLY DA 994 60.97 14.65 113.39
CA GLY DA 994 59.85 15.43 113.93
C GLY DA 994 60.19 16.12 115.25
N PHE DA 995 60.59 15.35 116.26
CA PHE DA 995 61.08 15.87 117.55
C PHE DA 995 62.52 16.42 117.45
N TYR DA 996 63.26 16.02 116.43
CA TYR DA 996 64.57 16.53 116.06
C TYR DA 996 64.90 16.18 114.61
N PRO EA 985 111.21 -24.79 8.80
CA PRO EA 985 112.07 -23.75 9.37
C PRO EA 985 111.94 -22.37 8.66
N GLN EA 986 111.82 -22.36 7.31
CA GLN EA 986 111.69 -21.16 6.47
C GLN EA 986 110.31 -21.06 5.88
N PHE EA 987 109.91 -19.84 5.52
CA PHE EA 987 108.61 -19.65 4.93
C PHE EA 987 108.68 -19.24 3.48
N GLY EA 988 108.16 -20.08 2.60
CA GLY EA 988 108.15 -19.74 1.20
C GLY EA 988 106.95 -18.85 1.00
N VAL EA 989 106.99 -18.02 -0.02
CA VAL EA 989 105.88 -17.14 -0.35
C VAL EA 989 105.48 -17.30 -1.82
N GLY EA 990 104.20 -17.53 -2.07
CA GLY EA 990 103.70 -17.67 -3.44
C GLY EA 990 103.24 -16.30 -3.92
N GLN EA 991 102.68 -16.24 -5.12
CA GLN EA 991 102.25 -14.94 -5.65
C GLN EA 991 100.86 -14.50 -5.21
N GLY EA 992 100.69 -14.21 -3.92
CA GLY EA 992 99.52 -13.53 -3.38
C GLY EA 992 99.31 -12.11 -3.96
N SER EA 993 98.12 -11.57 -3.78
CA SER EA 993 97.68 -10.31 -4.44
C SER EA 993 96.54 -9.62 -3.70
N GLY EA 994 96.17 -8.40 -4.09
CA GLY EA 994 95.05 -7.62 -3.56
C GLY EA 994 95.40 -6.91 -2.25
N PHE EA 995 95.80 -7.68 -1.23
CA PHE EA 995 96.30 -7.14 0.04
C PHE EA 995 97.74 -6.62 -0.05
N TYR EA 996 98.47 -7.03 -1.08
CA TYR EA 996 99.79 -6.52 -1.45
C TYR EA 996 100.11 -6.89 -2.90
N PRO FA 985 3.43 -1.50 -48.46
CA PRO FA 985 4.29 -0.45 -47.89
C PRO FA 985 4.13 0.92 -48.61
N GLN FA 986 4.02 0.93 -49.96
CA GLN FA 986 3.87 2.14 -50.80
C GLN FA 986 2.49 2.22 -51.39
N PHE FA 987 2.07 3.43 -51.74
CA PHE FA 987 0.77 3.60 -52.34
C PHE FA 987 0.85 4.01 -53.79
N GLY FA 988 0.32 3.17 -54.66
CA GLY FA 988 0.32 3.51 -56.07
C GLY FA 988 -0.90 4.38 -56.27
N VAL FA 989 -0.87 5.22 -57.29
CA VAL FA 989 -1.98 6.08 -57.62
C VAL FA 989 -2.39 5.92 -59.09
N GLY FA 990 -3.66 5.67 -59.34
CA GLY FA 990 -4.16 5.53 -60.70
C GLY FA 990 -4.64 6.89 -61.19
N GLN FA 991 -5.21 6.95 -62.38
CA GLN FA 991 -5.65 8.23 -62.92
C GLN FA 991 -7.03 8.66 -62.47
N GLY FA 992 -7.20 8.95 -61.18
CA GLY FA 992 -8.39 9.62 -60.65
C GLY FA 992 -8.60 11.03 -61.23
N SER FA 993 -9.81 11.57 -61.05
CA SER FA 993 -10.26 12.80 -61.72
C SER FA 993 -11.42 13.50 -60.97
N GLY FA 994 -11.79 14.71 -61.37
CA GLY FA 994 -12.91 15.48 -60.83
C GLY FA 994 -12.58 16.19 -59.53
N PHE FA 995 -12.17 15.44 -58.51
CA PHE FA 995 -11.68 15.97 -57.24
C PHE FA 995 -10.24 16.52 -57.33
N TYR FA 996 -9.50 16.12 -58.36
CA TYR FA 996 -8.18 16.63 -58.73
C TYR FA 996 -7.87 16.27 -60.17
#